data_4ATQ
#
_entry.id   4ATQ
#
_cell.length_a   176.710
_cell.length_b   292.830
_cell.length_c   105.960
_cell.angle_alpha   90.00
_cell.angle_beta   90.00
_cell.angle_gamma   90.00
#
_symmetry.space_group_name_H-M   'P 21 21 2'
#
loop_
_entity.id
_entity.type
_entity.pdbx_description
1 polymer '4-AMINOBUTYRATE TRANSAMINASE'
2 non-polymer "PYRIDOXAL-5'-PHOSPHATE"
3 non-polymer 'GAMMA-AMINO-BUTANOIC ACID'
4 water water
#
_entity_poly.entity_id   1
_entity_poly.type   'polypeptide(L)'
_entity_poly.pdbx_seq_one_letter_code
;MTTTANELSYRIEQKRNINGAFPGPKSQALAERRSAVVAAGVASGVPVYVEDADGGIIRDVDGNSFIDLGSGIAVTSVGA
SDPAVVAAVQEAAAHFTHTCFMVTPYEGYVAVTEQLNRLTPGDHAKRTVLFNSGAEAVENAVKVARLATGRDAVVAFDHA
YHGRTNLTMALTAKAMPYKTNFGPFAPEVYRMPMSYPFREENPEITGAEAAKRAITMIEKQIGGDQVAAIIIEPIQGEGG
FIVPAEGFLPALSEWAKEKGIVFIADEVQSGFCRTGEWFAVDHEGVVPDIITMAKGIAGGLPLSAITGRADLLDAVHPGG
LGGTYGGNPVACAAALAAIDTMEQHDLNGRARHIEELALGKLRELAAELSAGGGSVVGDIRGRGAMLAIELVQPGSKEPN
AELTKAVAAACLKEGVIILTCGTYGNVIRLLPPLVISDELLIDGLEVLAAAIKAHA
;
_entity_poly.pdbx_strand_id   A,B,C,D,E,F,G,H,I,J,K,L
#
# COMPACT_ATOMS: atom_id res chain seq x y z
N SER A 9 -19.96 1.33 7.15
CA SER A 9 -18.71 0.54 6.82
C SER A 9 -17.73 0.23 8.02
N TYR A 10 -17.34 -1.05 8.19
CA TYR A 10 -16.69 -1.51 9.40
C TYR A 10 -15.37 -2.22 9.15
N ARG A 11 -14.66 -2.57 10.23
CA ARG A 11 -13.33 -3.15 10.16
C ARG A 11 -13.34 -4.65 10.42
N ILE A 12 -14.17 -5.10 11.35
CA ILE A 12 -14.28 -6.53 11.64
C ILE A 12 -15.69 -7.00 11.29
N GLU A 13 -15.81 -8.27 10.92
CA GLU A 13 -17.07 -8.78 10.43
C GLU A 13 -18.18 -8.56 11.45
N GLN A 14 -19.27 -7.97 11.00
CA GLN A 14 -20.37 -7.61 11.87
C GLN A 14 -21.42 -8.68 11.95
N LYS A 15 -21.03 -9.85 12.46
CA LYS A 15 -21.98 -10.98 12.64
C LYS A 15 -21.68 -11.69 13.96
N ARG A 16 -22.74 -12.09 14.63
CA ARG A 16 -22.63 -12.84 15.86
C ARG A 16 -22.07 -14.21 15.55
N ASN A 17 -21.02 -14.61 16.25
CA ASN A 17 -20.37 -15.88 15.99
C ASN A 17 -19.67 -16.47 17.22
N ILE A 18 -20.30 -17.46 17.84
CA ILE A 18 -19.69 -18.14 18.98
C ILE A 18 -19.18 -19.52 18.51
N ASN A 19 -17.86 -19.68 18.51
CA ASN A 19 -17.18 -20.94 18.19
C ASN A 19 -16.91 -21.80 19.43
N GLY A 20 -17.91 -22.54 19.88
CA GLY A 20 -17.72 -23.46 21.01
C GLY A 20 -17.77 -22.78 22.36
N ALA A 21 -17.25 -23.45 23.37
CA ALA A 21 -17.44 -23.03 24.74
C ALA A 21 -16.50 -21.87 25.11
N PHE A 22 -16.97 -21.00 26.01
CA PHE A 22 -16.18 -19.88 26.49
C PHE A 22 -16.46 -19.68 27.94
N PRO A 23 -15.50 -19.10 28.68
CA PRO A 23 -14.26 -18.58 28.19
C PRO A 23 -13.36 -19.62 27.56
N GLY A 24 -12.73 -19.25 26.46
CA GLY A 24 -11.76 -20.10 25.80
C GLY A 24 -10.42 -20.08 26.51
N PRO A 25 -9.44 -20.82 25.97
CA PRO A 25 -8.16 -21.00 26.62
C PRO A 25 -7.45 -19.72 26.89
N LYS A 26 -7.46 -18.81 25.92
CA LYS A 26 -6.68 -17.55 26.08
C LYS A 26 -7.31 -16.61 27.11
N SER A 27 -8.64 -16.61 27.13
CA SER A 27 -9.40 -15.91 28.14
C SER A 27 -9.13 -16.51 29.53
N GLN A 28 -9.24 -17.83 29.64
CA GLN A 28 -8.92 -18.51 30.90
C GLN A 28 -7.53 -18.19 31.38
N ALA A 29 -6.56 -18.13 30.46
CA ALA A 29 -5.19 -17.77 30.83
C ALA A 29 -5.11 -16.39 31.49
N LEU A 30 -5.88 -15.44 30.94
CA LEU A 30 -5.89 -14.07 31.46
C LEU A 30 -6.58 -14.01 32.83
N ALA A 31 -7.70 -14.69 32.95
CA ALA A 31 -8.38 -14.79 34.26
C ALA A 31 -7.45 -15.30 35.35
N GLU A 32 -6.65 -16.33 35.00
CA GLU A 32 -5.69 -16.88 35.96
C GLU A 32 -4.69 -15.80 36.36
N ARG A 33 -4.19 -15.04 35.40
CA ARG A 33 -3.21 -13.99 35.71
C ARG A 33 -3.87 -12.93 36.60
N ARG A 34 -5.10 -12.58 36.24
CA ARG A 34 -5.86 -11.54 36.89
C ARG A 34 -6.05 -11.76 38.38
N SER A 35 -6.44 -12.98 38.75
CA SER A 35 -6.76 -13.26 40.14
C SER A 35 -5.54 -13.17 41.07
N ALA A 36 -4.33 -13.16 40.52
CA ALA A 36 -3.13 -12.96 41.35
C ALA A 36 -2.85 -11.46 41.64
N VAL A 37 -3.35 -10.58 40.78
CA VAL A 37 -2.93 -9.18 40.83
C VAL A 37 -4.01 -8.08 40.95
N VAL A 38 -5.24 -8.37 40.56
CA VAL A 38 -6.34 -7.42 40.62
C VAL A 38 -7.22 -7.74 41.81
N ALA A 39 -7.67 -6.70 42.52
CA ALA A 39 -8.50 -6.87 43.70
C ALA A 39 -9.72 -7.75 43.40
N ALA A 40 -10.01 -8.68 44.32
CA ALA A 40 -11.05 -9.67 44.11
C ALA A 40 -12.39 -9.05 43.80
N GLY A 41 -12.67 -7.90 44.44
CA GLY A 41 -13.97 -7.26 44.32
C GLY A 41 -14.20 -6.70 42.95
N VAL A 42 -13.12 -6.43 42.21
CA VAL A 42 -13.26 -5.88 40.85
C VAL A 42 -13.65 -7.02 39.94
N ALA A 43 -14.95 -7.17 39.73
CA ALA A 43 -15.50 -8.24 38.91
C ALA A 43 -15.86 -7.69 37.57
N SER A 44 -16.02 -8.58 36.59
CA SER A 44 -16.50 -8.17 35.28
C SER A 44 -17.73 -8.94 34.94
N GLY A 45 -18.69 -8.28 34.30
CA GLY A 45 -19.95 -8.93 33.94
C GLY A 45 -19.78 -10.00 32.88
N VAL A 46 -18.66 -9.93 32.14
CA VAL A 46 -18.39 -10.79 31.01
C VAL A 46 -17.08 -11.55 31.25
N PRO A 47 -17.07 -12.88 31.03
CA PRO A 47 -15.87 -13.68 31.33
C PRO A 47 -14.88 -13.81 30.21
N VAL A 48 -15.14 -13.19 29.06
CA VAL A 48 -14.19 -13.24 27.92
C VAL A 48 -13.41 -11.92 27.81
N TYR A 49 -12.21 -11.97 27.24
CA TYR A 49 -11.31 -10.80 27.16
C TYR A 49 -11.24 -10.23 25.73
N VAL A 50 -11.48 -8.91 25.58
CA VAL A 50 -11.52 -8.27 24.26
C VAL A 50 -10.17 -8.26 23.60
N GLU A 51 -10.18 -8.42 22.29
CA GLU A 51 -9.02 -8.13 21.45
C GLU A 51 -9.32 -6.98 20.48
N ASP A 52 -10.53 -6.98 19.91
CA ASP A 52 -10.98 -5.90 19.03
C ASP A 52 -12.47 -5.60 19.36
N ALA A 53 -12.82 -4.32 19.34
CA ALA A 53 -14.23 -3.88 19.45
C ALA A 53 -14.47 -2.86 18.36
N ASP A 54 -15.50 -3.09 17.55
CA ASP A 54 -15.73 -2.27 16.34
C ASP A 54 -17.15 -2.45 15.87
N GLY A 55 -17.76 -1.36 15.42
CA GLY A 55 -19.19 -1.36 15.12
C GLY A 55 -20.04 -1.88 16.27
N GLY A 56 -20.71 -2.99 16.05
CA GLY A 56 -21.54 -3.63 17.08
C GLY A 56 -20.99 -4.97 17.60
N ILE A 57 -19.69 -5.19 17.45
CA ILE A 57 -19.11 -6.44 17.87
C ILE A 57 -17.99 -6.25 18.90
N ILE A 58 -17.97 -7.16 19.86
CA ILE A 58 -16.81 -7.37 20.68
C ILE A 58 -16.29 -8.73 20.27
N ARG A 59 -15.06 -8.77 19.79
CA ARG A 59 -14.40 -10.03 19.49
C ARG A 59 -13.35 -10.36 20.55
N ASP A 60 -13.43 -11.59 21.11
CA ASP A 60 -12.53 -11.95 22.20
C ASP A 60 -11.23 -12.54 21.73
N VAL A 61 -10.30 -12.73 22.66
CA VAL A 61 -8.97 -13.23 22.35
C VAL A 61 -8.99 -14.68 21.78
N ASP A 62 -10.11 -15.38 21.90
CA ASP A 62 -10.27 -16.71 21.35
C ASP A 62 -11.13 -16.70 20.05
N GLY A 63 -11.29 -15.54 19.44
CA GLY A 63 -11.99 -15.43 18.15
C GLY A 63 -13.51 -15.43 18.14
N ASN A 64 -14.13 -15.41 19.32
CA ASN A 64 -15.59 -15.30 19.39
C ASN A 64 -16.08 -13.87 19.18
N SER A 65 -17.22 -13.71 18.52
CA SER A 65 -17.76 -12.41 18.19
C SER A 65 -19.12 -12.23 18.82
N PHE A 66 -19.20 -11.33 19.81
CA PHE A 66 -20.40 -11.06 20.58
C PHE A 66 -21.07 -9.77 20.08
N ILE A 67 -22.40 -9.72 20.15
CA ILE A 67 -23.10 -8.49 19.86
C ILE A 67 -22.92 -7.60 21.10
N ASP A 68 -22.58 -6.34 20.86
CA ASP A 68 -22.37 -5.36 21.93
C ASP A 68 -23.61 -4.49 22.14
N LEU A 69 -24.41 -4.79 23.16
CA LEU A 69 -25.58 -4.01 23.42
C LEU A 69 -25.39 -3.09 24.66
N GLY A 70 -24.14 -2.83 25.02
CA GLY A 70 -23.82 -1.94 26.15
C GLY A 70 -22.90 -0.77 25.86
N SER A 71 -22.23 -0.81 24.73
CA SER A 71 -21.25 0.20 24.37
C SER A 71 -20.38 0.68 25.52
N GLY A 72 -19.94 -0.24 26.35
CA GLY A 72 -19.05 0.10 27.48
C GLY A 72 -19.70 0.98 28.55
N ILE A 73 -20.99 0.72 28.78
CA ILE A 73 -21.87 1.56 29.55
C ILE A 73 -21.99 2.91 28.89
N ALA A 74 -22.56 2.91 27.69
CA ALA A 74 -22.93 4.15 26.98
C ALA A 74 -21.76 5.03 26.62
N VAL A 75 -20.57 4.45 26.48
CA VAL A 75 -19.37 5.23 26.15
C VAL A 75 -19.05 5.26 24.65
N THR A 76 -18.98 4.11 24.03
CA THR A 76 -18.52 4.02 22.67
C THR A 76 -19.70 4.17 21.71
N SER A 77 -20.38 5.31 21.80
CA SER A 77 -21.54 5.58 20.95
C SER A 77 -21.17 5.67 19.47
N VAL A 78 -20.00 6.25 19.20
CA VAL A 78 -19.45 6.27 17.86
C VAL A 78 -18.83 4.96 17.45
N GLY A 79 -18.87 3.97 18.32
CA GLY A 79 -18.17 2.70 18.11
C GLY A 79 -16.84 2.70 18.80
N ALA A 80 -16.39 1.52 19.24
CA ALA A 80 -15.15 1.41 20.00
C ALA A 80 -13.89 1.59 19.18
N SER A 81 -14.06 1.77 17.86
CA SER A 81 -12.93 1.84 16.95
C SER A 81 -13.18 2.74 15.72
N ASP A 82 -13.83 3.89 15.93
CA ASP A 82 -14.17 4.80 14.85
C ASP A 82 -12.90 5.34 14.20
N PRO A 83 -12.75 5.12 12.90
CA PRO A 83 -11.44 5.37 12.26
C PRO A 83 -10.99 6.78 12.48
N ALA A 84 -11.95 7.71 12.51
CA ALA A 84 -11.66 9.14 12.75
C ALA A 84 -11.00 9.34 14.12
N VAL A 85 -11.64 8.76 15.14
CA VAL A 85 -11.14 8.82 16.49
C VAL A 85 -9.76 8.20 16.56
N VAL A 86 -9.61 7.02 15.97
CA VAL A 86 -8.36 6.30 16.02
C VAL A 86 -7.24 7.13 15.41
N ALA A 87 -7.52 7.65 14.22
CA ALA A 87 -6.57 8.47 13.51
C ALA A 87 -6.20 9.68 14.41
N ALA A 88 -7.20 10.31 15.01
CA ALA A 88 -7.02 11.58 15.75
C ALA A 88 -6.13 11.36 16.94
N VAL A 89 -6.42 10.25 17.62
CA VAL A 89 -5.63 9.82 18.76
C VAL A 89 -4.17 9.56 18.33
N GLN A 90 -4.01 8.79 17.26
CA GLN A 90 -2.69 8.41 16.77
C GLN A 90 -1.87 9.63 16.41
N GLU A 91 -2.47 10.58 15.71
CA GLU A 91 -1.77 11.78 15.30
C GLU A 91 -1.38 12.61 16.53
N ALA A 92 -2.33 12.81 17.45
CA ALA A 92 -2.10 13.71 18.60
C ALA A 92 -1.04 13.20 19.52
N ALA A 93 -1.06 11.88 19.73
CA ALA A 93 -0.07 11.26 20.58
C ALA A 93 1.36 11.51 20.12
N ALA A 94 1.56 11.58 18.82
CA ALA A 94 2.88 11.77 18.23
C ALA A 94 3.47 13.17 18.50
N HIS A 95 2.62 14.12 18.85
CA HIS A 95 3.04 15.51 19.15
C HIS A 95 3.36 15.76 20.59
N PHE A 96 2.42 15.40 21.47
CA PHE A 96 2.64 15.39 22.92
C PHE A 96 1.48 14.71 23.61
N THR A 97 1.80 13.93 24.64
CA THR A 97 0.78 13.17 25.38
C THR A 97 0.09 14.00 26.43
N HIS A 98 0.84 14.95 27.02
CA HIS A 98 0.35 15.76 28.13
C HIS A 98 1.27 16.89 28.41
N THR A 99 0.72 18.08 28.66
CA THR A 99 1.51 19.20 29.21
C THR A 99 0.87 19.85 30.42
N CYS A 100 -0.34 19.39 30.78
CA CYS A 100 -1.17 20.00 31.81
C CYS A 100 -1.60 21.41 31.42
N PHE A 101 -2.85 21.53 31.00
CA PHE A 101 -3.40 22.77 30.50
C PHE A 101 -3.15 23.92 31.45
N MET A 102 -3.29 23.70 32.76
CA MET A 102 -3.03 24.74 33.74
C MET A 102 -1.59 25.26 33.69
N VAL A 103 -0.68 24.51 33.11
CA VAL A 103 0.69 24.95 32.98
C VAL A 103 0.92 25.49 31.57
N THR A 104 0.97 24.59 30.59
CA THR A 104 1.11 24.99 29.19
C THR A 104 -0.14 24.58 28.40
N PRO A 105 -0.96 25.56 27.96
CA PRO A 105 -2.20 25.25 27.26
C PRO A 105 -1.99 24.79 25.83
N TYR A 106 -3.08 24.36 25.19
CA TYR A 106 -3.02 23.76 23.85
C TYR A 106 -4.38 23.80 23.16
N GLU A 107 -4.35 23.79 21.83
CA GLU A 107 -5.55 24.05 21.01
C GLU A 107 -6.66 23.03 21.26
N GLY A 108 -6.28 21.77 21.43
CA GLY A 108 -7.26 20.70 21.64
C GLY A 108 -8.30 21.01 22.70
N TYR A 109 -7.84 21.52 23.84
CA TYR A 109 -8.68 21.89 24.95
C TYR A 109 -9.65 22.96 24.50
N VAL A 110 -9.13 24.00 23.91
CA VAL A 110 -9.99 25.11 23.46
C VAL A 110 -11.01 24.61 22.47
N ALA A 111 -10.54 23.80 21.54
CA ALA A 111 -11.38 23.36 20.40
C ALA A 111 -12.57 22.54 20.93
N VAL A 112 -12.29 21.66 21.86
CA VAL A 112 -13.33 20.88 22.47
C VAL A 112 -14.32 21.78 23.16
N THR A 113 -13.80 22.76 23.90
CA THR A 113 -14.68 23.68 24.63
C THR A 113 -15.56 24.44 23.67
N GLU A 114 -15.02 24.81 22.52
CA GLU A 114 -15.84 25.49 21.47
C GLU A 114 -17.01 24.62 21.03
N GLN A 115 -16.75 23.34 20.79
CA GLN A 115 -17.80 22.44 20.40
C GLN A 115 -18.87 22.30 21.47
N LEU A 116 -18.45 22.11 22.72
CA LEU A 116 -19.42 21.89 23.76
C LEU A 116 -20.30 23.15 23.96
N ASN A 117 -19.70 24.33 23.82
CA ASN A 117 -20.44 25.59 23.83
C ASN A 117 -21.58 25.59 22.87
N ARG A 118 -21.26 25.17 21.66
CA ARG A 118 -22.17 25.20 20.53
C ARG A 118 -23.28 24.16 20.65
N LEU A 119 -22.94 22.95 21.11
CA LEU A 119 -23.88 21.83 21.06
C LEU A 119 -24.79 21.75 22.26
N THR A 120 -24.43 22.38 23.37
CA THR A 120 -25.23 22.31 24.56
C THR A 120 -26.40 23.24 24.42
N PRO A 121 -27.48 22.98 25.16
CA PRO A 121 -28.69 23.84 25.04
C PRO A 121 -28.54 25.26 25.58
N GLY A 122 -29.44 26.13 25.15
CA GLY A 122 -29.42 27.54 25.49
C GLY A 122 -28.54 28.35 24.55
N ASP A 123 -28.93 29.62 24.36
CA ASP A 123 -28.14 30.55 23.54
C ASP A 123 -27.44 31.65 24.34
N HIS A 124 -27.49 31.54 25.65
CA HIS A 124 -26.83 32.49 26.56
C HIS A 124 -25.35 32.26 26.59
N ALA A 125 -24.63 33.13 27.24
CA ALA A 125 -23.17 33.00 27.40
C ALA A 125 -22.83 31.77 28.27
N LYS A 126 -22.00 30.88 27.73
CA LYS A 126 -21.60 29.70 28.44
C LYS A 126 -20.10 29.56 28.45
N ARG A 127 -19.59 28.83 29.42
CA ARG A 127 -18.17 28.48 29.47
C ARG A 127 -18.03 27.01 29.88
N THR A 128 -16.83 26.48 29.72
CA THR A 128 -16.60 25.08 29.97
C THR A 128 -15.28 24.87 30.71
N VAL A 129 -15.22 23.85 31.55
CA VAL A 129 -13.93 23.30 32.02
C VAL A 129 -13.95 21.78 31.77
N LEU A 130 -12.76 21.21 31.57
CA LEU A 130 -12.59 19.79 31.28
C LEU A 130 -11.86 19.04 32.42
N PHE A 131 -12.28 17.81 32.62
CA PHE A 131 -11.69 16.94 33.62
C PHE A 131 -11.58 15.54 33.02
N ASN A 132 -11.51 14.49 33.83
CA ASN A 132 -11.34 13.13 33.28
C ASN A 132 -12.57 12.26 33.39
N SER A 133 -13.10 12.12 34.61
CA SER A 133 -14.24 11.23 34.85
C SER A 133 -15.55 11.95 35.01
N GLY A 134 -16.63 11.23 34.88
CA GLY A 134 -17.95 11.79 35.18
C GLY A 134 -18.05 12.28 36.62
N ALA A 135 -17.56 11.46 37.56
CA ALA A 135 -17.53 11.85 38.96
C ALA A 135 -16.83 13.21 39.15
N GLU A 136 -15.71 13.40 38.47
CA GLU A 136 -15.03 14.65 38.61
C GLU A 136 -15.91 15.78 38.09
N ALA A 137 -16.58 15.54 36.96
CA ALA A 137 -17.46 16.53 36.35
C ALA A 137 -18.54 16.94 37.36
N VAL A 138 -19.23 15.97 37.95
CA VAL A 138 -20.28 16.27 38.95
C VAL A 138 -19.68 17.00 40.16
N GLU A 139 -18.52 16.54 40.61
CA GLU A 139 -17.80 17.19 41.72
C GLU A 139 -17.55 18.67 41.41
N ASN A 140 -17.18 18.95 40.18
CA ASN A 140 -16.92 20.33 39.83
C ASN A 140 -18.19 21.17 39.63
N ALA A 141 -19.23 20.58 39.07
CA ALA A 141 -20.52 21.30 38.94
C ALA A 141 -20.99 21.73 40.34
N VAL A 142 -20.85 20.86 41.33
CA VAL A 142 -21.31 21.17 42.67
C VAL A 142 -20.41 22.23 43.33
N LYS A 143 -19.10 22.15 43.11
CA LYS A 143 -18.19 23.21 43.57
C LYS A 143 -18.59 24.58 43.03
N VAL A 144 -18.94 24.62 41.75
CA VAL A 144 -19.32 25.88 41.11
C VAL A 144 -20.65 26.40 41.69
N ALA A 145 -21.66 25.53 41.74
CA ALA A 145 -22.95 25.92 42.31
C ALA A 145 -22.71 26.49 43.72
N ARG A 146 -21.88 25.82 44.52
CA ARG A 146 -21.69 26.21 45.92
C ARG A 146 -20.98 27.56 46.06
N LEU A 147 -19.93 27.75 45.30
CA LEU A 147 -19.18 29.00 45.29
C LEU A 147 -20.06 30.11 44.74
N ALA A 148 -20.65 29.90 43.55
CA ALA A 148 -21.43 30.97 42.86
C ALA A 148 -22.64 31.41 43.67
N THR A 149 -23.37 30.49 44.29
CA THR A 149 -24.53 30.90 45.05
C THR A 149 -24.23 31.30 46.49
N GLY A 150 -23.08 30.88 47.01
CA GLY A 150 -22.79 31.06 48.43
C GLY A 150 -23.62 30.20 49.35
N ARG A 151 -24.25 29.17 48.84
CA ARG A 151 -25.09 28.28 49.65
C ARG A 151 -24.50 26.89 49.72
N ASP A 152 -25.07 26.07 50.58
CA ASP A 152 -24.50 24.77 50.98
C ASP A 152 -25.27 23.58 50.39
N ALA A 153 -26.57 23.55 50.60
CA ALA A 153 -27.37 22.35 50.40
C ALA A 153 -27.41 21.98 48.94
N VAL A 154 -27.33 20.70 48.66
CA VAL A 154 -27.55 20.20 47.31
C VAL A 154 -28.67 19.18 47.37
N VAL A 155 -29.68 19.30 46.51
CA VAL A 155 -30.70 18.24 46.49
C VAL A 155 -30.45 17.24 45.31
N ALA A 156 -30.49 15.94 45.63
CA ALA A 156 -30.47 14.87 44.64
C ALA A 156 -31.73 14.03 44.88
N PHE A 157 -31.98 13.07 44.00
CA PHE A 157 -33.27 12.35 43.98
C PHE A 157 -33.14 10.88 44.25
N ASP A 158 -34.25 10.29 44.65
CA ASP A 158 -34.34 8.84 44.67
C ASP A 158 -33.92 8.29 43.31
N HIS A 159 -33.33 7.10 43.33
CA HIS A 159 -32.84 6.42 42.13
C HIS A 159 -31.71 7.14 41.41
N ALA A 160 -31.14 8.19 42.02
CA ALA A 160 -30.01 8.93 41.41
C ALA A 160 -28.74 8.10 41.44
N TYR A 161 -27.91 8.27 40.42
CA TYR A 161 -26.53 7.79 40.44
C TYR A 161 -25.64 8.88 39.86
N HIS A 162 -24.58 9.26 40.58
CA HIS A 162 -23.69 10.33 40.13
C HIS A 162 -22.22 10.05 40.33
N GLY A 163 -21.85 8.92 40.91
CA GLY A 163 -20.42 8.58 40.99
C GLY A 163 -19.96 7.90 42.26
N ARG A 164 -18.66 7.63 42.29
CA ARG A 164 -18.05 6.83 43.33
C ARG A 164 -17.01 7.56 44.22
N THR A 165 -16.83 8.86 44.02
CA THR A 165 -16.09 9.68 45.00
C THR A 165 -17.01 9.93 46.19
N ASN A 166 -16.45 10.42 47.29
CA ASN A 166 -17.24 10.54 48.49
C ASN A 166 -18.49 11.36 48.27
N LEU A 167 -18.35 12.51 47.64
CA LEU A 167 -19.52 13.39 47.40
C LEU A 167 -20.49 12.78 46.41
N THR A 168 -19.96 12.12 45.38
CA THR A 168 -20.86 11.57 44.34
C THR A 168 -21.55 10.30 44.86
N MET A 169 -20.89 9.59 45.75
CA MET A 169 -21.55 8.56 46.54
C MET A 169 -22.65 9.19 47.36
N ALA A 170 -22.35 10.28 48.04
CA ALA A 170 -23.37 10.97 48.82
C ALA A 170 -24.57 11.26 47.93
N LEU A 171 -24.29 11.75 46.72
CA LEU A 171 -25.37 12.14 45.82
C LEU A 171 -26.12 10.96 45.25
N THR A 172 -25.43 9.83 45.17
CA THR A 172 -26.03 8.59 44.71
C THR A 172 -27.01 7.97 45.76
N ALA A 173 -28.14 7.48 45.27
CA ALA A 173 -29.17 6.92 46.14
C ALA A 173 -28.86 5.51 46.60
N LYS A 174 -28.51 4.62 45.68
CA LYS A 174 -28.45 3.19 46.00
C LYS A 174 -27.20 2.89 46.78
N ALA A 175 -27.34 2.16 47.88
CA ALA A 175 -26.22 1.86 48.75
C ALA A 175 -25.37 0.67 48.29
N MET A 176 -26.00 -0.38 47.74
CA MET A 176 -25.25 -1.58 47.29
C MET A 176 -25.08 -1.58 45.78
N PRO A 177 -23.84 -1.61 45.29
CA PRO A 177 -22.56 -1.73 45.99
C PRO A 177 -21.82 -0.41 46.17
N TYR A 178 -22.46 0.69 45.77
CA TYR A 178 -21.72 1.96 45.61
C TYR A 178 -21.31 2.65 46.94
N LYS A 179 -21.98 2.36 48.04
CA LYS A 179 -21.82 3.16 49.26
C LYS A 179 -21.46 2.38 50.53
N THR A 180 -21.94 1.15 50.64
CA THR A 180 -21.81 0.37 51.88
C THR A 180 -20.39 0.40 52.45
N ASN A 181 -20.28 0.84 53.68
CA ASN A 181 -19.03 0.91 54.43
C ASN A 181 -17.98 1.87 53.91
N PHE A 182 -18.33 2.75 52.96
CA PHE A 182 -17.42 3.77 52.44
C PHE A 182 -17.55 5.19 53.04
N GLY A 183 -18.50 5.38 53.94
CA GLY A 183 -18.75 6.71 54.52
C GLY A 183 -17.79 6.99 55.68
N PRO A 184 -18.03 8.05 56.45
CA PRO A 184 -19.15 8.98 56.36
C PRO A 184 -19.10 9.87 55.12
N PHE A 185 -20.28 10.24 54.63
CA PHE A 185 -20.41 10.94 53.37
C PHE A 185 -20.46 12.47 53.47
N ALA A 186 -20.11 13.13 52.37
CA ALA A 186 -20.11 14.60 52.30
C ALA A 186 -21.42 15.15 52.83
N PRO A 187 -21.35 16.19 53.66
CA PRO A 187 -22.51 16.76 54.24
C PRO A 187 -23.35 17.70 53.34
N GLU A 188 -24.54 18.00 53.84
CA GLU A 188 -25.52 18.88 53.22
C GLU A 188 -26.01 18.42 51.86
N VAL A 189 -26.27 17.11 51.77
CA VAL A 189 -26.94 16.51 50.63
C VAL A 189 -28.33 16.04 51.08
N TYR A 190 -29.38 16.38 50.33
CA TYR A 190 -30.73 16.05 50.72
C TYR A 190 -31.40 15.29 49.57
N ARG A 191 -32.22 14.32 49.91
CA ARG A 191 -32.82 13.47 48.89
C ARG A 191 -34.28 13.74 48.77
N MET A 192 -34.75 13.85 47.55
CA MET A 192 -36.13 14.18 47.25
C MET A 192 -36.74 13.17 46.28
N PRO A 193 -38.06 13.03 46.32
CA PRO A 193 -38.72 12.03 45.51
C PRO A 193 -38.69 12.34 44.02
N MET A 194 -38.55 11.29 43.23
CA MET A 194 -38.42 11.33 41.78
C MET A 194 -39.76 11.11 41.15
N SER A 195 -39.92 11.57 39.91
CA SER A 195 -41.09 11.18 39.11
C SER A 195 -40.75 9.87 38.46
N TYR A 196 -41.36 8.80 38.95
CA TYR A 196 -41.10 7.42 38.49
C TYR A 196 -42.48 6.79 38.22
N PRO A 197 -43.05 7.10 37.07
CA PRO A 197 -44.43 6.80 36.73
C PRO A 197 -44.87 5.39 37.05
N PHE A 198 -44.03 4.42 36.70
CA PHE A 198 -44.40 3.01 36.82
C PHE A 198 -44.59 2.57 38.27
N ARG A 199 -43.95 3.26 39.21
CA ARG A 199 -44.11 2.91 40.65
C ARG A 199 -44.71 4.01 41.52
N GLU A 200 -45.41 4.96 40.92
CA GLU A 200 -46.06 6.01 41.73
C GLU A 200 -47.19 5.39 42.51
N GLU A 201 -47.31 5.76 43.77
CA GLU A 201 -48.36 5.24 44.62
C GLU A 201 -49.71 5.67 44.07
N ASN A 202 -49.76 6.85 43.46
CA ASN A 202 -50.95 7.30 42.76
C ASN A 202 -50.62 7.30 41.28
N PRO A 203 -51.10 6.29 40.55
CA PRO A 203 -50.68 6.15 39.16
C PRO A 203 -51.08 7.31 38.27
N GLU A 204 -52.05 8.10 38.71
CA GLU A 204 -52.55 9.21 37.92
C GLU A 204 -51.73 10.51 38.07
N ILE A 205 -50.73 10.51 38.94
CA ILE A 205 -49.97 11.73 39.22
C ILE A 205 -49.28 12.29 37.96
N THR A 206 -49.36 13.60 37.73
CA THR A 206 -48.76 14.21 36.56
C THR A 206 -47.36 14.68 36.91
N GLY A 207 -46.58 14.98 35.88
CA GLY A 207 -45.22 15.49 36.09
C GLY A 207 -45.23 16.76 36.91
N ALA A 208 -46.13 17.68 36.58
CA ALA A 208 -46.26 18.93 37.32
C ALA A 208 -46.49 18.64 38.78
N GLU A 209 -47.40 17.72 39.06
CA GLU A 209 -47.74 17.40 40.44
C GLU A 209 -46.56 16.74 41.16
N ALA A 210 -45.80 15.92 40.44
CA ALA A 210 -44.59 15.25 40.97
C ALA A 210 -43.53 16.30 41.33
N ALA A 211 -43.42 17.31 40.49
CA ALA A 211 -42.53 18.43 40.77
C ALA A 211 -42.99 19.20 42.01
N LYS A 212 -44.29 19.46 42.12
CA LYS A 212 -44.82 20.26 43.24
C LYS A 212 -44.51 19.51 44.54
N ARG A 213 -44.64 18.19 44.50
CA ARG A 213 -44.34 17.36 45.66
C ARG A 213 -42.88 17.56 46.09
N ALA A 214 -41.95 17.46 45.14
CA ALA A 214 -40.53 17.65 45.43
C ALA A 214 -40.27 19.06 45.97
N ILE A 215 -40.81 20.05 45.26
CA ILE A 215 -40.60 21.43 45.60
C ILE A 215 -41.11 21.73 47.02
N THR A 216 -42.32 21.29 47.36
CA THR A 216 -42.88 21.60 48.69
C THR A 216 -41.95 21.00 49.73
N MET A 217 -41.46 19.80 49.43
CA MET A 217 -40.66 19.08 50.39
C MET A 217 -39.32 19.82 50.56
N ILE A 218 -38.74 20.31 49.46
CA ILE A 218 -37.49 21.00 49.54
C ILE A 218 -37.67 22.26 50.37
N GLU A 219 -38.79 22.91 50.15
CA GLU A 219 -39.06 24.18 50.76
C GLU A 219 -39.27 23.99 52.26
N LYS A 220 -40.03 22.97 52.64
CA LYS A 220 -40.27 22.71 54.05
C LYS A 220 -39.03 22.17 54.78
N GLN A 221 -38.20 21.38 54.11
CA GLN A 221 -37.10 20.68 54.79
C GLN A 221 -35.70 21.33 54.62
N ILE A 222 -35.58 22.29 53.70
CA ILE A 222 -34.36 23.04 53.55
C ILE A 222 -34.63 24.53 53.42
N GLY A 223 -35.53 24.87 52.51
CA GLY A 223 -35.82 26.24 52.12
C GLY A 223 -35.12 26.55 50.79
N GLY A 224 -35.89 26.99 49.79
CA GLY A 224 -35.35 27.27 48.47
C GLY A 224 -34.14 28.18 48.44
N ASP A 225 -34.09 29.15 49.32
CA ASP A 225 -33.00 30.12 49.33
C ASP A 225 -31.73 29.58 49.99
N GLN A 226 -31.79 28.33 50.43
CA GLN A 226 -30.65 27.65 51.07
C GLN A 226 -30.05 26.60 50.20
N VAL A 227 -30.68 26.32 49.07
CA VAL A 227 -30.20 25.26 48.16
C VAL A 227 -29.26 25.81 47.07
N ALA A 228 -28.06 25.26 47.00
CA ALA A 228 -27.05 25.66 45.99
C ALA A 228 -27.38 25.12 44.64
N ALA A 229 -27.73 23.84 44.62
CA ALA A 229 -28.02 23.15 43.36
C ALA A 229 -29.06 22.08 43.48
N ILE A 230 -29.81 21.87 42.40
CA ILE A 230 -30.62 20.67 42.23
C ILE A 230 -29.91 19.93 41.15
N ILE A 231 -29.59 18.67 41.40
CA ILE A 231 -28.91 17.85 40.38
C ILE A 231 -29.80 16.67 40.02
N ILE A 232 -30.02 16.48 38.74
CA ILE A 232 -30.87 15.39 38.29
C ILE A 232 -30.44 14.89 36.92
N GLU A 233 -30.58 13.59 36.74
CA GLU A 233 -30.34 12.95 35.46
C GLU A 233 -31.66 13.03 34.71
N PRO A 234 -31.67 13.59 33.49
CA PRO A 234 -32.90 13.72 32.73
C PRO A 234 -33.54 12.38 32.44
N ILE A 235 -32.70 11.39 32.19
CA ILE A 235 -33.12 10.00 32.31
C ILE A 235 -32.16 9.34 33.28
N GLN A 236 -32.70 8.83 34.38
CA GLN A 236 -31.85 8.20 35.40
C GLN A 236 -31.31 6.89 34.85
N GLY A 237 -29.98 6.75 34.84
CA GLY A 237 -29.33 5.58 34.27
C GLY A 237 -29.34 4.38 35.16
N GLU A 238 -28.34 4.28 36.02
CA GLU A 238 -28.23 3.12 36.92
C GLU A 238 -29.51 2.89 37.71
N GLY A 239 -30.27 3.94 37.96
CA GLY A 239 -31.52 3.81 38.74
C GLY A 239 -32.55 2.97 38.01
N GLY A 240 -32.37 2.84 36.69
CA GLY A 240 -33.24 2.01 35.88
C GLY A 240 -33.86 2.68 34.66
N PHE A 241 -33.14 3.58 34.03
CA PHE A 241 -33.63 4.27 32.86
C PHE A 241 -35.00 4.81 33.17
N ILE A 242 -35.11 5.50 34.30
CA ILE A 242 -36.39 6.12 34.70
C ILE A 242 -36.52 7.42 33.94
N VAL A 243 -37.61 7.53 33.17
CA VAL A 243 -37.95 8.78 32.47
C VAL A 243 -39.09 9.45 33.24
N PRO A 244 -38.88 10.72 33.64
CA PRO A 244 -39.90 11.38 34.48
C PRO A 244 -41.09 11.74 33.64
N ALA A 245 -42.24 11.88 34.27
CA ALA A 245 -43.45 12.29 33.59
C ALA A 245 -43.25 13.65 32.95
N GLU A 246 -43.88 13.85 31.81
CA GLU A 246 -43.80 15.10 31.09
C GLU A 246 -44.20 16.21 32.05
N GLY A 247 -43.42 17.28 32.05
CA GLY A 247 -43.76 18.45 32.89
C GLY A 247 -43.04 18.54 34.23
N PHE A 248 -42.36 17.46 34.62
CA PHE A 248 -41.56 17.44 35.81
C PHE A 248 -40.30 18.32 35.66
N LEU A 249 -39.43 17.98 34.71
CA LEU A 249 -38.17 18.72 34.55
C LEU A 249 -38.37 20.24 34.32
N PRO A 250 -39.25 20.64 33.43
CA PRO A 250 -39.49 22.09 33.33
C PRO A 250 -39.97 22.79 34.62
N ALA A 251 -40.85 22.14 35.36
CA ALA A 251 -41.32 22.68 36.63
C ALA A 251 -40.13 22.87 37.62
N LEU A 252 -39.22 21.88 37.71
CA LEU A 252 -38.03 22.02 38.57
C LEU A 252 -37.16 23.14 38.01
N SER A 253 -37.03 23.22 36.70
CA SER A 253 -36.14 24.24 36.12
C SER A 253 -36.63 25.62 36.42
N GLU A 254 -37.94 25.82 36.28
CA GLU A 254 -38.56 27.12 36.45
C GLU A 254 -38.43 27.55 37.91
N TRP A 255 -38.71 26.63 38.83
CA TRP A 255 -38.61 26.89 40.26
C TRP A 255 -37.18 27.20 40.67
N ALA A 256 -36.23 26.45 40.12
CA ALA A 256 -34.84 26.70 40.45
C ALA A 256 -34.47 28.13 40.05
N LYS A 257 -34.89 28.55 38.87
CA LYS A 257 -34.59 29.92 38.41
C LYS A 257 -35.18 30.91 39.38
N GLU A 258 -36.41 30.69 39.77
CA GLU A 258 -37.06 31.59 40.67
C GLU A 258 -36.37 31.72 42.01
N LYS A 259 -35.82 30.62 42.53
CA LYS A 259 -35.20 30.65 43.84
C LYS A 259 -33.67 30.87 43.80
N GLY A 260 -33.12 31.06 42.61
CA GLY A 260 -31.69 31.31 42.48
C GLY A 260 -30.82 30.06 42.68
N ILE A 261 -31.43 28.89 42.48
CA ILE A 261 -30.79 27.60 42.67
C ILE A 261 -30.20 27.13 41.36
N VAL A 262 -28.95 26.72 41.34
CA VAL A 262 -28.33 26.22 40.10
C VAL A 262 -28.98 24.88 39.75
N PHE A 263 -29.49 24.76 38.53
CA PHE A 263 -30.04 23.50 38.05
C PHE A 263 -29.01 22.73 37.23
N ILE A 264 -28.54 21.61 37.78
CA ILE A 264 -27.49 20.81 37.14
C ILE A 264 -28.12 19.59 36.48
N ALA A 265 -27.98 19.46 35.17
CA ALA A 265 -28.40 18.24 34.50
C ALA A 265 -27.19 17.35 34.41
N ASP A 266 -27.32 16.12 34.93
CA ASP A 266 -26.26 15.16 34.78
C ASP A 266 -26.49 14.34 33.51
N GLU A 267 -25.78 14.73 32.44
CA GLU A 267 -25.96 14.10 31.15
C GLU A 267 -24.75 13.23 30.80
N VAL A 268 -24.13 12.66 31.84
CA VAL A 268 -22.98 11.83 31.66
C VAL A 268 -23.32 10.58 30.83
N GLN A 269 -24.43 9.91 31.18
CA GLN A 269 -24.86 8.72 30.46
C GLN A 269 -25.80 9.07 29.28
N SER A 270 -26.63 10.10 29.43
CA SER A 270 -27.62 10.46 28.41
C SER A 270 -27.15 11.41 27.33
N GLY A 271 -25.99 12.00 27.50
CA GLY A 271 -25.51 13.02 26.59
C GLY A 271 -24.90 12.50 25.30
N PHE A 272 -24.73 13.41 24.33
CA PHE A 272 -24.15 13.12 23.04
C PHE A 272 -24.91 12.08 22.18
N CYS A 273 -26.13 12.43 21.79
CA CYS A 273 -26.90 11.73 20.77
C CYS A 273 -27.53 10.43 21.25
N ARG A 274 -27.11 9.98 22.42
CA ARG A 274 -27.62 8.75 23.02
C ARG A 274 -29.14 8.64 22.98
N THR A 275 -29.85 9.75 23.20
CA THR A 275 -31.32 9.66 23.35
C THR A 275 -32.07 10.10 22.09
N GLY A 276 -31.33 10.41 21.04
CA GLY A 276 -31.94 10.89 19.83
C GLY A 276 -31.84 12.39 19.65
N GLU A 277 -31.48 13.09 20.71
CA GLU A 277 -31.09 14.51 20.63
C GLU A 277 -29.69 14.65 21.17
N TRP A 278 -29.06 15.76 20.90
CA TRP A 278 -27.74 16.00 21.48
C TRP A 278 -27.71 15.79 22.97
N PHE A 279 -28.73 16.28 23.68
CA PHE A 279 -28.87 16.04 25.11
C PHE A 279 -30.27 15.71 25.50
N ALA A 280 -30.41 14.87 26.51
CA ALA A 280 -31.73 14.36 26.91
C ALA A 280 -32.69 15.48 27.30
N VAL A 281 -32.14 16.58 27.82
CA VAL A 281 -32.95 17.70 28.21
C VAL A 281 -33.66 18.31 26.99
N ASP A 282 -33.10 18.10 25.80
CA ASP A 282 -33.66 18.65 24.57
C ASP A 282 -35.05 18.09 24.22
N HIS A 283 -35.37 16.89 24.68
CA HIS A 283 -36.71 16.36 24.51
C HIS A 283 -37.75 17.28 25.02
N GLU A 284 -37.51 17.93 26.17
CA GLU A 284 -38.47 18.88 26.73
C GLU A 284 -38.02 20.33 26.66
N GLY A 285 -36.92 20.60 25.97
CA GLY A 285 -36.40 21.98 25.87
C GLY A 285 -35.99 22.62 27.21
N VAL A 286 -35.63 21.81 28.19
CA VAL A 286 -35.10 22.30 29.43
C VAL A 286 -33.68 22.80 29.19
N VAL A 287 -33.38 23.99 29.71
CA VAL A 287 -32.07 24.61 29.55
C VAL A 287 -31.40 24.68 30.92
N PRO A 288 -30.53 23.74 31.21
CA PRO A 288 -29.86 23.72 32.50
C PRO A 288 -28.84 24.81 32.72
N ASP A 289 -28.57 25.13 33.98
CA ASP A 289 -27.54 26.13 34.36
C ASP A 289 -26.12 25.57 34.24
N ILE A 290 -25.94 24.33 34.60
CA ILE A 290 -24.69 23.61 34.32
C ILE A 290 -25.11 22.20 33.82
N ILE A 291 -24.34 21.65 32.88
CA ILE A 291 -24.51 20.26 32.48
C ILE A 291 -23.20 19.52 32.56
N THR A 292 -23.27 18.35 33.18
CA THR A 292 -22.11 17.49 33.39
C THR A 292 -22.09 16.42 32.28
N MET A 293 -20.90 16.21 31.71
CA MET A 293 -20.71 15.30 30.59
C MET A 293 -19.47 14.44 30.76
N ALA A 294 -19.56 13.22 30.23
CA ALA A 294 -18.40 12.31 30.08
C ALA A 294 -18.75 11.22 29.05
N LYS A 295 -18.33 9.98 29.30
CA LYS A 295 -18.67 8.81 28.48
C LYS A 295 -18.53 9.05 26.97
N GLY A 296 -19.64 9.33 26.29
CA GLY A 296 -19.64 9.44 24.83
C GLY A 296 -18.79 10.53 24.24
N ILE A 297 -18.53 11.54 25.06
CA ILE A 297 -17.82 12.72 24.60
C ILE A 297 -16.57 12.42 23.75
N ALA A 298 -15.76 11.44 24.14
CA ALA A 298 -14.47 11.27 23.50
C ALA A 298 -14.24 9.85 23.01
N GLY A 299 -15.32 9.23 22.57
CA GLY A 299 -15.24 7.94 21.89
C GLY A 299 -14.48 6.86 22.63
N GLY A 300 -14.44 6.95 23.97
CA GLY A 300 -13.73 5.97 24.78
C GLY A 300 -12.47 6.47 25.48
N LEU A 301 -11.89 7.56 25.03
CA LEU A 301 -10.79 8.13 25.78
C LEU A 301 -11.33 8.84 27.03
N PRO A 302 -10.51 8.96 28.08
CA PRO A 302 -10.97 9.51 29.33
C PRO A 302 -11.06 11.03 29.31
N LEU A 303 -12.28 11.53 29.15
CA LEU A 303 -12.53 12.98 29.18
C LEU A 303 -13.90 13.22 29.77
N SER A 304 -14.02 14.32 30.50
CA SER A 304 -15.30 14.75 31.05
C SER A 304 -15.34 16.28 31.03
N ALA A 305 -16.54 16.84 31.23
CA ALA A 305 -16.70 18.28 31.14
C ALA A 305 -17.88 18.78 31.94
N ILE A 306 -17.79 20.06 32.33
CA ILE A 306 -18.97 20.84 32.72
C ILE A 306 -19.06 22.04 31.80
N THR A 307 -20.26 22.30 31.31
CA THR A 307 -20.53 23.49 30.51
C THR A 307 -21.73 24.16 31.20
N GLY A 308 -21.58 25.43 31.55
CA GLY A 308 -22.68 26.17 32.17
C GLY A 308 -22.62 27.66 32.01
N ARG A 309 -23.60 28.35 32.58
CA ARG A 309 -23.68 29.81 32.50
C ARG A 309 -22.31 30.43 32.78
N ALA A 310 -21.92 31.36 31.93
CA ALA A 310 -20.67 32.09 32.11
C ALA A 310 -20.61 32.77 33.46
N ASP A 311 -21.68 33.41 33.88
CA ASP A 311 -21.68 34.10 35.16
C ASP A 311 -21.43 33.16 36.35
N LEU A 312 -21.89 31.90 36.27
CA LEU A 312 -21.60 30.91 37.31
C LEU A 312 -20.14 30.46 37.23
N LEU A 313 -19.73 29.94 36.08
CA LEU A 313 -18.36 29.46 35.94
C LEU A 313 -17.28 30.54 36.08
N ASP A 314 -17.53 31.74 35.61
CA ASP A 314 -16.56 32.80 35.79
C ASP A 314 -16.49 33.36 37.21
N ALA A 315 -17.45 33.02 38.05
CA ALA A 315 -17.39 33.41 39.46
C ALA A 315 -16.22 32.73 40.23
N VAL A 316 -15.76 31.58 39.76
CA VAL A 316 -14.73 30.82 40.48
C VAL A 316 -13.41 31.55 40.35
N HIS A 317 -12.74 31.70 41.47
CA HIS A 317 -11.46 32.36 41.54
C HIS A 317 -10.38 31.63 40.73
N PRO A 318 -9.31 32.34 40.34
CA PRO A 318 -8.24 31.72 39.57
C PRO A 318 -7.72 30.46 40.22
N GLY A 319 -7.59 29.38 39.45
CA GLY A 319 -7.01 28.15 39.93
C GLY A 319 -7.91 27.33 40.83
N GLY A 320 -9.17 27.73 40.96
CA GLY A 320 -10.11 27.03 41.83
C GLY A 320 -10.62 25.71 41.28
N LEU A 321 -10.72 25.62 39.96
CA LEU A 321 -11.08 24.39 39.30
C LEU A 321 -9.88 23.86 38.53
N GLY A 322 -9.68 22.53 38.55
CA GLY A 322 -8.67 21.93 37.69
C GLY A 322 -8.31 20.50 38.05
N GLY A 323 -7.02 20.19 37.93
CA GLY A 323 -6.55 18.80 37.97
C GLY A 323 -5.35 18.61 37.04
N THR A 324 -4.68 17.46 37.12
CA THR A 324 -3.45 17.23 36.36
C THR A 324 -3.79 16.84 34.92
N TYR A 325 -4.46 15.71 34.77
CA TYR A 325 -4.72 15.10 33.46
C TYR A 325 -5.82 15.82 32.67
N GLY A 326 -6.66 16.53 33.37
CA GLY A 326 -7.90 17.06 32.81
C GLY A 326 -7.77 17.73 31.44
N GLY A 327 -8.66 17.36 30.53
CA GLY A 327 -8.61 17.87 29.18
C GLY A 327 -7.41 17.38 28.44
N ASN A 328 -7.12 16.09 28.59
CA ASN A 328 -5.91 15.52 28.00
C ASN A 328 -5.97 15.67 26.48
N PRO A 329 -4.84 16.01 25.85
CA PRO A 329 -4.83 16.36 24.44
C PRO A 329 -5.16 15.22 23.52
N VAL A 330 -4.72 14.03 23.89
CA VAL A 330 -5.07 12.85 23.10
C VAL A 330 -6.59 12.63 23.22
N ALA A 331 -7.11 12.78 24.44
CA ALA A 331 -8.56 12.64 24.68
C ALA A 331 -9.32 13.69 23.91
N CYS A 332 -8.74 14.89 23.84
CA CYS A 332 -9.41 15.99 23.16
C CYS A 332 -9.49 15.71 21.66
N ALA A 333 -8.38 15.23 21.09
CA ALA A 333 -8.33 14.84 19.67
C ALA A 333 -9.45 13.82 19.43
N ALA A 334 -9.55 12.85 20.33
CA ALA A 334 -10.62 11.87 20.22
C ALA A 334 -11.98 12.52 20.19
N ALA A 335 -12.21 13.47 21.09
CA ALA A 335 -13.53 14.09 21.24
C ALA A 335 -13.93 14.85 19.99
N LEU A 336 -13.00 15.64 19.47
CA LEU A 336 -13.27 16.43 18.29
C LEU A 336 -13.68 15.51 17.13
N ALA A 337 -12.94 14.41 16.97
CA ALA A 337 -13.30 13.39 15.98
C ALA A 337 -14.63 12.75 16.28
N ALA A 338 -14.84 12.41 17.54
CA ALA A 338 -16.08 11.73 17.93
C ALA A 338 -17.29 12.60 17.62
N ILE A 339 -17.21 13.86 18.00
CA ILE A 339 -18.31 14.78 17.76
C ILE A 339 -18.52 14.91 16.25
N ASP A 340 -17.42 14.97 15.51
CA ASP A 340 -17.44 15.13 14.06
C ASP A 340 -18.19 13.95 13.46
N THR A 341 -17.90 12.75 13.94
CA THR A 341 -18.64 11.56 13.48
C THR A 341 -20.12 11.64 13.82
N MET A 342 -20.45 12.16 15.00
CA MET A 342 -21.85 12.26 15.41
C MET A 342 -22.61 13.10 14.41
N GLU A 343 -21.97 14.15 13.93
CA GLU A 343 -22.58 15.08 12.94
C GLU A 343 -22.60 14.50 11.51
N GLN A 344 -21.43 14.16 10.98
CA GLN A 344 -21.33 13.58 9.66
C GLN A 344 -22.30 12.42 9.45
N HIS A 345 -22.43 11.52 10.40
CA HIS A 345 -23.32 10.36 10.22
C HIS A 345 -24.65 10.46 10.86
N ASP A 346 -25.06 11.66 11.27
CA ASP A 346 -26.34 11.88 11.91
C ASP A 346 -26.69 10.82 12.97
N LEU A 347 -25.86 10.69 14.01
CA LEU A 347 -26.13 9.69 15.03
C LEU A 347 -27.40 9.98 15.84
N ASN A 348 -27.79 11.24 15.92
CA ASN A 348 -29.12 11.56 16.49
C ASN A 348 -30.20 10.80 15.74
N GLY A 349 -30.14 10.89 14.40
CA GLY A 349 -31.04 10.12 13.55
C GLY A 349 -30.91 8.62 13.71
N ARG A 350 -29.68 8.14 13.78
CA ARG A 350 -29.47 6.70 14.01
C ARG A 350 -30.08 6.24 15.34
N ALA A 351 -29.96 7.08 16.37
CA ALA A 351 -30.50 6.79 17.67
C ALA A 351 -32.03 6.74 17.60
N ARG A 352 -32.63 7.68 16.89
CA ARG A 352 -34.08 7.69 16.74
C ARG A 352 -34.56 6.47 16.01
N HIS A 353 -33.79 6.04 15.03
CA HIS A 353 -34.13 4.85 14.26
C HIS A 353 -34.05 3.62 15.11
N ILE A 354 -32.98 3.50 15.90
CA ILE A 354 -32.87 2.42 16.88
C ILE A 354 -34.10 2.34 17.81
N GLU A 355 -34.56 3.50 18.28
CA GLU A 355 -35.72 3.55 19.17
C GLU A 355 -36.90 2.86 18.48
N GLU A 356 -37.10 3.19 17.20
CA GLU A 356 -38.23 2.71 16.44
C GLU A 356 -38.16 1.18 16.32
N LEU A 357 -37.02 0.70 15.84
CA LEU A 357 -36.77 -0.74 15.73
C LEU A 357 -36.98 -1.45 17.04
N ALA A 358 -36.30 -0.98 18.08
CA ALA A 358 -36.19 -1.74 19.31
C ALA A 358 -37.47 -1.68 20.12
N LEU A 359 -38.08 -0.51 20.21
CA LEU A 359 -39.38 -0.41 20.89
C LEU A 359 -40.43 -1.26 20.15
N GLY A 360 -40.31 -1.32 18.82
CA GLY A 360 -41.16 -2.18 18.01
C GLY A 360 -41.08 -3.60 18.49
N LYS A 361 -39.88 -4.17 18.47
CA LYS A 361 -39.72 -5.57 18.84
C LYS A 361 -40.10 -5.82 20.28
N LEU A 362 -39.75 -4.88 21.15
CA LEU A 362 -40.05 -5.03 22.57
C LEU A 362 -41.55 -4.98 22.83
N ARG A 363 -42.26 -4.11 22.13
CA ARG A 363 -43.71 -4.06 22.29
C ARG A 363 -44.42 -5.29 21.72
N GLU A 364 -43.88 -5.86 20.65
CA GLU A 364 -44.38 -7.14 20.14
C GLU A 364 -44.31 -8.18 21.26
N LEU A 365 -43.15 -8.26 21.91
CA LEU A 365 -42.94 -9.17 23.00
C LEU A 365 -43.92 -8.91 24.14
N ALA A 366 -44.12 -7.65 24.50
CA ALA A 366 -45.09 -7.35 25.56
C ALA A 366 -46.46 -7.96 25.23
N ALA A 367 -46.84 -7.89 23.96
CA ALA A 367 -48.17 -8.26 23.50
C ALA A 367 -48.38 -9.81 23.52
N GLU A 368 -47.31 -10.58 23.38
CA GLU A 368 -47.43 -12.00 23.60
C GLU A 368 -47.66 -12.27 25.10
N LEU A 369 -46.79 -11.77 25.99
CA LEU A 369 -46.76 -12.22 27.40
C LEU A 369 -48.03 -11.73 28.09
N SER A 375 -47.89 -12.35 33.11
CA SER A 375 -47.02 -11.42 32.35
C SER A 375 -45.89 -10.83 33.19
N VAL A 376 -44.73 -10.82 32.56
CA VAL A 376 -43.46 -10.58 33.23
C VAL A 376 -42.87 -9.22 32.78
N VAL A 377 -43.46 -8.61 31.74
CA VAL A 377 -42.99 -7.32 31.23
C VAL A 377 -43.76 -6.17 31.86
N GLY A 378 -43.13 -5.51 32.83
CA GLY A 378 -43.77 -4.47 33.58
C GLY A 378 -43.85 -3.15 32.83
N ASP A 379 -42.77 -2.74 32.17
CA ASP A 379 -42.71 -1.40 31.61
C ASP A 379 -41.58 -1.34 30.60
N ILE A 380 -41.88 -0.70 29.46
CA ILE A 380 -40.92 -0.46 28.40
C ILE A 380 -40.78 1.06 28.24
N ARG A 381 -39.55 1.57 28.25
CA ARG A 381 -39.34 3.02 28.38
C ARG A 381 -37.95 3.39 27.91
N GLY A 382 -37.73 4.70 27.73
CA GLY A 382 -36.47 5.19 27.24
C GLY A 382 -36.65 5.98 25.97
N ARG A 383 -35.56 6.49 25.43
CA ARG A 383 -35.59 7.24 24.20
C ARG A 383 -34.31 6.97 23.46
N GLY A 384 -34.37 6.99 22.15
CA GLY A 384 -33.21 6.77 21.31
C GLY A 384 -32.55 5.43 21.48
N ALA A 385 -31.24 5.45 21.67
CA ALA A 385 -30.46 4.26 21.99
C ALA A 385 -30.23 4.06 23.50
N MET A 386 -31.16 4.56 24.31
CA MET A 386 -31.13 4.42 25.77
C MET A 386 -32.48 3.93 26.22
N LEU A 387 -32.65 2.60 26.16
CA LEU A 387 -33.98 1.97 26.25
C LEU A 387 -33.92 0.85 27.27
N ALA A 388 -35.06 0.52 27.83
CA ALA A 388 -35.10 -0.38 28.93
C ALA A 388 -36.42 -1.08 29.05
N ILE A 389 -36.34 -2.27 29.62
CA ILE A 389 -37.53 -3.05 29.93
C ILE A 389 -37.40 -3.42 31.40
N GLU A 390 -38.41 -3.04 32.18
CA GLU A 390 -38.42 -3.39 33.59
C GLU A 390 -39.22 -4.66 33.77
N LEU A 391 -38.59 -5.67 34.33
CA LEU A 391 -39.20 -6.99 34.49
C LEU A 391 -39.81 -7.19 35.89
N VAL A 392 -41.01 -7.76 35.92
CA VAL A 392 -41.74 -7.93 37.16
C VAL A 392 -42.17 -9.38 37.35
N GLN A 393 -42.64 -9.67 38.55
CA GLN A 393 -43.17 -10.98 38.90
C GLN A 393 -44.48 -11.15 38.13
N PRO A 394 -44.77 -12.37 37.64
CA PRO A 394 -45.95 -12.61 36.77
C PRO A 394 -47.25 -12.18 37.41
N GLY A 395 -47.96 -11.29 36.74
CA GLY A 395 -49.27 -10.82 37.23
C GLY A 395 -49.28 -9.75 38.30
N SER A 396 -48.10 -9.32 38.77
CA SER A 396 -48.03 -8.21 39.75
C SER A 396 -46.99 -7.20 39.29
N LYS A 397 -46.76 -6.21 40.15
CA LYS A 397 -45.70 -5.22 39.92
C LYS A 397 -44.44 -5.48 40.75
N GLU A 398 -44.40 -6.57 41.52
CA GLU A 398 -43.21 -6.89 42.33
C GLU A 398 -42.02 -7.04 41.40
N PRO A 399 -40.83 -6.58 41.83
CA PRO A 399 -39.66 -6.68 40.96
C PRO A 399 -39.21 -8.12 40.71
N ASN A 400 -38.57 -8.35 39.58
CA ASN A 400 -38.07 -9.65 39.20
C ASN A 400 -36.59 -9.57 38.84
N ALA A 401 -35.75 -9.44 39.86
CA ALA A 401 -34.30 -9.46 39.65
C ALA A 401 -33.79 -10.86 39.23
N GLU A 402 -34.44 -11.92 39.72
CA GLU A 402 -34.06 -13.31 39.37
C GLU A 402 -34.13 -13.53 37.86
N LEU A 403 -35.27 -13.17 37.28
CA LEU A 403 -35.45 -13.28 35.85
C LEU A 403 -34.46 -12.42 35.11
N THR A 404 -34.17 -11.26 35.69
CA THR A 404 -33.28 -10.29 35.05
C THR A 404 -31.86 -10.83 34.94
N LYS A 405 -31.34 -11.40 36.03
CA LYS A 405 -30.01 -12.04 36.01
C LYS A 405 -30.00 -13.20 35.01
N ALA A 406 -31.06 -14.01 35.09
CA ALA A 406 -31.23 -15.16 34.19
C ALA A 406 -31.16 -14.74 32.72
N VAL A 407 -31.92 -13.71 32.36
CA VAL A 407 -32.02 -13.27 30.99
C VAL A 407 -30.66 -12.75 30.50
N ALA A 408 -29.96 -12.02 31.36
CA ALA A 408 -28.60 -11.53 30.98
C ALA A 408 -27.68 -12.70 30.70
N ALA A 409 -27.69 -13.68 31.59
CA ALA A 409 -26.84 -14.84 31.44
C ALA A 409 -27.19 -15.58 30.15
N ALA A 410 -28.49 -15.79 29.93
CA ALA A 410 -29.00 -16.48 28.73
C ALA A 410 -28.51 -15.76 27.45
N CYS A 411 -28.57 -14.41 27.47
CA CYS A 411 -28.12 -13.65 26.33
C CYS A 411 -26.64 -13.85 26.12
N LEU A 412 -25.89 -13.84 27.22
CA LEU A 412 -24.43 -13.98 27.12
C LEU A 412 -24.08 -15.34 26.50
N LYS A 413 -24.80 -16.37 26.91
CA LYS A 413 -24.61 -17.73 26.41
C LYS A 413 -24.77 -17.79 24.88
N GLU A 414 -25.76 -17.06 24.36
CA GLU A 414 -25.99 -17.00 22.93
C GLU A 414 -25.09 -16.00 22.18
N GLY A 415 -24.19 -15.33 22.88
CA GLY A 415 -23.28 -14.38 22.24
C GLY A 415 -23.80 -12.93 22.13
N VAL A 416 -24.67 -12.54 23.06
CA VAL A 416 -25.13 -11.18 23.17
C VAL A 416 -24.77 -10.61 24.55
N ILE A 417 -23.91 -9.58 24.58
CA ILE A 417 -23.54 -8.90 25.82
C ILE A 417 -24.53 -7.77 26.10
N ILE A 418 -25.33 -7.92 27.14
CA ILE A 418 -26.38 -6.98 27.47
C ILE A 418 -26.25 -6.60 28.95
N LEU A 419 -26.51 -5.34 29.29
CA LEU A 419 -26.35 -4.87 30.68
C LEU A 419 -27.68 -4.82 31.46
N THR A 420 -27.57 -4.84 32.77
CA THR A 420 -28.70 -4.71 33.64
C THR A 420 -28.50 -3.49 34.53
N CYS A 421 -29.56 -3.08 35.22
CA CYS A 421 -29.49 -1.97 36.17
C CYS A 421 -30.76 -1.93 37.01
N GLY A 422 -30.92 -0.87 37.78
CA GLY A 422 -32.15 -0.62 38.51
C GLY A 422 -31.99 -0.67 40.01
N THR A 423 -32.67 0.24 40.68
CA THR A 423 -32.76 0.23 42.13
C THR A 423 -33.14 -1.15 42.67
N TYR A 424 -34.07 -1.83 42.00
CA TYR A 424 -34.52 -3.15 42.42
C TYR A 424 -33.89 -4.31 41.62
N GLY A 425 -32.85 -4.00 40.83
CA GLY A 425 -32.06 -5.01 40.11
C GLY A 425 -32.78 -5.72 38.97
N ASN A 426 -33.88 -5.14 38.53
CA ASN A 426 -34.84 -5.79 37.65
C ASN A 426 -35.06 -5.07 36.34
N VAL A 427 -34.04 -4.40 35.82
CA VAL A 427 -34.18 -3.69 34.56
C VAL A 427 -33.09 -4.09 33.58
N ILE A 428 -33.52 -4.53 32.41
CA ILE A 428 -32.63 -4.76 31.31
C ILE A 428 -32.53 -3.49 30.51
N ARG A 429 -31.30 -3.08 30.21
CA ARG A 429 -31.09 -1.88 29.47
C ARG A 429 -30.39 -2.15 28.17
N LEU A 430 -30.86 -1.47 27.13
CA LEU A 430 -30.22 -1.48 25.82
C LEU A 430 -29.40 -0.20 25.63
N LEU A 431 -28.07 -0.35 25.52
CA LEU A 431 -27.17 0.78 25.27
C LEU A 431 -26.26 0.40 24.13
N PRO A 432 -26.85 0.12 22.96
CA PRO A 432 -26.01 -0.23 21.83
C PRO A 432 -25.22 0.94 21.34
N PRO A 433 -24.09 0.70 20.68
CA PRO A 433 -23.44 1.80 19.99
C PRO A 433 -24.34 2.27 18.89
N LEU A 434 -24.34 3.57 18.67
CA LEU A 434 -25.26 4.19 17.72
C LEU A 434 -24.92 3.85 16.28
N VAL A 435 -23.68 3.43 16.03
CA VAL A 435 -23.27 2.94 14.71
C VAL A 435 -23.60 1.46 14.43
N ILE A 436 -24.42 0.83 15.28
CA ILE A 436 -24.83 -0.58 15.05
C ILE A 436 -25.70 -0.72 13.78
N SER A 437 -25.55 -1.84 13.07
CA SER A 437 -26.38 -2.11 11.89
C SER A 437 -27.74 -2.61 12.33
N ASP A 438 -28.77 -2.31 11.54
CA ASP A 438 -30.10 -2.85 11.79
C ASP A 438 -30.09 -4.40 11.95
N GLU A 439 -29.31 -5.08 11.08
CA GLU A 439 -29.23 -6.55 11.08
C GLU A 439 -28.80 -7.03 12.47
N LEU A 440 -27.66 -6.52 12.95
CA LEU A 440 -27.11 -6.92 14.25
C LEU A 440 -28.05 -6.59 15.41
N LEU A 441 -28.62 -5.39 15.38
CA LEU A 441 -29.53 -4.98 16.42
C LEU A 441 -30.74 -5.92 16.48
N ILE A 442 -31.32 -6.24 15.32
CA ILE A 442 -32.48 -7.15 15.27
C ILE A 442 -32.08 -8.52 15.82
N ASP A 443 -30.87 -8.98 15.47
CA ASP A 443 -30.40 -10.29 15.93
C ASP A 443 -30.33 -10.29 17.45
N GLY A 444 -29.68 -9.27 17.99
CA GLY A 444 -29.62 -9.07 19.43
C GLY A 444 -30.97 -9.05 20.11
N LEU A 445 -31.91 -8.30 19.54
CA LEU A 445 -33.26 -8.22 20.13
C LEU A 445 -33.97 -9.56 20.07
N GLU A 446 -33.76 -10.31 18.98
CA GLU A 446 -34.35 -11.63 18.88
C GLU A 446 -33.80 -12.52 20.02
N VAL A 447 -32.48 -12.51 20.22
CA VAL A 447 -31.86 -13.31 21.29
C VAL A 447 -32.46 -12.91 22.65
N LEU A 448 -32.60 -11.60 22.87
CA LEU A 448 -33.15 -11.08 24.12
C LEU A 448 -34.57 -11.55 24.31
N ALA A 449 -35.39 -11.35 23.29
CA ALA A 449 -36.78 -11.79 23.32
C ALA A 449 -36.90 -13.30 23.60
N ALA A 450 -36.07 -14.08 22.93
CA ALA A 450 -36.08 -15.50 23.14
C ALA A 450 -35.77 -15.81 24.61
N ALA A 451 -34.72 -15.15 25.16
CA ALA A 451 -34.28 -15.39 26.53
C ALA A 451 -35.39 -15.10 27.56
N ILE A 452 -36.11 -13.99 27.37
CA ILE A 452 -37.17 -13.66 28.29
C ILE A 452 -38.25 -14.73 28.26
N LYS A 453 -38.69 -15.12 27.06
CA LYS A 453 -39.71 -16.18 26.91
C LYS A 453 -39.22 -17.49 27.52
N ALA A 454 -37.94 -17.82 27.30
CA ALA A 454 -37.37 -19.04 27.89
C ALA A 454 -37.41 -19.08 29.43
N HIS A 455 -37.32 -17.94 30.11
CA HIS A 455 -37.42 -17.88 31.58
C HIS A 455 -38.48 -16.84 31.95
N LEU B 8 21.48 9.97 25.09
CA LEU B 8 20.10 9.69 24.55
C LEU B 8 19.73 10.40 23.22
N SER B 9 18.65 9.93 22.59
CA SER B 9 18.25 10.43 21.28
C SER B 9 16.81 11.02 21.21
N TYR B 10 16.65 12.17 20.58
CA TYR B 10 15.37 12.90 20.60
C TYR B 10 14.77 13.17 19.19
N ARG B 11 13.58 13.76 19.15
CA ARG B 11 12.85 14.02 17.92
C ARG B 11 12.98 15.49 17.50
N ILE B 12 12.92 16.42 18.45
CA ILE B 12 13.03 17.84 18.13
C ILE B 12 14.28 18.41 18.76
N GLU B 13 14.81 19.46 18.16
CA GLU B 13 16.09 19.98 18.58
C GLU B 13 16.06 20.36 20.05
N GLN B 14 17.00 19.82 20.81
CA GLN B 14 17.04 20.03 22.24
C GLN B 14 17.89 21.23 22.60
N LYS B 15 17.45 22.41 22.16
CA LYS B 15 18.15 23.68 22.48
C LYS B 15 17.11 24.77 22.76
N ARG B 16 17.42 25.58 23.75
CA ARG B 16 16.59 26.71 24.08
C ARG B 16 16.68 27.72 22.97
N ASN B 17 15.53 28.17 22.47
CA ASN B 17 15.51 29.12 21.37
C ASN B 17 14.26 30.00 21.31
N ILE B 18 14.43 31.25 21.71
CA ILE B 18 13.33 32.19 21.69
C ILE B 18 13.51 33.20 20.55
N ASN B 19 12.63 33.09 19.54
CA ASN B 19 12.62 33.97 18.37
C ASN B 19 11.71 35.18 18.50
N GLY B 20 12.18 36.19 19.19
CA GLY B 20 11.39 37.42 19.33
C GLY B 20 10.29 37.30 20.38
N ALA B 21 9.29 38.19 20.29
CA ALA B 21 8.37 38.41 21.38
C ALA B 21 7.33 37.33 21.43
N PHE B 22 6.89 36.97 22.63
CA PHE B 22 5.83 36.00 22.80
C PHE B 22 4.91 36.43 23.94
N PRO B 23 3.66 35.99 23.92
CA PRO B 23 3.07 35.11 22.93
C PRO B 23 3.12 35.64 21.50
N GLY B 24 3.43 34.76 20.57
CA GLY B 24 3.40 35.11 19.14
C GLY B 24 2.00 35.10 18.58
N PRO B 25 1.86 35.39 17.27
CA PRO B 25 0.54 35.60 16.65
C PRO B 25 -0.36 34.41 16.78
N LYS B 26 0.18 33.21 16.59
CA LYS B 26 -0.65 32.00 16.64
C LYS B 26 -1.10 31.67 18.05
N SER B 27 -0.23 31.93 19.02
CA SER B 27 -0.60 31.82 20.43
C SER B 27 -1.64 32.82 20.82
N GLN B 28 -1.42 34.07 20.44
CA GLN B 28 -2.43 35.09 20.67
C GLN B 28 -3.77 34.73 20.07
N ALA B 29 -3.76 34.16 18.87
CA ALA B 29 -5.03 33.78 18.21
C ALA B 29 -5.78 32.76 19.09
N LEU B 30 -5.04 31.85 19.72
CA LEU B 30 -5.65 30.82 20.53
C LEU B 30 -6.18 31.39 21.85
N ALA B 31 -5.40 32.27 22.48
CA ALA B 31 -5.84 32.99 23.68
C ALA B 31 -7.17 33.73 23.43
N GLU B 32 -7.28 34.37 22.25
CA GLU B 32 -8.53 35.01 21.90
C GLU B 32 -9.69 34.04 21.79
N ARG B 33 -9.46 32.89 21.17
CA ARG B 33 -10.52 31.89 21.07
C ARG B 33 -10.89 31.41 22.45
N ARG B 34 -9.85 31.19 23.28
CA ARG B 34 -9.99 30.61 24.61
C ARG B 34 -10.92 31.42 25.49
N SER B 35 -10.73 32.75 25.50
CA SER B 35 -11.45 33.58 26.45
C SER B 35 -12.96 33.59 26.18
N ALA B 36 -13.38 33.15 24.99
CA ALA B 36 -14.83 33.08 24.67
C ALA B 36 -15.48 31.80 25.12
N VAL B 37 -14.67 30.79 25.44
CA VAL B 37 -15.23 29.46 25.70
C VAL B 37 -14.80 28.72 26.96
N VAL B 38 -13.63 29.03 27.47
CA VAL B 38 -13.11 28.40 28.69
C VAL B 38 -13.36 29.30 29.90
N ALA B 39 -13.69 28.70 31.04
CA ALA B 39 -13.96 29.48 32.26
C ALA B 39 -12.78 30.37 32.61
N ALA B 40 -13.09 31.59 33.01
CA ALA B 40 -12.08 32.61 33.27
C ALA B 40 -11.10 32.17 34.32
N GLY B 41 -11.58 31.43 35.31
CA GLY B 41 -10.73 30.96 36.40
C GLY B 41 -9.67 29.95 35.96
N VAL B 42 -9.88 29.29 34.84
CA VAL B 42 -8.90 28.29 34.37
C VAL B 42 -7.79 29.05 33.71
N ALA B 43 -6.73 29.30 34.48
CA ALA B 43 -5.59 30.09 34.04
C ALA B 43 -4.43 29.16 33.75
N SER B 44 -3.48 29.61 32.95
CA SER B 44 -2.31 28.81 32.70
C SER B 44 -1.10 29.61 33.12
N GLY B 45 -0.10 28.93 33.65
CA GLY B 45 1.14 29.61 34.09
C GLY B 45 1.95 30.15 32.93
N VAL B 46 1.72 29.61 31.73
CA VAL B 46 2.51 29.90 30.54
C VAL B 46 1.60 30.45 29.44
N PRO B 47 1.97 31.55 28.79
CA PRO B 47 1.07 32.19 27.82
C PRO B 47 1.23 31.69 26.39
N VAL B 48 2.12 30.72 26.15
CA VAL B 48 2.29 30.16 24.81
C VAL B 48 1.61 28.81 24.70
N TYR B 49 1.27 28.40 23.50
CA TYR B 49 0.53 27.17 23.25
C TYR B 49 1.43 26.09 22.63
N VAL B 50 1.45 24.90 23.22
CA VAL B 50 2.32 23.80 22.73
C VAL B 50 1.88 23.25 21.38
N GLU B 51 2.88 22.90 20.57
CA GLU B 51 2.66 22.11 19.36
C GLU B 51 3.34 20.76 19.48
N ASP B 52 4.56 20.79 20.00
CA ASP B 52 5.33 19.56 20.23
C ASP B 52 6.06 19.65 21.57
N ALA B 53 6.07 18.54 22.30
CA ALA B 53 6.78 18.48 23.58
C ALA B 53 7.59 17.18 23.53
N ASP B 54 8.90 17.27 23.72
CA ASP B 54 9.77 16.09 23.54
C ASP B 54 11.06 16.34 24.29
N GLY B 55 11.59 15.29 24.91
CA GLY B 55 12.81 15.42 25.69
C GLY B 55 12.61 16.50 26.74
N GLY B 56 13.41 17.52 26.65
CA GLY B 56 13.32 18.64 27.59
C GLY B 56 12.83 19.95 27.00
N ILE B 57 12.12 19.88 25.88
CA ILE B 57 11.66 21.06 25.20
C ILE B 57 10.14 21.08 25.06
N ILE B 58 9.56 22.27 25.26
CA ILE B 58 8.20 22.58 24.84
C ILE B 58 8.36 23.57 23.71
N ARG B 59 7.91 23.19 22.52
CA ARG B 59 7.96 24.10 21.37
C ARG B 59 6.59 24.60 21.10
N ASP B 60 6.45 25.92 21.00
CA ASP B 60 5.12 26.53 20.81
C ASP B 60 4.68 26.62 19.36
N VAL B 61 3.42 26.97 19.16
CA VAL B 61 2.85 27.10 17.82
C VAL B 61 3.52 28.18 16.95
N ASP B 62 4.30 29.07 17.54
CA ASP B 62 5.04 30.08 16.81
C ASP B 62 6.53 29.71 16.66
N GLY B 63 6.88 28.45 16.92
CA GLY B 63 8.27 27.99 16.76
C GLY B 63 9.29 28.25 17.87
N ASN B 64 8.86 28.80 18.99
CA ASN B 64 9.75 29.01 20.12
C ASN B 64 9.99 27.75 20.91
N SER B 65 11.21 27.55 21.38
CA SER B 65 11.57 26.33 22.10
C SER B 65 12.00 26.65 23.52
N PHE B 66 11.18 26.24 24.49
CA PHE B 66 11.39 26.52 25.90
C PHE B 66 11.97 25.28 26.60
N ILE B 67 12.83 25.50 27.60
CA ILE B 67 13.30 24.37 28.46
C ILE B 67 12.15 23.99 29.43
N ASP B 68 11.85 22.71 29.52
CA ASP B 68 10.72 22.21 30.33
C ASP B 68 11.21 21.70 31.67
N LEU B 69 11.08 22.51 32.70
CA LEU B 69 11.56 22.11 34.01
C LEU B 69 10.40 21.69 34.92
N GLY B 70 9.25 21.35 34.31
CA GLY B 70 8.07 20.96 35.09
C GLY B 70 7.48 19.62 34.73
N SER B 71 7.87 19.08 33.59
CA SER B 71 7.26 17.86 33.05
C SER B 71 5.76 17.73 33.28
N GLY B 72 5.01 18.83 33.09
CA GLY B 72 3.54 18.82 33.21
C GLY B 72 3.04 18.57 34.60
N ILE B 73 3.79 19.09 35.57
CA ILE B 73 3.70 18.76 37.01
C ILE B 73 4.02 17.28 37.27
N ALA B 74 5.27 16.91 36.96
CA ALA B 74 5.80 15.61 37.30
C ALA B 74 5.10 14.47 36.59
N VAL B 75 4.52 14.73 35.42
CA VAL B 75 3.82 13.67 34.66
C VAL B 75 4.70 13.02 33.60
N THR B 76 5.33 13.83 32.74
CA THR B 76 5.99 13.29 31.55
C THR B 76 7.45 12.96 31.89
N SER B 77 7.64 12.07 32.86
CA SER B 77 8.97 11.74 33.34
C SER B 77 9.78 11.08 32.23
N VAL B 78 9.11 10.24 31.47
CA VAL B 78 9.74 9.56 30.33
C VAL B 78 9.86 10.50 29.12
N GLY B 79 9.40 11.74 29.28
CA GLY B 79 9.28 12.66 28.17
C GLY B 79 7.86 12.72 27.65
N ALA B 80 7.47 13.90 27.13
CA ALA B 80 6.10 14.08 26.60
C ALA B 80 5.84 13.39 25.27
N SER B 81 6.86 12.73 24.71
CA SER B 81 6.74 12.09 23.40
C SER B 81 7.63 10.86 23.24
N ASP B 82 7.71 10.03 24.29
CA ASP B 82 8.55 8.85 24.24
C ASP B 82 8.03 7.93 23.12
N PRO B 83 8.90 7.62 22.16
CA PRO B 83 8.47 6.80 21.01
C PRO B 83 7.76 5.52 21.37
N ALA B 84 8.23 4.86 22.43
CA ALA B 84 7.60 3.61 22.88
C ALA B 84 6.13 3.85 23.28
N VAL B 85 5.94 4.89 24.09
CA VAL B 85 4.62 5.26 24.55
C VAL B 85 3.73 5.58 23.35
N VAL B 86 4.26 6.38 22.44
CA VAL B 86 3.50 6.81 21.29
C VAL B 86 3.06 5.60 20.50
N ALA B 87 4.01 4.71 20.25
CA ALA B 87 3.75 3.51 19.46
C ALA B 87 2.69 2.68 20.16
N ALA B 88 2.82 2.54 21.46
CA ALA B 88 1.94 1.69 22.22
C ALA B 88 0.52 2.21 22.19
N VAL B 89 0.41 3.52 22.34
CA VAL B 89 -0.86 4.19 22.27
C VAL B 89 -1.49 4.00 20.89
N GLN B 90 -0.69 4.26 19.86
CA GLN B 90 -1.14 4.15 18.48
C GLN B 90 -1.67 2.76 18.18
N GLU B 91 -0.92 1.74 18.56
CA GLU B 91 -1.34 0.37 18.31
C GLU B 91 -2.62 0.03 19.07
N ALA B 92 -2.67 0.35 20.37
CA ALA B 92 -3.79 -0.04 21.20
C ALA B 92 -5.09 0.62 20.79
N ALA B 93 -5.00 1.88 20.40
CA ALA B 93 -6.20 2.62 19.99
C ALA B 93 -6.88 1.98 18.78
N ALA B 94 -6.08 1.39 17.89
CA ALA B 94 -6.63 0.78 16.66
C ALA B 94 -7.42 -0.51 16.93
N HIS B 95 -7.24 -1.09 18.11
CA HIS B 95 -7.98 -2.29 18.49
C HIS B 95 -9.27 -1.98 19.16
N PHE B 96 -9.21 -1.18 20.21
CA PHE B 96 -10.43 -0.68 20.90
C PHE B 96 -10.03 0.42 21.87
N THR B 97 -10.86 1.46 21.97
CA THR B 97 -10.56 2.62 22.80
C THR B 97 -10.98 2.35 24.22
N HIS B 98 -12.05 1.56 24.39
CA HIS B 98 -12.67 1.39 25.69
C HIS B 98 -13.74 0.31 25.62
N THR B 99 -13.77 -0.57 26.62
CA THR B 99 -14.89 -1.48 26.81
C THR B 99 -15.46 -1.47 28.22
N CYS B 100 -14.81 -0.71 29.12
CA CYS B 100 -15.09 -0.71 30.56
C CYS B 100 -14.75 -2.07 31.20
N PHE B 101 -13.61 -2.11 31.89
CA PHE B 101 -13.10 -3.33 32.53
C PHE B 101 -14.13 -4.06 33.37
N MET B 102 -14.97 -3.33 34.10
CA MET B 102 -16.08 -3.92 34.87
C MET B 102 -17.11 -4.65 33.99
N VAL B 103 -17.16 -4.35 32.69
CA VAL B 103 -18.04 -5.08 31.79
C VAL B 103 -17.24 -6.17 31.05
N THR B 104 -16.38 -5.76 30.12
CA THR B 104 -15.56 -6.68 29.33
C THR B 104 -14.11 -6.40 29.58
N PRO B 105 -13.40 -7.33 30.23
CA PRO B 105 -12.03 -7.07 30.68
C PRO B 105 -11.09 -7.26 29.56
N TYR B 106 -9.82 -6.96 29.82
CA TYR B 106 -8.80 -6.94 28.76
C TYR B 106 -7.39 -6.99 29.36
N GLU B 107 -6.47 -7.48 28.56
CA GLU B 107 -5.15 -7.80 29.03
C GLU B 107 -4.41 -6.59 29.59
N GLY B 108 -4.59 -5.45 28.94
CA GLY B 108 -3.84 -4.24 29.33
C GLY B 108 -3.95 -3.95 30.80
N TYR B 109 -5.16 -4.08 31.32
CA TYR B 109 -5.45 -3.80 32.72
C TYR B 109 -4.66 -4.77 33.57
N VAL B 110 -4.78 -6.05 33.26
CA VAL B 110 -4.10 -7.09 34.05
C VAL B 110 -2.57 -6.89 33.99
N ALA B 111 -2.04 -6.60 32.80
CA ALA B 111 -0.59 -6.44 32.65
C ALA B 111 -0.08 -5.28 33.50
N VAL B 112 -0.77 -4.14 33.46
CA VAL B 112 -0.35 -2.97 34.24
C VAL B 112 -0.36 -3.33 35.72
N THR B 113 -1.41 -4.03 36.15
CA THR B 113 -1.48 -4.48 37.53
C THR B 113 -0.33 -5.38 37.89
N GLU B 114 0.09 -6.26 36.97
CA GLU B 114 1.26 -7.14 37.21
C GLU B 114 2.51 -6.32 37.47
N GLN B 115 2.72 -5.30 36.66
CA GLN B 115 3.88 -4.44 36.83
C GLN B 115 3.86 -3.74 38.16
N LEU B 116 2.71 -3.19 38.52
CA LEU B 116 2.67 -2.37 39.74
C LEU B 116 2.89 -3.25 40.97
N ASN B 117 2.35 -4.47 40.93
CA ASN B 117 2.60 -5.47 41.96
C ASN B 117 4.08 -5.68 42.19
N ARG B 118 4.80 -5.80 41.09
CA ARG B 118 6.21 -6.11 41.11
C ARG B 118 7.05 -4.93 41.58
N LEU B 119 6.73 -3.73 41.11
CA LEU B 119 7.60 -2.57 41.32
C LEU B 119 7.38 -1.87 42.66
N THR B 120 6.24 -2.08 43.29
CA THR B 120 5.93 -1.42 44.55
C THR B 120 6.69 -2.14 45.67
N PRO B 121 6.95 -1.45 46.79
CA PRO B 121 7.72 -2.02 47.90
C PRO B 121 6.99 -3.10 48.61
N GLY B 122 7.76 -3.94 49.30
CA GLY B 122 7.21 -5.10 50.01
C GLY B 122 7.10 -6.36 49.16
N ASP B 123 7.26 -7.52 49.80
CA ASP B 123 7.19 -8.83 49.14
C ASP B 123 5.93 -9.59 49.53
N HIS B 124 5.04 -8.94 50.28
CA HIS B 124 3.81 -9.56 50.72
C HIS B 124 2.81 -9.58 49.60
N ALA B 125 1.68 -10.27 49.81
CA ALA B 125 0.64 -10.37 48.77
C ALA B 125 0.03 -8.97 48.56
N LYS B 126 0.03 -8.53 47.31
CA LYS B 126 -0.55 -7.23 46.97
C LYS B 126 -1.56 -7.35 45.86
N ARG B 127 -2.50 -6.41 45.79
CA ARG B 127 -3.45 -6.31 44.68
C ARG B 127 -3.58 -4.85 44.25
N THR B 128 -4.17 -4.63 43.07
CA THR B 128 -4.26 -3.30 42.48
C THR B 128 -5.63 -3.07 41.86
N VAL B 129 -6.13 -1.83 41.93
CA VAL B 129 -7.23 -1.39 41.10
C VAL B 129 -6.79 -0.12 40.39
N LEU B 130 -7.33 0.11 39.19
CA LEU B 130 -6.99 1.24 38.38
C LEU B 130 -8.16 2.24 38.25
N PHE B 131 -7.80 3.54 38.20
CA PHE B 131 -8.79 4.60 37.98
C PHE B 131 -8.18 5.61 36.97
N ASN B 132 -8.65 6.86 36.95
CA ASN B 132 -8.12 7.82 36.01
C ASN B 132 -7.21 8.91 36.63
N SER B 133 -7.70 9.62 37.66
CA SER B 133 -6.96 10.71 38.29
C SER B 133 -6.33 10.36 39.63
N GLY B 134 -5.38 11.17 40.06
CA GLY B 134 -4.79 11.03 41.39
C GLY B 134 -5.82 11.15 42.48
N ALA B 135 -6.68 12.13 42.35
CA ALA B 135 -7.79 12.30 43.27
C ALA B 135 -8.61 11.02 43.40
N GLU B 136 -8.93 10.39 42.27
CA GLU B 136 -9.74 9.19 42.33
C GLU B 136 -8.95 8.11 43.11
N ALA B 137 -7.65 8.05 42.87
CA ALA B 137 -6.81 7.08 43.54
C ALA B 137 -6.90 7.26 45.03
N VAL B 138 -6.69 8.48 45.51
CA VAL B 138 -6.73 8.75 46.96
C VAL B 138 -8.12 8.45 47.52
N GLU B 139 -9.15 8.85 46.78
CA GLU B 139 -10.52 8.56 47.17
C GLU B 139 -10.68 7.08 47.40
N ASN B 140 -10.12 6.28 46.51
CA ASN B 140 -10.31 4.83 46.61
C ASN B 140 -9.44 4.19 47.70
N ALA B 141 -8.24 4.70 47.92
CA ALA B 141 -7.41 4.24 49.02
C ALA B 141 -8.15 4.45 50.36
N VAL B 142 -8.77 5.60 50.52
CA VAL B 142 -9.51 5.87 51.73
C VAL B 142 -10.77 4.99 51.85
N LYS B 143 -11.46 4.72 50.75
CA LYS B 143 -12.64 3.83 50.79
C LYS B 143 -12.24 2.45 51.30
N VAL B 144 -11.11 1.97 50.81
CA VAL B 144 -10.62 0.66 51.20
C VAL B 144 -10.25 0.68 52.69
N ALA B 145 -9.45 1.66 53.11
CA ALA B 145 -9.06 1.73 54.49
C ALA B 145 -10.29 1.71 55.39
N ARG B 146 -11.30 2.48 55.00
CA ARG B 146 -12.49 2.63 55.85
C ARG B 146 -13.27 1.34 55.92
N LEU B 147 -13.48 0.70 54.77
CA LEU B 147 -14.23 -0.55 54.72
C LEU B 147 -13.44 -1.63 55.46
N ALA B 148 -12.17 -1.78 55.13
CA ALA B 148 -11.35 -2.85 55.69
C ALA B 148 -11.21 -2.75 57.20
N THR B 149 -10.98 -1.54 57.74
CA THR B 149 -10.79 -1.41 59.19
C THR B 149 -12.11 -1.27 59.98
N GLY B 150 -13.19 -0.90 59.30
CA GLY B 150 -14.42 -0.59 59.96
C GLY B 150 -14.36 0.70 60.78
N ARG B 151 -13.36 1.54 60.55
CA ARG B 151 -13.25 2.81 61.25
C ARG B 151 -13.46 3.99 60.31
N ASP B 152 -13.61 5.18 60.89
CA ASP B 152 -14.04 6.40 60.20
C ASP B 152 -12.90 7.38 59.94
N ALA B 153 -12.17 7.70 61.01
CA ALA B 153 -11.25 8.83 61.00
C ALA B 153 -10.12 8.61 60.00
N VAL B 154 -9.74 9.66 59.28
CA VAL B 154 -8.53 9.64 58.47
C VAL B 154 -7.63 10.78 58.85
N VAL B 155 -6.33 10.52 59.09
CA VAL B 155 -5.45 11.65 59.45
C VAL B 155 -4.61 12.05 58.26
N ALA B 156 -4.60 13.36 58.00
CA ALA B 156 -3.69 13.95 57.01
C ALA B 156 -2.86 15.01 57.72
N PHE B 157 -1.88 15.59 57.02
CA PHE B 157 -0.92 16.46 57.66
C PHE B 157 -0.98 17.91 57.17
N ASP B 158 -0.39 18.79 57.95
CA ASP B 158 -0.07 20.12 57.48
C ASP B 158 0.74 20.03 56.19
N HIS B 159 0.51 21.01 55.30
CA HIS B 159 1.14 21.09 53.99
C HIS B 159 0.76 19.99 53.05
N ALA B 160 -0.23 19.18 53.41
CA ALA B 160 -0.64 18.09 52.54
C ALA B 160 -1.40 18.63 51.30
N TYR B 161 -1.24 17.94 50.17
CA TYR B 161 -2.12 18.12 49.02
C TYR B 161 -2.49 16.74 48.46
N HIS B 162 -3.78 16.49 48.27
CA HIS B 162 -4.25 15.19 47.79
C HIS B 162 -5.30 15.27 46.68
N GLY B 163 -5.77 16.45 46.30
CA GLY B 163 -6.77 16.53 45.24
C GLY B 163 -7.91 17.51 45.42
N ARG B 164 -8.76 17.56 44.40
CA ARG B 164 -9.76 18.59 44.22
C ARG B 164 -11.20 18.08 44.24
N THR B 165 -11.41 16.81 44.54
CA THR B 165 -12.76 16.32 44.89
C THR B 165 -13.07 16.71 46.34
N ASN B 166 -14.32 16.59 46.77
CA ASN B 166 -14.71 17.11 48.09
C ASN B 166 -13.89 16.50 49.25
N LEU B 167 -13.74 15.20 49.22
CA LEU B 167 -12.87 14.54 50.20
C LEU B 167 -11.39 14.91 50.05
N THR B 168 -10.89 15.03 48.83
CA THR B 168 -9.43 15.24 48.65
C THR B 168 -9.08 16.68 48.94
N MET B 169 -10.07 17.53 48.76
CA MET B 169 -10.01 18.89 49.28
C MET B 169 -9.96 18.85 50.79
N ALA B 170 -10.86 18.06 51.40
CA ALA B 170 -10.85 17.86 52.86
C ALA B 170 -9.48 17.44 53.33
N LEU B 171 -8.88 16.51 52.60
CA LEU B 171 -7.54 16.02 52.98
C LEU B 171 -6.45 17.08 52.75
N THR B 172 -6.66 17.97 51.78
CA THR B 172 -5.69 18.99 51.43
C THR B 172 -5.64 20.11 52.47
N ALA B 173 -4.43 20.58 52.80
CA ALA B 173 -4.25 21.60 53.85
C ALA B 173 -4.55 22.99 53.38
N LYS B 174 -3.98 23.38 52.26
CA LYS B 174 -4.03 24.80 51.82
C LYS B 174 -5.32 25.16 51.19
N ALA B 175 -5.89 26.26 51.62
CA ALA B 175 -7.23 26.63 51.23
C ALA B 175 -7.28 27.39 49.94
N MET B 176 -6.31 28.26 49.70
CA MET B 176 -6.28 29.05 48.45
CA MET B 176 -6.27 29.06 48.49
C MET B 176 -5.31 28.43 47.47
N PRO B 177 -5.82 28.04 46.26
CA PRO B 177 -7.15 28.17 45.70
C PRO B 177 -7.98 26.95 45.79
N TYR B 178 -7.47 25.90 46.44
CA TYR B 178 -8.05 24.58 46.30
C TYR B 178 -9.41 24.38 47.00
N LYS B 179 -9.71 25.18 48.00
CA LYS B 179 -10.84 24.90 48.90
C LYS B 179 -11.83 26.01 49.07
N THR B 180 -11.37 27.25 49.00
CA THR B 180 -12.22 28.40 49.35
C THR B 180 -13.60 28.31 48.68
N ASN B 181 -14.64 28.38 49.50
CA ASN B 181 -16.03 28.41 49.07
C ASN B 181 -16.55 27.12 48.40
N PHE B 182 -15.78 26.02 48.45
CA PHE B 182 -16.20 24.76 47.86
C PHE B 182 -16.76 23.76 48.83
N GLY B 183 -16.78 24.08 50.11
CA GLY B 183 -17.27 23.13 51.14
C GLY B 183 -18.79 23.17 51.25
N PRO B 184 -19.35 22.53 52.27
CA PRO B 184 -18.69 21.87 53.39
C PRO B 184 -18.02 20.58 53.01
N PHE B 185 -16.96 20.24 53.73
CA PHE B 185 -16.07 19.16 53.35
C PHE B 185 -16.38 17.86 54.05
N ALA B 186 -15.98 16.78 53.40
CA ALA B 186 -16.21 15.42 53.88
C ALA B 186 -15.78 15.31 55.33
N PRO B 187 -16.58 14.65 56.16
CA PRO B 187 -16.28 14.57 57.57
C PRO B 187 -15.23 13.54 57.99
N GLU B 188 -14.83 13.64 59.25
CA GLU B 188 -13.90 12.77 59.94
C GLU B 188 -12.51 12.73 59.31
N VAL B 189 -12.03 13.93 58.97
CA VAL B 189 -10.67 14.12 58.58
C VAL B 189 -9.98 14.97 59.64
N TYR B 190 -8.80 14.56 60.07
CA TYR B 190 -8.10 15.24 61.14
C TYR B 190 -6.70 15.61 60.67
N ARG B 191 -6.21 16.77 61.09
CA ARG B 191 -4.96 17.26 60.57
C ARG B 191 -3.91 17.29 61.66
N MET B 192 -2.73 16.82 61.32
CA MET B 192 -1.67 16.64 62.30
C MET B 192 -0.38 17.29 61.80
N PRO B 193 0.55 17.60 62.72
CA PRO B 193 1.72 18.36 62.34
C PRO B 193 2.70 17.51 61.61
N MET B 194 3.37 18.15 60.66
CA MET B 194 4.31 17.50 59.74
C MET B 194 5.72 17.70 60.26
N SER B 195 6.65 16.85 59.82
CA SER B 195 8.05 17.10 60.04
C SER B 195 8.50 17.99 58.90
N TYR B 196 8.74 19.26 59.22
CA TYR B 196 9.12 20.27 58.25
C TYR B 196 10.36 20.98 58.81
N PRO B 197 11.53 20.35 58.64
CA PRO B 197 12.78 20.74 59.33
C PRO B 197 13.06 22.23 59.31
N PHE B 198 12.91 22.84 58.15
CA PHE B 198 13.33 24.21 57.96
C PHE B 198 12.52 25.18 58.75
N ARG B 199 11.31 24.81 59.12
CA ARG B 199 10.46 25.72 59.89
C ARG B 199 10.05 25.18 61.26
N GLU B 200 10.77 24.19 61.78
CA GLU B 200 10.44 23.66 63.12
C GLU B 200 10.74 24.73 64.13
N GLU B 201 9.85 24.92 65.09
CA GLU B 201 10.05 25.89 66.14
C GLU B 201 11.27 25.54 66.97
N ASN B 202 11.54 24.23 67.12
CA ASN B 202 12.79 23.76 67.71
C ASN B 202 13.61 23.15 66.60
N PRO B 203 14.58 23.89 66.11
CA PRO B 203 15.37 23.38 64.96
C PRO B 203 16.08 22.05 65.19
N GLU B 204 16.30 21.66 66.44
CA GLU B 204 17.01 20.42 66.76
C GLU B 204 16.14 19.17 66.77
N ILE B 205 14.83 19.33 66.56
CA ILE B 205 13.90 18.20 66.68
C ILE B 205 14.24 17.09 65.66
N THR B 206 14.22 15.84 66.08
CA THR B 206 14.51 14.74 65.18
C THR B 206 13.24 14.18 64.57
N GLY B 207 13.41 13.39 63.53
CA GLY B 207 12.28 12.75 62.88
C GLY B 207 11.48 11.93 63.88
N ALA B 208 12.17 11.15 64.68
CA ALA B 208 11.52 10.30 65.69
C ALA B 208 10.67 11.15 66.60
N GLU B 209 11.22 12.27 67.04
CA GLU B 209 10.51 13.13 67.94
C GLU B 209 9.30 13.78 67.27
N ALA B 210 9.47 14.13 66.00
CA ALA B 210 8.39 14.72 65.20
C ALA B 210 7.24 13.72 65.05
N ALA B 211 7.59 12.45 64.85
CA ALA B 211 6.60 11.39 64.79
C ALA B 211 5.88 11.19 66.13
N LYS B 212 6.63 11.25 67.23
CA LYS B 212 6.02 11.09 68.56
C LYS B 212 4.99 12.21 68.78
N ARG B 213 5.35 13.41 68.35
CA ARG B 213 4.46 14.58 68.49
C ARG B 213 3.14 14.33 67.76
N ALA B 214 3.24 13.86 66.52
CA ALA B 214 2.03 13.52 65.74
C ALA B 214 1.25 12.42 66.44
N ILE B 215 1.95 11.35 66.83
CA ILE B 215 1.31 10.18 67.38
C ILE B 215 0.60 10.50 68.68
N THR B 216 1.23 11.27 69.55
CA THR B 216 0.56 11.63 70.81
C THR B 216 -0.70 12.42 70.52
N MET B 217 -0.61 13.30 69.54
CA MET B 217 -1.74 14.17 69.20
C MET B 217 -2.88 13.36 68.59
N ILE B 218 -2.57 12.38 67.75
CA ILE B 218 -3.57 11.50 67.17
C ILE B 218 -4.25 10.69 68.27
N GLU B 219 -3.45 10.24 69.22
CA GLU B 219 -3.94 9.38 70.27
C GLU B 219 -4.84 10.19 71.20
N LYS B 220 -4.41 11.38 71.59
CA LYS B 220 -5.23 12.21 72.48
C LYS B 220 -6.48 12.80 71.82
N GLN B 221 -6.42 13.11 70.52
CA GLN B 221 -7.57 13.78 69.85
C GLN B 221 -8.51 12.88 69.02
N ILE B 222 -8.09 11.63 68.77
CA ILE B 222 -8.91 10.67 68.07
C ILE B 222 -8.90 9.31 68.78
N GLY B 223 -7.68 8.80 68.99
CA GLY B 223 -7.46 7.48 69.53
C GLY B 223 -7.05 6.55 68.41
N GLY B 224 -5.90 5.91 68.56
CA GLY B 224 -5.35 5.05 67.51
C GLY B 224 -6.32 4.02 66.98
N ASP B 225 -7.16 3.48 67.85
CA ASP B 225 -8.05 2.38 67.45
C ASP B 225 -9.29 2.92 66.71
N GLN B 226 -9.36 4.22 66.53
CA GLN B 226 -10.46 4.89 65.82
C GLN B 226 -10.03 5.36 64.41
N VAL B 227 -8.75 5.29 64.10
CA VAL B 227 -8.25 5.83 62.86
C VAL B 227 -8.21 4.75 61.76
N ALA B 228 -8.87 5.01 60.63
CA ALA B 228 -8.87 4.06 59.52
C ALA B 228 -7.56 4.12 58.77
N ALA B 229 -7.07 5.33 58.53
CA ALA B 229 -5.87 5.52 57.70
C ALA B 229 -5.05 6.74 58.14
N ILE B 230 -3.73 6.66 57.98
CA ILE B 230 -2.88 7.82 57.99
C ILE B 230 -2.43 7.95 56.57
N ILE B 231 -2.57 9.14 56.00
CA ILE B 231 -2.19 9.35 54.60
C ILE B 231 -1.15 10.45 54.54
N ILE B 232 -0.05 10.18 53.86
CA ILE B 232 1.01 11.15 53.81
C ILE B 232 1.76 11.01 52.51
N GLU B 233 2.22 12.15 52.01
CA GLU B 233 3.14 12.18 50.86
C GLU B 233 4.52 12.06 51.43
N PRO B 234 5.28 11.03 51.01
CA PRO B 234 6.66 10.86 51.47
C PRO B 234 7.51 12.13 51.24
N ILE B 235 7.33 12.79 50.11
CA ILE B 235 7.79 14.20 49.92
C ILE B 235 6.59 15.02 49.52
N GLN B 236 6.26 16.01 50.34
CA GLN B 236 5.03 16.77 50.12
C GLN B 236 5.23 17.68 48.93
N GLY B 237 4.36 17.54 47.92
CA GLY B 237 4.56 18.25 46.66
C GLY B 237 4.14 19.69 46.73
N GLU B 238 2.87 19.93 46.46
CA GLU B 238 2.37 21.30 46.41
C GLU B 238 2.66 22.03 47.71
N GLY B 239 2.77 21.31 48.81
CA GLY B 239 3.13 21.93 50.11
C GLY B 239 4.51 22.56 50.12
N GLY B 240 5.37 22.14 49.18
CA GLY B 240 6.68 22.77 48.98
C GLY B 240 7.87 21.82 48.95
N PHE B 241 7.67 20.62 48.43
CA PHE B 241 8.70 19.61 48.41
C PHE B 241 9.31 19.47 49.80
N ILE B 242 8.45 19.32 50.81
CA ILE B 242 8.90 19.17 52.19
C ILE B 242 9.29 17.73 52.37
N VAL B 243 10.54 17.52 52.76
CA VAL B 243 11.04 16.17 53.05
C VAL B 243 11.11 16.08 54.55
N PRO B 244 10.44 15.10 55.15
CA PRO B 244 10.48 14.93 56.57
C PRO B 244 11.87 14.49 57.06
N ALA B 245 12.19 14.80 58.32
CA ALA B 245 13.42 14.36 58.93
C ALA B 245 13.49 12.87 58.89
N GLU B 246 14.71 12.37 58.78
CA GLU B 246 14.96 10.91 58.80
C GLU B 246 14.34 10.33 60.10
N GLY B 247 13.61 9.23 59.97
CA GLY B 247 13.06 8.55 61.11
C GLY B 247 11.59 8.82 61.38
N PHE B 248 11.05 9.86 60.74
CA PHE B 248 9.65 10.22 60.88
C PHE B 248 8.78 9.14 60.23
N LEU B 249 8.97 8.88 58.95
CA LEU B 249 8.08 7.98 58.25
C LEU B 249 8.08 6.58 58.87
N PRO B 250 9.27 6.03 59.18
CA PRO B 250 9.25 4.68 59.75
C PRO B 250 8.52 4.62 61.09
N ALA B 251 8.68 5.65 61.91
CA ALA B 251 7.94 5.70 63.19
C ALA B 251 6.43 5.67 62.96
N LEU B 252 5.93 6.46 62.02
CA LEU B 252 4.48 6.46 61.71
C LEU B 252 4.08 5.10 61.18
N SER B 253 4.92 4.52 60.35
CA SER B 253 4.58 3.22 59.76
C SER B 253 4.45 2.18 60.84
N GLU B 254 5.41 2.16 61.75
CA GLU B 254 5.47 1.16 62.82
C GLU B 254 4.25 1.29 63.75
N TRP B 255 3.95 2.51 64.13
CA TRP B 255 2.82 2.79 64.97
C TRP B 255 1.51 2.43 64.29
N ALA B 256 1.40 2.71 63.00
CA ALA B 256 0.20 2.39 62.26
C ALA B 256 -0.02 0.87 62.29
N LYS B 257 1.05 0.11 62.08
CA LYS B 257 0.96 -1.35 62.18
C LYS B 257 0.48 -1.80 63.58
N GLU B 258 1.02 -1.18 64.62
CA GLU B 258 0.68 -1.50 66.00
C GLU B 258 -0.79 -1.27 66.24
N LYS B 259 -1.34 -0.19 65.69
CA LYS B 259 -2.72 0.19 66.01
C LYS B 259 -3.74 -0.28 64.97
N GLY B 260 -3.30 -1.02 63.96
CA GLY B 260 -4.22 -1.56 62.96
C GLY B 260 -4.72 -0.54 61.96
N ILE B 261 -3.96 0.54 61.82
CA ILE B 261 -4.31 1.66 60.97
C ILE B 261 -3.67 1.47 59.62
N VAL B 262 -4.43 1.66 58.55
CA VAL B 262 -3.85 1.57 57.22
C VAL B 262 -2.93 2.77 56.97
N PHE B 263 -1.68 2.51 56.59
CA PHE B 263 -0.75 3.55 56.25
C PHE B 263 -0.73 3.76 54.74
N ILE B 264 -1.24 4.91 54.28
CA ILE B 264 -1.33 5.18 52.84
C ILE B 264 -0.23 6.14 52.44
N ALA B 265 0.67 5.71 51.55
CA ALA B 265 1.66 6.65 50.98
C ALA B 265 1.09 7.22 49.69
N ASP B 266 0.98 8.54 49.62
CA ASP B 266 0.51 9.20 48.40
C ASP B 266 1.70 9.50 47.52
N GLU B 267 1.94 8.61 46.57
CA GLU B 267 3.09 8.70 45.70
C GLU B 267 2.69 9.18 44.29
N VAL B 268 1.64 9.99 44.22
CA VAL B 268 1.13 10.44 42.95
C VAL B 268 2.19 11.30 42.25
N GLN B 269 2.80 12.22 42.99
CA GLN B 269 3.83 13.10 42.44
C GLN B 269 5.23 12.52 42.56
N SER B 270 5.50 11.77 43.63
CA SER B 270 6.84 11.25 43.92
C SER B 270 7.13 9.88 43.34
N GLY B 271 6.09 9.20 42.85
CA GLY B 271 6.25 7.84 42.33
C GLY B 271 6.84 7.72 40.94
N PHE B 272 7.27 6.51 40.61
CA PHE B 272 7.89 6.18 39.33
C PHE B 272 9.18 6.93 38.99
N CYS B 273 10.22 6.66 39.79
CA CYS B 273 11.62 7.03 39.49
C CYS B 273 11.91 8.48 39.74
N ARG B 274 10.86 9.26 39.97
CA ARG B 274 11.01 10.72 40.15
C ARG B 274 12.06 11.09 41.17
N THR B 275 12.15 10.31 42.26
CA THR B 275 13.06 10.67 43.36
C THR B 275 14.39 9.91 43.33
N GLY B 276 14.61 9.09 42.30
CA GLY B 276 15.84 8.31 42.21
C GLY B 276 15.64 6.86 42.62
N GLU B 277 14.51 6.58 43.26
CA GLU B 277 14.05 5.20 43.48
C GLU B 277 12.68 5.03 42.85
N TRP B 278 12.24 3.78 42.69
CA TRP B 278 10.92 3.56 42.16
C TRP B 278 9.87 4.33 42.89
N PHE B 279 9.96 4.32 44.21
CA PHE B 279 9.07 5.12 45.04
C PHE B 279 9.82 5.85 46.13
N ALA B 280 9.32 7.01 46.49
CA ALA B 280 9.98 7.87 47.44
C ALA B 280 10.14 7.16 48.81
N VAL B 281 9.23 6.26 49.13
CA VAL B 281 9.32 5.53 50.40
C VAL B 281 10.56 4.64 50.44
N ASP B 282 11.08 4.29 49.26
CA ASP B 282 12.24 3.40 49.16
C ASP B 282 13.50 4.03 49.73
N HIS B 283 13.60 5.35 49.76
CA HIS B 283 14.72 6.00 50.40
C HIS B 283 14.90 5.49 51.81
N GLU B 284 13.80 5.27 52.55
CA GLU B 284 13.87 4.85 53.94
C GLU B 284 13.35 3.43 54.16
N GLY B 285 13.05 2.73 53.07
CA GLY B 285 12.55 1.37 53.15
C GLY B 285 11.22 1.21 53.87
N VAL B 286 10.43 2.27 53.90
CA VAL B 286 9.09 2.15 54.42
C VAL B 286 8.23 1.34 53.43
N VAL B 287 7.44 0.41 53.97
CA VAL B 287 6.53 -0.40 53.17
C VAL B 287 5.08 -0.05 53.52
N PRO B 288 4.42 0.78 52.68
CA PRO B 288 3.05 1.20 52.95
C PRO B 288 2.03 0.12 52.76
N ASP B 289 0.91 0.24 53.44
CA ASP B 289 -0.20 -0.70 53.32
C ASP B 289 -0.98 -0.49 52.02
N ILE B 290 -1.15 0.77 51.62
CA ILE B 290 -1.66 1.09 50.28
C ILE B 290 -0.80 2.22 49.75
N ILE B 291 -0.51 2.20 48.46
CA ILE B 291 0.12 3.35 47.83
C ILE B 291 -0.72 3.86 46.63
N THR B 292 -0.91 5.17 46.57
CA THR B 292 -1.68 5.82 45.51
C THR B 292 -0.75 6.38 44.45
N MET B 293 -1.10 6.13 43.20
CA MET B 293 -0.26 6.49 42.06
C MET B 293 -1.05 7.14 40.94
N ALA B 294 -0.38 8.05 40.21
CA ALA B 294 -0.88 8.57 38.93
C ALA B 294 0.26 9.21 38.18
N LYS B 295 0.00 10.37 37.56
CA LYS B 295 1.04 11.17 36.91
C LYS B 295 2.00 10.34 36.03
N GLY B 296 3.18 10.03 36.55
CA GLY B 296 4.23 9.37 35.76
C GLY B 296 3.93 7.97 35.25
N ILE B 297 2.97 7.34 35.89
CA ILE B 297 2.58 6.01 35.56
C ILE B 297 2.40 5.74 34.06
N ALA B 298 1.78 6.64 33.31
CA ALA B 298 1.40 6.33 31.93
C ALA B 298 1.92 7.29 30.91
N GLY B 299 3.06 7.90 31.21
CA GLY B 299 3.72 8.79 30.28
C GLY B 299 2.90 9.92 29.73
N GLY B 300 1.89 10.36 30.49
CA GLY B 300 1.03 11.43 30.08
C GLY B 300 -0.40 11.02 29.82
N LEU B 301 -0.67 9.75 29.57
CA LEU B 301 -2.05 9.36 29.40
C LEU B 301 -2.75 9.30 30.77
N PRO B 302 -4.07 9.45 30.79
CA PRO B 302 -4.77 9.51 32.09
C PRO B 302 -4.98 8.14 32.70
N LEU B 303 -4.18 7.84 33.70
CA LEU B 303 -4.31 6.61 34.46
C LEU B 303 -3.84 6.88 35.88
N SER B 304 -4.48 6.20 36.84
CA SER B 304 -4.09 6.24 38.24
C SER B 304 -4.34 4.88 38.84
N ALA B 305 -3.76 4.63 40.00
CA ALA B 305 -3.86 3.29 40.61
C ALA B 305 -3.74 3.35 42.14
N ILE B 306 -4.33 2.35 42.80
CA ILE B 306 -3.94 2.01 44.15
C ILE B 306 -3.38 0.58 44.11
N THR B 307 -2.26 0.37 44.81
CA THR B 307 -1.72 -0.97 45.02
C THR B 307 -1.51 -1.15 46.51
N GLY B 308 -2.08 -2.20 47.10
CA GLY B 308 -1.94 -2.44 48.56
C GLY B 308 -2.11 -3.87 49.00
N ARG B 309 -1.98 -4.10 50.29
CA ARG B 309 -2.13 -5.42 50.88
C ARG B 309 -3.35 -6.13 50.31
N ALA B 310 -3.16 -7.36 49.88
CA ALA B 310 -4.24 -8.14 49.35
C ALA B 310 -5.38 -8.27 50.37
N ASP B 311 -5.06 -8.49 51.64
CA ASP B 311 -6.11 -8.67 52.65
C ASP B 311 -6.96 -7.42 52.82
N LEU B 312 -6.37 -6.25 52.62
CA LEU B 312 -7.16 -4.99 52.63
C LEU B 312 -8.02 -4.88 51.37
N LEU B 313 -7.38 -4.87 50.21
CA LEU B 313 -8.10 -4.67 48.96
C LEU B 313 -9.12 -5.77 48.66
N ASP B 314 -8.83 -7.00 49.03
CA ASP B 314 -9.80 -8.08 48.80
C ASP B 314 -10.99 -8.02 49.74
N ALA B 315 -10.88 -7.24 50.82
CA ALA B 315 -12.00 -7.07 51.75
C ALA B 315 -13.21 -6.39 51.08
N VAL B 316 -12.98 -5.58 50.05
CA VAL B 316 -14.04 -4.80 49.47
C VAL B 316 -14.97 -5.72 48.71
N HIS B 317 -16.26 -5.54 48.97
CA HIS B 317 -17.31 -6.33 48.31
C HIS B 317 -17.33 -6.18 46.81
N PRO B 318 -17.90 -7.17 46.09
CA PRO B 318 -17.96 -7.10 44.62
C PRO B 318 -18.61 -5.85 44.10
N GLY B 319 -17.96 -5.20 43.14
CA GLY B 319 -18.47 -3.95 42.55
C GLY B 319 -18.36 -2.68 43.42
N GLY B 320 -17.66 -2.77 44.53
CA GLY B 320 -17.55 -1.63 45.46
C GLY B 320 -16.59 -0.57 44.99
N LEU B 321 -15.54 -0.97 44.27
CA LEU B 321 -14.61 -0.03 43.67
C LEU B 321 -14.77 -0.06 42.19
N GLY B 322 -14.72 1.10 41.56
CA GLY B 322 -14.69 1.17 40.09
C GLY B 322 -14.92 2.55 39.51
N GLY B 323 -15.62 2.56 38.38
CA GLY B 323 -15.69 3.73 37.48
C GLY B 323 -15.80 3.31 36.02
N THR B 324 -16.10 4.24 35.14
CA THR B 324 -16.32 3.90 33.74
C THR B 324 -15.02 3.76 32.99
N TYR B 325 -14.27 4.86 32.90
CA TYR B 325 -13.04 4.93 32.14
C TYR B 325 -11.88 4.15 32.75
N GLY B 326 -11.93 3.94 34.06
CA GLY B 326 -10.76 3.50 34.82
C GLY B 326 -9.98 2.35 34.21
N GLY B 327 -8.66 2.50 34.17
CA GLY B 327 -7.81 1.50 33.58
C GLY B 327 -8.07 1.44 32.09
N ASN B 328 -8.16 2.61 31.47
CA ASN B 328 -8.39 2.65 30.04
C ASN B 328 -7.26 1.95 29.26
N PRO B 329 -7.63 1.16 28.25
CA PRO B 329 -6.68 0.34 27.51
C PRO B 329 -5.60 1.07 26.75
N VAL B 330 -5.92 2.23 26.21
CA VAL B 330 -4.91 3.09 25.55
C VAL B 330 -3.95 3.61 26.60
N ALA B 331 -4.50 4.04 27.71
CA ALA B 331 -3.67 4.48 28.84
C ALA B 331 -2.79 3.35 29.40
N CYS B 332 -3.34 2.13 29.47
CA CYS B 332 -2.60 0.97 29.93
C CYS B 332 -1.42 0.66 29.00
N ALA B 333 -1.67 0.66 27.69
CA ALA B 333 -0.60 0.48 26.74
C ALA B 333 0.49 1.50 27.04
N ALA B 334 0.08 2.74 27.23
CA ALA B 334 1.03 3.81 27.52
C ALA B 334 1.85 3.49 28.76
N ALA B 335 1.18 2.99 29.79
CA ALA B 335 1.86 2.71 31.06
C ALA B 335 2.90 1.61 30.94
N LEU B 336 2.51 0.50 30.31
CA LEU B 336 3.42 -0.61 30.09
C LEU B 336 4.68 -0.11 29.38
N ALA B 337 4.49 0.70 28.33
CA ALA B 337 5.59 1.26 27.58
C ALA B 337 6.41 2.21 28.47
N ALA B 338 5.71 3.04 29.24
CA ALA B 338 6.37 4.02 30.10
C ALA B 338 7.25 3.35 31.12
N ILE B 339 6.69 2.34 31.80
CA ILE B 339 7.45 1.57 32.77
C ILE B 339 8.66 0.87 32.11
N ASP B 340 8.43 0.35 30.92
CA ASP B 340 9.48 -0.29 30.17
C ASP B 340 10.61 0.67 29.89
N THR B 341 10.29 1.88 29.43
CA THR B 341 11.32 2.90 29.24
C THR B 341 12.05 3.24 30.55
N MET B 342 11.32 3.30 31.68
CA MET B 342 11.96 3.60 32.96
C MET B 342 13.05 2.59 33.30
N GLU B 343 12.78 1.32 33.01
CA GLU B 343 13.76 0.22 33.20
C GLU B 343 14.88 0.22 32.15
N GLN B 344 14.52 0.12 30.88
CA GLN B 344 15.52 0.13 29.80
C GLN B 344 16.53 1.24 29.93
N HIS B 345 16.10 2.45 30.23
CA HIS B 345 17.01 3.59 30.28
C HIS B 345 17.40 4.01 31.65
N ASP B 346 17.14 3.15 32.63
CA ASP B 346 17.56 3.41 34.01
C ASP B 346 17.21 4.81 34.49
N LEU B 347 15.94 5.17 34.48
CA LEU B 347 15.57 6.55 34.83
C LEU B 347 15.79 6.82 36.30
N ASN B 348 15.76 5.79 37.14
CA ASN B 348 16.20 5.96 38.52
C ASN B 348 17.60 6.56 38.54
N GLY B 349 18.50 5.96 37.77
CA GLY B 349 19.85 6.46 37.64
C GLY B 349 19.89 7.87 37.08
N ARG B 350 19.10 8.11 36.04
CA ARG B 350 19.09 9.44 35.46
C ARG B 350 18.64 10.46 36.50
N ALA B 351 17.66 10.07 37.32
CA ALA B 351 17.12 10.94 38.36
C ALA B 351 18.18 11.24 39.43
N ARG B 352 18.95 10.22 39.80
CA ARG B 352 20.06 10.41 40.75
C ARG B 352 21.11 11.32 40.18
N HIS B 353 21.36 11.19 38.89
CA HIS B 353 22.36 12.05 38.23
C HIS B 353 21.90 13.47 38.16
N ILE B 354 20.62 13.69 37.84
CA ILE B 354 20.00 15.03 37.91
C ILE B 354 20.11 15.68 39.29
N GLU B 355 19.91 14.87 40.35
CA GLU B 355 20.08 15.35 41.72
C GLU B 355 21.50 15.92 41.92
N GLU B 356 22.50 15.16 41.49
CA GLU B 356 23.88 15.54 41.66
C GLU B 356 24.18 16.86 40.93
N LEU B 357 23.83 16.92 39.64
CA LEU B 357 24.01 18.13 38.83
C LEU B 357 23.31 19.34 39.45
N ALA B 358 22.03 19.19 39.73
CA ALA B 358 21.19 20.32 40.10
C ALA B 358 21.49 20.80 41.51
N LEU B 359 21.63 19.87 42.47
CA LEU B 359 21.99 20.26 43.83
C LEU B 359 23.40 20.92 43.86
N GLY B 360 24.29 20.45 42.99
CA GLY B 360 25.56 21.11 42.77
C GLY B 360 25.38 22.57 42.44
N LYS B 361 24.66 22.85 41.34
CA LYS B 361 24.55 24.23 40.87
C LYS B 361 23.83 25.09 41.88
N LEU B 362 22.81 24.51 42.51
CA LEU B 362 22.01 25.25 43.49
C LEU B 362 22.81 25.60 44.71
N ARG B 363 23.64 24.67 45.17
CA ARG B 363 24.52 24.98 46.29
C ARG B 363 25.61 25.99 45.97
N GLU B 364 26.11 25.99 44.73
CA GLU B 364 27.04 27.03 44.28
C GLU B 364 26.39 28.40 44.42
N LEU B 365 25.16 28.49 43.94
CA LEU B 365 24.37 29.71 44.10
C LEU B 365 24.18 30.11 45.57
N ALA B 366 23.85 29.15 46.42
CA ALA B 366 23.69 29.48 47.84
C ALA B 366 24.98 30.14 48.38
N ALA B 367 26.12 29.65 47.89
CA ALA B 367 27.41 30.07 48.42
C ALA B 367 27.75 31.53 48.01
N GLU B 368 27.22 32.03 46.90
CA GLU B 368 27.48 33.46 46.50
C GLU B 368 26.82 34.59 47.29
N SER B 375 20.98 37.36 52.09
CA SER B 375 20.81 36.04 51.45
C SER B 375 19.37 35.59 51.41
N VAL B 376 19.01 35.11 50.25
CA VAL B 376 17.65 34.93 49.85
C VAL B 376 17.32 33.41 49.72
N VAL B 377 18.36 32.56 49.77
CA VAL B 377 18.18 31.12 49.65
C VAL B 377 18.05 30.48 51.02
N GLY B 378 16.83 30.15 51.40
CA GLY B 378 16.54 29.61 52.69
C GLY B 378 16.88 28.15 52.85
N ASP B 379 16.53 27.35 51.86
CA ASP B 379 16.67 25.91 52.01
C ASP B 379 16.65 25.22 50.64
N ILE B 380 17.55 24.26 50.45
CA ILE B 380 17.61 23.45 49.25
C ILE B 380 17.38 22.00 49.66
N ARG B 381 16.48 21.30 48.97
CA ARG B 381 16.01 20.01 49.46
C ARG B 381 15.35 19.27 48.34
N GLY B 382 15.11 17.98 48.58
CA GLY B 382 14.52 17.13 47.58
C GLY B 382 15.41 15.96 47.28
N ARG B 383 14.97 15.10 46.37
CA ARG B 383 15.74 13.96 45.96
C ARG B 383 15.46 13.71 44.50
N GLY B 384 16.45 13.20 43.79
CA GLY B 384 16.30 12.85 42.38
C GLY B 384 15.97 14.04 41.51
N ALA B 385 14.94 13.84 40.68
CA ALA B 385 14.39 14.90 39.81
C ALA B 385 13.20 15.58 40.45
N MET B 386 13.15 15.60 41.79
CA MET B 386 12.10 16.30 42.56
C MET B 386 12.79 17.17 43.61
N LEU B 387 13.19 18.37 43.19
CA LEU B 387 14.11 19.22 43.96
C LEU B 387 13.50 20.57 44.11
N ALA B 388 13.90 21.29 45.15
CA ALA B 388 13.31 22.62 45.42
C ALA B 388 14.27 23.51 46.13
N ILE B 389 14.04 24.80 45.93
CA ILE B 389 14.74 25.82 46.66
C ILE B 389 13.68 26.70 47.27
N GLU B 390 13.72 26.84 48.61
CA GLU B 390 12.76 27.70 49.31
C GLU B 390 13.37 29.07 49.50
N LEU B 391 12.68 30.09 48.99
CA LEU B 391 13.22 31.45 48.98
C LEU B 391 12.69 32.27 50.12
N VAL B 392 13.57 33.03 50.74
CA VAL B 392 13.20 33.80 51.90
C VAL B 392 13.57 35.23 51.76
N GLN B 393 13.08 36.04 52.68
CA GLN B 393 13.44 37.47 52.76
C GLN B 393 14.93 37.55 53.17
N PRO B 394 15.67 38.54 52.65
CA PRO B 394 17.14 38.59 52.86
C PRO B 394 17.51 38.67 54.30
N GLY B 395 18.34 37.72 54.75
CA GLY B 395 18.80 37.71 56.13
C GLY B 395 17.84 37.14 57.18
N SER B 396 16.63 36.73 56.79
CA SER B 396 15.69 36.11 57.75
C SER B 396 15.10 34.84 57.17
N LYS B 397 14.17 34.25 57.91
CA LYS B 397 13.44 33.10 57.43
C LYS B 397 12.04 33.43 56.89
N GLU B 398 11.65 34.71 56.91
CA GLU B 398 10.33 35.07 56.41
C GLU B 398 10.21 34.61 54.98
N PRO B 399 9.06 34.11 54.60
CA PRO B 399 8.87 33.72 53.18
C PRO B 399 9.00 34.87 52.15
N ASN B 400 9.41 34.52 50.93
CA ASN B 400 9.56 35.48 49.84
C ASN B 400 8.80 35.02 48.59
N ALA B 401 7.47 35.13 48.64
CA ALA B 401 6.61 34.78 47.49
C ALA B 401 6.82 35.76 46.33
N GLU B 402 7.07 37.02 46.67
CA GLU B 402 7.23 38.06 45.67
C GLU B 402 8.44 37.70 44.77
N LEU B 403 9.57 37.34 45.38
CA LEU B 403 10.76 36.96 44.64
C LEU B 403 10.51 35.73 43.86
N THR B 404 9.71 34.84 44.43
CA THR B 404 9.41 33.54 43.78
C THR B 404 8.64 33.76 42.47
N LYS B 405 7.60 34.59 42.49
CA LYS B 405 6.83 34.89 41.29
C LYS B 405 7.75 35.57 40.26
N ALA B 406 8.54 36.54 40.77
CA ALA B 406 9.50 37.26 39.95
C ALA B 406 10.43 36.32 39.17
N VAL B 407 11.02 35.37 39.90
CA VAL B 407 12.01 34.47 39.33
C VAL B 407 11.37 33.58 38.28
N ALA B 408 10.18 33.08 38.58
CA ALA B 408 9.45 32.24 37.61
C ALA B 408 9.19 33.06 36.30
N ALA B 409 8.75 34.32 36.45
CA ALA B 409 8.53 35.18 35.30
C ALA B 409 9.82 35.38 34.56
N ALA B 410 10.88 35.67 35.30
CA ALA B 410 12.21 35.94 34.69
C ALA B 410 12.64 34.77 33.87
N CYS B 411 12.46 33.58 34.43
CA CYS B 411 12.87 32.37 33.74
C CYS B 411 12.07 32.20 32.46
N LEU B 412 10.78 32.47 32.54
CA LEU B 412 9.92 32.33 31.38
C LEU B 412 10.40 33.25 30.28
N LYS B 413 10.74 34.47 30.66
CA LYS B 413 11.19 35.50 29.71
C LYS B 413 12.38 34.97 28.90
N GLU B 414 13.29 34.28 29.58
CA GLU B 414 14.50 33.76 28.95
C GLU B 414 14.25 32.42 28.25
N GLY B 415 13.03 31.91 28.27
CA GLY B 415 12.72 30.64 27.61
C GLY B 415 12.89 29.39 28.46
N VAL B 416 12.71 29.53 29.79
CA VAL B 416 12.71 28.41 30.72
C VAL B 416 11.39 28.38 31.48
N ILE B 417 10.62 27.31 31.29
CA ILE B 417 9.33 27.11 32.01
C ILE B 417 9.63 26.39 33.30
N ILE B 418 9.43 27.07 34.43
CA ILE B 418 9.71 26.50 35.73
C ILE B 418 8.48 26.65 36.62
N LEU B 419 8.21 25.68 37.50
CA LEU B 419 7.04 25.76 38.37
C LEU B 419 7.35 26.28 39.78
N THR B 420 6.32 26.80 40.45
CA THR B 420 6.43 27.22 41.84
C THR B 420 5.45 26.39 42.68
N CYS B 421 5.58 26.46 44.00
CA CYS B 421 4.65 25.81 44.91
C CYS B 421 4.89 26.29 46.32
N GLY B 422 4.27 25.62 47.31
CA GLY B 422 4.49 25.92 48.72
C GLY B 422 3.32 26.54 49.45
N THR B 423 3.13 26.11 50.70
CA THR B 423 2.15 26.71 51.59
C THR B 423 2.27 28.21 51.60
N TYR B 424 3.50 28.72 51.60
CA TYR B 424 3.73 30.17 51.66
C TYR B 424 4.06 30.82 50.32
N GLY B 425 3.90 30.04 49.26
CA GLY B 425 4.06 30.55 47.88
C GLY B 425 5.48 30.86 47.46
N ASN B 426 6.45 30.33 48.20
CA ASN B 426 7.84 30.77 48.10
C ASN B 426 8.81 29.70 47.78
N VAL B 427 8.38 28.72 47.02
CA VAL B 427 9.24 27.62 46.67
C VAL B 427 9.31 27.42 45.18
N ILE B 428 10.54 27.42 44.66
CA ILE B 428 10.79 27.06 43.28
C ILE B 428 11.07 25.58 43.23
N ARG B 429 10.35 24.87 42.37
CA ARG B 429 10.52 23.44 42.26
C ARG B 429 11.02 23.04 40.87
N LEU B 430 11.97 22.11 40.86
CA LEU B 430 12.49 21.52 39.65
C LEU B 430 11.86 20.17 39.49
N LEU B 431 11.08 20.03 38.42
CA LEU B 431 10.47 18.72 38.04
C LEU B 431 10.75 18.47 36.57
N PRO B 432 12.04 18.38 36.21
CA PRO B 432 12.35 18.14 34.83
C PRO B 432 11.95 16.75 34.44
N PRO B 433 11.68 16.54 33.15
CA PRO B 433 11.57 15.17 32.73
C PRO B 433 12.89 14.46 32.96
N LEU B 434 12.81 13.19 33.31
CA LEU B 434 14.01 12.42 33.64
C LEU B 434 14.89 12.15 32.41
N VAL B 435 14.31 12.24 31.21
CA VAL B 435 15.09 12.09 29.97
C VAL B 435 15.79 13.35 29.51
N ILE B 436 15.84 14.39 30.34
CA ILE B 436 16.51 15.63 29.97
C ILE B 436 18.01 15.41 29.80
N SER B 437 18.61 16.13 28.87
CA SER B 437 20.07 16.10 28.67
C SER B 437 20.75 16.99 29.71
N ASP B 438 21.96 16.62 30.11
CA ASP B 438 22.76 17.44 31.00
C ASP B 438 22.86 18.89 30.48
N GLU B 439 23.09 19.02 29.17
CA GLU B 439 23.33 20.35 28.54
C GLU B 439 22.11 21.24 28.82
N LEU B 440 20.91 20.75 28.49
CA LEU B 440 19.69 21.53 28.68
C LEU B 440 19.43 21.83 30.16
N LEU B 441 19.62 20.83 31.03
CA LEU B 441 19.42 21.02 32.45
C LEU B 441 20.35 22.12 32.98
N ILE B 442 21.62 22.08 32.59
CA ILE B 442 22.58 23.07 33.05
C ILE B 442 22.16 24.44 32.57
N ASP B 443 21.67 24.50 31.33
CA ASP B 443 21.29 25.81 30.74
C ASP B 443 20.15 26.38 31.59
N GLY B 444 19.16 25.54 31.84
CA GLY B 444 18.06 25.91 32.66
C GLY B 444 18.44 26.39 34.05
N LEU B 445 19.33 25.64 34.69
CA LEU B 445 19.81 26.02 36.06
C LEU B 445 20.58 27.32 36.02
N GLU B 446 21.37 27.56 34.95
CA GLU B 446 22.07 28.84 34.81
C GLU B 446 21.07 29.99 34.72
N VAL B 447 20.04 29.82 33.87
CA VAL B 447 19.00 30.83 33.76
C VAL B 447 18.35 31.10 35.10
N LEU B 448 18.01 30.02 35.81
CA LEU B 448 17.35 30.14 37.15
C LEU B 448 18.25 30.91 38.10
N ALA B 449 19.50 30.47 38.20
CA ALA B 449 20.47 31.11 39.08
C ALA B 449 20.65 32.61 38.69
N ALA B 450 20.71 32.91 37.41
CA ALA B 450 20.80 34.33 36.96
C ALA B 450 19.56 35.12 37.43
N ALA B 451 18.36 34.55 37.25
CA ALA B 451 17.11 35.18 37.65
C ALA B 451 17.05 35.49 39.16
N ILE B 452 17.46 34.54 40.01
CA ILE B 452 17.45 34.75 41.44
C ILE B 452 18.38 35.91 41.79
N LYS B 453 19.59 35.89 41.27
CA LYS B 453 20.55 36.99 41.51
C LYS B 453 19.98 38.32 41.03
N ALA B 454 19.35 38.31 39.86
CA ALA B 454 18.82 39.55 39.30
C ALA B 454 17.68 40.19 40.14
N HIS B 455 16.88 39.40 40.88
CA HIS B 455 15.81 39.96 41.80
C HIS B 455 15.79 39.49 43.26
N SER C 9 -21.32 33.27 107.78
CA SER C 9 -22.04 32.30 108.69
C SER C 9 -22.70 31.11 107.93
N TYR C 10 -22.49 29.90 108.43
CA TYR C 10 -22.85 28.68 107.71
C TYR C 10 -23.92 27.87 108.43
N ARG C 11 -24.39 26.80 107.80
CA ARG C 11 -25.50 26.00 108.30
C ARG C 11 -25.02 24.69 108.95
N ILE C 12 -24.01 24.07 108.36
CA ILE C 12 -23.45 22.85 108.93
C ILE C 12 -22.01 23.12 109.34
N GLU C 13 -21.54 22.36 110.33
CA GLU C 13 -20.26 22.67 110.91
C GLU C 13 -19.18 22.59 109.82
N GLN C 14 -18.38 23.65 109.72
CA GLN C 14 -17.33 23.74 108.72
C GLN C 14 -16.02 23.16 109.18
N LYS C 15 -16.01 21.85 109.45
CA LYS C 15 -14.76 21.17 109.84
C LYS C 15 -14.71 19.75 109.24
N ARG C 16 -13.53 19.37 108.82
CA ARG C 16 -13.31 18.07 108.23
C ARG C 16 -13.46 17.04 109.31
N ASN C 17 -14.27 16.01 109.05
CA ASN C 17 -14.51 14.96 110.04
C ASN C 17 -14.87 13.60 109.43
N ILE C 18 -13.92 12.67 109.42
CA ILE C 18 -14.15 11.32 108.93
C ILE C 18 -14.25 10.35 110.10
N ASN C 19 -15.45 9.81 110.30
CA ASN C 19 -15.73 8.80 111.32
C ASN C 19 -15.62 7.37 110.82
N GLY C 20 -14.39 6.86 110.78
CA GLY C 20 -14.17 5.46 110.39
C GLY C 20 -14.20 5.24 108.89
N ALA C 21 -14.42 3.99 108.49
CA ALA C 21 -14.26 3.56 107.12
C ALA C 21 -15.45 4.03 106.29
N PHE C 22 -15.18 4.35 105.03
CA PHE C 22 -16.25 4.71 104.08
C PHE C 22 -15.92 4.10 102.72
N PRO C 23 -16.94 3.86 101.88
CA PRO C 23 -18.34 4.19 102.09
C PRO C 23 -18.93 3.50 103.30
N GLY C 24 -19.74 4.23 104.07
CA GLY C 24 -20.46 3.65 105.18
C GLY C 24 -21.69 2.88 104.73
N PRO C 25 -22.44 2.32 105.68
CA PRO C 25 -23.53 1.39 105.37
C PRO C 25 -24.60 2.01 104.48
N LYS C 26 -24.97 3.26 104.74
CA LYS C 26 -26.04 3.88 103.99
C LYS C 26 -25.60 4.21 102.55
N SER C 27 -24.34 4.60 102.41
CA SER C 27 -23.74 4.81 101.11
C SER C 27 -23.67 3.50 100.36
N GLN C 28 -23.16 2.46 101.01
CA GLN C 28 -23.13 1.14 100.37
C GLN C 28 -24.52 0.70 99.90
N ALA C 29 -25.55 0.99 100.70
CA ALA C 29 -26.92 0.59 100.34
C ALA C 29 -27.33 1.28 99.03
N LEU C 30 -26.94 2.55 98.88
CA LEU C 30 -27.28 3.32 97.67
C LEU C 30 -26.50 2.80 96.44
N ALA C 31 -25.21 2.52 96.61
CA ALA C 31 -24.43 1.92 95.53
C ALA C 31 -25.08 0.63 95.03
N GLU C 32 -25.55 -0.21 95.95
CA GLU C 32 -26.22 -1.47 95.56
C GLU C 32 -27.46 -1.17 94.74
N ARG C 33 -28.26 -0.20 95.18
CA ARG C 33 -29.44 0.15 94.41
C ARG C 33 -29.04 0.66 93.02
N ARG C 34 -28.01 1.50 92.99
CA ARG C 34 -27.54 2.18 91.80
C ARG C 34 -27.17 1.21 90.70
N SER C 35 -26.41 0.17 91.05
CA SER C 35 -25.86 -0.73 90.03
C SER C 35 -26.94 -1.53 89.31
N ALA C 36 -28.15 -1.57 89.86
CA ALA C 36 -29.28 -2.25 89.17
C ALA C 36 -29.97 -1.34 88.15
N VAL C 37 -29.81 -0.02 88.28
CA VAL C 37 -30.63 0.92 87.53
C VAL C 37 -29.94 2.05 86.74
N VAL C 38 -28.71 2.42 87.10
CA VAL C 38 -27.92 3.43 86.40
C VAL C 38 -26.88 2.74 85.53
N ALA C 39 -26.68 3.25 84.31
CA ALA C 39 -25.69 2.64 83.39
C ALA C 39 -24.34 2.47 84.05
N ALA C 40 -23.72 1.34 83.80
CA ALA C 40 -22.43 0.99 84.38
C ALA C 40 -21.39 2.06 84.19
N GLY C 41 -21.37 2.65 83.00
CA GLY C 41 -20.34 3.59 82.64
C GLY C 41 -20.45 4.88 83.43
N VAL C 42 -21.64 5.20 83.94
CA VAL C 42 -21.84 6.46 84.64
C VAL C 42 -21.23 6.29 86.02
N ALA C 43 -19.98 6.68 86.15
CA ALA C 43 -19.19 6.47 87.34
C ALA C 43 -19.09 7.78 88.11
N SER C 44 -18.80 7.70 89.41
CA SER C 44 -18.62 8.89 90.20
C SER C 44 -17.25 8.87 90.80
N GLY C 45 -16.62 10.04 90.91
CA GLY C 45 -15.26 10.14 91.44
C GLY C 45 -15.20 9.86 92.93
N VAL C 46 -16.36 9.99 93.59
CA VAL C 46 -16.46 9.85 95.03
C VAL C 46 -17.43 8.70 95.35
N PRO C 47 -17.06 7.80 96.27
CA PRO C 47 -17.93 6.68 96.61
C PRO C 47 -18.98 6.93 97.71
N VAL C 48 -19.04 8.13 98.27
CA VAL C 48 -20.02 8.45 99.31
C VAL C 48 -21.15 9.28 98.74
N TYR C 49 -22.32 9.23 99.36
CA TYR C 49 -23.50 9.90 98.84
C TYR C 49 -23.88 11.13 99.69
N VAL C 50 -24.10 12.28 99.06
CA VAL C 50 -24.40 13.53 99.79
C VAL C 50 -25.76 13.53 100.45
N GLU C 51 -25.82 14.16 101.65
CA GLU C 51 -27.10 14.51 102.32
C GLU C 51 -27.21 16.02 102.41
N ASP C 52 -26.10 16.68 102.75
CA ASP C 52 -26.06 18.13 102.79
C ASP C 52 -24.72 18.63 102.22
N ALA C 53 -24.77 19.75 101.50
CA ALA C 53 -23.58 20.41 101.05
C ALA C 53 -23.73 21.91 101.32
N ASP C 54 -22.75 22.51 102.00
CA ASP C 54 -22.89 23.89 102.50
C ASP C 54 -21.52 24.45 102.82
N GLY C 55 -21.33 25.73 102.50
CA GLY C 55 -20.00 26.33 102.66
C GLY C 55 -18.94 25.52 101.93
N GLY C 56 -18.00 24.98 102.68
CA GLY C 56 -16.92 24.15 102.11
C GLY C 56 -16.99 22.69 102.46
N ILE C 57 -18.18 22.21 102.85
CA ILE C 57 -18.32 20.83 103.28
C ILE C 57 -19.34 20.06 102.47
N ILE C 58 -19.01 18.82 102.16
CA ILE C 58 -19.96 17.84 101.69
C ILE C 58 -20.10 16.83 102.84
N ARG C 59 -21.30 16.70 103.36
CA ARG C 59 -21.56 15.72 104.41
C ARG C 59 -22.36 14.56 103.82
N ASP C 60 -21.87 13.33 104.03
CA ASP C 60 -22.50 12.17 103.43
C ASP C 60 -23.62 11.60 104.29
N VAL C 61 -24.35 10.64 103.72
CA VAL C 61 -25.49 10.03 104.40
C VAL C 61 -25.10 9.29 105.71
N ASP C 62 -23.81 9.01 105.90
CA ASP C 62 -23.33 8.33 107.08
C ASP C 62 -22.69 9.31 108.05
N GLY C 63 -22.94 10.60 107.87
CA GLY C 63 -22.41 11.63 108.78
C GLY C 63 -20.97 12.10 108.63
N ASN C 64 -20.25 11.60 107.62
CA ASN C 64 -18.87 12.06 107.37
C ASN C 64 -18.87 13.44 106.69
N SER C 65 -17.92 14.28 107.07
CA SER C 65 -17.83 15.61 106.53
C SER C 65 -16.50 15.77 105.76
N PHE C 66 -16.61 15.92 104.43
CA PHE C 66 -15.47 16.09 103.53
C PHE C 66 -15.25 17.56 103.18
N ILE C 67 -14.00 17.97 103.02
CA ILE C 67 -13.74 19.30 102.45
C ILE C 67 -14.04 19.25 100.93
N ASP C 68 -14.78 20.24 100.46
CA ASP C 68 -15.16 20.33 99.06
C ASP C 68 -14.21 21.27 98.27
N LEU C 69 -13.24 20.71 97.56
CA LEU C 69 -12.35 21.52 96.76
C LEU C 69 -12.70 21.51 95.24
N GLY C 70 -13.95 21.14 94.92
CA GLY C 70 -14.40 21.07 93.54
C GLY C 70 -15.63 21.90 93.20
N SER C 71 -16.36 22.33 94.21
CA SER C 71 -17.64 22.99 94.04
C SER C 71 -18.50 22.41 92.90
N GLY C 72 -18.54 21.09 92.78
CA GLY C 72 -19.38 20.44 91.77
C GLY C 72 -18.94 20.73 90.34
N ILE C 73 -17.62 20.78 90.16
CA ILE C 73 -16.97 21.27 88.96
C ILE C 73 -17.33 22.74 88.72
N ALA C 74 -16.91 23.58 89.65
CA ALA C 74 -17.00 25.03 89.52
C ALA C 74 -18.41 25.56 89.41
N VAL C 75 -19.38 24.83 89.96
CA VAL C 75 -20.78 25.24 89.90
C VAL C 75 -21.23 26.00 91.13
N THR C 76 -20.98 25.45 92.32
CA THR C 76 -21.52 26.02 93.55
C THR C 76 -20.56 27.05 94.13
N SER C 77 -20.29 28.10 93.37
CA SER C 77 -19.32 29.12 93.78
C SER C 77 -19.83 29.90 94.99
N VAL C 78 -21.15 30.16 95.00
CA VAL C 78 -21.80 30.79 96.15
C VAL C 78 -22.03 29.80 97.30
N GLY C 79 -21.60 28.56 97.14
CA GLY C 79 -21.91 27.49 98.06
C GLY C 79 -23.10 26.66 97.56
N ALA C 80 -23.11 25.38 97.93
CA ALA C 80 -24.18 24.47 97.50
C ALA C 80 -25.52 24.72 98.22
N SER C 81 -25.56 25.68 99.15
CA SER C 81 -26.75 25.90 99.96
C SER C 81 -26.89 27.34 100.45
N ASP C 82 -26.58 28.28 99.58
CA ASP C 82 -26.64 29.71 99.93
C ASP C 82 -28.08 30.07 100.31
N PRO C 83 -28.26 30.60 101.53
CA PRO C 83 -29.62 30.84 102.02
C PRO C 83 -30.47 31.69 101.07
N ALA C 84 -29.83 32.69 100.45
CA ALA C 84 -30.53 33.56 99.50
C ALA C 84 -31.06 32.75 98.30
N VAL C 85 -30.18 31.91 97.72
CA VAL C 85 -30.57 31.03 96.62
C VAL C 85 -31.71 30.11 97.06
N VAL C 86 -31.55 29.48 98.22
CA VAL C 86 -32.55 28.55 98.74
C VAL C 86 -33.92 29.21 98.89
N ALA C 87 -33.90 30.39 99.51
CA ALA C 87 -35.12 31.17 99.70
C ALA C 87 -35.75 31.48 98.35
N ALA C 88 -34.91 31.91 97.40
CA ALA C 88 -35.39 32.40 96.11
C ALA C 88 -36.05 31.26 95.34
N VAL C 89 -35.39 30.11 95.37
CA VAL C 89 -35.89 28.91 94.77
C VAL C 89 -37.24 28.55 95.38
N GLN C 90 -37.26 28.52 96.72
CA GLN C 90 -38.47 28.15 97.48
C GLN C 90 -39.65 29.06 97.14
N GLU C 91 -39.41 30.36 97.13
CA GLU C 91 -40.47 31.34 96.80
C GLU C 91 -40.95 31.18 95.36
N ALA C 92 -40.03 31.07 94.40
CA ALA C 92 -40.37 30.98 92.97
C ALA C 92 -41.14 29.72 92.63
N ALA C 93 -40.72 28.60 93.20
CA ALA C 93 -41.39 27.30 92.95
C ALA C 93 -42.88 27.33 93.36
N ALA C 94 -43.22 28.10 94.41
CA ALA C 94 -44.61 28.19 94.89
C ALA C 94 -45.54 28.90 93.94
N HIS C 95 -44.98 29.71 93.03
CA HIS C 95 -45.78 30.47 92.08
C HIS C 95 -46.03 29.71 90.81
N PHE C 96 -44.96 29.20 90.20
CA PHE C 96 -45.03 28.33 89.02
C PHE C 96 -43.66 27.74 88.75
N THR C 97 -43.62 26.47 88.36
CA THR C 97 -42.36 25.80 88.08
C THR C 97 -41.87 26.06 86.66
N HIS C 98 -42.81 26.26 85.73
CA HIS C 98 -42.46 26.40 84.33
C HIS C 98 -43.68 26.82 83.55
N THR C 99 -43.49 27.74 82.62
CA THR C 99 -44.50 28.04 81.62
C THR C 99 -43.98 28.01 80.18
N CYS C 100 -42.66 27.86 80.03
CA CYS C 100 -41.94 27.99 78.74
C CYS C 100 -41.99 29.42 78.22
N PHE C 101 -40.87 30.11 78.38
CA PHE C 101 -40.76 31.52 78.04
C PHE C 101 -41.24 31.82 76.63
N MET C 102 -40.94 30.93 75.69
CA MET C 102 -41.44 31.09 74.29
C MET C 102 -42.96 31.11 74.18
N VAL C 103 -43.66 30.57 75.19
CA VAL C 103 -45.11 30.59 75.20
C VAL C 103 -45.61 31.73 76.06
N THR C 104 -45.45 31.58 77.38
CA THR C 104 -45.86 32.62 78.33
C THR C 104 -44.64 33.12 79.08
N PRO C 105 -44.23 34.35 78.80
CA PRO C 105 -43.02 34.88 79.42
C PRO C 105 -43.20 35.24 80.87
N TYR C 106 -42.11 35.64 81.52
CA TYR C 106 -42.12 35.95 82.95
C TYR C 106 -40.92 36.79 83.36
N GLU C 107 -41.07 37.53 84.45
CA GLU C 107 -40.08 38.52 84.87
C GLU C 107 -38.69 37.92 85.14
N GLY C 108 -38.66 36.75 85.77
CA GLY C 108 -37.39 36.11 86.10
C GLY C 108 -36.39 36.06 84.93
N TYR C 109 -36.89 35.68 83.76
CA TYR C 109 -36.07 35.59 82.57
C TYR C 109 -35.50 36.96 82.24
N VAL C 110 -36.38 37.93 82.13
CA VAL C 110 -35.95 39.29 81.78
C VAL C 110 -34.93 39.80 82.79
N ALA C 111 -35.21 39.56 84.08
CA ALA C 111 -34.37 40.10 85.16
C ALA C 111 -32.96 39.53 85.04
N VAL C 112 -32.87 38.22 84.85
CA VAL C 112 -31.57 37.58 84.71
C VAL C 112 -30.84 38.18 83.52
N THR C 113 -31.55 38.34 82.41
CA THR C 113 -30.94 38.94 81.23
C THR C 113 -30.42 40.33 81.52
N GLU C 114 -31.14 41.12 82.33
CA GLU C 114 -30.70 42.49 82.71
C GLU C 114 -29.37 42.43 83.47
N GLN C 115 -29.25 41.49 84.39
CA GLN C 115 -28.02 41.31 85.11
C GLN C 115 -26.87 40.95 84.18
N LEU C 116 -27.11 40.00 83.27
CA LEU C 116 -26.01 39.50 82.48
C LEU C 116 -25.52 40.55 81.51
N ASN C 117 -26.45 41.35 81.02
CA ASN C 117 -26.10 42.51 80.24
C ASN C 117 -25.13 43.42 80.96
N ARG C 118 -25.44 43.67 82.23
CA ARG C 118 -24.69 44.63 83.05
C ARG C 118 -23.33 44.10 83.43
N LEU C 119 -23.25 42.82 83.75
CA LEU C 119 -22.03 42.26 84.35
C LEU C 119 -20.99 41.81 83.35
N THR C 120 -21.42 41.60 82.11
CA THR C 120 -20.52 41.10 81.09
C THR C 120 -19.69 42.27 80.59
N PRO C 121 -18.50 41.98 80.04
CA PRO C 121 -17.63 43.06 79.56
C PRO C 121 -18.20 43.82 78.38
N GLY C 122 -17.67 45.02 78.20
CA GLY C 122 -18.08 45.91 77.12
C GLY C 122 -19.24 46.81 77.51
N ASP C 123 -19.28 47.99 76.90
CA ASP C 123 -20.39 48.95 77.06
C ASP C 123 -21.28 49.08 75.84
N HIS C 124 -21.06 48.24 74.83
CA HIS C 124 -21.87 48.23 73.60
C HIS C 124 -23.19 47.57 73.82
N ALA C 125 -24.07 47.67 72.84
CA ALA C 125 -25.40 47.06 72.92
C ALA C 125 -25.29 45.53 72.95
N LYS C 126 -25.87 44.90 73.96
CA LYS C 126 -25.83 43.45 74.11
C LYS C 126 -27.23 42.87 74.35
N ARG C 127 -27.40 41.59 74.01
CA ARG C 127 -28.64 40.88 74.25
C ARG C 127 -28.30 39.50 74.73
N THR C 128 -29.27 38.82 75.30
CA THR C 128 -29.06 37.53 75.93
C THR C 128 -30.19 36.56 75.61
N VAL C 129 -29.87 35.27 75.48
CA VAL C 129 -30.86 34.22 75.46
C VAL C 129 -30.42 33.20 76.50
N LEU C 130 -31.40 32.53 77.12
CA LEU C 130 -31.15 31.54 78.18
C LEU C 130 -31.50 30.10 77.75
N PHE C 131 -30.67 29.16 78.22
CA PHE C 131 -30.88 27.75 77.96
C PHE C 131 -30.61 26.99 79.26
N ASN C 132 -30.29 25.71 79.21
CA ASN C 132 -30.13 24.92 80.44
C ASN C 132 -28.70 24.51 80.70
N SER C 133 -28.04 23.87 79.72
CA SER C 133 -26.67 23.39 79.91
C SER C 133 -25.60 24.26 79.23
N GLY C 134 -24.35 24.08 79.65
CA GLY C 134 -23.24 24.75 78.99
C GLY C 134 -23.16 24.34 77.53
N ALA C 135 -23.31 23.05 77.28
CA ALA C 135 -23.33 22.58 75.90
C ALA C 135 -24.36 23.32 75.08
N GLU C 136 -25.56 23.48 75.61
CA GLU C 136 -26.59 24.17 74.86
C GLU C 136 -26.18 25.61 74.57
N ALA C 137 -25.57 26.25 75.56
CA ALA C 137 -25.05 27.60 75.43
C ALA C 137 -24.03 27.71 74.25
N VAL C 138 -23.02 26.84 74.23
CA VAL C 138 -22.05 26.84 73.17
C VAL C 138 -22.71 26.53 71.81
N GLU C 139 -23.58 25.54 71.79
CA GLU C 139 -24.35 25.23 70.59
C GLU C 139 -25.00 26.47 70.03
N ASN C 140 -25.58 27.28 70.91
CA ASN C 140 -26.34 28.43 70.46
C ASN C 140 -25.45 29.57 70.03
N ALA C 141 -24.31 29.73 70.71
CA ALA C 141 -23.31 30.75 70.29
C ALA C 141 -22.91 30.46 68.83
N VAL C 142 -22.66 29.19 68.53
CA VAL C 142 -22.20 28.81 67.21
C VAL C 142 -23.33 28.98 66.17
N LYS C 143 -24.57 28.67 66.54
CA LYS C 143 -25.70 28.91 65.64
C LYS C 143 -25.74 30.37 65.24
N VAL C 144 -25.57 31.24 66.24
CA VAL C 144 -25.68 32.65 65.99
C VAL C 144 -24.55 33.08 65.09
N ALA C 145 -23.32 32.69 65.44
CA ALA C 145 -22.16 33.07 64.67
C ALA C 145 -22.36 32.68 63.22
N ARG C 146 -22.89 31.48 63.02
CA ARG C 146 -23.07 30.97 61.68
C ARG C 146 -24.14 31.70 60.90
N LEU C 147 -25.29 31.93 61.53
CA LEU C 147 -26.39 32.62 60.89
C LEU C 147 -26.09 34.10 60.67
N ALA C 148 -25.40 34.73 61.62
CA ALA C 148 -25.10 36.15 61.52
C ALA C 148 -24.02 36.45 60.49
N THR C 149 -22.97 35.63 60.45
CA THR C 149 -21.87 35.89 59.50
C THR C 149 -22.17 35.31 58.09
N GLY C 150 -23.08 34.35 57.99
CA GLY C 150 -23.28 33.61 56.77
C GLY C 150 -22.11 32.73 56.38
N ARG C 151 -21.23 32.43 57.34
CA ARG C 151 -20.11 31.49 57.11
C ARG C 151 -20.25 30.20 57.91
N ASP C 152 -19.40 29.22 57.60
CA ASP C 152 -19.54 27.84 58.09
C ASP C 152 -18.52 27.51 59.16
N ALA C 153 -17.25 27.76 58.87
CA ALA C 153 -16.16 27.18 59.63
C ALA C 153 -16.12 27.74 61.04
N VAL C 154 -15.81 26.89 62.00
CA VAL C 154 -15.61 27.31 63.39
C VAL C 154 -14.25 26.83 63.84
N VAL C 155 -13.43 27.71 64.40
CA VAL C 155 -12.12 27.22 64.89
C VAL C 155 -12.12 27.09 66.42
N ALA C 156 -11.64 25.94 66.88
CA ALA C 156 -11.39 25.64 68.27
C ALA C 156 -9.95 25.26 68.43
N PHE C 157 -9.52 25.06 69.67
CA PHE C 157 -8.10 24.89 69.96
C PHE C 157 -7.75 23.55 70.55
N ASP C 158 -6.49 23.19 70.46
CA ASP C 158 -5.95 22.13 71.26
C ASP C 158 -6.30 22.35 72.72
N HIS C 159 -6.52 21.23 73.43
CA HIS C 159 -6.90 21.21 74.87
C HIS C 159 -8.23 21.79 75.17
N ALA C 160 -9.03 22.06 74.15
CA ALA C 160 -10.38 22.67 74.33
C ALA C 160 -11.34 21.64 74.87
N TYR C 161 -12.28 22.11 75.68
CA TYR C 161 -13.45 21.32 76.08
C TYR C 161 -14.67 22.20 76.05
N HIS C 162 -15.72 21.78 75.35
CA HIS C 162 -16.94 22.57 75.17
C HIS C 162 -18.25 21.83 75.30
N GLY C 163 -18.21 20.51 75.49
CA GLY C 163 -19.44 19.77 75.76
C GLY C 163 -19.57 18.42 75.11
N ARG C 164 -20.73 17.80 75.38
CA ARG C 164 -20.97 16.39 75.08
C ARG C 164 -22.08 16.16 74.07
N THR C 165 -22.64 17.22 73.49
CA THR C 165 -23.49 17.05 72.29
C THR C 165 -22.59 16.81 71.08
N ASN C 166 -23.16 16.42 69.95
CA ASN C 166 -22.32 16.06 68.78
C ASN C 166 -21.38 17.19 68.33
N LEU C 167 -21.92 18.38 68.20
CA LEU C 167 -21.10 19.53 67.85
C LEU C 167 -20.09 19.91 68.94
N THR C 168 -20.49 19.86 70.22
CA THR C 168 -19.59 20.33 71.30
C THR C 168 -18.52 19.26 71.53
N MET C 169 -18.88 18.01 71.25
CA MET C 169 -17.87 16.97 71.13
C MET C 169 -16.90 17.34 69.99
N ALA C 170 -17.44 17.72 68.84
CA ALA C 170 -16.59 18.10 67.70
C ALA C 170 -15.61 19.16 68.17
N LEU C 171 -16.14 20.14 68.90
CA LEU C 171 -15.33 21.29 69.30
C LEU C 171 -14.30 20.87 70.34
N THR C 172 -14.62 19.85 71.11
CA THR C 172 -13.72 19.36 72.18
C THR C 172 -12.51 18.63 71.57
N ALA C 173 -11.35 18.86 72.15
CA ALA C 173 -10.11 18.25 71.68
C ALA C 173 -9.91 16.82 72.12
N LYS C 174 -10.04 16.55 73.41
CA LYS C 174 -9.69 15.20 73.93
C LYS C 174 -10.74 14.13 73.61
N ALA C 175 -10.29 13.00 73.11
CA ALA C 175 -11.22 11.96 72.67
C ALA C 175 -11.69 11.04 73.79
N MET C 176 -10.81 10.70 74.75
CA MET C 176 -11.18 9.82 75.87
C MET C 176 -11.49 10.61 77.13
N PRO C 177 -12.72 10.50 77.66
CA PRO C 177 -13.84 9.64 77.28
C PRO C 177 -14.90 10.33 76.45
N TYR C 178 -14.68 11.59 76.09
CA TYR C 178 -15.77 12.44 75.59
C TYR C 178 -16.27 12.09 74.19
N LYS C 179 -15.44 11.44 73.38
CA LYS C 179 -15.72 11.33 71.94
C LYS C 179 -15.70 9.89 71.38
N THR C 180 -14.88 9.01 71.97
CA THR C 180 -14.63 7.71 71.40
C THR C 180 -15.94 7.00 71.04
N ASN C 181 -16.04 6.58 69.78
CA ASN C 181 -17.19 5.84 69.26
C ASN C 181 -18.52 6.60 69.20
N PHE C 182 -18.52 7.90 69.47
CA PHE C 182 -19.75 8.70 69.42
C PHE C 182 -19.99 9.50 68.12
N GLY C 183 -19.07 9.41 67.17
CA GLY C 183 -19.18 10.18 65.92
C GLY C 183 -20.06 9.48 64.92
N PRO C 184 -20.06 9.95 63.66
CA PRO C 184 -19.25 11.04 63.09
C PRO C 184 -19.68 12.39 63.59
N PHE C 185 -18.74 13.32 63.64
CA PHE C 185 -18.95 14.60 64.27
C PHE C 185 -19.34 15.72 63.31
N ALA C 186 -19.99 16.76 63.85
CA ALA C 186 -20.48 17.89 63.11
C ALA C 186 -19.36 18.45 62.26
N PRO C 187 -19.67 18.86 61.02
CA PRO C 187 -18.64 19.25 60.09
C PRO C 187 -18.21 20.69 60.23
N GLU C 188 -17.11 21.00 59.54
CA GLU C 188 -16.53 22.35 59.45
C GLU C 188 -16.05 22.92 60.80
N VAL C 189 -15.39 22.07 61.58
CA VAL C 189 -14.73 22.46 62.81
C VAL C 189 -13.25 22.24 62.60
N TYR C 190 -12.44 23.24 62.90
CA TYR C 190 -11.01 23.17 62.63
C TYR C 190 -10.22 23.44 63.92
N ARG C 191 -9.09 22.77 64.10
CA ARG C 191 -8.40 22.87 65.34
C ARG C 191 -7.08 23.56 65.16
N MET C 192 -6.79 24.49 66.07
CA MET C 192 -5.63 25.35 65.96
C MET C 192 -4.82 25.31 67.26
N PRO C 193 -3.53 25.62 67.18
CA PRO C 193 -2.66 25.46 68.34
C PRO C 193 -2.91 26.51 69.39
N MET C 194 -2.80 26.10 70.64
CA MET C 194 -3.09 26.92 71.81
C MET C 194 -1.79 27.53 72.30
N SER C 195 -1.90 28.61 73.08
CA SER C 195 -0.75 29.10 73.85
C SER C 195 -0.74 28.34 75.15
N TYR C 196 0.20 27.41 75.30
CA TYR C 196 0.32 26.56 76.47
C TYR C 196 1.78 26.64 76.90
N PRO C 197 2.12 27.72 77.60
CA PRO C 197 3.49 28.06 77.97
C PRO C 197 4.37 26.95 78.45
N PHE C 198 3.85 26.15 79.36
CA PHE C 198 4.65 25.10 80.00
C PHE C 198 5.12 24.04 79.04
N ARG C 199 4.39 23.84 77.95
CA ARG C 199 4.77 22.79 76.97
C ARG C 199 5.06 23.33 75.55
N GLU C 200 5.34 24.63 75.43
CA GLU C 200 5.76 25.18 74.16
C GLU C 200 7.11 24.61 73.76
N GLU C 201 7.23 24.23 72.49
CA GLU C 201 8.47 23.69 71.98
C GLU C 201 9.57 24.75 72.04
N ASN C 202 9.18 26.01 71.86
CA ASN C 202 10.07 27.14 72.08
C ASN C 202 9.64 27.87 73.34
N PRO C 203 10.32 27.62 74.47
CA PRO C 203 9.86 28.19 75.74
C PRO C 203 9.81 29.70 75.77
N GLU C 204 10.51 30.37 74.86
CA GLU C 204 10.55 31.85 74.82
C GLU C 204 9.43 32.49 74.02
N ILE C 205 8.55 31.67 73.42
CA ILE C 205 7.47 32.21 72.60
C ILE C 205 6.54 33.14 73.38
N THR C 206 6.18 34.29 72.81
CA THR C 206 5.29 35.23 73.48
C THR C 206 3.89 34.98 73.06
N GLY C 207 2.96 35.53 73.82
CA GLY C 207 1.49 35.39 73.49
C GLY C 207 1.14 35.92 72.11
N ALA C 208 1.68 37.09 71.79
CA ALA C 208 1.52 37.70 70.46
C ALA C 208 2.04 36.74 69.36
N GLU C 209 3.20 36.12 69.57
CA GLU C 209 3.74 35.20 68.60
C GLU C 209 2.89 33.92 68.49
N ALA C 210 2.35 33.48 69.62
CA ALA C 210 1.50 32.31 69.66
C ALA C 210 0.22 32.58 68.86
N ALA C 211 -0.28 33.78 68.99
CA ALA C 211 -1.45 34.21 68.27
C ALA C 211 -1.17 34.26 66.76
N LYS C 212 -0.02 34.77 66.40
CA LYS C 212 0.31 34.91 65.01
C LYS C 212 0.37 33.50 64.38
N ARG C 213 0.90 32.54 65.13
CA ARG C 213 1.02 31.15 64.68
C ARG C 213 -0.38 30.60 64.38
N ALA C 214 -1.30 30.81 65.29
CA ALA C 214 -2.68 30.36 65.08
C ALA C 214 -3.31 31.09 63.88
N ILE C 215 -3.16 32.41 63.84
CA ILE C 215 -3.76 33.20 62.79
C ILE C 215 -3.23 32.81 61.40
N THR C 216 -1.93 32.64 61.24
CA THR C 216 -1.35 32.28 59.94
C THR C 216 -1.92 30.95 59.53
N MET C 217 -2.05 30.05 60.48
CA MET C 217 -2.55 28.70 60.20
C MET C 217 -4.03 28.73 59.80
N ILE C 218 -4.83 29.56 60.47
CA ILE C 218 -6.24 29.70 60.13
C ILE C 218 -6.36 30.27 58.73
N GLU C 219 -5.51 31.23 58.42
CA GLU C 219 -5.57 31.94 57.16
C GLU C 219 -5.15 30.99 56.03
N LYS C 220 -4.07 30.24 56.22
CA LYS C 220 -3.62 29.29 55.20
C LYS C 220 -4.56 28.08 55.03
N GLN C 221 -5.21 27.62 56.09
CA GLN C 221 -5.99 26.38 56.01
C GLN C 221 -7.50 26.54 55.90
N ILE C 222 -8.00 27.74 56.16
CA ILE C 222 -9.43 28.03 56.03
C ILE C 222 -9.64 29.34 55.26
N GLY C 223 -8.97 30.39 55.74
CA GLY C 223 -9.14 31.73 55.23
C GLY C 223 -10.02 32.52 56.19
N GLY C 224 -9.51 33.65 56.68
CA GLY C 224 -10.25 34.45 57.63
C GLY C 224 -11.71 34.71 57.24
N ASP C 225 -11.95 34.95 55.96
CA ASP C 225 -13.26 35.41 55.53
C ASP C 225 -14.22 34.25 55.39
N GLN C 226 -13.73 33.06 55.71
CA GLN C 226 -14.54 31.83 55.73
C GLN C 226 -14.92 31.38 57.15
N VAL C 227 -14.38 32.01 58.19
CA VAL C 227 -14.54 31.54 59.55
C VAL C 227 -15.71 32.28 60.20
N ALA C 228 -16.69 31.54 60.69
CA ALA C 228 -17.84 32.15 61.35
C ALA C 228 -17.48 32.59 62.76
N ALA C 229 -16.72 31.75 63.46
CA ALA C 229 -16.42 32.02 64.85
C ALA C 229 -15.09 31.43 65.28
N ILE C 230 -14.39 32.12 66.18
CA ILE C 230 -13.26 31.52 66.92
C ILE C 230 -13.79 31.32 68.33
N ILE C 231 -13.68 30.11 68.89
CA ILE C 231 -14.22 29.81 70.23
C ILE C 231 -13.10 29.35 71.11
N ILE C 232 -12.95 30.01 72.27
CA ILE C 232 -11.83 29.68 73.17
C ILE C 232 -12.24 29.93 74.61
N GLU C 233 -11.74 29.06 75.47
CA GLU C 233 -11.85 29.24 76.89
C GLU C 233 -10.70 30.11 77.33
N PRO C 234 -10.96 31.24 78.00
CA PRO C 234 -9.89 32.14 78.46
C PRO C 234 -8.93 31.45 79.34
N ILE C 235 -9.44 30.57 80.17
CA ILE C 235 -8.60 29.55 80.85
C ILE C 235 -9.22 28.21 80.52
N GLN C 236 -8.44 27.34 79.90
CA GLN C 236 -8.96 26.07 79.48
C GLN C 236 -9.15 25.21 80.69
N GLY C 237 -10.37 24.73 80.91
CA GLY C 237 -10.69 23.93 82.09
C GLY C 237 -10.22 22.49 82.04
N GLU C 238 -11.04 21.63 81.49
CA GLU C 238 -10.71 20.20 81.43
C GLU C 238 -9.37 19.97 80.76
N GLY C 239 -8.95 20.85 79.87
CA GLY C 239 -7.65 20.71 79.20
C GLY C 239 -6.48 20.83 80.17
N GLY C 240 -6.73 21.43 81.33
CA GLY C 240 -5.73 21.46 82.41
C GLY C 240 -5.46 22.83 82.98
N PHE C 241 -6.49 23.67 83.03
CA PHE C 241 -6.34 25.03 83.55
C PHE C 241 -5.16 25.67 82.86
N ILE C 242 -5.14 25.57 81.53
CA ILE C 242 -4.09 26.21 80.71
C ILE C 242 -4.44 27.70 80.56
N VAL C 243 -3.51 28.55 81.00
CA VAL C 243 -3.65 29.99 80.87
C VAL C 243 -2.71 30.42 79.76
N PRO C 244 -3.26 31.02 78.69
CA PRO C 244 -2.42 31.45 77.59
C PRO C 244 -1.49 32.60 77.99
N ALA C 245 -0.37 32.71 77.28
CA ALA C 245 0.57 33.79 77.51
C ALA C 245 -0.10 35.12 77.30
N GLU C 246 0.35 36.12 78.04
CA GLU C 246 -0.19 37.48 77.91
C GLU C 246 -0.08 37.92 76.46
N GLY C 247 -1.13 38.50 75.94
CA GLY C 247 -1.11 39.02 74.58
C GLY C 247 -1.72 38.12 73.50
N PHE C 248 -1.96 36.86 73.85
CA PHE C 248 -2.58 35.88 72.96
C PHE C 248 -4.06 36.22 72.71
N LEU C 249 -4.86 36.28 73.78
CA LEU C 249 -6.30 36.55 73.62
C LEU C 249 -6.61 37.88 72.91
N PRO C 250 -5.94 38.96 73.30
CA PRO C 250 -6.24 40.23 72.58
C PRO C 250 -5.88 40.15 71.09
N ALA C 251 -4.79 39.49 70.76
CA ALA C 251 -4.38 39.32 69.36
C ALA C 251 -5.49 38.61 68.58
N LEU C 252 -6.01 37.52 69.12
CA LEU C 252 -7.09 36.81 68.47
C LEU C 252 -8.31 37.68 68.37
N SER C 253 -8.56 38.45 69.40
CA SER C 253 -9.76 39.27 69.39
C SER C 253 -9.68 40.31 68.30
N GLU C 254 -8.52 40.95 68.21
CA GLU C 254 -8.29 42.08 67.28
C GLU C 254 -8.42 41.56 65.85
N TRP C 255 -7.81 40.42 65.60
CA TRP C 255 -7.87 39.80 64.27
C TRP C 255 -9.27 39.36 63.89
N ALA C 256 -10.01 38.79 64.84
CA ALA C 256 -11.38 38.41 64.58
C ALA C 256 -12.16 39.62 64.16
N LYS C 257 -12.00 40.73 64.86
CA LYS C 257 -12.74 41.95 64.52
C LYS C 257 -12.41 42.38 63.12
N GLU C 258 -11.14 42.33 62.77
CA GLU C 258 -10.76 42.72 61.45
C GLU C 258 -11.38 41.86 60.38
N LYS C 259 -11.48 40.56 60.60
CA LYS C 259 -11.92 39.67 59.54
C LYS C 259 -13.41 39.40 59.60
N GLY C 260 -14.12 40.05 60.51
CA GLY C 260 -15.57 39.82 60.63
C GLY C 260 -15.99 38.52 61.26
N ILE C 261 -15.09 37.94 62.04
CA ILE C 261 -15.28 36.64 62.67
C ILE C 261 -15.82 36.85 64.08
N VAL C 262 -16.87 36.13 64.45
CA VAL C 262 -17.42 36.23 65.84
C VAL C 262 -16.44 35.60 66.81
N PHE C 263 -16.03 36.35 67.83
CA PHE C 263 -15.12 35.81 68.85
C PHE C 263 -15.95 35.38 70.05
N ILE C 264 -16.00 34.08 70.28
CA ILE C 264 -16.80 33.51 71.38
C ILE C 264 -15.88 33.14 72.54
N ALA C 265 -16.08 33.76 73.69
CA ALA C 265 -15.34 33.33 74.90
C ALA C 265 -16.22 32.31 75.61
N ASP C 266 -15.69 31.13 75.86
CA ASP C 266 -16.45 30.14 76.61
C ASP C 266 -16.11 30.26 78.08
N GLU C 267 -16.99 30.94 78.81
CA GLU C 267 -16.74 31.25 80.21
C GLU C 267 -17.63 30.39 81.12
N VAL C 268 -17.94 29.19 80.66
CA VAL C 268 -18.85 28.31 81.37
C VAL C 268 -18.23 27.90 82.71
N GLN C 269 -16.96 27.53 82.68
CA GLN C 269 -16.26 27.17 83.90
C GLN C 269 -15.62 28.41 84.60
N SER C 270 -15.12 29.37 83.82
CA SER C 270 -14.32 30.47 84.36
C SER C 270 -15.16 31.66 84.76
N GLY C 271 -16.41 31.67 84.37
CA GLY C 271 -17.26 32.85 84.59
C GLY C 271 -17.82 33.00 86.00
N PHE C 272 -18.34 34.18 86.28
CA PHE C 272 -18.93 34.54 87.59
C PHE C 272 -17.99 34.46 88.80
N CYS C 273 -16.97 35.33 88.79
CA CYS C 273 -16.09 35.59 89.96
C CYS C 273 -15.03 34.51 90.19
N ARG C 274 -15.18 33.37 89.51
CA ARG C 274 -14.30 32.23 89.73
C ARG C 274 -12.83 32.61 89.68
N THR C 275 -12.46 33.52 88.78
CA THR C 275 -11.04 33.82 88.56
C THR C 275 -10.59 35.11 89.27
N GLY C 276 -11.49 35.73 90.03
CA GLY C 276 -11.16 36.96 90.73
C GLY C 276 -11.74 38.18 90.04
N GLU C 277 -12.19 38.01 88.80
CA GLU C 277 -12.98 39.03 88.10
C GLU C 277 -14.29 38.43 87.72
N TRP C 278 -15.25 39.26 87.35
CA TRP C 278 -16.52 38.74 86.87
C TRP C 278 -16.36 37.71 85.78
N PHE C 279 -15.49 37.99 84.81
CA PHE C 279 -15.14 37.01 83.78
C PHE C 279 -13.66 36.97 83.52
N ALA C 280 -13.18 35.80 83.15
CA ALA C 280 -11.75 35.57 82.99
C ALA C 280 -11.15 36.48 81.93
N VAL C 281 -11.94 36.86 80.94
CA VAL C 281 -11.47 37.79 79.91
C VAL C 281 -11.11 39.16 80.50
N ASP C 282 -11.70 39.50 81.65
CA ASP C 282 -11.46 40.81 82.30
C ASP C 282 -9.99 40.96 82.78
N HIS C 283 -9.30 39.86 83.04
CA HIS C 283 -7.88 39.95 83.33
C HIS C 283 -7.14 40.72 82.29
N GLU C 284 -7.44 40.51 81.02
CA GLU C 284 -6.73 41.22 79.93
C GLU C 284 -7.60 42.26 79.22
N GLY C 285 -8.80 42.50 79.73
CA GLY C 285 -9.71 43.43 79.09
C GLY C 285 -10.14 43.08 77.67
N VAL C 286 -10.13 41.79 77.33
CA VAL C 286 -10.75 41.32 76.10
C VAL C 286 -12.29 41.43 76.20
N VAL C 287 -12.90 41.98 75.14
CA VAL C 287 -14.36 42.11 75.03
C VAL C 287 -14.89 41.20 73.92
N PRO C 288 -15.41 40.03 74.27
CA PRO C 288 -15.88 39.05 73.28
C PRO C 288 -17.15 39.49 72.59
N ASP C 289 -17.39 38.94 71.40
CA ASP C 289 -18.62 39.20 70.60
C ASP C 289 -19.78 38.40 71.15
N ILE C 290 -19.51 37.18 71.60
CA ILE C 290 -20.47 36.45 72.39
C ILE C 290 -19.75 35.77 73.53
N ILE C 291 -20.41 35.67 74.68
CA ILE C 291 -19.85 34.86 75.75
C ILE C 291 -20.84 33.81 76.25
N THR C 292 -20.34 32.58 76.42
CA THR C 292 -21.18 31.44 76.85
C THR C 292 -21.00 31.21 78.34
N MET C 293 -22.13 31.01 79.03
CA MET C 293 -22.14 30.88 80.48
C MET C 293 -23.02 29.74 80.92
N ALA C 294 -22.61 29.11 82.02
CA ALA C 294 -23.48 28.18 82.78
C ALA C 294 -22.93 28.03 84.22
N LYS C 295 -22.94 26.81 84.76
CA LYS C 295 -22.33 26.49 86.04
C LYS C 295 -22.66 27.48 87.18
N GLY C 296 -21.75 28.40 87.48
CA GLY C 296 -21.93 29.32 88.58
C GLY C 296 -23.13 30.26 88.54
N ILE C 297 -23.61 30.51 87.34
CA ILE C 297 -24.69 31.46 87.11
C ILE C 297 -25.87 31.32 88.06
N ALA C 298 -26.29 30.09 88.39
CA ALA C 298 -27.55 29.93 89.16
C ALA C 298 -27.37 29.04 90.39
N GLY C 299 -26.19 29.12 91.00
CA GLY C 299 -25.96 28.53 92.31
C GLY C 299 -26.32 27.07 92.40
N GLY C 300 -26.24 26.37 91.28
CA GLY C 300 -26.48 24.94 91.26
C GLY C 300 -27.73 24.54 90.50
N LEU C 301 -28.66 25.47 90.29
CA LEU C 301 -29.81 25.15 89.45
C LEU C 301 -29.38 25.13 87.96
N PRO C 302 -30.09 24.38 87.14
CA PRO C 302 -29.70 24.25 85.74
C PRO C 302 -30.11 25.46 84.89
N LEU C 303 -29.12 26.29 84.57
CA LEU C 303 -29.34 27.45 83.74
C LEU C 303 -28.05 27.73 83.02
N SER C 304 -28.18 28.25 81.80
CA SER C 304 -27.04 28.62 80.97
C SER C 304 -27.45 29.78 80.10
N ALA C 305 -26.47 30.45 79.50
CA ALA C 305 -26.80 31.65 78.74
C ALA C 305 -25.76 31.95 77.68
N ILE C 306 -26.20 32.67 76.63
CA ILE C 306 -25.27 33.41 75.78
C ILE C 306 -25.62 34.91 75.90
N THR C 307 -24.61 35.76 76.02
CA THR C 307 -24.80 37.18 75.95
C THR C 307 -23.81 37.69 74.94
N GLY C 308 -24.29 38.44 73.95
CA GLY C 308 -23.41 38.99 72.90
C GLY C 308 -23.95 40.23 72.19
N ARG C 309 -23.17 40.75 71.24
CA ARG C 309 -23.55 41.91 70.48
C ARG C 309 -25.00 41.84 70.00
N ALA C 310 -25.73 42.92 70.20
CA ALA C 310 -27.13 42.96 69.81
C ALA C 310 -27.27 42.69 68.34
N ASP C 311 -26.37 43.25 67.54
CA ASP C 311 -26.50 43.07 66.04
C ASP C 311 -26.35 41.60 65.63
N LEU C 312 -25.54 40.84 66.34
CA LEU C 312 -25.42 39.42 66.08
C LEU C 312 -26.67 38.69 66.54
N LEU C 313 -26.98 38.78 67.83
CA LEU C 313 -28.12 38.05 68.36
C LEU C 313 -29.46 38.44 67.72
N ASP C 314 -29.64 39.72 67.44
CA ASP C 314 -30.92 40.15 66.84
C ASP C 314 -31.03 39.73 65.38
N ALA C 315 -29.92 39.32 64.75
CA ALA C 315 -29.94 38.85 63.37
C ALA C 315 -30.77 37.52 63.24
N VAL C 316 -30.87 36.73 64.31
CA VAL C 316 -31.55 35.46 64.22
C VAL C 316 -33.05 35.68 64.07
N HIS C 317 -33.64 35.00 63.11
CA HIS C 317 -35.06 35.08 62.81
C HIS C 317 -35.93 34.63 63.99
N PRO C 318 -37.19 35.06 64.03
CA PRO C 318 -38.09 34.67 65.10
C PRO C 318 -38.16 33.18 65.28
N GLY C 319 -38.00 32.73 66.54
CA GLY C 319 -38.11 31.32 66.90
C GLY C 319 -36.93 30.45 66.52
N GLY C 320 -35.85 31.07 66.07
CA GLY C 320 -34.66 30.34 65.66
C GLY C 320 -33.82 29.82 66.82
N LEU C 321 -33.82 30.55 67.93
CA LEU C 321 -33.17 30.06 69.16
C LEU C 321 -34.22 29.75 70.23
N GLY C 322 -34.04 28.66 70.97
CA GLY C 322 -34.90 28.35 72.11
C GLY C 322 -34.75 26.94 72.68
N GLY C 323 -35.89 26.38 73.08
CA GLY C 323 -35.93 25.15 73.89
C GLY C 323 -37.10 25.20 74.88
N THR C 324 -37.42 24.07 75.50
CA THR C 324 -38.58 23.99 76.41
C THR C 324 -38.29 24.59 77.75
N TYR C 325 -37.35 23.95 78.45
CA TYR C 325 -37.00 24.35 79.85
C TYR C 325 -36.26 25.69 79.96
N GLY C 326 -35.56 26.08 78.89
CA GLY C 326 -34.59 27.17 78.94
C GLY C 326 -35.03 28.42 79.68
N GLY C 327 -34.17 28.90 80.58
CA GLY C 327 -34.49 30.08 81.40
C GLY C 327 -35.57 29.76 82.39
N ASN C 328 -35.46 28.58 82.98
CA ASN C 328 -36.48 28.14 83.93
C ASN C 328 -36.61 29.11 85.10
N PRO C 329 -37.85 29.44 85.52
CA PRO C 329 -38.12 30.49 86.49
C PRO C 329 -37.53 30.21 87.86
N VAL C 330 -37.51 28.95 88.27
CA VAL C 330 -36.92 28.60 89.56
C VAL C 330 -35.40 28.80 89.45
N ALA C 331 -34.84 28.37 88.32
CA ALA C 331 -33.40 28.56 88.03
C ALA C 331 -33.04 30.05 87.94
N CYS C 332 -33.93 30.84 87.36
CA CYS C 332 -33.73 32.29 87.28
C CYS C 332 -33.72 32.94 88.68
N ALA C 333 -34.70 32.58 89.52
CA ALA C 333 -34.74 33.07 90.89
C ALA C 333 -33.40 32.72 91.56
N ALA C 334 -32.95 31.48 91.37
CA ALA C 334 -31.66 31.08 91.93
C ALA C 334 -30.54 31.99 91.42
N ALA C 335 -30.57 32.32 90.13
CA ALA C 335 -29.50 33.08 89.55
C ALA C 335 -29.45 34.50 90.12
N LEU C 336 -30.61 35.16 90.15
CA LEU C 336 -30.69 36.52 90.66
C LEU C 336 -30.13 36.58 92.09
N ALA C 337 -30.52 35.59 92.90
CA ALA C 337 -29.97 35.46 94.25
C ALA C 337 -28.47 35.21 94.23
N ALA C 338 -28.02 34.30 93.36
CA ALA C 338 -26.59 33.92 93.32
C ALA C 338 -25.74 35.13 92.97
N ILE C 339 -26.17 35.87 91.95
CA ILE C 339 -25.45 37.05 91.50
C ILE C 339 -25.46 38.07 92.64
N ASP C 340 -26.60 38.20 93.30
CA ASP C 340 -26.71 39.10 94.43
C ASP C 340 -25.71 38.76 95.54
N THR C 341 -25.60 37.49 95.88
CA THR C 341 -24.60 37.05 96.84
C THR C 341 -23.18 37.34 96.37
N MET C 342 -22.91 37.16 95.08
CA MET C 342 -21.57 37.45 94.54
C MET C 342 -21.17 38.91 94.81
N GLU C 343 -22.13 39.81 94.66
CA GLU C 343 -21.91 41.23 94.90
C GLU C 343 -21.85 41.55 96.40
N GLN C 344 -22.92 41.25 97.13
CA GLN C 344 -22.98 41.55 98.56
C GLN C 344 -21.75 41.07 99.33
N HIS C 345 -21.28 39.88 99.05
CA HIS C 345 -20.14 39.31 99.77
C HIS C 345 -18.82 39.42 99.02
N ASP C 346 -18.77 40.25 97.96
CA ASP C 346 -17.53 40.47 97.20
C ASP C 346 -16.77 39.17 96.89
N LEU C 347 -17.43 38.25 96.18
CA LEU C 347 -16.77 36.98 95.90
C LEU C 347 -15.56 37.14 94.96
N ASN C 348 -15.57 38.19 94.13
CA ASN C 348 -14.35 38.50 93.36
C ASN C 348 -13.18 38.65 94.31
N GLY C 349 -13.39 39.44 95.37
CA GLY C 349 -12.38 39.62 96.42
C GLY C 349 -12.02 38.33 97.13
N ARG C 350 -13.03 37.54 97.44
CA ARG C 350 -12.79 36.27 98.11
C ARG C 350 -11.93 35.39 97.22
N ALA C 351 -12.20 35.44 95.92
CA ALA C 351 -11.44 34.61 94.93
C ALA C 351 -10.00 35.06 94.90
N ARG C 352 -9.78 36.36 94.90
CA ARG C 352 -8.44 36.89 94.87
C ARG C 352 -7.67 36.52 96.12
N HIS C 353 -8.37 36.51 97.25
CA HIS C 353 -7.78 36.12 98.51
C HIS C 353 -7.40 34.65 98.51
N ILE C 354 -8.29 33.81 98.00
CA ILE C 354 -8.00 32.38 97.81
C ILE C 354 -6.75 32.15 96.96
N GLU C 355 -6.61 32.92 95.88
CA GLU C 355 -5.43 32.82 95.02
C GLU C 355 -4.16 33.03 95.85
N GLU C 356 -4.16 34.07 96.69
CA GLU C 356 -3.00 34.44 97.47
C GLU C 356 -2.64 33.29 98.42
N LEU C 357 -3.63 32.82 99.20
CA LEU C 357 -3.45 31.71 100.14
C LEU C 357 -2.95 30.48 99.46
N ALA C 358 -3.64 30.09 98.40
CA ALA C 358 -3.39 28.79 97.76
C ALA C 358 -2.10 28.75 96.99
N LEU C 359 -1.84 29.80 96.21
CA LEU C 359 -0.58 29.87 95.47
C LEU C 359 0.58 29.96 96.43
N GLY C 360 0.36 30.63 97.57
CA GLY C 360 1.34 30.63 98.64
C GLY C 360 1.73 29.21 99.04
N LYS C 361 0.75 28.42 99.47
CA LYS C 361 1.02 27.11 100.04
C LYS C 361 1.59 26.21 98.96
N LEU C 362 1.09 26.36 97.74
CA LEU C 362 1.54 25.52 96.64
C LEU C 362 2.98 25.85 96.26
N ARG C 363 3.34 27.12 96.28
CA ARG C 363 4.74 27.48 95.99
C ARG C 363 5.72 27.05 97.08
N GLU C 364 5.27 27.07 98.34
CA GLU C 364 6.08 26.52 99.43
C GLU C 364 6.41 25.07 99.13
N LEU C 365 5.38 24.32 98.76
CA LEU C 365 5.56 22.93 98.39
C LEU C 365 6.55 22.80 97.25
N ALA C 366 6.42 23.64 96.22
CA ALA C 366 7.34 23.53 95.07
C ALA C 366 8.79 23.63 95.55
N ALA C 367 9.03 24.49 96.53
CA ALA C 367 10.41 24.77 97.00
C ALA C 367 11.05 23.56 97.80
N GLU C 368 10.21 22.77 98.45
CA GLU C 368 10.71 21.58 99.11
C GLU C 368 11.12 20.43 98.14
N LEU C 369 10.46 20.30 96.95
CA LEU C 369 10.60 19.08 96.05
C LEU C 369 11.70 19.22 95.00
N SER C 375 12.12 16.27 91.46
CA SER C 375 10.98 17.18 91.63
C SER C 375 9.82 16.85 90.71
N VAL C 376 8.65 16.89 91.29
CA VAL C 376 7.46 16.33 90.73
C VAL C 376 6.46 17.47 90.38
N VAL C 377 6.73 18.69 90.83
CA VAL C 377 5.82 19.82 90.55
C VAL C 377 6.31 20.55 89.33
N GLY C 378 5.63 20.32 88.21
CA GLY C 378 5.97 20.92 86.94
C GLY C 378 5.58 22.38 86.80
N ASP C 379 4.36 22.72 87.18
CA ASP C 379 3.84 24.07 86.88
C ASP C 379 2.65 24.39 87.76
N ILE C 380 2.62 25.61 88.31
CA ILE C 380 1.54 26.09 89.11
C ILE C 380 0.97 27.28 88.37
N ARG C 381 -0.34 27.32 88.23
CA ARG C 381 -0.98 28.32 87.36
C ARG C 381 -2.43 28.45 87.67
N GLY C 382 -3.06 29.47 87.11
CA GLY C 382 -4.45 29.77 87.38
C GLY C 382 -4.63 31.15 87.96
N ARG C 383 -5.87 31.52 88.23
CA ARG C 383 -6.18 32.79 88.83
C ARG C 383 -7.39 32.62 89.70
N GLY C 384 -7.45 33.40 90.78
CA GLY C 384 -8.58 33.34 91.71
C GLY C 384 -8.78 31.98 92.37
N ALA C 385 -10.02 31.49 92.33
CA ALA C 385 -10.39 30.16 92.83
C ALA C 385 -10.40 29.13 91.72
N MET C 386 -9.60 29.35 90.68
CA MET C 386 -9.44 28.40 89.56
C MET C 386 -7.94 28.18 89.34
N LEU C 387 -7.39 27.27 90.11
CA LEU C 387 -5.95 27.14 90.24
C LEU C 387 -5.60 25.70 89.98
N ALA C 388 -4.35 25.45 89.58
CA ALA C 388 -3.94 24.12 89.24
C ALA C 388 -2.45 23.91 89.44
N ILE C 389 -2.09 22.65 89.67
CA ILE C 389 -0.73 22.23 89.74
C ILE C 389 -0.57 21.05 88.79
N GLU C 390 0.35 21.21 87.83
CA GLU C 390 0.58 20.16 86.84
C GLU C 390 1.73 19.31 87.33
N LEU C 391 1.48 18.01 87.49
CA LEU C 391 2.48 17.09 88.05
C LEU C 391 3.25 16.36 86.96
N VAL C 392 4.55 16.26 87.14
CA VAL C 392 5.40 15.63 86.17
C VAL C 392 6.26 14.51 86.78
N GLN C 393 6.88 13.74 85.92
CA GLN C 393 7.82 12.72 86.35
C GLN C 393 9.03 13.44 86.99
N PRO C 394 9.64 12.86 88.03
CA PRO C 394 10.75 13.51 88.76
C PRO C 394 11.92 13.87 87.87
N GLY C 395 12.28 15.15 87.86
CA GLY C 395 13.43 15.62 87.09
C GLY C 395 13.20 15.86 85.60
N SER C 396 12.00 15.58 85.08
CA SER C 396 11.69 15.85 83.67
C SER C 396 10.36 16.56 83.54
N LYS C 397 9.93 16.79 82.30
CA LYS C 397 8.63 17.37 82.01
C LYS C 397 7.59 16.31 81.62
N GLU C 398 7.95 15.02 81.60
CA GLU C 398 7.00 13.97 81.22
C GLU C 398 5.82 14.01 82.17
N PRO C 399 4.62 13.72 81.68
CA PRO C 399 3.45 13.81 82.55
C PRO C 399 3.46 12.73 83.59
N ASN C 400 2.79 12.99 84.70
CA ASN C 400 2.65 12.03 85.80
C ASN C 400 1.18 11.83 86.19
N ALA C 401 0.44 11.10 85.35
CA ALA C 401 -0.97 10.77 85.64
C ALA C 401 -1.07 9.83 86.83
N GLU C 402 -0.09 8.93 86.96
CA GLU C 402 -0.08 7.95 88.04
C GLU C 402 -0.10 8.65 89.41
N LEU C 403 0.83 9.58 89.60
CA LEU C 403 0.90 10.34 90.83
C LEU C 403 -0.38 11.14 91.03
N THR C 404 -0.95 11.62 89.94
CA THR C 404 -2.14 12.48 90.00
C THR C 404 -3.34 11.71 90.51
N LYS C 405 -3.57 10.52 89.99
CA LYS C 405 -4.65 9.64 90.48
C LYS C 405 -4.41 9.26 91.94
N ALA C 406 -3.17 8.88 92.23
CA ALA C 406 -2.75 8.55 93.56
C ALA C 406 -3.10 9.68 94.56
N VAL C 407 -2.71 10.92 94.22
CA VAL C 407 -2.87 12.03 95.13
C VAL C 407 -4.36 12.31 95.38
N ALA C 408 -5.16 12.21 94.33
CA ALA C 408 -6.62 12.39 94.45
C ALA C 408 -7.20 11.36 95.41
N ALA C 409 -6.83 10.09 95.22
CA ALA C 409 -7.27 9.02 96.11
C ALA C 409 -6.80 9.28 97.55
N ALA C 410 -5.53 9.65 97.72
CA ALA C 410 -4.99 9.95 99.07
C ALA C 410 -5.79 11.04 99.75
N CYS C 411 -6.12 12.09 99.00
CA CYS C 411 -6.85 13.21 99.56
C CYS C 411 -8.23 12.76 99.98
N LEU C 412 -8.85 11.95 99.15
CA LEU C 412 -10.19 11.43 99.45
C LEU C 412 -10.13 10.63 100.76
N LYS C 413 -9.09 9.81 100.91
CA LYS C 413 -8.93 8.99 102.10
C LYS C 413 -8.91 9.82 103.36
N GLU C 414 -8.26 10.97 103.30
CA GLU C 414 -8.19 11.89 104.45
C GLU C 414 -9.41 12.80 104.58
N GLY C 415 -10.39 12.66 103.71
CA GLY C 415 -11.60 13.50 103.79
C GLY C 415 -11.57 14.81 103.02
N VAL C 416 -10.76 14.84 101.95
CA VAL C 416 -10.71 15.99 101.05
C VAL C 416 -11.07 15.54 99.63
N ILE C 417 -12.18 16.08 99.10
CA ILE C 417 -12.61 15.79 97.74
C ILE C 417 -11.96 16.79 96.81
N ILE C 418 -11.05 16.32 95.97
CA ILE C 418 -10.32 17.20 95.04
C ILE C 418 -10.44 16.65 93.62
N LEU C 419 -10.54 17.51 92.62
CA LEU C 419 -10.68 17.05 91.23
C LEU C 419 -9.36 17.03 90.44
N THR C 420 -9.33 16.23 89.39
CA THR C 420 -8.21 16.20 88.48
C THR C 420 -8.70 16.59 87.08
N CYS C 421 -7.75 16.79 86.16
CA CYS C 421 -8.07 17.09 84.77
C CYS C 421 -6.80 17.06 83.94
N GLY C 422 -6.90 17.53 82.70
CA GLY C 422 -5.75 17.65 81.81
C GLY C 422 -5.75 16.69 80.62
N THR C 423 -5.28 17.20 79.48
CA THR C 423 -5.05 16.38 78.30
C THR C 423 -4.26 15.15 78.62
N TYR C 424 -3.23 15.29 79.46
CA TYR C 424 -2.38 14.17 79.82
C TYR C 424 -2.71 13.53 81.17
N GLY C 425 -3.86 13.90 81.74
CA GLY C 425 -4.35 13.31 82.99
C GLY C 425 -3.57 13.64 84.26
N ASN C 426 -2.77 14.69 84.21
CA ASN C 426 -1.75 14.95 85.21
C ASN C 426 -1.86 16.33 85.85
N VAL C 427 -3.06 16.83 86.01
CA VAL C 427 -3.25 18.12 86.65
C VAL C 427 -4.26 18.03 87.78
N ILE C 428 -3.84 18.50 88.94
CA ILE C 428 -4.73 18.68 90.07
C ILE C 428 -5.27 20.07 89.97
N ARG C 429 -6.59 20.18 90.07
CA ARG C 429 -7.23 21.46 90.02
C ARG C 429 -7.99 21.79 91.32
N LEU C 430 -7.84 23.04 91.76
CA LEU C 430 -8.53 23.55 92.91
C LEU C 430 -9.69 24.38 92.42
N LEU C 431 -10.90 23.93 92.71
CA LEU C 431 -12.12 24.67 92.42
C LEU C 431 -12.99 24.73 93.66
N PRO C 432 -12.47 25.32 94.72
CA PRO C 432 -13.26 25.45 95.90
C PRO C 432 -14.40 26.39 95.70
N PRO C 433 -15.45 26.24 96.49
CA PRO C 433 -16.45 27.28 96.49
C PRO C 433 -15.83 28.55 97.03
N LEU C 434 -16.26 29.68 96.52
CA LEU C 434 -15.68 30.96 96.85
C LEU C 434 -16.02 31.38 98.27
N VAL C 435 -17.09 30.84 98.82
CA VAL C 435 -17.48 31.10 100.21
C VAL C 435 -16.73 30.22 101.24
N ILE C 436 -15.69 29.49 100.82
CA ILE C 436 -14.91 28.66 101.74
C ILE C 436 -14.15 29.52 102.78
N SER C 437 -14.00 29.01 103.99
CA SER C 437 -13.26 29.72 105.04
C SER C 437 -11.77 29.51 104.83
N ASP C 438 -10.97 30.49 105.21
CA ASP C 438 -9.52 30.34 105.22
C ASP C 438 -9.08 29.06 105.95
N GLU C 439 -9.70 28.79 107.09
CA GLU C 439 -9.31 27.65 107.92
C GLU C 439 -9.44 26.36 107.12
N LEU C 440 -10.63 26.15 106.56
CA LEU C 440 -10.89 24.94 105.79
C LEU C 440 -9.99 24.80 104.56
N LEU C 441 -9.82 25.91 103.85
CA LEU C 441 -8.98 25.92 102.66
C LEU C 441 -7.56 25.51 103.04
N ILE C 442 -7.04 26.09 104.11
CA ILE C 442 -5.67 25.74 104.56
C ILE C 442 -5.59 24.26 104.93
N ASP C 443 -6.63 23.76 105.58
CA ASP C 443 -6.64 22.37 106.01
C ASP C 443 -6.54 21.50 104.76
N GLY C 444 -7.42 21.80 103.80
CA GLY C 444 -7.41 21.09 102.52
C GLY C 444 -6.05 21.11 101.81
N LEU C 445 -5.43 22.28 101.76
CA LEU C 445 -4.12 22.43 101.11
C LEU C 445 -3.06 21.68 101.84
N GLU C 446 -3.15 21.63 103.17
CA GLU C 446 -2.20 20.82 103.96
C GLU C 446 -2.34 19.34 103.59
N VAL C 447 -3.58 18.86 103.53
CA VAL C 447 -3.81 17.46 103.13
C VAL C 447 -3.25 17.16 101.76
N LEU C 448 -3.49 18.09 100.84
CA LEU C 448 -3.01 17.95 99.45
C LEU C 448 -1.49 17.90 99.43
N ALA C 449 -0.87 18.89 100.06
CA ALA C 449 0.61 18.93 100.14
C ALA C 449 1.17 17.64 100.75
N ALA C 450 0.54 17.16 101.83
CA ALA C 450 1.00 15.92 102.47
C ALA C 450 0.93 14.78 101.45
N ALA C 451 -0.21 14.68 100.72
CA ALA C 451 -0.44 13.62 99.73
C ALA C 451 0.62 13.60 98.62
N ILE C 452 0.97 14.78 98.12
CA ILE C 452 1.97 14.85 97.04
C ILE C 452 3.30 14.37 97.57
N LYS C 453 3.71 14.85 98.75
CA LYS C 453 4.98 14.41 99.37
C LYS C 453 4.97 12.90 99.60
N ALA C 454 3.84 12.38 100.07
CA ALA C 454 3.73 10.94 100.33
C ALA C 454 3.94 10.06 99.09
N HIS C 455 3.53 10.54 97.90
CA HIS C 455 3.73 9.80 96.64
C HIS C 455 4.48 10.71 95.65
N SER D 9 -58.70 19.76 94.26
CA SER D 9 -58.29 20.95 95.13
C SER D 9 -57.21 21.83 94.47
N TYR D 10 -57.49 23.11 94.24
CA TYR D 10 -56.51 24.03 93.62
C TYR D 10 -56.16 25.21 94.53
N ARG D 11 -55.20 26.03 94.10
CA ARG D 11 -54.68 27.14 94.90
C ARG D 11 -55.26 28.48 94.44
N ILE D 12 -55.42 28.66 93.14
CA ILE D 12 -55.97 29.90 92.60
C ILE D 12 -57.30 29.59 91.91
N GLU D 13 -58.19 30.57 91.88
CA GLU D 13 -59.52 30.34 91.37
C GLU D 13 -59.46 29.82 89.94
N GLN D 14 -60.12 28.70 89.71
CA GLN D 14 -60.11 28.05 88.41
C GLN D 14 -61.23 28.53 87.52
N LYS D 15 -61.22 29.83 87.19
CA LYS D 15 -62.20 30.38 86.26
C LYS D 15 -61.52 31.37 85.32
N ARG D 16 -61.96 31.37 84.07
CA ARG D 16 -61.49 32.33 83.09
C ARG D 16 -61.98 33.72 83.45
N ASN D 17 -61.07 34.68 83.50
CA ASN D 17 -61.45 36.04 83.90
C ASN D 17 -60.53 37.12 83.30
N ILE D 18 -61.00 37.79 82.27
CA ILE D 18 -60.23 38.87 81.66
C ILE D 18 -60.83 40.23 82.05
N ASN D 19 -60.04 41.00 82.81
CA ASN D 19 -60.41 42.36 83.22
C ASN D 19 -59.91 43.42 82.28
N GLY D 20 -60.65 43.66 81.19
CA GLY D 20 -60.31 44.73 80.27
C GLY D 20 -59.20 44.37 79.31
N ALA D 21 -58.54 45.38 78.76
CA ALA D 21 -57.58 45.19 77.71
C ALA D 21 -56.26 44.66 78.26
N PHE D 22 -55.59 43.84 77.47
CA PHE D 22 -54.26 43.37 77.79
C PHE D 22 -53.39 43.38 76.51
N PRO D 23 -52.07 43.44 76.66
CA PRO D 23 -51.33 43.44 77.94
C PRO D 23 -51.68 44.63 78.80
N GLY D 24 -51.82 44.39 80.10
CA GLY D 24 -52.02 45.45 81.05
C GLY D 24 -50.72 46.20 81.37
N PRO D 25 -50.81 47.23 82.23
CA PRO D 25 -49.67 48.11 82.50
C PRO D 25 -48.41 47.39 82.98
N LYS D 26 -48.56 46.42 83.87
CA LYS D 26 -47.39 45.73 84.42
C LYS D 26 -46.74 44.81 83.41
N SER D 27 -47.56 44.17 82.58
CA SER D 27 -47.07 43.40 81.45
C SER D 27 -46.35 44.27 80.44
N GLN D 28 -46.97 45.39 80.04
CA GLN D 28 -46.31 46.35 79.17
C GLN D 28 -44.97 46.79 79.73
N ALA D 29 -44.90 47.04 81.03
CA ALA D 29 -43.63 47.47 81.63
C ALA D 29 -42.55 46.43 81.41
N LEU D 30 -42.92 45.15 81.54
CA LEU D 30 -41.96 44.06 81.41
C LEU D 30 -41.51 43.94 79.94
N ALA D 31 -42.46 44.02 79.00
CA ALA D 31 -42.14 44.03 77.59
C ALA D 31 -41.09 45.11 77.27
N GLU D 32 -41.29 46.30 77.82
CA GLU D 32 -40.34 47.39 77.57
C GLU D 32 -38.96 47.01 78.07
N ARG D 33 -38.89 46.44 79.27
CA ARG D 33 -37.61 46.05 79.83
C ARG D 33 -36.96 44.95 78.95
N ARG D 34 -37.79 43.99 78.53
CA ARG D 34 -37.39 42.87 77.72
C ARG D 34 -36.69 43.24 76.41
N SER D 35 -37.26 44.20 75.68
CA SER D 35 -36.74 44.53 74.37
C SER D 35 -35.37 45.18 74.43
N ALA D 36 -34.96 45.63 75.60
CA ALA D 36 -33.60 46.14 75.75
C ALA D 36 -32.55 45.06 75.96
N VAL D 37 -32.98 43.89 76.40
CA VAL D 37 -32.01 42.90 76.92
C VAL D 37 -32.10 41.47 76.38
N VAL D 38 -33.28 41.07 75.87
CA VAL D 38 -33.48 39.73 75.31
C VAL D 38 -33.43 39.78 73.80
N ALA D 39 -32.78 38.80 73.17
CA ALA D 39 -32.61 38.81 71.72
C ALA D 39 -33.96 38.95 70.99
N ALA D 40 -33.99 39.79 69.96
CA ALA D 40 -35.24 40.16 69.26
C ALA D 40 -35.99 38.95 68.72
N GLY D 41 -35.25 37.95 68.28
CA GLY D 41 -35.86 36.76 67.71
C GLY D 41 -36.60 35.91 68.71
N VAL D 42 -36.24 36.01 69.99
CA VAL D 42 -36.88 35.21 71.05
C VAL D 42 -38.25 35.85 71.35
N ALA D 43 -39.28 35.38 70.65
CA ALA D 43 -40.64 35.95 70.71
C ALA D 43 -41.48 35.03 71.57
N SER D 44 -42.58 35.56 72.12
CA SER D 44 -43.48 34.71 72.90
C SER D 44 -44.83 34.73 72.28
N GLY D 45 -45.51 33.59 72.28
CA GLY D 45 -46.84 33.49 71.68
C GLY D 45 -47.91 34.30 72.41
N VAL D 46 -47.62 34.65 73.68
CA VAL D 46 -48.55 35.32 74.55
C VAL D 46 -47.91 36.63 75.06
N PRO D 47 -48.65 37.75 74.99
CA PRO D 47 -48.07 39.03 75.37
C PRO D 47 -48.18 39.39 76.85
N VAL D 48 -48.79 38.52 77.67
CA VAL D 48 -48.98 38.81 79.12
C VAL D 48 -47.99 37.98 79.93
N TYR D 49 -47.58 38.50 81.09
CA TYR D 49 -46.49 37.89 81.87
C TYR D 49 -47.06 37.15 83.09
N VAL D 50 -46.66 35.90 83.29
CA VAL D 50 -47.19 35.10 84.38
C VAL D 50 -46.72 35.59 85.74
N GLU D 51 -47.62 35.50 86.72
CA GLU D 51 -47.30 35.62 88.13
C GLU D 51 -47.55 34.31 88.87
N ASP D 52 -48.65 33.63 88.53
CA ASP D 52 -48.96 32.32 89.09
C ASP D 52 -49.53 31.44 88.01
N ALA D 53 -49.18 30.17 88.03
CA ALA D 53 -49.76 29.16 87.15
C ALA D 53 -50.14 27.96 88.02
N ASP D 54 -51.39 27.52 87.93
CA ASP D 54 -51.90 26.44 88.84
C ASP D 54 -53.15 25.83 88.24
N GLY D 55 -53.27 24.51 88.36
CA GLY D 55 -54.36 23.80 87.75
C GLY D 55 -54.41 24.13 86.27
N GLY D 56 -55.50 24.74 85.83
CA GLY D 56 -55.69 25.09 84.41
C GLY D 56 -55.66 26.58 84.11
N ILE D 57 -55.04 27.36 85.00
CA ILE D 57 -55.04 28.80 84.85
C ILE D 57 -53.62 29.34 84.80
N ILE D 58 -53.42 30.31 83.91
CA ILE D 58 -52.27 31.19 83.95
C ILE D 58 -52.81 32.53 84.35
N ARG D 59 -52.37 33.04 85.51
CA ARG D 59 -52.77 34.38 85.94
C ARG D 59 -51.63 35.36 85.75
N ASP D 60 -51.91 36.47 85.07
CA ASP D 60 -50.84 37.41 84.70
C ASP D 60 -50.60 38.46 85.77
N VAL D 61 -49.54 39.22 85.60
CA VAL D 61 -49.14 40.22 86.59
C VAL D 61 -50.19 41.31 86.80
N ASP D 62 -51.15 41.42 85.88
CA ASP D 62 -52.20 42.41 85.98
C ASP D 62 -53.51 41.77 86.45
N GLY D 63 -53.42 40.57 87.01
CA GLY D 63 -54.60 39.91 87.58
C GLY D 63 -55.56 39.19 86.63
N ASN D 64 -55.23 39.12 85.35
CA ASN D 64 -56.07 38.37 84.40
C ASN D 64 -55.83 36.87 84.51
N SER D 65 -56.90 36.09 84.36
CA SER D 65 -56.78 34.64 84.45
C SER D 65 -57.17 33.99 83.11
N PHE D 66 -56.19 33.34 82.49
CA PHE D 66 -56.36 32.68 81.19
C PHE D 66 -56.52 31.19 81.39
N ILE D 67 -57.31 30.54 80.52
CA ILE D 67 -57.33 29.06 80.48
C ILE D 67 -56.03 28.57 79.79
N ASP D 68 -55.34 27.59 80.40
CA ASP D 68 -54.08 27.07 79.90
C ASP D 68 -54.32 25.78 79.14
N LEU D 69 -54.35 25.86 77.82
CA LEU D 69 -54.52 24.67 76.99
C LEU D 69 -53.18 24.20 76.33
N GLY D 70 -52.05 24.63 76.90
CA GLY D 70 -50.72 24.20 76.41
C GLY D 70 -49.81 23.52 77.41
N SER D 71 -50.10 23.67 78.69
CA SER D 71 -49.23 23.21 79.76
C SER D 71 -47.72 23.42 79.49
N GLY D 72 -47.37 24.59 78.94
CA GLY D 72 -45.96 24.93 78.70
C GLY D 72 -45.29 24.03 77.66
N ILE D 73 -46.08 23.70 76.63
CA ILE D 73 -45.75 22.69 75.62
C ILE D 73 -45.59 21.32 76.26
N ALA D 74 -46.70 20.82 76.81
CA ALA D 74 -46.78 19.47 77.35
C ALA D 74 -45.82 19.21 78.51
N VAL D 75 -45.44 20.23 79.26
CA VAL D 75 -44.53 20.05 80.40
C VAL D 75 -45.25 19.92 81.77
N THR D 76 -46.13 20.86 82.10
CA THR D 76 -46.74 20.88 83.41
C THR D 76 -48.01 20.01 83.44
N SER D 77 -47.84 18.72 83.16
CA SER D 77 -48.98 17.78 83.08
C SER D 77 -49.63 17.62 84.47
N VAL D 78 -48.80 17.59 85.51
CA VAL D 78 -49.28 17.59 86.88
C VAL D 78 -49.72 18.96 87.37
N GLY D 79 -49.67 19.96 86.49
CA GLY D 79 -49.99 21.35 86.86
C GLY D 79 -48.70 22.09 87.13
N ALA D 80 -48.72 23.40 86.86
CA ALA D 80 -47.53 24.25 87.01
C ALA D 80 -47.19 24.55 88.49
N SER D 81 -48.01 24.04 89.42
CA SER D 81 -47.83 24.34 90.83
C SER D 81 -48.33 23.20 91.76
N ASP D 82 -48.05 21.95 91.39
CA ASP D 82 -48.50 20.80 92.18
C ASP D 82 -47.85 20.85 93.56
N PRO D 83 -48.68 20.90 94.63
CA PRO D 83 -48.16 21.08 95.98
C PRO D 83 -47.07 20.07 96.33
N ALA D 84 -47.24 18.83 95.88
CA ALA D 84 -46.24 17.78 96.14
C ALA D 84 -44.87 18.13 95.52
N VAL D 85 -44.89 18.54 94.25
CA VAL D 85 -43.69 18.96 93.55
C VAL D 85 -43.07 20.17 94.25
N VAL D 86 -43.90 21.15 94.56
CA VAL D 86 -43.40 22.34 95.20
C VAL D 86 -42.69 22.02 96.51
N ALA D 87 -43.35 21.21 97.33
CA ALA D 87 -42.85 20.83 98.65
C ALA D 87 -41.54 20.11 98.47
N ALA D 88 -41.52 19.18 97.51
CA ALA D 88 -40.33 18.36 97.30
C ALA D 88 -39.13 19.24 96.87
N VAL D 89 -39.39 20.19 95.97
CA VAL D 89 -38.39 21.14 95.50
C VAL D 89 -37.86 21.98 96.66
N GLN D 90 -38.80 22.53 97.42
CA GLN D 90 -38.47 23.37 98.56
C GLN D 90 -37.59 22.64 99.57
N GLU D 91 -37.97 21.41 99.90
CA GLU D 91 -37.20 20.62 100.87
C GLU D 91 -35.80 20.27 100.32
N ALA D 92 -35.74 19.77 99.07
CA ALA D 92 -34.45 19.31 98.48
C ALA D 92 -33.45 20.48 98.30
N ALA D 93 -33.96 21.65 97.89
CA ALA D 93 -33.12 22.83 97.70
C ALA D 93 -32.38 23.23 98.99
N ALA D 94 -33.03 23.04 100.14
CA ALA D 94 -32.45 23.43 101.42
C ALA D 94 -31.28 22.54 101.86
N HIS D 95 -31.14 21.36 101.26
CA HIS D 95 -30.03 20.46 101.58
C HIS D 95 -28.83 20.69 100.69
N PHE D 96 -29.05 20.70 99.37
CA PHE D 96 -28.01 21.03 98.39
C PHE D 96 -28.65 21.20 97.00
N THR D 97 -28.20 22.22 96.27
CA THR D 97 -28.72 22.52 94.95
C THR D 97 -28.08 21.61 93.90
N HIS D 98 -26.81 21.24 94.11
CA HIS D 98 -26.03 20.53 93.09
C HIS D 98 -24.74 20.06 93.66
N THR D 99 -24.36 18.85 93.33
CA THR D 99 -23.00 18.36 93.56
C THR D 99 -22.30 17.75 92.34
N CYS D 100 -23.06 17.62 91.23
CA CYS D 100 -22.67 16.88 90.02
C CYS D 100 -22.52 15.40 90.30
N PHE D 101 -23.51 14.63 89.88
CA PHE D 101 -23.56 13.19 90.12
C PHE D 101 -22.28 12.49 89.76
N MET D 102 -21.64 12.89 88.67
CA MET D 102 -20.38 12.29 88.25
C MET D 102 -19.26 12.49 89.27
N VAL D 103 -19.42 13.48 90.15
CA VAL D 103 -18.44 13.69 91.21
C VAL D 103 -18.94 13.05 92.51
N THR D 104 -19.95 13.65 93.12
CA THR D 104 -20.51 13.15 94.35
C THR D 104 -21.96 12.79 94.10
N PRO D 105 -22.28 11.50 94.14
CA PRO D 105 -23.62 11.05 93.82
C PRO D 105 -24.60 11.30 94.95
N TYR D 106 -25.88 11.01 94.70
CA TYR D 106 -26.94 11.30 95.63
C TYR D 106 -28.20 10.49 95.32
N GLU D 107 -28.99 10.25 96.34
CA GLU D 107 -30.13 9.33 96.27
C GLU D 107 -31.15 9.73 95.21
N GLY D 108 -31.43 11.02 95.11
CA GLY D 108 -32.42 11.51 94.16
C GLY D 108 -32.24 10.94 92.76
N TYR D 109 -31.00 10.96 92.27
CA TYR D 109 -30.69 10.45 90.96
C TYR D 109 -31.09 8.98 90.88
N VAL D 110 -30.59 8.19 91.83
CA VAL D 110 -30.85 6.74 91.83
C VAL D 110 -32.36 6.45 91.91
N ALA D 111 -33.05 7.19 92.75
CA ALA D 111 -34.47 7.00 92.96
C ALA D 111 -35.25 7.23 91.66
N VAL D 112 -34.93 8.32 90.98
CA VAL D 112 -35.62 8.65 89.75
C VAL D 112 -35.39 7.57 88.75
N THR D 113 -34.16 7.12 88.69
CA THR D 113 -33.78 6.04 87.83
C THR D 113 -34.57 4.76 88.10
N GLU D 114 -34.82 4.47 89.38
CA GLU D 114 -35.64 3.31 89.78
C GLU D 114 -37.07 3.43 89.25
N GLN D 115 -37.65 4.60 89.38
CA GLN D 115 -38.97 4.84 88.85
C GLN D 115 -39.02 4.64 87.33
N LEU D 116 -38.05 5.21 86.61
CA LEU D 116 -38.13 5.15 85.15
C LEU D 116 -37.97 3.72 84.66
N ASN D 117 -37.11 2.96 85.34
CA ASN D 117 -36.94 1.51 85.07
C ASN D 117 -38.27 0.76 85.16
N ARG D 118 -39.04 1.10 86.19
CA ARG D 118 -40.29 0.44 86.47
C ARG D 118 -41.38 0.84 85.49
N LEU D 119 -41.48 2.14 85.17
CA LEU D 119 -42.64 2.67 84.45
C LEU D 119 -42.54 2.53 82.95
N THR D 120 -41.33 2.33 82.43
CA THR D 120 -41.12 2.23 81.00
C THR D 120 -41.52 0.83 80.56
N PRO D 121 -41.88 0.66 79.27
CA PRO D 121 -42.32 -0.63 78.78
C PRO D 121 -41.21 -1.67 78.76
N GLY D 122 -41.62 -2.92 78.71
CA GLY D 122 -40.71 -4.06 78.71
C GLY D 122 -40.31 -4.53 80.09
N ASP D 123 -40.08 -5.83 80.23
CA ASP D 123 -39.67 -6.48 81.50
C ASP D 123 -38.21 -6.92 81.47
N HIS D 124 -37.50 -6.58 80.41
CA HIS D 124 -36.08 -6.91 80.26
C HIS D 124 -35.22 -6.01 81.12
N ALA D 125 -33.94 -6.32 81.23
CA ALA D 125 -33.01 -5.50 82.02
C ALA D 125 -32.87 -4.12 81.37
N LYS D 126 -33.12 -3.07 82.14
CA LYS D 126 -32.98 -1.72 81.63
C LYS D 126 -32.07 -0.88 82.53
N ARG D 127 -31.46 0.16 81.95
CA ARG D 127 -30.69 1.15 82.72
C ARG D 127 -31.05 2.54 82.24
N THR D 128 -30.66 3.54 83.03
CA THR D 128 -31.04 4.92 82.76
C THR D 128 -29.85 5.86 82.99
N VAL D 129 -29.78 6.95 82.21
CA VAL D 129 -28.92 8.10 82.53
C VAL D 129 -29.76 9.34 82.42
N LEU D 130 -29.42 10.35 83.22
CA LEU D 130 -30.20 11.61 83.31
C LEU D 130 -29.41 12.81 82.75
N PHE D 131 -30.14 13.72 82.13
CA PHE D 131 -29.55 14.96 81.60
C PHE D 131 -30.51 16.11 81.91
N ASN D 132 -30.46 17.21 81.17
CA ASN D 132 -31.34 18.33 81.44
C ASN D 132 -32.43 18.49 80.42
N SER D 133 -32.08 18.59 79.13
CA SER D 133 -33.07 18.91 78.07
C SER D 133 -33.45 17.71 77.26
N GLY D 134 -34.57 17.82 76.54
CA GLY D 134 -34.96 16.78 75.59
C GLY D 134 -33.91 16.58 74.51
N ALA D 135 -33.40 17.67 73.95
CA ALA D 135 -32.31 17.59 72.95
C ALA D 135 -31.12 16.78 73.53
N GLU D 136 -30.75 17.03 74.78
CA GLU D 136 -29.64 16.28 75.34
C GLU D 136 -29.98 14.79 75.40
N ALA D 137 -31.23 14.49 75.80
CA ALA D 137 -31.68 13.10 75.87
C ALA D 137 -31.53 12.41 74.52
N VAL D 138 -32.04 13.02 73.45
CA VAL D 138 -31.92 12.44 72.11
C VAL D 138 -30.49 12.31 71.68
N GLU D 139 -29.72 13.35 71.93
CA GLU D 139 -28.28 13.30 71.64
C GLU D 139 -27.65 12.08 72.28
N ASN D 140 -28.02 11.80 73.53
CA ASN D 140 -27.39 10.67 74.25
C ASN D 140 -27.92 9.30 73.83
N ALA D 141 -29.20 9.20 73.50
CA ALA D 141 -29.71 7.97 72.87
C ALA D 141 -28.89 7.63 71.63
N VAL D 142 -28.63 8.65 70.80
CA VAL D 142 -27.94 8.39 69.53
C VAL D 142 -26.51 7.99 69.81
N LYS D 143 -25.88 8.65 70.77
CA LYS D 143 -24.50 8.27 71.15
C LYS D 143 -24.43 6.81 71.53
N VAL D 144 -25.41 6.37 72.31
CA VAL D 144 -25.43 4.98 72.79
C VAL D 144 -25.66 4.03 71.61
N ALA D 145 -26.65 4.32 70.77
CA ALA D 145 -26.91 3.49 69.55
C ALA D 145 -25.67 3.36 68.75
N ARG D 146 -24.98 4.47 68.54
CA ARG D 146 -23.79 4.48 67.68
C ARG D 146 -22.63 3.69 68.27
N LEU D 147 -22.35 3.90 69.54
CA LEU D 147 -21.28 3.18 70.23
C LEU D 147 -21.64 1.70 70.30
N ALA D 148 -22.84 1.39 70.77
CA ALA D 148 -23.23 -0.02 70.99
C ALA D 148 -23.24 -0.83 69.72
N THR D 149 -23.74 -0.27 68.63
CA THR D 149 -23.87 -1.05 67.38
C THR D 149 -22.60 -1.00 66.56
N GLY D 150 -21.75 -0.02 66.82
CA GLY D 150 -20.58 0.22 65.95
C GLY D 150 -20.95 0.74 64.57
N ARG D 151 -22.16 1.22 64.37
CA ARG D 151 -22.59 1.75 63.10
C ARG D 151 -22.83 3.28 63.18
N ASP D 152 -23.02 3.90 62.01
CA ASP D 152 -23.03 5.35 61.84
C ASP D 152 -24.45 5.90 61.61
N ALA D 153 -25.14 5.35 60.63
CA ALA D 153 -26.32 6.01 60.11
C ALA D 153 -27.47 6.02 61.12
N VAL D 154 -28.23 7.10 61.14
CA VAL D 154 -29.42 7.21 61.96
C VAL D 154 -30.56 7.64 61.07
N VAL D 155 -31.69 6.93 61.13
CA VAL D 155 -32.80 7.35 60.31
C VAL D 155 -33.86 8.06 61.14
N ALA D 156 -34.33 9.20 60.61
CA ALA D 156 -35.45 9.92 61.18
C ALA D 156 -36.47 10.07 60.12
N PHE D 157 -37.61 10.65 60.46
CA PHE D 157 -38.73 10.71 59.53
C PHE D 157 -39.16 12.11 59.12
N ASP D 158 -39.89 12.19 58.02
CA ASP D 158 -40.64 13.38 57.68
C ASP D 158 -41.45 13.80 58.90
N HIS D 159 -41.62 15.11 59.05
CA HIS D 159 -42.40 15.68 60.14
C HIS D 159 -41.84 15.45 61.52
N ALA D 160 -40.60 14.94 61.60
CA ALA D 160 -39.91 14.76 62.91
C ALA D 160 -39.54 16.08 63.50
N TYR D 161 -39.58 16.16 64.83
CA TYR D 161 -38.91 17.20 65.58
C TYR D 161 -38.22 16.57 66.76
N HIS D 162 -36.95 16.88 66.95
CA HIS D 162 -36.12 16.28 68.03
C HIS D 162 -35.19 17.23 68.76
N GLY D 163 -35.15 18.50 68.36
CA GLY D 163 -34.38 19.46 69.12
C GLY D 163 -33.62 20.50 68.32
N ARG D 164 -32.92 21.35 69.07
CA ARG D 164 -32.25 22.52 68.52
C ARG D 164 -30.72 22.50 68.58
N THR D 165 -30.12 21.40 69.01
CA THR D 165 -28.67 21.23 68.93
C THR D 165 -28.36 20.86 67.48
N ASN D 166 -27.09 20.88 67.09
CA ASN D 166 -26.75 20.64 65.69
C ASN D 166 -27.28 19.28 65.18
N LEU D 167 -27.04 18.21 65.94
CA LEU D 167 -27.52 16.88 65.58
C LEU D 167 -29.06 16.81 65.64
N THR D 168 -29.68 17.42 66.64
CA THR D 168 -31.15 17.28 66.81
C THR D 168 -31.88 18.17 65.78
N MET D 169 -31.23 19.27 65.38
CA MET D 169 -31.61 19.99 64.19
C MET D 169 -31.51 19.08 62.95
N ALA D 170 -30.38 18.40 62.82
CA ALA D 170 -30.18 17.46 61.74
C ALA D 170 -31.32 16.44 61.70
N LEU D 171 -31.69 15.91 62.88
CA LEU D 171 -32.75 14.95 62.95
C LEU D 171 -34.13 15.55 62.67
N THR D 172 -34.31 16.83 62.96
CA THR D 172 -35.58 17.52 62.76
C THR D 172 -35.85 17.79 61.28
N ALA D 173 -37.08 17.63 60.88
CA ALA D 173 -37.46 17.76 59.50
C ALA D 173 -37.63 19.19 59.04
N LYS D 174 -38.42 19.96 59.78
CA LYS D 174 -38.84 21.28 59.32
C LYS D 174 -37.71 22.28 59.47
N ALA D 175 -37.46 23.06 58.42
CA ALA D 175 -36.33 23.98 58.39
C ALA D 175 -36.64 25.35 59.05
N MET D 176 -37.87 25.88 58.88
CA MET D 176 -38.25 27.15 59.47
C MET D 176 -39.08 26.96 60.72
N PRO D 177 -38.62 27.47 61.88
CA PRO D 177 -37.44 28.27 62.15
C PRO D 177 -36.26 27.50 62.69
N TYR D 178 -36.40 26.19 62.77
CA TYR D 178 -35.45 25.41 63.58
C TYR D 178 -34.03 25.23 62.97
N LYS D 179 -33.89 25.38 61.68
CA LYS D 179 -32.64 24.98 61.00
C LYS D 179 -31.99 26.08 60.11
N THR D 180 -32.81 26.95 59.51
CA THR D 180 -32.34 27.87 58.55
C THR D 180 -31.08 28.59 59.03
N ASN D 181 -30.02 28.50 58.22
CA ASN D 181 -28.75 29.19 58.44
C ASN D 181 -27.97 28.76 59.66
N PHE D 182 -28.39 27.66 60.29
CA PHE D 182 -27.66 27.11 61.44
C PHE D 182 -26.71 25.95 61.15
N GLY D 183 -26.67 25.49 59.90
CA GLY D 183 -25.80 24.35 59.54
C GLY D 183 -24.36 24.79 59.28
N PRO D 184 -23.53 23.89 58.74
CA PRO D 184 -23.85 22.53 58.28
C PRO D 184 -24.18 21.56 59.40
N PHE D 185 -25.03 20.57 59.09
CA PHE D 185 -25.55 19.68 60.09
C PHE D 185 -24.79 18.35 60.25
N ALA D 186 -24.92 17.76 61.43
CA ALA D 186 -24.22 16.54 61.77
C ALA D 186 -24.48 15.47 60.69
N PRO D 187 -23.45 14.69 60.35
CA PRO D 187 -23.55 13.78 59.21
C PRO D 187 -24.20 12.44 59.53
N GLU D 188 -24.47 11.68 58.46
CA GLU D 188 -25.05 10.35 58.47
C GLU D 188 -26.43 10.27 59.09
N VAL D 189 -27.26 11.24 58.73
CA VAL D 189 -28.66 11.24 59.14
C VAL D 189 -29.47 11.11 57.86
N TYR D 190 -30.43 10.21 57.84
CA TYR D 190 -31.23 9.93 56.63
C TYR D 190 -32.70 10.11 56.93
N ARG D 191 -33.45 10.64 55.99
CA ARG D 191 -34.85 10.89 56.26
C ARG D 191 -35.75 9.96 55.48
N MET D 192 -36.77 9.43 56.14
CA MET D 192 -37.64 8.45 55.55
C MET D 192 -39.09 8.87 55.70
N PRO D 193 -39.98 8.31 54.85
CA PRO D 193 -41.35 8.74 54.89
C PRO D 193 -42.10 8.22 56.10
N MET D 194 -43.02 9.05 56.57
CA MET D 194 -43.83 8.79 57.73
C MET D 194 -45.19 8.23 57.32
N SER D 195 -45.86 7.55 58.25
CA SER D 195 -47.25 7.19 58.06
C SER D 195 -48.08 8.35 58.54
N TYR D 196 -48.66 9.06 57.60
CA TYR D 196 -49.40 10.29 57.88
C TYR D 196 -50.74 10.16 57.12
N PRO D 197 -51.67 9.41 57.70
CA PRO D 197 -52.90 8.95 57.05
C PRO D 197 -53.62 10.03 56.29
N PHE D 198 -53.79 11.20 56.91
CA PHE D 198 -54.60 12.26 56.33
C PHE D 198 -54.03 12.78 55.00
N ARG D 199 -52.73 12.65 54.80
CA ARG D 199 -52.09 13.16 53.58
C ARG D 199 -51.36 12.11 52.76
N GLU D 200 -51.71 10.85 52.94
CA GLU D 200 -51.16 9.81 52.11
C GLU D 200 -51.66 9.95 50.68
N GLU D 201 -50.77 9.78 49.70
CA GLU D 201 -51.14 9.88 48.31
C GLU D 201 -52.11 8.77 47.97
N ASN D 202 -51.96 7.62 48.62
CA ASN D 202 -52.94 6.54 48.52
C ASN D 202 -53.67 6.45 49.84
N PRO D 203 -54.89 7.01 49.92
CA PRO D 203 -55.59 7.05 51.21
C PRO D 203 -55.83 5.68 51.85
N GLU D 204 -55.81 4.61 51.06
CA GLU D 204 -56.08 3.25 51.56
C GLU D 204 -54.86 2.54 52.16
N ILE D 205 -53.69 3.18 52.12
CA ILE D 205 -52.45 2.56 52.60
C ILE D 205 -52.55 2.19 54.08
N THR D 206 -52.14 0.99 54.43
CA THR D 206 -52.19 0.54 55.83
C THR D 206 -50.88 0.82 56.53
N GLY D 207 -50.88 0.75 57.85
CA GLY D 207 -49.69 0.96 58.64
C GLY D 207 -48.58 0.01 58.22
N ALA D 208 -48.93 -1.28 58.07
CA ALA D 208 -47.96 -2.29 57.65
C ALA D 208 -47.33 -1.91 56.32
N GLU D 209 -48.15 -1.47 55.39
CA GLU D 209 -47.65 -1.08 54.07
C GLU D 209 -46.76 0.18 54.15
N ALA D 210 -47.14 1.12 55.01
CA ALA D 210 -46.34 2.34 55.22
C ALA D 210 -44.95 1.99 55.78
N ALA D 211 -44.93 1.01 56.68
CA ALA D 211 -43.68 0.51 57.24
C ALA D 211 -42.83 -0.14 56.16
N LYS D 212 -43.46 -0.93 55.30
CA LYS D 212 -42.71 -1.63 54.28
C LYS D 212 -42.06 -0.63 53.34
N ARG D 213 -42.80 0.43 53.03
CA ARG D 213 -42.29 1.53 52.18
C ARG D 213 -41.03 2.16 52.80
N ALA D 214 -41.10 2.50 54.09
CA ALA D 214 -39.94 3.01 54.80
C ALA D 214 -38.78 2.00 54.81
N ILE D 215 -39.08 0.74 55.18
CA ILE D 215 -38.06 -0.32 55.30
C ILE D 215 -37.34 -0.58 53.98
N THR D 216 -38.09 -0.68 52.88
CA THR D 216 -37.48 -0.92 51.58
C THR D 216 -36.54 0.23 51.24
N MET D 217 -36.98 1.44 51.57
CA MET D 217 -36.20 2.64 51.24
C MET D 217 -34.93 2.70 52.08
N ILE D 218 -35.03 2.35 53.37
CA ILE D 218 -33.87 2.30 54.22
C ILE D 218 -32.88 1.28 53.66
N GLU D 219 -33.41 0.15 53.22
CA GLU D 219 -32.59 -0.98 52.83
C GLU D 219 -31.88 -0.62 51.53
N LYS D 220 -32.62 -0.05 50.60
CA LYS D 220 -32.01 0.32 49.34
C LYS D 220 -31.01 1.49 49.44
N GLN D 221 -31.29 2.46 50.33
CA GLN D 221 -30.47 3.69 50.35
C GLN D 221 -29.40 3.77 51.45
N ILE D 222 -29.46 2.84 52.41
CA ILE D 222 -28.44 2.76 53.47
C ILE D 222 -28.00 1.30 53.68
N GLY D 223 -28.97 0.42 53.88
CA GLY D 223 -28.74 -0.96 54.20
C GLY D 223 -28.99 -1.15 55.68
N GLY D 224 -29.89 -2.06 56.02
CA GLY D 224 -30.23 -2.30 57.43
C GLY D 224 -29.04 -2.51 58.35
N ASP D 225 -28.00 -3.19 57.87
CA ASP D 225 -26.87 -3.55 58.73
C ASP D 225 -25.92 -2.36 58.92
N GLN D 226 -26.27 -1.23 58.34
CA GLN D 226 -25.49 0.02 58.43
C GLN D 226 -26.15 1.05 59.33
N VAL D 227 -27.37 0.79 59.75
CA VAL D 227 -28.12 1.74 60.51
C VAL D 227 -27.91 1.49 62.00
N ALA D 228 -27.46 2.51 62.74
CA ALA D 228 -27.29 2.41 64.20
C ALA D 228 -28.63 2.51 64.91
N ALA D 229 -29.48 3.43 64.46
CA ALA D 229 -30.74 3.67 65.15
C ALA D 229 -31.83 4.15 64.21
N ILE D 230 -33.07 3.78 64.50
CA ILE D 230 -34.24 4.43 63.91
C ILE D 230 -34.86 5.20 65.05
N ILE D 231 -35.10 6.49 64.87
CA ILE D 231 -35.67 7.32 65.92
C ILE D 231 -37.00 7.88 65.44
N ILE D 232 -38.03 7.71 66.24
CA ILE D 232 -39.35 8.19 65.85
C ILE D 232 -40.15 8.59 67.08
N GLU D 233 -40.97 9.61 66.91
CA GLU D 233 -41.94 9.99 67.90
C GLU D 233 -43.18 9.16 67.64
N PRO D 234 -43.65 8.40 68.65
CA PRO D 234 -44.87 7.63 68.49
C PRO D 234 -46.06 8.46 68.06
N ILE D 235 -46.18 9.66 68.61
CA ILE D 235 -47.05 10.70 68.03
C ILE D 235 -46.17 11.92 67.77
N GLN D 236 -46.07 12.33 66.51
CA GLN D 236 -45.18 13.41 66.15
C GLN D 236 -45.77 14.72 66.64
N GLY D 237 -45.01 15.45 67.44
CA GLY D 237 -45.52 16.63 68.09
C GLY D 237 -45.54 17.83 67.18
N GLU D 238 -44.42 18.54 67.13
CA GLU D 238 -44.33 19.78 66.34
C GLU D 238 -44.70 19.53 64.89
N GLY D 239 -44.51 18.31 64.40
CA GLY D 239 -44.93 17.96 63.04
C GLY D 239 -46.44 18.03 62.81
N GLY D 240 -47.21 17.96 63.89
CA GLY D 240 -48.67 18.17 63.81
C GLY D 240 -49.49 17.10 64.48
N PHE D 241 -48.98 16.53 65.57
CA PHE D 241 -49.68 15.47 66.29
C PHE D 241 -50.10 14.40 65.29
N ILE D 242 -49.15 13.98 64.46
CA ILE D 242 -49.42 12.96 63.46
C ILE D 242 -49.37 11.62 64.19
N VAL D 243 -50.44 10.86 64.11
CA VAL D 243 -50.50 9.51 64.66
C VAL D 243 -50.41 8.55 63.47
N PRO D 244 -49.46 7.63 63.50
CA PRO D 244 -49.28 6.71 62.39
C PRO D 244 -50.38 5.68 62.36
N ALA D 245 -50.66 5.13 61.18
CA ALA D 245 -51.66 4.09 61.03
C ALA D 245 -51.27 2.88 61.90
N GLU D 246 -52.29 2.18 62.39
CA GLU D 246 -52.09 0.97 63.25
C GLU D 246 -51.21 0.00 62.45
N GLY D 247 -50.21 -0.55 63.12
CA GLY D 247 -49.33 -1.53 62.50
C GLY D 247 -47.98 -1.02 61.99
N PHE D 248 -47.84 0.30 61.91
CA PHE D 248 -46.60 0.95 61.45
C PHE D 248 -45.50 0.79 62.48
N LEU D 249 -45.73 1.27 63.70
CA LEU D 249 -44.68 1.19 64.72
C LEU D 249 -44.22 -0.25 65.02
N PRO D 250 -45.15 -1.20 65.19
CA PRO D 250 -44.67 -2.57 65.45
C PRO D 250 -43.84 -3.15 64.30
N ALA D 251 -44.23 -2.84 63.07
CA ALA D 251 -43.44 -3.29 61.90
C ALA D 251 -42.01 -2.76 61.97
N LEU D 252 -41.85 -1.47 62.28
CA LEU D 252 -40.53 -0.86 62.35
C LEU D 252 -39.78 -1.50 63.51
N SER D 253 -40.47 -1.72 64.62
CA SER D 253 -39.82 -2.29 65.79
C SER D 253 -39.29 -3.68 65.49
N GLU D 254 -40.10 -4.49 64.83
CA GLU D 254 -39.79 -5.87 64.53
C GLU D 254 -38.59 -5.93 63.58
N TRP D 255 -38.64 -5.10 62.55
CA TRP D 255 -37.55 -5.02 61.60
C TRP D 255 -36.25 -4.56 62.22
N ALA D 256 -36.33 -3.56 63.09
CA ALA D 256 -35.15 -3.04 63.78
C ALA D 256 -34.50 -4.17 64.56
N LYS D 257 -35.33 -4.96 65.26
CA LYS D 257 -34.80 -6.10 66.00
C LYS D 257 -34.09 -7.11 65.06
N GLU D 258 -34.71 -7.38 63.93
CA GLU D 258 -34.16 -8.30 62.94
C GLU D 258 -32.80 -7.84 62.45
N LYS D 259 -32.64 -6.54 62.25
CA LYS D 259 -31.42 -6.03 61.64
C LYS D 259 -30.38 -5.51 62.66
N GLY D 260 -30.68 -5.64 63.94
CA GLY D 260 -29.75 -5.21 64.98
C GLY D 260 -29.68 -3.71 65.17
N ILE D 261 -30.74 -3.02 64.77
CA ILE D 261 -30.81 -1.58 64.79
C ILE D 261 -31.47 -1.17 66.07
N VAL D 262 -30.89 -0.19 66.78
CA VAL D 262 -31.53 0.36 67.99
C VAL D 262 -32.78 1.14 67.62
N PHE D 263 -33.92 0.79 68.23
CA PHE D 263 -35.16 1.49 67.98
C PHE D 263 -35.39 2.48 69.08
N ILE D 264 -35.30 3.78 68.76
CA ILE D 264 -35.43 4.86 69.78
C ILE D 264 -36.80 5.48 69.68
N ALA D 265 -37.58 5.40 70.74
CA ALA D 265 -38.84 6.13 70.78
C ALA D 265 -38.59 7.47 71.44
N ASP D 266 -38.94 8.55 70.77
CA ASP D 266 -38.80 9.85 71.37
C ASP D 266 -40.10 10.21 72.04
N GLU D 267 -40.14 10.02 73.34
CA GLU D 267 -41.36 10.25 74.12
C GLU D 267 -41.24 11.50 74.98
N VAL D 268 -40.48 12.47 74.47
CA VAL D 268 -40.25 13.71 75.20
C VAL D 268 -41.57 14.46 75.38
N GLN D 269 -42.37 14.57 74.31
CA GLN D 269 -43.64 15.28 74.38
C GLN D 269 -44.78 14.34 74.78
N SER D 270 -44.74 13.08 74.31
CA SER D 270 -45.84 12.13 74.49
C SER D 270 -45.76 11.31 75.79
N GLY D 271 -44.61 11.36 76.46
CA GLY D 271 -44.40 10.54 77.66
C GLY D 271 -45.06 11.04 78.93
N PHE D 272 -45.14 10.16 79.92
CA PHE D 272 -45.75 10.43 81.22
C PHE D 272 -47.24 10.81 81.21
N CYS D 273 -48.06 9.85 80.81
CA CYS D 273 -49.52 9.91 80.96
C CYS D 273 -50.22 10.83 79.96
N ARG D 274 -49.45 11.65 79.25
CA ARG D 274 -49.98 12.61 78.29
C ARG D 274 -50.99 12.01 77.32
N THR D 275 -50.76 10.77 76.88
CA THR D 275 -51.64 10.17 75.89
C THR D 275 -52.69 9.21 76.46
N GLY D 276 -52.74 9.09 77.79
CA GLY D 276 -53.66 8.16 78.42
C GLY D 276 -52.98 6.90 78.90
N GLU D 277 -51.76 6.65 78.41
CA GLU D 277 -50.93 5.58 78.93
C GLU D 277 -49.63 6.19 79.43
N TRP D 278 -48.87 5.45 80.20
CA TRP D 278 -47.58 5.97 80.66
C TRP D 278 -46.77 6.46 79.51
N PHE D 279 -46.72 5.69 78.42
CA PHE D 279 -46.03 6.11 77.22
C PHE D 279 -46.85 5.81 75.99
N ALA D 280 -46.70 6.65 74.97
CA ALA D 280 -47.48 6.55 73.77
C ALA D 280 -47.30 5.22 73.06
N VAL D 281 -46.13 4.61 73.20
CA VAL D 281 -45.89 3.30 72.61
C VAL D 281 -46.78 2.22 73.20
N ASP D 282 -47.26 2.45 74.41
CA ASP D 282 -48.13 1.49 75.10
C ASP D 282 -49.46 1.27 74.39
N HIS D 283 -49.93 2.25 73.63
CA HIS D 283 -51.14 2.07 72.86
C HIS D 283 -51.05 0.84 72.01
N GLU D 284 -49.88 0.59 71.42
CA GLU D 284 -49.72 -0.58 70.53
C GLU D 284 -48.82 -1.66 71.11
N GLY D 285 -48.41 -1.50 72.37
CA GLY D 285 -47.51 -2.44 73.02
C GLY D 285 -46.13 -2.57 72.40
N VAL D 286 -45.68 -1.54 71.70
CA VAL D 286 -44.32 -1.52 71.20
C VAL D 286 -43.32 -1.32 72.35
N VAL D 287 -42.24 -2.08 72.34
CA VAL D 287 -41.21 -1.99 73.37
C VAL D 287 -39.92 -1.49 72.73
N PRO D 288 -39.62 -0.20 72.89
CA PRO D 288 -38.42 0.38 72.33
C PRO D 288 -37.14 -0.10 72.99
N ASP D 289 -36.04 -0.05 72.26
CA ASP D 289 -34.71 -0.34 72.79
C ASP D 289 -34.15 0.80 73.66
N ILE D 290 -34.44 2.03 73.27
CA ILE D 290 -34.16 3.18 74.13
C ILE D 290 -35.33 4.13 74.02
N ILE D 291 -35.68 4.77 75.12
CA ILE D 291 -36.70 5.80 75.05
C ILE D 291 -36.16 7.10 75.65
N THR D 292 -36.40 8.21 74.95
CA THR D 292 -35.97 9.51 75.39
C THR D 292 -37.13 10.25 76.06
N MET D 293 -36.83 10.89 77.19
CA MET D 293 -37.84 11.57 77.98
C MET D 293 -37.38 12.94 78.43
N ALA D 294 -38.33 13.85 78.56
CA ALA D 294 -38.14 15.13 79.25
C ALA D 294 -39.50 15.71 79.67
N LYS D 295 -39.67 17.02 79.51
CA LYS D 295 -40.94 17.70 79.72
C LYS D 295 -41.71 17.31 81.01
N GLY D 296 -42.70 16.43 80.87
CA GLY D 296 -43.55 16.05 82.00
C GLY D 296 -42.85 15.38 83.17
N ILE D 297 -41.70 14.79 82.91
CA ILE D 297 -40.96 14.03 83.89
C ILE D 297 -40.85 14.71 85.27
N ALA D 298 -40.60 16.01 85.32
CA ALA D 298 -40.26 16.66 86.63
C ALA D 298 -41.12 17.87 86.89
N GLY D 299 -42.35 17.81 86.43
CA GLY D 299 -43.35 18.83 86.77
C GLY D 299 -42.92 20.26 86.49
N GLY D 300 -42.04 20.46 85.52
CA GLY D 300 -41.58 21.79 85.15
C GLY D 300 -40.13 22.05 85.44
N LEU D 301 -39.51 21.29 86.34
CA LEU D 301 -38.09 21.47 86.57
C LEU D 301 -37.31 20.85 85.40
N PRO D 302 -36.09 21.35 85.16
CA PRO D 302 -35.33 20.89 84.02
C PRO D 302 -34.66 19.54 84.26
N LEU D 303 -35.26 18.49 83.70
CA LEU D 303 -34.70 17.15 83.77
C LEU D 303 -35.11 16.39 82.51
N SER D 304 -34.23 15.50 82.08
CA SER D 304 -34.48 14.65 80.92
C SER D 304 -33.78 13.34 81.14
N ALA D 305 -34.12 12.33 80.34
CA ALA D 305 -33.59 11.00 80.59
C ALA D 305 -33.59 10.12 79.36
N ILE D 306 -32.68 9.14 79.35
CA ILE D 306 -32.82 8.01 78.47
C ILE D 306 -32.90 6.75 79.33
N THR D 307 -33.80 5.85 78.98
CA THR D 307 -33.91 4.53 79.61
C THR D 307 -33.94 3.50 78.50
N GLY D 308 -33.05 2.51 78.56
CA GLY D 308 -32.99 1.51 77.51
C GLY D 308 -32.34 0.19 77.94
N ARG D 309 -32.28 -0.75 77.01
CA ARG D 309 -31.67 -2.05 77.25
C ARG D 309 -30.33 -1.94 77.98
N ALA D 310 -30.17 -2.73 79.02
CA ALA D 310 -28.95 -2.69 79.84
C ALA D 310 -27.74 -3.02 78.98
N ASP D 311 -27.89 -3.96 78.06
CA ASP D 311 -26.75 -4.33 77.21
C ASP D 311 -26.29 -3.20 76.29
N LEU D 312 -27.22 -2.33 75.87
CA LEU D 312 -26.87 -1.16 75.07
C LEU D 312 -26.20 -0.09 75.96
N LEU D 313 -26.92 0.37 76.97
CA LEU D 313 -26.39 1.41 77.82
C LEU D 313 -25.10 1.00 78.58
N ASP D 314 -24.96 -0.26 78.97
CA ASP D 314 -23.75 -0.67 79.70
C ASP D 314 -22.57 -0.81 78.77
N ALA D 315 -22.82 -0.83 77.46
CA ALA D 315 -21.72 -0.88 76.50
C ALA D 315 -20.82 0.42 76.55
N VAL D 316 -21.40 1.55 76.97
CA VAL D 316 -20.67 2.79 76.95
C VAL D 316 -19.60 2.80 78.02
N HIS D 317 -18.40 3.20 77.62
CA HIS D 317 -17.23 3.27 78.49
C HIS D 317 -17.39 4.24 79.63
N PRO D 318 -16.64 4.05 80.72
CA PRO D 318 -16.73 4.96 81.87
C PRO D 318 -16.54 6.41 81.49
N GLY D 319 -17.45 7.26 81.94
CA GLY D 319 -17.40 8.71 81.67
C GLY D 319 -17.76 9.14 80.26
N GLY D 320 -18.29 8.22 79.47
CA GLY D 320 -18.67 8.52 78.11
C GLY D 320 -19.93 9.34 78.01
N LEU D 321 -20.84 9.14 78.94
CA LEU D 321 -22.08 9.93 78.98
C LEU D 321 -22.06 10.79 80.22
N GLY D 322 -22.52 12.03 80.10
CA GLY D 322 -22.75 12.87 81.26
C GLY D 322 -23.00 14.34 80.94
N GLY D 323 -22.44 15.20 81.78
CA GLY D 323 -22.80 16.61 81.81
C GLY D 323 -22.76 17.14 83.24
N THR D 324 -22.83 18.44 83.40
CA THR D 324 -22.61 19.04 84.71
C THR D 324 -23.89 18.93 85.53
N TYR D 325 -24.92 19.62 85.06
CA TYR D 325 -26.18 19.76 85.78
C TYR D 325 -27.00 18.48 85.82
N GLY D 326 -26.76 17.60 84.87
CA GLY D 326 -27.65 16.47 84.61
C GLY D 326 -28.10 15.71 85.82
N GLY D 327 -29.40 15.45 85.92
CA GLY D 327 -29.96 14.75 87.04
C GLY D 327 -29.87 15.59 88.27
N ASN D 328 -30.20 16.86 88.11
CA ASN D 328 -30.11 17.78 89.22
C ASN D 328 -31.02 17.33 90.36
N PRO D 329 -30.52 17.40 91.61
CA PRO D 329 -31.25 16.88 92.78
C PRO D 329 -32.57 17.56 93.06
N VAL D 330 -32.65 18.88 92.85
CA VAL D 330 -33.91 19.58 93.01
C VAL D 330 -34.88 19.09 91.94
N ALA D 331 -34.40 18.96 90.71
CA ALA D 331 -35.22 18.46 89.61
C ALA D 331 -35.66 17.02 89.88
N CYS D 332 -34.78 16.21 90.48
CA CYS D 332 -35.10 14.83 90.80
C CYS D 332 -36.22 14.77 91.85
N ALA D 333 -36.10 15.57 92.91
CA ALA D 333 -37.14 15.62 93.92
C ALA D 333 -38.45 15.93 93.21
N ALA D 334 -38.42 16.93 92.33
CA ALA D 334 -39.59 17.32 91.60
C ALA D 334 -40.16 16.12 90.80
N ALA D 335 -39.28 15.36 90.16
CA ALA D 335 -39.72 14.24 89.33
C ALA D 335 -40.40 13.13 90.17
N LEU D 336 -39.78 12.76 91.28
CA LEU D 336 -40.33 11.74 92.15
C LEU D 336 -41.74 12.15 92.58
N ALA D 337 -41.88 13.41 92.98
CA ALA D 337 -43.17 13.94 93.37
C ALA D 337 -44.13 13.93 92.20
N ALA D 338 -43.66 14.37 91.04
CA ALA D 338 -44.50 14.46 89.85
C ALA D 338 -45.04 13.07 89.46
N ILE D 339 -44.17 12.08 89.44
CA ILE D 339 -44.56 10.72 89.12
C ILE D 339 -45.53 10.19 90.18
N ASP D 340 -45.24 10.50 91.43
CA ASP D 340 -46.14 10.15 92.50
C ASP D 340 -47.55 10.73 92.26
N THR D 341 -47.65 12.00 91.92
CA THR D 341 -48.93 12.60 91.64
C THR D 341 -49.62 11.91 90.47
N MET D 342 -48.85 11.54 89.45
CA MET D 342 -49.44 10.86 88.29
C MET D 342 -50.15 9.56 88.71
N GLU D 343 -49.54 8.83 89.65
CA GLU D 343 -50.12 7.59 90.19
C GLU D 343 -51.28 7.83 91.16
N GLN D 344 -51.01 8.54 92.25
CA GLN D 344 -52.04 8.86 93.24
C GLN D 344 -53.33 9.42 92.60
N HIS D 345 -53.24 10.33 91.63
CA HIS D 345 -54.45 10.92 91.01
C HIS D 345 -54.83 10.32 89.68
N ASP D 346 -54.27 9.16 89.34
CA ASP D 346 -54.61 8.45 88.10
C ASP D 346 -54.67 9.39 86.88
N LEU D 347 -53.55 10.05 86.56
CA LEU D 347 -53.59 11.01 85.46
C LEU D 347 -53.76 10.31 84.11
N ASN D 348 -53.33 9.06 84.01
CA ASN D 348 -53.68 8.31 82.83
C ASN D 348 -55.16 8.36 82.61
N GLY D 349 -55.93 8.06 83.67
CA GLY D 349 -57.38 8.11 83.62
C GLY D 349 -57.91 9.48 83.31
N ARG D 350 -57.33 10.48 83.93
CA ARG D 350 -57.75 11.85 83.65
C ARG D 350 -57.55 12.17 82.17
N ALA D 351 -56.44 11.66 81.62
CA ALA D 351 -56.09 11.92 80.22
C ALA D 351 -57.11 11.28 79.32
N ARG D 352 -57.49 10.05 79.67
CA ARG D 352 -58.46 9.32 78.85
C ARG D 352 -59.80 10.02 78.90
N HIS D 353 -60.13 10.58 80.04
CA HIS D 353 -61.37 11.32 80.21
C HIS D 353 -61.37 12.58 79.39
N ILE D 354 -60.24 13.30 79.40
CA ILE D 354 -60.06 14.49 78.56
C ILE D 354 -60.25 14.18 77.07
N GLU D 355 -59.71 13.05 76.62
CA GLU D 355 -59.89 12.61 75.25
C GLU D 355 -61.36 12.52 74.91
N GLU D 356 -62.14 11.92 75.82
CA GLU D 356 -63.57 11.67 75.60
C GLU D 356 -64.31 13.01 75.47
N LEU D 357 -64.11 13.89 76.45
CA LEU D 357 -64.70 15.23 76.45
C LEU D 357 -64.32 16.00 75.20
N ALA D 358 -63.02 16.08 74.94
CA ALA D 358 -62.48 17.01 73.93
C ALA D 358 -62.77 16.51 72.52
N LEU D 359 -62.59 15.21 72.28
CA LEU D 359 -62.96 14.66 70.96
C LEU D 359 -64.48 14.79 70.72
N GLY D 360 -65.26 14.67 71.79
CA GLY D 360 -66.68 14.91 71.71
C GLY D 360 -66.98 16.29 71.16
N LYS D 361 -66.49 17.32 71.83
CA LYS D 361 -66.77 18.70 71.43
C LYS D 361 -66.22 19.01 70.06
N LEU D 362 -65.04 18.47 69.75
CA LEU D 362 -64.40 18.72 68.47
C LEU D 362 -65.18 18.08 67.35
N ARG D 363 -65.68 16.86 67.57
CA ARG D 363 -66.51 16.21 66.54
C ARG D 363 -67.86 16.92 66.31
N GLU D 364 -68.43 17.47 67.38
CA GLU D 364 -69.64 18.29 67.26
C GLU D 364 -69.36 19.46 66.30
N LEU D 365 -68.24 20.12 66.53
CA LEU D 365 -67.81 21.22 65.68
C LEU D 365 -67.62 20.75 64.25
N ALA D 366 -67.01 19.59 64.04
CA ALA D 366 -66.85 19.11 62.65
C ALA D 366 -68.25 19.06 61.95
N ALA D 367 -69.26 18.69 62.72
CA ALA D 367 -70.63 18.67 62.26
C ALA D 367 -71.13 20.14 62.01
N GLU D 368 -71.48 20.45 60.75
CA GLU D 368 -71.44 21.90 60.24
C GLU D 368 -70.16 22.17 59.39
N SER D 375 -66.36 23.38 54.35
CA SER D 375 -65.83 22.88 55.62
C SER D 375 -64.32 23.02 55.78
N VAL D 376 -63.95 23.40 57.00
CA VAL D 376 -62.61 23.89 57.31
C VAL D 376 -61.89 22.89 58.22
N VAL D 377 -62.62 21.88 58.71
CA VAL D 377 -62.05 20.89 59.63
C VAL D 377 -61.61 19.66 58.87
N GLY D 378 -60.31 19.56 58.65
CA GLY D 378 -59.74 18.48 57.86
C GLY D 378 -59.64 17.17 58.61
N ASP D 379 -59.13 17.19 59.84
CA ASP D 379 -58.81 15.93 60.55
C ASP D 379 -58.69 16.16 62.05
N ILE D 380 -59.27 15.25 62.84
CA ILE D 380 -59.24 15.32 64.28
C ILE D 380 -58.53 14.07 64.71
N ARG D 381 -57.53 14.21 65.57
CA ARG D 381 -56.67 13.07 65.88
C ARG D 381 -55.93 13.31 67.19
N GLY D 382 -55.28 12.26 67.67
CA GLY D 382 -54.55 12.33 68.92
C GLY D 382 -55.07 11.30 69.91
N ARG D 383 -54.45 11.26 71.09
CA ARG D 383 -54.90 10.38 72.15
C ARG D 383 -54.70 11.08 73.48
N GLY D 384 -55.57 10.81 74.44
CA GLY D 384 -55.47 11.39 75.77
C GLY D 384 -55.56 12.92 75.78
N ALA D 385 -54.62 13.56 76.49
CA ALA D 385 -54.52 15.02 76.53
C ALA D 385 -53.49 15.53 75.52
N MET D 386 -53.31 14.79 74.41
CA MET D 386 -52.48 15.20 73.30
C MET D 386 -53.32 15.08 72.03
N LEU D 387 -54.08 16.12 71.74
CA LEU D 387 -55.12 16.07 70.69
C LEU D 387 -54.92 17.22 69.73
N ALA D 388 -55.44 17.10 68.53
CA ALA D 388 -55.27 18.13 67.52
C ALA D 388 -56.36 18.14 66.49
N ILE D 389 -56.56 19.31 65.92
CA ILE D 389 -57.45 19.48 64.81
C ILE D 389 -56.65 20.15 63.69
N GLU D 390 -56.61 19.50 62.53
CA GLU D 390 -55.89 20.03 61.39
C GLU D 390 -56.86 20.80 60.53
N LEU D 391 -56.58 22.07 60.29
CA LEU D 391 -57.48 22.93 59.58
C LEU D 391 -57.09 23.07 58.12
N VAL D 392 -58.10 23.02 57.26
CA VAL D 392 -57.90 23.06 55.82
C VAL D 392 -58.73 24.15 55.14
N GLN D 393 -58.40 24.41 53.90
CA GLN D 393 -59.12 25.38 53.09
C GLN D 393 -60.50 24.80 52.85
N PRO D 394 -61.55 25.66 52.82
CA PRO D 394 -62.95 25.17 52.72
C PRO D 394 -63.17 24.29 51.49
N GLY D 395 -63.64 23.05 51.72
CA GLY D 395 -63.93 22.14 50.63
C GLY D 395 -62.77 21.39 49.99
N SER D 396 -61.54 21.65 50.41
CA SER D 396 -60.38 20.90 49.93
C SER D 396 -59.50 20.41 51.09
N LYS D 397 -58.37 19.81 50.74
CA LYS D 397 -57.39 19.38 51.73
C LYS D 397 -56.21 20.34 51.85
N GLU D 398 -56.22 21.45 51.09
CA GLU D 398 -55.11 22.40 51.16
C GLU D 398 -55.01 22.91 52.59
N PRO D 399 -53.78 23.10 53.07
CA PRO D 399 -53.64 23.61 54.43
C PRO D 399 -54.21 25.01 54.62
N ASN D 400 -54.59 25.32 55.85
CA ASN D 400 -55.11 26.65 56.22
C ASN D 400 -54.36 27.23 57.45
N ALA D 401 -53.13 27.68 57.22
CA ALA D 401 -52.35 28.33 58.28
C ALA D 401 -52.93 29.71 58.66
N GLU D 402 -53.53 30.41 57.69
CA GLU D 402 -54.13 31.74 57.96
C GLU D 402 -55.23 31.60 59.03
N LEU D 403 -56.15 30.65 58.83
CA LEU D 403 -57.24 30.41 59.78
C LEU D 403 -56.66 29.99 61.12
N THR D 404 -55.57 29.22 61.07
CA THR D 404 -54.97 28.67 62.27
C THR D 404 -54.41 29.79 63.15
N LYS D 405 -53.69 30.72 62.55
CA LYS D 405 -53.17 31.86 63.29
C LYS D 405 -54.33 32.69 63.85
N ALA D 406 -55.31 32.95 62.98
CA ALA D 406 -56.49 33.72 63.35
C ALA D 406 -57.18 33.11 64.58
N VAL D 407 -57.38 31.79 64.58
CA VAL D 407 -58.10 31.14 65.67
C VAL D 407 -57.33 31.26 66.98
N ALA D 408 -56.01 31.09 66.90
CA ALA D 408 -55.19 31.20 68.06
C ALA D 408 -55.31 32.59 68.66
N ALA D 409 -55.23 33.60 67.81
CA ALA D 409 -55.33 34.99 68.24
C ALA D 409 -56.71 35.25 68.84
N ALA D 410 -57.76 34.75 68.17
CA ALA D 410 -59.14 34.90 68.66
C ALA D 410 -59.31 34.24 70.06
N CYS D 411 -58.72 33.06 70.23
CA CYS D 411 -58.77 32.39 71.53
C CYS D 411 -58.09 33.19 72.61
N LEU D 412 -56.92 33.73 72.27
CA LEU D 412 -56.16 34.52 73.23
C LEU D 412 -57.00 35.71 73.65
N LYS D 413 -57.66 36.35 72.69
CA LYS D 413 -58.46 37.55 72.96
C LYS D 413 -59.51 37.26 74.03
N GLU D 414 -60.12 36.07 73.95
CA GLU D 414 -61.17 35.67 74.89
C GLU D 414 -60.60 35.10 76.19
N GLY D 415 -59.28 35.05 76.33
CA GLY D 415 -58.66 34.53 77.56
C GLY D 415 -58.38 33.04 77.57
N VAL D 416 -58.16 32.46 76.39
CA VAL D 416 -57.72 31.07 76.25
C VAL D 416 -56.41 31.01 75.52
N ILE D 417 -55.38 30.50 76.21
CA ILE D 417 -54.05 30.30 75.61
C ILE D 417 -53.99 28.92 74.99
N ILE D 418 -53.91 28.87 73.68
CA ILE D 418 -53.88 27.62 72.93
C ILE D 418 -52.69 27.61 71.97
N LEU D 419 -52.05 26.45 71.78
CA LEU D 419 -50.87 26.37 70.89
C LEU D 419 -51.21 25.87 69.47
N THR D 420 -50.32 26.20 68.53
CA THR D 420 -50.41 25.72 67.17
C THR D 420 -49.15 24.91 66.85
N CYS D 421 -49.19 24.19 65.74
CA CYS D 421 -48.04 23.44 65.28
C CYS D 421 -48.27 22.96 63.83
N GLY D 422 -47.39 22.08 63.34
CA GLY D 422 -47.56 21.45 62.04
C GLY D 422 -46.55 21.85 60.98
N THR D 423 -46.13 20.87 60.19
CA THR D 423 -45.29 21.10 59.02
C THR D 423 -45.86 22.23 58.17
N TYR D 424 -47.18 22.25 57.98
CA TYR D 424 -47.83 23.27 57.15
C TYR D 424 -48.48 24.40 57.94
N GLY D 425 -48.20 24.47 59.25
CA GLY D 425 -48.60 25.59 60.10
C GLY D 425 -50.09 25.66 60.36
N ASN D 426 -50.77 24.54 60.15
CA ASN D 426 -52.23 24.52 60.11
C ASN D 426 -52.84 23.53 61.09
N VAL D 427 -52.20 23.33 62.25
CA VAL D 427 -52.76 22.43 63.27
C VAL D 427 -52.88 23.09 64.62
N ILE D 428 -54.11 23.07 65.16
CA ILE D 428 -54.38 23.53 66.52
C ILE D 428 -54.25 22.33 67.43
N ARG D 429 -53.44 22.47 68.46
CA ARG D 429 -53.17 21.38 69.36
C ARG D 429 -53.66 21.70 70.76
N LEU D 430 -54.28 20.70 71.36
CA LEU D 430 -54.70 20.76 72.75
C LEU D 430 -53.66 20.01 73.59
N LEU D 431 -52.98 20.72 74.48
CA LEU D 431 -52.07 20.13 75.45
C LEU D 431 -52.39 20.68 76.82
N PRO D 432 -53.63 20.42 77.30
CA PRO D 432 -53.97 20.91 78.62
C PRO D 432 -53.20 20.17 79.69
N PRO D 433 -52.95 20.83 80.83
CA PRO D 433 -52.52 20.03 81.96
C PRO D 433 -53.56 18.98 82.33
N LEU D 434 -53.08 17.81 82.71
CA LEU D 434 -53.96 16.66 82.96
C LEU D 434 -54.83 16.86 84.24
N VAL D 435 -54.39 17.75 85.14
CA VAL D 435 -55.19 18.12 86.30
C VAL D 435 -56.29 19.19 86.01
N ILE D 436 -56.56 19.51 84.75
CA ILE D 436 -57.61 20.50 84.43
C ILE D 436 -59.02 19.99 84.79
N SER D 437 -59.88 20.90 85.21
CA SER D 437 -61.28 20.54 85.54
C SER D 437 -62.11 20.45 84.27
N ASP D 438 -63.11 19.57 84.28
CA ASP D 438 -64.03 19.45 83.15
C ASP D 438 -64.62 20.80 82.79
N GLU D 439 -64.98 21.58 83.81
CA GLU D 439 -65.62 22.88 83.60
C GLU D 439 -64.72 23.80 82.75
N LEU D 440 -63.48 23.97 83.20
CA LEU D 440 -62.52 24.81 82.48
C LEU D 440 -62.24 24.32 81.06
N LEU D 441 -62.05 23.01 80.93
CA LEU D 441 -61.78 22.43 79.63
C LEU D 441 -62.92 22.70 78.67
N ILE D 442 -64.16 22.51 79.14
CA ILE D 442 -65.34 22.76 78.30
C ILE D 442 -65.44 24.24 77.91
N ASP D 443 -65.12 25.11 78.84
CA ASP D 443 -65.16 26.53 78.58
C ASP D 443 -64.18 26.84 77.44
N GLY D 444 -62.94 26.36 77.60
CA GLY D 444 -61.91 26.53 76.59
C GLY D 444 -62.33 26.02 75.23
N LEU D 445 -62.91 24.81 75.21
CA LEU D 445 -63.34 24.21 73.94
C LEU D 445 -64.46 25.00 73.31
N GLU D 446 -65.36 25.55 74.13
CA GLU D 446 -66.42 26.42 73.59
C GLU D 446 -65.80 27.65 72.91
N VAL D 447 -64.83 28.29 73.57
CA VAL D 447 -64.14 29.47 73.02
C VAL D 447 -63.46 29.12 71.70
N LEU D 448 -62.79 27.96 71.67
CA LEU D 448 -62.13 27.46 70.45
C LEU D 448 -63.13 27.23 69.33
N ALA D 449 -64.18 26.48 69.62
CA ALA D 449 -65.27 26.28 68.64
C ALA D 449 -65.81 27.60 68.11
N ALA D 450 -66.05 28.54 69.00
CA ALA D 450 -66.61 29.84 68.61
C ALA D 450 -65.64 30.53 67.62
N ALA D 451 -64.36 30.52 67.97
CA ALA D 451 -63.32 31.12 67.12
C ALA D 451 -63.26 30.50 65.70
N ILE D 452 -63.34 29.17 65.62
CA ILE D 452 -63.31 28.50 64.31
C ILE D 452 -64.52 28.96 63.46
N LYS D 453 -65.72 28.94 64.05
CA LYS D 453 -66.92 29.37 63.33
C LYS D 453 -66.76 30.81 62.91
N ALA D 454 -66.20 31.65 63.79
CA ALA D 454 -66.01 33.08 63.47
C ALA D 454 -65.13 33.35 62.26
N HIS D 455 -64.12 32.49 62.02
CA HIS D 455 -63.26 32.59 60.82
C HIS D 455 -63.22 31.25 60.07
N GLU E 7 25.55 28.24 16.00
CA GLU E 7 25.41 29.38 15.05
C GLU E 7 23.96 29.51 14.59
N LEU E 8 23.35 28.39 14.17
CA LEU E 8 21.97 28.42 13.61
C LEU E 8 21.02 27.55 14.41
N SER E 9 19.73 27.73 14.14
CA SER E 9 18.68 27.03 14.85
C SER E 9 17.77 26.12 13.96
N TYR E 10 17.47 24.90 14.43
CA TYR E 10 16.75 23.91 13.63
C TYR E 10 15.50 23.38 14.29
N ARG E 11 14.77 22.53 13.57
CA ARG E 11 13.48 22.01 14.02
C ARG E 11 13.61 20.60 14.56
N ILE E 12 14.39 19.76 13.89
CA ILE E 12 14.55 18.38 14.33
C ILE E 12 15.98 18.20 14.78
N GLU E 13 16.20 17.26 15.69
CA GLU E 13 17.53 17.09 16.29
C GLU E 13 18.57 16.83 15.21
N GLN E 14 19.62 17.65 15.22
CA GLN E 14 20.65 17.57 14.20
C GLN E 14 21.77 16.60 14.58
N LYS E 15 21.44 15.31 14.72
CA LYS E 15 22.41 14.28 15.04
C LYS E 15 22.14 13.00 14.24
N ARG E 16 23.21 12.38 13.77
CA ARG E 16 23.11 11.12 13.05
C ARG E 16 22.69 10.04 14.01
N ASN E 17 21.66 9.29 13.67
CA ASN E 17 21.12 8.28 14.56
C ASN E 17 20.42 7.13 13.83
N ILE E 18 21.09 6.00 13.72
CA ILE E 18 20.49 4.81 13.10
C ILE E 18 20.10 3.80 14.20
N ASN E 19 18.80 3.64 14.42
CA ASN E 19 18.27 2.85 15.59
C ASN E 19 18.17 1.28 15.46
N GLY E 20 18.66 0.80 14.35
CA GLY E 20 18.45 -0.56 13.96
C GLY E 20 18.71 -0.85 12.48
N ALA E 21 18.25 -1.99 12.02
CA ALA E 21 18.34 -2.35 10.62
C ALA E 21 17.34 -1.53 9.82
N PHE E 22 17.71 -1.18 8.59
CA PHE E 22 16.81 -0.47 7.67
C PHE E 22 16.99 -0.99 6.24
N PRO E 23 15.96 -0.89 5.41
CA PRO E 23 14.67 -0.25 5.67
C PRO E 23 13.88 -0.89 6.79
N GLY E 24 13.28 -0.06 7.64
CA GLY E 24 12.42 -0.53 8.72
C GLY E 24 11.05 -0.88 8.21
N PRO E 25 10.16 -1.28 9.10
CA PRO E 25 8.87 -1.87 8.70
C PRO E 25 8.03 -0.91 7.91
N LYS E 26 8.02 0.36 8.29
CA LYS E 26 7.15 1.34 7.62
C LYS E 26 7.68 1.69 6.24
N SER E 27 9.01 1.77 6.13
CA SER E 27 9.64 1.91 4.85
C SER E 27 9.34 0.70 3.97
N GLN E 28 9.55 -0.51 4.50
CA GLN E 28 9.25 -1.70 3.74
C GLN E 28 7.80 -1.69 3.25
N ALA E 29 6.87 -1.23 4.10
CA ALA E 29 5.44 -1.23 3.72
C ALA E 29 5.24 -0.31 2.49
N LEU E 30 5.98 0.80 2.44
CA LEU E 30 5.89 1.72 1.31
C LEU E 30 6.52 1.13 0.04
N ALA E 31 7.69 0.51 0.17
CA ALA E 31 8.32 -0.17 -0.95
C ALA E 31 7.38 -1.22 -1.57
N GLU E 32 6.67 -1.95 -0.73
CA GLU E 32 5.71 -2.91 -1.22
C GLU E 32 4.60 -2.22 -2.02
N ARG E 33 4.10 -1.11 -1.52
CA ARG E 33 3.03 -0.40 -2.24
C ARG E 33 3.55 0.11 -3.57
N ARG E 34 4.79 0.62 -3.52
CA ARG E 34 5.44 1.27 -4.65
C ARG E 34 5.55 0.35 -5.84
N SER E 35 5.99 -0.87 -5.60
CA SER E 35 6.26 -1.78 -6.71
C SER E 35 4.99 -2.20 -7.46
N ALA E 36 3.82 -1.97 -6.88
CA ALA E 36 2.57 -2.24 -7.58
C ALA E 36 2.09 -1.06 -8.46
N VAL E 37 2.70 0.13 -8.32
CA VAL E 37 2.17 1.31 -9.00
C VAL E 37 3.16 2.27 -9.69
N VAL E 38 4.43 2.26 -9.29
CA VAL E 38 5.49 3.11 -9.88
C VAL E 38 6.35 2.29 -10.83
N ALA E 39 6.67 2.84 -11.99
CA ALA E 39 7.45 2.12 -13.02
C ALA E 39 8.77 1.61 -12.45
N ALA E 40 9.10 0.38 -12.81
CA ALA E 40 10.26 -0.35 -12.25
C ALA E 40 11.55 0.40 -12.47
N GLY E 41 11.65 1.14 -13.59
CA GLY E 41 12.85 1.92 -13.89
C GLY E 41 13.10 3.09 -12.95
N VAL E 42 12.05 3.60 -12.32
CA VAL E 42 12.20 4.72 -11.41
C VAL E 42 12.72 4.20 -10.08
N ALA E 43 14.03 4.24 -9.93
CA ALA E 43 14.70 3.68 -8.76
C ALA E 43 15.13 4.78 -7.85
N SER E 44 15.38 4.46 -6.59
CA SER E 44 15.87 5.49 -5.67
C SER E 44 17.21 5.08 -5.07
N GLY E 45 18.10 6.03 -4.87
CA GLY E 45 19.41 5.74 -4.32
C GLY E 45 19.37 5.33 -2.86
N VAL E 46 18.27 5.65 -2.18
CA VAL E 46 18.11 5.40 -0.77
C VAL E 46 16.87 4.51 -0.60
N PRO E 47 16.98 3.46 0.21
CA PRO E 47 15.82 2.61 0.43
C PRO E 47 14.85 3.02 1.55
N VAL E 48 15.11 4.12 2.25
CA VAL E 48 14.23 4.55 3.36
C VAL E 48 13.37 5.72 2.89
N TYR E 49 12.21 5.88 3.48
CA TYR E 49 11.24 6.90 3.07
C TYR E 49 11.18 8.10 4.05
N VAL E 50 11.31 9.33 3.52
CA VAL E 50 11.38 10.55 4.36
C VAL E 50 10.05 10.84 5.02
N GLU E 51 10.13 11.32 6.25
CA GLU E 51 8.99 11.89 6.94
C GLU E 51 9.26 13.37 7.23
N ASP E 52 10.50 13.68 7.63
CA ASP E 52 10.92 15.08 7.83
C ASP E 52 12.35 15.27 7.31
N ALA E 53 12.60 16.41 6.68
CA ALA E 53 13.94 16.77 6.28
C ALA E 53 14.15 18.23 6.71
N ASP E 54 15.24 18.48 7.42
CA ASP E 54 15.48 19.78 8.01
C ASP E 54 16.95 19.91 8.36
N GLY E 55 17.49 21.11 8.18
CA GLY E 55 18.90 21.32 8.37
C GLY E 55 19.70 20.33 7.56
N GLY E 56 20.47 19.50 8.26
CA GLY E 56 21.31 18.50 7.62
C GLY E 56 20.86 17.05 7.85
N ILE E 57 19.59 16.86 8.18
CA ILE E 57 19.09 15.56 8.47
C ILE E 57 17.92 15.19 7.55
N ILE E 58 17.91 13.93 7.12
CA ILE E 58 16.75 13.27 6.60
C ILE E 58 16.35 12.24 7.67
N ARG E 59 15.15 12.40 8.23
CA ARG E 59 14.59 11.43 9.14
C ARG E 59 13.51 10.59 8.49
N ASP E 60 13.63 9.27 8.59
CA ASP E 60 12.74 8.37 7.86
C ASP E 60 11.52 7.99 8.66
N VAL E 61 10.60 7.30 8.02
CA VAL E 61 9.33 7.00 8.65
C VAL E 61 9.48 6.08 9.86
N ASP E 62 10.65 5.47 10.02
CA ASP E 62 10.89 4.54 11.13
C ASP E 62 11.77 5.22 12.17
N GLY E 63 11.92 6.53 12.10
CA GLY E 63 12.67 7.29 13.11
C GLY E 63 14.16 7.39 12.97
N ASN E 64 14.71 6.86 11.89
CA ASN E 64 16.16 6.94 11.66
C ASN E 64 16.56 8.31 11.14
N SER E 65 17.70 8.82 11.56
CA SER E 65 18.14 10.12 11.15
C SER E 65 19.45 9.98 10.41
N PHE E 66 19.43 10.33 9.11
CA PHE E 66 20.60 10.27 8.24
C PHE E 66 21.18 11.65 8.03
N ILE E 67 22.50 11.72 7.88
CA ILE E 67 23.12 12.99 7.44
C ILE E 67 22.84 13.17 5.92
N ASP E 68 22.40 14.36 5.55
CA ASP E 68 22.06 14.68 4.15
C ASP E 68 23.20 15.41 3.45
N LEU E 69 23.98 14.68 2.65
CA LEU E 69 25.09 15.30 1.95
C LEU E 69 24.79 15.50 0.46
N GLY E 70 23.49 15.51 0.13
CA GLY E 70 23.06 15.74 -1.27
C GLY E 70 22.11 16.89 -1.52
N SER E 71 21.48 17.39 -0.46
CA SER E 71 20.41 18.37 -0.55
C SER E 71 19.46 18.16 -1.73
N GLY E 72 19.07 16.90 -1.98
CA GLY E 72 18.10 16.60 -3.04
C GLY E 72 18.63 16.91 -4.44
N ILE E 73 19.93 16.67 -4.60
CA ILE E 73 20.71 17.07 -5.77
C ILE E 73 20.75 18.60 -5.88
N ALA E 74 21.35 19.21 -4.87
CA ALA E 74 21.66 20.63 -4.87
C ALA E 74 20.45 21.51 -4.88
N VAL E 75 19.33 21.00 -4.39
CA VAL E 75 18.08 21.78 -4.40
C VAL E 75 17.80 22.50 -3.08
N THR E 76 17.84 21.78 -1.95
CA THR E 76 17.43 22.35 -0.66
C THR E 76 18.66 22.98 -0.02
N SER E 77 19.26 23.97 -0.72
CA SER E 77 20.42 24.67 -0.18
C SER E 77 20.09 25.42 1.13
N VAL E 78 18.90 26.03 1.17
CA VAL E 78 18.42 26.70 2.38
C VAL E 78 17.92 25.73 3.42
N GLY E 79 17.98 24.44 3.11
CA GLY E 79 17.40 23.41 3.95
C GLY E 79 16.06 23.01 3.42
N ALA E 80 15.70 21.74 3.64
CA ALA E 80 14.47 21.19 3.17
C ALA E 80 13.24 21.69 3.91
N SER E 81 13.43 22.50 4.93
CA SER E 81 12.34 22.96 5.78
C SER E 81 12.61 24.34 6.41
N ASP E 82 13.21 25.25 5.64
CA ASP E 82 13.43 26.60 6.12
C ASP E 82 12.10 27.22 6.53
N PRO E 83 12.04 27.76 7.76
CA PRO E 83 10.77 28.30 8.28
C PRO E 83 10.21 29.43 7.39
N ALA E 84 11.10 30.27 6.85
CA ALA E 84 10.68 31.36 5.99
C ALA E 84 9.96 30.84 4.71
N VAL E 85 10.57 29.82 4.08
CA VAL E 85 9.99 29.17 2.93
C VAL E 85 8.64 28.57 3.29
N VAL E 86 8.62 27.82 4.37
CA VAL E 86 7.41 27.14 4.80
C VAL E 86 6.26 28.13 5.02
N ALA E 87 6.58 29.20 5.74
CA ALA E 87 5.62 30.22 6.06
C ALA E 87 5.11 30.84 4.72
N ALA E 88 6.06 31.16 3.83
CA ALA E 88 5.73 31.86 2.61
C ALA E 88 4.76 30.98 1.75
N VAL E 89 5.07 29.67 1.69
CA VAL E 89 4.31 28.71 0.97
C VAL E 89 2.90 28.63 1.56
N GLN E 90 2.85 28.49 2.87
CA GLN E 90 1.58 28.41 3.60
C GLN E 90 0.68 29.62 3.35
N GLU E 91 1.26 30.80 3.43
CA GLU E 91 0.51 32.04 3.24
C GLU E 91 0.03 32.18 1.81
N ALA E 92 0.92 31.97 0.85
CA ALA E 92 0.56 32.13 -0.57
C ALA E 92 -0.51 31.14 -1.03
N ALA E 93 -0.40 29.90 -0.56
CA ALA E 93 -1.36 28.88 -0.96
C ALA E 93 -2.78 29.26 -0.55
N ALA E 94 -2.93 29.96 0.57
CA ALA E 94 -4.24 30.31 1.09
C ALA E 94 -4.97 31.33 0.21
N HIS E 95 -4.21 32.05 -0.63
CA HIS E 95 -4.77 33.10 -1.45
C HIS E 95 -5.18 32.56 -2.79
N PHE E 96 -4.26 31.88 -3.46
CA PHE E 96 -4.54 31.17 -4.72
C PHE E 96 -3.35 30.28 -5.09
N THR E 97 -3.65 29.08 -5.60
CA THR E 97 -2.61 28.12 -5.99
C THR E 97 -2.04 28.39 -7.38
N HIS E 98 -2.88 28.91 -8.28
CA HIS E 98 -2.51 29.10 -9.67
C HIS E 98 -3.56 29.90 -10.41
N THR E 99 -3.11 30.84 -11.24
CA THR E 99 -4.01 31.49 -12.18
C THR E 99 -3.47 31.48 -13.62
N CYS E 100 -2.24 31.00 -13.80
CA CYS E 100 -1.51 31.08 -15.06
C CYS E 100 -1.15 32.51 -15.42
N PHE E 101 0.10 32.87 -15.19
CA PHE E 101 0.58 34.23 -15.40
C PHE E 101 0.22 34.79 -16.77
N MET E 102 0.30 33.96 -17.82
CA MET E 102 -0.09 34.39 -19.18
C MET E 102 -1.56 34.78 -19.28
N VAL E 103 -2.40 34.34 -18.34
CA VAL E 103 -3.81 34.73 -18.32
C VAL E 103 -4.03 35.88 -17.32
N THR E 104 -3.94 35.58 -16.02
CA THR E 104 -4.07 36.60 -14.98
C THR E 104 -2.76 36.68 -14.18
N PRO E 105 -2.02 37.80 -14.31
CA PRO E 105 -0.72 37.91 -13.68
C PRO E 105 -0.83 38.18 -12.19
N TYR E 106 0.32 38.20 -11.51
CA TYR E 106 0.36 38.32 -10.07
C TYR E 106 1.73 38.76 -9.58
N GLU E 107 1.74 39.43 -8.43
CA GLU E 107 2.95 40.08 -7.93
C GLU E 107 4.14 39.12 -7.75
N GLY E 108 3.87 37.92 -7.25
CA GLY E 108 4.92 36.96 -6.98
C GLY E 108 5.88 36.76 -8.14
N TYR E 109 5.31 36.61 -9.35
CA TYR E 109 6.11 36.43 -10.56
C TYR E 109 7.02 37.63 -10.76
N VAL E 110 6.42 38.82 -10.74
CA VAL E 110 7.21 40.05 -10.97
C VAL E 110 8.31 40.17 -9.91
N ALA E 111 7.95 39.89 -8.64
CA ALA E 111 8.91 40.09 -7.53
C ALA E 111 10.12 39.17 -7.70
N VAL E 112 9.85 37.91 -8.05
CA VAL E 112 10.94 36.95 -8.26
C VAL E 112 11.83 37.47 -9.36
N THR E 113 11.21 37.93 -10.41
CA THR E 113 11.93 38.45 -11.53
C THR E 113 12.81 39.62 -11.15
N GLU E 114 12.30 40.49 -10.26
CA GLU E 114 13.10 41.63 -9.77
C GLU E 114 14.37 41.13 -9.05
N GLN E 115 14.21 40.12 -8.22
CA GLN E 115 15.35 39.55 -7.52
C GLN E 115 16.36 38.98 -8.48
N LEU E 116 15.91 38.23 -9.46
CA LEU E 116 16.87 37.55 -10.35
C LEU E 116 17.63 38.56 -11.21
N ASN E 117 16.95 39.63 -11.63
CA ASN E 117 17.59 40.79 -12.30
C ASN E 117 18.74 41.35 -11.48
N ARG E 118 18.49 41.52 -10.18
CA ARG E 118 19.45 42.11 -9.24
C ARG E 118 20.63 41.19 -8.90
N LEU E 119 20.37 39.91 -8.71
CA LEU E 119 21.38 38.97 -8.22
C LEU E 119 22.28 38.38 -9.30
N THR E 120 21.83 38.42 -10.55
CA THR E 120 22.60 37.84 -11.64
C THR E 120 23.72 38.79 -12.04
N PRO E 121 24.80 38.27 -12.63
CA PRO E 121 25.93 39.11 -13.00
C PRO E 121 25.63 40.08 -14.12
N GLY E 122 26.45 41.12 -14.21
CA GLY E 122 26.29 42.20 -15.18
C GLY E 122 25.38 43.32 -14.70
N ASP E 123 25.66 44.54 -15.16
CA ASP E 123 24.87 45.75 -14.87
C ASP E 123 24.04 46.24 -16.07
N HIS E 124 24.09 45.49 -17.17
CA HIS E 124 23.32 45.82 -18.36
C HIS E 124 21.86 45.51 -18.17
N ALA E 125 21.04 45.92 -19.13
CA ALA E 125 19.62 45.68 -19.06
C ALA E 125 19.31 44.19 -19.18
N LYS E 126 18.57 43.64 -18.22
CA LYS E 126 18.23 42.22 -18.24
C LYS E 126 16.74 42.00 -18.08
N ARG E 127 16.25 40.86 -18.55
CA ARG E 127 14.88 40.45 -18.32
C ARG E 127 14.83 38.97 -18.01
N THR E 128 13.68 38.51 -17.54
CA THR E 128 13.55 37.16 -17.03
C THR E 128 12.20 36.56 -17.44
N VAL E 129 12.17 35.25 -17.69
CA VAL E 129 10.91 34.52 -17.80
C VAL E 129 11.04 33.30 -16.87
N LEU E 130 9.90 32.83 -16.33
CA LEU E 130 9.88 31.72 -15.39
C LEU E 130 9.20 30.46 -15.94
N PHE E 131 9.73 29.30 -15.56
CA PHE E 131 9.15 28.02 -15.93
C PHE E 131 9.16 27.10 -14.72
N ASN E 132 9.09 25.78 -14.89
CA ASN E 132 9.04 24.85 -13.75
C ASN E 132 10.35 24.07 -13.54
N SER E 133 10.86 23.38 -14.59
CA SER E 133 12.05 22.53 -14.46
C SER E 133 13.29 23.13 -15.05
N GLY E 134 14.43 22.60 -14.67
CA GLY E 134 15.68 23.03 -15.27
C GLY E 134 15.68 22.77 -16.78
N ALA E 135 15.21 21.58 -17.18
CA ALA E 135 15.11 21.27 -18.58
C ALA E 135 14.30 22.32 -19.33
N GLU E 136 13.17 22.74 -18.74
CA GLU E 136 12.36 23.75 -19.41
C GLU E 136 13.19 25.04 -19.55
N ALA E 137 13.95 25.38 -18.51
CA ALA E 137 14.79 26.59 -18.55
C ALA E 137 15.77 26.54 -19.72
N VAL E 138 16.51 25.46 -19.82
CA VAL E 138 17.50 25.30 -20.90
C VAL E 138 16.80 25.29 -22.29
N GLU E 139 15.69 24.58 -22.40
CA GLU E 139 14.89 24.60 -23.60
C GLU E 139 14.58 26.05 -24.02
N ASN E 140 14.20 26.87 -23.05
CA ASN E 140 13.81 28.24 -23.38
C ASN E 140 15.01 29.14 -23.69
N ALA E 141 16.12 28.94 -23.01
CA ALA E 141 17.33 29.66 -23.30
C ALA E 141 17.71 29.43 -24.79
N VAL E 142 17.59 28.19 -25.24
CA VAL E 142 17.96 27.82 -26.61
C VAL E 142 16.94 28.39 -27.59
N LYS E 143 15.65 28.39 -27.25
CA LYS E 143 14.64 29.03 -28.11
C LYS E 143 14.96 30.50 -28.32
N VAL E 144 15.35 31.19 -27.25
CA VAL E 144 15.66 32.59 -27.34
C VAL E 144 16.90 32.77 -28.20
N ALA E 145 17.97 32.04 -27.91
CA ALA E 145 19.20 32.18 -28.70
C ALA E 145 18.87 32.03 -30.16
N ARG E 146 18.07 31.02 -30.47
CA ARG E 146 17.79 30.71 -31.85
C ARG E 146 16.97 31.79 -32.53
N LEU E 147 15.91 32.25 -31.86
CA LEU E 147 15.06 33.31 -32.38
C LEU E 147 15.86 34.60 -32.51
N ALA E 148 16.54 35.00 -31.45
CA ALA E 148 17.24 36.30 -31.45
C ALA E 148 18.34 36.36 -32.49
N THR E 149 19.12 35.29 -32.64
CA THR E 149 20.28 35.34 -33.56
C THR E 149 19.88 34.98 -34.99
N GLY E 150 18.73 34.34 -35.15
CA GLY E 150 18.36 33.81 -36.46
C GLY E 150 19.27 32.68 -36.95
N ARG E 151 20.03 32.07 -36.06
CA ARG E 151 20.86 30.92 -36.38
C ARG E 151 20.35 29.62 -35.72
N ASP E 152 20.91 28.50 -36.14
CA ASP E 152 20.44 27.15 -35.80
C ASP E 152 21.32 26.42 -34.76
N ALA E 153 22.61 26.35 -35.04
CA ALA E 153 23.51 25.45 -34.34
C ALA E 153 23.64 25.85 -32.88
N VAL E 154 23.66 24.86 -31.99
CA VAL E 154 23.98 25.08 -30.59
C VAL E 154 25.17 24.19 -30.21
N VAL E 155 26.21 24.74 -29.57
CA VAL E 155 27.28 23.88 -29.14
C VAL E 155 27.16 23.60 -27.67
N ALA E 156 27.30 22.32 -27.33
CA ALA E 156 27.45 21.88 -25.95
C ALA E 156 28.79 21.12 -25.85
N PHE E 157 29.16 20.72 -24.64
CA PHE E 157 30.47 20.12 -24.39
C PHE E 157 30.45 18.67 -23.93
N ASP E 158 31.58 18.01 -24.08
CA ASP E 158 31.79 16.73 -23.42
C ASP E 158 31.48 16.89 -21.94
N HIS E 159 30.95 15.82 -21.36
CA HIS E 159 30.57 15.76 -19.96
C HIS E 159 29.41 16.64 -19.58
N ALA E 160 28.74 17.23 -20.56
CA ALA E 160 27.63 18.14 -20.27
C ALA E 160 26.41 17.33 -19.84
N TYR E 161 25.61 17.94 -18.96
CA TYR E 161 24.29 17.45 -18.64
C TYR E 161 23.36 18.64 -18.60
N HIS E 162 22.24 18.58 -19.32
CA HIS E 162 21.27 19.69 -19.36
C HIS E 162 19.81 19.28 -19.26
N GLY E 163 19.49 17.98 -19.20
CA GLY E 163 18.12 17.55 -18.98
C GLY E 163 17.65 16.34 -19.75
N ARG E 164 16.39 16.03 -19.56
CA ARG E 164 15.79 14.81 -20.02
C ARG E 164 14.64 14.97 -21.01
N THR E 165 14.40 16.20 -21.47
CA THR E 165 13.53 16.39 -22.65
C THR E 165 14.33 16.03 -23.91
N ASN E 166 13.69 15.88 -25.05
CA ASN E 166 14.45 15.46 -26.26
C ASN E 166 15.67 16.34 -26.60
N LEU E 167 15.47 17.65 -26.59
CA LEU E 167 16.55 18.58 -26.87
C LEU E 167 17.59 18.56 -25.78
N THR E 168 17.17 18.45 -24.53
CA THR E 168 18.17 18.55 -23.42
C THR E 168 18.94 17.24 -23.28
N MET E 169 18.29 16.15 -23.67
CA MET E 169 18.99 14.91 -23.92
C MET E 169 20.02 15.12 -25.04
N ALA E 170 19.60 15.72 -26.14
CA ALA E 170 20.52 16.01 -27.23
C ALA E 170 21.72 16.75 -26.69
N LEU E 171 21.47 17.76 -25.84
CA LEU E 171 22.56 18.59 -25.34
C LEU E 171 23.42 17.85 -24.36
N THR E 172 22.84 16.86 -23.70
CA THR E 172 23.55 16.06 -22.72
C THR E 172 24.54 15.09 -23.39
N ALA E 173 25.73 14.94 -22.81
CA ALA E 173 26.75 14.06 -23.38
C ALA E 173 26.53 12.59 -23.09
N LYS E 174 26.31 12.23 -21.83
CA LYS E 174 26.33 10.81 -21.43
C LYS E 174 25.04 10.09 -21.80
N ALA E 175 25.18 8.93 -22.42
CA ALA E 175 24.05 8.23 -23.00
C ALA E 175 23.36 7.36 -21.99
N MET E 176 24.10 6.72 -21.09
CA MET E 176 23.47 5.84 -20.05
C MET E 176 23.36 6.55 -18.70
N PRO E 177 22.14 6.69 -18.16
CA PRO E 177 20.85 6.21 -18.62
C PRO E 177 20.02 7.25 -19.33
N TYR E 178 20.58 8.43 -19.58
CA TYR E 178 19.74 9.58 -19.97
C TYR E 178 19.22 9.57 -21.42
N LYS E 179 19.88 8.84 -22.32
CA LYS E 179 19.56 8.92 -23.76
C LYS E 179 19.19 7.60 -24.46
N THR E 180 19.75 6.47 -23.98
CA THR E 180 19.64 5.20 -24.70
C THR E 180 18.21 4.90 -25.10
N ASN E 181 18.00 4.69 -26.38
CA ASN E 181 16.74 4.31 -26.98
C ASN E 181 15.63 5.36 -26.90
N PHE E 182 15.96 6.59 -26.51
CA PHE E 182 14.97 7.68 -26.48
C PHE E 182 14.95 8.61 -27.69
N GLY E 183 15.87 8.44 -28.64
CA GLY E 183 15.98 9.34 -29.79
C GLY E 183 14.99 8.95 -30.85
N PRO E 184 15.13 9.50 -32.05
CA PRO E 184 16.15 10.42 -32.50
C PRO E 184 16.08 11.79 -31.85
N PHE E 185 17.23 12.44 -31.72
CA PHE E 185 17.36 13.65 -30.95
C PHE E 185 17.28 14.93 -31.79
N ALA E 186 16.91 16.03 -31.12
CA ALA E 186 16.73 17.36 -31.73
C ALA E 186 17.99 17.73 -32.54
N PRO E 187 17.81 18.33 -33.71
CA PRO E 187 18.95 18.51 -34.61
C PRO E 187 19.74 19.77 -34.35
N GLU E 188 20.90 19.85 -35.01
CA GLU E 188 21.84 20.97 -34.98
C GLU E 188 22.38 21.25 -33.60
N VAL E 189 22.78 20.18 -32.92
CA VAL E 189 23.52 20.25 -31.71
C VAL E 189 24.92 19.67 -31.97
N TYR E 190 25.96 20.37 -31.55
CA TYR E 190 27.32 19.96 -31.83
C TYR E 190 28.09 19.86 -30.53
N ARG E 191 28.97 18.89 -30.43
CA ARG E 191 29.69 18.67 -29.18
C ARG E 191 31.16 19.03 -29.32
N MET E 192 31.67 19.74 -28.32
CA MET E 192 33.03 20.23 -28.36
C MET E 192 33.78 19.83 -27.08
N PRO E 193 35.11 19.77 -27.15
CA PRO E 193 35.88 19.32 -26.02
C PRO E 193 35.89 20.30 -24.86
N MET E 194 35.88 19.74 -23.66
CA MET E 194 35.81 20.51 -22.42
C MET E 194 37.21 20.69 -21.86
N SER E 195 37.38 21.66 -21.00
CA SER E 195 38.60 21.76 -20.19
C SER E 195 38.40 20.91 -18.97
N TYR E 196 39.06 19.76 -18.93
CA TYR E 196 38.93 18.77 -17.86
C TYR E 196 40.35 18.41 -17.40
N PRO E 197 40.95 19.27 -16.57
CA PRO E 197 42.39 19.25 -16.24
C PRO E 197 42.92 17.91 -15.89
N PHE E 198 42.19 17.19 -15.05
CA PHE E 198 42.65 15.91 -14.54
C PHE E 198 42.83 14.86 -15.62
N ARG E 199 42.10 14.97 -16.73
CA ARG E 199 42.21 13.98 -17.81
C ARG E 199 42.65 14.55 -19.14
N GLU E 200 43.27 15.71 -19.14
CA GLU E 200 43.81 16.27 -20.37
C GLU E 200 44.98 15.43 -20.88
N GLU E 201 45.01 15.16 -22.18
CA GLU E 201 46.06 14.34 -22.77
C GLU E 201 47.40 15.03 -22.63
N ASN E 202 47.38 16.35 -22.65
CA ASN E 202 48.55 17.15 -22.27
C ASN E 202 48.29 17.83 -20.95
N PRO E 203 48.84 17.28 -19.86
CA PRO E 203 48.52 17.81 -18.53
C PRO E 203 48.90 19.28 -18.32
N GLU E 204 49.79 19.82 -19.14
CA GLU E 204 50.21 21.21 -19.03
C GLU E 204 49.31 22.23 -19.74
N ILE E 205 48.25 21.77 -20.41
CA ILE E 205 47.39 22.67 -21.20
C ILE E 205 46.72 23.72 -20.33
N THR E 206 46.73 24.97 -20.77
CA THR E 206 46.10 26.04 -20.01
C THR E 206 44.65 26.22 -20.43
N GLY E 207 43.88 26.92 -19.60
CA GLY E 207 42.49 27.23 -19.92
C GLY E 207 42.36 27.94 -21.24
N ALA E 208 43.22 28.93 -21.47
CA ALA E 208 43.20 29.70 -22.74
C ALA E 208 43.41 28.76 -23.91
N GLU E 209 44.37 27.85 -23.77
CA GLU E 209 44.68 26.90 -24.85
C GLU E 209 43.53 25.90 -25.08
N ALA E 210 42.88 25.50 -23.99
CA ALA E 210 41.74 24.61 -24.10
C ALA E 210 40.56 25.31 -24.80
N ALA E 211 40.40 26.60 -24.54
CA ALA E 211 39.37 27.41 -25.22
C ALA E 211 39.70 27.56 -26.71
N LYS E 212 40.97 27.77 -27.04
CA LYS E 212 41.37 27.93 -28.43
C LYS E 212 41.08 26.64 -29.20
N ARG E 213 41.34 25.50 -28.55
CA ARG E 213 41.04 24.18 -29.13
C ARG E 213 39.54 24.08 -29.48
N ALA E 214 38.68 24.42 -28.52
CA ALA E 214 37.26 24.40 -28.75
C ALA E 214 36.88 25.36 -29.88
N ILE E 215 37.37 26.60 -29.78
CA ILE E 215 37.01 27.64 -30.72
C ILE E 215 37.43 27.30 -32.15
N THR E 216 38.64 26.80 -32.34
CA THR E 216 39.08 26.41 -33.68
C THR E 216 38.18 25.32 -34.22
N MET E 217 37.82 24.38 -33.35
CA MET E 217 36.98 23.25 -33.77
C MET E 217 35.57 23.73 -34.15
N ILE E 218 35.02 24.65 -33.38
CA ILE E 218 33.72 25.20 -33.69
C ILE E 218 33.78 25.90 -35.05
N GLU E 219 34.86 26.62 -35.27
CA GLU E 219 34.99 27.47 -36.45
C GLU E 219 35.15 26.59 -37.67
N LYS E 220 35.99 25.57 -37.59
CA LYS E 220 36.16 24.66 -38.71
C LYS E 220 34.93 23.78 -39.00
N GLN E 221 34.19 23.38 -37.96
CA GLN E 221 33.12 22.39 -38.14
C GLN E 221 31.70 22.96 -38.19
N ILE E 222 31.54 24.23 -37.83
CA ILE E 222 30.23 24.90 -37.93
C ILE E 222 30.39 26.27 -38.54
N GLY E 223 31.31 27.05 -37.96
CA GLY E 223 31.53 28.45 -38.34
C GLY E 223 30.88 29.33 -37.30
N GLY E 224 31.67 30.21 -36.70
CA GLY E 224 31.15 31.08 -35.64
C GLY E 224 29.86 31.81 -35.99
N ASP E 225 29.72 32.25 -37.23
CA ASP E 225 28.56 33.07 -37.62
C ASP E 225 27.31 32.20 -37.85
N GLN E 226 27.44 30.89 -37.64
CA GLN E 226 26.35 29.93 -37.75
C GLN E 226 25.85 29.44 -36.41
N VAL E 227 26.54 29.78 -35.32
CA VAL E 227 26.21 29.24 -34.00
C VAL E 227 25.28 30.18 -33.28
N ALA E 228 24.13 29.69 -32.86
CA ALA E 228 23.17 30.50 -32.17
C ALA E 228 23.59 30.67 -30.71
N ALA E 229 24.12 29.62 -30.12
CA ALA E 229 24.45 29.62 -28.71
C ALA E 229 25.58 28.66 -28.35
N ILE E 230 26.42 29.02 -27.39
CA ILE E 230 27.31 28.09 -26.73
C ILE E 230 26.70 27.94 -25.33
N ILE E 231 26.48 26.69 -24.91
CA ILE E 231 25.91 26.44 -23.58
C ILE E 231 26.90 25.64 -22.77
N ILE E 232 27.18 26.10 -21.57
CA ILE E 232 28.12 25.38 -20.71
C ILE E 232 27.75 25.55 -19.26
N GLU E 233 27.98 24.51 -18.49
CA GLU E 233 27.90 24.58 -17.06
C GLU E 233 29.24 25.08 -16.58
N PRO E 234 29.27 26.20 -15.84
CA PRO E 234 30.53 26.68 -15.27
C PRO E 234 31.27 25.63 -14.44
N ILE E 235 30.54 24.84 -13.65
CA ILE E 235 31.08 23.61 -13.09
C ILE E 235 30.14 22.50 -13.52
N GLN E 236 30.67 21.53 -14.26
CA GLN E 236 29.82 20.47 -14.83
C GLN E 236 29.40 19.53 -13.72
N GLY E 237 28.08 19.37 -13.55
CA GLY E 237 27.55 18.62 -12.41
C GLY E 237 27.61 17.12 -12.59
N GLU E 238 26.58 16.57 -13.22
CA GLU E 238 26.52 15.13 -13.46
C GLU E 238 27.75 14.61 -14.17
N GLY E 239 28.42 15.44 -14.96
CA GLY E 239 29.66 15.03 -15.63
C GLY E 239 30.81 14.74 -14.68
N GLY E 240 30.70 15.26 -13.46
CA GLY E 240 31.67 14.94 -12.39
C GLY E 240 32.27 16.13 -11.68
N PHE E 241 31.50 17.21 -11.54
CA PHE E 241 31.98 18.43 -10.90
C PHE E 241 33.31 18.83 -11.55
N ILE E 242 33.33 18.85 -12.87
CA ILE E 242 34.53 19.23 -13.62
C ILE E 242 34.60 20.74 -13.60
N VAL E 243 35.71 21.28 -13.06
CA VAL E 243 35.94 22.71 -13.09
C VAL E 243 36.97 22.94 -14.17
N PRO E 244 36.64 23.78 -15.15
CA PRO E 244 37.59 24.09 -16.19
C PRO E 244 38.80 24.88 -15.68
N ALA E 245 39.92 24.78 -16.38
CA ALA E 245 41.09 25.59 -16.06
C ALA E 245 40.77 27.06 -16.12
N GLU E 246 41.45 27.82 -15.28
CA GLU E 246 41.33 29.29 -15.27
C GLU E 246 41.60 29.80 -16.70
N GLY E 247 40.75 30.70 -17.17
CA GLY E 247 40.93 31.33 -18.47
C GLY E 247 40.10 30.74 -19.60
N PHE E 248 39.52 29.57 -19.37
CA PHE E 248 38.68 28.90 -20.36
C PHE E 248 37.36 29.66 -20.57
N LEU E 249 36.58 29.82 -19.50
CA LEU E 249 35.28 30.46 -19.62
C LEU E 249 35.36 31.90 -20.17
N PRO E 250 36.27 32.73 -19.67
CA PRO E 250 36.36 34.08 -20.26
C PRO E 250 36.71 34.08 -21.76
N ALA E 251 37.59 33.17 -22.18
CA ALA E 251 37.94 33.04 -23.60
C ALA E 251 36.70 32.74 -24.43
N LEU E 252 35.91 31.76 -23.99
CA LEU E 252 34.69 31.43 -24.72
C LEU E 252 33.75 32.63 -24.71
N SER E 253 33.66 33.33 -23.59
CA SER E 253 32.74 34.46 -23.51
C SER E 253 33.13 35.54 -24.47
N GLU E 254 34.43 35.85 -24.51
CA GLU E 254 34.95 36.94 -25.39
C GLU E 254 34.63 36.58 -26.83
N TRP E 255 34.95 35.35 -27.20
CA TRP E 255 34.78 34.88 -28.56
C TRP E 255 33.34 34.86 -28.98
N ALA E 256 32.48 34.42 -28.07
CA ALA E 256 31.05 34.45 -28.33
C ALA E 256 30.61 35.87 -28.64
N LYS E 257 31.07 36.84 -27.84
CA LYS E 257 30.68 38.26 -28.07
C LYS E 257 31.14 38.69 -29.47
N GLU E 258 32.38 38.32 -29.83
CA GLU E 258 32.97 38.72 -31.14
C GLU E 258 32.12 38.15 -32.26
N LYS E 259 31.60 36.93 -32.11
CA LYS E 259 30.90 36.28 -33.21
C LYS E 259 29.40 36.40 -33.16
N GLY E 260 28.87 37.13 -32.19
CA GLY E 260 27.42 37.34 -32.09
C GLY E 260 26.67 36.11 -31.60
N ILE E 261 27.38 35.21 -30.91
CA ILE E 261 26.83 33.96 -30.39
C ILE E 261 26.35 34.17 -28.96
N VAL E 262 25.14 33.74 -28.65
CA VAL E 262 24.62 33.83 -27.27
C VAL E 262 25.38 32.87 -26.37
N PHE E 263 25.96 33.37 -25.30
CA PHE E 263 26.68 32.54 -24.36
C PHE E 263 25.75 32.22 -23.19
N ILE E 264 25.35 30.94 -23.08
CA ILE E 264 24.40 30.51 -22.05
C ILE E 264 25.14 29.79 -20.95
N ALA E 265 25.11 30.33 -19.73
CA ALA E 265 25.68 29.61 -18.58
C ALA E 265 24.55 28.80 -17.93
N ASP E 266 24.74 27.49 -17.83
CA ASP E 266 23.74 26.65 -17.18
C ASP E 266 24.07 26.54 -15.72
N GLU E 267 23.39 27.35 -14.92
CA GLU E 267 23.66 27.45 -13.49
C GLU E 267 22.57 26.78 -12.67
N VAL E 268 21.97 25.75 -13.25
CA VAL E 268 20.84 25.06 -12.62
C VAL E 268 21.32 24.40 -11.35
N GLN E 269 22.46 23.70 -11.43
CA GLN E 269 23.03 23.03 -10.26
C GLN E 269 23.97 23.97 -9.45
N SER E 270 24.71 24.84 -10.12
CA SER E 270 25.73 25.66 -9.48
C SER E 270 25.24 26.99 -8.96
N GLY E 271 24.03 27.38 -9.33
CA GLY E 271 23.54 28.69 -8.96
C GLY E 271 23.05 28.84 -7.53
N PHE E 272 22.87 30.08 -7.10
CA PHE E 272 22.33 30.44 -5.78
C PHE E 272 23.17 30.00 -4.58
N CYS E 273 24.38 30.56 -4.52
CA CYS E 273 25.28 30.45 -3.35
C CYS E 273 26.00 29.10 -3.23
N ARG E 274 25.59 28.13 -4.03
CA ARG E 274 26.15 26.78 -3.96
C ARG E 274 27.66 26.75 -4.02
N THR E 275 28.27 27.61 -4.82
CA THR E 275 29.73 27.59 -4.98
C THR E 275 30.47 28.65 -4.17
N GLY E 276 29.76 29.39 -3.34
CA GLY E 276 30.40 30.41 -2.51
C GLY E 276 30.20 31.80 -3.06
N GLU E 277 29.74 31.88 -4.30
CA GLU E 277 29.25 33.13 -4.88
C GLU E 277 27.81 32.94 -5.33
N TRP E 278 27.11 34.02 -5.61
CA TRP E 278 25.73 33.88 -6.11
C TRP E 278 25.67 32.97 -7.29
N PHE E 279 26.60 33.11 -8.23
CA PHE E 279 26.68 32.23 -9.37
C PHE E 279 28.11 31.80 -9.65
N ALA E 280 28.28 30.58 -10.12
CA ALA E 280 29.59 29.99 -10.33
C ALA E 280 30.44 30.85 -11.30
N VAL E 281 29.79 31.53 -12.24
CA VAL E 281 30.51 32.37 -13.19
C VAL E 281 31.20 33.53 -12.47
N ASP E 282 30.70 33.89 -11.29
CA ASP E 282 31.27 35.00 -10.51
C ASP E 282 32.71 34.73 -10.06
N HIS E 283 33.09 33.46 -9.91
CA HIS E 283 34.48 33.13 -9.61
C HIS E 283 35.43 33.78 -10.57
N GLU E 284 35.08 33.81 -11.86
CA GLU E 284 35.95 34.41 -12.87
C GLU E 284 35.40 35.69 -13.47
N GLY E 285 34.30 36.19 -12.93
CA GLY E 285 33.67 37.42 -13.43
C GLY E 285 33.11 37.34 -14.84
N VAL E 286 32.80 36.14 -15.31
CA VAL E 286 32.19 35.98 -16.60
C VAL E 286 30.75 36.43 -16.54
N VAL E 287 30.32 37.18 -17.55
CA VAL E 287 28.96 37.73 -17.60
C VAL E 287 28.22 37.12 -18.77
N PRO E 288 27.36 36.12 -18.50
CA PRO E 288 26.68 35.40 -19.57
C PRO E 288 25.59 36.21 -20.20
N ASP E 289 25.26 35.88 -21.45
CA ASP E 289 24.16 36.52 -22.16
C ASP E 289 22.82 36.03 -21.65
N ILE E 290 22.74 34.73 -21.35
CA ILE E 290 21.56 34.17 -20.69
C ILE E 290 22.04 33.18 -19.66
N ILE E 291 21.37 33.15 -18.51
CA ILE E 291 21.70 32.15 -17.51
C ILE E 291 20.45 31.38 -17.11
N THR E 292 20.59 30.04 -17.05
CA THR E 292 19.46 29.16 -16.77
C THR E 292 19.55 28.77 -15.32
N MET E 293 18.40 28.79 -14.65
CA MET E 293 18.37 28.51 -13.22
C MET E 293 17.21 27.60 -12.86
N ALA E 294 17.43 26.77 -11.82
CA ALA E 294 16.36 26.01 -11.15
C ALA E 294 16.83 25.60 -9.75
N LYS E 295 16.48 24.40 -9.34
CA LYS E 295 16.96 23.78 -8.10
C LYS E 295 16.88 24.72 -6.88
N GLY E 296 18.00 25.35 -6.52
CA GLY E 296 18.08 26.14 -5.30
C GLY E 296 17.17 27.34 -5.24
N ILE E 297 16.77 27.79 -6.40
CA ILE E 297 15.98 29.01 -6.52
C ILE E 297 14.81 29.11 -5.54
N ALA E 298 14.07 28.03 -5.32
CA ALA E 298 12.81 28.12 -4.61
C ALA E 298 12.73 27.13 -3.46
N GLY E 299 13.88 26.84 -2.87
CA GLY E 299 13.94 26.05 -1.65
C GLY E 299 13.18 24.72 -1.70
N GLY E 300 13.07 24.16 -2.90
CA GLY E 300 12.46 22.89 -3.10
C GLY E 300 11.16 22.95 -3.88
N LEU E 301 10.52 24.11 -3.97
CA LEU E 301 9.32 24.16 -4.76
C LEU E 301 9.73 24.19 -6.23
N PRO E 302 8.82 23.78 -7.13
CA PRO E 302 9.20 23.62 -8.52
C PRO E 302 9.16 24.96 -9.26
N LEU E 303 10.32 25.51 -9.50
CA LEU E 303 10.45 26.73 -10.24
C LEU E 303 11.78 26.72 -10.97
N SER E 304 11.80 27.35 -12.14
CA SER E 304 13.02 27.54 -12.91
C SER E 304 12.92 28.84 -13.68
N ALA E 305 14.02 29.25 -14.26
CA ALA E 305 14.03 30.55 -14.85
C ALA E 305 15.15 30.72 -15.88
N ILE E 306 14.94 31.63 -16.83
CA ILE E 306 16.06 32.23 -17.61
C ILE E 306 16.12 33.73 -17.34
N THR E 307 17.34 34.25 -17.18
CA THR E 307 17.57 35.69 -17.06
C THR E 307 18.69 36.06 -18.00
N GLY E 308 18.45 37.03 -18.88
CA GLY E 308 19.45 37.41 -19.88
C GLY E 308 19.27 38.79 -20.46
N ARG E 309 20.16 39.15 -21.37
CA ARG E 309 20.11 40.46 -22.02
C ARG E 309 18.71 40.81 -22.48
N ALA E 310 18.29 42.03 -22.16
CA ALA E 310 16.97 42.50 -22.54
C ALA E 310 16.78 42.43 -24.04
N ASP E 311 17.80 42.81 -24.79
CA ASP E 311 17.68 42.83 -26.26
C ASP E 311 17.46 41.43 -26.85
N LEU E 312 18.00 40.40 -26.20
CA LEU E 312 17.73 39.01 -26.60
C LEU E 312 16.33 38.61 -26.22
N LEU E 313 16.03 38.68 -24.94
CA LEU E 313 14.74 38.20 -24.49
C LEU E 313 13.57 38.99 -25.06
N ASP E 314 13.73 40.29 -25.24
CA ASP E 314 12.62 41.08 -25.76
C ASP E 314 12.40 40.85 -27.23
N ALA E 315 13.36 40.23 -27.91
CA ALA E 315 13.19 39.90 -29.34
C ALA E 315 12.04 38.88 -29.56
N VAL E 316 11.72 38.07 -28.55
CA VAL E 316 10.72 37.02 -28.75
C VAL E 316 9.33 37.63 -28.86
N HIS E 317 8.60 37.18 -29.87
CA HIS E 317 7.27 37.66 -30.15
C HIS E 317 6.32 37.37 -29.04
N PRO E 318 5.20 38.10 -28.98
CA PRO E 318 4.19 37.87 -27.92
C PRO E 318 3.74 36.45 -27.86
N GLY E 319 3.72 35.88 -26.67
CA GLY E 319 3.25 34.50 -26.45
C GLY E 319 4.21 33.42 -26.95
N GLY E 320 5.44 33.80 -27.33
CA GLY E 320 6.40 32.84 -27.81
C GLY E 320 7.03 31.99 -26.73
N LEU E 321 7.18 32.54 -25.54
CA LEU E 321 7.65 31.76 -24.41
C LEU E 321 6.54 31.60 -23.41
N GLY E 322 6.46 30.42 -22.79
CA GLY E 322 5.54 30.24 -21.65
C GLY E 322 5.28 28.80 -21.26
N GLY E 323 4.04 28.52 -20.92
CA GLY E 323 3.66 27.28 -20.24
C GLY E 323 2.51 27.51 -19.29
N THR E 324 1.91 26.44 -18.77
CA THR E 324 0.77 26.58 -17.86
C THR E 324 1.20 26.96 -16.44
N TYR E 325 1.94 26.07 -15.78
CA TYR E 325 2.31 26.20 -14.37
C TYR E 325 3.35 27.26 -14.13
N GLY E 326 4.13 27.57 -15.16
CA GLY E 326 5.37 28.35 -15.00
C GLY E 326 5.25 29.57 -14.11
N GLY E 327 6.20 29.74 -13.21
CA GLY E 327 6.21 30.87 -12.28
C GLY E 327 5.03 30.73 -11.34
N ASN E 328 4.81 29.52 -10.84
CA ASN E 328 3.72 29.27 -9.94
C ASN E 328 3.83 30.14 -8.66
N PRO E 329 2.71 30.71 -8.22
CA PRO E 329 2.72 31.70 -7.13
C PRO E 329 3.20 31.15 -5.81
N VAL E 330 2.87 29.90 -5.52
CA VAL E 330 3.34 29.29 -4.28
C VAL E 330 4.84 29.11 -4.36
N ALA E 331 5.30 28.64 -5.53
CA ALA E 331 6.72 28.50 -5.78
C ALA E 331 7.43 29.83 -5.69
N CYS E 332 6.78 30.88 -6.18
CA CYS E 332 7.40 32.23 -6.16
C CYS E 332 7.57 32.71 -4.72
N ALA E 333 6.52 32.53 -3.93
CA ALA E 333 6.58 32.85 -2.52
C ALA E 333 7.79 32.12 -1.90
N ALA E 334 7.94 30.84 -2.22
CA ALA E 334 9.06 30.07 -1.71
C ALA E 334 10.36 30.74 -2.11
N ALA E 335 10.44 31.18 -3.36
CA ALA E 335 11.72 31.65 -3.86
C ALA E 335 12.12 32.92 -3.16
N LEU E 336 11.18 33.85 -3.06
CA LEU E 336 11.46 35.14 -2.42
C LEU E 336 12.00 34.90 -1.02
N ALA E 337 11.34 34.00 -0.29
CA ALA E 337 11.78 33.59 1.05
C ALA E 337 13.15 32.91 0.99
N ALA E 338 13.33 32.00 0.05
CA ALA E 338 14.60 31.28 -0.09
C ALA E 338 15.80 32.22 -0.35
N ILE E 339 15.63 33.13 -1.30
CA ILE E 339 16.64 34.13 -1.58
C ILE E 339 16.89 35.01 -0.35
N ASP E 340 15.80 35.36 0.34
CA ASP E 340 15.91 36.17 1.52
C ASP E 340 16.78 35.46 2.55
N THR E 341 16.52 34.18 2.77
CA THR E 341 17.35 33.42 3.70
C THR E 341 18.82 33.38 3.25
N MET E 342 19.07 33.26 1.95
CA MET E 342 20.43 33.22 1.46
C MET E 342 21.17 34.47 1.89
N GLU E 343 20.49 35.62 1.85
CA GLU E 343 21.08 36.93 2.21
C GLU E 343 21.18 37.08 3.72
N GLN E 344 20.04 37.01 4.42
CA GLN E 344 20.01 37.19 5.87
C GLN E 344 21.04 36.26 6.60
N HIS E 345 21.22 35.01 6.17
CA HIS E 345 22.18 34.11 6.80
C HIS E 345 23.49 33.91 6.05
N ASP E 346 23.79 34.79 5.09
CA ASP E 346 25.07 34.76 4.37
C ASP E 346 25.46 33.36 3.93
N LEU E 347 24.61 32.71 3.13
CA LEU E 347 24.91 31.34 2.71
C LEU E 347 26.10 31.29 1.77
N ASN E 348 26.39 32.38 1.04
CA ASN E 348 27.64 32.45 0.31
C ASN E 348 28.81 32.18 1.27
N GLY E 349 28.81 32.90 2.39
CA GLY E 349 29.82 32.67 3.44
C GLY E 349 29.80 31.27 4.01
N ARG E 350 28.62 30.75 4.29
CA ARG E 350 28.53 29.39 4.80
C ARG E 350 29.15 28.42 3.83
N ALA E 351 28.93 28.67 2.53
CA ALA E 351 29.43 27.79 1.48
C ALA E 351 30.92 27.83 1.44
N ARG E 352 31.47 29.02 1.58
CA ARG E 352 32.93 29.18 1.58
C ARG E 352 33.53 28.46 2.78
N HIS E 353 32.82 28.52 3.90
CA HIS E 353 33.29 27.89 5.12
C HIS E 353 33.26 26.37 4.99
N ILE E 354 32.18 25.85 4.43
CA ILE E 354 32.11 24.44 4.08
C ILE E 354 33.27 23.96 3.19
N GLU E 355 33.63 24.78 2.20
CA GLU E 355 34.77 24.46 1.32
C GLU E 355 36.02 24.24 2.17
N GLU E 356 36.27 25.17 3.11
CA GLU E 356 37.50 25.14 3.93
C GLU E 356 37.52 23.87 4.75
N LEU E 357 36.43 23.61 5.48
CA LEU E 357 36.29 22.39 6.28
C LEU E 357 36.47 21.13 5.47
N ALA E 358 35.70 21.02 4.39
CA ALA E 358 35.60 19.74 3.64
C ALA E 358 36.85 19.47 2.82
N LEU E 359 37.38 20.47 2.13
CA LEU E 359 38.63 20.30 1.40
C LEU E 359 39.78 19.98 2.38
N GLY E 360 39.73 20.57 3.57
CA GLY E 360 40.68 20.24 4.62
C GLY E 360 40.68 18.74 4.90
N LYS E 361 39.53 18.21 5.29
CA LYS E 361 39.43 16.81 5.71
C LYS E 361 39.76 15.88 4.52
N LEU E 362 39.34 16.28 3.32
CA LEU E 362 39.58 15.47 2.13
C LEU E 362 41.05 15.44 1.74
N ARG E 363 41.73 16.57 1.86
CA ARG E 363 43.16 16.59 1.60
C ARG E 363 43.99 15.81 2.64
N GLU E 364 43.53 15.82 3.89
CA GLU E 364 44.16 14.97 4.92
C GLU E 364 44.10 13.53 4.48
N LEU E 365 42.92 13.11 4.06
CA LEU E 365 42.72 11.76 3.55
C LEU E 365 43.62 11.48 2.34
N ALA E 366 43.75 12.42 1.41
CA ALA E 366 44.65 12.21 0.27
C ALA E 366 46.05 11.83 0.79
N ALA E 367 46.44 12.38 1.95
CA ALA E 367 47.69 12.01 2.74
C ALA E 367 47.57 10.91 3.84
N SER E 375 47.55 4.52 -4.20
CA SER E 375 46.55 5.54 -3.88
C SER E 375 45.33 5.56 -4.81
N VAL E 376 44.19 5.80 -4.19
CA VAL E 376 42.88 5.63 -4.79
C VAL E 376 42.21 7.00 -4.99
N VAL E 377 42.80 8.07 -4.43
CA VAL E 377 42.28 9.42 -4.60
C VAL E 377 42.95 10.13 -5.76
N GLY E 378 42.23 10.23 -6.87
CA GLY E 378 42.75 10.84 -8.08
C GLY E 378 42.74 12.36 -8.08
N ASP E 379 41.65 12.99 -7.66
CA ASP E 379 41.53 14.44 -7.79
C ASP E 379 40.45 14.96 -6.85
N ILE E 380 40.75 16.09 -6.19
CA ILE E 380 39.82 16.77 -5.30
C ILE E 380 39.59 18.13 -5.90
N ARG E 381 38.33 18.53 -6.06
CA ARG E 381 38.00 19.74 -6.80
C ARG E 381 36.63 20.22 -6.44
N GLY E 382 36.33 21.43 -6.88
CA GLY E 382 35.05 22.06 -6.61
C GLY E 382 35.23 23.39 -5.91
N ARG E 383 34.11 24.04 -5.61
CA ARG E 383 34.13 25.29 -4.87
C ARG E 383 32.89 25.35 -4.00
N GLY E 384 33.02 25.99 -2.86
CA GLY E 384 31.92 26.13 -1.93
C GLY E 384 31.36 24.83 -1.40
N ALA E 385 30.05 24.71 -1.46
CA ALA E 385 29.35 23.47 -1.07
C ALA E 385 29.07 22.57 -2.30
N MET E 386 29.92 22.69 -3.32
CA MET E 386 29.83 21.85 -4.51
C MET E 386 31.22 21.27 -4.78
N LEU E 387 31.50 20.16 -4.12
CA LEU E 387 32.86 19.63 -4.02
C LEU E 387 32.83 18.17 -4.39
N ALA E 388 33.98 17.66 -4.84
CA ALA E 388 34.01 16.28 -5.34
C ALA E 388 35.39 15.67 -5.17
N ILE E 389 35.40 14.35 -5.04
CA ILE E 389 36.61 13.59 -5.06
C ILE E 389 36.45 12.51 -6.14
N GLU E 390 37.37 12.52 -7.10
CA GLU E 390 37.34 11.55 -8.20
C GLU E 390 38.23 10.38 -7.83
N LEU E 391 37.65 9.19 -7.81
CA LEU E 391 38.36 8.00 -7.35
C LEU E 391 38.92 7.22 -8.51
N VAL E 392 40.15 6.78 -8.36
CA VAL E 392 40.82 6.03 -9.39
C VAL E 392 41.36 4.67 -8.89
N GLN E 393 41.77 3.84 -9.84
CA GLN E 393 42.39 2.55 -9.56
C GLN E 393 43.76 2.84 -8.90
N PRO E 394 44.20 1.99 -7.94
CA PRO E 394 45.39 2.30 -7.14
C PRO E 394 46.61 2.47 -8.00
N GLY E 395 47.27 3.62 -7.88
CA GLY E 395 48.52 3.86 -8.61
C GLY E 395 48.38 4.28 -10.06
N SER E 396 47.16 4.33 -10.59
CA SER E 396 46.96 4.82 -11.97
C SER E 396 45.86 5.88 -12.00
N LYS E 397 45.52 6.31 -13.21
CA LYS E 397 44.41 7.24 -13.43
C LYS E 397 43.14 6.54 -13.93
N GLU E 398 43.14 5.22 -14.07
CA GLU E 398 41.94 4.51 -14.53
C GLU E 398 40.82 4.78 -13.56
N PRO E 399 39.60 4.94 -14.05
CA PRO E 399 38.46 5.18 -13.15
C PRO E 399 38.14 4.00 -12.22
N ASN E 400 37.57 4.32 -11.05
CA ASN E 400 37.19 3.33 -10.06
C ASN E 400 35.72 3.50 -9.64
N ALA E 401 34.82 3.09 -10.53
CA ALA E 401 33.39 3.09 -10.25
C ALA E 401 33.05 2.10 -9.14
N GLU E 402 33.76 0.98 -9.11
CA GLU E 402 33.46 -0.10 -8.15
C GLU E 402 33.62 0.45 -6.73
N LEU E 403 34.76 1.10 -6.48
CA LEU E 403 35.03 1.68 -5.16
C LEU E 403 34.01 2.75 -4.86
N THR E 404 33.61 3.48 -5.90
CA THR E 404 32.68 4.59 -5.74
C THR E 404 31.34 4.10 -5.25
N LYS E 405 30.81 3.06 -5.89
CA LYS E 405 29.54 2.48 -5.46
C LYS E 405 29.69 1.96 -4.01
N ALA E 406 30.79 1.25 -3.78
CA ALA E 406 31.10 0.69 -2.47
C ALA E 406 31.04 1.77 -1.39
N VAL E 407 31.72 2.88 -1.64
CA VAL E 407 31.83 3.93 -0.64
C VAL E 407 30.48 4.59 -0.35
N ALA E 408 29.69 4.81 -1.39
CA ALA E 408 28.35 5.33 -1.22
C ALA E 408 27.51 4.35 -0.36
N ALA E 409 27.55 3.06 -0.67
CA ALA E 409 26.80 2.06 0.10
C ALA E 409 27.30 2.06 1.54
N ALA E 410 28.61 2.12 1.74
CA ALA E 410 29.16 2.13 3.07
C ALA E 410 28.65 3.27 3.87
N CYS E 411 28.63 4.44 3.25
CA CYS E 411 28.21 5.66 3.92
C CYS E 411 26.77 5.51 4.32
N LEU E 412 25.96 4.96 3.42
CA LEU E 412 24.54 4.78 3.67
C LEU E 412 24.37 3.89 4.89
N LYS E 413 25.17 2.84 4.97
CA LYS E 413 25.07 1.86 6.06
C LYS E 413 25.29 2.53 7.41
N GLU E 414 26.22 3.47 7.44
CA GLU E 414 26.51 4.23 8.67
C GLU E 414 25.57 5.43 8.90
N GLY E 415 24.58 5.63 8.03
CA GLY E 415 23.62 6.73 8.18
C GLY E 415 24.03 8.05 7.54
N VAL E 416 24.84 7.98 6.50
CA VAL E 416 25.20 9.16 5.70
C VAL E 416 24.76 9.00 4.23
N ILE E 417 23.84 9.84 3.77
CA ILE E 417 23.36 9.79 2.38
C ILE E 417 24.23 10.67 1.53
N ILE E 418 25.00 10.07 0.63
CA ILE E 418 25.95 10.80 -0.21
C ILE E 418 25.71 10.44 -1.66
N LEU E 419 25.84 11.39 -2.57
CA LEU E 419 25.59 11.12 -4.00
C LEU E 419 26.87 10.84 -4.82
N THR E 420 26.69 10.17 -5.94
CA THR E 420 27.78 9.92 -6.87
C THR E 420 27.43 10.56 -8.22
N CYS E 421 28.41 10.63 -9.10
CA CYS E 421 28.20 11.14 -10.44
C CYS E 421 29.43 10.84 -11.31
N GLY E 422 29.48 11.43 -12.50
CA GLY E 422 30.64 11.34 -13.38
C GLY E 422 30.43 10.54 -14.66
N THR E 423 31.04 11.02 -15.74
CA THR E 423 31.04 10.32 -17.00
C THR E 423 31.47 8.88 -16.80
N TYR E 424 32.46 8.65 -15.94
CA TYR E 424 32.99 7.29 -15.70
C TYR E 424 32.49 6.64 -14.42
N GLY E 425 31.50 7.26 -13.79
CA GLY E 425 30.84 6.70 -12.63
C GLY E 425 31.67 6.67 -11.36
N ASN E 426 32.73 7.47 -11.35
CA ASN E 426 33.75 7.34 -10.33
C ASN E 426 34.00 8.64 -9.57
N VAL E 427 32.97 9.47 -9.38
CA VAL E 427 33.09 10.69 -8.59
C VAL E 427 32.09 10.72 -7.45
N ILE E 428 32.61 10.92 -6.24
CA ILE E 428 31.78 11.18 -5.08
C ILE E 428 31.62 12.67 -5.00
N ARG E 429 30.38 13.12 -4.88
CA ARG E 429 30.13 14.52 -4.80
C ARG E 429 29.50 14.90 -3.45
N LEU E 430 29.97 16.03 -2.90
CA LEU E 430 29.41 16.62 -1.70
C LEU E 430 28.50 17.79 -2.08
N LEU E 431 27.20 17.65 -1.81
CA LEU E 431 26.23 18.71 -2.06
C LEU E 431 25.40 18.87 -0.81
N PRO E 432 26.04 19.25 0.30
CA PRO E 432 25.29 19.42 1.51
C PRO E 432 24.43 20.64 1.42
N PRO E 433 23.34 20.67 2.19
CA PRO E 433 22.65 21.93 2.33
C PRO E 433 23.57 22.94 2.99
N LEU E 434 23.48 24.19 2.55
CA LEU E 434 24.38 25.22 3.01
C LEU E 434 24.11 25.61 4.48
N VAL E 435 22.91 25.30 4.99
CA VAL E 435 22.59 25.51 6.40
C VAL E 435 23.07 24.37 7.33
N ILE E 436 23.90 23.46 6.84
CA ILE E 436 24.43 22.35 7.68
C ILE E 436 25.36 22.85 8.79
N SER E 437 25.33 22.20 9.94
CA SER E 437 26.20 22.58 11.05
C SER E 437 27.56 22.00 10.83
N ASP E 438 28.59 22.70 11.31
CA ASP E 438 29.94 22.17 11.29
C ASP E 438 30.02 20.74 11.89
N GLU E 439 29.31 20.54 13.01
CA GLU E 439 29.34 19.26 13.73
C GLU E 439 28.89 18.13 12.78
N LEU E 440 27.72 18.29 12.18
CA LEU E 440 27.18 17.29 11.27
C LEU E 440 28.04 17.04 10.03
N LEU E 441 28.52 18.14 9.45
CA LEU E 441 29.36 18.04 8.27
C LEU E 441 30.63 17.26 8.60
N ILE E 442 31.27 17.57 9.74
CA ILE E 442 32.49 16.84 10.14
C ILE E 442 32.19 15.36 10.37
N ASP E 443 31.04 15.08 10.96
CA ASP E 443 30.67 13.70 11.23
C ASP E 443 30.58 12.97 9.88
N GLY E 444 29.83 13.58 8.95
CA GLY E 444 29.70 13.03 7.61
C GLY E 444 31.00 12.77 6.91
N LEU E 445 31.90 13.75 6.97
CA LEU E 445 33.23 13.62 6.33
C LEU E 445 34.06 12.53 6.98
N GLU E 446 33.96 12.38 8.31
CA GLU E 446 34.64 11.28 8.99
C GLU E 446 34.12 9.92 8.48
N VAL E 447 32.79 9.78 8.39
CA VAL E 447 32.19 8.54 7.86
C VAL E 447 32.67 8.26 6.43
N LEU E 448 32.71 9.30 5.60
CA LEU E 448 33.16 9.17 4.21
C LEU E 448 34.61 8.71 4.17
N ALA E 449 35.48 9.42 4.89
CA ALA E 449 36.90 9.06 4.94
C ALA E 449 37.07 7.63 5.44
N ALA E 450 36.31 7.24 6.45
CA ALA E 450 36.42 5.87 6.95
C ALA E 450 36.07 4.87 5.84
N ALA E 451 34.97 5.14 5.13
CA ALA E 451 34.46 4.23 4.09
C ALA E 451 35.47 4.08 2.97
N ILE E 452 36.13 5.18 2.55
CA ILE E 452 37.12 5.07 1.51
C ILE E 452 38.29 4.17 1.96
N LYS E 453 38.81 4.42 3.18
CA LYS E 453 39.90 3.59 3.71
C LYS E 453 39.47 2.14 3.81
N ALA E 454 38.25 1.91 4.27
CA ALA E 454 37.75 0.55 4.41
C ALA E 454 37.67 -0.23 3.06
N HIS E 455 37.45 0.44 1.93
CA HIS E 455 37.39 -0.22 0.60
C HIS E 455 38.30 0.46 -0.41
N LEU F 8 -22.25 24.12 -1.73
CA LEU F 8 -20.78 24.06 -1.38
C LEU F 8 -20.44 25.46 -0.89
N SER F 9 -19.58 25.61 0.13
CA SER F 9 -19.35 26.95 0.72
C SER F 9 -17.99 27.56 0.28
N TYR F 10 -17.97 28.87 0.12
CA TYR F 10 -16.82 29.58 -0.42
C TYR F 10 -16.21 30.57 0.57
N ARG F 11 -15.07 31.14 0.22
CA ARG F 11 -14.30 31.98 1.12
C ARG F 11 -14.49 33.46 0.82
N ILE F 12 -14.55 33.80 -0.48
CA ILE F 12 -14.78 35.16 -0.87
C ILE F 12 -16.12 35.28 -1.59
N GLU F 13 -16.73 36.46 -1.49
CA GLU F 13 -18.10 36.61 -2.02
C GLU F 13 -18.16 36.23 -3.50
N GLN F 14 -19.08 35.35 -3.84
CA GLN F 14 -19.22 34.85 -5.18
C GLN F 14 -20.17 35.68 -6.00
N LYS F 15 -19.82 36.95 -6.24
CA LYS F 15 -20.59 37.83 -7.09
C LYS F 15 -19.68 38.67 -7.94
N ARG F 16 -20.11 38.91 -9.17
CA ARG F 16 -19.40 39.80 -10.05
C ARG F 16 -19.53 41.22 -9.57
N ASN F 17 -18.41 41.92 -9.43
CA ASN F 17 -18.42 43.28 -8.90
C ASN F 17 -17.26 44.14 -9.40
N ILE F 18 -17.53 45.01 -10.39
CA ILE F 18 -16.49 45.91 -10.92
C ILE F 18 -16.71 47.33 -10.41
N ASN F 19 -15.80 47.79 -9.56
CA ASN F 19 -15.84 49.13 -8.96
C ASN F 19 -15.04 50.15 -9.70
N GLY F 20 -15.60 50.67 -10.77
CA GLY F 20 -14.91 51.69 -11.55
C GLY F 20 -13.87 51.11 -12.51
N ALA F 21 -12.98 51.98 -12.96
CA ALA F 21 -12.11 51.70 -14.08
C ALA F 21 -11.01 50.77 -13.66
N PHE F 22 -10.58 49.90 -14.59
CA PHE F 22 -9.42 49.04 -14.36
C PHE F 22 -8.59 48.89 -15.63
N PRO F 23 -7.30 48.59 -15.49
CA PRO F 23 -6.58 48.34 -14.25
C PRO F 23 -6.60 49.50 -13.26
N GLY F 24 -6.82 49.17 -11.98
CA GLY F 24 -6.75 50.16 -10.92
C GLY F 24 -5.32 50.51 -10.54
N PRO F 25 -5.17 51.40 -9.56
CA PRO F 25 -3.83 51.96 -9.27
C PRO F 25 -2.83 50.88 -8.89
N LYS F 26 -3.26 49.90 -8.09
CA LYS F 26 -2.32 48.89 -7.59
C LYS F 26 -1.89 47.92 -8.69
N SER F 27 -2.83 47.61 -9.57
CA SER F 27 -2.54 46.86 -10.78
C SER F 27 -1.61 47.62 -11.70
N GLN F 28 -1.90 48.89 -11.96
CA GLN F 28 -0.97 49.71 -12.74
C GLN F 28 0.44 49.72 -12.14
N ALA F 29 0.53 49.80 -10.81
CA ALA F 29 1.85 49.83 -10.14
C ALA F 29 2.64 48.55 -10.46
N LEU F 30 1.94 47.43 -10.53
CA LEU F 30 2.57 46.15 -10.78
C LEU F 30 3.00 46.06 -12.24
N ALA F 31 2.13 46.50 -13.15
CA ALA F 31 2.51 46.59 -14.61
C ALA F 31 3.77 47.40 -14.81
N GLU F 32 3.89 48.53 -14.11
CA GLU F 32 5.10 49.35 -14.22
C GLU F 32 6.32 48.55 -13.78
N ARG F 33 6.21 47.83 -12.66
CA ARG F 33 7.34 47.08 -12.18
C ARG F 33 7.70 46.02 -13.18
N ARG F 34 6.65 45.38 -13.70
CA ARG F 34 6.76 44.24 -14.60
C ARG F 34 7.54 44.55 -15.85
N SER F 35 7.24 45.68 -16.48
CA SER F 35 7.87 45.99 -17.74
C SER F 35 9.38 46.24 -17.63
N ALA F 36 9.88 46.47 -16.42
CA ALA F 36 11.33 46.61 -16.22
C ALA F 36 12.06 45.26 -16.19
N VAL F 37 11.35 44.20 -15.79
CA VAL F 37 12.02 42.99 -15.42
C VAL F 37 11.54 41.67 -16.07
N VAL F 38 10.31 41.64 -16.57
CA VAL F 38 9.79 40.48 -17.30
C VAL F 38 9.90 40.70 -18.82
N ALA F 39 10.28 39.66 -19.57
CA ALA F 39 10.47 39.76 -21.03
C ALA F 39 9.19 40.32 -21.70
N ALA F 40 9.41 41.25 -22.62
CA ALA F 40 8.34 41.99 -23.28
C ALA F 40 7.30 41.08 -23.90
N GLY F 41 7.75 39.97 -24.47
CA GLY F 41 6.84 39.04 -25.15
C GLY F 41 5.87 38.34 -24.22
N VAL F 42 6.22 38.23 -22.93
CA VAL F 42 5.39 37.52 -21.98
C VAL F 42 4.23 38.41 -21.64
N ALA F 43 3.12 38.17 -22.31
CA ALA F 43 1.93 39.00 -22.19
C ALA F 43 0.89 38.25 -21.40
N SER F 44 -0.09 38.99 -20.88
CA SER F 44 -1.17 38.36 -20.16
C SER F 44 -2.47 38.80 -20.75
N GLY F 45 -3.44 37.91 -20.78
CA GLY F 45 -4.72 38.18 -21.40
C GLY F 45 -5.52 39.19 -20.59
N VAL F 46 -5.16 39.33 -19.32
CA VAL F 46 -5.91 40.13 -18.39
C VAL F 46 -4.99 41.19 -17.80
N PRO F 47 -5.43 42.46 -17.76
CA PRO F 47 -4.57 43.52 -17.25
C PRO F 47 -4.60 43.77 -15.73
N VAL F 48 -5.42 43.03 -14.99
CA VAL F 48 -5.51 43.20 -13.54
C VAL F 48 -4.74 42.07 -12.82
N TYR F 49 -4.27 42.33 -11.61
CA TYR F 49 -3.40 41.39 -10.89
C TYR F 49 -4.17 40.73 -9.74
N VAL F 50 -4.12 39.40 -9.67
CA VAL F 50 -4.90 38.66 -8.65
C VAL F 50 -4.34 38.84 -7.25
N GLU F 51 -5.25 38.87 -6.30
CA GLU F 51 -4.91 38.80 -4.90
C GLU F 51 -5.50 37.57 -4.27
N ASP F 52 -6.74 37.25 -4.62
CA ASP F 52 -7.40 36.03 -4.20
C ASP F 52 -8.20 35.41 -5.37
N ALA F 53 -8.21 34.08 -5.46
CA ALA F 53 -8.96 33.35 -6.45
C ALA F 53 -9.63 32.22 -5.72
N ASP F 54 -10.95 32.13 -5.82
CA ASP F 54 -11.70 31.17 -5.02
C ASP F 54 -13.05 30.95 -5.64
N GLY F 55 -13.51 29.70 -5.62
CA GLY F 55 -14.78 29.32 -6.32
C GLY F 55 -14.76 29.74 -7.78
N GLY F 56 -15.64 30.66 -8.14
CA GLY F 56 -15.67 31.22 -9.50
C GLY F 56 -15.22 32.67 -9.65
N ILE F 57 -14.45 33.18 -8.69
CA ILE F 57 -14.07 34.59 -8.70
C ILE F 57 -12.57 34.77 -8.72
N ILE F 58 -12.11 35.74 -9.51
CA ILE F 58 -10.78 36.27 -9.41
C ILE F 58 -10.98 37.66 -8.88
N ARG F 59 -10.42 37.93 -7.70
CA ARG F 59 -10.44 39.27 -7.13
C ARG F 59 -9.11 39.93 -7.24
N ASP F 60 -9.08 41.13 -7.79
CA ASP F 60 -7.79 41.78 -8.08
C ASP F 60 -7.31 42.61 -6.90
N VAL F 61 -6.09 43.12 -7.02
CA VAL F 61 -5.46 43.86 -5.96
C VAL F 61 -6.19 45.19 -5.63
N ASP F 62 -7.08 45.63 -6.52
CA ASP F 62 -7.86 46.86 -6.32
C ASP F 62 -9.30 46.54 -5.92
N GLY F 63 -9.57 45.31 -5.49
CA GLY F 63 -10.88 44.94 -4.96
C GLY F 63 -11.97 44.58 -5.97
N ASN F 64 -11.63 44.53 -7.25
CA ASN F 64 -12.60 44.09 -8.27
C ASN F 64 -12.77 42.58 -8.28
N SER F 65 -13.99 42.11 -8.50
CA SER F 65 -14.26 40.69 -8.54
C SER F 65 -14.77 40.29 -9.93
N PHE F 66 -13.96 39.50 -10.64
CA PHE F 66 -14.28 39.01 -12.01
C PHE F 66 -14.81 37.58 -11.97
N ILE F 67 -15.73 37.23 -12.87
CA ILE F 67 -16.13 35.82 -13.03
C ILE F 67 -15.03 35.07 -13.79
N ASP F 68 -14.64 33.92 -13.26
CA ASP F 68 -13.51 33.14 -13.83
C ASP F 68 -14.03 32.02 -14.72
N LEU F 69 -14.03 32.22 -16.03
CA LEU F 69 -14.52 31.21 -16.95
C LEU F 69 -13.36 30.49 -17.65
N GLY F 70 -12.16 30.57 -17.07
CA GLY F 70 -10.99 29.88 -17.62
C GLY F 70 -10.26 28.91 -16.69
N SER F 71 -10.51 29.01 -15.39
CA SER F 71 -9.81 28.22 -14.40
C SER F 71 -8.33 28.06 -14.66
N GLY F 72 -7.69 29.14 -15.09
CA GLY F 72 -6.23 29.13 -15.31
C GLY F 72 -5.80 28.20 -16.45
N ILE F 73 -6.62 28.17 -17.49
CA ILE F 73 -6.55 27.21 -18.58
C ILE F 73 -6.74 25.82 -18.03
N ALA F 74 -7.93 25.60 -17.49
CA ALA F 74 -8.39 24.29 -17.15
C ALA F 74 -7.56 23.63 -16.03
N VAL F 75 -6.93 24.45 -15.20
CA VAL F 75 -6.10 23.94 -14.08
C VAL F 75 -6.88 23.84 -12.76
N THR F 76 -7.51 24.93 -12.34
CA THR F 76 -8.10 24.99 -11.02
C THR F 76 -9.55 24.49 -11.07
N SER F 77 -9.70 23.26 -11.50
CA SER F 77 -11.03 22.66 -11.60
C SER F 77 -11.72 22.55 -10.23
N VAL F 78 -10.94 22.21 -9.20
CA VAL F 78 -11.45 22.17 -7.83
C VAL F 78 -11.57 23.56 -7.22
N GLY F 79 -11.24 24.59 -8.00
CA GLY F 79 -11.14 25.95 -7.49
C GLY F 79 -9.70 26.30 -7.19
N ALA F 80 -9.37 27.58 -7.34
CA ALA F 80 -8.01 28.05 -7.11
C ALA F 80 -7.62 28.10 -5.64
N SER F 81 -8.53 27.73 -4.73
CA SER F 81 -8.30 27.85 -3.29
C SER F 81 -9.07 26.83 -2.46
N ASP F 82 -9.14 25.61 -2.97
CA ASP F 82 -9.89 24.56 -2.31
C ASP F 82 -9.27 24.33 -0.92
N PRO F 83 -10.07 24.51 0.13
CA PRO F 83 -9.55 24.36 1.49
C PRO F 83 -8.73 23.08 1.71
N ALA F 84 -9.20 21.96 1.14
CA ALA F 84 -8.51 20.66 1.32
C ALA F 84 -7.10 20.73 0.73
N VAL F 85 -7.01 21.27 -0.49
CA VAL F 85 -5.74 21.46 -1.15
C VAL F 85 -4.85 22.37 -0.32
N VAL F 86 -5.41 23.50 0.11
CA VAL F 86 -4.63 24.52 0.88
C VAL F 86 -4.07 23.92 2.15
N ALA F 87 -4.93 23.18 2.85
CA ALA F 87 -4.55 22.51 4.10
C ALA F 87 -3.45 21.50 3.83
N ALA F 88 -3.63 20.70 2.77
CA ALA F 88 -2.70 19.63 2.46
C ALA F 88 -1.32 20.22 2.15
N VAL F 89 -1.32 21.29 1.36
CA VAL F 89 -0.10 21.97 0.94
C VAL F 89 0.61 22.53 2.17
N GLN F 90 -0.16 23.24 2.99
CA GLN F 90 0.35 23.82 4.23
C GLN F 90 0.98 22.78 5.18
N GLU F 91 0.29 21.66 5.39
CA GLU F 91 0.82 20.60 6.25
C GLU F 91 2.08 19.93 5.66
N ALA F 92 2.04 19.59 4.38
CA ALA F 92 3.16 18.91 3.72
C ALA F 92 4.41 19.74 3.66
N ALA F 93 4.23 21.02 3.36
CA ALA F 93 5.36 21.92 3.25
C ALA F 93 6.18 21.99 4.57
N ALA F 94 5.49 21.85 5.70
CA ALA F 94 6.14 21.95 7.01
C ALA F 94 7.08 20.77 7.32
N HIS F 95 6.86 19.64 6.64
CA HIS F 95 7.64 18.42 6.85
C HIS F 95 8.88 18.38 5.98
N PHE F 96 8.72 18.57 4.68
CA PHE F 96 9.85 18.77 3.75
C PHE F 96 9.31 19.27 2.42
N THR F 97 10.04 20.18 1.78
CA THR F 97 9.62 20.76 0.49
C THR F 97 9.99 19.85 -0.68
N HIS F 98 11.11 19.13 -0.52
CA HIS F 98 11.71 18.36 -1.61
C HIS F 98 12.84 17.50 -1.11
N THR F 99 12.88 16.24 -1.55
CA THR F 99 14.06 15.40 -1.37
C THR F 99 14.56 14.75 -2.67
N CYS F 100 13.81 14.92 -3.77
CA CYS F 100 14.04 14.25 -5.05
C CYS F 100 13.78 12.76 -4.93
N PHE F 101 12.63 12.34 -5.44
CA PHE F 101 12.18 10.95 -5.33
C PHE F 101 13.24 9.95 -5.78
N MET F 102 13.99 10.28 -6.84
CA MET F 102 15.09 9.40 -7.31
C MET F 102 16.19 9.21 -6.28
N VAL F 103 16.30 10.11 -5.30
CA VAL F 103 17.28 9.99 -4.23
C VAL F 103 16.62 9.38 -2.99
N THR F 104 15.78 10.15 -2.31
CA THR F 104 15.04 9.68 -1.14
C THR F 104 13.54 9.74 -1.39
N PRO F 105 12.90 8.59 -1.52
CA PRO F 105 11.49 8.54 -1.88
C PRO F 105 10.60 8.91 -0.72
N TYR F 106 9.30 8.99 -0.97
CA TYR F 106 8.33 9.45 0.02
C TYR F 106 6.92 9.06 -0.35
N GLU F 107 6.08 8.93 0.66
CA GLU F 107 4.76 8.34 0.50
C GLU F 107 3.92 9.09 -0.53
N GLY F 108 4.00 10.41 -0.50
CA GLY F 108 3.16 11.24 -1.38
C GLY F 108 3.19 10.79 -2.83
N TYR F 109 4.39 10.54 -3.32
CA TYR F 109 4.56 10.09 -4.69
C TYR F 109 3.80 8.80 -4.89
N VAL F 110 4.04 7.82 -4.01
CA VAL F 110 3.44 6.50 -4.15
C VAL F 110 1.92 6.64 -4.10
N ALA F 111 1.44 7.45 -3.17
CA ALA F 111 -0.03 7.60 -2.98
C ALA F 111 -0.68 8.14 -4.24
N VAL F 112 -0.05 9.18 -4.82
CA VAL F 112 -0.60 9.80 -6.00
C VAL F 112 -0.67 8.78 -7.12
N THR F 113 0.41 8.03 -7.24
CA THR F 113 0.52 7.02 -8.23
C THR F 113 -0.57 5.94 -8.03
N GLU F 114 -0.88 5.60 -6.78
CA GLU F 114 -1.99 4.66 -6.50
C GLU F 114 -3.35 5.18 -7.00
N GLN F 115 -3.61 6.46 -6.75
CA GLN F 115 -4.84 7.06 -7.24
C GLN F 115 -4.92 7.06 -8.76
N LEU F 116 -3.83 7.42 -9.43
CA LEU F 116 -3.88 7.52 -10.89
C LEU F 116 -4.09 6.12 -11.53
N ASN F 117 -3.46 5.10 -10.95
CA ASN F 117 -3.67 3.72 -11.34
C ASN F 117 -5.14 3.34 -11.30
N ARG F 118 -5.81 3.74 -10.22
CA ARG F 118 -7.22 3.40 -9.99
C ARG F 118 -8.17 4.18 -10.89
N LEU F 119 -7.90 5.45 -11.11
CA LEU F 119 -8.85 6.33 -11.82
C LEU F 119 -8.76 6.32 -13.33
N THR F 120 -7.63 5.89 -13.87
CA THR F 120 -7.43 5.86 -15.30
C THR F 120 -8.15 4.67 -15.90
N PRO F 121 -8.51 4.73 -17.19
CA PRO F 121 -9.27 3.64 -17.82
C PRO F 121 -8.44 2.36 -18.02
N GLY F 122 -9.15 1.26 -18.24
CA GLY F 122 -8.54 -0.04 -18.39
C GLY F 122 -8.32 -0.76 -17.06
N ASP F 123 -8.44 -2.09 -17.11
CA ASP F 123 -8.27 -2.93 -15.94
C ASP F 123 -6.99 -3.74 -15.96
N HIS F 124 -6.16 -3.48 -16.95
CA HIS F 124 -4.86 -4.15 -17.09
C HIS F 124 -3.84 -3.58 -16.13
N ALA F 125 -2.68 -4.20 -16.05
CA ALA F 125 -1.61 -3.73 -15.19
C ALA F 125 -1.10 -2.40 -15.66
N LYS F 126 -1.06 -1.40 -14.77
CA LYS F 126 -0.57 -0.08 -15.13
C LYS F 126 0.50 0.38 -14.17
N ARG F 127 1.35 1.30 -14.63
CA ARG F 127 2.30 1.97 -13.78
C ARG F 127 2.32 3.46 -14.12
N THR F 128 2.97 4.25 -13.27
CA THR F 128 2.95 5.68 -13.39
C THR F 128 4.34 6.25 -13.06
N VAL F 129 4.71 7.35 -13.73
CA VAL F 129 5.80 8.19 -13.29
C VAL F 129 5.29 9.61 -13.25
N LEU F 130 5.86 10.42 -12.37
CA LEU F 130 5.47 11.80 -12.20
C LEU F 130 6.54 12.79 -12.66
N PHE F 131 6.10 13.92 -13.20
CA PHE F 131 7.00 15.00 -13.59
C PHE F 131 6.37 16.35 -13.15
N ASN F 132 6.73 17.47 -13.77
CA ASN F 132 6.18 18.75 -13.37
C ASN F 132 5.18 19.34 -14.36
N SER F 133 5.58 19.50 -15.64
CA SER F 133 4.71 20.12 -16.65
C SER F 133 4.02 19.11 -17.57
N GLY F 134 2.97 19.56 -18.25
CA GLY F 134 2.35 18.75 -19.29
C GLY F 134 3.33 18.40 -20.39
N ALA F 135 4.11 19.36 -20.83
CA ALA F 135 5.10 19.10 -21.81
C ALA F 135 6.00 17.94 -21.34
N GLU F 136 6.43 17.97 -20.10
CA GLU F 136 7.35 16.92 -19.62
C GLU F 136 6.66 15.55 -19.67
N ALA F 137 5.38 15.55 -19.32
CA ALA F 137 4.59 14.34 -19.44
C ALA F 137 4.62 13.78 -20.88
N VAL F 138 4.28 14.61 -21.87
CA VAL F 138 4.22 14.14 -23.26
C VAL F 138 5.60 13.69 -23.68
N GLU F 139 6.61 14.45 -23.32
CA GLU F 139 8.00 14.09 -23.62
C GLU F 139 8.27 12.69 -23.13
N ASN F 140 7.79 12.37 -21.94
CA ASN F 140 8.09 11.06 -21.34
C ASN F 140 7.24 9.93 -21.93
N ALA F 141 5.98 10.20 -22.26
CA ALA F 141 5.18 9.22 -22.95
C ALA F 141 5.87 8.80 -24.26
N VAL F 142 6.42 9.77 -24.99
CA VAL F 142 7.06 9.48 -26.25
C VAL F 142 8.38 8.70 -26.05
N LYS F 143 9.15 9.08 -25.03
CA LYS F 143 10.35 8.32 -24.71
C LYS F 143 10.02 6.83 -24.46
N VAL F 144 8.93 6.58 -23.74
CA VAL F 144 8.53 5.24 -23.45
C VAL F 144 8.12 4.52 -24.71
N ALA F 145 7.23 5.12 -25.48
CA ALA F 145 6.75 4.48 -26.71
C ALA F 145 7.96 4.10 -27.55
N ARG F 146 8.93 5.01 -27.62
CA ARG F 146 10.06 4.80 -28.53
C ARG F 146 10.99 3.69 -28.06
N LEU F 147 11.31 3.67 -26.76
CA LEU F 147 12.10 2.64 -26.16
C LEU F 147 11.38 1.31 -26.24
N ALA F 148 10.13 1.29 -25.80
CA ALA F 148 9.40 0.04 -25.71
C ALA F 148 9.18 -0.62 -27.07
N THR F 149 8.83 0.15 -28.07
CA THR F 149 8.57 -0.43 -29.39
C THR F 149 9.81 -0.62 -30.25
N GLY F 150 10.89 0.06 -29.91
CA GLY F 150 12.09 0.06 -30.74
C GLY F 150 11.87 0.76 -32.08
N ARG F 151 10.82 1.56 -32.20
CA ARG F 151 10.56 2.34 -33.42
C ARG F 151 10.69 3.88 -33.17
N ASP F 152 10.71 4.64 -34.26
CA ASP F 152 11.07 6.05 -34.28
C ASP F 152 9.86 6.96 -34.44
N ALA F 153 9.06 6.71 -35.48
CA ALA F 153 8.09 7.69 -35.94
C ALA F 153 6.99 7.91 -34.90
N VAL F 154 6.57 9.15 -34.73
CA VAL F 154 5.39 9.46 -33.90
C VAL F 154 4.40 10.24 -34.77
N VAL F 155 3.14 9.84 -34.81
CA VAL F 155 2.18 10.61 -35.56
C VAL F 155 1.34 11.47 -34.64
N ALA F 156 1.22 12.73 -35.03
CA ALA F 156 0.31 13.68 -34.36
C ALA F 156 -0.66 14.17 -35.42
N PHE F 157 -1.61 14.99 -34.99
CA PHE F 157 -2.66 15.43 -35.89
C PHE F 157 -2.72 16.92 -36.14
N ASP F 158 -3.39 17.29 -37.24
CA ASP F 158 -3.79 18.67 -37.44
C ASP F 158 -4.51 19.18 -36.18
N HIS F 159 -4.34 20.48 -35.91
CA HIS F 159 -4.93 21.14 -34.76
C HIS F 159 -4.41 20.65 -33.40
N ALA F 160 -3.35 19.84 -33.39
CA ALA F 160 -2.81 19.34 -32.11
C ALA F 160 -2.06 20.46 -31.38
N TYR F 161 -2.11 20.39 -30.05
CA TYR F 161 -1.22 21.15 -29.19
C TYR F 161 -0.72 20.23 -28.06
N HIS F 162 0.60 20.18 -27.87
CA HIS F 162 1.21 19.28 -26.87
C HIS F 162 2.35 19.88 -26.08
N GLY F 163 2.73 21.14 -26.34
CA GLY F 163 3.69 21.82 -25.50
C GLY F 163 4.70 22.70 -26.20
N ARG F 164 5.60 23.26 -25.38
CA ARG F 164 6.55 24.26 -25.82
C ARG F 164 8.02 23.86 -25.75
N THR F 165 8.30 22.59 -25.43
CA THR F 165 9.67 22.07 -25.56
C THR F 165 9.89 21.77 -27.06
N ASN F 166 11.13 21.52 -27.47
CA ASN F 166 11.40 21.31 -28.89
C ASN F 166 10.57 20.19 -29.49
N LEU F 167 10.53 19.05 -28.81
CA LEU F 167 9.70 17.92 -29.31
C LEU F 167 8.20 18.20 -29.24
N THR F 168 7.74 18.86 -28.18
CA THR F 168 6.29 19.08 -28.04
C THR F 168 5.84 20.21 -29.02
N MET F 169 6.76 21.12 -29.30
CA MET F 169 6.57 22.05 -30.39
C MET F 169 6.45 21.25 -31.71
N ALA F 170 7.37 20.34 -31.94
CA ALA F 170 7.30 19.46 -33.12
C ALA F 170 5.94 18.81 -33.22
N LEU F 171 5.45 18.27 -32.11
CA LEU F 171 4.16 17.61 -32.10
C LEU F 171 3.00 18.59 -32.31
N THR F 172 3.19 19.83 -31.90
CA THR F 172 2.15 20.86 -32.01
C THR F 172 1.96 21.34 -33.44
N ALA F 173 0.71 21.52 -33.85
CA ALA F 173 0.40 21.89 -35.25
C ALA F 173 0.61 23.37 -35.55
N LYS F 174 0.04 24.24 -34.72
CA LYS F 174 -0.01 25.67 -35.02
C LYS F 174 1.33 26.36 -34.76
N ALA F 175 1.78 27.15 -35.73
CA ALA F 175 3.09 27.70 -35.69
C ALA F 175 3.15 29.02 -34.89
N MET F 176 2.10 29.84 -34.98
CA MET F 176 2.08 31.14 -34.25
C MET F 176 1.19 31.05 -33.01
N PRO F 177 1.75 31.31 -31.83
CA PRO F 177 3.09 31.75 -31.51
C PRO F 177 4.03 30.67 -31.05
N TYR F 178 3.56 29.42 -31.08
CA TYR F 178 4.28 28.34 -30.38
C TYR F 178 5.58 27.86 -31.02
N LYS F 179 5.78 28.07 -32.33
CA LYS F 179 6.90 27.49 -33.07
C LYS F 179 7.81 28.45 -33.87
N THR F 180 7.27 29.57 -34.34
CA THR F 180 7.99 30.46 -35.20
C THR F 180 9.38 30.80 -34.67
N ASN F 181 10.38 30.51 -35.48
CA ASN F 181 11.79 30.79 -35.21
C ASN F 181 12.42 30.00 -34.07
N PHE F 182 11.72 29.01 -33.54
CA PHE F 182 12.29 28.18 -32.47
C PHE F 182 12.94 26.85 -32.88
N GLY F 183 12.87 26.52 -34.18
CA GLY F 183 13.38 25.22 -34.67
C GLY F 183 14.88 25.30 -34.92
N PRO F 184 15.44 24.28 -35.57
CA PRO F 184 14.81 23.09 -36.13
C PRO F 184 14.24 22.11 -35.09
N PHE F 185 13.17 21.40 -35.47
CA PHE F 185 12.42 20.60 -34.54
C PHE F 185 12.81 19.15 -34.50
N ALA F 186 12.51 18.50 -33.40
CA ALA F 186 12.83 17.09 -33.19
C ALA F 186 12.32 16.26 -34.38
N PRO F 187 13.13 15.28 -34.82
CA PRO F 187 12.80 14.57 -36.05
C PRO F 187 11.85 13.39 -35.86
N GLU F 188 11.38 12.88 -36.98
CA GLU F 188 10.47 11.74 -37.10
C GLU F 188 9.13 11.96 -36.44
N VAL F 189 8.56 13.15 -36.67
CA VAL F 189 7.17 13.45 -36.29
C VAL F 189 6.37 13.72 -37.53
N TYR F 190 5.22 13.09 -37.65
CA TYR F 190 4.44 13.11 -38.89
C TYR F 190 3.04 13.58 -38.56
N ARG F 191 2.43 14.38 -39.45
CA ARG F 191 1.16 14.96 -39.17
C ARG F 191 0.09 14.37 -40.06
N MET F 192 -1.06 14.06 -39.45
CA MET F 192 -2.14 13.39 -40.13
C MET F 192 -3.44 14.16 -39.90
N PRO F 193 -4.42 13.94 -40.77
CA PRO F 193 -5.64 14.68 -40.67
C PRO F 193 -6.49 14.25 -39.51
N MET F 194 -7.18 15.23 -38.94
CA MET F 194 -8.03 15.07 -37.76
C MET F 194 -9.49 14.94 -38.19
N SER F 195 -10.32 14.38 -37.32
CA SER F 195 -11.77 14.40 -37.56
C SER F 195 -12.27 15.66 -36.97
N TYR F 196 -12.63 16.60 -37.83
CA TYR F 196 -13.04 17.96 -37.43
C TYR F 196 -14.34 18.23 -38.17
N PRO F 197 -15.44 17.65 -37.68
CA PRO F 197 -16.73 17.64 -38.35
C PRO F 197 -17.14 18.94 -39.00
N PHE F 198 -17.00 20.04 -38.28
CA PHE F 198 -17.52 21.32 -38.73
C PHE F 198 -16.83 21.80 -39.98
N ARG F 199 -15.59 21.38 -40.20
CA ARG F 199 -14.84 21.83 -41.38
C ARG F 199 -14.44 20.71 -42.36
N GLU F 200 -15.09 19.56 -42.27
CA GLU F 200 -14.79 18.47 -43.22
C GLU F 200 -15.23 18.88 -44.62
N GLU F 201 -14.40 18.61 -45.62
CA GLU F 201 -14.70 18.95 -47.00
C GLU F 201 -15.89 18.15 -47.47
N ASN F 202 -16.05 16.94 -46.93
CA ASN F 202 -17.28 16.18 -47.09
C ASN F 202 -18.01 16.15 -45.74
N PRO F 203 -19.02 17.01 -45.58
CA PRO F 203 -19.73 17.05 -44.29
C PRO F 203 -20.32 15.74 -43.80
N GLU F 204 -20.57 14.79 -44.70
CA GLU F 204 -21.21 13.50 -44.35
C GLU F 204 -20.21 12.44 -43.85
N ILE F 205 -18.92 12.76 -43.83
CA ILE F 205 -17.92 11.78 -43.43
C ILE F 205 -18.13 11.30 -42.00
N THR F 206 -18.05 10.00 -41.79
CA THR F 206 -18.23 9.41 -40.45
C THR F 206 -16.87 9.28 -39.73
N GLY F 207 -16.93 9.09 -38.42
CA GLY F 207 -15.71 8.95 -37.62
C GLY F 207 -14.86 7.80 -38.13
N ALA F 208 -15.53 6.68 -38.40
CA ALA F 208 -14.83 5.49 -38.93
C ALA F 208 -14.11 5.84 -40.24
N GLU F 209 -14.78 6.58 -41.11
CA GLU F 209 -14.17 6.96 -42.40
C GLU F 209 -13.02 7.92 -42.21
N ALA F 210 -13.15 8.82 -41.24
CA ALA F 210 -12.11 9.74 -40.88
C ALA F 210 -10.87 9.00 -40.40
N ALA F 211 -11.09 7.98 -39.59
CA ALA F 211 -10.03 7.14 -39.08
C ALA F 211 -9.34 6.39 -40.23
N LYS F 212 -10.13 5.86 -41.16
CA LYS F 212 -9.59 5.11 -42.28
C LYS F 212 -8.68 6.02 -43.13
N ARG F 213 -9.12 7.26 -43.31
CA ARG F 213 -8.35 8.27 -44.06
C ARG F 213 -6.98 8.47 -43.39
N ALA F 214 -6.97 8.68 -42.08
CA ALA F 214 -5.72 8.86 -41.34
C ALA F 214 -4.86 7.59 -41.41
N ILE F 215 -5.49 6.43 -41.18
CA ILE F 215 -4.77 5.17 -41.18
C ILE F 215 -4.15 4.85 -42.55
N THR F 216 -4.89 5.03 -43.63
CA THR F 216 -4.34 4.75 -44.97
C THR F 216 -3.15 5.65 -45.22
N MET F 217 -3.26 6.88 -44.76
CA MET F 217 -2.19 7.85 -44.98
C MET F 217 -0.96 7.46 -44.16
N ILE F 218 -1.17 7.01 -42.93
CA ILE F 218 -0.05 6.63 -42.07
C ILE F 218 0.65 5.43 -42.69
N GLU F 219 -0.16 4.52 -43.22
CA GLU F 219 0.36 3.28 -43.77
C GLU F 219 1.14 3.54 -45.05
N LYS F 220 0.61 4.39 -45.93
CA LYS F 220 1.32 4.74 -47.16
C LYS F 220 2.55 5.61 -46.95
N GLN F 221 2.54 6.49 -45.94
CA GLN F 221 3.64 7.47 -45.79
C GLN F 221 4.68 7.17 -44.70
N ILE F 222 4.36 6.22 -43.85
CA ILE F 222 5.33 5.76 -42.84
C ILE F 222 5.39 4.21 -42.80
N GLY F 223 4.21 3.59 -42.70
CA GLY F 223 4.05 2.18 -42.47
C GLY F 223 3.75 1.93 -41.00
N GLY F 224 2.63 1.28 -40.73
CA GLY F 224 2.23 0.98 -39.36
C GLY F 224 3.32 0.36 -38.47
N ASP F 225 4.13 -0.52 -39.03
CA ASP F 225 5.13 -1.24 -38.25
C ASP F 225 6.38 -0.38 -37.97
N GLN F 226 6.34 0.87 -38.43
CA GLN F 226 7.39 1.85 -38.20
C GLN F 226 7.04 2.92 -37.17
N VAL F 227 5.78 2.95 -36.77
CA VAL F 227 5.31 4.01 -35.93
C VAL F 227 5.44 3.56 -34.47
N ALA F 228 6.13 4.35 -33.65
CA ALA F 228 6.20 4.10 -32.20
C ALA F 228 4.93 4.45 -31.46
N ALA F 229 4.31 5.56 -31.81
CA ALA F 229 3.11 6.01 -31.12
C ALA F 229 2.20 6.89 -32.00
N ILE F 230 0.92 6.85 -31.73
CA ILE F 230 -0.02 7.84 -32.20
C ILE F 230 -0.39 8.64 -30.96
N ILE F 231 -0.30 9.95 -31.03
CA ILE F 231 -0.65 10.80 -29.89
C ILE F 231 -1.79 11.72 -30.31
N ILE F 232 -2.84 11.73 -29.51
CA ILE F 232 -3.97 12.56 -29.84
C ILE F 232 -4.66 13.05 -28.54
N GLU F 233 -5.18 14.27 -28.60
CA GLU F 233 -6.04 14.79 -27.57
C GLU F 233 -7.46 14.32 -27.90
N PRO F 234 -8.10 13.64 -26.98
CA PRO F 234 -9.47 13.19 -27.20
C PRO F 234 -10.40 14.34 -27.55
N ILE F 235 -10.22 15.48 -26.88
CA ILE F 235 -10.79 16.74 -27.34
C ILE F 235 -9.64 17.70 -27.50
N GLN F 236 -9.43 18.18 -28.71
CA GLN F 236 -8.28 19.05 -28.96
C GLN F 236 -8.52 20.43 -28.33
N GLY F 237 -7.59 20.87 -27.48
CA GLY F 237 -7.80 22.08 -26.67
C GLY F 237 -7.50 23.37 -27.41
N GLU F 238 -6.24 23.75 -27.42
CA GLU F 238 -5.82 24.95 -28.12
C GLU F 238 -6.21 24.94 -29.59
N GLY F 239 -6.34 23.77 -30.18
CA GLY F 239 -6.82 23.67 -31.57
C GLY F 239 -8.25 24.15 -31.77
N GLY F 240 -9.03 24.20 -30.69
CA GLY F 240 -10.37 24.77 -30.74
C GLY F 240 -11.46 23.89 -30.15
N PHE F 241 -11.13 23.11 -29.13
CA PHE F 241 -12.09 22.19 -28.53
C PHE F 241 -12.75 21.36 -29.64
N ILE F 242 -11.95 20.80 -30.53
CA ILE F 242 -12.45 19.98 -31.60
C ILE F 242 -12.74 18.61 -31.00
N VAL F 243 -13.99 18.16 -31.12
CA VAL F 243 -14.39 16.81 -30.73
C VAL F 243 -14.56 15.98 -31.99
N PRO F 244 -13.85 14.86 -32.08
CA PRO F 244 -13.91 14.05 -33.29
C PRO F 244 -15.25 13.35 -33.42
N ALA F 245 -15.62 12.98 -34.63
CA ALA F 245 -16.85 12.22 -34.87
C ALA F 245 -16.82 10.91 -34.12
N GLU F 246 -17.99 10.47 -33.64
CA GLU F 246 -18.12 9.17 -32.96
C GLU F 246 -17.52 8.08 -33.88
N GLY F 247 -16.71 7.21 -33.29
CA GLY F 247 -16.09 6.10 -34.01
C GLY F 247 -14.66 6.30 -34.47
N PHE F 248 -14.17 7.54 -34.43
CA PHE F 248 -12.81 7.88 -34.84
C PHE F 248 -11.81 7.32 -33.84
N LEU F 249 -11.93 7.72 -32.58
CA LEU F 249 -10.94 7.28 -31.58
C LEU F 249 -10.86 5.77 -31.43
N PRO F 250 -12.01 5.09 -31.38
CA PRO F 250 -11.89 3.64 -31.24
C PRO F 250 -11.22 2.98 -32.44
N ALA F 251 -11.51 3.47 -33.64
CA ALA F 251 -10.86 2.95 -34.84
C ALA F 251 -9.33 3.10 -34.74
N LEU F 252 -8.85 4.27 -34.34
CA LEU F 252 -7.40 4.47 -34.20
C LEU F 252 -6.87 3.55 -33.12
N SER F 253 -7.63 3.40 -32.03
CA SER F 253 -7.15 2.60 -30.93
C SER F 253 -6.98 1.16 -31.37
N GLU F 254 -7.97 0.67 -32.10
CA GLU F 254 -8.02 -0.74 -32.55
C GLU F 254 -6.86 -0.99 -33.53
N TRP F 255 -6.66 -0.09 -34.46
CA TRP F 255 -5.57 -0.17 -35.41
C TRP F 255 -4.22 -0.10 -34.77
N ALA F 256 -4.06 0.78 -33.78
CA ALA F 256 -2.80 0.87 -33.07
C ALA F 256 -2.48 -0.46 -32.40
N LYS F 257 -3.48 -1.08 -31.77
CA LYS F 257 -3.29 -2.39 -31.11
C LYS F 257 -2.84 -3.41 -32.13
N GLU F 258 -3.49 -3.41 -33.26
CA GLU F 258 -3.16 -4.35 -34.28
C GLU F 258 -1.73 -4.19 -34.79
N LYS F 259 -1.24 -2.97 -34.92
CA LYS F 259 0.08 -2.75 -35.50
C LYS F 259 1.19 -2.63 -34.46
N GLY F 260 0.86 -2.79 -33.19
CA GLY F 260 1.86 -2.70 -32.13
C GLY F 260 2.32 -1.28 -31.82
N ILE F 261 1.47 -0.31 -32.15
CA ILE F 261 1.75 1.13 -31.97
C ILE F 261 1.19 1.60 -30.64
N VAL F 262 2.01 2.29 -29.86
CA VAL F 262 1.53 2.84 -28.58
C VAL F 262 0.54 3.96 -28.83
N PHE F 263 -0.65 3.85 -28.27
CA PHE F 263 -1.67 4.88 -28.42
C PHE F 263 -1.62 5.78 -27.16
N ILE F 264 -1.21 7.03 -27.35
CA ILE F 264 -1.09 8.00 -26.26
C ILE F 264 -2.25 8.96 -26.30
N ALA F 265 -3.05 8.98 -25.25
CA ALA F 265 -4.10 9.99 -25.12
C ALA F 265 -3.53 11.15 -24.31
N ASP F 266 -3.56 12.35 -24.88
CA ASP F 266 -3.07 13.51 -24.16
C ASP F 266 -4.22 14.14 -23.44
N GLU F 267 -4.35 13.81 -22.17
CA GLU F 267 -5.50 14.26 -21.38
C GLU F 267 -5.07 15.37 -20.41
N VAL F 268 -4.07 16.15 -20.81
CA VAL F 268 -3.54 17.21 -19.96
C VAL F 268 -4.61 18.27 -19.68
N GLN F 269 -5.34 18.66 -20.70
CA GLN F 269 -6.40 19.65 -20.56
C GLN F 269 -7.75 18.98 -20.23
N SER F 270 -8.03 17.82 -20.82
CA SER F 270 -9.35 17.20 -20.74
C SER F 270 -9.49 16.27 -19.57
N GLY F 271 -8.40 15.96 -18.90
CA GLY F 271 -8.44 15.01 -17.80
C GLY F 271 -8.97 15.54 -16.46
N PHE F 272 -9.28 14.62 -15.56
CA PHE F 272 -9.80 14.90 -14.22
C PHE F 272 -11.13 15.66 -14.15
N CYS F 273 -12.17 14.99 -14.63
CA CYS F 273 -13.56 15.42 -14.47
C CYS F 273 -13.99 16.55 -15.39
N ARG F 274 -13.03 17.17 -16.06
CA ARG F 274 -13.30 18.33 -16.90
C ARG F 274 -14.42 18.10 -17.88
N THR F 275 -14.54 16.89 -18.43
CA THR F 275 -15.52 16.65 -19.50
C THR F 275 -16.75 15.94 -19.02
N GLY F 276 -16.83 15.70 -17.72
CA GLY F 276 -17.99 15.00 -17.15
C GLY F 276 -17.68 13.56 -16.80
N GLU F 277 -16.56 13.06 -17.30
CA GLU F 277 -16.02 11.77 -16.87
C GLU F 277 -14.64 11.98 -16.34
N TRP F 278 -14.10 11.00 -15.65
CA TRP F 278 -12.71 11.12 -15.19
C TRP F 278 -11.74 11.48 -16.29
N PHE F 279 -11.89 10.83 -17.44
CA PHE F 279 -11.09 11.18 -18.61
C PHE F 279 -11.94 11.21 -19.86
N ALA F 280 -11.58 12.09 -20.79
CA ALA F 280 -12.35 12.33 -21.99
C ALA F 280 -12.54 11.05 -22.83
N VAL F 281 -11.54 10.17 -22.78
CA VAL F 281 -11.63 8.91 -23.52
C VAL F 281 -12.80 8.06 -23.02
N ASP F 282 -13.23 8.29 -21.77
CA ASP F 282 -14.30 7.50 -21.16
C ASP F 282 -15.65 7.71 -21.85
N HIS F 283 -15.84 8.84 -22.50
CA HIS F 283 -17.06 9.05 -23.29
CA HIS F 283 -17.05 9.05 -23.26
C HIS F 283 -17.28 7.93 -24.28
N GLU F 284 -16.21 7.44 -24.91
CA GLU F 284 -16.32 6.37 -25.89
C GLU F 284 -15.73 5.05 -25.43
N GLY F 285 -15.29 4.97 -24.18
CA GLY F 285 -14.67 3.77 -23.65
C GLY F 285 -13.38 3.36 -24.34
N VAL F 286 -12.67 4.31 -24.93
CA VAL F 286 -11.34 4.04 -25.43
C VAL F 286 -10.35 3.86 -24.25
N VAL F 287 -9.50 2.84 -24.35
CA VAL F 287 -8.48 2.59 -23.35
C VAL F 287 -7.08 2.78 -23.92
N PRO F 288 -6.45 3.90 -23.61
CA PRO F 288 -5.14 4.22 -24.14
C PRO F 288 -4.02 3.41 -23.53
N ASP F 289 -2.92 3.26 -24.26
CA ASP F 289 -1.73 2.55 -23.78
C ASP F 289 -0.93 3.40 -22.81
N ILE F 290 -0.86 4.70 -23.09
CA ILE F 290 -0.33 5.65 -22.11
C ILE F 290 -1.21 6.87 -22.11
N ILE F 291 -1.39 7.49 -20.95
CA ILE F 291 -2.11 8.75 -20.91
C ILE F 291 -1.30 9.78 -20.17
N THR F 292 -1.22 10.97 -20.77
CA THR F 292 -0.47 12.07 -20.22
C THR F 292 -1.41 13.02 -19.47
N MET F 293 -0.97 13.44 -18.28
CA MET F 293 -1.79 14.27 -17.39
C MET F 293 -1.01 15.41 -16.81
N ALA F 294 -1.69 16.54 -16.59
CA ALA F 294 -1.17 17.68 -15.79
C ALA F 294 -2.36 18.56 -15.29
N LYS F 295 -2.19 19.86 -15.31
CA LYS F 295 -3.24 20.81 -15.04
C LYS F 295 -4.10 20.48 -13.80
N GLY F 296 -5.28 19.92 -14.01
CA GLY F 296 -6.21 19.67 -12.92
C GLY F 296 -5.74 18.73 -11.81
N ILE F 297 -4.78 17.90 -12.15
CA ILE F 297 -4.29 16.88 -11.25
C ILE F 297 -4.00 17.38 -9.82
N ALA F 298 -3.41 18.55 -9.67
CA ALA F 298 -2.95 18.97 -8.33
C ALA F 298 -3.51 20.32 -7.87
N GLY F 299 -4.72 20.64 -8.32
CA GLY F 299 -5.41 21.84 -7.89
C GLY F 299 -4.63 23.11 -7.98
N GLY F 300 -3.71 23.19 -8.95
CA GLY F 300 -2.93 24.39 -9.17
C GLY F 300 -1.46 24.25 -8.85
N LEU F 301 -1.08 23.25 -8.05
CA LEU F 301 0.35 23.03 -7.86
C LEU F 301 0.98 22.34 -9.12
N PRO F 302 2.28 22.50 -9.32
CA PRO F 302 2.91 21.99 -10.52
C PRO F 302 3.24 20.52 -10.44
N LEU F 303 2.41 19.72 -11.10
CA LEU F 303 2.58 18.27 -11.15
C LEU F 303 2.04 17.79 -12.47
N SER F 304 2.68 16.76 -13.00
CA SER F 304 2.22 16.10 -14.24
C SER F 304 2.56 14.62 -14.16
N ALA F 305 1.98 13.83 -15.05
CA ALA F 305 2.13 12.41 -14.93
C ALA F 305 1.94 11.69 -16.25
N ILE F 306 2.56 10.51 -16.37
CA ILE F 306 2.11 9.50 -17.36
C ILE F 306 1.69 8.24 -16.61
N THR F 307 0.57 7.65 -17.03
CA THR F 307 0.12 6.37 -16.52
C THR F 307 -0.13 5.50 -17.73
N GLY F 308 0.50 4.32 -17.78
CA GLY F 308 0.30 3.41 -18.91
C GLY F 308 0.59 1.95 -18.63
N ARG F 309 0.46 1.12 -19.66
CA ARG F 309 0.68 -0.31 -19.55
C ARG F 309 1.99 -0.61 -18.81
N ALA F 310 1.92 -1.49 -17.82
CA ALA F 310 3.10 -1.86 -17.07
C ALA F 310 4.20 -2.39 -17.99
N ASP F 311 3.82 -3.21 -18.98
CA ASP F 311 4.82 -3.80 -19.87
C ASP F 311 5.57 -2.74 -20.69
N LEU F 312 4.90 -1.64 -21.02
CA LEU F 312 5.59 -0.52 -21.67
C LEU F 312 6.47 0.24 -20.69
N LEU F 313 5.89 0.75 -19.63
CA LEU F 313 6.67 1.54 -18.68
C LEU F 313 7.80 0.76 -17.99
N ASP F 314 7.58 -0.52 -17.70
CA ASP F 314 8.64 -1.30 -17.04
C ASP F 314 9.76 -1.68 -17.99
N ALA F 315 9.54 -1.52 -19.31
CA ALA F 315 10.63 -1.75 -20.27
C ALA F 315 11.81 -0.77 -20.10
N VAL F 316 11.53 0.44 -19.60
CA VAL F 316 12.56 1.45 -19.52
C VAL F 316 13.60 1.08 -18.45
N HIS F 317 14.84 1.19 -18.83
CA HIS F 317 15.95 0.86 -17.97
C HIS F 317 16.01 1.74 -16.75
N PRO F 318 16.67 1.26 -15.65
CA PRO F 318 16.83 2.06 -14.45
C PRO F 318 17.40 3.45 -14.72
N GLY F 319 16.75 4.47 -14.16
CA GLY F 319 17.19 5.84 -14.28
C GLY F 319 16.94 6.50 -15.64
N GLY F 320 16.16 5.82 -16.51
CA GLY F 320 15.88 6.35 -17.84
C GLY F 320 14.85 7.46 -17.85
N LEU F 321 13.90 7.41 -16.93
CA LEU F 321 12.93 8.46 -16.78
C LEU F 321 13.13 9.17 -15.44
N GLY F 322 12.97 10.50 -15.43
CA GLY F 322 12.98 11.26 -14.18
C GLY F 322 13.12 12.75 -14.32
N GLY F 323 13.88 13.33 -13.40
CA GLY F 323 13.96 14.81 -13.25
C GLY F 323 14.18 15.16 -11.76
N THR F 324 14.48 16.42 -11.49
CA THR F 324 14.77 16.83 -10.14
C THR F 324 13.50 17.00 -9.29
N TYR F 325 12.66 17.94 -9.71
CA TYR F 325 11.46 18.32 -8.98
C TYR F 325 10.34 17.30 -9.04
N GLY F 326 10.35 16.50 -10.09
CA GLY F 326 9.18 15.69 -10.45
C GLY F 326 8.52 14.94 -9.30
N GLY F 327 7.20 15.01 -9.25
CA GLY F 327 6.44 14.40 -8.16
C GLY F 327 6.70 15.10 -6.84
N ASN F 328 6.74 16.41 -6.86
CA ASN F 328 7.09 17.17 -5.68
C ASN F 328 6.09 16.89 -4.55
N PRO F 329 6.58 16.71 -3.32
CA PRO F 329 5.73 16.26 -2.20
C PRO F 329 4.63 17.22 -1.80
N VAL F 330 4.90 18.53 -1.89
CA VAL F 330 3.86 19.52 -1.66
C VAL F 330 2.82 19.42 -2.79
N ALA F 331 3.29 19.27 -4.02
CA ALA F 331 2.36 19.07 -5.16
C ALA F 331 1.56 17.80 -5.02
N CYS F 332 2.20 16.73 -4.52
CA CYS F 332 1.52 15.47 -4.35
C CYS F 332 0.42 15.60 -3.31
N ALA F 333 0.73 16.24 -2.20
CA ALA F 333 -0.28 16.51 -1.17
C ALA F 333 -1.47 17.19 -1.83
N ALA F 334 -1.17 18.21 -2.63
CA ALA F 334 -2.21 18.96 -3.32
C ALA F 334 -3.06 18.04 -4.21
N ALA F 335 -2.41 17.12 -4.91
CA ALA F 335 -3.12 16.24 -5.81
C ALA F 335 -4.04 15.29 -5.07
N LEU F 336 -3.54 14.68 -4.01
CA LEU F 336 -4.37 13.73 -3.22
C LEU F 336 -5.64 14.43 -2.73
N ALA F 337 -5.47 15.66 -2.25
CA ALA F 337 -6.59 16.50 -1.80
C ALA F 337 -7.49 16.87 -2.95
N ALA F 338 -6.88 17.25 -4.08
CA ALA F 338 -7.68 17.67 -5.25
C ALA F 338 -8.53 16.50 -5.74
N ILE F 339 -7.93 15.32 -5.86
CA ILE F 339 -8.68 14.15 -6.33
C ILE F 339 -9.77 13.81 -5.32
N ASP F 340 -9.45 13.93 -4.05
CA ASP F 340 -10.41 13.70 -2.99
C ASP F 340 -11.61 14.62 -3.16
N THR F 341 -11.37 15.89 -3.40
CA THR F 341 -12.46 16.83 -3.61
C THR F 341 -13.27 16.46 -4.83
N MET F 342 -12.61 15.98 -5.88
CA MET F 342 -13.33 15.59 -7.09
C MET F 342 -14.35 14.52 -6.80
N GLU F 343 -13.98 13.57 -5.94
CA GLU F 343 -14.86 12.47 -5.53
C GLU F 343 -15.93 12.93 -4.53
N GLN F 344 -15.50 13.49 -3.39
CA GLN F 344 -16.45 13.95 -2.37
C GLN F 344 -17.55 14.86 -2.92
N HIS F 345 -17.21 15.79 -3.81
CA HIS F 345 -18.20 16.71 -4.36
C HIS F 345 -18.68 16.36 -5.73
N ASP F 346 -18.42 15.13 -6.19
CA ASP F 346 -18.93 14.66 -7.49
C ASP F 346 -18.74 15.67 -8.61
N LEU F 347 -17.49 16.07 -8.87
CA LEU F 347 -17.25 17.09 -9.87
C LEU F 347 -17.54 16.58 -11.27
N ASN F 348 -17.48 15.26 -11.49
CA ASN F 348 -18.00 14.70 -12.75
C ASN F 348 -19.44 15.17 -12.95
N GLY F 349 -20.26 15.01 -11.90
CA GLY F 349 -21.66 15.43 -11.93
C GLY F 349 -21.80 16.91 -12.09
N ARG F 350 -20.99 17.66 -11.38
CA ARG F 350 -21.02 19.13 -11.53
C ARG F 350 -20.69 19.54 -12.97
N ALA F 351 -19.73 18.84 -13.57
CA ALA F 351 -19.32 19.11 -14.94
C ALA F 351 -20.47 18.79 -15.93
N ARG F 352 -21.17 17.68 -15.71
CA ARG F 352 -22.31 17.34 -16.55
C ARG F 352 -23.42 18.38 -16.42
N HIS F 353 -23.60 18.88 -15.22
CA HIS F 353 -24.63 19.87 -14.97
C HIS F 353 -24.29 21.16 -15.67
N ILE F 354 -23.02 21.56 -15.58
CA ILE F 354 -22.54 22.73 -16.30
C ILE F 354 -22.81 22.63 -17.82
N GLU F 355 -22.60 21.44 -18.38
CA GLU F 355 -22.83 21.21 -19.80
C GLU F 355 -24.27 21.53 -20.14
N GLU F 356 -25.17 21.06 -19.30
CA GLU F 356 -26.60 21.24 -19.51
C GLU F 356 -26.98 22.74 -19.50
N LEU F 357 -26.60 23.44 -18.43
CA LEU F 357 -26.82 24.88 -18.30
C LEU F 357 -26.24 25.65 -19.47
N ALA F 358 -24.96 25.43 -19.76
CA ALA F 358 -24.21 26.28 -20.69
C ALA F 358 -24.62 26.02 -22.11
N LEU F 359 -24.75 24.74 -22.47
CA LEU F 359 -25.20 24.40 -23.83
C LEU F 359 -26.65 24.89 -24.05
N GLY F 360 -27.45 24.86 -22.99
CA GLY F 360 -28.76 25.48 -23.02
C GLY F 360 -28.70 26.94 -23.47
N LYS F 361 -27.99 27.76 -22.72
CA LYS F 361 -27.99 29.21 -22.97
C LYS F 361 -27.32 29.49 -24.31
N LEU F 362 -26.30 28.70 -24.66
CA LEU F 362 -25.62 28.88 -25.94
C LEU F 362 -26.50 28.52 -27.13
N ARG F 363 -27.27 27.46 -27.00
CA ARG F 363 -28.19 27.10 -28.08
C ARG F 363 -29.35 28.09 -28.25
N GLU F 364 -29.82 28.66 -27.15
CA GLU F 364 -30.79 29.74 -27.23
C GLU F 364 -30.24 30.88 -28.09
N LEU F 365 -29.02 31.27 -27.78
CA LEU F 365 -28.32 32.29 -28.56
C LEU F 365 -28.19 31.89 -30.02
N ALA F 366 -27.82 30.65 -30.31
CA ALA F 366 -27.72 30.17 -31.68
C ALA F 366 -29.07 30.34 -32.43
N ALA F 367 -30.17 30.08 -31.73
CA ALA F 367 -31.53 30.11 -32.28
C ALA F 367 -32.06 31.51 -32.46
N GLU F 368 -31.19 32.51 -32.59
CA GLU F 368 -31.63 33.89 -32.70
C GLU F 368 -30.63 34.72 -33.56
N GLY F 373 -32.20 35.60 -38.80
CA GLY F 373 -31.29 36.55 -39.45
C GLY F 373 -30.06 35.92 -40.13
N GLY F 374 -28.91 36.59 -40.01
CA GLY F 374 -27.64 36.22 -40.68
C GLY F 374 -26.49 35.89 -39.72
N SER F 375 -26.27 34.60 -39.50
CA SER F 375 -25.66 34.10 -38.22
C SER F 375 -24.16 34.06 -38.13
N VAL F 376 -23.72 34.32 -36.92
CA VAL F 376 -22.31 34.47 -36.55
C VAL F 376 -21.86 33.23 -35.73
N VAL F 377 -22.81 32.43 -35.25
CA VAL F 377 -22.52 31.24 -34.49
C VAL F 377 -22.40 30.02 -35.41
N GLY F 378 -21.17 29.60 -35.66
CA GLY F 378 -20.89 28.48 -36.53
C GLY F 378 -21.12 27.13 -35.94
N ASP F 379 -20.66 26.91 -34.72
CA ASP F 379 -20.70 25.54 -34.13
C ASP F 379 -20.57 25.63 -32.61
N ILE F 380 -21.38 24.84 -31.91
CA ILE F 380 -21.34 24.73 -30.44
C ILE F 380 -20.99 23.28 -30.13
N ARG F 381 -20.00 23.06 -29.29
CA ARG F 381 -19.45 21.72 -29.11
C ARG F 381 -18.68 21.64 -27.80
N GLY F 382 -18.35 20.42 -27.41
CA GLY F 382 -17.67 20.16 -26.17
C GLY F 382 -18.45 19.24 -25.29
N ARG F 383 -17.90 18.95 -24.13
CA ARG F 383 -18.57 18.12 -23.16
C ARG F 383 -18.22 18.63 -21.79
N GLY F 384 -19.14 18.49 -20.84
CA GLY F 384 -18.88 18.87 -19.45
C GLY F 384 -18.57 20.36 -19.30
N ALA F 385 -17.50 20.65 -18.56
CA ALA F 385 -17.01 22.03 -18.39
C ALA F 385 -15.89 22.35 -19.35
N MET F 386 -15.91 21.70 -20.52
CA MET F 386 -14.97 21.99 -21.58
C MET F 386 -15.80 22.20 -22.85
N LEU F 387 -16.30 23.43 -23.02
CA LEU F 387 -17.30 23.74 -24.04
C LEU F 387 -16.81 24.90 -24.86
N ALA F 388 -17.30 25.01 -26.09
CA ALA F 388 -16.79 26.03 -27.01
C ALA F 388 -17.81 26.44 -28.06
N ILE F 389 -17.69 27.67 -28.53
CA ILE F 389 -18.53 28.20 -29.58
C ILE F 389 -17.59 28.76 -30.62
N GLU F 390 -17.71 28.24 -31.84
CA GLU F 390 -16.83 28.65 -32.94
C GLU F 390 -17.55 29.71 -33.71
N LEU F 391 -16.95 30.87 -33.80
CA LEU F 391 -17.60 32.01 -34.43
C LEU F 391 -17.15 32.17 -35.88
N VAL F 392 -18.12 32.46 -36.74
CA VAL F 392 -17.88 32.62 -38.16
C VAL F 392 -18.37 33.95 -38.70
N GLN F 393 -17.99 34.24 -39.92
CA GLN F 393 -18.45 35.42 -40.64
C GLN F 393 -19.94 35.22 -40.92
N PRO F 394 -20.75 36.29 -40.85
CA PRO F 394 -22.22 36.17 -40.99
C PRO F 394 -22.66 35.51 -42.28
N GLY F 395 -23.43 34.42 -42.17
CA GLY F 395 -23.93 33.70 -43.33
C GLY F 395 -22.97 32.76 -44.06
N SER F 396 -21.71 32.68 -43.62
CA SER F 396 -20.76 31.72 -44.20
C SER F 396 -20.06 30.91 -43.10
N LYS F 397 -19.11 30.07 -43.50
CA LYS F 397 -18.28 29.33 -42.57
C LYS F 397 -16.89 29.95 -42.39
N GLU F 398 -16.61 31.08 -43.05
CA GLU F 398 -15.28 31.70 -42.90
C GLU F 398 -15.08 32.02 -41.41
N PRO F 399 -13.85 31.86 -40.90
CA PRO F 399 -13.59 32.20 -39.51
C PRO F 399 -13.77 33.69 -39.18
N ASN F 400 -14.11 33.97 -37.92
CA ASN F 400 -14.28 35.33 -37.43
C ASN F 400 -13.45 35.59 -36.18
N ALA F 401 -12.12 35.71 -36.36
CA ALA F 401 -11.22 36.02 -35.24
C ALA F 401 -11.51 37.41 -34.70
N GLU F 402 -11.89 38.34 -35.57
CA GLU F 402 -12.11 39.72 -35.20
C GLU F 402 -13.22 39.78 -34.13
N LEU F 403 -14.33 39.14 -34.42
CA LEU F 403 -15.44 39.11 -33.50
C LEU F 403 -15.03 38.42 -32.21
N THR F 404 -14.16 37.43 -32.34
CA THR F 404 -13.76 36.63 -31.19
C THR F 404 -12.96 37.45 -30.23
N LYS F 405 -11.98 38.21 -30.74
CA LYS F 405 -11.19 39.09 -29.90
C LYS F 405 -12.08 40.15 -29.27
N ALA F 406 -12.96 40.72 -30.08
CA ALA F 406 -13.90 41.72 -29.60
C ALA F 406 -14.74 41.19 -28.43
N VAL F 407 -15.31 40.01 -28.58
CA VAL F 407 -16.21 39.46 -27.56
C VAL F 407 -15.45 39.23 -26.26
N ALA F 408 -14.22 38.72 -26.37
CA ALA F 408 -13.39 38.51 -25.20
C ALA F 408 -13.15 39.81 -24.47
N ALA F 409 -12.78 40.84 -25.22
CA ALA F 409 -12.54 42.18 -24.66
C ALA F 409 -13.83 42.73 -24.03
N ALA F 410 -14.94 42.58 -24.72
CA ALA F 410 -16.23 42.99 -24.16
C ALA F 410 -16.52 42.32 -22.81
N CYS F 411 -16.29 41.02 -22.76
CA CYS F 411 -16.58 40.25 -21.58
C CYS F 411 -15.70 40.72 -20.44
N LEU F 412 -14.45 41.00 -20.74
CA LEU F 412 -13.52 41.50 -19.74
C LEU F 412 -14.02 42.82 -19.17
N LYS F 413 -14.48 43.70 -20.05
CA LYS F 413 -14.96 45.02 -19.66
C LYS F 413 -16.08 44.91 -18.64
N GLU F 414 -16.97 43.94 -18.83
CA GLU F 414 -18.08 43.73 -17.92
C GLU F 414 -17.71 42.92 -16.67
N GLY F 415 -16.44 42.51 -16.55
CA GLY F 415 -16.00 41.72 -15.40
C GLY F 415 -16.13 40.21 -15.53
N VAL F 416 -16.07 39.70 -16.77
CA VAL F 416 -15.99 38.27 -17.03
C VAL F 416 -14.71 37.92 -17.80
N ILE F 417 -13.86 37.09 -17.18
CA ILE F 417 -12.60 36.65 -17.79
C ILE F 417 -12.86 35.36 -18.54
N ILE F 418 -12.77 35.42 -19.86
CA ILE F 418 -13.08 34.29 -20.73
C ILE F 418 -11.93 34.08 -21.70
N LEU F 419 -11.63 32.82 -22.03
CA LEU F 419 -10.49 32.53 -22.92
C LEU F 419 -10.90 32.28 -24.37
N THR F 420 -9.96 32.45 -25.27
CA THR F 420 -10.15 32.12 -26.68
C THR F 420 -9.12 31.08 -27.09
N CYS F 421 -9.32 30.50 -28.28
CA CYS F 421 -8.39 29.53 -28.83
C CYS F 421 -8.75 29.26 -30.29
N GLY F 422 -8.12 28.24 -30.88
CA GLY F 422 -8.44 27.79 -32.21
C GLY F 422 -7.34 28.01 -33.23
N THR F 423 -7.18 27.03 -34.12
CA THR F 423 -6.28 27.16 -35.27
C THR F 423 -6.51 28.45 -36.04
N TYR F 424 -7.78 28.84 -36.20
CA TYR F 424 -8.11 30.09 -36.92
C TYR F 424 -8.42 31.28 -36.01
N GLY F 425 -8.16 31.14 -34.70
CA GLY F 425 -8.32 32.24 -33.72
C GLY F 425 -9.76 32.64 -33.39
N ASN F 426 -10.71 31.78 -33.70
CA ASN F 426 -12.11 32.15 -33.75
C ASN F 426 -12.97 31.27 -32.89
N VAL F 427 -12.41 30.79 -31.79
CA VAL F 427 -13.20 29.97 -30.84
C VAL F 427 -13.18 30.50 -29.43
N ILE F 428 -14.37 30.72 -28.88
CA ILE F 428 -14.54 31.09 -27.48
C ILE F 428 -14.73 29.81 -26.71
N ARG F 429 -13.91 29.64 -25.66
CA ARG F 429 -13.95 28.44 -24.88
C ARG F 429 -14.35 28.74 -23.46
N LEU F 430 -15.23 27.89 -22.95
CA LEU F 430 -15.63 27.93 -21.55
C LEU F 430 -14.87 26.86 -20.79
N LEU F 431 -14.03 27.27 -19.86
CA LEU F 431 -13.33 26.36 -18.96
C LEU F 431 -13.51 26.82 -17.52
N PRO F 432 -14.76 26.84 -17.04
CA PRO F 432 -14.99 27.32 -15.70
C PRO F 432 -14.47 26.33 -14.72
N PRO F 433 -14.15 26.77 -13.50
CA PRO F 433 -13.89 25.79 -12.47
C PRO F 433 -15.17 25.02 -12.17
N LEU F 434 -15.01 23.74 -11.89
CA LEU F 434 -16.14 22.85 -11.79
C LEU F 434 -16.93 23.17 -10.53
N VAL F 435 -16.30 23.85 -9.56
CA VAL F 435 -17.00 24.27 -8.32
C VAL F 435 -17.80 25.58 -8.46
N ILE F 436 -17.97 26.07 -9.69
CA ILE F 436 -18.71 27.32 -9.92
C ILE F 436 -20.21 27.16 -9.59
N SER F 437 -20.81 28.21 -9.08
CA SER F 437 -22.24 28.18 -8.72
C SER F 437 -23.03 28.41 -9.98
N ASP F 438 -24.23 27.82 -10.03
CA ASP F 438 -25.16 28.07 -11.14
C ASP F 438 -25.40 29.56 -11.35
N GLU F 439 -25.57 30.31 -10.25
CA GLU F 439 -25.87 31.77 -10.31
C GLU F 439 -24.73 32.52 -11.07
N LEU F 440 -23.48 32.30 -10.64
CA LEU F 440 -22.32 32.92 -11.33
C LEU F 440 -22.17 32.49 -12.78
N LEU F 441 -22.32 31.19 -13.03
CA LEU F 441 -22.17 30.68 -14.39
C LEU F 441 -23.21 31.33 -15.32
N ILE F 442 -24.48 31.39 -14.86
CA ILE F 442 -25.54 32.02 -15.65
C ILE F 442 -25.25 33.49 -15.89
N ASP F 443 -24.73 34.17 -14.88
CA ASP F 443 -24.39 35.55 -15.03
C ASP F 443 -23.34 35.68 -16.16
N GLY F 444 -22.27 34.89 -16.05
CA GLY F 444 -21.20 34.89 -17.06
C GLY F 444 -21.72 34.62 -18.47
N LEU F 445 -22.60 33.63 -18.60
CA LEU F 445 -23.16 33.29 -19.91
C LEU F 445 -24.00 34.41 -20.45
N GLU F 446 -24.74 35.10 -19.57
CA GLU F 446 -25.52 36.26 -20.01
C GLU F 446 -24.59 37.33 -20.56
N VAL F 447 -23.51 37.61 -19.85
CA VAL F 447 -22.55 38.61 -20.33
C VAL F 447 -22.01 38.23 -21.68
N LEU F 448 -21.67 36.95 -21.83
CA LEU F 448 -21.09 36.44 -23.07
C LEU F 448 -22.10 36.62 -24.19
N ALA F 449 -23.34 36.17 -23.96
CA ALA F 449 -24.40 36.28 -24.96
C ALA F 449 -24.60 37.76 -25.35
N ALA F 450 -24.61 38.65 -24.37
CA ALA F 450 -24.76 40.07 -24.66
C ALA F 450 -23.64 40.53 -25.56
N ALA F 451 -22.41 40.15 -25.21
CA ALA F 451 -21.22 40.55 -25.94
C ALA F 451 -21.27 40.12 -27.41
N ILE F 452 -21.69 38.89 -27.65
CA ILE F 452 -21.78 38.40 -29.02
C ILE F 452 -22.79 39.23 -29.81
N LYS F 453 -23.98 39.41 -29.25
CA LYS F 453 -25.02 40.25 -29.89
C LYS F 453 -24.51 41.67 -30.13
N ALA F 454 -23.81 42.23 -29.16
CA ALA F 454 -23.27 43.59 -29.32
C ALA F 454 -22.28 43.76 -30.48
N HIS F 455 -21.50 42.72 -30.83
CA HIS F 455 -20.54 42.78 -31.98
C HIS F 455 -20.66 41.66 -33.01
N SER G 9 13.40 6.42 -89.19
CA SER G 9 14.84 6.21 -89.56
C SER G 9 15.67 5.56 -88.39
N TYR G 10 15.69 4.23 -88.36
CA TYR G 10 16.21 3.46 -87.21
C TYR G 10 17.33 2.49 -87.56
N ARG G 11 17.92 1.86 -86.54
CA ARG G 11 19.07 0.96 -86.69
C ARG G 11 18.65 -0.50 -86.63
N ILE G 12 17.72 -0.84 -85.74
CA ILE G 12 17.25 -2.22 -85.60
C ILE G 12 15.78 -2.29 -85.97
N GLU G 13 15.36 -3.46 -86.46
CA GLU G 13 14.01 -3.59 -87.02
C GLU G 13 12.98 -3.21 -85.98
N GLN G 14 12.10 -2.30 -86.33
CA GLN G 14 11.10 -1.77 -85.42
C GLN G 14 9.83 -2.58 -85.48
N LYS G 15 9.90 -3.86 -85.11
CA LYS G 15 8.70 -4.71 -85.03
C LYS G 15 8.77 -5.63 -83.81
N ARG G 16 7.63 -5.83 -83.16
CA ARG G 16 7.54 -6.69 -82.01
C ARG G 16 7.75 -8.11 -82.48
N ASN G 17 8.68 -8.83 -81.85
CA ASN G 17 9.00 -10.21 -82.28
C ASN G 17 9.47 -11.07 -81.11
N ILE G 18 8.56 -11.90 -80.58
CA ILE G 18 8.88 -12.77 -79.45
C ILE G 18 9.01 -14.22 -79.92
N ASN G 19 10.26 -14.71 -79.97
CA ASN G 19 10.61 -16.05 -80.49
C ASN G 19 10.65 -17.11 -79.39
N GLY G 20 9.50 -17.64 -79.03
CA GLY G 20 9.43 -18.72 -78.03
C GLY G 20 9.53 -18.20 -76.62
N ALA G 21 9.88 -19.08 -75.71
CA ALA G 21 9.81 -18.77 -74.29
C ALA G 21 10.97 -17.91 -73.88
N PHE G 22 10.72 -17.04 -72.90
CA PHE G 22 11.78 -16.24 -72.29
C PHE G 22 11.55 -16.15 -70.80
N PRO G 23 12.61 -15.92 -70.02
CA PRO G 23 13.98 -15.66 -70.46
C PRO G 23 14.58 -16.82 -71.24
N GLY G 24 15.29 -16.50 -72.32
CA GLY G 24 16.01 -17.48 -73.08
C GLY G 24 17.32 -17.87 -72.40
N PRO G 25 18.08 -18.78 -73.03
CA PRO G 25 19.26 -19.38 -72.39
C PRO G 25 20.30 -18.35 -71.99
N LYS G 26 20.56 -17.37 -72.85
CA LYS G 26 21.61 -16.37 -72.60
C LYS G 26 21.21 -15.40 -71.47
N SER G 27 19.92 -15.07 -71.43
CA SER G 27 19.34 -14.33 -70.31
C SER G 27 19.42 -15.13 -69.01
N GLN G 28 18.97 -16.38 -69.03
CA GLN G 28 19.08 -17.24 -67.85
C GLN G 28 20.51 -17.32 -67.35
N ALA G 29 21.48 -17.39 -68.25
CA ALA G 29 22.88 -17.48 -67.84
C ALA G 29 23.27 -16.23 -67.05
N LEU G 30 22.76 -15.08 -67.49
CA LEU G 30 23.09 -13.80 -66.83
C LEU G 30 22.41 -13.69 -65.46
N ALA G 31 21.15 -14.08 -65.40
CA ALA G 31 20.44 -14.19 -64.13
C ALA G 31 21.22 -15.05 -63.12
N GLU G 32 21.73 -16.19 -63.56
CA GLU G 32 22.49 -17.09 -62.67
C GLU G 32 23.75 -16.36 -62.17
N ARG G 33 24.44 -15.66 -63.04
CA ARG G 33 25.63 -14.92 -62.62
C ARG G 33 25.26 -13.83 -61.62
N ARG G 34 24.14 -13.15 -61.92
CA ARG G 34 23.66 -12.01 -61.15
C ARG G 34 23.40 -12.35 -59.70
N SER G 35 22.71 -13.45 -59.47
CA SER G 35 22.31 -13.78 -58.12
C SER G 35 23.49 -14.06 -57.18
N ALA G 36 24.67 -14.27 -57.74
CA ALA G 36 25.87 -14.50 -56.92
C ALA G 36 26.59 -13.21 -56.57
N VAL G 37 26.27 -12.12 -57.26
CA VAL G 37 27.05 -10.89 -57.09
C VAL G 37 26.29 -9.57 -56.85
N VAL G 38 25.01 -9.51 -57.23
CA VAL G 38 24.17 -8.35 -57.02
C VAL G 38 23.24 -8.58 -55.84
N ALA G 39 23.06 -7.55 -55.01
CA ALA G 39 22.18 -7.64 -53.86
C ALA G 39 20.79 -8.17 -54.23
N ALA G 40 20.27 -9.08 -53.41
CA ALA G 40 18.97 -9.73 -53.65
C ALA G 40 17.82 -8.75 -53.87
N GLY G 41 17.85 -7.64 -53.13
CA GLY G 41 16.80 -6.62 -53.19
C GLY G 41 16.74 -5.87 -54.50
N VAL G 42 17.86 -5.84 -55.23
CA VAL G 42 17.91 -5.11 -56.52
C VAL G 42 17.24 -5.99 -57.56
N ALA G 43 15.95 -5.77 -57.77
CA ALA G 43 15.11 -6.58 -58.64
C ALA G 43 14.88 -5.82 -59.92
N SER G 44 14.54 -6.53 -61.00
CA SER G 44 14.23 -5.86 -62.26
C SER G 44 12.86 -6.22 -62.68
N GLY G 45 12.15 -5.29 -63.29
CA GLY G 45 10.75 -5.53 -63.72
C GLY G 45 10.65 -6.49 -64.90
N VAL G 46 11.78 -6.64 -65.61
CA VAL G 46 11.86 -7.42 -66.82
C VAL G 46 12.91 -8.52 -66.63
N PRO G 47 12.58 -9.79 -66.98
CA PRO G 47 13.54 -10.88 -66.79
C PRO G 47 14.54 -11.13 -67.94
N VAL G 48 14.47 -10.34 -69.02
CA VAL G 48 15.39 -10.52 -70.18
C VAL G 48 16.45 -9.43 -70.17
N TYR G 49 17.61 -9.69 -70.75
CA TYR G 49 18.78 -8.81 -70.68
C TYR G 49 19.05 -8.11 -72.02
N VAL G 50 19.17 -6.78 -72.02
CA VAL G 50 19.29 -6.01 -73.27
C VAL G 50 20.62 -6.23 -73.93
N GLU G 51 20.59 -6.26 -75.27
CA GLU G 51 21.79 -6.20 -76.09
C GLU G 51 21.82 -4.93 -76.92
N ASP G 52 20.65 -4.57 -77.47
CA ASP G 52 20.49 -3.32 -78.21
C ASP G 52 19.14 -2.69 -77.88
N ALA G 53 19.13 -1.36 -77.76
CA ALA G 53 17.91 -0.63 -77.58
C ALA G 53 17.94 0.55 -78.55
N ASP G 54 16.88 0.70 -79.34
CA ASP G 54 16.87 1.70 -80.41
C ASP G 54 15.46 1.95 -80.86
N GLY G 55 15.15 3.21 -81.19
CA GLY G 55 13.78 3.60 -81.49
C GLY G 55 12.82 3.17 -80.38
N GLY G 56 11.88 2.29 -80.72
CA GLY G 56 10.90 1.78 -79.76
C GLY G 56 11.10 0.31 -79.38
N ILE G 57 12.31 -0.23 -79.55
CA ILE G 57 12.54 -1.66 -79.34
C ILE G 57 13.64 -1.87 -78.32
N ILE G 58 13.42 -2.85 -77.44
CA ILE G 58 14.48 -3.44 -76.61
C ILE G 58 14.66 -4.83 -77.16
N ARG G 59 15.85 -5.13 -77.67
CA ARG G 59 16.16 -6.47 -78.15
C ARG G 59 17.08 -7.17 -77.20
N ASP G 60 16.69 -8.37 -76.78
CA ASP G 60 17.43 -9.07 -75.72
C ASP G 60 18.55 -9.90 -76.26
N VAL G 61 19.36 -10.43 -75.37
CA VAL G 61 20.52 -11.22 -75.77
C VAL G 61 20.16 -12.54 -76.48
N ASP G 62 18.89 -12.95 -76.43
CA ASP G 62 18.41 -14.15 -77.14
C ASP G 62 17.64 -13.77 -78.42
N GLY G 63 17.78 -12.54 -78.90
CA GLY G 63 17.14 -12.10 -80.14
C GLY G 63 15.67 -11.74 -80.12
N ASN G 64 15.05 -11.71 -78.94
CA ASN G 64 13.67 -11.19 -78.84
C ASN G 64 13.57 -9.68 -78.90
N SER G 65 12.53 -9.17 -79.56
CA SER G 65 12.34 -7.74 -79.70
C SER G 65 11.05 -7.33 -79.01
N PHE G 66 11.19 -6.55 -77.92
CA PHE G 66 10.06 -6.06 -77.13
C PHE G 66 9.73 -4.61 -77.49
N ILE G 67 8.45 -4.23 -77.44
CA ILE G 67 8.09 -2.81 -77.55
C ILE G 67 8.44 -2.10 -76.21
N ASP G 68 9.13 -0.96 -76.30
CA ASP G 68 9.58 -0.20 -75.13
C ASP G 68 8.63 0.95 -74.80
N LEU G 69 7.75 0.74 -73.83
CA LEU G 69 6.79 1.77 -73.45
C LEU G 69 7.19 2.46 -72.12
N GLY G 70 8.46 2.36 -71.76
CA GLY G 70 8.97 3.01 -70.56
C GLY G 70 10.14 3.97 -70.75
N SER G 71 10.80 3.89 -71.89
CA SER G 71 12.04 4.64 -72.16
C SER G 71 12.97 4.75 -70.95
N GLY G 72 13.12 3.65 -70.21
CA GLY G 72 14.06 3.60 -69.06
C GLY G 72 13.66 4.47 -67.90
N ILE G 73 12.33 4.54 -67.68
CA ILE G 73 11.67 5.53 -66.81
C ILE G 73 11.88 6.96 -67.31
N ALA G 74 11.35 7.23 -68.50
CA ALA G 74 11.32 8.56 -69.10
C ALA G 74 12.72 9.15 -69.37
N VAL G 75 13.72 8.31 -69.59
CA VAL G 75 15.08 8.79 -69.83
C VAL G 75 15.46 8.88 -71.32
N THR G 76 15.25 7.81 -72.07
CA THR G 76 15.70 7.75 -73.48
C THR G 76 14.62 8.32 -74.41
N SER G 77 14.26 9.58 -74.20
CA SER G 77 13.18 10.22 -74.97
C SER G 77 13.57 10.36 -76.44
N VAL G 78 14.84 10.67 -76.68
CA VAL G 78 15.38 10.70 -78.03
C VAL G 78 15.66 9.32 -78.60
N GLY G 79 15.36 8.28 -77.82
CA GLY G 79 15.75 6.92 -78.14
C GLY G 79 17.04 6.51 -77.46
N ALA G 80 17.16 5.23 -77.16
CA ALA G 80 18.33 4.72 -76.43
C ALA G 80 19.60 4.71 -77.23
N SER G 81 19.52 5.07 -78.50
CA SER G 81 20.65 4.91 -79.41
C SER G 81 20.63 5.95 -80.53
N ASP G 82 20.27 7.18 -80.19
CA ASP G 82 20.20 8.25 -81.16
C ASP G 82 21.59 8.49 -81.77
N PRO G 83 21.69 8.37 -83.10
CA PRO G 83 23.01 8.42 -83.75
C PRO G 83 23.79 9.67 -83.36
N ALA G 84 23.08 10.80 -83.25
CA ALA G 84 23.73 12.08 -82.88
C ALA G 84 24.40 11.99 -81.49
N VAL G 85 23.64 11.47 -80.53
CA VAL G 85 24.13 11.25 -79.18
C VAL G 85 25.32 10.29 -79.19
N VAL G 86 25.16 9.18 -79.90
CA VAL G 86 26.19 8.16 -79.96
C VAL G 86 27.50 8.72 -80.53
N ALA G 87 27.38 9.45 -81.63
CA ALA G 87 28.55 10.09 -82.27
C ALA G 87 29.18 11.06 -81.30
N ALA G 88 28.34 11.88 -80.65
CA ALA G 88 28.83 12.95 -79.77
C ALA G 88 29.62 12.36 -78.61
N VAL G 89 29.07 11.28 -78.06
CA VAL G 89 29.70 10.58 -76.97
C VAL G 89 31.03 9.99 -77.40
N GLN G 90 30.99 9.32 -78.56
CA GLN G 90 32.20 8.68 -79.14
C GLN G 90 33.31 9.69 -79.38
N GLU G 91 32.99 10.82 -80.00
CA GLU G 91 34.00 11.85 -80.25
C GLU G 91 34.53 12.46 -78.93
N ALA G 92 33.64 12.83 -78.00
CA ALA G 92 34.03 13.50 -76.73
C ALA G 92 34.88 12.58 -75.83
N ALA G 93 34.54 11.29 -75.76
CA ALA G 93 35.31 10.34 -74.96
C ALA G 93 36.77 10.23 -75.41
N ALA G 94 37.02 10.40 -76.71
CA ALA G 94 38.38 10.26 -77.27
C ALA G 94 39.30 11.40 -76.86
N HIS G 95 38.71 12.53 -76.44
CA HIS G 95 39.48 13.71 -76.03
C HIS G 95 39.83 13.68 -74.56
N PHE G 96 38.83 13.49 -73.72
CA PHE G 96 39.03 13.28 -72.26
C PHE G 96 37.70 12.83 -71.64
N THR G 97 37.79 11.90 -70.70
CA THR G 97 36.60 11.36 -70.03
C THR G 97 36.13 12.28 -68.90
N HIS G 98 37.08 12.95 -68.25
CA HIS G 98 36.82 13.69 -67.06
C HIS G 98 38.02 14.49 -66.65
N THR G 99 37.79 15.74 -66.26
CA THR G 99 38.82 16.54 -65.57
C THR G 99 38.34 17.18 -64.27
N CYS G 100 37.05 17.03 -63.96
CA CYS G 100 36.37 17.72 -62.86
C CYS G 100 36.32 19.21 -63.09
N PHE G 101 35.14 19.68 -63.48
CA PHE G 101 34.92 21.09 -63.80
C PHE G 101 35.43 22.04 -62.74
N MET G 102 35.26 21.69 -61.47
CA MET G 102 35.78 22.52 -60.36
C MET G 102 37.31 22.66 -60.37
N VAL G 103 38.01 21.75 -61.06
CA VAL G 103 39.46 21.87 -61.17
C VAL G 103 39.81 22.49 -62.52
N THR G 104 39.60 21.74 -63.60
CA THR G 104 39.90 22.22 -64.97
C THR G 104 38.63 22.22 -65.78
N PRO G 105 38.12 23.40 -66.11
CA PRO G 105 36.81 23.51 -66.77
C PRO G 105 36.91 23.18 -68.23
N TYR G 106 35.76 23.15 -68.91
CA TYR G 106 35.69 22.71 -70.29
C TYR G 106 34.41 23.16 -70.96
N GLU G 107 34.47 23.30 -72.28
CA GLU G 107 33.39 23.94 -73.04
C GLU G 107 32.06 23.22 -72.89
N GLY G 108 32.10 21.89 -72.87
CA GLY G 108 30.88 21.09 -72.79
C GLY G 108 29.94 21.54 -71.68
N TYR G 109 30.50 21.77 -70.49
CA TYR G 109 29.73 22.22 -69.35
C TYR G 109 29.06 23.53 -69.67
N VAL G 110 29.86 24.50 -70.12
CA VAL G 110 29.32 25.84 -70.42
C VAL G 110 28.24 25.76 -71.51
N ALA G 111 28.50 24.97 -72.55
CA ALA G 111 27.58 24.87 -73.68
C ALA G 111 26.22 24.31 -73.24
N VAL G 112 26.26 23.26 -72.43
CA VAL G 112 25.04 22.68 -71.90
C VAL G 112 24.25 23.72 -71.09
N THR G 113 24.99 24.42 -70.24
CA THR G 113 24.42 25.47 -69.45
C THR G 113 23.77 26.58 -70.25
N GLU G 114 24.41 26.94 -71.38
CA GLU G 114 23.81 27.88 -72.33
C GLU G 114 22.45 27.39 -72.85
N GLN G 115 22.38 26.11 -73.21
CA GLN G 115 21.13 25.55 -73.73
C GLN G 115 20.03 25.58 -72.67
N LEU G 116 20.38 25.20 -71.44
CA LEU G 116 19.36 25.11 -70.39
C LEU G 116 18.83 26.51 -70.03
N ASN G 117 19.72 27.51 -70.02
CA ASN G 117 19.34 28.91 -69.91
C ASN G 117 18.25 29.32 -70.89
N ARG G 118 18.48 28.94 -72.14
CA ARG G 118 17.61 29.31 -73.25
C ARG G 118 16.28 28.58 -73.23
N LEU G 119 16.30 27.29 -72.93
CA LEU G 119 15.11 26.45 -73.09
C LEU G 119 14.14 26.50 -71.90
N THR G 120 14.64 26.90 -70.74
CA THR G 120 13.83 26.90 -69.53
C THR G 120 12.91 28.13 -69.58
N PRO G 121 11.79 28.10 -68.85
CA PRO G 121 10.84 29.20 -68.87
C PRO G 121 11.38 30.47 -68.21
N GLY G 122 10.76 31.59 -68.57
CA GLY G 122 11.14 32.90 -68.07
C GLY G 122 12.24 33.57 -68.86
N ASP G 123 12.21 34.90 -68.90
CA ASP G 123 13.20 35.72 -69.61
C ASP G 123 14.16 36.46 -68.67
N HIS G 124 14.03 36.20 -67.38
CA HIS G 124 14.86 36.83 -66.36
C HIS G 124 16.24 36.22 -66.35
N ALA G 125 17.15 36.83 -65.60
CA ALA G 125 18.52 36.32 -65.53
C ALA G 125 18.51 34.95 -64.83
N LYS G 126 19.08 33.94 -65.48
CA LYS G 126 19.15 32.61 -64.91
C LYS G 126 20.57 32.09 -64.91
N ARG G 127 20.86 31.15 -64.03
CA ARG G 127 22.14 30.43 -64.03
C ARG G 127 21.89 28.96 -63.78
N THR G 128 22.92 28.15 -64.01
CA THR G 128 22.79 26.69 -63.95
C THR G 128 23.99 26.07 -63.30
N VAL G 129 23.78 24.98 -62.57
CA VAL G 129 24.88 24.12 -62.13
C VAL G 129 24.51 22.71 -62.50
N LEU G 130 25.52 21.87 -62.78
CA LEU G 130 25.31 20.50 -63.22
C LEU G 130 25.79 19.47 -62.19
N PHE G 131 25.06 18.36 -62.14
CA PHE G 131 25.42 17.23 -61.26
C PHE G 131 25.20 15.92 -62.03
N ASN G 132 24.99 14.80 -61.35
CA ASN G 132 24.82 13.54 -62.04
C ASN G 132 23.39 13.02 -62.00
N SER G 133 22.81 12.87 -60.81
CA SER G 133 21.47 12.25 -60.64
C SER G 133 20.38 13.25 -60.36
N GLY G 134 19.13 12.84 -60.55
CA GLY G 134 17.99 13.67 -60.21
C GLY G 134 17.98 14.00 -58.72
N ALA G 135 18.24 13.00 -57.89
CA ALA G 135 18.37 13.24 -56.44
C ALA G 135 19.39 14.35 -56.17
N GLU G 136 20.53 14.31 -56.83
CA GLU G 136 21.54 15.33 -56.57
C GLU G 136 20.99 16.71 -56.95
N ALA G 137 20.27 16.76 -58.05
CA ALA G 137 19.68 18.00 -58.49
C ALA G 137 18.75 18.57 -57.43
N VAL G 138 17.82 17.76 -56.95
CA VAL G 138 16.88 18.21 -55.92
C VAL G 138 17.61 18.59 -54.62
N GLU G 139 18.58 17.80 -54.24
CA GLU G 139 19.43 18.14 -53.11
C GLU G 139 20.03 19.53 -53.25
N ASN G 140 20.51 19.83 -54.45
CA ASN G 140 21.14 21.14 -54.67
C ASN G 140 20.12 22.29 -54.74
N ALA G 141 18.96 22.04 -55.33
CA ALA G 141 17.89 23.06 -55.38
C ALA G 141 17.55 23.49 -53.95
N VAL G 142 17.46 22.51 -53.05
CA VAL G 142 17.09 22.80 -51.69
C VAL G 142 18.23 23.53 -50.96
N LYS G 143 19.47 23.14 -51.20
CA LYS G 143 20.61 23.85 -50.62
C LYS G 143 20.55 25.32 -51.00
N VAL G 144 20.25 25.58 -52.27
CA VAL G 144 20.23 26.97 -52.80
C VAL G 144 19.08 27.75 -52.19
N ALA G 145 17.88 27.18 -52.21
CA ALA G 145 16.74 27.82 -51.53
C ALA G 145 17.07 28.16 -50.08
N ARG G 146 17.68 27.22 -49.36
CA ARG G 146 17.96 27.39 -47.94
C ARG G 146 19.00 28.46 -47.68
N LEU G 147 20.09 28.43 -48.44
CA LEU G 147 21.16 29.43 -48.32
C LEU G 147 20.64 30.81 -48.74
N ALA G 148 20.01 30.87 -49.91
CA ALA G 148 19.54 32.17 -50.46
C ALA G 148 18.48 32.81 -49.59
N THR G 149 17.53 32.05 -49.04
CA THR G 149 16.46 32.68 -48.23
C THR G 149 16.85 32.86 -46.78
N GLY G 150 17.85 32.12 -46.33
CA GLY G 150 18.15 32.05 -44.89
C GLY G 150 17.10 31.34 -44.05
N ARG G 151 16.21 30.58 -44.67
CA ARG G 151 15.16 29.85 -43.97
C ARG G 151 15.37 28.33 -44.08
N ASP G 152 14.60 27.59 -43.29
CA ASP G 152 14.81 26.18 -43.05
C ASP G 152 13.78 25.33 -43.74
N ALA G 153 12.51 25.62 -43.51
CA ALA G 153 11.43 24.66 -43.83
C ALA G 153 11.34 24.46 -45.33
N VAL G 154 11.09 23.23 -45.75
CA VAL G 154 10.79 22.93 -47.14
C VAL G 154 9.45 22.22 -47.21
N VAL G 155 8.50 22.67 -48.05
CA VAL G 155 7.24 21.93 -48.17
C VAL G 155 7.20 21.09 -49.44
N ALA G 156 6.76 19.85 -49.26
CA ALA G 156 6.55 18.92 -50.34
C ALA G 156 5.16 18.41 -50.19
N PHE G 157 4.69 17.63 -51.14
CA PHE G 157 3.29 17.26 -51.19
C PHE G 157 3.03 15.77 -51.04
N ASP G 158 1.79 15.44 -50.71
CA ASP G 158 1.32 14.08 -50.88
C ASP G 158 1.62 13.58 -52.30
N HIS G 159 1.92 12.29 -52.41
CA HIS G 159 2.22 11.62 -53.69
C HIS G 159 3.48 12.09 -54.35
N ALA G 160 4.29 12.85 -53.63
CA ALA G 160 5.57 13.29 -54.18
C ALA G 160 6.57 12.18 -54.27
N TYR G 161 7.45 12.26 -55.26
CA TYR G 161 8.68 11.46 -55.30
C TYR G 161 9.83 12.32 -55.79
N HIS G 162 10.94 12.30 -55.07
CA HIS G 162 12.06 13.18 -55.38
C HIS G 162 13.41 12.54 -55.23
N GLY G 163 13.47 11.29 -54.78
CA GLY G 163 14.76 10.59 -54.75
C GLY G 163 15.04 9.72 -53.54
N ARG G 164 16.23 9.13 -53.55
CA ARG G 164 16.60 8.09 -52.63
C ARG G 164 17.75 8.43 -51.70
N THR G 165 18.23 9.67 -51.74
CA THR G 165 19.17 10.13 -50.71
C THR G 165 18.35 10.44 -49.46
N ASN G 166 19.00 10.64 -48.32
CA ASN G 166 18.24 10.85 -47.07
C ASN G 166 17.23 12.01 -47.16
N LEU G 167 17.67 13.15 -47.65
CA LEU G 167 16.77 14.30 -47.82
C LEU G 167 15.69 14.03 -48.85
N THR G 168 16.04 13.38 -49.97
CA THR G 168 15.08 13.24 -51.07
C THR G 168 14.07 12.16 -50.68
N MET G 169 14.54 11.22 -49.86
CA MET G 169 13.62 10.29 -49.18
C MET G 169 12.68 11.07 -48.28
N ALA G 170 13.25 11.99 -47.50
CA ALA G 170 12.45 12.86 -46.64
C ALA G 170 11.36 13.56 -47.47
N LEU G 171 11.75 14.08 -48.62
CA LEU G 171 10.82 14.82 -49.47
C LEU G 171 9.79 13.90 -50.11
N THR G 172 10.17 12.64 -50.33
CA THR G 172 9.27 11.66 -50.95
C THR G 172 8.15 11.24 -49.98
N ALA G 173 6.95 11.12 -50.51
CA ALA G 173 5.79 10.76 -49.72
C ALA G 173 5.71 9.26 -49.40
N LYS G 174 5.83 8.40 -50.40
CA LYS G 174 5.53 6.97 -50.22
C LYS G 174 6.66 6.25 -49.52
N ALA G 175 6.32 5.48 -48.49
CA ALA G 175 7.34 4.83 -47.66
C ALA G 175 7.83 3.51 -48.23
N MET G 176 6.96 2.72 -48.87
CA MET G 176 7.37 1.43 -49.48
C MET G 176 7.55 1.55 -50.99
N PRO G 177 8.75 1.25 -51.50
CA PRO G 177 9.96 0.74 -50.83
C PRO G 177 11.02 1.80 -50.54
N TYR G 178 10.71 3.07 -50.80
CA TYR G 178 11.73 4.09 -50.84
C TYR G 178 12.30 4.48 -49.48
N LYS G 179 11.57 4.26 -48.38
CA LYS G 179 11.93 4.87 -47.09
C LYS G 179 12.05 3.89 -45.93
N THR G 180 11.28 2.81 -45.95
CA THR G 180 11.17 1.92 -44.82
C THR G 180 12.54 1.53 -44.27
N ASN G 181 12.76 1.83 -42.99
CA ASN G 181 13.99 1.48 -42.27
C ASN G 181 15.23 2.18 -42.71
N PHE G 182 15.11 3.21 -43.54
CA PHE G 182 16.28 4.03 -43.96
C PHE G 182 16.49 5.36 -43.22
N GLY G 183 15.60 5.68 -42.28
CA GLY G 183 15.72 6.93 -41.54
C GLY G 183 16.69 6.83 -40.36
N PRO G 184 16.67 7.84 -39.45
CA PRO G 184 15.83 9.04 -39.44
C PRO G 184 16.13 10.00 -40.57
N PHE G 185 15.09 10.71 -40.98
CA PHE G 185 15.18 11.57 -42.17
C PHE G 185 15.52 13.03 -41.90
N ALA G 186 16.09 13.69 -42.92
CA ALA G 186 16.52 15.07 -42.82
C ALA G 186 15.38 15.93 -42.27
N PRO G 187 15.70 16.87 -41.37
CA PRO G 187 14.65 17.63 -40.68
C PRO G 187 14.09 18.84 -41.46
N GLU G 188 13.00 19.37 -40.94
CA GLU G 188 12.27 20.53 -41.43
C GLU G 188 11.72 20.35 -42.82
N VAL G 189 11.12 19.20 -43.03
CA VAL G 189 10.33 18.93 -44.24
C VAL G 189 8.90 18.75 -43.87
N TYR G 190 8.00 19.43 -44.56
CA TYR G 190 6.59 19.40 -44.19
C TYR G 190 5.77 18.96 -45.38
N ARG G 191 4.71 18.23 -45.13
CA ARG G 191 3.93 17.68 -46.22
C ARG G 191 2.57 18.27 -46.29
N MET G 192 2.16 18.62 -47.48
CA MET G 192 0.91 19.35 -47.71
C MET G 192 0.07 18.63 -48.75
N PRO G 193 -1.23 18.87 -48.75
CA PRO G 193 -2.11 18.16 -49.65
C PRO G 193 -1.96 18.59 -51.08
N MET G 194 -2.10 17.63 -51.99
CA MET G 194 -1.96 17.82 -53.43
C MET G 194 -3.31 17.99 -54.08
N SER G 195 -3.32 18.58 -55.26
CA SER G 195 -4.57 18.61 -56.07
C SER G 195 -4.58 17.35 -56.87
N TYR G 196 -5.44 16.42 -56.49
CA TYR G 196 -5.52 15.10 -57.07
C TYR G 196 -6.99 14.87 -57.41
N PRO G 197 -7.45 15.44 -58.51
CA PRO G 197 -8.87 15.53 -58.87
C PRO G 197 -9.64 14.28 -58.69
N PHE G 198 -9.06 13.17 -59.15
CA PHE G 198 -9.80 11.91 -59.18
C PHE G 198 -10.16 11.41 -57.79
N ARG G 199 -9.40 11.81 -56.78
CA ARG G 199 -9.63 11.32 -55.42
C ARG G 199 -9.94 12.43 -54.42
N GLU G 200 -10.34 13.61 -54.90
CA GLU G 200 -10.73 14.67 -53.99
C GLU G 200 -11.99 14.29 -53.26
N GLU G 201 -12.03 14.56 -51.96
CA GLU G 201 -13.18 14.22 -51.17
C GLU G 201 -14.37 15.03 -51.63
N ASN G 202 -14.11 16.23 -52.11
CA ASN G 202 -15.14 17.03 -52.75
C ASN G 202 -14.80 17.11 -54.24
N PRO G 203 -15.48 16.31 -55.07
CA PRO G 203 -15.11 16.25 -56.47
C PRO G 203 -15.21 17.57 -57.21
N GLU G 204 -15.97 18.53 -56.69
CA GLU G 204 -16.15 19.86 -57.32
C GLU G 204 -15.05 20.89 -57.00
N ILE G 205 -14.08 20.52 -56.17
CA ILE G 205 -13.03 21.44 -55.78
C ILE G 205 -12.19 21.91 -56.97
N THR G 206 -11.91 23.21 -57.04
CA THR G 206 -11.13 23.76 -58.15
C THR G 206 -9.67 23.84 -57.79
N GLY G 207 -8.82 24.04 -58.79
CA GLY G 207 -7.38 24.15 -58.57
C GLY G 207 -7.06 25.28 -57.61
N ALA G 208 -7.71 26.43 -57.81
CA ALA G 208 -7.55 27.59 -56.95
C ALA G 208 -7.85 27.24 -55.52
N GLU G 209 -8.97 26.55 -55.31
CA GLU G 209 -9.39 26.16 -53.97
C GLU G 209 -8.41 25.15 -53.34
N ALA G 210 -7.88 24.27 -54.16
CA ALA G 210 -6.90 23.31 -53.72
C ALA G 210 -5.65 24.00 -53.24
N ALA G 211 -5.26 25.02 -53.97
CA ALA G 211 -4.07 25.81 -53.63
C ALA G 211 -4.32 26.55 -52.32
N LYS G 212 -5.52 27.11 -52.16
CA LYS G 212 -5.83 27.84 -50.95
C LYS G 212 -5.74 26.90 -49.74
N ARG G 213 -6.22 25.67 -49.89
CA ARG G 213 -6.18 24.67 -48.84
C ARG G 213 -4.72 24.43 -48.42
N ALA G 214 -3.84 24.22 -49.38
CA ALA G 214 -2.42 24.00 -49.11
C ALA G 214 -1.83 25.23 -48.43
N ILE G 215 -2.12 26.40 -49.00
CA ILE G 215 -1.57 27.68 -48.52
C ILE G 215 -2.00 28.01 -47.07
N THR G 216 -3.27 27.83 -46.75
CA THR G 216 -3.73 28.09 -45.41
C THR G 216 -3.02 27.15 -44.45
N MET G 217 -2.87 25.89 -44.87
CA MET G 217 -2.20 24.89 -44.06
C MET G 217 -0.75 25.24 -43.80
N ILE G 218 -0.05 25.67 -44.85
CA ILE G 218 1.35 26.06 -44.71
C ILE G 218 1.48 27.22 -43.76
N GLU G 219 0.56 28.15 -43.89
CA GLU G 219 0.61 29.38 -43.13
C GLU G 219 0.33 29.10 -41.66
N LYS G 220 -0.68 28.29 -41.38
CA LYS G 220 -0.99 27.93 -40.01
C LYS G 220 0.07 27.02 -39.34
N GLN G 221 0.72 26.14 -40.10
CA GLN G 221 1.60 25.09 -39.50
C GLN G 221 3.08 25.37 -39.64
N ILE G 222 3.44 26.37 -40.43
CA ILE G 222 4.84 26.77 -40.55
C ILE G 222 4.96 28.30 -40.53
N GLY G 223 4.17 28.94 -41.40
CA GLY G 223 4.24 30.36 -41.63
C GLY G 223 5.02 30.63 -42.91
N GLY G 224 4.41 31.37 -43.82
CA GLY G 224 5.02 31.66 -45.11
C GLY G 224 6.41 32.22 -45.05
N ASP G 225 6.67 33.08 -44.07
CA ASP G 225 8.00 33.71 -43.97
C ASP G 225 9.08 32.79 -43.36
N GLN G 226 8.70 31.56 -43.05
CA GLN G 226 9.60 30.53 -42.52
C GLN G 226 9.96 29.44 -43.53
N VAL G 227 9.28 29.44 -44.69
CA VAL G 227 9.47 28.40 -45.69
C VAL G 227 10.55 28.82 -46.71
N ALA G 228 11.60 28.01 -46.86
CA ALA G 228 12.66 28.30 -47.79
C ALA G 228 12.21 27.97 -49.22
N ALA G 229 11.50 26.86 -49.38
CA ALA G 229 11.10 26.39 -50.69
C ALA G 229 9.80 25.62 -50.66
N ILE G 230 9.02 25.74 -51.73
CA ILE G 230 7.95 24.77 -52.03
C ILE G 230 8.46 23.97 -53.23
N ILE G 231 8.46 22.64 -53.13
CA ILE G 231 8.95 21.77 -54.24
C ILE G 231 7.79 20.90 -54.73
N ILE G 232 7.54 20.93 -56.02
CA ILE G 232 6.44 20.14 -56.56
C ILE G 232 6.75 19.69 -57.97
N GLU G 233 6.29 18.49 -58.29
CA GLU G 233 6.37 17.96 -59.64
C GLU G 233 5.11 18.45 -60.34
N PRO G 234 5.28 19.15 -61.48
CA PRO G 234 4.12 19.66 -62.20
C PRO G 234 3.19 18.54 -62.57
N ILE G 235 3.74 17.40 -62.93
CA ILE G 235 2.98 16.15 -63.02
C ILE G 235 3.71 15.14 -62.16
N GLN G 236 3.04 14.65 -61.13
CA GLN G 236 3.68 13.76 -60.17
C GLN G 236 3.88 12.43 -60.82
N GLY G 237 5.12 11.97 -60.87
CA GLY G 237 5.48 10.74 -61.61
C GLY G 237 5.15 9.47 -60.87
N GLU G 238 6.08 9.03 -60.03
CA GLU G 238 5.87 7.81 -59.26
C GLU G 238 4.58 7.84 -58.46
N GLY G 239 4.11 9.01 -58.09
CA GLY G 239 2.83 9.13 -57.35
C GLY G 239 1.64 8.71 -58.14
N GLY G 240 1.79 8.69 -59.47
CA GLY G 240 0.74 8.17 -60.37
C GLY G 240 0.34 9.06 -61.52
N PHE G 241 1.30 9.82 -62.04
CA PHE G 241 1.03 10.77 -63.11
C PHE G 241 -0.17 11.63 -62.71
N ILE G 242 -0.13 12.19 -61.51
CA ILE G 242 -1.23 13.03 -61.01
C ILE G 242 -1.02 14.42 -61.61
N VAL G 243 -2.04 14.92 -62.35
CA VAL G 243 -2.02 16.26 -62.93
C VAL G 243 -2.95 17.09 -62.07
N PRO G 244 -2.47 18.22 -61.54
CA PRO G 244 -3.27 19.02 -60.63
C PRO G 244 -4.30 19.77 -61.40
N ALA G 245 -5.41 20.14 -60.75
CA ALA G 245 -6.46 20.92 -61.43
C ALA G 245 -5.86 22.22 -61.94
N GLU G 246 -6.42 22.70 -63.05
CA GLU G 246 -6.05 24.01 -63.59
C GLU G 246 -6.14 25.07 -62.48
N GLY G 247 -5.11 25.90 -62.36
CA GLY G 247 -5.13 27.00 -61.41
C GLY G 247 -4.38 26.75 -60.10
N PHE G 248 -4.05 25.50 -59.84
CA PHE G 248 -3.31 25.12 -58.64
C PHE G 248 -1.88 25.62 -58.68
N LEU G 249 -1.13 25.22 -59.70
CA LEU G 249 0.27 25.64 -59.77
C LEU G 249 0.46 27.14 -59.80
N PRO G 250 -0.29 27.87 -60.63
CA PRO G 250 -0.07 29.32 -60.63
C PRO G 250 -0.37 29.98 -59.26
N ALA G 251 -1.42 29.51 -58.59
CA ALA G 251 -1.72 30.00 -57.24
C ALA G 251 -0.50 29.80 -56.30
N LEU G 252 0.10 28.61 -56.31
CA LEU G 252 1.25 28.34 -55.45
C LEU G 252 2.40 29.22 -55.87
N SER G 253 2.57 29.39 -57.19
CA SER G 253 3.69 30.20 -57.66
C SER G 253 3.56 31.63 -57.22
N GLU G 254 2.36 32.17 -57.35
CA GLU G 254 2.08 33.54 -57.01
C GLU G 254 2.29 33.77 -55.51
N TRP G 255 1.76 32.86 -54.71
CA TRP G 255 1.92 32.95 -53.29
C TRP G 255 3.36 32.84 -52.83
N ALA G 256 4.09 31.94 -53.44
CA ALA G 256 5.48 31.82 -53.12
C ALA G 256 6.21 33.13 -53.36
N LYS G 257 5.92 33.78 -54.50
CA LYS G 257 6.58 35.06 -54.84
C LYS G 257 6.23 36.09 -53.77
N GLU G 258 4.96 36.11 -53.37
CA GLU G 258 4.49 37.03 -52.34
C GLU G 258 5.26 36.84 -51.03
N LYS G 259 5.54 35.59 -50.65
CA LYS G 259 6.13 35.30 -49.35
C LYS G 259 7.64 35.11 -49.38
N GLY G 260 8.25 35.29 -50.54
CA GLY G 260 9.72 35.19 -50.64
C GLY G 260 10.23 33.78 -50.59
N ILE G 261 9.34 32.84 -50.91
CA ILE G 261 9.63 31.40 -50.88
C ILE G 261 10.12 30.95 -52.25
N VAL G 262 11.23 30.23 -52.33
CA VAL G 262 11.68 29.67 -53.62
C VAL G 262 10.77 28.58 -54.12
N PHE G 263 10.26 28.73 -55.34
CA PHE G 263 9.32 27.74 -55.91
C PHE G 263 10.14 26.83 -56.83
N ILE G 264 10.31 25.56 -56.41
CA ILE G 264 11.14 24.59 -57.15
C ILE G 264 10.24 23.65 -57.95
N ALA G 265 10.33 23.68 -59.28
CA ALA G 265 9.60 22.71 -60.10
C ALA G 265 10.52 21.52 -60.31
N ASP G 266 10.08 20.32 -59.92
CA ASP G 266 10.89 19.12 -60.14
C ASP G 266 10.50 18.52 -61.47
N GLU G 267 11.28 18.83 -62.50
CA GLU G 267 10.95 18.43 -63.87
C GLU G 267 11.89 17.33 -64.30
N VAL G 268 12.31 16.51 -63.35
CA VAL G 268 13.25 15.44 -63.63
C VAL G 268 12.60 14.42 -64.57
N GLN G 269 11.35 14.06 -64.29
CA GLN G 269 10.63 13.10 -65.13
C GLN G 269 9.86 13.79 -66.26
N SER G 270 9.29 14.96 -65.99
CA SER G 270 8.41 15.65 -66.95
C SER G 270 9.13 16.58 -67.93
N GLY G 271 10.40 16.83 -67.69
CA GLY G 271 11.16 17.78 -68.51
C GLY G 271 11.64 17.27 -69.86
N PHE G 272 12.03 18.21 -70.72
CA PHE G 272 12.55 17.93 -72.07
C PHE G 272 11.58 17.21 -73.01
N CYS G 273 10.50 17.91 -73.34
CA CYS G 273 9.58 17.54 -74.41
C CYS G 273 8.65 16.41 -74.06
N ARG G 274 8.91 15.75 -72.95
CA ARG G 274 8.09 14.61 -72.49
C ARG G 274 6.58 14.88 -72.49
N THR G 275 6.17 16.10 -72.12
CA THR G 275 4.74 16.38 -72.00
C THR G 275 4.16 17.11 -73.21
N GLY G 276 4.98 17.35 -74.22
CA GLY G 276 4.53 18.11 -75.39
C GLY G 276 5.04 19.53 -75.41
N GLU G 277 5.52 20.00 -74.27
CA GLU G 277 6.23 21.29 -74.17
C GLU G 277 7.61 21.03 -73.62
N TRP G 278 8.51 21.99 -73.76
CA TRP G 278 9.83 21.81 -73.22
C TRP G 278 9.78 21.42 -71.77
N PHE G 279 8.91 22.07 -70.99
CA PHE G 279 8.71 21.73 -69.58
C PHE G 279 7.23 21.71 -69.24
N ALA G 280 6.87 20.80 -68.34
CA ALA G 280 5.50 20.61 -67.95
C ALA G 280 4.84 21.90 -67.43
N VAL G 281 5.64 22.75 -66.80
CA VAL G 281 5.10 24.02 -66.29
C VAL G 281 4.64 24.93 -67.42
N ASP G 282 5.15 24.71 -68.64
CA ASP G 282 4.76 25.51 -69.81
C ASP G 282 3.31 25.34 -70.17
N HIS G 283 2.70 24.23 -69.83
CA HIS G 283 1.27 24.07 -70.05
C HIS G 283 0.50 25.21 -69.47
N GLU G 284 0.87 25.66 -68.26
CA GLU G 284 0.14 26.74 -67.58
C GLU G 284 0.93 28.05 -67.50
N GLY G 285 2.10 28.07 -68.12
CA GLY G 285 2.97 29.24 -68.11
C GLY G 285 3.52 29.62 -66.74
N VAL G 286 3.61 28.65 -65.84
CA VAL G 286 4.25 28.87 -64.57
C VAL G 286 5.75 29.02 -64.79
N VAL G 287 6.34 30.02 -64.13
CA VAL G 287 7.77 30.27 -64.23
C VAL G 287 8.43 30.04 -62.86
N PRO G 288 9.04 28.87 -62.67
CA PRO G 288 9.66 28.52 -61.40
C PRO G 288 10.90 29.30 -61.09
N ASP G 289 11.22 29.41 -59.80
CA ASP G 289 12.45 30.08 -59.33
C ASP G 289 13.67 29.18 -59.53
N ILE G 290 13.50 27.88 -59.32
CA ILE G 290 14.52 26.89 -59.69
C ILE G 290 13.81 25.68 -60.29
N ILE G 291 14.43 25.08 -61.30
CA ILE G 291 13.89 23.85 -61.85
C ILE G 291 14.96 22.78 -61.89
N THR G 292 14.59 21.60 -61.40
CA THR G 292 15.49 20.45 -61.31
C THR G 292 15.26 19.53 -62.52
N MET G 293 16.37 19.10 -63.12
CA MET G 293 16.32 18.30 -64.33
C MET G 293 17.28 17.12 -64.25
N ALA G 294 16.89 16.02 -64.89
CA ALA G 294 17.80 14.90 -65.18
C ALA G 294 17.23 14.07 -66.34
N LYS G 295 17.33 12.75 -66.24
CA LYS G 295 16.68 11.81 -67.17
C LYS G 295 16.89 12.14 -68.65
N GLY G 296 15.88 12.77 -69.27
CA GLY G 296 15.93 13.05 -70.70
C GLY G 296 17.06 13.96 -71.19
N ILE G 297 17.57 14.78 -70.28
CA ILE G 297 18.56 15.77 -70.60
C ILE G 297 19.71 15.26 -71.49
N ALA G 298 20.22 14.06 -71.26
CA ALA G 298 21.43 13.64 -71.93
C ALA G 298 21.29 12.30 -72.63
N GLY G 299 20.08 12.04 -73.10
CA GLY G 299 19.82 10.85 -73.91
C GLY G 299 20.29 9.53 -73.33
N GLY G 300 20.34 9.44 -71.98
CA GLY G 300 20.73 8.22 -71.30
C GLY G 300 22.03 8.32 -70.54
N LEU G 301 22.88 9.28 -70.87
CA LEU G 301 24.10 9.43 -70.08
C LEU G 301 23.74 10.09 -68.74
N PRO G 302 24.56 9.86 -67.71
CA PRO G 302 24.25 10.39 -66.38
C PRO G 302 24.57 11.87 -66.24
N LEU G 303 23.52 12.69 -66.30
CA LEU G 303 23.66 14.12 -66.12
C LEU G 303 22.38 14.65 -65.50
N SER G 304 22.53 15.66 -64.65
CA SER G 304 21.40 16.35 -64.03
C SER G 304 21.75 17.80 -63.84
N ALA G 305 20.75 18.63 -63.59
CA ALA G 305 20.99 20.06 -63.52
C ALA G 305 19.94 20.79 -62.68
N ILE G 306 20.36 21.94 -62.13
CA ILE G 306 19.40 22.93 -61.65
C ILE G 306 19.62 24.19 -62.48
N THR G 307 18.53 24.81 -62.88
CA THR G 307 18.57 26.11 -63.52
C THR G 307 17.58 27.01 -62.79
N GLY G 308 18.04 28.18 -62.33
CA GLY G 308 17.16 29.12 -61.62
C GLY G 308 17.57 30.57 -61.64
N ARG G 309 16.78 31.42 -60.97
CA ARG G 309 17.10 32.83 -60.82
C ARG G 309 18.56 33.09 -60.46
N ALA G 310 19.20 34.00 -61.22
CA ALA G 310 20.61 34.32 -61.03
C ALA G 310 20.86 34.83 -59.59
N ASP G 311 19.93 35.63 -59.06
CA ASP G 311 20.09 36.15 -57.70
C ASP G 311 20.07 35.06 -56.62
N LEU G 312 19.30 33.99 -56.83
CA LEU G 312 19.34 32.83 -55.94
C LEU G 312 20.66 32.06 -56.11
N LEU G 313 20.94 31.58 -57.32
CA LEU G 313 22.12 30.74 -57.52
C LEU G 313 23.44 31.45 -57.29
N ASP G 314 23.50 32.74 -57.61
CA ASP G 314 24.74 33.48 -57.35
C ASP G 314 24.94 33.82 -55.87
N ALA G 315 23.91 33.66 -55.03
CA ALA G 315 24.06 33.83 -53.56
C ALA G 315 25.00 32.80 -52.94
N VAL G 316 25.11 31.62 -53.53
CA VAL G 316 25.91 30.57 -52.95
C VAL G 316 27.39 30.92 -53.02
N HIS G 317 28.06 30.80 -51.90
CA HIS G 317 29.50 31.10 -51.78
C HIS G 317 30.36 30.21 -52.66
N PRO G 318 31.58 30.65 -52.99
CA PRO G 318 32.49 29.86 -53.82
C PRO G 318 32.67 28.45 -53.27
N GLY G 319 32.54 27.45 -54.15
CA GLY G 319 32.74 26.07 -53.80
C GLY G 319 31.62 25.44 -52.97
N GLY G 320 30.49 26.13 -52.84
CA GLY G 320 29.39 25.63 -52.04
C GLY G 320 28.57 24.57 -52.72
N LEU G 321 28.48 24.64 -54.04
CA LEU G 321 27.84 23.60 -54.81
C LEU G 321 28.87 22.87 -55.68
N GLY G 322 28.73 21.54 -55.79
CA GLY G 322 29.56 20.77 -56.72
C GLY G 322 29.52 19.27 -56.52
N GLY G 323 30.68 18.65 -56.68
CA GLY G 323 30.81 17.20 -56.80
C GLY G 323 31.94 16.86 -57.75
N THR G 324 32.31 15.58 -57.80
CA THR G 324 33.41 15.16 -58.63
C THR G 324 33.01 15.02 -60.10
N TYR G 325 32.11 14.09 -60.37
CA TYR G 325 31.72 13.74 -61.74
C TYR G 325 30.87 14.80 -62.42
N GLY G 326 30.20 15.63 -61.62
CA GLY G 326 29.12 16.48 -62.11
C GLY G 326 29.42 17.25 -63.38
N GLY G 327 28.47 17.23 -64.31
CA GLY G 327 28.67 17.87 -65.60
C GLY G 327 29.76 17.16 -66.39
N ASN G 328 29.72 15.84 -66.39
CA ASN G 328 30.74 15.05 -67.08
C ASN G 328 30.74 15.36 -68.59
N PRO G 329 31.94 15.50 -69.20
CA PRO G 329 32.07 16.01 -70.57
C PRO G 329 31.49 15.10 -71.61
N VAL G 330 31.60 13.79 -71.39
CA VAL G 330 30.97 12.84 -72.30
C VAL G 330 29.44 13.01 -72.18
N ALA G 331 28.95 13.14 -70.96
CA ALA G 331 27.53 13.33 -70.72
C ALA G 331 27.04 14.62 -71.34
N CYS G 332 27.88 15.64 -71.26
CA CYS G 332 27.54 16.96 -71.81
C CYS G 332 27.40 16.86 -73.34
N ALA G 333 28.37 16.19 -73.98
CA ALA G 333 28.30 15.95 -75.44
C ALA G 333 26.99 15.28 -75.76
N ALA G 334 26.66 14.25 -74.98
CA ALA G 334 25.39 13.58 -75.14
C ALA G 334 24.19 14.54 -75.05
N ALA G 335 24.23 15.43 -74.06
CA ALA G 335 23.12 16.33 -73.82
C ALA G 335 22.93 17.32 -74.97
N LEU G 336 24.03 17.93 -75.41
CA LEU G 336 23.98 18.89 -76.53
C LEU G 336 23.36 18.23 -77.75
N ALA G 337 23.79 17.00 -78.02
CA ALA G 337 23.23 16.23 -79.11
C ALA G 337 21.76 15.90 -78.88
N ALA G 338 21.43 15.50 -77.66
CA ALA G 338 20.04 15.08 -77.35
C ALA G 338 19.11 16.24 -77.52
N ILE G 339 19.50 17.41 -77.01
CA ILE G 339 18.69 18.62 -77.15
C ILE G 339 18.55 18.97 -78.63
N ASP G 340 19.66 18.84 -79.36
CA ASP G 340 19.67 19.10 -80.78
C ASP G 340 18.64 18.22 -81.50
N THR G 341 18.65 16.92 -81.20
CA THR G 341 17.65 16.04 -81.77
C THR G 341 16.22 16.43 -81.39
N MET G 342 16.02 16.89 -80.16
CA MET G 342 14.68 17.31 -79.74
C MET G 342 14.16 18.42 -80.63
N GLU G 343 15.06 19.33 -81.00
CA GLU G 343 14.71 20.46 -81.87
C GLU G 343 14.58 20.04 -83.34
N GLN G 344 15.65 19.47 -83.90
CA GLN G 344 15.63 19.03 -85.30
C GLN G 344 14.41 18.18 -85.66
N HIS G 345 14.03 17.25 -84.80
CA HIS G 345 12.91 16.37 -85.10
C HIS G 345 11.61 16.75 -84.41
N ASP G 346 11.52 17.97 -83.88
CA ASP G 346 10.29 18.47 -83.21
C ASP G 346 9.65 17.44 -82.24
N LEU G 347 10.42 17.00 -81.23
CA LEU G 347 9.90 15.99 -80.34
C LEU G 347 8.72 16.51 -79.52
N ASN G 348 8.65 17.82 -79.29
CA ASN G 348 7.45 18.39 -78.67
C ASN G 348 6.22 18.01 -79.48
N GLY G 349 6.32 18.20 -80.80
CA GLY G 349 5.27 17.80 -81.74
C GLY G 349 5.01 16.31 -81.73
N ARG G 350 6.08 15.52 -81.72
CA ARG G 350 5.91 14.07 -81.68
C ARG G 350 5.19 13.66 -80.40
N ALA G 351 5.51 14.34 -79.31
CA ALA G 351 4.88 14.06 -78.02
C ALA G 351 3.39 14.40 -78.05
N ARG G 352 3.05 15.52 -78.66
CA ARG G 352 1.66 15.92 -78.76
C ARG G 352 0.89 14.94 -79.63
N HIS G 353 1.56 14.44 -80.67
CA HIS G 353 0.94 13.46 -81.54
C HIS G 353 0.69 12.15 -80.82
N ILE G 354 1.68 11.70 -80.05
CA ILE G 354 1.52 10.51 -79.20
C ILE G 354 0.33 10.63 -78.25
N GLU G 355 0.15 11.81 -77.67
CA GLU G 355 -0.98 12.06 -76.78
C GLU G 355 -2.29 11.77 -77.53
N GLU G 356 -2.38 12.28 -78.75
CA GLU G 356 -3.60 12.17 -79.55
C GLU G 356 -3.91 10.71 -79.84
N LEU G 357 -2.93 10.00 -80.39
CA LEU G 357 -3.04 8.57 -80.66
C LEU G 357 -3.42 7.75 -79.43
N ALA G 358 -2.65 7.92 -78.36
CA ALA G 358 -2.76 7.06 -77.18
C ALA G 358 -4.01 7.35 -76.37
N LEU G 359 -4.31 8.62 -76.16
CA LEU G 359 -5.54 8.98 -75.47
C LEU G 359 -6.76 8.52 -76.28
N GLY G 360 -6.64 8.57 -77.61
CA GLY G 360 -7.66 8.04 -78.49
C GLY G 360 -7.97 6.59 -78.16
N LYS G 361 -6.95 5.73 -78.26
CA LYS G 361 -7.15 4.29 -78.08
C LYS G 361 -7.59 3.99 -76.65
N LEU G 362 -7.04 4.72 -75.68
CA LEU G 362 -7.41 4.52 -74.27
C LEU G 362 -8.85 4.94 -73.99
N ARG G 363 -9.30 6.06 -74.58
CA ARG G 363 -10.68 6.50 -74.40
C ARG G 363 -11.68 5.55 -75.07
N GLU G 364 -11.30 4.97 -76.22
CA GLU G 364 -12.14 3.95 -76.88
C GLU G 364 -12.35 2.81 -75.90
N LEU G 365 -11.25 2.35 -75.30
CA LEU G 365 -11.33 1.30 -74.28
C LEU G 365 -12.22 1.71 -73.09
N ALA G 366 -12.08 2.93 -72.60
CA ALA G 366 -12.93 3.36 -71.50
C ALA G 366 -14.40 3.13 -71.86
N ALA G 367 -14.72 3.32 -73.15
CA ALA G 367 -16.04 3.05 -73.76
C ALA G 367 -16.19 1.61 -74.40
N SER G 375 -17.03 -1.71 -64.53
CA SER G 375 -15.93 -0.96 -65.17
C SER G 375 -14.71 -0.76 -64.28
N VAL G 376 -13.56 -0.94 -64.92
CA VAL G 376 -12.31 -1.08 -64.23
C VAL G 376 -11.38 0.13 -64.55
N VAL G 377 -11.79 0.98 -65.49
CA VAL G 377 -11.00 2.17 -65.86
C VAL G 377 -11.47 3.39 -65.10
N GLY G 378 -10.69 3.76 -64.08
CA GLY G 378 -11.03 4.87 -63.21
C GLY G 378 -10.76 6.24 -63.80
N ASP G 379 -9.59 6.42 -64.38
CA ASP G 379 -9.20 7.76 -64.80
C ASP G 379 -8.08 7.67 -65.82
N ILE G 380 -8.20 8.48 -66.87
CA ILE G 380 -7.16 8.59 -67.90
C ILE G 380 -6.65 10.03 -67.87
N ARG G 381 -5.35 10.21 -67.84
CA ARG G 381 -4.78 11.52 -67.62
C ARG G 381 -3.34 11.57 -68.06
N GLY G 382 -2.80 12.78 -68.09
CA GLY G 382 -1.44 12.97 -68.55
C GLY G 382 -1.39 13.89 -69.75
N ARG G 383 -0.19 14.18 -70.21
CA ARG G 383 0.00 15.05 -71.36
C ARG G 383 1.17 14.54 -72.15
N GLY G 384 1.11 14.71 -73.46
CA GLY G 384 2.22 14.30 -74.33
C GLY G 384 2.51 12.80 -74.27
N ALA G 385 3.78 12.48 -74.12
CA ALA G 385 4.24 11.10 -73.95
C ALA G 385 4.39 10.70 -72.49
N MET G 386 3.60 11.35 -71.62
CA MET G 386 3.57 11.04 -70.18
C MET G 386 2.11 10.87 -69.80
N LEU G 387 1.60 9.66 -70.03
CA LEU G 387 0.16 9.39 -69.96
C LEU G 387 -0.08 8.20 -69.07
N ALA G 388 -1.29 8.10 -68.55
CA ALA G 388 -1.55 7.09 -67.55
C ALA G 388 -3.01 6.74 -67.44
N ILE G 389 -3.25 5.51 -67.01
CA ILE G 389 -4.61 5.02 -66.78
C ILE G 389 -4.61 4.44 -65.38
N GLU G 390 -5.51 4.96 -64.54
CA GLU G 390 -5.60 4.52 -63.17
C GLU G 390 -6.71 3.49 -63.10
N LEU G 391 -6.35 2.29 -62.64
CA LEU G 391 -7.28 1.17 -62.62
C LEU G 391 -7.96 1.01 -61.27
N VAL G 392 -9.24 0.76 -61.31
CA VAL G 392 -10.02 0.62 -60.09
C VAL G 392 -10.79 -0.71 -60.03
N GLN G 393 -11.31 -1.01 -58.85
CA GLN G 393 -12.17 -2.16 -58.64
C GLN G 393 -13.48 -1.92 -59.42
N PRO G 394 -14.07 -2.99 -60.02
CA PRO G 394 -15.24 -2.82 -60.89
C PRO G 394 -16.39 -2.13 -60.19
N GLY G 395 -16.88 -1.03 -60.78
CA GLY G 395 -18.03 -0.32 -60.26
C GLY G 395 -17.79 0.60 -59.08
N SER G 396 -16.54 0.67 -58.57
CA SER G 396 -16.21 1.63 -57.50
C SER G 396 -14.94 2.41 -57.85
N LYS G 397 -14.50 3.24 -56.91
CA LYS G 397 -13.24 3.97 -57.05
C LYS G 397 -12.10 3.32 -56.21
N GLU G 398 -12.35 2.17 -55.56
CA GLU G 398 -11.27 1.49 -54.82
C GLU G 398 -10.13 1.16 -55.78
N PRO G 399 -8.88 1.26 -55.32
CA PRO G 399 -7.75 0.91 -56.19
C PRO G 399 -7.67 -0.57 -56.57
N ASN G 400 -7.09 -0.85 -57.74
CA ASN G 400 -6.93 -2.20 -58.26
C ASN G 400 -5.49 -2.48 -58.63
N ALA G 401 -4.64 -2.65 -57.60
CA ALA G 401 -3.24 -3.02 -57.82
C ALA G 401 -3.12 -4.42 -58.42
N GLU G 402 -4.03 -5.33 -58.03
CA GLU G 402 -4.02 -6.71 -58.50
C GLU G 402 -4.12 -6.78 -60.03
N LEU G 403 -5.12 -6.10 -60.57
CA LEU G 403 -5.30 -6.00 -62.01
C LEU G 403 -4.11 -5.33 -62.67
N THR G 404 -3.52 -4.35 -61.97
CA THR G 404 -2.43 -3.58 -62.54
C THR G 404 -1.22 -4.48 -62.73
N LYS G 405 -0.88 -5.26 -61.71
CA LYS G 405 0.28 -6.20 -61.79
C LYS G 405 0.01 -7.22 -62.90
N ALA G 406 -1.23 -7.74 -62.90
CA ALA G 406 -1.66 -8.70 -63.91
C ALA G 406 -1.47 -8.17 -65.32
N VAL G 407 -1.95 -6.95 -65.56
CA VAL G 407 -1.89 -6.37 -66.90
C VAL G 407 -0.43 -6.13 -67.36
N ALA G 408 0.41 -5.67 -66.44
CA ALA G 408 1.83 -5.48 -66.75
C ALA G 408 2.48 -6.82 -67.12
N ALA G 409 2.20 -7.87 -66.34
CA ALA G 409 2.73 -9.21 -66.64
C ALA G 409 2.18 -9.75 -67.98
N ALA G 410 0.89 -9.58 -68.22
CA ALA G 410 0.27 -9.95 -69.47
C ALA G 410 0.93 -9.24 -70.68
N CYS G 411 1.19 -7.95 -70.55
CA CYS G 411 1.84 -7.20 -71.60
C CYS G 411 3.23 -7.75 -71.86
N LEU G 412 3.95 -8.03 -70.79
CA LEU G 412 5.32 -8.53 -70.91
C LEU G 412 5.31 -9.84 -71.68
N LYS G 413 4.34 -10.70 -71.36
CA LYS G 413 4.20 -12.00 -72.00
C LYS G 413 4.07 -11.87 -73.52
N GLU G 414 3.30 -10.87 -73.97
CA GLU G 414 3.11 -10.60 -75.39
C GLU G 414 4.25 -9.80 -76.03
N GLY G 415 5.29 -9.44 -75.26
CA GLY G 415 6.44 -8.68 -75.80
C GLY G 415 6.34 -7.17 -75.73
N VAL G 416 5.57 -6.69 -74.76
CA VAL G 416 5.44 -5.25 -74.52
C VAL G 416 5.89 -4.93 -73.10
N ILE G 417 6.98 -4.16 -72.98
CA ILE G 417 7.49 -3.73 -71.67
C ILE G 417 6.80 -2.42 -71.27
N ILE G 418 5.94 -2.48 -70.25
CA ILE G 418 5.17 -1.31 -69.79
C ILE G 418 5.36 -1.14 -68.28
N LEU G 419 5.44 0.11 -67.82
CA LEU G 419 5.71 0.37 -66.39
C LEU G 419 4.43 0.66 -65.59
N THR G 420 4.52 0.42 -64.30
CA THR G 420 3.43 0.77 -63.38
C THR G 420 3.93 1.85 -62.40
N CYS G 421 2.99 2.44 -61.67
CA CYS G 421 3.35 3.37 -60.59
C CYS G 421 2.11 3.65 -59.74
N GLY G 422 2.22 4.64 -58.86
CA GLY G 422 1.09 5.09 -58.04
C GLY G 422 1.18 4.81 -56.55
N THR G 423 0.72 5.77 -55.76
CA THR G 423 0.64 5.63 -54.33
C THR G 423 -0.06 4.35 -53.96
N TYR G 424 -1.11 4.01 -54.71
CA TYR G 424 -1.89 2.80 -54.41
C TYR G 424 -1.56 1.59 -55.31
N GLY G 425 -0.47 1.73 -56.07
CA GLY G 425 0.06 0.66 -56.94
C GLY G 425 -0.81 0.29 -58.13
N ASN G 426 -1.72 1.19 -58.51
CA ASN G 426 -2.81 0.85 -59.42
C ASN G 426 -2.82 1.74 -60.66
N VAL G 427 -1.64 2.19 -61.12
CA VAL G 427 -1.58 3.02 -62.31
C VAL G 427 -0.63 2.48 -63.32
N ILE G 428 -1.15 2.30 -64.53
CA ILE G 428 -0.34 1.96 -65.66
C ILE G 428 0.10 3.26 -66.30
N ARG G 429 1.40 3.38 -66.54
CA ARG G 429 1.93 4.56 -67.16
C ARG G 429 2.57 4.26 -68.51
N LEU G 430 2.32 5.15 -69.46
CA LEU G 430 2.95 5.12 -70.75
C LEU G 430 4.06 6.16 -70.77
N LEU G 431 5.28 5.70 -70.91
CA LEU G 431 6.43 6.58 -71.11
C LEU G 431 7.25 6.11 -72.30
N PRO G 432 6.64 6.12 -73.49
CA PRO G 432 7.37 5.68 -74.67
C PRO G 432 8.44 6.66 -75.01
N PRO G 433 9.51 6.21 -75.69
CA PRO G 433 10.43 7.17 -76.28
C PRO G 433 9.70 7.98 -77.32
N LEU G 434 10.04 9.26 -77.41
CA LEU G 434 9.30 10.20 -78.26
C LEU G 434 9.56 9.92 -79.75
N VAL G 435 10.66 9.25 -80.06
CA VAL G 435 10.97 8.81 -81.42
C VAL G 435 10.20 7.52 -81.86
N ILE G 436 9.22 7.04 -81.09
CA ILE G 436 8.50 5.80 -81.44
C ILE G 436 7.64 6.01 -82.68
N SER G 437 7.52 4.97 -83.50
CA SER G 437 6.68 5.03 -84.69
C SER G 437 5.23 4.83 -84.31
N ASP G 438 4.33 5.46 -85.04
CA ASP G 438 2.90 5.26 -84.84
C ASP G 438 2.56 3.77 -84.83
N GLU G 439 3.17 3.02 -85.75
CA GLU G 439 2.86 1.59 -85.94
C GLU G 439 3.12 0.84 -84.65
N LEU G 440 4.33 0.99 -84.13
CA LEU G 440 4.73 0.32 -82.89
C LEU G 440 3.89 0.75 -81.69
N LEU G 441 3.64 2.05 -81.57
CA LEU G 441 2.83 2.58 -80.48
C LEU G 441 1.43 1.97 -80.52
N ILE G 442 0.81 1.93 -81.70
CA ILE G 442 -0.53 1.34 -81.84
C ILE G 442 -0.53 -0.15 -81.50
N ASP G 443 0.51 -0.84 -81.91
CA ASP G 443 0.62 -2.24 -81.61
C ASP G 443 0.64 -2.39 -80.08
N GLY G 444 1.54 -1.64 -79.44
CA GLY G 444 1.66 -1.67 -77.98
C GLY G 444 0.35 -1.39 -77.27
N LEU G 445 -0.37 -0.37 -77.73
CA LEU G 445 -1.64 -0.01 -77.13
C LEU G 445 -2.67 -1.11 -77.32
N GLU G 446 -2.65 -1.77 -78.49
CA GLU G 446 -3.59 -2.88 -78.74
C GLU G 446 -3.30 -4.01 -77.74
N VAL G 447 -2.01 -4.34 -77.56
CA VAL G 447 -1.63 -5.38 -76.56
C VAL G 447 -2.08 -5.02 -75.16
N LEU G 448 -1.87 -3.75 -74.78
CA LEU G 448 -2.28 -3.24 -73.47
C LEU G 448 -3.81 -3.37 -73.32
N ALA G 449 -4.54 -2.83 -74.28
CA ALA G 449 -5.98 -2.88 -74.25
C ALA G 449 -6.49 -4.31 -74.14
N ALA G 450 -5.88 -5.22 -74.91
CA ALA G 450 -6.27 -6.63 -74.85
C ALA G 450 -6.06 -7.19 -73.43
N ALA G 451 -4.89 -6.90 -72.87
CA ALA G 451 -4.51 -7.35 -71.50
C ALA G 451 -5.51 -6.87 -70.40
N ILE G 452 -5.92 -5.60 -70.48
CA ILE G 452 -6.89 -5.08 -69.51
C ILE G 452 -8.21 -5.83 -69.64
N LYS G 453 -8.73 -5.96 -70.86
CA LYS G 453 -10.00 -6.70 -71.08
C LYS G 453 -9.89 -8.14 -70.61
N ALA G 454 -8.74 -8.77 -70.89
CA ALA G 454 -8.50 -10.14 -70.45
C ALA G 454 -8.54 -10.36 -68.91
N HIS G 455 -8.15 -9.36 -68.11
CA HIS G 455 -8.24 -9.44 -66.62
C HIS G 455 -8.97 -8.25 -66.03
N SER H 9 51.99 3.29 -73.69
CA SER H 9 52.15 4.28 -74.79
C SER H 9 51.01 5.27 -74.86
N TYR H 10 51.29 6.39 -75.50
CA TYR H 10 50.53 7.61 -75.29
C TYR H 10 49.92 8.16 -76.59
N ARG H 11 49.13 9.24 -76.45
CA ARG H 11 48.50 9.91 -77.60
C ARG H 11 48.94 11.36 -77.81
N ILE H 12 49.13 12.11 -76.73
CA ILE H 12 49.55 13.51 -76.81
C ILE H 12 50.95 13.61 -76.17
N GLU H 13 51.80 14.47 -76.72
CA GLU H 13 53.21 14.49 -76.28
C GLU H 13 53.29 14.74 -74.78
N GLN H 14 54.01 13.88 -74.08
CA GLN H 14 54.14 13.93 -72.64
C GLN H 14 55.28 14.83 -72.20
N LYS H 15 55.18 16.13 -72.53
CA LYS H 15 56.17 17.13 -72.07
C LYS H 15 55.46 18.42 -71.64
N ARG H 16 55.94 19.01 -70.54
CA ARG H 16 55.41 20.28 -70.09
C ARG H 16 55.78 21.35 -71.10
N ASN H 17 54.80 22.13 -71.55
CA ASN H 17 55.05 23.16 -72.54
C ASN H 17 54.07 24.33 -72.43
N ILE H 18 54.53 25.44 -71.85
CA ILE H 18 53.71 26.66 -71.74
C ILE H 18 54.18 27.71 -72.78
N ASN H 19 53.34 27.95 -73.81
CA ASN H 19 53.63 28.92 -74.89
C ASN H 19 53.04 30.30 -74.58
N GLY H 20 53.73 31.09 -73.77
CA GLY H 20 53.30 32.47 -73.48
C GLY H 20 52.23 32.56 -72.40
N ALA H 21 51.53 33.68 -72.37
CA ALA H 21 50.63 34.02 -71.27
C ALA H 21 49.33 33.23 -71.35
N PHE H 22 48.79 32.86 -70.19
CA PHE H 22 47.50 32.20 -70.13
C PHE H 22 46.69 32.74 -68.95
N PRO H 23 45.36 32.65 -69.03
CA PRO H 23 44.57 32.04 -70.09
C PRO H 23 44.78 32.69 -71.43
N GLY H 24 44.87 31.87 -72.47
CA GLY H 24 44.96 32.36 -73.83
C GLY H 24 43.60 32.82 -74.36
N PRO H 25 43.57 33.31 -75.61
CA PRO H 25 42.36 33.89 -76.19
C PRO H 25 41.16 32.96 -76.18
N LYS H 26 41.38 31.68 -76.52
CA LYS H 26 40.27 30.73 -76.66
C LYS H 26 39.70 30.35 -75.26
N SER H 27 40.59 30.25 -74.28
CA SER H 27 40.19 30.10 -72.89
C SER H 27 39.43 31.32 -72.41
N GLN H 28 39.97 32.51 -72.64
CA GLN H 28 39.27 33.74 -72.24
C GLN H 28 37.88 33.79 -72.85
N ALA H 29 37.74 33.36 -74.10
CA ALA H 29 36.45 33.38 -74.77
C ALA H 29 35.43 32.52 -74.02
N LEU H 30 35.91 31.38 -73.53
CA LEU H 30 35.04 30.45 -72.79
C LEU H 30 34.67 31.00 -71.41
N ALA H 31 35.64 31.57 -70.70
CA ALA H 31 35.38 32.25 -69.43
C ALA H 31 34.29 33.33 -69.59
N GLU H 32 34.36 34.10 -70.67
CA GLU H 32 33.36 35.12 -70.93
C GLU H 32 31.97 34.49 -71.12
N ARG H 33 31.89 33.41 -71.87
CA ARG H 33 30.61 32.73 -72.06
C ARG H 33 30.09 32.22 -70.72
N ARG H 34 31.02 31.66 -69.95
CA ARG H 34 30.72 30.99 -68.68
C ARG H 34 30.03 31.90 -67.69
N SER H 35 30.59 33.10 -67.53
CA SER H 35 30.09 34.00 -66.51
C SER H 35 28.66 34.47 -66.74
N ALA H 36 28.15 34.31 -67.95
CA ALA H 36 26.75 34.68 -68.22
C ALA H 36 25.78 33.54 -67.92
N VAL H 37 26.28 32.31 -67.75
CA VAL H 37 25.37 31.15 -67.69
C VAL H 37 25.58 30.14 -66.54
N VAL H 38 26.79 30.09 -65.98
CA VAL H 38 27.11 29.23 -64.85
C VAL H 38 27.09 30.04 -63.55
N ALA H 39 26.53 29.47 -62.47
CA ALA H 39 26.48 30.14 -61.18
C ALA H 39 27.87 30.66 -60.74
N ALA H 40 27.88 31.89 -60.25
CA ALA H 40 29.11 32.58 -59.88
C ALA H 40 29.95 31.80 -58.89
N GLY H 41 29.29 31.08 -57.98
CA GLY H 41 29.98 30.30 -56.96
C GLY H 41 30.71 29.09 -57.50
N VAL H 42 30.29 28.58 -58.66
CA VAL H 42 30.93 27.40 -59.25
C VAL H 42 32.27 27.81 -59.88
N ALA H 43 33.34 27.70 -59.11
CA ALA H 43 34.65 28.26 -59.44
C ALA H 43 35.57 27.13 -59.85
N SER H 44 36.62 27.42 -60.61
CA SER H 44 37.58 26.39 -60.97
C SER H 44 38.97 26.78 -60.53
N GLY H 45 39.75 25.80 -60.08
CA GLY H 45 41.08 26.05 -59.58
C GLY H 45 42.05 26.46 -60.68
N VAL H 46 41.69 26.15 -61.93
CA VAL H 46 42.54 26.33 -63.09
C VAL H 46 41.80 27.23 -64.10
N PRO H 47 42.49 28.27 -64.63
CA PRO H 47 41.80 29.21 -65.51
C PRO H 47 41.82 28.84 -67.00
N VAL H 48 42.44 27.71 -67.36
CA VAL H 48 42.52 27.27 -68.77
C VAL H 48 41.52 26.16 -69.01
N TYR H 49 41.06 26.03 -70.24
CA TYR H 49 40.03 25.05 -70.61
C TYR H 49 40.61 23.86 -71.39
N VAL H 50 40.31 22.64 -70.95
CA VAL H 50 40.87 21.42 -71.57
C VAL H 50 40.36 21.21 -72.98
N GLU H 51 41.24 20.73 -73.86
CA GLU H 51 40.86 20.14 -75.16
C GLU H 51 41.12 18.63 -75.12
N ASP H 52 42.28 18.24 -74.60
CA ASP H 52 42.67 16.84 -74.48
C ASP H 52 43.40 16.61 -73.15
N ALA H 53 43.14 15.46 -72.54
CA ALA H 53 43.86 15.03 -71.35
C ALA H 53 44.26 13.58 -71.55
N ASP H 54 45.53 13.28 -71.34
CA ASP H 54 46.07 11.97 -71.67
C ASP H 54 47.38 11.79 -70.95
N GLY H 55 47.61 10.58 -70.47
CA GLY H 55 48.78 10.31 -69.67
C GLY H 55 48.88 11.28 -68.52
N GLY H 56 49.94 12.08 -68.50
CA GLY H 56 50.18 13.06 -67.45
C GLY H 56 50.05 14.50 -67.90
N ILE H 57 49.32 14.73 -68.98
CA ILE H 57 49.20 16.07 -69.52
C ILE H 57 47.76 16.51 -69.67
N ILE H 58 47.52 17.76 -69.34
CA ILE H 58 46.28 18.46 -69.68
C ILE H 58 46.70 19.48 -70.70
N ARG H 59 46.18 19.36 -71.93
CA ARG H 59 46.47 20.33 -72.98
C ARG H 59 45.25 21.22 -73.17
N ASP H 60 45.45 22.54 -73.10
CA ASP H 60 44.33 23.48 -73.16
C ASP H 60 43.96 23.85 -74.58
N VAL H 61 42.85 24.57 -74.72
CA VAL H 61 42.35 24.95 -76.02
C VAL H 61 43.29 25.89 -76.79
N ASP H 62 44.25 26.48 -76.10
CA ASP H 62 45.25 27.37 -76.74
C ASP H 62 46.59 26.65 -76.94
N GLY H 63 46.60 25.31 -76.84
CA GLY H 63 47.81 24.52 -77.11
C GLY H 63 48.84 24.38 -75.99
N ASN H 64 48.57 24.91 -74.81
CA ASN H 64 49.48 24.74 -73.67
C ASN H 64 49.35 23.36 -73.05
N SER H 65 50.48 22.80 -72.62
CA SER H 65 50.50 21.48 -72.03
C SER H 65 50.97 21.55 -70.59
N PHE H 66 50.06 21.25 -69.66
CA PHE H 66 50.33 21.30 -68.22
C PHE H 66 50.58 19.89 -67.69
N ILE H 67 51.46 19.77 -66.70
CA ILE H 67 51.59 18.49 -65.99
C ILE H 67 50.38 18.34 -65.04
N ASP H 68 49.75 17.17 -65.08
CA ASP H 68 48.55 16.89 -64.29
C ASP H 68 48.91 16.12 -63.02
N LEU H 69 48.98 16.81 -61.90
CA LEU H 69 49.29 16.16 -60.63
C LEU H 69 48.03 15.99 -59.73
N GLY H 70 46.86 16.04 -60.36
CA GLY H 70 45.59 15.86 -59.63
C GLY H 70 44.68 14.77 -60.13
N SER H 71 44.91 14.29 -61.35
CA SER H 71 44.04 13.32 -62.01
C SER H 71 42.55 13.56 -61.79
N GLY H 72 42.14 14.82 -61.84
CA GLY H 72 40.71 15.18 -61.68
C GLY H 72 40.15 14.90 -60.29
N ILE H 73 40.99 15.11 -59.28
CA ILE H 73 40.79 14.66 -57.90
C ILE H 73 40.72 13.14 -57.82
N ALA H 74 41.83 12.49 -58.15
CA ALA H 74 42.02 11.04 -58.00
C ALA H 74 41.05 10.21 -58.82
N VAL H 75 40.55 10.75 -59.93
CA VAL H 75 39.60 10.04 -60.78
C VAL H 75 40.24 9.30 -61.96
N THR H 76 41.06 10.00 -62.73
CA THR H 76 41.63 9.42 -63.95
C THR H 76 42.95 8.70 -63.66
N SER H 77 42.89 7.71 -62.78
CA SER H 77 44.09 6.97 -62.37
C SER H 77 44.71 6.19 -63.53
N VAL H 78 43.84 5.61 -64.38
CA VAL H 78 44.29 4.98 -65.61
C VAL H 78 44.67 5.98 -66.71
N GLY H 79 44.55 7.27 -66.42
CA GLY H 79 44.68 8.32 -67.42
C GLY H 79 43.33 8.78 -67.93
N ALA H 80 43.25 10.05 -68.30
CA ALA H 80 42.00 10.65 -68.75
C ALA H 80 41.56 10.19 -70.14
N SER H 81 42.38 9.36 -70.80
CA SER H 81 42.12 8.94 -72.15
C SER H 81 42.70 7.56 -72.47
N ASP H 82 42.56 6.62 -71.53
CA ASP H 82 43.06 5.26 -71.73
C ASP H 82 42.34 4.61 -72.93
N PRO H 83 43.13 4.18 -73.94
CA PRO H 83 42.54 3.68 -75.18
C PRO H 83 41.50 2.58 -74.96
N ALA H 84 41.77 1.70 -73.99
CA ALA H 84 40.85 0.60 -73.68
C ALA H 84 39.48 1.17 -73.20
N VAL H 85 39.53 2.13 -72.28
CA VAL H 85 38.33 2.78 -71.79
C VAL H 85 37.59 3.48 -72.92
N VAL H 86 38.35 4.22 -73.72
CA VAL H 86 37.76 4.98 -74.82
C VAL H 86 37.04 4.03 -75.79
N ALA H 87 37.72 2.94 -76.16
CA ALA H 87 37.17 1.93 -77.05
C ALA H 87 35.91 1.36 -76.46
N ALA H 88 35.99 0.99 -75.18
CA ALA H 88 34.88 0.32 -74.48
C ALA H 88 33.64 1.22 -74.46
N VAL H 89 33.87 2.49 -74.15
CA VAL H 89 32.81 3.48 -74.12
C VAL H 89 32.17 3.63 -75.49
N GLN H 90 33.04 3.78 -76.50
CA GLN H 90 32.61 3.95 -77.88
C GLN H 90 31.75 2.79 -78.33
N GLU H 91 32.20 1.57 -78.06
CA GLU H 91 31.43 0.34 -78.46
C GLU H 91 30.11 0.25 -77.71
N ALA H 92 30.13 0.45 -76.39
CA ALA H 92 28.92 0.31 -75.57
C ALA H 92 27.83 1.34 -75.92
N ALA H 93 28.25 2.57 -76.17
CA ALA H 93 27.29 3.62 -76.51
C ALA H 93 26.48 3.28 -77.75
N ALA H 94 27.11 2.58 -78.70
CA ALA H 94 26.47 2.26 -79.99
C ALA H 94 25.34 1.26 -79.84
N HIS H 95 25.34 0.53 -78.73
CA HIS H 95 24.33 -0.50 -78.48
C HIS H 95 23.14 0.02 -77.75
N PHE H 96 23.39 0.69 -76.63
CA PHE H 96 22.36 1.42 -75.88
C PHE H 96 23.03 2.29 -74.82
N THR H 97 22.50 3.50 -74.61
CA THR H 97 23.05 4.42 -73.62
C THR H 97 22.53 4.14 -72.22
N HIS H 98 21.30 3.64 -72.13
CA HIS H 98 20.63 3.46 -70.84
C HIS H 98 19.34 2.71 -71.03
N THR H 99 19.08 1.75 -70.14
CA THR H 99 17.76 1.12 -70.04
C THR H 99 17.21 1.12 -68.61
N CYS H 100 18.01 1.57 -67.63
CA CYS H 100 17.70 1.49 -66.20
C CYS H 100 17.66 0.06 -65.71
N PHE H 101 18.73 -0.35 -65.04
CA PHE H 101 18.88 -1.71 -64.59
C PHE H 101 17.68 -2.24 -63.84
N MET H 102 17.06 -1.40 -63.02
CA MET H 102 15.84 -1.79 -62.28
C MET H 102 14.68 -2.15 -63.21
N VAL H 103 14.73 -1.69 -64.46
CA VAL H 103 13.70 -2.06 -65.42
C VAL H 103 14.20 -3.22 -66.30
N THR H 104 15.15 -2.94 -67.19
CA THR H 104 15.71 -3.94 -68.09
C THR H 104 17.19 -4.08 -67.83
N PRO H 105 17.61 -5.23 -67.30
CA PRO H 105 18.99 -5.35 -66.84
C PRO H 105 19.90 -5.62 -67.99
N TYR H 106 21.21 -5.67 -67.72
CA TYR H 106 22.19 -5.84 -68.76
C TYR H 106 23.53 -6.33 -68.20
N GLU H 107 24.30 -6.98 -69.07
CA GLU H 107 25.50 -7.70 -68.66
C GLU H 107 26.53 -6.77 -67.98
N GLY H 108 26.70 -5.58 -68.52
CA GLY H 108 27.69 -4.65 -67.99
C GLY H 108 27.62 -4.50 -66.47
N TYR H 109 26.41 -4.31 -65.96
CA TYR H 109 26.19 -4.15 -64.53
C TYR H 109 26.71 -5.39 -63.79
N VAL H 110 26.23 -6.55 -64.22
CA VAL H 110 26.61 -7.80 -63.57
C VAL H 110 28.14 -8.01 -63.62
N ALA H 111 28.73 -7.70 -64.77
CA ALA H 111 30.15 -7.90 -64.98
C ALA H 111 30.97 -7.07 -64.01
N VAL H 112 30.59 -5.80 -63.93
CA VAL H 112 31.29 -4.87 -63.03
C VAL H 112 31.17 -5.39 -61.58
N THR H 113 29.97 -5.81 -61.21
CA THR H 113 29.76 -6.36 -59.87
C THR H 113 30.64 -7.57 -59.63
N GLU H 114 30.83 -8.43 -60.65
CA GLU H 114 31.72 -9.60 -60.54
C GLU H 114 33.15 -9.18 -60.21
N GLN H 115 33.62 -8.16 -60.91
CA GLN H 115 34.96 -7.65 -60.66
C GLN H 115 35.11 -7.10 -59.25
N LEU H 116 34.13 -6.32 -58.81
CA LEU H 116 34.26 -5.67 -57.49
C LEU H 116 34.23 -6.71 -56.36
N ASN H 117 33.41 -7.75 -56.54
CA ASN H 117 33.38 -8.90 -55.62
C ASN H 117 34.76 -9.49 -55.46
N ARG H 118 35.44 -9.66 -56.58
CA ARG H 118 36.74 -10.31 -56.63
C ARG H 118 37.86 -9.45 -56.08
N LEU H 119 37.85 -8.15 -56.38
CA LEU H 119 38.98 -7.27 -56.06
C LEU H 119 38.94 -6.69 -54.66
N THR H 120 37.77 -6.70 -54.03
CA THR H 120 37.63 -6.13 -52.70
C THR H 120 38.17 -7.11 -51.68
N PRO H 121 38.59 -6.62 -50.51
CA PRO H 121 39.15 -7.52 -49.48
C PRO H 121 38.14 -8.47 -48.89
N GLY H 122 38.67 -9.54 -48.29
CA GLY H 122 37.84 -10.61 -47.68
C GLY H 122 37.42 -11.69 -48.67
N ASP H 123 37.31 -12.90 -48.15
CA ASP H 123 36.88 -14.09 -48.95
C ASP H 123 35.45 -14.53 -48.62
N HIS H 124 34.75 -13.77 -47.80
CA HIS H 124 33.37 -14.08 -47.42
C HIS H 124 32.42 -13.73 -48.53
N ALA H 125 31.16 -14.13 -48.39
CA ALA H 125 30.14 -13.79 -49.39
C ALA H 125 29.91 -12.29 -49.44
N LYS H 126 30.02 -11.71 -50.64
CA LYS H 126 29.79 -10.28 -50.81
C LYS H 126 28.78 -10.02 -51.91
N ARG H 127 28.12 -8.87 -51.86
CA ARG H 127 27.27 -8.40 -52.95
C ARG H 127 27.53 -6.91 -53.21
N THR H 128 27.01 -6.40 -54.32
CA THR H 128 27.28 -5.05 -54.76
C THR H 128 26.02 -4.41 -55.33
N VAL H 129 25.88 -3.11 -55.14
CA VAL H 129 24.91 -2.32 -55.90
C VAL H 129 25.66 -1.11 -56.45
N LEU H 130 25.22 -0.62 -57.61
CA LEU H 130 25.87 0.48 -58.32
C LEU H 130 25.03 1.75 -58.35
N PHE H 131 25.70 2.89 -58.26
CA PHE H 131 25.05 4.19 -58.34
C PHE H 131 25.92 5.11 -59.18
N ASN H 132 25.80 6.43 -59.04
CA ASN H 132 26.55 7.35 -59.91
C ASN H 132 27.66 8.06 -59.20
N SER H 133 27.34 8.73 -58.09
CA SER H 133 28.32 9.54 -57.36
C SER H 133 28.83 8.90 -56.10
N GLY H 134 29.96 9.38 -55.62
CA GLY H 134 30.46 8.93 -54.33
C GLY H 134 29.44 9.20 -53.21
N ALA H 135 28.88 10.39 -53.20
CA ALA H 135 27.86 10.71 -52.22
C ALA H 135 26.74 9.69 -52.26
N GLU H 136 26.29 9.30 -53.44
CA GLU H 136 25.22 8.34 -53.52
C GLU H 136 25.66 6.99 -52.90
N ALA H 137 26.88 6.60 -53.18
CA ALA H 137 27.44 5.41 -52.61
C ALA H 137 27.41 5.44 -51.07
N VAL H 138 27.94 6.50 -50.47
CA VAL H 138 27.94 6.63 -49.02
C VAL H 138 26.50 6.67 -48.45
N GLU H 139 25.62 7.40 -49.12
CA GLU H 139 24.23 7.42 -48.75
C GLU H 139 23.65 6.03 -48.71
N ASN H 140 23.98 5.22 -49.69
CA ASN H 140 23.45 3.85 -49.72
C ASN H 140 24.12 2.89 -48.70
N ALA H 141 25.41 3.04 -48.45
CA ALA H 141 26.08 2.26 -47.41
C ALA H 141 25.34 2.51 -46.08
N VAL H 142 25.03 3.76 -45.80
CA VAL H 142 24.38 4.11 -44.53
C VAL H 142 22.95 3.56 -44.49
N LYS H 143 22.24 3.62 -45.60
CA LYS H 143 20.90 3.06 -45.64
C LYS H 143 20.96 1.59 -45.26
N VAL H 144 21.95 0.88 -45.81
CA VAL H 144 22.04 -0.56 -45.58
C VAL H 144 22.39 -0.82 -44.13
N ALA H 145 23.42 -0.13 -43.62
CA ALA H 145 23.81 -0.29 -42.22
C ALA H 145 22.59 -0.09 -41.34
N ARG H 146 21.80 0.95 -41.63
CA ARG H 146 20.66 1.30 -40.77
C ARG H 146 19.56 0.25 -40.83
N LEU H 147 19.21 -0.18 -42.04
CA LEU H 147 18.18 -1.20 -42.24
C LEU H 147 18.64 -2.53 -41.66
N ALA H 148 19.86 -2.93 -42.01
CA ALA H 148 20.42 -4.23 -41.58
C ALA H 148 20.54 -4.34 -40.06
N THR H 149 21.04 -3.32 -39.41
CA THR H 149 21.23 -3.40 -37.95
C THR H 149 19.97 -3.02 -37.14
N GLY H 150 19.02 -2.33 -37.77
CA GLY H 150 17.89 -1.78 -37.05
C GLY H 150 18.26 -0.64 -36.09
N ARG H 151 19.45 -0.06 -36.24
CA ARG H 151 19.88 1.04 -35.40
C ARG H 151 19.99 2.34 -36.20
N ASP H 152 20.16 3.46 -35.48
CA ASP H 152 20.07 4.80 -36.02
C ASP H 152 21.45 5.47 -36.18
N ALA H 153 22.23 5.50 -35.11
CA ALA H 153 23.38 6.39 -35.04
C ALA H 153 24.46 5.98 -36.03
N VAL H 154 25.13 6.96 -36.63
CA VAL H 154 26.27 6.73 -37.47
C VAL H 154 27.43 7.58 -36.95
N VAL H 155 28.60 6.98 -36.75
CA VAL H 155 29.71 7.79 -36.33
C VAL H 155 30.63 8.07 -37.50
N ALA H 156 31.06 9.34 -37.59
CA ALA H 156 32.12 9.79 -38.47
C ALA H 156 33.16 10.45 -37.64
N PHE H 157 34.24 10.86 -38.28
CA PHE H 157 35.38 11.38 -37.58
C PHE H 157 35.74 12.83 -37.93
N ASP H 158 36.52 13.46 -37.05
CA ASP H 158 37.14 14.73 -37.37
C ASP H 158 37.88 14.58 -38.68
N HIS H 159 37.93 15.67 -39.43
CA HIS H 159 38.60 15.73 -40.75
C HIS H 159 38.01 14.85 -41.83
N ALA H 160 36.82 14.29 -41.56
CA ALA H 160 36.14 13.48 -42.56
C ALA H 160 35.62 14.34 -43.70
N TYR H 161 35.61 13.77 -44.90
CA TYR H 161 34.81 14.28 -46.00
C TYR H 161 34.10 13.12 -46.72
N HIS H 162 32.79 13.25 -46.95
CA HIS H 162 32.01 12.16 -47.53
C HIS H 162 30.99 12.60 -48.56
N GLY H 163 30.84 13.90 -48.78
CA GLY H 163 29.94 14.35 -49.83
C GLY H 163 29.10 15.58 -49.55
N ARG H 164 28.29 15.94 -50.53
CA ARG H 164 27.58 17.20 -50.58
C ARG H 164 26.06 17.09 -50.59
N THR H 165 25.54 15.88 -50.42
CA THR H 165 24.10 15.71 -50.14
C THR H 165 23.89 16.05 -48.66
N ASN H 166 22.65 16.19 -48.25
CA ASN H 166 22.39 16.61 -46.86
C ASN H 166 23.03 15.68 -45.83
N LEU H 167 22.87 14.37 -46.00
CA LEU H 167 23.48 13.41 -45.08
C LEU H 167 24.98 13.39 -45.19
N THR H 168 25.51 13.50 -46.40
CA THR H 168 26.99 13.38 -46.56
C THR H 168 27.67 14.67 -46.12
N MET H 169 26.95 15.78 -46.25
CA MET H 169 27.34 17.01 -45.58
C MET H 169 27.37 16.76 -44.05
N ALA H 170 26.30 16.16 -43.53
CA ALA H 170 26.25 15.84 -42.11
C ALA H 170 27.51 15.08 -41.73
N LEU H 171 27.86 14.09 -42.53
CA LEU H 171 28.96 13.20 -42.20
C LEU H 171 30.28 13.93 -42.34
N THR H 172 30.31 14.95 -43.18
CA THR H 172 31.53 15.71 -43.42
C THR H 172 31.84 16.65 -42.24
N ALA H 173 33.12 16.76 -41.90
CA ALA H 173 33.53 17.59 -40.77
C ALA H 173 33.60 19.05 -41.08
N LYS H 174 34.29 19.42 -42.16
CA LYS H 174 34.61 20.82 -42.43
C LYS H 174 33.44 21.59 -43.00
N ALA H 175 33.19 22.77 -42.45
CA ALA H 175 31.99 23.51 -42.79
C ALA H 175 32.16 24.35 -44.01
N MET H 176 33.32 24.97 -44.16
CA MET H 176 33.57 25.86 -45.31
C MET H 176 34.37 25.13 -46.37
N PRO H 177 33.81 25.02 -47.60
CA PRO H 177 32.57 25.56 -48.12
C PRO H 177 31.41 24.58 -48.15
N TYR H 178 31.63 23.39 -47.62
CA TYR H 178 30.73 22.28 -47.89
C TYR H 178 29.36 22.32 -47.18
N LYS H 179 29.25 23.06 -46.08
CA LYS H 179 28.06 22.99 -45.21
C LYS H 179 27.38 24.32 -44.93
N THR H 180 28.14 25.41 -44.89
CA THR H 180 27.64 26.71 -44.42
C THR H 180 26.33 27.07 -45.08
N ASN H 181 25.31 27.31 -44.26
CA ASN H 181 23.98 27.70 -44.69
C ASN H 181 23.16 26.68 -45.46
N PHE H 182 23.64 25.43 -45.54
CA PHE H 182 22.90 24.36 -46.23
C PHE H 182 22.08 23.41 -45.34
N GLY H 183 22.12 23.59 -44.03
CA GLY H 183 21.38 22.73 -43.10
C GLY H 183 19.92 23.13 -42.98
N PRO H 184 19.20 22.57 -41.99
CA PRO H 184 19.65 21.63 -40.96
C PRO H 184 19.98 20.27 -41.51
N PHE H 185 20.92 19.59 -40.85
CA PHE H 185 21.49 18.37 -41.37
C PHE H 185 20.84 17.10 -40.84
N ALA H 186 20.98 16.01 -41.60
CA ALA H 186 20.36 14.70 -41.29
C ALA H 186 20.74 14.32 -39.85
N PRO H 187 19.79 13.77 -39.11
CA PRO H 187 20.02 13.53 -37.70
C PRO H 187 20.78 12.23 -37.40
N GLU H 188 21.20 12.10 -36.13
CA GLU H 188 21.84 10.95 -35.56
C GLU H 188 23.17 10.64 -36.21
N VAL H 189 23.94 11.71 -36.41
CA VAL H 189 25.33 11.58 -36.84
C VAL H 189 26.21 12.11 -35.70
N TYR H 190 27.22 11.37 -35.34
CA TYR H 190 28.06 11.73 -34.22
C TYR H 190 29.52 11.81 -34.67
N ARG H 191 30.28 12.73 -34.13
CA ARG H 191 31.63 12.89 -34.55
C ARG H 191 32.62 12.50 -33.47
N MET H 192 33.65 11.77 -33.86
CA MET H 192 34.63 11.20 -32.94
C MET H 192 36.04 11.53 -33.38
N PRO H 193 36.97 11.54 -32.45
CA PRO H 193 38.32 12.00 -32.76
C PRO H 193 39.06 11.01 -33.64
N MET H 194 39.89 11.57 -34.52
CA MET H 194 40.65 10.82 -35.49
C MET H 194 42.06 10.58 -34.98
N SER H 195 42.73 9.57 -35.51
CA SER H 195 44.18 9.41 -35.28
C SER H 195 44.90 10.26 -36.30
N TYR H 196 45.46 11.38 -35.85
CA TYR H 196 46.08 12.38 -36.72
C TYR H 196 47.45 12.68 -36.10
N PRO H 197 48.43 11.78 -36.33
CA PRO H 197 49.71 11.74 -35.63
C PRO H 197 50.38 13.08 -35.52
N PHE H 198 50.42 13.83 -36.62
CA PHE H 198 51.15 15.08 -36.65
C PHE H 198 50.60 16.13 -35.71
N ARG H 199 49.31 16.07 -35.39
CA ARG H 199 48.68 17.07 -34.50
C ARG H 199 48.10 16.50 -33.20
N GLU H 200 48.53 15.31 -32.81
CA GLU H 200 48.08 14.75 -31.55
C GLU H 200 48.63 15.58 -30.40
N GLU H 201 47.79 15.85 -29.41
CA GLU H 201 48.22 16.62 -28.26
C GLU H 201 49.29 15.86 -27.47
N ASN H 202 49.22 14.54 -27.49
CA ASN H 202 50.29 13.69 -26.99
C ASN H 202 50.95 13.02 -28.18
N PRO H 203 52.10 13.56 -28.62
CA PRO H 203 52.75 13.02 -29.81
C PRO H 203 53.09 11.51 -29.74
N GLU H 204 53.18 10.93 -28.54
CA GLU H 204 53.56 9.54 -28.39
C GLU H 204 52.38 8.57 -28.52
N ILE H 205 51.17 9.08 -28.69
CA ILE H 205 49.98 8.22 -28.71
C ILE H 205 50.05 7.17 -29.83
N THR H 206 49.73 5.91 -29.52
CA THR H 206 49.73 4.85 -30.51
C THR H 206 48.35 4.72 -31.16
N GLY H 207 48.31 4.03 -32.28
CA GLY H 207 47.05 3.82 -33.00
C GLY H 207 46.05 3.12 -32.12
N ALA H 208 46.51 2.10 -31.41
CA ALA H 208 45.64 1.36 -30.48
C ALA H 208 45.02 2.29 -29.44
N GLU H 209 45.85 3.15 -28.87
CA GLU H 209 45.39 4.09 -27.86
C GLU H 209 44.40 5.12 -28.47
N ALA H 210 44.66 5.54 -29.70
CA ALA H 210 43.76 6.46 -30.41
C ALA H 210 42.39 5.81 -30.62
N ALA H 211 42.41 4.54 -30.95
CA ALA H 211 41.20 3.79 -31.14
C ALA H 211 40.43 3.65 -29.84
N LYS H 212 41.13 3.37 -28.75
CA LYS H 212 40.49 3.22 -27.45
C LYS H 212 39.80 4.53 -27.09
N ARG H 213 40.45 5.65 -27.38
CA ARG H 213 39.88 6.98 -27.10
C ARG H 213 38.56 7.19 -27.85
N ALA H 214 38.55 6.88 -29.14
CA ALA H 214 37.33 6.93 -29.93
C ALA H 214 36.26 5.99 -29.35
N ILE H 215 36.66 4.74 -29.09
CA ILE H 215 35.74 3.70 -28.66
C ILE H 215 35.09 4.04 -27.31
N THR H 216 35.89 4.51 -26.35
CA THR H 216 35.36 4.87 -25.07
C THR H 216 34.35 6.01 -25.23
N MET H 217 34.66 6.95 -26.13
CA MET H 217 33.81 8.10 -26.34
C MET H 217 32.50 7.67 -27.00
N ILE H 218 32.57 6.75 -27.95
CA ILE H 218 31.38 6.27 -28.62
C ILE H 218 30.49 5.57 -27.61
N GLU H 219 31.11 4.79 -26.75
CA GLU H 219 30.38 3.97 -25.81
C GLU H 219 29.71 4.88 -24.79
N LYS H 220 30.43 5.85 -24.25
CA LYS H 220 29.85 6.74 -23.25
C LYS H 220 28.77 7.71 -23.83
N GLN H 221 28.93 8.15 -25.09
CA GLN H 221 28.04 9.16 -25.67
C GLN H 221 26.94 8.65 -26.62
N ILE H 222 27.01 7.39 -27.00
CA ILE H 222 25.96 6.74 -27.80
C ILE H 222 25.61 5.36 -27.23
N GLY H 223 26.65 4.54 -27.05
CA GLY H 223 26.52 3.14 -26.69
C GLY H 223 26.69 2.27 -27.93
N GLY H 224 27.64 1.32 -27.88
CA GLY H 224 27.96 0.49 -29.02
C GLY H 224 26.78 -0.20 -29.66
N ASP H 225 25.82 -0.62 -28.83
CA ASP H 225 24.68 -1.38 -29.35
C ASP H 225 23.65 -0.48 -30.01
N GLN H 226 23.93 0.83 -30.04
CA GLN H 226 23.07 1.83 -30.67
C GLN H 226 23.62 2.35 -32.00
N VAL H 227 24.85 2.00 -32.34
CA VAL H 227 25.50 2.52 -33.53
C VAL H 227 25.27 1.59 -34.72
N ALA H 228 24.69 2.11 -35.80
CA ALA H 228 24.42 1.31 -37.00
C ALA H 228 25.73 1.13 -37.80
N ALA H 229 26.54 2.18 -37.89
CA ALA H 229 27.75 2.11 -38.69
C ALA H 229 28.85 3.06 -38.16
N ILE H 230 30.10 2.65 -38.28
CA ILE H 230 31.26 3.57 -38.17
C ILE H 230 31.75 3.73 -39.60
N ILE H 231 31.90 4.96 -40.05
CA ILE H 231 32.35 5.23 -41.42
C ILE H 231 33.64 6.04 -41.36
N ILE H 232 34.66 5.57 -42.08
CA ILE H 232 35.94 6.23 -42.03
C ILE H 232 36.65 6.05 -43.35
N GLU H 233 37.39 7.08 -43.73
CA GLU H 233 38.29 7.01 -44.88
C GLU H 233 39.61 6.47 -44.36
N PRO H 234 40.12 5.38 -44.96
CA PRO H 234 41.38 4.79 -44.50
C PRO H 234 42.51 5.79 -44.58
N ILE H 235 42.50 6.60 -45.63
CA ILE H 235 43.30 7.82 -45.67
C ILE H 235 42.35 8.95 -45.96
N GLN H 236 42.27 9.90 -45.04
CA GLN H 236 41.32 11.00 -45.15
C GLN H 236 41.79 11.95 -46.24
N GLY H 237 40.95 12.16 -47.25
CA GLY H 237 41.32 12.90 -48.43
C GLY H 237 41.29 14.40 -48.21
N GLU H 238 40.11 14.99 -48.44
CA GLU H 238 39.95 16.44 -48.29
C GLU H 238 40.39 16.93 -46.91
N GLY H 239 40.32 16.07 -45.89
CA GLY H 239 40.84 16.44 -44.57
C GLY H 239 42.33 16.72 -44.51
N GLY H 240 43.06 16.21 -45.49
CA GLY H 240 44.51 16.47 -45.62
C GLY H 240 45.40 15.24 -45.76
N PHE H 241 44.89 14.20 -46.39
CA PHE H 241 45.63 12.97 -46.56
C PHE H 241 46.16 12.50 -45.22
N ILE H 242 45.28 12.46 -44.22
CA ILE H 242 45.68 12.06 -42.88
C ILE H 242 45.69 10.53 -42.90
N VAL H 243 46.83 9.96 -42.55
CA VAL H 243 46.95 8.53 -42.39
C VAL H 243 47.00 8.24 -40.89
N PRO H 244 46.11 7.36 -40.42
CA PRO H 244 46.05 7.07 -39.00
C PRO H 244 47.23 6.22 -38.57
N ALA H 245 47.58 6.30 -37.29
CA ALA H 245 48.67 5.53 -36.75
C ALA H 245 48.36 4.05 -36.95
N GLU H 246 49.41 3.26 -37.14
CA GLU H 246 49.28 1.84 -37.27
C GLU H 246 48.51 1.29 -36.05
N GLY H 247 47.54 0.41 -36.29
CA GLY H 247 46.77 -0.22 -35.20
C GLY H 247 45.43 0.40 -34.89
N PHE H 248 45.18 1.59 -35.45
CA PHE H 248 43.91 2.29 -35.27
C PHE H 248 42.78 1.59 -36.01
N LEU H 249 42.91 1.46 -37.32
CA LEU H 249 41.84 0.85 -38.10
C LEU H 249 41.48 -0.58 -37.66
N PRO H 250 42.48 -1.45 -37.44
CA PRO H 250 42.10 -2.79 -36.99
C PRO H 250 41.36 -2.80 -35.64
N ALA H 251 41.76 -1.92 -34.71
CA ALA H 251 41.08 -1.83 -33.41
C ALA H 251 39.62 -1.44 -33.59
N LEU H 252 39.35 -0.46 -34.45
CA LEU H 252 37.96 -0.08 -34.73
C LEU H 252 37.24 -1.21 -35.39
N SER H 253 37.92 -1.89 -36.30
CA SER H 253 37.25 -2.99 -37.04
C SER H 253 36.83 -4.09 -36.11
N GLU H 254 37.75 -4.45 -35.20
CA GLU H 254 37.53 -5.54 -34.27
C GLU H 254 36.37 -5.20 -33.32
N TRP H 255 36.39 -3.98 -32.78
CA TRP H 255 35.35 -3.52 -31.90
C TRP H 255 34.00 -3.46 -32.58
N ALA H 256 33.98 -2.98 -33.83
CA ALA H 256 32.74 -2.96 -34.59
C ALA H 256 32.17 -4.36 -34.69
N LYS H 257 33.03 -5.35 -35.00
CA LYS H 257 32.54 -6.76 -35.14
C LYS H 257 31.95 -7.23 -33.83
N GLU H 258 32.61 -6.88 -32.75
CA GLU H 258 32.13 -7.25 -31.45
C GLU H 258 30.77 -6.65 -31.13
N LYS H 259 30.55 -5.40 -31.50
CA LYS H 259 29.31 -4.72 -31.12
C LYS H 259 28.19 -4.80 -32.17
N GLY H 260 28.44 -5.51 -33.26
CA GLY H 260 27.44 -5.66 -34.31
C GLY H 260 27.25 -4.41 -35.17
N ILE H 261 28.27 -3.54 -35.18
CA ILE H 261 28.26 -2.26 -35.89
C ILE H 261 28.86 -2.46 -37.26
N VAL H 262 28.18 -2.00 -38.31
CA VAL H 262 28.73 -2.10 -39.65
C VAL H 262 29.90 -1.17 -39.78
N PHE H 263 31.04 -1.70 -40.21
CA PHE H 263 32.24 -0.90 -40.43
C PHE H 263 32.34 -0.56 -41.92
N ILE H 264 32.15 0.73 -42.24
CA ILE H 264 32.17 1.20 -43.63
C ILE H 264 33.48 1.89 -43.93
N ALA H 265 34.25 1.35 -44.89
CA ALA H 265 35.46 2.05 -45.36
C ALA H 265 35.10 2.90 -46.56
N ASP H 266 35.36 4.19 -46.50
CA ASP H 266 35.04 5.06 -47.62
C ASP H 266 36.25 5.18 -48.49
N GLU H 267 36.26 4.36 -49.55
CA GLU H 267 37.44 4.24 -50.41
C GLU H 267 37.19 4.95 -51.74
N VAL H 268 36.38 5.99 -51.69
CA VAL H 268 35.99 6.72 -52.89
C VAL H 268 37.25 7.36 -53.50
N GLN H 269 38.08 7.97 -52.68
CA GLN H 269 39.31 8.62 -53.16
C GLN H 269 40.49 7.66 -53.16
N SER H 270 40.57 6.79 -52.16
CA SER H 270 41.75 5.91 -51.94
C SER H 270 41.69 4.58 -52.68
N GLY H 271 40.52 4.25 -53.23
CA GLY H 271 40.34 2.96 -53.86
C GLY H 271 40.90 2.84 -55.26
N PHE H 272 41.00 1.60 -55.72
CA PHE H 272 41.53 1.25 -57.06
C PHE H 272 42.98 1.67 -57.34
N CYS H 273 43.90 1.06 -56.59
CA CYS H 273 45.35 1.10 -56.85
C CYS H 273 46.00 2.40 -56.43
N ARG H 274 45.20 3.41 -56.13
CA ARG H 274 45.70 4.73 -55.77
C ARG H 274 46.79 4.71 -54.73
N THR H 275 46.67 3.82 -53.74
CA THR H 275 47.64 3.80 -52.61
C THR H 275 48.72 2.73 -52.75
N GLY H 276 48.73 1.99 -53.86
CA GLY H 276 49.71 0.93 -54.06
C GLY H 276 49.13 -0.45 -53.81
N GLU H 277 47.95 -0.50 -53.21
CA GLU H 277 47.16 -1.73 -53.12
C GLU H 277 45.82 -1.46 -53.74
N TRP H 278 45.07 -2.52 -54.03
CA TRP H 278 43.72 -2.33 -54.58
C TRP H 278 42.92 -1.39 -53.75
N PHE H 279 42.98 -1.55 -52.43
CA PHE H 279 42.29 -0.65 -51.51
C PHE H 279 43.17 -0.30 -50.32
N ALA H 280 43.01 0.93 -49.84
CA ALA H 280 43.88 1.44 -48.80
C ALA H 280 43.82 0.59 -47.55
N VAL H 281 42.69 -0.06 -47.31
CA VAL H 281 42.57 -0.93 -46.13
C VAL H 281 43.53 -2.12 -46.22
N ASP H 282 43.96 -2.46 -47.44
CA ASP H 282 44.85 -3.61 -47.64
C ASP H 282 46.25 -3.38 -47.03
N HIS H 283 46.66 -2.13 -46.85
CA HIS H 283 47.92 -1.85 -46.17
C HIS H 283 47.96 -2.51 -44.81
N GLU H 284 46.83 -2.53 -44.09
CA GLU H 284 46.76 -3.16 -42.75
C GLU H 284 45.92 -4.42 -42.69
N GLY H 285 45.45 -4.88 -43.84
CA GLY H 285 44.61 -6.08 -43.91
C GLY H 285 43.26 -5.97 -43.23
N VAL H 286 42.76 -4.74 -43.11
CA VAL H 286 41.42 -4.56 -42.55
C VAL H 286 40.41 -5.01 -43.58
N VAL H 287 39.41 -5.76 -43.13
CA VAL H 287 38.34 -6.25 -44.00
C VAL H 287 36.99 -5.60 -43.63
N PRO H 288 36.57 -4.56 -44.37
CA PRO H 288 35.37 -3.80 -44.02
C PRO H 288 34.11 -4.56 -44.29
N ASP H 289 33.04 -4.22 -43.58
CA ASP H 289 31.72 -4.81 -43.79
C ASP H 289 31.06 -4.26 -45.06
N ILE H 290 31.24 -2.97 -45.32
CA ILE H 290 30.86 -2.37 -46.60
C ILE H 290 31.95 -1.41 -47.01
N ILE H 291 32.22 -1.34 -48.31
CA ILE H 291 33.14 -0.35 -48.80
C ILE H 291 32.49 0.46 -49.92
N THR H 292 32.64 1.78 -49.82
CA THR H 292 32.07 2.71 -50.81
C THR H 292 33.15 3.11 -51.83
N MET H 293 32.76 3.09 -53.10
CA MET H 293 33.68 3.35 -54.19
C MET H 293 33.10 4.30 -55.24
N ALA H 294 33.98 5.10 -55.83
CA ALA H 294 33.64 5.88 -57.02
C ALA H 294 34.94 6.30 -57.71
N LYS H 295 35.01 7.54 -58.23
CA LYS H 295 36.22 8.11 -58.82
C LYS H 295 36.97 7.18 -59.81
N GLY H 296 38.02 6.53 -59.34
CA GLY H 296 38.87 5.69 -60.21
C GLY H 296 38.20 4.50 -60.87
N ILE H 297 37.11 4.04 -60.28
CA ILE H 297 36.37 2.88 -60.75
C ILE H 297 36.15 2.84 -62.27
N ALA H 298 35.79 3.95 -62.91
CA ALA H 298 35.36 3.90 -64.31
C ALA H 298 36.11 4.88 -65.19
N GLY H 299 37.37 5.12 -64.85
CA GLY H 299 38.26 5.91 -65.68
C GLY H 299 37.74 7.28 -66.08
N GLY H 300 36.87 7.86 -65.25
CA GLY H 300 36.30 9.15 -65.52
C GLY H 300 34.80 9.15 -65.82
N LEU H 301 34.23 8.02 -66.20
CA LEU H 301 32.79 8.00 -66.42
C LEU H 301 32.11 8.00 -65.05
N PRO H 302 30.86 8.48 -64.99
CA PRO H 302 30.18 8.58 -63.70
C PRO H 302 29.62 7.24 -63.22
N LEU H 303 30.33 6.64 -62.28
CA LEU H 303 29.89 5.40 -61.67
C LEU H 303 30.41 5.34 -60.24
N SER H 304 29.60 4.72 -59.37
CA SER H 304 29.97 4.53 -57.97
C SER H 304 29.36 3.23 -57.49
N ALA H 305 29.84 2.72 -56.36
CA ALA H 305 29.38 1.41 -55.90
C ALA H 305 29.51 1.21 -54.41
N ILE H 306 28.68 0.33 -53.86
CA ILE H 306 28.95 -0.23 -52.54
C ILE H 306 29.10 -1.73 -52.72
N THR H 307 30.09 -2.30 -52.04
CA THR H 307 30.28 -3.75 -52.02
C THR H 307 30.45 -4.13 -50.58
N GLY H 308 29.64 -5.08 -50.10
CA GLY H 308 29.73 -5.52 -48.71
C GLY H 308 29.19 -6.91 -48.41
N ARG H 309 29.24 -7.30 -47.15
CA ARG H 309 28.69 -8.57 -46.72
C ARG H 309 27.33 -8.87 -47.32
N ALA H 310 27.20 -10.05 -47.87
CA ALA H 310 25.95 -10.46 -48.47
C ALA H 310 24.79 -10.37 -47.48
N ASP H 311 25.02 -10.77 -46.24
CA ASP H 311 23.92 -10.78 -45.25
C ASP H 311 23.41 -9.40 -44.97
N LEU H 312 24.30 -8.40 -45.02
CA LEU H 312 23.90 -7.00 -44.87
C LEU H 312 23.11 -6.56 -46.11
N LEU H 313 23.76 -6.60 -47.27
CA LEU H 313 23.12 -6.07 -48.48
C LEU H 313 21.84 -6.83 -48.87
N ASP H 314 21.81 -8.12 -48.63
CA ASP H 314 20.60 -8.88 -48.99
C ASP H 314 19.45 -8.61 -48.04
N ALA H 315 19.75 -8.00 -46.89
CA ALA H 315 18.72 -7.65 -45.92
C ALA H 315 17.71 -6.61 -46.48
N VAL H 316 18.17 -5.78 -47.41
CA VAL H 316 17.33 -4.74 -47.93
C VAL H 316 16.21 -5.30 -48.81
N HIS H 317 15.00 -4.85 -48.55
CA HIS H 317 13.82 -5.31 -49.25
C HIS H 317 13.89 -4.98 -50.72
N PRO H 318 13.12 -5.71 -51.56
CA PRO H 318 13.03 -5.42 -52.97
C PRO H 318 12.72 -3.96 -53.28
N GLY H 319 13.54 -3.37 -54.16
CA GLY H 319 13.35 -1.98 -54.61
C GLY H 319 13.75 -0.92 -53.60
N GLY H 320 14.42 -1.31 -52.53
CA GLY H 320 14.81 -0.38 -51.51
C GLY H 320 16.01 0.47 -51.90
N LEU H 321 16.91 -0.10 -52.68
CA LEU H 321 18.06 0.63 -53.16
C LEU H 321 17.95 0.80 -54.66
N GLY H 322 18.36 1.96 -55.17
CA GLY H 322 18.44 2.17 -56.61
C GLY H 322 18.61 3.60 -57.06
N GLY H 323 17.92 3.92 -58.15
CA GLY H 323 18.13 5.19 -58.86
C GLY H 323 17.92 4.98 -60.36
N THR H 324 17.89 6.07 -61.12
CA THR H 324 17.63 5.96 -62.54
C THR H 324 18.88 5.54 -63.30
N TYR H 325 19.89 6.40 -63.27
CA TYR H 325 21.11 6.25 -64.05
C TYR H 325 22.00 5.14 -63.54
N GLY H 326 21.87 4.81 -62.27
CA GLY H 326 22.88 3.99 -61.57
C GLY H 326 23.35 2.76 -62.32
N GLY H 327 24.66 2.57 -62.35
CA GLY H 327 25.24 1.45 -63.07
C GLY H 327 25.02 1.60 -64.57
N ASN H 328 25.25 2.81 -65.06
CA ASN H 328 25.04 3.08 -66.47
C ASN H 328 25.94 2.19 -67.32
N PRO H 329 25.40 1.64 -68.41
CA PRO H 329 26.11 0.67 -69.23
C PRO H 329 27.37 1.19 -69.90
N VAL H 330 27.35 2.46 -70.32
CA VAL H 330 28.53 3.06 -70.89
C VAL H 330 29.58 3.18 -69.79
N ALA H 331 29.14 3.62 -68.62
CA ALA H 331 30.01 3.77 -67.47
C ALA H 331 30.57 2.41 -67.02
N CYS H 332 29.76 1.37 -67.12
CA CYS H 332 30.19 0.02 -66.79
C CYS H 332 31.26 -0.47 -67.75
N ALA H 333 31.02 -0.29 -69.05
CA ALA H 333 32.01 -0.64 -70.06
C ALA H 333 33.34 0.06 -69.71
N ALA H 334 33.27 1.34 -69.39
CA ALA H 334 34.46 2.05 -68.98
C ALA H 334 35.14 1.40 -67.77
N ALA H 335 34.35 0.99 -66.78
CA ALA H 335 34.93 0.44 -65.54
C ALA H 335 35.62 -0.91 -65.79
N LEU H 336 34.96 -1.80 -66.55
CA LEU H 336 35.57 -3.10 -66.89
C LEU H 336 36.94 -2.87 -67.57
N ALA H 337 36.98 -1.94 -68.52
CA ALA H 337 38.22 -1.60 -69.20
C ALA H 337 39.22 -1.02 -68.23
N ALA H 338 38.76 -0.13 -67.36
CA ALA H 338 39.64 0.58 -66.44
C ALA H 338 40.30 -0.41 -65.51
N ILE H 339 39.49 -1.31 -64.95
CA ILE H 339 40.02 -2.32 -64.05
C ILE H 339 41.00 -3.23 -64.80
N ASP H 340 40.65 -3.56 -66.04
CA ASP H 340 41.51 -4.35 -66.89
C ASP H 340 42.88 -3.67 -67.06
N THR H 341 42.88 -2.39 -67.38
CA THR H 341 44.14 -1.66 -67.47
C THR H 341 44.91 -1.66 -66.16
N MET H 342 44.22 -1.55 -65.04
CA MET H 342 44.90 -1.55 -63.74
C MET H 342 45.69 -2.86 -63.53
N GLU H 343 45.10 -3.97 -63.96
CA GLU H 343 45.75 -5.27 -63.89
C GLU H 343 46.85 -5.44 -64.95
N GLN H 344 46.49 -5.33 -66.23
CA GLN H 344 47.46 -5.48 -67.33
C GLN H 344 48.73 -4.65 -67.14
N HIS H 345 48.60 -3.40 -66.71
CA HIS H 345 49.78 -2.54 -66.53
C HIS H 345 50.25 -2.41 -65.09
N ASP H 346 49.80 -3.30 -64.19
CA ASP H 346 50.24 -3.32 -62.78
C ASP H 346 50.27 -1.92 -62.14
N LEU H 347 49.13 -1.24 -62.12
CA LEU H 347 49.11 0.12 -61.59
C LEU H 347 49.38 0.15 -60.09
N ASN H 348 49.06 -0.94 -59.38
CA ASN H 348 49.51 -1.04 -58.01
C ASN H 348 51.03 -0.82 -57.92
N GLY H 349 51.76 -1.54 -58.77
CA GLY H 349 53.23 -1.40 -58.87
C GLY H 349 53.66 0.00 -59.29
N ARG H 350 52.98 0.56 -60.28
CA ARG H 350 53.29 1.93 -60.69
C ARG H 350 53.11 2.89 -59.51
N ALA H 351 52.06 2.65 -58.72
CA ALA H 351 51.74 3.52 -57.59
C ALA H 351 52.84 3.43 -56.53
N ARG H 352 53.29 2.21 -56.26
CA ARG H 352 54.36 2.00 -55.29
C ARG H 352 55.64 2.66 -55.77
N HIS H 353 55.88 2.61 -57.08
CA HIS H 353 57.06 3.24 -57.64
C HIS H 353 56.99 4.74 -57.50
N ILE H 354 55.83 5.32 -57.80
CA ILE H 354 55.59 6.77 -57.59
C ILE H 354 55.85 7.21 -56.14
N GLU H 355 55.42 6.39 -55.20
CA GLU H 355 55.68 6.67 -53.79
C GLU H 355 57.17 6.81 -53.54
N GLU H 356 57.94 5.86 -54.07
CA GLU H 356 59.38 5.84 -53.87
C GLU H 356 60.03 7.11 -54.43
N LEU H 357 59.74 7.40 -55.72
CA LEU H 357 60.25 8.61 -56.38
C LEU H 357 59.90 9.86 -55.62
N ALA H 358 58.60 10.02 -55.34
CA ALA H 358 58.08 11.29 -54.84
C ALA H 358 58.46 11.54 -53.39
N LEU H 359 58.34 10.52 -52.55
CA LEU H 359 58.78 10.64 -51.16
C LEU H 359 60.28 10.89 -51.09
N GLY H 360 61.03 10.29 -52.00
CA GLY H 360 62.45 10.56 -52.13
C GLY H 360 62.70 12.05 -52.29
N LYS H 361 62.14 12.64 -53.35
CA LYS H 361 62.41 14.03 -53.69
C LYS H 361 61.89 14.96 -52.58
N LEU H 362 60.73 14.60 -52.00
CA LEU H 362 60.15 15.41 -50.94
C LEU H 362 60.98 15.37 -49.67
N ARG H 363 61.51 14.20 -49.33
CA ARG H 363 62.40 14.11 -48.15
C ARG H 363 63.75 14.84 -48.34
N GLU H 364 64.28 14.82 -49.55
CA GLU H 364 65.48 15.60 -49.88
C GLU H 364 65.19 17.08 -49.57
N LEU H 365 64.05 17.56 -50.03
CA LEU H 365 63.62 18.93 -49.74
C LEU H 365 63.49 19.17 -48.23
N ALA H 366 62.89 18.23 -47.50
CA ALA H 366 62.77 18.39 -46.05
C ALA H 366 64.14 18.71 -45.44
N ALA H 367 65.18 18.12 -46.01
CA ALA H 367 66.53 18.58 -45.62
C ALA H 367 66.61 20.13 -45.69
N SER H 375 62.15 26.17 -40.74
CA SER H 375 61.57 25.18 -41.65
C SER H 375 60.05 25.20 -41.79
N VAL H 376 59.62 24.97 -43.02
CA VAL H 376 58.28 25.18 -43.44
C VAL H 376 57.58 23.83 -43.76
N VAL H 377 58.35 22.76 -43.82
CA VAL H 377 57.80 21.43 -44.12
C VAL H 377 57.48 20.71 -42.82
N GLY H 378 56.19 20.68 -42.49
CA GLY H 378 55.74 20.07 -41.26
C GLY H 378 55.69 18.54 -41.28
N ASP H 379 55.15 17.96 -42.34
CA ASP H 379 54.92 16.51 -42.36
C ASP H 379 54.75 16.02 -43.78
N ILE H 380 55.37 14.89 -44.08
CA ILE H 380 55.26 14.24 -45.39
C ILE H 380 54.62 12.90 -45.13
N ARG H 381 53.57 12.56 -45.87
CA ARG H 381 52.79 11.36 -45.57
C ARG H 381 51.98 10.93 -46.76
N GLY H 382 51.40 9.74 -46.64
CA GLY H 382 50.62 9.17 -47.73
C GLY H 382 51.20 7.84 -48.16
N ARG H 383 50.57 7.23 -49.15
CA ARG H 383 51.03 5.95 -49.65
C ARG H 383 50.70 5.92 -51.15
N GLY H 384 51.56 5.28 -51.93
CA GLY H 384 51.36 5.15 -53.37
C GLY H 384 51.32 6.49 -54.08
N ALA H 385 50.30 6.67 -54.93
CA ALA H 385 50.07 7.90 -55.66
C ALA H 385 49.06 8.80 -54.95
N MET H 386 48.99 8.67 -53.62
CA MET H 386 48.17 9.53 -52.77
C MET H 386 49.05 10.07 -51.64
N LEU H 387 49.76 11.15 -51.94
CA LEU H 387 50.84 11.63 -51.08
C LEU H 387 50.62 13.09 -50.79
N ALA H 388 51.18 13.56 -49.68
CA ALA H 388 50.96 14.95 -49.27
C ALA H 388 52.09 15.50 -48.45
N ILE H 389 52.21 16.82 -48.51
CA ILE H 389 53.15 17.54 -47.69
C ILE H 389 52.34 18.62 -46.97
N GLU H 390 52.39 18.59 -45.64
CA GLU H 390 51.67 19.56 -44.84
C GLU H 390 52.61 20.70 -44.49
N LEU H 391 52.22 21.91 -44.87
CA LEU H 391 53.09 23.06 -44.70
C LEU H 391 52.74 23.83 -43.44
N VAL H 392 53.78 24.23 -42.71
CA VAL H 392 53.62 24.95 -41.47
C VAL H 392 54.38 26.27 -41.45
N GLN H 393 54.06 27.09 -40.47
CA GLN H 393 54.77 28.35 -40.25
C GLN H 393 56.21 28.01 -39.84
N PRO H 394 57.21 28.82 -40.27
CA PRO H 394 58.63 28.48 -40.03
C PRO H 394 58.95 28.31 -38.56
N GLY H 395 59.49 27.15 -38.19
CA GLY H 395 59.89 26.88 -36.82
C GLY H 395 58.80 26.49 -35.84
N SER H 396 57.53 26.46 -36.27
CA SER H 396 56.43 25.97 -35.42
C SER H 396 55.57 24.95 -36.16
N LYS H 397 54.48 24.53 -35.50
CA LYS H 397 53.49 23.64 -36.09
C LYS H 397 52.24 24.39 -36.57
N GLU H 398 52.21 25.73 -36.45
CA GLU H 398 51.04 26.48 -36.87
C GLU H 398 50.84 26.24 -38.37
N PRO H 399 49.59 26.15 -38.83
CA PRO H 399 49.35 25.96 -40.26
C PRO H 399 49.78 27.13 -41.15
N ASN H 400 50.12 26.83 -42.40
CA ASN H 400 50.56 27.83 -43.37
C ASN H 400 49.76 27.75 -44.67
N ALA H 401 48.51 28.20 -44.60
CA ALA H 401 47.64 28.19 -45.77
C ALA H 401 48.14 29.20 -46.80
N GLU H 402 48.72 30.30 -46.33
CA GLU H 402 49.19 31.41 -47.21
C GLU H 402 50.27 30.85 -48.17
N LEU H 403 51.27 30.17 -47.61
CA LEU H 403 52.30 29.53 -48.42
C LEU H 403 51.71 28.48 -49.36
N THR H 404 50.70 27.77 -48.87
CA THR H 404 50.09 26.68 -49.64
C THR H 404 49.42 27.23 -50.90
N LYS H 405 48.63 28.28 -50.76
CA LYS H 405 47.97 28.91 -51.91
C LYS H 405 49.05 29.43 -52.86
N ALA H 406 50.06 30.11 -52.29
CA ALA H 406 51.18 30.66 -53.05
C ALA H 406 51.86 29.58 -53.91
N VAL H 407 52.19 28.46 -53.29
CA VAL H 407 52.90 27.39 -53.97
C VAL H 407 52.05 26.79 -55.12
N ALA H 408 50.75 26.62 -54.88
CA ALA H 408 49.83 26.16 -55.93
C ALA H 408 49.83 27.11 -57.10
N ALA H 409 49.69 28.40 -56.81
CA ALA H 409 49.70 29.43 -57.87
C ALA H 409 51.04 29.41 -58.63
N ALA H 410 52.14 29.34 -57.88
CA ALA H 410 53.49 29.28 -58.47
C ALA H 410 53.61 28.08 -59.42
N CYS H 411 53.11 26.93 -58.99
CA CYS H 411 53.18 25.72 -59.78
C CYS H 411 52.37 25.88 -61.05
N LEU H 412 51.19 26.48 -60.94
CA LEU H 412 50.32 26.69 -62.09
C LEU H 412 51.05 27.59 -63.09
N LYS H 413 51.72 28.64 -62.59
CA LYS H 413 52.46 29.60 -63.45
C LYS H 413 53.48 28.87 -64.33
N GLU H 414 54.18 27.91 -63.74
CA GLU H 414 55.20 27.14 -64.45
C GLU H 414 54.61 25.99 -65.28
N GLY H 415 53.29 25.82 -65.29
CA GLY H 415 52.65 24.75 -66.07
C GLY H 415 52.47 23.42 -65.36
N VAL H 416 52.36 23.46 -64.04
CA VAL H 416 52.07 22.28 -63.22
C VAL H 416 50.76 22.50 -62.44
N ILE H 417 49.74 21.70 -62.74
CA ILE H 417 48.46 21.76 -62.05
C ILE H 417 48.55 20.85 -60.83
N ILE H 418 48.55 21.43 -59.63
CA ILE H 418 48.64 20.66 -58.40
C ILE H 418 47.48 21.04 -57.47
N LEU H 419 46.95 20.09 -56.70
CA LEU H 419 45.80 20.38 -55.81
C LEU H 419 46.20 20.61 -54.34
N THR H 420 45.34 21.31 -53.62
CA THR H 420 45.51 21.57 -52.19
C THR H 420 44.31 20.98 -51.45
N CYS H 421 44.44 20.88 -50.15
CA CYS H 421 43.37 20.37 -49.30
C CYS H 421 43.71 20.64 -47.83
N GLY H 422 42.92 20.07 -46.93
CA GLY H 422 43.21 20.10 -45.51
C GLY H 422 42.21 20.91 -44.71
N THR H 423 41.89 20.41 -43.52
CA THR H 423 41.08 21.14 -42.56
C THR H 423 41.59 22.56 -42.37
N TYR H 424 42.91 22.73 -42.31
CA TYR H 424 43.51 24.06 -42.11
C TYR H 424 44.04 24.72 -43.38
N GLY H 425 43.69 24.15 -44.53
CA GLY H 425 44.00 24.71 -45.85
C GLY H 425 45.47 24.68 -46.24
N ASN H 426 46.26 23.84 -45.56
CA ASN H 426 47.70 23.94 -45.61
C ASN H 426 48.36 22.65 -46.04
N VAL H 427 47.69 21.89 -46.89
CA VAL H 427 48.27 20.63 -47.38
C VAL H 427 48.30 20.57 -48.90
N ILE H 428 49.51 20.34 -49.44
CA ILE H 428 49.68 20.11 -50.87
C ILE H 428 49.60 18.63 -51.09
N ARG H 429 48.72 18.24 -52.01
CA ARG H 429 48.51 16.82 -52.27
C ARG H 429 48.90 16.46 -53.69
N LEU H 430 49.57 15.32 -53.81
CA LEU H 430 49.94 14.76 -55.08
C LEU H 430 48.96 13.65 -55.38
N LEU H 431 48.19 13.84 -56.44
CA LEU H 431 47.30 12.81 -56.96
C LEU H 431 47.53 12.65 -58.46
N PRO H 432 48.76 12.27 -58.85
CA PRO H 432 49.01 12.08 -60.27
C PRO H 432 48.30 10.87 -60.80
N PRO H 433 48.04 10.84 -62.13
CA PRO H 433 47.51 9.63 -62.71
C PRO H 433 48.58 8.58 -62.59
N LEU H 434 48.18 7.35 -62.32
CA LEU H 434 49.11 6.26 -62.05
C LEU H 434 49.91 5.88 -63.35
N VAL H 435 49.39 6.24 -64.54
CA VAL H 435 50.11 6.06 -65.81
C VAL H 435 51.12 7.17 -66.14
N ILE H 436 51.44 8.06 -65.19
CA ILE H 436 52.43 9.13 -65.43
C ILE H 436 53.86 8.57 -65.63
N SER H 437 54.64 9.20 -66.51
CA SER H 437 56.01 8.79 -66.76
C SER H 437 56.90 9.33 -65.66
N ASP H 438 57.96 8.60 -65.33
CA ASP H 438 58.96 9.06 -64.36
C ASP H 438 59.48 10.46 -64.71
N GLU H 439 59.71 10.70 -66.00
CA GLU H 439 60.27 11.97 -66.46
C GLU H 439 59.34 13.13 -66.07
N LEU H 440 58.06 13.01 -66.44
CA LEU H 440 57.07 14.04 -66.12
C LEU H 440 56.90 14.25 -64.60
N LEU H 441 56.82 13.14 -63.87
CA LEU H 441 56.65 13.22 -62.44
C LEU H 441 57.83 13.95 -61.81
N ILE H 442 59.05 13.62 -62.22
CA ILE H 442 60.25 14.28 -61.69
C ILE H 442 60.24 15.79 -62.04
N ASP H 443 59.79 16.11 -63.25
CA ASP H 443 59.72 17.50 -63.67
C ASP H 443 58.77 18.24 -62.72
N GLY H 444 57.58 17.67 -62.56
CA GLY H 444 56.58 18.23 -61.66
C GLY H 444 57.08 18.44 -60.24
N LEU H 445 57.73 17.42 -59.68
CA LEU H 445 58.25 17.50 -58.32
C LEU H 445 59.35 18.57 -58.23
N GLU H 446 60.17 18.71 -59.28
CA GLU H 446 61.17 19.79 -59.30
C GLU H 446 60.49 21.16 -59.25
N VAL H 447 59.47 21.36 -60.08
CA VAL H 447 58.72 22.63 -60.08
C VAL H 447 58.12 22.93 -58.70
N LEU H 448 57.54 21.90 -58.08
CA LEU H 448 56.94 22.03 -56.76
C LEU H 448 58.00 22.43 -55.74
N ALA H 449 59.09 21.67 -55.72
CA ALA H 449 60.20 21.95 -54.81
C ALA H 449 60.70 23.38 -55.01
N ALA H 450 60.85 23.81 -56.27
CA ALA H 450 61.26 25.18 -56.56
C ALA H 450 60.32 26.18 -55.92
N ALA H 451 59.01 25.95 -56.13
CA ALA H 451 57.94 26.83 -55.61
C ALA H 451 57.99 26.97 -54.08
N ILE H 452 58.18 25.87 -53.39
CA ILE H 452 58.26 25.91 -51.93
C ILE H 452 59.46 26.75 -51.49
N LYS H 453 60.64 26.46 -52.07
CA LYS H 453 61.88 27.19 -51.76
C LYS H 453 61.70 28.70 -52.09
N ALA H 454 61.04 29.00 -53.20
CA ALA H 454 60.76 30.38 -53.57
C ALA H 454 59.91 31.17 -52.57
N HIS H 455 58.96 30.53 -51.89
CA HIS H 455 58.13 31.19 -50.86
C HIS H 455 58.25 30.40 -49.57
N SER I 9 -44.33 -22.59 -1.35
CA SER I 9 -45.35 -23.46 -2.05
C SER I 9 -44.67 -24.62 -2.82
N TYR I 10 -44.90 -25.86 -2.38
CA TYR I 10 -44.25 -27.03 -3.00
C TYR I 10 -45.24 -27.93 -3.74
N ARG I 11 -44.73 -28.93 -4.45
CA ARG I 11 -45.52 -29.80 -5.31
C ARG I 11 -45.75 -31.17 -4.66
N ILE I 12 -44.73 -31.70 -4.00
CA ILE I 12 -44.84 -32.99 -3.31
C ILE I 12 -44.73 -32.78 -1.80
N GLU I 13 -45.39 -33.63 -1.02
CA GLU I 13 -45.46 -33.44 0.43
C GLU I 13 -44.04 -33.39 1.02
N GLN I 14 -43.76 -32.32 1.77
CA GLN I 14 -42.43 -32.07 2.30
C GLN I 14 -42.25 -32.69 3.68
N LYS I 15 -42.35 -34.02 3.75
CA LYS I 15 -42.12 -34.76 5.00
C LYS I 15 -41.31 -36.04 4.74
N ARG I 16 -40.42 -36.36 5.67
CA ARG I 16 -39.63 -37.60 5.57
C ARG I 16 -40.53 -38.81 5.77
N ASN I 17 -40.50 -39.79 4.83
CA ASN I 17 -41.17 -41.11 4.91
C ASN I 17 -40.19 -42.35 4.86
N GLY I 20 -41.18 -48.90 4.58
CA GLY I 20 -40.50 -50.19 4.68
C GLY I 20 -39.04 -50.26 4.23
N ALA I 21 -38.59 -51.47 3.88
CA ALA I 21 -37.19 -51.72 3.49
C ALA I 21 -36.95 -51.17 2.08
N PHE I 22 -35.74 -50.68 1.87
CA PHE I 22 -35.33 -50.19 0.55
C PHE I 22 -33.87 -50.62 0.28
N PRO I 23 -33.49 -50.74 -1.00
CA PRO I 23 -34.28 -50.44 -2.20
C PRO I 23 -35.53 -51.31 -2.29
N GLY I 24 -36.64 -50.69 -2.69
CA GLY I 24 -37.87 -51.42 -2.95
C GLY I 24 -37.84 -52.14 -4.29
N PRO I 25 -38.93 -52.85 -4.62
CA PRO I 25 -38.97 -53.71 -5.81
C PRO I 25 -38.68 -52.98 -7.11
N LYS I 26 -39.24 -51.78 -7.29
CA LYS I 26 -39.07 -51.04 -8.53
C LYS I 26 -37.64 -50.48 -8.68
N SER I 27 -37.04 -50.07 -7.56
CA SER I 27 -35.62 -49.70 -7.49
C SER I 27 -34.73 -50.90 -7.80
N GLN I 28 -34.98 -52.02 -7.13
CA GLN I 28 -34.23 -53.26 -7.42
C GLN I 28 -34.32 -53.63 -8.90
N ALA I 29 -35.49 -53.47 -9.51
CA ALA I 29 -35.67 -53.77 -10.93
C ALA I 29 -34.73 -52.92 -11.81
N LEU I 30 -34.59 -51.64 -11.44
CA LEU I 30 -33.73 -50.73 -12.18
C LEU I 30 -32.24 -51.07 -11.98
N ALA I 31 -31.85 -51.37 -10.75
CA ALA I 31 -30.50 -51.83 -10.45
C ALA I 31 -30.12 -53.03 -11.31
N GLU I 32 -31.04 -53.99 -11.42
CA GLU I 32 -30.80 -55.19 -12.24
C GLU I 32 -30.56 -54.78 -13.71
N ARG I 33 -31.38 -53.88 -14.25
CA ARG I 33 -31.19 -53.43 -15.61
C ARG I 33 -29.85 -52.73 -15.75
N ARG I 34 -29.54 -51.89 -14.76
CA ARG I 34 -28.34 -51.06 -14.75
C ARG I 34 -27.05 -51.86 -14.87
N SER I 35 -26.93 -52.91 -14.08
CA SER I 35 -25.69 -53.67 -14.03
C SER I 35 -25.34 -54.36 -15.36
N ALA I 36 -26.31 -54.48 -16.27
CA ALA I 36 -26.02 -55.05 -17.58
C ALA I 36 -25.42 -54.02 -18.54
N VAL I 37 -25.74 -52.76 -18.31
CA VAL I 37 -25.54 -51.74 -19.36
C VAL I 37 -24.65 -50.54 -18.98
N VAL I 38 -24.55 -50.22 -17.69
CA VAL I 38 -23.73 -49.12 -17.19
C VAL I 38 -22.42 -49.64 -16.57
N ALA I 39 -21.29 -48.98 -16.85
CA ALA I 39 -19.98 -49.44 -16.37
C ALA I 39 -19.98 -49.64 -14.86
N ALA I 40 -19.34 -50.73 -14.43
CA ALA I 40 -19.35 -51.15 -13.04
C ALA I 40 -18.83 -50.08 -12.11
N GLY I 41 -17.85 -49.31 -12.57
CA GLY I 41 -17.24 -48.26 -11.73
C GLY I 41 -18.15 -47.10 -11.44
N VAL I 42 -19.14 -46.87 -12.30
CA VAL I 42 -20.04 -45.77 -12.12
C VAL I 42 -21.05 -46.14 -11.02
N ALA I 43 -20.73 -45.75 -9.80
CA ALA I 43 -21.48 -46.14 -8.60
C ALA I 43 -22.31 -44.95 -8.14
N SER I 44 -23.36 -45.23 -7.37
CA SER I 44 -24.17 -44.14 -6.82
C SER I 44 -24.18 -44.25 -5.32
N GLY I 45 -24.14 -43.12 -4.64
CA GLY I 45 -24.13 -43.10 -3.19
C GLY I 45 -25.45 -43.56 -2.58
N VAL I 46 -26.52 -43.52 -3.38
CA VAL I 46 -27.87 -43.83 -2.93
C VAL I 46 -28.42 -45.01 -3.77
N PRO I 47 -28.98 -46.05 -3.12
CA PRO I 47 -29.46 -47.24 -3.85
C PRO I 47 -30.89 -47.15 -4.37
N VAL I 48 -31.59 -46.03 -4.13
CA VAL I 48 -32.98 -45.88 -4.61
C VAL I 48 -33.02 -44.95 -5.82
N TYR I 49 -34.04 -45.11 -6.66
CA TYR I 49 -34.14 -44.37 -7.92
C TYR I 49 -35.22 -43.29 -7.88
N VAL I 50 -34.87 -42.05 -8.25
CA VAL I 50 -35.79 -40.92 -8.15
C VAL I 50 -36.93 -41.03 -9.13
N GLU I 51 -38.12 -40.61 -8.70
CA GLU I 51 -39.25 -40.38 -9.59
C GLU I 51 -39.64 -38.91 -9.61
N ASP I 52 -39.58 -38.28 -8.45
CA ASP I 52 -39.75 -36.85 -8.36
C ASP I 52 -38.79 -36.25 -7.29
N ALA I 53 -38.25 -35.07 -7.57
CA ALA I 53 -37.44 -34.32 -6.59
C ALA I 53 -37.97 -32.90 -6.57
N ASP I 54 -38.29 -32.40 -5.38
CA ASP I 54 -38.95 -31.11 -5.25
C ASP I 54 -38.75 -30.60 -3.85
N GLY I 55 -38.54 -29.30 -3.74
CA GLY I 55 -38.25 -28.69 -2.45
C GLY I 55 -37.09 -29.41 -1.81
N GLY I 56 -37.33 -30.03 -0.65
CA GLY I 56 -36.30 -30.73 0.10
C GLY I 56 -36.48 -32.24 0.12
N ILE I 57 -37.24 -32.78 -0.84
CA ILE I 57 -37.51 -34.20 -0.85
C ILE I 57 -37.07 -34.86 -2.16
N ILE I 58 -36.48 -36.04 -2.03
CA ILE I 58 -36.30 -36.98 -3.14
C ILE I 58 -37.27 -38.11 -2.86
N ARG I 59 -38.26 -38.29 -3.75
CA ARG I 59 -39.20 -39.41 -3.63
C ARG I 59 -38.83 -40.48 -4.65
N ASP I 60 -38.65 -41.71 -4.19
CA ASP I 60 -38.19 -42.78 -5.06
C ASP I 60 -39.34 -43.48 -5.79
N VAL I 61 -38.99 -44.35 -6.74
CA VAL I 61 -39.97 -45.07 -7.56
C VAL I 61 -40.87 -46.02 -6.73
N ASP I 62 -40.47 -46.31 -5.49
CA ASP I 62 -41.26 -47.15 -4.59
C ASP I 62 -42.02 -46.30 -3.52
N GLY I 63 -42.14 -44.99 -3.76
CA GLY I 63 -42.92 -44.12 -2.87
C GLY I 63 -42.26 -43.61 -1.59
N ASN I 64 -40.99 -43.92 -1.36
CA ASN I 64 -40.29 -43.41 -0.18
C ASN I 64 -39.87 -41.96 -0.38
N SER I 65 -39.94 -41.17 0.69
CA SER I 65 -39.56 -39.77 0.63
C SER I 65 -38.36 -39.51 1.55
N PHE I 66 -37.23 -39.16 0.93
CA PHE I 66 -35.98 -38.87 1.65
C PHE I 66 -35.78 -37.36 1.77
N ILE I 67 -35.17 -36.92 2.88
CA ILE I 67 -34.72 -35.53 2.97
C ILE I 67 -33.44 -35.37 2.11
N ASP I 68 -33.44 -34.33 1.26
CA ASP I 68 -32.32 -34.07 0.34
C ASP I 68 -31.35 -33.03 0.92
N LEU I 69 -30.23 -33.47 1.48
CA LEU I 69 -29.25 -32.56 2.03
C LEU I 69 -28.01 -32.41 1.11
N GLY I 70 -28.17 -32.73 -0.17
CA GLY I 70 -27.09 -32.58 -1.15
C GLY I 70 -27.39 -31.75 -2.38
N SER I 71 -28.67 -31.50 -2.63
CA SER I 71 -29.12 -30.81 -3.85
C SER I 71 -28.36 -31.21 -5.12
N GLY I 72 -28.08 -32.51 -5.27
CA GLY I 72 -27.38 -33.02 -6.47
C GLY I 72 -25.94 -32.55 -6.61
N ILE I 73 -25.26 -32.44 -5.47
CA ILE I 73 -23.96 -31.76 -5.33
C ILE I 73 -24.08 -30.27 -5.67
N ALA I 74 -24.86 -29.57 -4.87
CA ALA I 74 -24.96 -28.12 -4.95
C ALA I 74 -25.48 -27.61 -6.29
N VAL I 75 -26.27 -28.42 -6.98
CA VAL I 75 -26.85 -27.99 -8.25
C VAL I 75 -28.29 -27.42 -8.15
N THR I 76 -29.19 -28.14 -7.49
CA THR I 76 -30.59 -27.75 -7.47
C THR I 76 -30.87 -26.82 -6.28
N SER I 77 -30.19 -25.66 -6.27
CA SER I 77 -30.32 -24.69 -5.17
C SER I 77 -31.72 -24.10 -5.15
N VAL I 78 -32.28 -23.85 -6.33
CA VAL I 78 -33.66 -23.38 -6.46
C VAL I 78 -34.68 -24.51 -6.27
N GLY I 79 -34.19 -25.72 -6.00
CA GLY I 79 -35.03 -26.91 -5.96
C GLY I 79 -34.99 -27.65 -7.30
N ALA I 80 -35.14 -28.97 -7.22
CA ALA I 80 -35.06 -29.84 -8.41
C ALA I 80 -36.28 -29.72 -9.34
N SER I 81 -37.26 -28.93 -8.97
CA SER I 81 -38.51 -28.83 -9.74
C SER I 81 -39.16 -27.45 -9.60
N ASP I 82 -38.37 -26.39 -9.63
CA ASP I 82 -38.90 -25.03 -9.49
C ASP I 82 -39.86 -24.73 -10.66
N PRO I 83 -41.11 -24.40 -10.34
CA PRO I 83 -42.12 -24.22 -11.37
C PRO I 83 -41.70 -23.25 -12.47
N ALA I 84 -41.01 -22.18 -12.09
CA ALA I 84 -40.55 -21.18 -13.06
C ALA I 84 -39.58 -21.82 -14.07
N VAL I 85 -38.61 -22.57 -13.53
CA VAL I 85 -37.62 -23.26 -14.34
C VAL I 85 -38.33 -24.27 -15.27
N VAL I 86 -39.24 -25.04 -14.69
CA VAL I 86 -39.97 -26.07 -15.44
C VAL I 86 -40.76 -25.45 -16.59
N ALA I 87 -41.48 -24.39 -16.27
CA ALA I 87 -42.24 -23.67 -17.27
C ALA I 87 -41.32 -23.12 -18.37
N ALA I 88 -40.19 -22.52 -17.97
CA ALA I 88 -39.27 -21.87 -18.92
C ALA I 88 -38.68 -22.88 -19.87
N VAL I 89 -38.30 -24.04 -19.33
CA VAL I 89 -37.78 -25.16 -20.12
C VAL I 89 -38.83 -25.61 -21.11
N GLN I 90 -40.04 -25.86 -20.60
CA GLN I 90 -41.14 -26.34 -21.41
C GLN I 90 -41.44 -25.40 -22.58
N GLU I 91 -41.54 -24.11 -22.31
CA GLU I 91 -41.84 -23.14 -23.37
C GLU I 91 -40.68 -23.08 -24.38
N ALA I 92 -39.44 -23.01 -23.90
CA ALA I 92 -38.28 -22.84 -24.78
C ALA I 92 -38.04 -24.05 -25.69
N ALA I 93 -38.24 -25.24 -25.14
CA ALA I 93 -38.09 -26.47 -25.90
C ALA I 93 -39.03 -26.54 -27.12
N ALA I 94 -40.23 -25.97 -26.99
CA ALA I 94 -41.23 -25.99 -28.09
C ALA I 94 -40.83 -25.12 -29.28
N HIS I 95 -39.90 -24.18 -29.08
CA HIS I 95 -39.47 -23.25 -30.14
C HIS I 95 -38.31 -23.81 -30.91
N PHE I 96 -37.27 -24.22 -30.18
CA PHE I 96 -36.10 -24.90 -30.76
C PHE I 96 -35.23 -25.43 -29.64
N THR I 97 -34.68 -26.63 -29.83
CA THR I 97 -33.84 -27.26 -28.83
C THR I 97 -32.39 -26.79 -28.91
N HIS I 98 -31.95 -26.47 -30.13
CA HIS I 98 -30.55 -26.16 -30.37
C HIS I 98 -30.36 -25.66 -31.77
N THR I 99 -29.55 -24.61 -31.92
CA THR I 99 -29.08 -24.19 -33.25
C THR I 99 -27.57 -24.03 -33.32
N CYS I 100 -26.89 -24.15 -32.17
CA CYS I 100 -25.45 -23.84 -31.99
C CYS I 100 -25.18 -22.35 -32.16
N PHE I 101 -24.99 -21.67 -31.04
CA PHE I 101 -24.79 -20.23 -31.03
C PHE I 101 -23.72 -19.75 -32.01
N MET I 102 -22.64 -20.49 -32.16
CA MET I 102 -21.61 -20.14 -33.14
C MET I 102 -22.10 -20.17 -34.59
N VAL I 103 -23.20 -20.85 -34.87
CA VAL I 103 -23.81 -20.83 -36.22
C VAL I 103 -24.92 -19.79 -36.25
N THR I 104 -26.03 -20.10 -35.59
CA THR I 104 -27.17 -19.20 -35.54
C THR I 104 -27.45 -18.79 -34.09
N PRO I 105 -27.21 -17.52 -33.75
CA PRO I 105 -27.35 -17.08 -32.38
C PRO I 105 -28.79 -16.89 -31.98
N TYR I 106 -29.02 -16.59 -30.70
CA TYR I 106 -30.36 -16.50 -30.12
C TYR I 106 -30.37 -15.70 -28.82
N GLU I 107 -31.52 -15.11 -28.50
CA GLU I 107 -31.66 -14.17 -27.37
C GLU I 107 -31.29 -14.81 -26.02
N GLY I 108 -31.70 -16.06 -25.80
CA GLY I 108 -31.41 -16.73 -24.54
C GLY I 108 -29.94 -16.60 -24.09
N TYR I 109 -29.02 -16.85 -25.01
CA TYR I 109 -27.60 -16.79 -24.72
C TYR I 109 -27.27 -15.38 -24.25
N VAL I 110 -27.66 -14.38 -25.04
CA VAL I 110 -27.34 -12.98 -24.73
C VAL I 110 -27.93 -12.61 -23.37
N ALA I 111 -29.17 -13.01 -23.14
CA ALA I 111 -29.88 -12.63 -21.93
C ALA I 111 -29.15 -13.19 -20.70
N VAL I 112 -28.76 -14.46 -20.78
CA VAL I 112 -28.04 -15.09 -19.66
C VAL I 112 -26.76 -14.31 -19.41
N THR I 113 -26.05 -14.01 -20.49
CA THR I 113 -24.82 -13.26 -20.36
C THR I 113 -25.07 -11.91 -19.66
N GLU I 114 -26.18 -11.25 -19.98
CA GLU I 114 -26.52 -9.96 -19.36
C GLU I 114 -26.67 -10.12 -17.86
N GLN I 115 -27.35 -11.18 -17.45
CA GLN I 115 -27.52 -11.44 -16.02
C GLN I 115 -26.18 -11.69 -15.33
N LEU I 116 -25.32 -12.47 -15.95
CA LEU I 116 -24.08 -12.87 -15.28
C LEU I 116 -23.17 -11.66 -15.15
N ASN I 117 -23.20 -10.81 -16.17
CA ASN I 117 -22.50 -9.54 -16.11
C ASN I 117 -22.90 -8.72 -14.89
N ARG I 118 -24.20 -8.65 -14.66
CA ARG I 118 -24.77 -7.83 -13.61
C ARG I 118 -24.52 -8.42 -12.22
N LEU I 119 -24.64 -9.73 -12.07
CA LEU I 119 -24.60 -10.35 -10.76
C LEU I 119 -23.20 -10.65 -10.24
N THR I 120 -22.21 -10.70 -11.13
CA THR I 120 -20.85 -11.01 -10.72
C THR I 120 -20.23 -9.78 -10.08
N PRO I 121 -19.20 -9.97 -9.24
CA PRO I 121 -18.57 -8.83 -8.58
C PRO I 121 -17.81 -7.93 -9.53
N GLY I 122 -17.59 -6.70 -9.08
CA GLY I 122 -16.87 -5.69 -9.82
C GLY I 122 -17.79 -4.88 -10.72
N ASP I 123 -17.42 -3.60 -10.92
CA ASP I 123 -18.17 -2.67 -11.77
C ASP I 123 -17.43 -2.39 -13.10
N HIS I 124 -16.30 -3.07 -13.32
CA HIS I 124 -15.53 -2.89 -14.55
C HIS I 124 -16.18 -3.56 -15.72
N ALA I 125 -15.64 -3.33 -16.92
CA ALA I 125 -16.16 -3.96 -18.15
C ALA I 125 -15.94 -5.49 -18.12
N LYS I 126 -17.00 -6.25 -18.27
CA LYS I 126 -16.91 -7.71 -18.25
C LYS I 126 -17.58 -8.33 -19.46
N ARG I 127 -17.15 -9.53 -19.83
CA ARG I 127 -17.80 -10.32 -20.89
C ARG I 127 -17.94 -11.76 -20.42
N THR I 128 -18.75 -12.53 -21.13
CA THR I 128 -19.09 -13.88 -20.75
C THR I 128 -19.09 -14.80 -21.97
N VAL I 129 -18.69 -16.06 -21.78
CA VAL I 129 -18.93 -17.11 -22.77
C VAL I 129 -19.54 -18.28 -22.02
N LEU I 130 -20.39 -19.04 -22.70
CA LEU I 130 -21.14 -20.16 -22.10
C LEU I 130 -20.70 -21.53 -22.65
N PHE I 131 -20.71 -22.52 -21.76
CA PHE I 131 -20.36 -23.88 -22.13
C PHE I 131 -21.33 -24.81 -21.42
N ASN I 132 -21.00 -26.07 -21.20
CA ASN I 132 -21.94 -27.01 -20.61
C ASN I 132 -21.54 -27.39 -19.19
N SER I 133 -20.32 -27.86 -19.00
CA SER I 133 -19.89 -28.42 -17.68
C SER I 133 -18.97 -27.51 -16.94
N GLY I 134 -18.85 -27.73 -15.64
CA GLY I 134 -17.88 -26.96 -14.84
C GLY I 134 -16.47 -27.15 -15.34
N ALA I 135 -16.12 -28.38 -15.64
CA ALA I 135 -14.83 -28.64 -16.19
C ALA I 135 -14.58 -27.81 -17.46
N GLU I 136 -15.58 -27.73 -18.34
CA GLU I 136 -15.40 -26.95 -19.57
C GLU I 136 -15.15 -25.47 -19.24
N ALA I 137 -15.90 -24.97 -18.26
CA ALA I 137 -15.71 -23.60 -17.78
C ALA I 137 -14.27 -23.35 -17.33
N VAL I 138 -13.73 -24.21 -16.46
CA VAL I 138 -12.36 -24.05 -15.97
C VAL I 138 -11.38 -24.15 -17.12
N GLU I 139 -11.59 -25.14 -17.99
CA GLU I 139 -10.75 -25.31 -19.17
C GLU I 139 -10.67 -24.00 -19.94
N ASN I 140 -11.81 -23.34 -20.10
CA ASN I 140 -11.86 -22.11 -20.90
C ASN I 140 -11.28 -20.90 -20.16
N ALA I 141 -11.49 -20.81 -18.85
CA ALA I 141 -10.79 -19.80 -18.03
C ALA I 141 -9.28 -19.88 -18.23
N VAL I 142 -8.74 -21.09 -18.18
CA VAL I 142 -7.32 -21.27 -18.29
C VAL I 142 -6.85 -20.94 -19.73
N LYS I 143 -7.63 -21.31 -20.74
CA LYS I 143 -7.30 -20.93 -22.13
C LYS I 143 -7.18 -19.43 -22.28
N VAL I 144 -8.12 -18.71 -21.69
CA VAL I 144 -8.15 -17.26 -21.77
C VAL I 144 -6.96 -16.67 -21.04
N ALA I 145 -6.72 -17.12 -19.82
CA ALA I 145 -5.56 -16.66 -19.05
C ALA I 145 -4.28 -16.83 -19.85
N ARG I 146 -4.14 -18.00 -20.46
CA ARG I 146 -2.92 -18.32 -21.20
C ARG I 146 -2.74 -17.46 -22.43
N LEU I 147 -3.80 -17.34 -23.22
CA LEU I 147 -3.75 -16.54 -24.42
C LEU I 147 -3.53 -15.09 -24.05
N ALA I 148 -4.34 -14.58 -23.12
CA ALA I 148 -4.31 -13.14 -22.77
C ALA I 148 -2.97 -12.71 -22.20
N THR I 149 -2.37 -13.51 -21.34
CA THR I 149 -1.11 -13.12 -20.72
C THR I 149 0.09 -13.49 -21.56
N GLY I 150 -0.08 -14.41 -22.50
CA GLY I 150 1.07 -14.99 -23.21
C GLY I 150 1.99 -15.85 -22.35
N ARG I 151 1.52 -16.30 -21.21
CA ARG I 151 2.32 -17.14 -20.30
C ARG I 151 1.74 -18.55 -20.19
N ASP I 152 2.50 -19.45 -19.57
CA ASP I 152 2.21 -20.89 -19.54
C ASP I 152 1.66 -21.38 -18.20
N ALA I 153 2.39 -21.07 -17.13
CA ALA I 153 2.17 -21.74 -15.86
C ALA I 153 0.81 -21.41 -15.28
N VAL I 154 0.14 -22.39 -14.67
CA VAL I 154 -1.05 -22.14 -13.89
C VAL I 154 -0.87 -22.71 -12.48
N VAL I 155 -1.15 -21.92 -11.43
CA VAL I 155 -1.00 -22.45 -10.11
C VAL I 155 -2.36 -22.78 -9.51
N ALA I 156 -2.44 -23.98 -8.93
CA ALA I 156 -3.58 -24.46 -8.21
C ALA I 156 -3.07 -24.89 -6.83
N PHE I 157 -4.00 -25.24 -5.95
CA PHE I 157 -3.67 -25.43 -4.54
C PHE I 157 -3.87 -26.84 -4.06
N ASP I 158 -3.24 -27.16 -2.94
CA ASP I 158 -3.63 -28.33 -2.18
C ASP I 158 -5.13 -28.33 -1.92
N HIS I 159 -5.72 -29.52 -1.91
CA HIS I 159 -7.17 -29.74 -1.65
C HIS I 159 -8.05 -29.23 -2.75
N ALA I 160 -7.47 -28.83 -3.86
CA ALA I 160 -8.27 -28.30 -4.97
C ALA I 160 -9.03 -29.40 -5.66
N TYR I 161 -10.20 -29.05 -6.18
CA TYR I 161 -10.90 -29.89 -7.16
C TYR I 161 -11.47 -29.00 -8.26
N HIS I 162 -11.21 -29.35 -9.51
CA HIS I 162 -11.65 -28.52 -10.65
C HIS I 162 -12.20 -29.28 -11.82
N GLY I 163 -12.19 -30.62 -11.77
CA GLY I 163 -12.82 -31.39 -12.85
C GLY I 163 -12.10 -32.64 -13.30
N ARG I 164 -12.73 -33.31 -14.28
CA ARG I 164 -12.35 -34.65 -14.71
C ARG I 164 -11.80 -34.76 -16.14
N THR I 165 -11.64 -33.64 -16.83
CA THR I 165 -10.90 -33.62 -18.08
C THR I 165 -9.41 -33.69 -17.74
N ASN I 166 -8.55 -33.93 -18.73
CA ASN I 166 -7.14 -34.09 -18.44
C ASN I 166 -6.55 -32.91 -17.69
N LEU I 167 -6.81 -31.70 -18.18
CA LEU I 167 -6.27 -30.47 -17.52
C LEU I 167 -6.91 -30.25 -16.16
N THR I 168 -8.22 -30.49 -16.04
CA THR I 168 -8.87 -30.20 -14.77
C THR I 168 -8.51 -31.28 -13.73
N MET I 169 -8.22 -32.48 -14.20
CA MET I 169 -7.57 -33.49 -13.37
C MET I 169 -6.20 -32.98 -12.92
N ALA I 170 -5.41 -32.48 -13.87
CA ALA I 170 -4.10 -31.93 -13.55
C ALA I 170 -4.24 -30.86 -12.48
N LEU I 171 -5.25 -30.00 -12.60
CA LEU I 171 -5.48 -28.96 -11.60
C LEU I 171 -5.96 -29.52 -10.27
N THR I 172 -6.65 -30.65 -10.30
CA THR I 172 -7.19 -31.29 -9.09
C THR I 172 -6.12 -31.94 -8.24
N ALA I 173 -6.21 -31.78 -6.93
CA ALA I 173 -5.16 -32.29 -6.00
C ALA I 173 -5.29 -33.76 -5.72
N LYS I 174 -6.48 -34.21 -5.37
CA LYS I 174 -6.67 -35.59 -4.88
C LYS I 174 -6.67 -36.61 -6.01
N ALA I 175 -5.88 -37.67 -5.85
CA ALA I 175 -5.67 -38.65 -6.92
C ALA I 175 -6.74 -39.73 -6.96
N MET I 176 -7.24 -40.15 -5.79
CA MET I 176 -8.30 -41.17 -5.76
C MET I 176 -9.67 -40.56 -5.50
N PRO I 177 -10.64 -40.77 -6.41
CA PRO I 177 -10.62 -41.59 -7.63
C PRO I 177 -10.37 -40.80 -8.90
N TYR I 178 -10.09 -39.51 -8.77
CA TYR I 178 -10.21 -38.60 -9.92
C TYR I 178 -9.06 -38.68 -10.94
N LYS I 179 -7.91 -39.19 -10.53
CA LYS I 179 -6.72 -39.14 -11.38
C LYS I 179 -6.04 -40.48 -11.66
N THR I 180 -6.11 -41.43 -10.72
CA THR I 180 -5.33 -42.67 -10.80
C THR I 180 -5.44 -43.33 -12.16
N ASN I 181 -4.29 -43.53 -12.78
CA ASN I 181 -4.17 -44.21 -14.09
C ASN I 181 -4.77 -43.48 -15.29
N PHE I 182 -5.19 -42.22 -15.12
CA PHE I 182 -5.74 -41.43 -16.24
C PHE I 182 -4.74 -40.49 -16.93
N GLY I 183 -3.50 -40.42 -16.45
CA GLY I 183 -2.51 -39.49 -17.01
C GLY I 183 -1.84 -40.10 -18.22
N PRO I 184 -0.74 -39.49 -18.68
CA PRO I 184 -0.08 -38.29 -18.16
C PRO I 184 -0.89 -37.01 -18.29
N PHE I 185 -0.68 -36.10 -17.35
CA PHE I 185 -1.51 -34.91 -17.23
C PHE I 185 -0.94 -33.68 -17.93
N ALA I 186 -1.84 -32.76 -18.25
CA ALA I 186 -1.51 -31.54 -18.93
C ALA I 186 -0.32 -30.85 -18.22
N PRO I 187 0.66 -30.36 -18.99
CA PRO I 187 1.84 -29.73 -18.38
C PRO I 187 1.68 -28.26 -17.88
N GLU I 188 2.71 -27.83 -17.16
CA GLU I 188 2.82 -26.50 -16.57
C GLU I 188 1.67 -26.16 -15.59
N VAL I 189 1.32 -27.12 -14.74
CA VAL I 189 0.48 -26.89 -13.58
C VAL I 189 1.31 -27.04 -12.30
N TYR I 190 1.21 -26.10 -11.37
CA TYR I 190 2.01 -26.12 -10.19
C TYR I 190 1.12 -26.07 -8.97
N ARG I 191 1.50 -26.78 -7.91
CA ARG I 191 0.64 -26.82 -6.75
C ARG I 191 1.26 -26.07 -5.57
N MET I 192 0.43 -25.29 -4.89
CA MET I 192 0.88 -24.44 -3.81
C MET I 192 0.03 -24.68 -2.55
N PRO I 193 0.58 -24.37 -1.39
CA PRO I 193 -0.13 -24.64 -0.14
C PRO I 193 -1.32 -23.73 0.09
N MET I 194 -2.34 -24.29 0.69
CA MET I 194 -3.62 -23.67 0.93
C MET I 194 -3.67 -23.15 2.36
N SER I 195 -4.54 -22.19 2.61
CA SER I 195 -4.83 -21.78 3.97
C SER I 195 -5.90 -22.72 4.46
N TYR I 196 -5.53 -23.64 5.33
CA TYR I 196 -6.43 -24.67 5.87
C TYR I 196 -6.28 -24.63 7.39
N PRO I 197 -6.95 -23.67 8.04
CA PRO I 197 -6.74 -23.32 9.44
C PRO I 197 -6.69 -24.51 10.38
N PHE I 198 -7.64 -25.43 10.22
CA PHE I 198 -7.77 -26.55 11.14
C PHE I 198 -6.56 -27.49 11.14
N ARG I 199 -5.80 -27.53 10.04
CA ARG I 199 -4.64 -28.40 9.96
C ARG I 199 -3.30 -27.70 9.74
N GLU I 200 -3.26 -26.40 10.03
CA GLU I 200 -1.99 -25.67 9.87
C GLU I 200 -1.01 -26.16 10.90
N GLU I 201 0.25 -26.34 10.49
CA GLU I 201 1.28 -26.80 11.39
C GLU I 201 1.54 -25.76 12.45
N ASN I 202 1.37 -24.50 12.10
CA ASN I 202 1.37 -23.41 13.08
C ASN I 202 -0.05 -22.87 13.20
N PRO I 203 -0.76 -23.25 14.27
CA PRO I 203 -2.20 -22.90 14.38
C PRO I 203 -2.45 -21.40 14.44
N GLU I 204 -1.44 -20.61 14.79
CA GLU I 204 -1.59 -19.14 14.86
C GLU I 204 -1.43 -18.38 13.51
N ILE I 205 -1.10 -19.09 12.44
CA ILE I 205 -0.83 -18.45 11.16
C ILE I 205 -2.04 -17.67 10.67
N THR I 206 -1.81 -16.43 10.21
CA THR I 206 -2.91 -15.59 9.69
C THR I 206 -3.06 -15.80 8.19
N GLY I 207 -4.18 -15.37 7.66
CA GLY I 207 -4.45 -15.46 6.24
C GLY I 207 -3.38 -14.77 5.42
N ALA I 208 -3.01 -13.55 5.84
CA ALA I 208 -1.96 -12.80 5.17
C ALA I 208 -0.68 -13.60 5.12
N GLU I 209 -0.32 -14.22 6.22
CA GLU I 209 0.91 -14.99 6.32
C GLU I 209 0.85 -16.24 5.44
N ALA I 210 -0.33 -16.85 5.38
CA ALA I 210 -0.53 -18.00 4.53
C ALA I 210 -0.35 -17.61 3.07
N ALA I 211 -0.84 -16.44 2.70
CA ALA I 211 -0.71 -15.97 1.33
C ALA I 211 0.73 -15.69 1.01
N LYS I 212 1.44 -15.09 1.95
CA LYS I 212 2.84 -14.77 1.73
C LYS I 212 3.62 -16.07 1.47
N ARG I 213 3.27 -17.12 2.22
CA ARG I 213 3.92 -18.44 2.06
C ARG I 213 3.72 -18.95 0.65
N ALA I 214 2.48 -18.89 0.17
CA ALA I 214 2.16 -19.30 -1.20
C ALA I 214 2.91 -18.42 -2.21
N ILE I 215 2.82 -17.11 -2.01
CA ILE I 215 3.44 -16.17 -2.93
C ILE I 215 4.97 -16.34 -3.02
N THR I 216 5.65 -16.49 -1.88
CA THR I 216 7.11 -16.67 -1.92
C THR I 216 7.46 -17.93 -2.68
N MET I 217 6.67 -18.97 -2.46
CA MET I 217 6.91 -20.24 -3.11
C MET I 217 6.69 -20.12 -4.61
N ILE I 218 5.63 -19.42 -5.02
CA ILE I 218 5.35 -19.25 -6.44
C ILE I 218 6.50 -18.50 -7.08
N GLU I 219 6.98 -17.50 -6.36
CA GLU I 219 7.99 -16.63 -6.89
C GLU I 219 9.31 -17.38 -7.03
N LYS I 220 9.68 -18.14 -6.00
CA LYS I 220 10.93 -18.93 -6.06
C LYS I 220 10.87 -20.09 -7.04
N GLN I 221 9.70 -20.70 -7.21
CA GLN I 221 9.61 -21.94 -8.02
C GLN I 221 9.07 -21.78 -9.44
N ILE I 222 8.48 -20.62 -9.73
CA ILE I 222 8.00 -20.31 -11.09
C ILE I 222 8.46 -18.92 -11.52
N GLY I 223 8.16 -17.94 -10.66
CA GLY I 223 8.37 -16.52 -10.95
C GLY I 223 7.03 -15.91 -11.34
N GLY I 224 6.64 -14.85 -10.63
CA GLY I 224 5.34 -14.20 -10.87
C GLY I 224 5.08 -13.83 -12.32
N ASP I 225 6.12 -13.40 -13.03
CA ASP I 225 5.95 -12.94 -14.41
C ASP I 225 5.86 -14.10 -15.42
N GLN I 226 5.89 -15.34 -14.90
CA GLN I 226 5.72 -16.56 -15.69
C GLN I 226 4.38 -17.23 -15.49
N VAL I 227 3.57 -16.76 -14.54
CA VAL I 227 2.32 -17.40 -14.21
C VAL I 227 1.17 -16.76 -14.99
N ALA I 228 0.41 -17.56 -15.74
CA ALA I 228 -0.75 -17.07 -16.47
C ALA I 228 -1.87 -16.83 -15.55
N ALA I 229 -2.08 -17.76 -14.63
CA ALA I 229 -3.27 -17.73 -13.75
C ALA I 229 -3.01 -18.33 -12.41
N ILE I 230 -3.67 -17.79 -11.38
CA ILE I 230 -3.85 -18.49 -10.10
C ILE I 230 -5.31 -18.86 -10.10
N ILE I 231 -5.62 -20.14 -9.87
CA ILE I 231 -7.01 -20.59 -9.79
C ILE I 231 -7.31 -21.15 -8.40
N ILE I 232 -8.37 -20.67 -7.78
CA ILE I 232 -8.69 -21.13 -6.43
C ILE I 232 -10.20 -21.08 -6.18
N GLU I 233 -10.67 -22.07 -5.43
CA GLU I 233 -12.05 -22.11 -4.99
C GLU I 233 -12.12 -21.33 -3.69
N PRO I 234 -12.99 -20.32 -3.63
CA PRO I 234 -13.06 -19.46 -2.46
C PRO I 234 -13.39 -20.29 -1.23
N ILE I 235 -14.25 -21.28 -1.40
CA ILE I 235 -14.39 -22.35 -0.44
C ILE I 235 -14.15 -23.63 -1.21
N GLN I 236 -13.14 -24.39 -0.79
CA GLN I 236 -12.79 -25.62 -1.49
C GLN I 236 -13.86 -26.66 -1.22
N GLY I 237 -14.47 -27.18 -2.27
CA GLY I 237 -15.61 -28.11 -2.14
C GLY I 237 -15.21 -29.54 -1.79
N GLU I 238 -14.91 -30.32 -2.83
CA GLU I 238 -14.52 -31.71 -2.64
C GLU I 238 -13.34 -31.83 -1.68
N GLY I 239 -12.49 -30.82 -1.59
CA GLY I 239 -11.36 -30.84 -0.65
C GLY I 239 -11.78 -30.85 0.80
N GLY I 240 -13.03 -30.45 1.06
CA GLY I 240 -13.62 -30.56 2.39
C GLY I 240 -14.24 -29.28 2.93
N PHE I 241 -14.80 -28.46 2.05
CA PHE I 241 -15.36 -27.18 2.43
C PHE I 241 -14.35 -26.40 3.26
N ILE I 242 -13.11 -26.32 2.77
CA ILE I 242 -12.05 -25.59 3.48
C ILE I 242 -12.25 -24.11 3.19
N VAL I 243 -12.41 -23.32 4.25
CA VAL I 243 -12.51 -21.90 4.13
C VAL I 243 -11.18 -21.32 4.57
N PRO I 244 -10.52 -20.54 3.70
CA PRO I 244 -9.25 -19.97 4.05
C PRO I 244 -9.36 -18.92 5.15
N ALA I 245 -8.28 -18.72 5.91
CA ALA I 245 -8.27 -17.64 6.91
C ALA I 245 -8.53 -16.27 6.26
N GLU I 246 -9.18 -15.38 7.01
CA GLU I 246 -9.45 -14.00 6.55
C GLU I 246 -8.13 -13.36 6.13
N GLY I 247 -8.14 -12.72 4.97
CA GLY I 247 -6.97 -12.04 4.44
C GLY I 247 -6.14 -12.77 3.39
N PHE I 248 -6.39 -14.06 3.25
CA PHE I 248 -5.68 -14.91 2.29
C PHE I 248 -6.07 -14.55 0.87
N LEU I 249 -7.35 -14.66 0.55
CA LEU I 249 -7.82 -14.37 -0.82
C LEU I 249 -7.46 -12.96 -1.30
N PRO I 250 -7.74 -11.93 -0.49
CA PRO I 250 -7.35 -10.58 -0.96
C PRO I 250 -5.86 -10.44 -1.23
N ALA I 251 -5.04 -11.05 -0.38
CA ALA I 251 -3.58 -10.99 -0.56
C ALA I 251 -3.19 -11.61 -1.91
N LEU I 252 -3.77 -12.75 -2.22
CA LEU I 252 -3.49 -13.39 -3.52
C LEU I 252 -4.02 -12.51 -4.66
N SER I 253 -5.20 -11.94 -4.48
CA SER I 253 -5.77 -11.12 -5.52
C SER I 253 -4.88 -9.93 -5.81
N GLU I 254 -4.41 -9.27 -4.75
CA GLU I 254 -3.64 -8.05 -4.88
C GLU I 254 -2.33 -8.36 -5.60
N TRP I 255 -1.69 -9.45 -5.20
CA TRP I 255 -0.42 -9.85 -5.78
C TRP I 255 -0.57 -10.23 -7.23
N ALA I 256 -1.64 -10.95 -7.54
CA ALA I 256 -1.90 -11.31 -8.92
C ALA I 256 -2.02 -10.06 -9.78
N LYS I 257 -2.75 -9.05 -9.31
CA LYS I 257 -2.86 -7.80 -10.04
C LYS I 257 -1.49 -7.19 -10.27
N GLU I 258 -0.68 -7.17 -9.23
CA GLU I 258 0.62 -6.59 -9.35
C GLU I 258 1.46 -7.28 -10.41
N LYS I 259 1.35 -8.60 -10.51
CA LYS I 259 2.25 -9.36 -11.36
C LYS I 259 1.64 -9.67 -12.72
N GLY I 260 0.44 -9.17 -12.96
CA GLY I 260 -0.21 -9.35 -14.27
C GLY I 260 -0.78 -10.72 -14.47
N ILE I 261 -1.04 -11.40 -13.37
CA ILE I 261 -1.51 -12.78 -13.37
C ILE I 261 -3.01 -12.78 -13.30
N VAL I 262 -3.68 -13.56 -14.15
CA VAL I 262 -5.14 -13.68 -14.10
C VAL I 262 -5.54 -14.45 -12.84
N PHE I 263 -6.41 -13.84 -12.02
CA PHE I 263 -6.89 -14.49 -10.82
C PHE I 263 -8.24 -15.09 -11.15
N ILE I 264 -8.31 -16.43 -11.16
CA ILE I 264 -9.55 -17.15 -11.47
C ILE I 264 -10.21 -17.68 -10.20
N ALA I 265 -11.42 -17.22 -9.90
CA ALA I 265 -12.19 -17.79 -8.80
C ALA I 265 -13.06 -18.91 -9.35
N ASP I 266 -12.91 -20.12 -8.82
CA ASP I 266 -13.73 -21.22 -9.27
C ASP I 266 -14.94 -21.28 -8.38
N GLU I 267 -16.03 -20.71 -8.86
CA GLU I 267 -17.27 -20.62 -8.09
C GLU I 267 -18.32 -21.59 -8.62
N VAL I 268 -17.87 -22.72 -9.15
CA VAL I 268 -18.77 -23.73 -9.72
C VAL I 268 -19.68 -24.32 -8.65
N GLN I 269 -19.12 -24.66 -7.50
CA GLN I 269 -19.91 -25.19 -6.39
C GLN I 269 -20.44 -24.08 -5.49
N SER I 270 -19.64 -23.02 -5.25
CA SER I 270 -19.97 -21.98 -4.26
C SER I 270 -20.82 -20.85 -4.80
N GLY I 271 -20.99 -20.79 -6.12
CA GLY I 271 -21.68 -19.67 -6.76
C GLY I 271 -23.18 -19.73 -6.69
N PHE I 272 -23.80 -18.59 -6.97
CA PHE I 272 -25.28 -18.44 -6.99
C PHE I 272 -25.99 -18.70 -5.67
N CYS I 273 -25.68 -17.84 -4.70
CA CYS I 273 -26.42 -17.72 -3.43
C CYS I 273 -26.09 -18.83 -2.43
N ARG I 274 -25.40 -19.86 -2.89
CA ARG I 274 -25.06 -21.00 -2.05
C ARG I 274 -24.48 -20.60 -0.70
N THR I 275 -23.64 -19.56 -0.67
CA THR I 275 -22.91 -19.21 0.57
C THR I 275 -23.55 -18.05 1.34
N GLY I 276 -24.69 -17.56 0.85
CA GLY I 276 -25.35 -16.43 1.49
C GLY I 276 -25.12 -15.14 0.74
N GLU I 277 -24.16 -15.14 -0.18
CA GLU I 277 -23.97 -14.05 -1.11
C GLU I 277 -24.07 -14.60 -2.51
N TRP I 278 -24.22 -13.72 -3.50
CA TRP I 278 -24.21 -14.19 -4.87
C TRP I 278 -23.03 -15.06 -5.17
N PHE I 279 -21.85 -14.64 -4.73
CA PHE I 279 -20.64 -15.43 -4.91
C PHE I 279 -19.79 -15.43 -3.65
N ALA I 280 -19.10 -16.53 -3.43
CA ALA I 280 -18.34 -16.73 -2.21
C ALA I 280 -17.28 -15.65 -2.01
N VAL I 281 -16.72 -15.16 -3.12
CA VAL I 281 -15.74 -14.09 -3.04
C VAL I 281 -16.33 -12.79 -2.42
N ASP I 282 -17.65 -12.65 -2.46
CA ASP I 282 -18.31 -11.46 -1.91
C ASP I 282 -18.18 -11.35 -0.38
N HIS I 283 -17.99 -12.46 0.30
CA HIS I 283 -17.72 -12.42 1.74
C HIS I 283 -16.59 -11.49 2.06
N GLU I 284 -15.54 -11.50 1.25
CA GLU I 284 -14.36 -10.65 1.50
C GLU I 284 -14.20 -9.54 0.48
N GLY I 285 -15.17 -9.37 -0.41
CA GLY I 285 -15.09 -8.36 -1.46
C GLY I 285 -13.96 -8.52 -2.46
N VAL I 286 -13.47 -9.75 -2.63
CA VAL I 286 -12.50 -10.04 -3.67
C VAL I 286 -13.17 -9.97 -5.04
N VAL I 287 -12.51 -9.30 -5.97
CA VAL I 287 -13.01 -9.16 -7.32
C VAL I 287 -12.09 -9.90 -8.28
N PRO I 288 -12.48 -11.11 -8.68
CA PRO I 288 -11.68 -11.91 -9.59
C PRO I 288 -11.60 -11.37 -11.00
N ASP I 289 -10.53 -11.72 -11.70
CA ASP I 289 -10.36 -11.39 -13.11
C ASP I 289 -11.25 -12.27 -14.01
N ILE I 290 -11.37 -13.54 -13.67
CA ILE I 290 -12.34 -14.43 -14.31
C ILE I 290 -12.98 -15.29 -13.23
N ILE I 291 -14.27 -15.56 -13.39
CA ILE I 291 -14.92 -16.48 -12.49
C ILE I 291 -15.61 -17.58 -13.27
N THR I 292 -15.43 -18.82 -12.82
CA THR I 292 -16.00 -19.99 -13.47
C THR I 292 -17.26 -20.41 -12.75
N MET I 293 -18.31 -20.70 -13.53
CA MET I 293 -19.62 -21.05 -12.96
C MET I 293 -20.25 -22.25 -13.66
N ALA I 294 -21.00 -23.04 -12.88
CA ALA I 294 -21.88 -24.08 -13.40
C ALA I 294 -22.93 -24.43 -12.34
N LYS I 295 -23.26 -25.71 -12.21
CA LYS I 295 -24.15 -26.21 -11.16
C LYS I 295 -25.45 -25.38 -10.98
N GLY I 296 -25.47 -24.49 -9.98
CA GLY I 296 -26.69 -23.76 -9.62
C GLY I 296 -27.24 -22.84 -10.70
N ILE I 297 -26.38 -22.44 -11.62
CA ILE I 297 -26.72 -21.46 -12.64
C ILE I 297 -28.04 -21.73 -13.36
N ALA I 298 -28.34 -23.00 -13.66
CA ALA I 298 -29.47 -23.28 -14.52
C ALA I 298 -30.42 -24.34 -13.91
N GLY I 299 -30.50 -24.32 -12.59
CA GLY I 299 -31.52 -25.08 -11.87
C GLY I 299 -31.56 -26.54 -12.23
N GLY I 300 -30.41 -27.08 -12.67
CA GLY I 300 -30.32 -28.49 -13.01
C GLY I 300 -30.10 -28.77 -14.49
N LEU I 301 -30.38 -27.81 -15.35
CA LEU I 301 -30.07 -28.01 -16.74
C LEU I 301 -28.55 -27.83 -16.95
N PRO I 302 -27.99 -28.44 -18.01
CA PRO I 302 -26.55 -28.40 -18.20
C PRO I 302 -26.09 -27.11 -18.83
N LEU I 303 -25.53 -26.24 -18.00
CA LEU I 303 -24.98 -24.97 -18.45
C LEU I 303 -23.83 -24.60 -17.53
N SER I 304 -22.84 -23.94 -18.12
CA SER I 304 -21.69 -23.43 -17.38
C SER I 304 -21.22 -22.15 -18.06
N ALA I 305 -20.37 -21.38 -17.37
CA ALA I 305 -19.96 -20.09 -17.88
C ALA I 305 -18.63 -19.65 -17.34
N ILE I 306 -17.96 -18.80 -18.11
CA ILE I 306 -16.91 -17.93 -17.56
C ILE I 306 -17.33 -16.47 -17.76
N THR I 307 -17.14 -15.64 -16.74
CA THR I 307 -17.38 -14.18 -16.84
C THR I 307 -16.16 -13.50 -16.28
N GLY I 308 -15.56 -12.61 -17.06
CA GLY I 308 -14.32 -11.94 -16.66
C GLY I 308 -14.02 -10.65 -17.38
N ARG I 309 -12.92 -10.02 -17.02
CA ARG I 309 -12.51 -8.76 -17.62
C ARG I 309 -12.65 -8.78 -19.12
N ALA I 310 -13.28 -7.75 -19.67
CA ALA I 310 -13.46 -7.65 -21.11
C ALA I 310 -12.12 -7.72 -21.84
N ASP I 311 -11.11 -7.05 -21.32
CA ASP I 311 -9.82 -7.02 -22.01
C ASP I 311 -9.20 -8.42 -22.12
N LEU I 312 -9.45 -9.27 -21.12
CA LEU I 312 -8.94 -10.65 -21.15
C LEU I 312 -9.76 -11.47 -22.16
N LEU I 313 -11.07 -11.55 -21.94
CA LEU I 313 -11.91 -12.33 -22.85
C LEU I 313 -11.88 -11.85 -24.30
N ASP I 314 -11.83 -10.55 -24.52
CA ASP I 314 -11.85 -10.05 -25.90
C ASP I 314 -10.52 -10.28 -26.59
N ALA I 315 -9.48 -10.64 -25.84
CA ALA I 315 -8.16 -10.91 -26.43
C ALA I 315 -8.19 -12.16 -27.33
N VAL I 316 -9.10 -13.08 -27.03
CA VAL I 316 -9.15 -14.32 -27.76
C VAL I 316 -9.64 -14.09 -29.19
N HIS I 317 -8.91 -14.65 -30.15
CA HIS I 317 -9.20 -14.53 -31.58
C HIS I 317 -10.55 -15.14 -31.93
N PRO I 318 -11.14 -14.71 -33.05
CA PRO I 318 -12.42 -15.24 -33.48
C PRO I 318 -12.43 -16.76 -33.54
N GLY I 319 -13.45 -17.36 -32.93
CA GLY I 319 -13.63 -18.80 -32.95
C GLY I 319 -12.70 -19.59 -32.07
N GLY I 320 -11.96 -18.90 -31.20
CA GLY I 320 -11.02 -19.56 -30.31
C GLY I 320 -11.68 -20.28 -29.16
N LEU I 321 -12.81 -19.77 -28.69
CA LEU I 321 -13.58 -20.43 -27.63
C LEU I 321 -14.91 -20.88 -28.19
N GLY I 322 -15.38 -22.05 -27.76
CA GLY I 322 -16.72 -22.49 -28.09
C GLY I 322 -16.99 -23.96 -27.82
N GLY I 323 -17.75 -24.57 -28.71
CA GLY I 323 -18.32 -25.89 -28.50
C GLY I 323 -19.67 -26.01 -29.19
N THR I 324 -20.23 -27.21 -29.26
CA THR I 324 -21.46 -27.45 -30.00
C THR I 324 -22.66 -27.02 -29.17
N TYR I 325 -22.86 -27.74 -28.06
CA TYR I 325 -24.01 -27.54 -27.21
C TYR I 325 -24.00 -26.22 -26.40
N GLY I 326 -22.81 -25.67 -26.18
CA GLY I 326 -22.62 -24.60 -25.20
C GLY I 326 -23.62 -23.47 -25.24
N GLY I 327 -24.15 -23.10 -24.08
CA GLY I 327 -25.18 -22.07 -24.00
C GLY I 327 -26.48 -22.54 -24.63
N ASN I 328 -26.84 -23.77 -24.34
CA ASN I 328 -28.03 -24.33 -24.92
C ASN I 328 -29.28 -23.51 -24.55
N PRO I 329 -30.17 -23.26 -25.52
CA PRO I 329 -31.31 -22.37 -25.32
C PRO I 329 -32.30 -22.83 -24.26
N VAL I 330 -32.52 -24.12 -24.17
CA VAL I 330 -33.39 -24.62 -23.11
C VAL I 330 -32.70 -24.38 -21.77
N ALA I 331 -31.40 -24.66 -21.71
CA ALA I 331 -30.61 -24.45 -20.50
C ALA I 331 -30.60 -22.96 -20.11
N CYS I 332 -30.54 -22.09 -21.12
CA CYS I 332 -30.56 -20.67 -20.90
C CYS I 332 -31.89 -20.24 -20.30
N ALA I 333 -32.99 -20.71 -20.87
CA ALA I 333 -34.30 -20.39 -20.31
C ALA I 333 -34.32 -20.81 -18.86
N ALA I 334 -33.81 -22.01 -18.58
CA ALA I 334 -33.76 -22.50 -17.20
C ALA I 334 -32.99 -21.54 -16.31
N ALA I 335 -31.85 -21.06 -16.81
CA ALA I 335 -30.99 -20.20 -16.00
C ALA I 335 -31.67 -18.86 -15.69
N LEU I 336 -32.26 -18.23 -16.71
CA LEU I 336 -32.94 -16.97 -16.51
C LEU I 336 -34.02 -17.11 -15.45
N ALA I 337 -34.79 -18.18 -15.54
CA ALA I 337 -35.82 -18.47 -14.53
C ALA I 337 -35.18 -18.75 -13.17
N ALA I 338 -34.09 -19.52 -13.16
CA ALA I 338 -33.44 -19.89 -11.90
C ALA I 338 -32.91 -18.65 -11.16
N ILE I 339 -32.24 -17.79 -11.89
CA ILE I 339 -31.73 -16.55 -11.33
C ILE I 339 -32.88 -15.68 -10.83
N ASP I 340 -33.96 -15.65 -11.62
CA ASP I 340 -35.15 -14.92 -11.25
C ASP I 340 -35.71 -15.42 -9.90
N THR I 341 -35.83 -16.74 -9.74
CA THR I 341 -36.25 -17.30 -8.47
C THR I 341 -35.29 -16.92 -7.33
N MET I 342 -33.99 -16.92 -7.59
CA MET I 342 -33.02 -16.56 -6.55
C MET I 342 -33.29 -15.15 -6.02
N GLU I 343 -33.66 -14.23 -6.91
CA GLU I 343 -33.99 -12.85 -6.55
C GLU I 343 -35.37 -12.75 -5.90
N GLN I 344 -36.41 -13.16 -6.62
CA GLN I 344 -37.80 -13.08 -6.11
C GLN I 344 -37.94 -13.70 -4.70
N HIS I 345 -37.30 -14.81 -4.41
CA HIS I 345 -37.42 -15.43 -3.07
C HIS I 345 -36.24 -15.22 -2.16
N ASP I 346 -35.36 -14.26 -2.50
CA ASP I 346 -34.21 -13.91 -1.64
C ASP I 346 -33.45 -15.14 -1.13
N LEU I 347 -32.92 -15.95 -2.04
CA LEU I 347 -32.26 -17.17 -1.61
C LEU I 347 -30.95 -16.89 -0.89
N ASN I 348 -30.33 -15.74 -1.17
CA ASN I 348 -29.20 -15.30 -0.33
C ASN I 348 -29.62 -15.28 1.14
N GLY I 349 -30.76 -14.65 1.41
CA GLY I 349 -31.35 -14.60 2.74
C GLY I 349 -31.69 -15.98 3.27
N ARG I 350 -32.30 -16.82 2.45
CA ARG I 350 -32.61 -18.17 2.88
C ARG I 350 -31.33 -18.93 3.27
N ALA I 351 -30.27 -18.70 2.50
CA ALA I 351 -28.99 -19.34 2.75
C ALA I 351 -28.44 -18.90 4.10
N ARG I 352 -28.52 -17.59 4.36
CA ARG I 352 -28.00 -17.04 5.62
C ARG I 352 -28.78 -17.60 6.78
N HIS I 353 -30.08 -17.79 6.57
CA HIS I 353 -30.93 -18.35 7.61
C HIS I 353 -30.58 -19.80 7.89
N ILE I 354 -30.37 -20.59 6.82
CA ILE I 354 -29.89 -21.96 6.94
C ILE I 354 -28.58 -22.06 7.76
N GLU I 355 -27.66 -21.13 7.50
CA GLU I 355 -26.41 -21.10 8.24
C GLU I 355 -26.69 -20.97 9.73
N GLU I 356 -27.60 -20.07 10.10
CA GLU I 356 -27.92 -19.79 11.53
C GLU I 356 -28.48 -21.05 12.18
N LEU I 357 -29.52 -21.63 11.56
CA LEU I 357 -30.14 -22.87 12.03
C LEU I 357 -29.14 -24.02 12.18
N ALA I 358 -28.40 -24.28 11.10
CA ALA I 358 -27.56 -25.46 11.02
C ALA I 358 -26.33 -25.35 11.89
N LEU I 359 -25.65 -24.20 11.86
CA LEU I 359 -24.47 -23.99 12.73
C LEU I 359 -24.90 -24.02 14.20
N GLY I 360 -26.11 -23.53 14.47
CA GLY I 360 -26.69 -23.67 15.81
C GLY I 360 -26.73 -25.12 16.27
N LYS I 361 -27.42 -25.97 15.51
CA LYS I 361 -27.64 -27.37 15.91
C LYS I 361 -26.31 -28.12 15.94
N LEU I 362 -25.42 -27.80 15.00
CA LEU I 362 -24.11 -28.45 14.96
C LEU I 362 -23.24 -28.06 16.14
N ARG I 363 -23.27 -26.80 16.52
CA ARG I 363 -22.49 -26.38 17.71
C ARG I 363 -23.04 -26.95 19.03
N GLU I 364 -24.37 -27.10 19.12
CA GLU I 364 -24.98 -27.78 20.28
C GLU I 364 -24.38 -29.17 20.39
N LEU I 365 -24.36 -29.88 19.26
CA LEU I 365 -23.77 -31.20 19.20
C LEU I 365 -22.30 -31.18 19.64
N ALA I 366 -21.53 -30.20 19.15
CA ALA I 366 -20.11 -30.14 19.56
C ALA I 366 -19.99 -30.06 21.08
N ALA I 367 -20.92 -29.35 21.71
CA ALA I 367 -20.86 -29.08 23.14
C ALA I 367 -21.12 -30.37 23.98
N GLU I 368 -21.88 -31.33 23.44
CA GLU I 368 -22.11 -32.61 24.12
C GLU I 368 -20.96 -33.63 24.00
N SER I 375 -13.88 -36.56 22.26
CA SER I 375 -14.67 -35.85 21.24
C SER I 375 -14.27 -36.11 19.79
N VAL I 376 -15.30 -36.17 18.95
CA VAL I 376 -15.19 -36.66 17.61
C VAL I 376 -15.42 -35.52 16.59
N VAL I 377 -15.89 -34.36 17.07
CA VAL I 377 -16.16 -33.20 16.20
C VAL I 377 -14.94 -32.30 16.18
N GLY I 378 -14.19 -32.38 15.09
CA GLY I 378 -12.96 -31.62 14.94
C GLY I 378 -13.19 -30.16 14.60
N ASP I 379 -14.07 -29.88 13.63
CA ASP I 379 -14.19 -28.52 13.11
C ASP I 379 -15.51 -28.35 12.40
N ILE I 380 -16.18 -27.23 12.68
CA ILE I 380 -17.42 -26.87 12.02
C ILE I 380 -17.13 -25.61 11.23
N ARG I 381 -17.50 -25.59 9.96
CA ARG I 381 -17.09 -24.48 9.07
C ARG I 381 -17.96 -24.39 7.84
N GLY I 382 -17.84 -23.30 7.12
CA GLY I 382 -18.67 -23.04 5.96
C GLY I 382 -19.44 -21.75 6.08
N ARG I 383 -20.23 -21.45 5.07
CA ARG I 383 -21.09 -20.28 5.08
C ARG I 383 -22.35 -20.60 4.34
N GLY I 384 -23.45 -19.98 4.73
CA GLY I 384 -24.72 -20.16 4.06
C GLY I 384 -25.19 -21.60 4.06
N ALA I 385 -25.60 -22.06 2.88
CA ALA I 385 -26.04 -23.44 2.68
C ALA I 385 -24.91 -24.32 2.14
N MET I 386 -23.68 -23.94 2.48
CA MET I 386 -22.47 -24.72 2.16
C MET I 386 -21.69 -24.88 3.45
N LEU I 387 -22.08 -25.87 4.25
CA LEU I 387 -21.61 -26.00 5.62
C LEU I 387 -21.05 -27.44 5.79
N ALA I 388 -20.14 -27.62 6.75
CA ALA I 388 -19.50 -28.89 6.93
C ALA I 388 -19.04 -29.12 8.36
N ILE I 389 -18.96 -30.40 8.72
CA ILE I 389 -18.39 -30.81 10.00
C ILE I 389 -17.29 -31.84 9.70
N GLU I 390 -16.08 -31.56 10.18
CA GLU I 390 -14.95 -32.45 9.92
C GLU I 390 -14.82 -33.31 11.13
N LEU I 391 -14.87 -34.62 10.90
CA LEU I 391 -14.87 -35.61 11.99
C LEU I 391 -13.48 -36.19 12.23
N VAL I 392 -13.12 -36.29 13.49
CA VAL I 392 -11.81 -36.78 13.88
C VAL I 392 -11.88 -37.93 14.85
N GLN I 393 -10.73 -38.56 15.06
CA GLN I 393 -10.60 -39.64 16.01
C GLN I 393 -10.80 -39.01 17.39
N PRO I 394 -11.45 -39.72 18.33
CA PRO I 394 -11.73 -39.18 19.68
C PRO I 394 -10.49 -38.70 20.40
N GLY I 395 -10.49 -37.43 20.79
CA GLY I 395 -9.38 -36.86 21.57
C GLY I 395 -8.13 -36.46 20.79
N SER I 396 -8.11 -36.67 19.47
CA SER I 396 -7.00 -36.17 18.61
C SER I 396 -7.52 -35.45 17.39
N LYS I 397 -6.61 -35.04 16.52
CA LYS I 397 -6.96 -34.41 15.24
C LYS I 397 -6.85 -35.42 14.06
N GLU I 398 -6.54 -36.70 14.32
CA GLU I 398 -6.45 -37.70 13.23
C GLU I 398 -7.79 -37.80 12.56
N PRO I 399 -7.79 -38.01 11.24
CA PRO I 399 -9.07 -38.07 10.51
C PRO I 399 -9.87 -39.32 10.87
N ASN I 400 -11.19 -39.22 10.73
CA ASN I 400 -12.10 -40.32 11.01
C ASN I 400 -13.04 -40.61 9.83
N ALA I 401 -12.48 -41.19 8.78
CA ALA I 401 -13.26 -41.53 7.60
C ALA I 401 -14.25 -42.65 7.91
N GLU I 402 -13.87 -43.54 8.83
CA GLU I 402 -14.72 -44.68 9.23
C GLU I 402 -16.04 -44.17 9.78
N LEU I 403 -15.96 -43.26 10.75
CA LEU I 403 -17.15 -42.67 11.35
C LEU I 403 -17.96 -41.92 10.31
N THR I 404 -17.26 -41.30 9.36
CA THR I 404 -17.90 -40.47 8.33
C THR I 404 -18.76 -41.33 7.42
N LYS I 405 -18.20 -42.44 6.94
CA LYS I 405 -18.97 -43.37 6.09
C LYS I 405 -20.16 -43.94 6.88
N ALA I 406 -19.87 -44.35 8.12
CA ALA I 406 -20.90 -44.86 9.03
C ALA I 406 -22.06 -43.88 9.18
N VAL I 407 -21.75 -42.61 9.45
CA VAL I 407 -22.78 -41.62 9.72
C VAL I 407 -23.65 -41.39 8.46
N ALA I 408 -23.01 -41.35 7.30
CA ALA I 408 -23.73 -41.19 6.04
C ALA I 408 -24.69 -42.37 5.85
N ALA I 409 -24.19 -43.59 6.06
CA ALA I 409 -25.03 -44.79 5.92
C ALA I 409 -26.18 -44.75 6.92
N ALA I 410 -25.89 -44.42 8.18
CA ALA I 410 -26.91 -44.32 9.22
C ALA I 410 -28.00 -43.29 8.84
N CYS I 411 -27.58 -42.15 8.29
CA CYS I 411 -28.53 -41.13 7.86
C CYS I 411 -29.42 -41.65 6.74
N LEU I 412 -28.80 -42.35 5.79
CA LEU I 412 -29.54 -42.91 4.66
C LEU I 412 -30.59 -43.88 5.15
N LYS I 413 -30.21 -44.71 6.12
CA LYS I 413 -31.12 -45.70 6.71
C LYS I 413 -32.39 -45.03 7.26
N GLU I 414 -32.22 -43.89 7.92
CA GLU I 414 -33.35 -43.15 8.48
C GLU I 414 -34.10 -42.28 7.45
N GLY I 415 -33.67 -42.29 6.19
CA GLY I 415 -34.32 -41.49 5.16
C GLY I 415 -33.77 -40.06 4.97
N VAL I 416 -32.50 -39.85 5.32
CA VAL I 416 -31.81 -38.56 5.06
C VAL I 416 -30.59 -38.81 4.13
N ILE I 417 -30.63 -38.26 2.91
CA ILE I 417 -29.54 -38.38 1.94
C ILE I 417 -28.55 -37.24 2.21
N ILE I 418 -27.36 -37.57 2.71
CA ILE I 418 -26.31 -36.60 3.07
C ILE I 418 -25.01 -36.95 2.35
N LEU I 419 -24.24 -35.96 1.91
CA LEU I 419 -22.98 -36.22 1.20
C LEU I 419 -21.75 -36.12 2.07
N THR I 420 -20.68 -36.77 1.63
CA THR I 420 -19.38 -36.66 2.29
C THR I 420 -18.36 -36.09 1.30
N CYS I 421 -17.20 -35.73 1.83
CA CYS I 421 -16.11 -35.24 1.00
C CYS I 421 -14.84 -35.16 1.83
N GLY I 422 -13.80 -34.54 1.26
CA GLY I 422 -12.58 -34.28 1.98
C GLY I 422 -11.38 -35.04 1.46
N THR I 423 -10.23 -34.36 1.44
CA THR I 423 -8.98 -34.99 1.14
C THR I 423 -8.83 -36.27 1.95
N TYR I 424 -9.20 -36.25 3.22
CA TYR I 424 -9.01 -37.41 4.11
C TYR I 424 -10.27 -38.23 4.31
N GLY I 425 -11.28 -37.95 3.52
CA GLY I 425 -12.53 -38.70 3.52
C GLY I 425 -13.40 -38.54 4.76
N ASN I 426 -13.15 -37.48 5.54
CA ASN I 426 -13.69 -37.37 6.88
C ASN I 426 -14.51 -36.12 7.10
N VAL I 427 -15.19 -35.65 6.07
CA VAL I 427 -16.00 -34.46 6.20
C VAL I 427 -17.43 -34.70 5.74
N ILE I 428 -18.37 -34.40 6.62
CA ILE I 428 -19.77 -34.41 6.26
C ILE I 428 -20.14 -33.02 5.82
N ARG I 429 -20.76 -32.93 4.66
CA ARG I 429 -21.13 -31.65 4.09
C ARG I 429 -22.64 -31.52 3.92
N LEU I 430 -23.13 -30.34 4.27
CA LEU I 430 -24.53 -30.00 4.10
C LEU I 430 -24.66 -29.11 2.89
N LEU I 431 -25.34 -29.61 1.87
CA LEU I 431 -25.62 -28.83 0.67
C LEU I 431 -27.11 -28.92 0.36
N PRO I 432 -27.95 -28.46 1.29
CA PRO I 432 -29.39 -28.55 1.06
C PRO I 432 -29.79 -27.60 -0.02
N PRO I 433 -30.88 -27.91 -0.72
CA PRO I 433 -31.43 -26.88 -1.59
C PRO I 433 -31.87 -25.67 -0.76
N LEU I 434 -31.69 -24.49 -1.31
CA LEU I 434 -31.92 -23.26 -0.54
C LEU I 434 -33.40 -23.04 -0.27
N VAL I 435 -34.26 -23.67 -1.06
CA VAL I 435 -35.71 -23.62 -0.83
C VAL I 435 -36.22 -24.61 0.23
N ILE I 436 -35.33 -25.26 0.99
CA ILE I 436 -35.75 -26.21 2.04
C ILE I 436 -36.50 -25.51 3.18
N SER I 437 -37.50 -26.18 3.74
CA SER I 437 -38.25 -25.64 4.88
C SER I 437 -37.48 -25.84 6.17
N ASP I 438 -37.66 -24.93 7.11
CA ASP I 438 -37.04 -25.04 8.43
C ASP I 438 -37.35 -26.39 9.08
N GLU I 439 -38.61 -26.83 8.94
CA GLU I 439 -39.06 -28.10 9.54
C GLU I 439 -38.20 -29.28 9.01
N LEU I 440 -38.14 -29.42 7.69
CA LEU I 440 -37.34 -30.50 7.06
C LEU I 440 -35.84 -30.43 7.42
N LEU I 441 -35.28 -29.22 7.37
CA LEU I 441 -33.88 -29.03 7.69
C LEU I 441 -33.59 -29.46 9.12
N ILE I 442 -34.44 -29.04 10.06
CA ILE I 442 -34.24 -29.43 11.46
C ILE I 442 -34.35 -30.94 11.65
N ASP I 443 -35.30 -31.55 10.92
CA ASP I 443 -35.49 -33.01 11.00
C ASP I 443 -34.19 -33.69 10.57
N GLY I 444 -33.70 -33.28 9.39
CA GLY I 444 -32.44 -33.77 8.87
C GLY I 444 -31.29 -33.63 9.84
N LEU I 445 -31.15 -32.43 10.42
CA LEU I 445 -30.04 -32.14 11.33
C LEU I 445 -30.18 -32.99 12.62
N GLU I 446 -31.42 -33.23 13.08
CA GLU I 446 -31.64 -34.13 14.22
C GLU I 446 -31.16 -35.55 13.89
N VAL I 447 -31.53 -36.04 12.72
CA VAL I 447 -31.10 -37.37 12.28
C VAL I 447 -29.58 -37.48 12.24
N LEU I 448 -28.94 -36.45 11.67
CA LEU I 448 -27.49 -36.40 11.57
C LEU I 448 -26.87 -36.43 12.95
N ALA I 449 -27.33 -35.54 13.82
CA ALA I 449 -26.81 -35.48 15.19
C ALA I 449 -26.95 -36.82 15.90
N ALA I 450 -28.11 -37.44 15.76
CA ALA I 450 -28.33 -38.75 16.37
C ALA I 450 -27.32 -39.76 15.84
N ALA I 451 -27.11 -39.76 14.51
CA ALA I 451 -26.18 -40.68 13.84
C ALA I 451 -24.76 -40.55 14.37
N ILE I 452 -24.29 -39.30 14.52
CA ILE I 452 -22.92 -39.08 14.99
C ILE I 452 -22.78 -39.64 16.41
N LYS I 453 -23.73 -39.30 17.29
CA LYS I 453 -23.72 -39.82 18.67
C LYS I 453 -23.76 -41.34 18.68
N ALA I 454 -24.61 -41.91 17.82
CA ALA I 454 -24.74 -43.35 17.75
C ALA I 454 -23.45 -44.12 17.37
N HIS I 455 -22.55 -43.54 16.53
CA HIS I 455 -21.29 -44.27 16.10
C HIS I 455 -19.91 -43.83 16.70
N ALA I 456 -19.90 -42.63 17.27
CA ALA I 456 -18.75 -42.21 18.08
C ALA I 456 -18.27 -43.32 19.02
N TYR J 10 52.72 -31.17 -2.18
CA TYR J 10 52.09 -30.32 -3.25
C TYR J 10 53.06 -29.82 -4.32
N ARG J 11 52.53 -29.24 -5.39
CA ARG J 11 53.32 -28.82 -6.56
C ARG J 11 53.57 -27.31 -6.55
N ILE J 12 52.57 -26.53 -6.14
CA ILE J 12 52.67 -25.06 -6.08
C ILE J 12 52.61 -24.63 -4.63
N GLU J 13 53.29 -23.54 -4.30
CA GLU J 13 53.35 -23.10 -2.92
C GLU J 13 51.94 -22.91 -2.37
N GLN J 14 51.68 -23.54 -1.24
CA GLN J 14 50.37 -23.50 -0.61
C GLN J 14 50.23 -22.35 0.36
N LYS J 15 50.33 -21.13 -0.15
CA LYS J 15 50.13 -19.91 0.68
C LYS J 15 49.31 -18.87 -0.10
N ARG J 16 48.42 -18.19 0.62
CA ARG J 16 47.64 -17.11 0.04
C ARG J 16 48.56 -15.94 -0.25
N ASN J 17 48.51 -15.43 -1.48
CA ASN J 17 49.41 -14.35 -1.89
C ASN J 17 48.81 -13.49 -3.01
N ILE J 18 48.33 -12.31 -2.64
CA ILE J 18 47.79 -11.35 -3.60
C ILE J 18 48.82 -10.22 -3.82
N ASN J 19 49.41 -10.19 -5.02
CA ASN J 19 50.37 -9.16 -5.45
C ASN J 19 49.69 -7.95 -6.17
N GLY J 20 49.11 -7.03 -5.40
CA GLY J 20 48.48 -5.84 -5.97
C GLY J 20 47.08 -6.06 -6.52
N ALA J 21 46.62 -5.16 -7.37
CA ALA J 21 45.21 -5.12 -7.80
C ALA J 21 44.92 -6.21 -8.84
N PHE J 22 43.71 -6.75 -8.79
CA PHE J 22 43.26 -7.74 -9.77
C PHE J 22 41.81 -7.45 -10.16
N PRO J 23 41.38 -7.88 -11.36
CA PRO J 23 42.13 -8.66 -12.34
C PRO J 23 43.36 -7.94 -12.86
N GLY J 24 44.47 -8.67 -12.98
CA GLY J 24 45.70 -8.12 -13.52
C GLY J 24 45.63 -8.03 -15.04
N PRO J 25 46.70 -7.51 -15.65
CA PRO J 25 46.71 -7.28 -17.09
C PRO J 25 46.37 -8.49 -17.95
N LYS J 26 46.91 -9.65 -17.61
CA LYS J 26 46.72 -10.85 -18.44
C LYS J 26 45.31 -11.40 -18.30
N SER J 27 44.76 -11.29 -17.09
CA SER J 27 43.36 -11.59 -16.86
C SER J 27 42.45 -10.63 -17.63
N GLN J 28 42.70 -9.33 -17.50
CA GLN J 28 41.96 -8.34 -18.26
C GLN J 28 42.01 -8.64 -19.75
N ALA J 29 43.18 -9.02 -20.26
CA ALA J 29 43.32 -9.33 -21.69
C ALA J 29 42.37 -10.47 -22.09
N LEU J 30 42.22 -11.45 -21.20
CA LEU J 30 41.35 -12.60 -21.49
C LEU J 30 39.88 -12.19 -21.44
N ALA J 31 39.53 -11.40 -20.43
CA ALA J 31 38.16 -10.83 -20.33
C ALA J 31 37.76 -10.09 -21.61
N GLU J 32 38.67 -9.27 -22.14
CA GLU J 32 38.44 -8.56 -23.39
C GLU J 32 38.17 -9.54 -24.53
N ARG J 33 38.97 -10.60 -24.63
CA ARG J 33 38.75 -11.59 -25.68
C ARG J 33 37.41 -12.30 -25.52
N ARG J 34 37.12 -12.61 -24.27
CA ARG J 34 35.92 -13.34 -23.88
C ARG J 34 34.64 -12.67 -24.32
N SER J 35 34.54 -11.38 -24.07
CA SER J 35 33.29 -10.66 -24.34
C SER J 35 32.95 -10.60 -25.84
N ALA J 36 33.93 -10.88 -26.71
CA ALA J 36 33.69 -10.95 -28.18
C ALA J 36 33.20 -12.33 -28.65
N VAL J 37 33.33 -13.37 -27.83
CA VAL J 37 33.04 -14.73 -28.28
C VAL J 37 32.15 -15.60 -27.41
N VAL J 38 32.10 -15.35 -26.09
CA VAL J 38 31.29 -16.17 -25.16
C VAL J 38 29.99 -15.44 -24.81
N ALA J 39 28.88 -16.18 -24.76
CA ALA J 39 27.55 -15.61 -24.51
C ALA J 39 27.55 -14.75 -23.23
N ALA J 40 26.91 -13.59 -23.32
CA ALA J 40 26.86 -12.60 -22.24
C ALA J 40 26.32 -13.18 -20.95
N GLY J 41 25.39 -14.14 -21.04
CA GLY J 41 24.81 -14.76 -19.85
C GLY J 41 25.78 -15.63 -19.06
N VAL J 42 26.81 -16.14 -19.71
CA VAL J 42 27.79 -17.00 -19.05
C VAL J 42 28.75 -16.14 -18.26
N ALA J 43 28.43 -15.96 -16.98
CA ALA J 43 29.21 -15.09 -16.08
C ALA J 43 30.04 -15.99 -15.20
N SER J 44 31.09 -15.42 -14.61
CA SER J 44 31.90 -16.16 -13.67
C SER J 44 31.93 -15.40 -12.38
N GLY J 45 31.91 -16.14 -11.28
CA GLY J 45 31.92 -15.54 -9.95
C GLY J 45 33.26 -14.88 -9.63
N VAL J 46 34.31 -15.28 -10.37
CA VAL J 46 35.66 -14.86 -10.09
C VAL J 46 36.21 -14.17 -11.32
N PRO J 47 36.84 -12.99 -11.15
CA PRO J 47 37.29 -12.26 -12.34
C PRO J 47 38.71 -12.56 -12.82
N VAL J 48 39.42 -13.47 -12.14
CA VAL J 48 40.81 -13.82 -12.52
C VAL J 48 40.81 -15.17 -13.25
N TYR J 49 41.80 -15.38 -14.11
CA TYR J 49 41.86 -16.57 -14.95
C TYR J 49 42.93 -17.55 -14.44
N VAL J 50 42.56 -18.83 -14.25
CA VAL J 50 43.49 -19.84 -13.71
C VAL J 50 44.61 -20.18 -14.68
N GLU J 51 45.81 -20.39 -14.13
CA GLU J 51 46.93 -20.98 -14.84
C GLU J 51 47.28 -22.34 -14.24
N ASP J 52 47.27 -22.40 -12.91
CA ASP J 52 47.49 -23.66 -12.20
C ASP J 52 46.53 -23.74 -11.01
N ALA J 53 46.02 -24.94 -10.74
CA ALA J 53 45.25 -25.19 -9.53
C ALA J 53 45.78 -26.49 -8.92
N ASP J 54 46.13 -26.46 -7.65
CA ASP J 54 46.76 -27.61 -6.98
C ASP J 54 46.58 -27.45 -5.49
N GLY J 55 46.36 -28.57 -4.82
CA GLY J 55 46.09 -28.55 -3.40
C GLY J 55 44.94 -27.61 -3.10
N GLY J 56 45.22 -26.56 -2.34
CA GLY J 56 44.20 -25.58 -1.95
C GLY J 56 44.38 -24.20 -2.58
N ILE J 57 45.09 -24.14 -3.69
CA ILE J 57 45.40 -22.86 -4.32
C ILE J 57 44.93 -22.81 -5.76
N ILE J 58 44.37 -21.67 -6.13
CA ILE J 58 44.16 -21.30 -7.52
C ILE J 58 45.16 -20.17 -7.76
N ARG J 59 46.13 -20.39 -8.65
CA ARG J 59 47.08 -19.31 -9.04
C ARG J 59 46.66 -18.79 -10.42
N ASP J 60 46.49 -17.46 -10.52
CA ASP J 60 46.00 -16.85 -11.77
C ASP J 60 47.12 -16.51 -12.74
N VAL J 61 46.76 -16.12 -13.95
CA VAL J 61 47.74 -15.86 -15.01
C VAL J 61 48.68 -14.71 -14.67
N ASP J 62 48.32 -13.90 -13.66
CA ASP J 62 49.15 -12.76 -13.23
C ASP J 62 49.93 -13.09 -11.95
N GLY J 63 50.01 -14.38 -11.61
CA GLY J 63 50.79 -14.82 -10.44
C GLY J 63 50.16 -14.71 -9.04
N ASN J 64 48.90 -14.32 -8.96
CA ASN J 64 48.21 -14.29 -7.66
C ASN J 64 47.76 -15.66 -7.20
N SER J 65 47.84 -15.91 -5.91
CA SER J 65 47.48 -17.22 -5.35
C SER J 65 46.33 -17.08 -4.39
N PHE J 66 45.19 -17.64 -4.76
CA PHE J 66 43.95 -17.56 -3.98
C PHE J 66 43.73 -18.87 -3.24
N ILE J 67 43.13 -18.78 -2.04
CA ILE J 67 42.68 -20.00 -1.39
C ILE J 67 41.39 -20.50 -2.08
N ASP J 68 41.35 -21.79 -2.37
CA ASP J 68 40.21 -22.41 -3.06
C ASP J 68 39.26 -23.09 -2.08
N LEU J 69 38.17 -22.43 -1.74
CA LEU J 69 37.20 -23.02 -0.82
C LEU J 69 35.96 -23.56 -1.57
N GLY J 70 36.09 -23.80 -2.87
CA GLY J 70 34.97 -24.30 -3.70
C GLY J 70 35.23 -25.58 -4.49
N SER J 71 36.50 -25.94 -4.64
CA SER J 71 36.90 -27.10 -5.42
C SER J 71 36.09 -27.27 -6.70
N GLY J 72 35.81 -26.16 -7.39
CA GLY J 72 35.11 -26.22 -8.68
C GLY J 72 33.67 -26.70 -8.57
N ILE J 73 33.02 -26.29 -7.47
CA ILE J 73 31.72 -26.80 -7.02
C ILE J 73 31.82 -28.27 -6.67
N ALA J 74 32.63 -28.58 -5.66
CA ALA J 74 32.75 -29.91 -5.10
C ALA J 74 33.26 -30.98 -6.11
N VAL J 75 34.03 -30.56 -7.11
CA VAL J 75 34.54 -31.49 -8.11
C VAL J 75 35.96 -31.98 -7.81
N THR J 76 36.89 -31.06 -7.54
CA THR J 76 38.30 -31.43 -7.38
C THR J 76 38.58 -31.77 -5.92
N SER J 77 37.89 -32.78 -5.41
CA SER J 77 38.05 -33.20 -4.00
C SER J 77 39.44 -33.74 -3.74
N VAL J 78 39.97 -34.49 -4.70
CA VAL J 78 41.35 -35.00 -4.67
C VAL J 78 42.38 -33.91 -5.02
N GLY J 79 41.91 -32.69 -5.27
CA GLY J 79 42.76 -31.61 -5.76
C GLY J 79 42.68 -31.50 -7.27
N ALA J 80 42.85 -30.28 -7.78
CA ALA J 80 42.72 -30.01 -9.21
C ALA J 80 43.88 -30.52 -10.04
N SER J 81 44.89 -31.09 -9.37
CA SER J 81 46.11 -31.51 -10.06
C SER J 81 46.79 -32.70 -9.38
N ASP J 82 46.00 -33.67 -8.93
CA ASP J 82 46.54 -34.84 -8.23
C ASP J 82 47.47 -35.61 -9.18
N PRO J 83 48.74 -35.77 -8.79
CA PRO J 83 49.73 -36.38 -9.67
C PRO J 83 49.28 -37.72 -10.24
N ALA J 84 48.60 -38.52 -9.41
CA ALA J 84 48.10 -39.82 -9.84
C ALA J 84 47.12 -39.66 -11.02
N VAL J 85 46.16 -38.76 -10.85
CA VAL J 85 45.17 -38.48 -11.87
C VAL J 85 45.86 -37.98 -13.13
N VAL J 86 46.78 -37.05 -12.95
CA VAL J 86 47.48 -36.45 -14.07
C VAL J 86 48.22 -37.50 -14.88
N ALA J 87 48.96 -38.35 -14.15
CA ALA J 87 49.71 -39.44 -14.75
C ALA J 87 48.78 -40.37 -15.51
N ALA J 88 47.67 -40.73 -14.86
CA ALA J 88 46.73 -41.69 -15.42
C ALA J 88 46.14 -41.16 -16.73
N VAL J 89 45.77 -39.89 -16.69
CA VAL J 89 45.20 -39.20 -17.84
C VAL J 89 46.21 -39.17 -18.99
N GLN J 90 47.43 -38.76 -18.65
CA GLN J 90 48.53 -38.68 -19.61
C GLN J 90 48.77 -40.03 -20.28
N GLU J 91 48.86 -41.11 -19.49
CA GLU J 91 49.13 -42.43 -20.06
C GLU J 91 47.98 -42.89 -20.93
N ALA J 92 46.75 -42.74 -20.44
CA ALA J 92 45.57 -43.26 -21.16
C ALA J 92 45.35 -42.55 -22.48
N ALA J 93 45.56 -41.24 -22.48
CA ALA J 93 45.37 -40.43 -23.69
C ALA J 93 46.26 -40.89 -24.83
N ALA J 94 47.47 -41.36 -24.49
CA ALA J 94 48.43 -41.80 -25.51
C ALA J 94 48.01 -43.09 -26.24
N HIS J 95 47.08 -43.86 -25.65
CA HIS J 95 46.61 -45.11 -26.23
C HIS J 95 45.41 -44.92 -27.12
N PHE J 96 44.40 -44.26 -26.58
CA PHE J 96 43.22 -43.86 -27.36
C PHE J 96 42.38 -42.90 -26.53
N THR J 97 41.83 -41.89 -27.19
CA THR J 97 41.02 -40.87 -26.52
C THR J 97 39.58 -41.31 -26.36
N HIS J 98 39.10 -42.10 -27.32
CA HIS J 98 37.69 -42.45 -27.38
C HIS J 98 37.45 -43.52 -28.44
N THR J 99 36.66 -44.53 -28.10
CA THR J 99 36.17 -45.48 -29.11
C THR J 99 34.67 -45.69 -29.07
N CYS J 100 34.01 -45.07 -28.07
CA CYS J 100 32.59 -45.28 -27.77
C CYS J 100 32.34 -46.71 -27.29
N PHE J 101 32.19 -46.85 -25.97
CA PHE J 101 31.99 -48.14 -25.34
C PHE J 101 30.90 -48.99 -26.02
N MET J 102 29.81 -48.39 -26.44
CA MET J 102 28.75 -49.11 -27.14
C MET J 102 29.23 -49.71 -28.46
N VAL J 103 30.33 -49.23 -29.01
CA VAL J 103 30.89 -49.80 -30.23
C VAL J 103 32.03 -50.76 -29.85
N THR J 104 33.16 -50.20 -29.41
CA THR J 104 34.34 -50.98 -29.04
C THR J 104 34.65 -50.73 -27.57
N PRO J 105 34.43 -51.75 -26.72
CA PRO J 105 34.56 -51.55 -25.28
C PRO J 105 36.01 -51.55 -24.86
N TYR J 106 36.25 -51.30 -23.58
CA TYR J 106 37.59 -51.14 -23.06
C TYR J 106 37.63 -51.26 -21.53
N GLU J 107 38.79 -51.67 -21.00
CA GLU J 107 38.93 -52.06 -19.59
C GLU J 107 38.55 -50.92 -18.65
N GLY J 108 38.93 -49.70 -18.99
CA GLY J 108 38.68 -48.56 -18.11
C GLY J 108 37.23 -48.47 -17.63
N TYR J 109 36.30 -48.65 -18.55
CA TYR J 109 34.88 -48.59 -18.25
C TYR J 109 34.55 -49.66 -17.24
N VAL J 110 34.93 -50.90 -17.54
CA VAL J 110 34.64 -52.03 -16.64
C VAL J 110 35.27 -51.83 -15.26
N ALA J 111 36.51 -51.38 -15.25
CA ALA J 111 37.22 -51.19 -14.01
C ALA J 111 36.49 -50.19 -13.11
N VAL J 112 36.11 -49.05 -13.70
CA VAL J 112 35.44 -47.99 -12.95
C VAL J 112 34.14 -48.57 -12.38
N THR J 113 33.42 -49.31 -13.21
CA THR J 113 32.17 -49.94 -12.75
C THR J 113 32.42 -50.87 -11.58
N GLU J 114 33.54 -51.61 -11.61
CA GLU J 114 33.90 -52.51 -10.50
C GLU J 114 34.09 -51.73 -9.20
N GLN J 115 34.79 -50.61 -9.28
CA GLN J 115 34.98 -49.77 -8.10
C GLN J 115 33.66 -49.22 -7.56
N LEU J 116 32.79 -48.74 -8.44
CA LEU J 116 31.56 -48.09 -7.97
C LEU J 116 30.61 -49.14 -7.34
N ASN J 117 30.59 -50.35 -7.91
CA ASN J 117 29.88 -51.51 -7.30
C ASN J 117 30.32 -51.73 -5.86
N ARG J 118 31.64 -51.69 -5.64
CA ARG J 118 32.23 -51.98 -4.35
C ARG J 118 32.00 -50.88 -3.33
N LEU J 119 32.14 -49.63 -3.76
CA LEU J 119 32.14 -48.50 -2.81
C LEU J 119 30.75 -47.99 -2.43
N THR J 120 29.75 -48.31 -3.25
CA THR J 120 28.39 -47.82 -3.00
C THR J 120 27.79 -48.65 -1.90
N PRO J 121 26.82 -48.09 -1.17
CA PRO J 121 26.17 -48.85 -0.10
C PRO J 121 25.38 -50.06 -0.56
N GLY J 122 25.16 -50.97 0.38
CA GLY J 122 24.41 -52.23 0.13
C GLY J 122 25.28 -53.36 -0.40
N ASP J 123 24.90 -54.58 -0.04
CA ASP J 123 25.64 -55.79 -0.42
C ASP J 123 24.89 -56.60 -1.46
N HIS J 124 23.77 -56.06 -1.91
CA HIS J 124 22.92 -56.73 -2.92
C HIS J 124 23.56 -56.60 -4.28
N ALA J 125 23.02 -57.30 -5.26
CA ALA J 125 23.53 -57.26 -6.63
C ALA J 125 23.33 -55.88 -7.20
N LYS J 126 24.40 -55.27 -7.69
CA LYS J 126 24.32 -53.96 -8.30
C LYS J 126 24.94 -53.93 -9.67
N ARG J 127 24.50 -52.99 -10.52
CA ARG J 127 25.13 -52.75 -11.82
C ARG J 127 25.27 -51.24 -12.03
N THR J 128 26.06 -50.86 -13.03
CA THR J 128 26.41 -49.48 -13.28
C THR J 128 26.40 -49.17 -14.76
N VAL J 129 26.01 -47.94 -15.13
CA VAL J 129 26.23 -47.40 -16.49
C VAL J 129 26.88 -46.06 -16.28
N LEU J 130 27.72 -45.67 -17.24
CA LEU J 130 28.46 -44.40 -17.19
C LEU J 130 27.99 -43.39 -18.25
N PHE J 131 28.03 -42.11 -17.87
CA PHE J 131 27.69 -41.01 -18.79
C PHE J 131 28.69 -39.89 -18.57
N ASN J 132 28.35 -38.65 -18.93
CA ASN J 132 29.29 -37.55 -18.80
C ASN J 132 28.95 -36.59 -17.65
N SER J 133 27.72 -36.05 -17.64
CA SER J 133 27.33 -35.00 -16.67
C SER J 133 26.43 -35.53 -15.60
N GLY J 134 26.33 -34.79 -14.52
CA GLY J 134 25.37 -35.13 -13.45
C GLY J 134 23.94 -35.15 -13.96
N ALA J 135 23.57 -34.15 -14.75
CA ALA J 135 22.26 -34.14 -15.38
C ALA J 135 21.99 -35.44 -16.16
N GLU J 136 22.98 -35.90 -16.93
CA GLU J 136 22.78 -37.12 -17.70
C GLU J 136 22.54 -38.29 -16.76
N ALA J 137 23.30 -38.33 -15.67
CA ALA J 137 23.13 -39.35 -14.65
C ALA J 137 21.70 -39.39 -14.13
N VAL J 138 21.19 -38.26 -13.69
CA VAL J 138 19.84 -38.19 -13.14
C VAL J 138 18.81 -38.57 -14.21
N GLU J 139 19.01 -38.07 -15.42
CA GLU J 139 18.14 -38.41 -16.53
C GLU J 139 18.05 -39.92 -16.68
N ASN J 140 19.20 -40.60 -16.57
CA ASN J 140 19.22 -42.05 -16.76
C ASN J 140 18.65 -42.82 -15.58
N ALA J 141 18.89 -42.35 -14.36
CA ALA J 141 18.25 -42.96 -13.21
C ALA J 141 16.71 -42.93 -13.37
N VAL J 142 16.17 -41.81 -13.85
CA VAL J 142 14.71 -41.68 -14.00
C VAL J 142 14.21 -42.59 -15.14
N LYS J 143 14.97 -42.69 -16.24
CA LYS J 143 14.60 -43.60 -17.32
C LYS J 143 14.47 -45.03 -16.80
N VAL J 144 15.43 -45.44 -15.97
CA VAL J 144 15.43 -46.78 -15.45
C VAL J 144 14.24 -46.97 -14.52
N ALA J 145 14.06 -46.07 -13.55
CA ALA J 145 12.95 -46.18 -12.64
C ALA J 145 11.64 -46.33 -13.43
N ARG J 146 11.48 -45.53 -14.47
CA ARG J 146 10.22 -45.51 -15.21
C ARG J 146 9.99 -46.79 -15.99
N LEU J 147 11.03 -47.24 -16.68
CA LEU J 147 10.95 -48.50 -17.45
C LEU J 147 10.76 -49.67 -16.49
N ALA J 148 11.60 -49.77 -15.47
CA ALA J 148 11.55 -50.88 -14.52
C ALA J 148 10.23 -51.01 -13.80
N THR J 149 9.68 -49.90 -13.32
CA THR J 149 8.44 -49.97 -12.54
C THR J 149 7.18 -49.98 -13.42
N GLY J 150 7.31 -49.52 -14.67
CA GLY J 150 6.15 -49.31 -15.53
C GLY J 150 5.28 -48.14 -15.08
N ARG J 151 5.79 -47.27 -14.22
CA ARG J 151 5.02 -46.12 -13.75
C ARG J 151 5.64 -44.80 -14.26
N ASP J 152 4.89 -43.71 -14.08
CA ASP J 152 5.16 -42.40 -14.69
C ASP J 152 5.72 -41.37 -13.70
N ALA J 153 5.01 -41.19 -12.59
CA ALA J 153 5.24 -40.06 -11.71
C ALA J 153 6.61 -40.12 -11.02
N VAL J 154 7.30 -39.00 -10.91
CA VAL J 154 8.59 -38.89 -10.18
C VAL J 154 8.45 -37.78 -9.13
N VAL J 155 8.75 -38.05 -7.88
CA VAL J 155 8.65 -36.97 -6.90
C VAL J 155 9.99 -36.43 -6.57
N ALA J 156 10.07 -35.09 -6.57
CA ALA J 156 11.24 -34.37 -6.12
C ALA J 156 10.79 -33.41 -5.01
N PHE J 157 11.73 -32.73 -4.39
CA PHE J 157 11.44 -31.92 -3.21
C PHE J 157 11.65 -30.44 -3.40
N ASP J 158 11.04 -29.65 -2.52
CA ASP J 158 11.45 -28.27 -2.33
C ASP J 158 12.97 -28.18 -2.11
N HIS J 159 13.56 -27.10 -2.60
CA HIS J 159 14.99 -26.84 -2.52
C HIS J 159 15.86 -27.82 -3.28
N ALA J 160 15.25 -28.66 -4.10
CA ALA J 160 15.99 -29.59 -4.93
C ALA J 160 16.74 -28.91 -6.07
N TYR J 161 17.90 -29.43 -6.42
CA TYR J 161 18.58 -29.09 -7.66
C TYR J 161 19.13 -30.38 -8.29
N HIS J 162 18.82 -30.61 -9.56
CA HIS J 162 19.24 -31.85 -10.26
C HIS J 162 19.75 -31.66 -11.67
N GLY J 163 19.76 -30.42 -12.18
CA GLY J 163 20.38 -30.19 -13.48
C GLY J 163 19.66 -29.21 -14.40
N ARG J 164 20.23 -29.06 -15.59
CA ARG J 164 19.84 -28.04 -16.54
C ARG J 164 19.29 -28.56 -17.86
N THR J 165 19.10 -29.85 -17.99
CA THR J 165 18.33 -30.38 -19.11
C THR J 165 16.83 -30.15 -18.80
N ASN J 166 15.94 -30.37 -19.78
CA ASN J 166 14.52 -30.07 -19.57
C ASN J 166 13.94 -30.81 -18.38
N LEU J 167 14.20 -32.11 -18.29
CA LEU J 167 13.70 -32.92 -17.17
C LEU J 167 14.37 -32.57 -15.86
N THR J 168 15.68 -32.32 -15.89
CA THR J 168 16.37 -32.03 -14.63
C THR J 168 16.04 -30.62 -14.14
N MET J 169 15.74 -29.74 -15.09
CA MET J 169 15.12 -28.47 -14.75
C MET J 169 13.77 -28.74 -14.06
N ALA J 170 12.98 -29.60 -14.68
CA ALA J 170 11.67 -29.92 -14.14
C ALA J 170 11.85 -30.40 -12.71
N LEU J 171 12.86 -31.23 -12.47
CA LEU J 171 13.11 -31.79 -11.13
C LEU J 171 13.65 -30.74 -10.17
N THR J 172 14.34 -29.74 -10.71
CA THR J 172 14.87 -28.65 -9.91
C THR J 172 13.78 -27.69 -9.40
N ALA J 173 13.91 -27.27 -8.14
CA ALA J 173 12.91 -26.40 -7.53
C ALA J 173 13.05 -24.92 -7.93
N LYS J 174 14.25 -24.35 -7.82
CA LYS J 174 14.43 -22.90 -7.94
C LYS J 174 14.38 -22.46 -9.40
N ALA J 175 13.59 -21.43 -9.70
CA ALA J 175 13.37 -21.02 -11.08
C ALA J 175 14.44 -20.07 -11.59
N MET J 176 14.96 -19.18 -10.74
CA MET J 176 16.02 -18.26 -11.16
C MET J 176 17.40 -18.72 -10.70
N PRO J 177 18.33 -18.92 -11.64
CA PRO J 177 18.29 -18.72 -13.08
C PRO J 177 18.00 -19.98 -13.89
N TYR J 178 17.74 -21.08 -13.21
CA TYR J 178 17.83 -22.39 -13.87
C TYR J 178 16.68 -22.72 -14.83
N LYS J 179 15.53 -22.07 -14.66
CA LYS J 179 14.30 -22.47 -15.35
C LYS J 179 13.62 -21.39 -16.16
N THR J 180 13.74 -20.14 -15.72
CA THR J 180 12.95 -19.04 -16.30
C THR J 180 13.01 -19.03 -17.83
N ASN J 181 11.84 -19.09 -18.43
CA ASN J 181 11.68 -19.04 -19.89
C ASN J 181 12.21 -20.23 -20.68
N PHE J 182 12.63 -21.30 -20.00
CA PHE J 182 13.16 -22.50 -20.67
C PHE J 182 12.17 -23.67 -20.84
N GLY J 183 10.96 -23.50 -20.35
CA GLY J 183 9.95 -24.55 -20.44
C GLY J 183 9.25 -24.56 -21.80
N PRO J 184 8.16 -25.33 -21.92
CA PRO J 184 7.48 -26.13 -20.90
C PRO J 184 8.27 -27.36 -20.49
N PHE J 185 8.09 -27.78 -19.26
CA PHE J 185 8.94 -28.78 -18.66
C PHE J 185 8.36 -30.18 -18.71
N ALA J 186 9.26 -31.15 -18.64
CA ALA J 186 8.89 -32.55 -18.75
C ALA J 186 7.76 -32.86 -17.79
N PRO J 187 6.76 -33.63 -18.25
CA PRO J 187 5.61 -33.94 -17.41
C PRO J 187 5.78 -35.05 -16.35
N GLU J 188 4.77 -35.10 -15.48
CA GLU J 188 4.65 -36.05 -14.37
C GLU J 188 5.80 -35.98 -13.37
N VAL J 189 6.16 -34.76 -13.01
CA VAL J 189 7.06 -34.49 -11.90
C VAL J 189 6.28 -33.75 -10.82
N TYR J 190 6.40 -34.20 -9.57
CA TYR J 190 5.60 -33.66 -8.47
C TYR J 190 6.53 -33.21 -7.36
N ARG J 191 6.19 -32.13 -6.69
CA ARG J 191 7.09 -31.57 -5.70
C ARG J 191 6.53 -31.69 -4.32
N MET J 192 7.38 -32.10 -3.38
CA MET J 192 6.94 -32.44 -2.02
C MET J 192 7.81 -31.71 -1.01
N PRO J 193 7.28 -31.50 0.20
CA PRO J 193 8.00 -30.70 1.18
C PRO J 193 9.20 -31.42 1.73
N MET J 194 10.24 -30.67 1.97
CA MET J 194 11.53 -31.17 2.44
C MET J 194 11.60 -31.03 3.95
N SER J 195 12.49 -31.81 4.58
CA SER J 195 12.81 -31.59 5.98
C SER J 195 13.90 -30.55 6.00
N TYR J 196 13.55 -29.32 6.42
CA TYR J 196 14.48 -28.18 6.43
C TYR J 196 14.36 -27.55 7.82
N PRO J 197 15.05 -28.14 8.81
CA PRO J 197 14.88 -27.86 10.24
C PRO J 197 14.86 -26.40 10.59
N PHE J 198 15.80 -25.64 10.03
CA PHE J 198 15.93 -24.22 10.38
C PHE J 198 14.70 -23.39 10.01
N ARG J 199 13.93 -23.81 9.01
CA ARG J 199 12.78 -23.03 8.55
C ARG J 199 11.46 -23.76 8.66
N GLU J 200 11.41 -24.79 9.47
CA GLU J 200 10.15 -25.49 9.68
C GLU J 200 9.19 -24.59 10.42
N GLU J 201 7.93 -24.58 10.00
CA GLU J 201 6.95 -23.73 10.65
C GLU J 201 6.76 -24.19 12.08
N ASN J 202 6.91 -25.49 12.31
CA ASN J 202 6.92 -26.04 13.65
C ASN J 202 8.33 -26.47 13.94
N PRO J 203 9.09 -25.65 14.66
CA PRO J 203 10.48 -25.99 14.93
C PRO J 203 10.74 -27.33 15.61
N GLU J 204 9.75 -27.88 16.31
CA GLU J 204 9.90 -29.15 17.02
C GLU J 204 9.71 -30.41 16.15
N ILE J 205 9.37 -30.25 14.87
CA ILE J 205 9.05 -31.38 14.01
C ILE J 205 10.24 -32.32 13.88
N THR J 206 9.99 -33.63 13.98
CA THR J 206 11.06 -34.63 13.88
C THR J 206 11.17 -35.11 12.42
N GLY J 207 12.28 -35.74 12.11
CA GLY J 207 12.51 -36.29 10.77
C GLY J 207 11.41 -37.25 10.36
N ALA J 208 11.05 -38.13 11.28
CA ALA J 208 9.99 -39.10 11.08
C ALA J 208 8.69 -38.39 10.70
N GLU J 209 8.37 -37.34 11.45
CA GLU J 209 7.13 -36.58 11.21
C GLU J 209 7.18 -35.83 9.85
N ALA J 210 8.36 -35.33 9.51
CA ALA J 210 8.54 -34.67 8.23
C ALA J 210 8.32 -35.65 7.09
N ALA J 211 8.80 -36.87 7.27
CA ALA J 211 8.63 -37.91 6.28
C ALA J 211 7.17 -38.27 6.14
N LYS J 212 6.46 -38.38 7.25
CA LYS J 212 5.06 -38.73 7.22
C LYS J 212 4.28 -37.67 6.43
N ARG J 213 4.64 -36.40 6.64
CA ARG J 213 4.01 -35.27 5.94
C ARG J 213 4.17 -35.43 4.44
N ALA J 214 5.41 -35.71 4.00
CA ALA J 214 5.68 -35.93 2.58
C ALA J 214 4.90 -37.14 2.07
N ILE J 215 4.97 -38.25 2.81
CA ILE J 215 4.35 -39.50 2.40
C ILE J 215 2.83 -39.37 2.27
N THR J 216 2.18 -38.76 3.23
CA THR J 216 0.74 -38.59 3.17
C THR J 216 0.38 -37.78 1.94
N MET J 217 1.19 -36.75 1.67
CA MET J 217 0.92 -35.86 0.55
C MET J 217 1.12 -36.61 -0.76
N ILE J 218 2.16 -37.44 -0.86
CA ILE J 218 2.40 -38.21 -2.07
C ILE J 218 1.26 -39.20 -2.30
N GLU J 219 0.80 -39.78 -1.21
CA GLU J 219 -0.25 -40.77 -1.29
C GLU J 219 -1.57 -40.10 -1.71
N LYS J 220 -1.90 -38.97 -1.11
CA LYS J 220 -3.16 -38.28 -1.46
C LYS J 220 -3.15 -37.65 -2.86
N GLN J 221 -2.00 -37.20 -3.32
CA GLN J 221 -1.94 -36.42 -4.59
C GLN J 221 -1.43 -37.19 -5.81
N ILE J 222 -0.85 -38.37 -5.58
CA ILE J 222 -0.42 -39.25 -6.68
C ILE J 222 -0.90 -40.68 -6.43
N GLY J 223 -0.57 -41.19 -5.25
CA GLY J 223 -0.78 -42.59 -4.89
C GLY J 223 0.53 -43.35 -5.01
N GLY J 224 0.94 -43.99 -3.92
CA GLY J 224 2.24 -44.69 -3.87
C GLY J 224 2.46 -45.69 -5.01
N ASP J 225 1.40 -46.36 -5.45
CA ASP J 225 1.55 -47.36 -6.50
C ASP J 225 1.64 -46.74 -7.91
N GLN J 226 1.62 -45.41 -7.98
CA GLN J 226 1.73 -44.65 -9.24
C GLN J 226 3.08 -43.99 -9.40
N VAL J 227 3.88 -44.00 -8.34
CA VAL J 227 5.14 -43.30 -8.39
C VAL J 227 6.28 -44.21 -8.84
N ALA J 228 6.99 -43.79 -9.87
CA ALA J 228 8.12 -44.56 -10.37
C ALA J 228 9.35 -44.37 -9.48
N ALA J 229 9.59 -43.15 -9.04
CA ALA J 229 10.79 -42.84 -8.27
C ALA J 229 10.59 -41.70 -7.30
N ILE J 230 11.27 -41.76 -6.15
CA ILE J 230 11.47 -40.59 -5.30
C ILE J 230 12.94 -40.25 -5.49
N ILE J 231 13.25 -39.00 -5.83
CA ILE J 231 14.64 -38.58 -5.98
C ILE J 231 14.94 -37.48 -4.95
N ILE J 232 16.02 -37.66 -4.20
CA ILE J 232 16.39 -36.68 -3.20
C ILE J 232 17.90 -36.62 -3.02
N GLU J 233 18.40 -35.42 -2.75
CA GLU J 233 19.77 -35.22 -2.40
C GLU J 233 19.84 -35.40 -0.90
N PRO J 234 20.70 -36.31 -0.43
CA PRO J 234 20.84 -36.55 1.01
C PRO J 234 21.21 -35.27 1.73
N ILE J 235 22.09 -34.48 1.14
CA ILE J 235 22.27 -33.10 1.56
C ILE J 235 22.02 -32.23 0.32
N GLN J 236 21.02 -31.36 0.40
CA GLN J 236 20.64 -30.54 -0.76
C GLN J 236 21.68 -29.47 -0.98
N GLY J 237 22.25 -29.45 -2.19
CA GLY J 237 23.42 -28.58 -2.48
C GLY J 237 23.05 -27.15 -2.76
N GLU J 238 22.73 -26.87 -4.02
CA GLU J 238 22.34 -25.54 -4.43
C GLU J 238 21.18 -25.00 -3.62
N GLY J 239 20.32 -25.88 -3.11
CA GLY J 239 19.23 -25.45 -2.23
C GLY J 239 19.70 -24.78 -0.94
N GLY J 240 20.96 -25.04 -0.56
CA GLY J 240 21.56 -24.42 0.61
C GLY J 240 22.18 -25.36 1.65
N PHE J 241 22.73 -26.49 1.19
CA PHE J 241 23.30 -27.47 2.08
C PHE J 241 22.30 -27.81 3.19
N ILE J 242 21.07 -28.09 2.79
CA ILE J 242 20.05 -28.44 3.75
C ILE J 242 20.26 -29.88 4.12
N VAL J 243 20.44 -30.14 5.41
CA VAL J 243 20.48 -31.50 5.92
C VAL J 243 19.16 -31.79 6.57
N PRO J 244 18.52 -32.88 6.17
CA PRO J 244 17.23 -33.22 6.77
C PRO J 244 17.38 -33.70 8.18
N ALA J 245 16.32 -33.57 8.97
CA ALA J 245 16.32 -34.10 10.36
C ALA J 245 16.58 -35.61 10.33
N GLU J 246 17.26 -36.09 11.38
CA GLU J 246 17.50 -37.53 11.54
C GLU J 246 16.15 -38.27 11.45
N GLY J 247 16.12 -39.36 10.68
CA GLY J 247 14.93 -40.19 10.58
C GLY J 247 14.07 -39.96 9.34
N PHE J 248 14.33 -38.85 8.64
CA PHE J 248 13.62 -38.52 7.43
C PHE J 248 13.96 -39.47 6.28
N LEU J 249 15.24 -39.54 5.93
CA LEU J 249 15.66 -40.37 4.79
C LEU J 249 15.29 -41.86 4.98
N PRO J 250 15.57 -42.44 6.16
CA PRO J 250 15.19 -43.84 6.31
C PRO J 250 13.68 -44.09 6.18
N ALA J 251 12.87 -43.18 6.70
CA ALA J 251 11.44 -43.31 6.58
C ALA J 251 11.02 -43.32 5.09
N LEU J 252 11.57 -42.42 4.29
CA LEU J 252 11.25 -42.39 2.86
C LEU J 252 11.74 -43.66 2.21
N SER J 253 12.93 -44.10 2.59
CA SER J 253 13.50 -45.31 1.98
C SER J 253 12.62 -46.52 2.24
N GLU J 254 12.18 -46.65 3.50
CA GLU J 254 11.38 -47.79 3.94
C GLU J 254 10.04 -47.79 3.20
N TRP J 255 9.41 -46.63 3.13
CA TRP J 255 8.14 -46.50 2.44
C TRP J 255 8.27 -46.78 0.97
N ALA J 256 9.33 -46.29 0.36
CA ALA J 256 9.55 -46.54 -1.06
C ALA J 256 9.63 -48.03 -1.32
N LYS J 257 10.36 -48.75 -0.47
CA LYS J 257 10.46 -50.20 -0.59
C LYS J 257 9.07 -50.85 -0.48
N GLU J 258 8.29 -50.41 0.49
CA GLU J 258 6.95 -50.91 0.69
C GLU J 258 6.11 -50.76 -0.56
N LYS J 259 6.22 -49.62 -1.23
CA LYS J 259 5.31 -49.30 -2.33
C LYS J 259 5.88 -49.61 -3.71
N GLY J 260 7.08 -50.19 -3.75
CA GLY J 260 7.68 -50.58 -5.02
C GLY J 260 8.26 -49.42 -5.81
N ILE J 261 8.55 -48.32 -5.11
CA ILE J 261 9.00 -47.06 -5.70
C ILE J 261 10.52 -47.07 -5.68
N VAL J 262 11.15 -46.74 -6.81
CA VAL J 262 12.61 -46.65 -6.85
C VAL J 262 13.06 -45.43 -6.05
N PHE J 263 13.95 -45.64 -5.07
CA PHE J 263 14.49 -44.54 -4.28
C PHE J 263 15.84 -44.14 -4.81
N ILE J 264 15.90 -42.93 -5.41
CA ILE J 264 17.14 -42.45 -6.04
C ILE J 264 17.82 -41.42 -5.16
N ALA J 265 19.05 -41.71 -4.73
CA ALA J 265 19.83 -40.71 -4.01
C ALA J 265 20.67 -39.98 -5.02
N ASP J 266 20.55 -38.64 -5.04
CA ASP J 266 21.38 -37.85 -5.94
C ASP J 266 22.61 -37.42 -5.20
N GLU J 267 23.70 -38.16 -5.40
CA GLU J 267 24.95 -37.93 -4.66
C GLU J 267 25.98 -37.30 -5.57
N VAL J 268 25.51 -36.49 -6.51
CA VAL J 268 26.40 -35.85 -7.48
C VAL J 268 27.33 -34.88 -6.76
N GLN J 269 26.80 -34.08 -5.85
CA GLN J 269 27.61 -33.12 -5.09
C GLN J 269 28.14 -33.72 -3.79
N SER J 270 27.37 -34.58 -3.13
CA SER J 270 27.72 -35.13 -1.81
C SER J 270 28.57 -36.40 -1.84
N GLY J 271 28.68 -37.02 -3.01
CA GLY J 271 29.35 -38.31 -3.12
C GLY J 271 30.88 -38.24 -3.11
N PHE J 272 31.49 -39.40 -2.89
CA PHE J 272 32.95 -39.56 -2.89
C PHE J 272 33.69 -38.78 -1.82
N CYS J 273 33.42 -39.14 -0.58
CA CYS J 273 34.20 -38.69 0.60
C CYS J 273 33.91 -37.27 1.05
N ARG J 274 33.20 -36.52 0.21
CA ARG J 274 32.87 -35.12 0.50
C ARG J 274 32.31 -34.91 1.90
N THR J 275 31.48 -35.82 2.39
CA THR J 275 30.79 -35.60 3.66
C THR J 275 31.44 -36.32 4.84
N GLY J 276 32.56 -36.98 4.58
CA GLY J 276 33.22 -37.78 5.62
C GLY J 276 32.99 -39.28 5.48
N GLU J 277 31.99 -39.66 4.69
CA GLU J 277 31.77 -41.04 4.31
C GLU J 277 31.79 -41.13 2.81
N TRP J 278 31.91 -42.34 2.28
CA TRP J 278 31.92 -42.48 0.84
C TRP J 278 30.74 -41.82 0.23
N PHE J 279 29.58 -42.00 0.84
CA PHE J 279 28.36 -41.35 0.37
C PHE J 279 27.53 -40.82 1.52
N ALA J 280 26.85 -39.72 1.27
CA ALA J 280 26.13 -39.00 2.30
C ALA J 280 25.07 -39.86 2.96
N VAL J 281 24.51 -40.79 2.20
CA VAL J 281 23.51 -41.71 2.75
C VAL J 281 24.10 -42.61 3.83
N ASP J 282 25.41 -42.82 3.80
CA ASP J 282 26.09 -43.65 4.80
C ASP J 282 26.01 -43.08 6.24
N HIS J 283 25.86 -41.77 6.39
CA HIS J 283 25.64 -41.19 7.71
C HIS J 283 24.51 -41.89 8.42
N GLU J 284 23.43 -42.21 7.71
CA GLU J 284 22.25 -42.84 8.33
C GLU J 284 22.04 -44.28 7.87
N GLY J 285 23.00 -44.82 7.10
CA GLY J 285 22.89 -46.20 6.61
C GLY J 285 21.74 -46.46 5.67
N VAL J 286 21.26 -45.43 4.99
CA VAL J 286 20.25 -45.61 3.97
C VAL J 286 20.88 -46.27 2.75
N VAL J 287 20.19 -47.27 2.19
CA VAL J 287 20.69 -48.00 1.01
C VAL J 287 19.75 -47.72 -0.18
N PRO J 288 20.14 -46.80 -1.07
CA PRO J 288 19.29 -46.41 -2.19
C PRO J 288 19.19 -47.48 -3.26
N ASP J 289 18.10 -47.45 -4.03
CA ASP J 289 17.89 -48.36 -5.14
C ASP J 289 18.74 -47.97 -6.33
N ILE J 290 18.88 -46.67 -6.57
CA ILE J 290 19.84 -46.15 -7.58
C ILE J 290 20.50 -44.93 -6.99
N ILE J 291 21.79 -44.77 -7.25
CA ILE J 291 22.47 -43.57 -6.82
C ILE J 291 23.16 -42.91 -8.02
N THR J 292 22.97 -41.59 -8.16
CA THR J 292 23.53 -40.80 -9.27
C THR J 292 24.81 -40.10 -8.81
N MET J 293 25.84 -40.18 -9.63
CA MET J 293 27.16 -39.65 -9.29
C MET J 293 27.79 -38.89 -10.42
N ALA J 294 28.55 -37.86 -10.07
CA ALA J 294 29.44 -37.16 -11.02
C ALA J 294 30.51 -36.39 -10.23
N LYS J 295 30.85 -35.19 -10.67
CA LYS J 295 31.75 -34.31 -9.94
C LYS J 295 33.04 -34.98 -9.44
N GLY J 296 33.07 -35.35 -8.16
CA GLY J 296 34.29 -35.89 -7.54
C GLY J 296 34.83 -37.19 -8.12
N ILE J 297 33.93 -37.93 -8.77
CA ILE J 297 34.26 -39.23 -9.31
C ILE J 297 35.57 -39.30 -10.08
N ALA J 298 35.90 -38.30 -10.88
CA ALA J 298 37.04 -38.43 -11.78
C ALA J 298 38.02 -37.28 -11.70
N GLY J 299 38.11 -36.71 -10.51
CA GLY J 299 39.12 -35.69 -10.22
C GLY J 299 39.14 -34.51 -11.17
N GLY J 300 37.98 -34.20 -11.75
CA GLY J 300 37.87 -33.07 -12.66
C GLY J 300 37.59 -33.43 -14.11
N LEU J 301 37.87 -34.66 -14.50
CA LEU J 301 37.51 -35.05 -15.85
C LEU J 301 35.98 -35.29 -15.92
N PRO J 302 35.39 -35.13 -17.10
CA PRO J 302 33.95 -35.27 -17.24
C PRO J 302 33.49 -36.72 -17.26
N LEU J 303 32.97 -37.16 -16.13
CA LEU J 303 32.39 -38.49 -16.02
C LEU J 303 31.26 -38.45 -15.00
N SER J 304 30.25 -39.29 -15.23
CA SER J 304 29.13 -39.42 -14.32
C SER J 304 28.64 -40.86 -14.39
N ALA J 305 27.80 -41.25 -13.42
CA ALA J 305 27.37 -42.63 -13.32
C ALA J 305 26.05 -42.80 -12.62
N ILE J 306 25.35 -43.88 -12.94
CA ILE J 306 24.34 -44.44 -12.05
C ILE J 306 24.78 -45.85 -11.62
N THR J 307 24.60 -46.17 -10.34
CA THR J 307 24.82 -47.53 -9.81
C THR J 307 23.60 -47.89 -8.99
N GLY J 308 22.97 -49.02 -9.32
CA GLY J 308 21.74 -49.44 -8.64
C GLY J 308 21.44 -50.93 -8.70
N ARG J 309 20.34 -51.33 -8.08
CA ARG J 309 19.91 -52.70 -8.09
C ARG J 309 20.01 -53.34 -9.47
N ALA J 310 20.63 -54.52 -9.52
CA ALA J 310 20.79 -55.24 -10.77
C ALA J 310 19.44 -55.52 -11.43
N ASP J 311 18.43 -55.88 -10.63
CA ASP J 311 17.11 -56.18 -11.20
C ASP J 311 16.43 -54.97 -11.85
N LEU J 312 16.70 -53.76 -11.34
CA LEU J 312 16.24 -52.53 -11.98
C LEU J 312 17.04 -52.25 -13.26
N LEU J 313 18.34 -52.07 -13.12
CA LEU J 313 19.16 -51.73 -14.28
C LEU J 313 19.13 -52.80 -15.40
N ASP J 314 19.08 -54.09 -15.05
CA ASP J 314 19.06 -55.12 -16.09
C ASP J 314 17.70 -55.20 -16.79
N ALA J 315 16.68 -54.57 -16.24
CA ALA J 315 15.37 -54.52 -16.90
C ALA J 315 15.43 -53.76 -18.26
N VAL J 316 16.37 -52.82 -18.39
CA VAL J 316 16.41 -51.97 -19.57
C VAL J 316 16.85 -52.79 -20.76
N HIS J 317 16.10 -52.66 -21.85
CA HIS J 317 16.37 -53.37 -23.10
C HIS J 317 17.70 -53.00 -23.72
N PRO J 318 18.26 -53.89 -24.58
CA PRO J 318 19.54 -53.62 -25.22
C PRO J 318 19.57 -52.29 -25.93
N GLY J 319 20.61 -51.49 -25.68
CA GLY J 319 20.76 -50.17 -26.30
C GLY J 319 19.84 -49.07 -25.79
N GLY J 320 19.12 -49.33 -24.71
CA GLY J 320 18.19 -48.35 -24.15
C GLY J 320 18.87 -47.23 -23.40
N LEU J 321 20.02 -47.50 -22.78
CA LEU J 321 20.81 -46.47 -22.12
C LEU J 321 22.13 -46.31 -22.84
N GLY J 322 22.60 -45.07 -22.96
CA GLY J 322 23.93 -44.80 -23.49
C GLY J 322 24.19 -43.36 -23.88
N GLY J 323 24.91 -43.19 -24.98
CA GLY J 323 25.48 -41.90 -25.35
C GLY J 323 26.82 -42.11 -26.06
N THR J 324 27.37 -41.06 -26.64
CA THR J 324 28.60 -41.18 -27.41
C THR J 324 29.82 -41.21 -26.49
N TYR J 325 30.05 -40.10 -25.80
CA TYR J 325 31.25 -39.91 -24.97
C TYR J 325 31.26 -40.74 -23.70
N GLY J 326 30.07 -41.14 -23.25
CA GLY J 326 29.89 -41.69 -21.91
C GLY J 326 30.92 -42.73 -21.50
N GLY J 327 31.46 -42.57 -20.29
CA GLY J 327 32.48 -43.48 -19.79
C GLY J 327 33.76 -43.33 -20.58
N ASN J 328 34.13 -42.09 -20.86
CA ASN J 328 35.31 -41.82 -21.65
C ASN J 328 36.56 -42.43 -20.98
N PRO J 329 37.43 -43.07 -21.77
CA PRO J 329 38.59 -43.79 -21.23
C PRO J 329 39.60 -42.94 -20.49
N VAL J 330 39.83 -41.72 -20.95
CA VAL J 330 40.72 -40.82 -20.25
C VAL J 330 40.07 -40.43 -18.92
N ALA J 331 38.78 -40.16 -18.97
CA ALA J 331 38.03 -39.85 -17.77
C ALA J 331 38.01 -41.02 -16.79
N CYS J 332 37.90 -42.25 -17.32
CA CYS J 332 37.91 -43.46 -16.49
C CYS J 332 39.25 -43.63 -15.80
N ALA J 333 40.34 -43.45 -16.55
CA ALA J 333 41.67 -43.49 -15.97
C ALA J 333 41.71 -42.51 -14.82
N ALA J 334 41.24 -41.30 -15.05
CA ALA J 334 41.23 -40.26 -14.00
C ALA J 334 40.45 -40.74 -12.77
N ALA J 335 39.31 -41.38 -13.00
CA ALA J 335 38.48 -41.83 -11.92
C ALA J 335 39.15 -42.91 -11.05
N LEU J 336 39.72 -43.93 -11.72
CA LEU J 336 40.42 -45.03 -11.03
C LEU J 336 41.51 -44.43 -10.14
N ALA J 337 42.26 -43.48 -10.69
CA ALA J 337 43.30 -42.80 -9.93
C ALA J 337 42.69 -41.99 -8.79
N ALA J 338 41.60 -41.30 -9.06
CA ALA J 338 40.99 -40.41 -8.09
C ALA J 338 40.51 -41.21 -6.90
N ILE J 339 39.82 -42.31 -7.19
CA ILE J 339 39.30 -43.19 -6.14
C ILE J 339 40.47 -43.77 -5.36
N ASP J 340 41.53 -44.13 -6.08
CA ASP J 340 42.74 -44.63 -5.46
C ASP J 340 43.31 -43.61 -4.45
N THR J 341 43.42 -42.36 -4.85
CA THR J 341 43.89 -41.33 -3.94
C THR J 341 42.97 -41.18 -2.72
N MET J 342 41.66 -41.30 -2.94
CA MET J 342 40.71 -41.16 -1.84
C MET J 342 41.00 -42.20 -0.76
N GLU J 343 41.32 -43.43 -1.19
CA GLU J 343 41.64 -44.55 -0.29
C GLU J 343 43.05 -44.40 0.33
N GLN J 344 44.09 -44.32 -0.51
CA GLN J 344 45.47 -44.15 -0.03
C GLN J 344 45.63 -43.04 1.01
N HIS J 345 45.03 -41.87 0.78
CA HIS J 345 45.18 -40.74 1.72
C HIS J 345 44.02 -40.54 2.65
N ASP J 346 43.14 -41.55 2.76
CA ASP J 346 42.01 -41.49 3.70
C ASP J 346 41.25 -40.15 3.66
N LEU J 347 40.70 -39.79 2.49
CA LEU J 347 40.05 -38.49 2.36
C LEU J 347 38.74 -38.43 3.14
N ASN J 348 38.13 -39.58 3.39
CA ASN J 348 37.05 -39.60 4.36
C ASN J 348 37.50 -39.01 5.69
N GLY J 349 38.64 -39.48 6.18
CA GLY J 349 39.24 -38.96 7.40
C GLY J 349 39.60 -37.50 7.32
N ARG J 350 40.20 -37.10 6.20
CA ARG J 350 40.53 -35.69 6.01
C ARG J 350 39.27 -34.83 6.05
N ALA J 351 38.18 -35.35 5.48
CA ALA J 351 36.90 -34.65 5.45
C ALA J 351 36.32 -34.50 6.85
N ARG J 352 36.39 -35.56 7.63
CA ARG J 352 35.91 -35.53 9.03
C ARG J 352 36.76 -34.54 9.85
N HIS J 353 38.05 -34.45 9.54
CA HIS J 353 38.93 -33.53 10.23
C HIS J 353 38.60 -32.09 9.89
N ILE J 354 38.39 -31.84 8.60
CA ILE J 354 37.94 -30.51 8.12
C ILE J 354 36.65 -30.07 8.81
N GLU J 355 35.71 -31.01 8.99
CA GLU J 355 34.45 -30.72 9.70
C GLU J 355 34.74 -30.19 11.11
N GLU J 356 35.66 -30.86 11.81
CA GLU J 356 36.02 -30.51 13.18
C GLU J 356 36.63 -29.09 13.25
N LEU J 357 37.67 -28.86 12.43
CA LEU J 357 38.32 -27.55 12.34
C LEU J 357 37.34 -26.45 12.00
N ALA J 358 36.57 -26.63 10.91
CA ALA J 358 35.78 -25.56 10.33
C ALA J 358 34.56 -25.25 11.18
N LEU J 359 33.86 -26.28 11.62
CA LEU J 359 32.72 -26.07 12.50
C LEU J 359 33.18 -25.41 13.81
N GLY J 360 34.37 -25.78 14.26
CA GLY J 360 34.98 -25.13 15.42
C GLY J 360 35.05 -23.63 15.25
N LYS J 361 35.76 -23.20 14.21
CA LYS J 361 36.01 -21.76 13.99
C LYS J 361 34.67 -21.05 13.71
N LEU J 362 33.74 -21.71 13.00
CA LEU J 362 32.45 -21.11 12.68
C LEU J 362 31.59 -20.94 13.92
N ARG J 363 31.59 -21.94 14.80
CA ARG J 363 30.83 -21.87 16.04
C ARG J 363 31.42 -20.79 17.02
N GLU J 364 32.75 -20.61 17.01
CA GLU J 364 33.38 -19.51 17.75
C GLU J 364 32.80 -18.20 17.29
N LEU J 365 32.74 -18.01 15.96
CA LEU J 365 32.11 -16.80 15.39
C LEU J 365 30.71 -16.54 15.98
N ALA J 366 29.95 -17.62 16.20
CA ALA J 366 28.67 -17.48 16.87
C ALA J 366 28.82 -17.66 18.41
N SER J 375 22.39 -10.51 15.95
CA SER J 375 23.15 -11.61 15.33
C SER J 375 22.70 -12.01 13.92
N VAL J 376 23.70 -12.30 13.11
CA VAL J 376 23.57 -12.43 11.68
C VAL J 376 23.77 -13.90 11.25
N VAL J 377 24.27 -14.73 12.18
CA VAL J 377 24.48 -16.16 11.89
C VAL J 377 23.24 -16.97 12.29
N GLY J 378 22.45 -17.36 11.30
CA GLY J 378 21.23 -18.09 11.50
C GLY J 378 21.41 -19.56 11.79
N ASP J 379 22.27 -20.23 11.03
CA ASP J 379 22.38 -21.69 11.14
C ASP J 379 23.71 -22.19 10.54
N ILE J 380 24.37 -23.09 11.26
CA ILE J 380 25.62 -23.70 10.80
C ILE J 380 25.30 -25.18 10.64
N ARG J 381 25.66 -25.78 9.50
CA ARG J 381 25.22 -27.12 9.21
C ARG J 381 26.05 -27.72 8.11
N GLY J 382 25.89 -29.02 7.91
CA GLY J 382 26.69 -29.77 6.96
C GLY J 382 27.49 -30.87 7.62
N ARG J 383 28.26 -31.59 6.82
CA ARG J 383 29.07 -32.68 7.32
C ARG J 383 30.31 -32.74 6.48
N GLY J 384 31.41 -33.13 7.09
CA GLY J 384 32.66 -33.30 6.37
C GLY J 384 33.13 -32.00 5.75
N ALA J 385 33.53 -32.09 4.48
CA ALA J 385 33.98 -30.95 3.71
C ALA J 385 32.83 -30.34 2.87
N MET J 386 31.59 -30.52 3.35
CA MET J 386 30.40 -29.93 2.74
C MET J 386 29.62 -29.22 3.86
N LEU J 387 30.03 -27.98 4.13
CA LEU J 387 29.57 -27.25 5.30
C LEU J 387 29.04 -25.90 4.86
N ALA J 388 28.17 -25.32 5.68
CA ALA J 388 27.51 -24.10 5.28
C ALA J 388 27.07 -23.27 6.46
N ILE J 389 27.03 -21.96 6.25
CA ILE J 389 26.51 -21.03 7.24
C ILE J 389 25.41 -20.20 6.57
N GLU J 390 24.20 -20.26 7.14
CA GLU J 390 23.07 -19.55 6.58
C GLU J 390 22.97 -18.22 7.28
N LEU J 391 23.04 -17.13 6.52
CA LEU J 391 23.07 -15.78 7.08
C LEU J 391 21.69 -15.15 7.09
N VAL J 392 21.35 -14.53 8.20
CA VAL J 392 20.04 -13.93 8.38
C VAL J 392 20.15 -12.45 8.76
N GLN J 393 19.02 -11.76 8.67
CA GLN J 393 18.93 -10.38 9.08
C GLN J 393 19.14 -10.35 10.61
N PRO J 394 19.83 -9.32 11.13
CA PRO J 394 20.14 -9.27 12.56
C PRO J 394 18.92 -9.39 13.47
N GLY J 395 18.96 -10.38 14.35
CA GLY J 395 17.88 -10.57 15.32
C GLY J 395 16.63 -11.28 14.84
N SER J 396 16.56 -11.63 13.55
CA SER J 396 15.40 -12.38 13.04
C SER J 396 15.89 -13.56 12.21
N LYS J 397 14.94 -14.26 11.61
CA LYS J 397 15.24 -15.34 10.68
C LYS J 397 15.11 -14.94 9.20
N GLU J 398 14.79 -13.68 8.91
CA GLU J 398 14.64 -13.22 7.52
C GLU J 398 15.99 -13.43 6.80
N PRO J 399 15.96 -13.84 5.53
CA PRO J 399 17.22 -14.11 4.83
C PRO J 399 18.04 -12.87 4.59
N ASN J 400 19.35 -13.05 4.47
CA ASN J 400 20.29 -11.95 4.24
C ASN J 400 21.17 -12.24 3.03
N ALA J 401 20.58 -12.16 1.85
CA ALA J 401 21.35 -12.33 0.61
C ALA J 401 22.36 -11.18 0.41
N GLU J 402 22.00 -9.96 0.86
CA GLU J 402 22.83 -8.74 0.70
C GLU J 402 24.18 -8.98 1.42
N LEU J 403 24.10 -9.39 2.68
CA LEU J 403 25.32 -9.69 3.46
C LEU J 403 26.10 -10.85 2.84
N THR J 404 25.38 -11.80 2.27
CA THR J 404 26.00 -12.97 1.68
C THR J 404 26.86 -12.57 0.49
N LYS J 405 26.32 -11.75 -0.42
CA LYS J 405 27.07 -11.31 -1.59
C LYS J 405 28.27 -10.50 -1.11
N ALA J 406 28.00 -9.61 -0.16
CA ALA J 406 29.04 -8.75 0.42
C ALA J 406 30.21 -9.57 0.97
N VAL J 407 29.89 -10.60 1.75
CA VAL J 407 30.94 -11.43 2.37
C VAL J 407 31.78 -12.18 1.31
N ALA J 408 31.11 -12.73 0.29
CA ALA J 408 31.81 -13.39 -0.78
C ALA J 408 32.75 -12.44 -1.46
N ALA J 409 32.28 -11.23 -1.77
CA ALA J 409 33.13 -10.21 -2.42
C ALA J 409 34.32 -9.86 -1.51
N ALA J 410 34.04 -9.66 -0.23
CA ALA J 410 35.08 -9.34 0.75
C ALA J 410 36.17 -10.42 0.78
N CYS J 411 35.72 -11.68 0.77
CA CYS J 411 36.66 -12.80 0.80
C CYS J 411 37.51 -12.82 -0.43
N LEU J 412 36.88 -12.57 -1.57
CA LEU J 412 37.60 -12.55 -2.83
C LEU J 412 38.69 -11.48 -2.78
N LYS J 413 38.34 -10.31 -2.24
CA LYS J 413 39.25 -9.16 -2.18
C LYS J 413 40.52 -9.54 -1.43
N GLU J 414 40.36 -10.32 -0.36
CA GLU J 414 41.50 -10.77 0.45
C GLU J 414 42.19 -12.03 -0.10
N GLY J 415 41.73 -12.54 -1.24
CA GLY J 415 42.38 -13.69 -1.88
C GLY J 415 41.82 -15.03 -1.48
N VAL J 416 40.55 -15.05 -1.09
CA VAL J 416 39.85 -16.28 -0.79
C VAL J 416 38.63 -16.44 -1.69
N ILE J 417 38.63 -17.48 -2.53
CA ILE J 417 37.49 -17.78 -3.40
C ILE J 417 36.51 -18.69 -2.66
N ILE J 418 35.34 -18.17 -2.34
CA ILE J 418 34.33 -18.91 -1.62
C ILE J 418 32.98 -18.84 -2.37
N LEU J 419 32.20 -19.92 -2.33
CA LEU J 419 30.93 -19.96 -3.06
C LEU J 419 29.71 -19.65 -2.21
N THR J 420 28.62 -19.23 -2.86
CA THR J 420 27.33 -19.02 -2.21
C THR J 420 26.29 -19.92 -2.83
N CYS J 421 25.14 -20.03 -2.18
CA CYS J 421 24.03 -20.81 -2.71
C CYS J 421 22.78 -20.52 -1.92
N GLY J 422 21.73 -21.31 -2.13
CA GLY J 422 20.50 -21.24 -1.31
C GLY J 422 19.29 -20.74 -2.06
N THR J 423 18.14 -21.34 -1.76
CA THR J 423 16.88 -20.89 -2.30
C THR J 423 16.70 -19.41 -2.12
N TYR J 424 17.12 -18.88 -0.96
CA TYR J 424 16.98 -17.44 -0.65
C TYR J 424 18.28 -16.63 -0.82
N GLY J 425 19.28 -17.25 -1.45
CA GLY J 425 20.53 -16.58 -1.81
C GLY J 425 21.42 -16.21 -0.65
N ASN J 426 21.19 -16.83 0.49
CA ASN J 426 21.76 -16.37 1.75
C ASN J 426 22.58 -17.43 2.47
N VAL J 427 23.23 -18.31 1.73
CA VAL J 427 24.08 -19.33 2.33
C VAL J 427 25.46 -19.29 1.76
N ILE J 428 26.43 -19.20 2.67
CA ILE J 428 27.82 -19.35 2.33
C ILE J 428 28.18 -20.81 2.51
N ARG J 429 28.77 -21.40 1.48
CA ARG J 429 29.12 -22.80 1.52
C ARG J 429 30.61 -23.01 1.42
N LEU J 430 31.10 -23.92 2.26
CA LEU J 430 32.49 -24.35 2.22
C LEU J 430 32.57 -25.68 1.48
N LEU J 431 33.25 -25.68 0.34
CA LEU J 431 33.51 -26.89 -0.41
C LEU J 431 35.00 -26.90 -0.76
N PRO J 432 35.86 -26.93 0.27
CA PRO J 432 37.28 -27.02 0.01
C PRO J 432 37.64 -28.36 -0.58
N PRO J 433 38.73 -28.40 -1.36
CA PRO J 433 39.26 -29.71 -1.71
C PRO J 433 39.69 -30.44 -0.45
N LEU J 434 39.49 -31.76 -0.42
CA LEU J 434 39.72 -32.53 0.78
C LEU J 434 41.24 -32.62 1.09
N VAL J 435 42.08 -32.41 0.08
CA VAL J 435 43.53 -32.37 0.28
C VAL J 435 44.07 -31.04 0.81
N ILE J 436 43.21 -30.14 1.23
CA ILE J 436 43.65 -28.83 1.76
C ILE J 436 44.43 -28.99 3.08
N SER J 437 45.43 -28.15 3.29
CA SER J 437 46.20 -28.18 4.53
C SER J 437 45.43 -27.44 5.63
N ASP J 438 45.60 -27.87 6.87
CA ASP J 438 45.03 -27.19 8.02
C ASP J 438 45.38 -25.71 8.02
N GLU J 439 46.63 -25.39 7.69
CA GLU J 439 47.13 -24.01 7.72
C GLU J 439 46.28 -23.13 6.76
N LEU J 440 46.16 -23.57 5.51
CA LEU J 440 45.38 -22.84 4.50
C LEU J 440 43.89 -22.72 4.87
N LEU J 441 43.32 -23.81 5.33
CA LEU J 441 41.93 -23.81 5.70
C LEU J 441 41.68 -22.80 6.82
N ILE J 442 42.54 -22.81 7.85
CA ILE J 442 42.39 -21.87 8.97
C ILE J 442 42.52 -20.43 8.48
N ASP J 443 43.45 -20.22 7.53
CA ASP J 443 43.65 -18.87 7.00
C ASP J 443 42.36 -18.41 6.32
N GLY J 444 41.82 -19.27 5.45
CA GLY J 444 40.56 -19.03 4.77
C GLY J 444 39.42 -18.72 5.72
N LEU J 445 39.28 -19.53 6.77
CA LEU J 445 38.22 -19.32 7.76
C LEU J 445 38.39 -18.02 8.50
N GLU J 446 39.64 -17.65 8.79
CA GLU J 446 39.90 -16.36 9.45
C GLU J 446 39.44 -15.20 8.54
N VAL J 447 39.80 -15.28 7.25
CA VAL J 447 39.36 -14.27 6.27
C VAL J 447 37.83 -14.18 6.17
N LEU J 448 37.19 -15.35 6.13
CA LEU J 448 35.75 -15.41 6.13
C LEU J 448 35.16 -14.75 7.39
N ALA J 449 35.61 -15.19 8.55
CA ALA J 449 35.13 -14.65 9.83
C ALA J 449 35.31 -13.13 9.87
N ALA J 450 36.48 -12.66 9.43
CA ALA J 450 36.74 -11.22 9.38
C ALA J 450 35.70 -10.50 8.51
N ALA J 451 35.44 -11.06 7.32
CA ALA J 451 34.47 -10.52 6.38
C ALA J 451 33.07 -10.38 6.95
N ILE J 452 32.60 -11.44 7.63
CA ILE J 452 31.26 -11.41 8.21
C ILE J 452 31.19 -10.29 9.25
N LYS J 453 32.18 -10.23 10.15
CA LYS J 453 32.21 -9.20 11.20
C LYS J 453 32.27 -7.82 10.56
N ALA J 454 33.06 -7.69 9.49
CA ALA J 454 33.19 -6.40 8.79
C ALA J 454 31.87 -5.88 8.12
N HIS J 455 30.96 -6.77 7.71
CA HIS J 455 29.64 -6.36 7.18
C HIS J 455 28.49 -7.08 7.87
N TYR K 10 51.45 -42.73 -39.18
CA TYR K 10 50.84 -43.29 -37.94
C TYR K 10 51.87 -43.92 -36.95
N ARG K 11 51.41 -44.31 -35.76
CA ARG K 11 52.25 -44.82 -34.66
C ARG K 11 52.08 -46.34 -34.41
N ILE K 12 50.94 -46.92 -34.77
CA ILE K 12 50.75 -48.38 -34.77
C ILE K 12 50.63 -48.84 -36.21
N GLU K 13 51.10 -50.05 -36.50
CA GLU K 13 51.16 -50.52 -37.89
C GLU K 13 49.76 -50.47 -38.53
N GLN K 14 49.67 -49.78 -39.66
CA GLN K 14 48.40 -49.57 -40.34
C GLN K 14 48.08 -50.69 -41.34
N LYS K 15 47.91 -51.92 -40.83
CA LYS K 15 47.43 -53.04 -41.66
C LYS K 15 46.48 -53.95 -40.89
N ARG K 16 45.50 -54.46 -41.61
CA ARG K 16 44.54 -55.38 -41.05
C ARG K 16 45.22 -56.69 -40.72
N ASN K 17 45.05 -57.17 -39.50
CA ASN K 17 45.72 -58.40 -39.06
C ASN K 17 44.96 -59.15 -37.96
N ILE K 18 44.24 -60.20 -38.34
CA ILE K 18 43.52 -61.04 -37.38
C ILE K 18 44.29 -62.37 -37.13
N ASN K 19 44.84 -62.50 -35.92
CA ASN K 19 45.59 -63.69 -35.48
C ASN K 19 44.68 -64.73 -34.80
N GLY K 20 43.98 -65.53 -35.59
CA GLY K 20 43.16 -66.60 -35.05
C GLY K 20 41.80 -66.12 -34.55
N ALA K 21 41.19 -66.93 -33.69
CA ALA K 21 39.82 -66.71 -33.26
C ALA K 21 39.75 -65.59 -32.23
N PHE K 22 38.65 -64.84 -32.28
CA PHE K 22 38.38 -63.78 -31.30
C PHE K 22 36.90 -63.82 -30.94
N PRO K 23 36.56 -63.33 -29.74
CA PRO K 23 37.44 -62.70 -28.76
C PRO K 23 38.53 -63.63 -28.25
N GLY K 24 39.74 -63.10 -28.10
CA GLY K 24 40.83 -63.84 -27.53
C GLY K 24 40.73 -63.92 -26.01
N PRO K 25 41.70 -64.58 -25.37
CA PRO K 25 41.66 -64.83 -23.91
C PRO K 25 41.54 -63.58 -23.06
N LYS K 26 42.30 -62.54 -23.39
CA LYS K 26 42.32 -61.30 -22.60
C LYS K 26 40.98 -60.52 -22.74
N SER K 27 40.42 -60.54 -23.96
CA SER K 27 39.10 -60.01 -24.21
C SER K 27 38.04 -60.79 -23.46
N GLN K 28 38.07 -62.12 -23.58
CA GLN K 28 37.13 -63.00 -22.86
C GLN K 28 37.20 -62.73 -21.33
N ALA K 29 38.40 -62.50 -20.80
CA ALA K 29 38.55 -62.17 -19.37
C ALA K 29 37.79 -60.90 -18.98
N LEU K 30 37.85 -59.89 -19.86
CA LEU K 30 37.17 -58.61 -19.62
C LEU K 30 35.65 -58.76 -19.73
N ALA K 31 35.18 -59.47 -20.76
CA ALA K 31 33.75 -59.78 -20.89
C ALA K 31 33.21 -60.42 -19.61
N GLU K 32 33.96 -61.38 -19.06
CA GLU K 32 33.53 -62.08 -17.83
C GLU K 32 33.43 -61.07 -16.68
N ARG K 33 34.40 -60.18 -16.56
CA ARG K 33 34.34 -59.15 -15.51
C ARG K 33 33.13 -58.22 -15.72
N ARG K 34 32.93 -57.83 -16.99
CA ARG K 34 31.90 -56.87 -17.41
C ARG K 34 30.52 -57.34 -17.01
N SER K 35 30.21 -58.61 -17.28
CA SER K 35 28.84 -59.09 -17.07
C SER K 35 28.42 -59.09 -15.59
N ALA K 36 29.39 -58.99 -14.69
CA ALA K 36 29.06 -58.92 -13.27
C ALA K 36 28.70 -57.51 -12.83
N VAL K 37 29.17 -56.51 -13.57
CA VAL K 37 29.17 -55.11 -13.07
C VAL K 37 28.54 -54.02 -13.96
N VAL K 38 28.43 -54.27 -15.26
CA VAL K 38 27.77 -53.36 -16.20
C VAL K 38 26.38 -53.86 -16.52
N ALA K 39 25.41 -52.96 -16.57
CA ALA K 39 24.03 -53.35 -16.87
C ALA K 39 23.93 -54.16 -18.18
N ALA K 40 23.13 -55.22 -18.12
CA ALA K 40 22.98 -56.16 -19.22
C ALA K 40 22.59 -55.48 -20.53
N GLY K 41 21.76 -54.43 -20.44
CA GLY K 41 21.28 -53.72 -21.62
C GLY K 41 22.37 -52.95 -22.36
N VAL K 42 23.45 -52.60 -21.68
CA VAL K 42 24.54 -51.87 -22.30
C VAL K 42 25.35 -52.88 -23.11
N ALA K 43 25.00 -53.03 -24.39
CA ALA K 43 25.57 -54.04 -25.28
C ALA K 43 26.56 -53.37 -26.23
N SER K 44 27.51 -54.14 -26.76
CA SER K 44 28.51 -53.56 -27.66
C SER K 44 28.46 -54.28 -28.98
N GLY K 45 28.63 -53.54 -30.08
CA GLY K 45 28.61 -54.12 -31.40
C GLY K 45 29.81 -55.00 -31.68
N VAL K 46 30.87 -54.82 -30.91
CA VAL K 46 32.14 -55.48 -31.12
C VAL K 46 32.55 -56.24 -29.84
N PRO K 47 32.95 -57.53 -29.98
CA PRO K 47 33.27 -58.34 -28.80
C PRO K 47 34.73 -58.28 -28.32
N VAL K 48 35.59 -57.50 -28.98
CA VAL K 48 37.00 -57.38 -28.58
C VAL K 48 37.24 -56.05 -27.86
N TYR K 49 38.25 -56.00 -26.99
CA TYR K 49 38.53 -54.82 -26.17
C TYR K 49 39.76 -54.06 -26.63
N VAL K 50 39.65 -52.75 -26.82
CA VAL K 50 40.78 -51.94 -27.33
C VAL K 50 41.90 -51.82 -26.35
N GLU K 51 43.12 -51.79 -26.88
CA GLU K 51 44.34 -51.42 -26.15
C GLU K 51 44.98 -50.18 -26.76
N ASP K 52 44.98 -50.11 -28.09
CA ASP K 52 45.49 -48.95 -28.83
C ASP K 52 44.59 -48.65 -30.05
N ALA K 53 44.36 -47.38 -30.33
CA ALA K 53 43.56 -46.96 -31.49
C ALA K 53 44.24 -45.78 -32.11
N ASP K 54 44.55 -45.88 -33.40
CA ASP K 54 45.40 -44.88 -34.05
C ASP K 54 45.26 -44.99 -35.56
N GLY K 55 45.27 -43.86 -36.24
CA GLY K 55 45.01 -43.83 -37.68
C GLY K 55 43.71 -44.54 -38.01
N GLY K 56 43.81 -45.61 -38.78
CA GLY K 56 42.63 -46.40 -39.17
C GLY K 56 42.58 -47.80 -38.53
N ILE K 57 43.29 -48.00 -37.42
CA ILE K 57 43.32 -49.34 -36.76
C ILE K 57 42.82 -49.27 -35.31
N ILE K 58 42.02 -50.27 -34.95
CA ILE K 58 41.73 -50.59 -33.54
C ILE K 58 42.48 -51.87 -33.28
N ARG K 59 43.44 -51.83 -32.36
CA ARG K 59 44.19 -53.03 -31.95
C ARG K 59 43.69 -53.49 -30.59
N ASP K 60 43.29 -54.76 -30.48
CA ASP K 60 42.68 -55.27 -29.25
C ASP K 60 43.72 -55.77 -28.26
N VAL K 61 43.26 -56.09 -27.06
CA VAL K 61 44.15 -56.53 -25.99
C VAL K 61 44.85 -57.87 -26.30
N ASP K 62 44.38 -58.61 -27.31
CA ASP K 62 45.01 -59.85 -27.76
C ASP K 62 45.84 -59.65 -29.05
N GLY K 63 46.17 -58.40 -29.38
CA GLY K 63 47.06 -58.11 -30.51
C GLY K 63 46.44 -58.10 -31.91
N ASN K 64 45.13 -58.30 -32.01
CA ASN K 64 44.48 -58.23 -33.31
C ASN K 64 44.31 -56.79 -33.78
N SER K 65 44.47 -56.55 -35.07
CA SER K 65 44.33 -55.23 -35.64
C SER K 65 43.15 -55.18 -36.63
N PHE K 66 42.11 -54.42 -36.26
CA PHE K 66 40.90 -54.26 -37.08
C PHE K 66 40.93 -52.93 -37.84
N ILE K 67 40.34 -52.91 -39.04
CA ILE K 67 40.14 -51.64 -39.76
C ILE K 67 38.95 -50.91 -39.10
N ASP K 68 39.15 -49.62 -38.78
CA ASP K 68 38.13 -48.81 -38.09
C ASP K 68 37.34 -47.97 -39.09
N LEU K 69 36.14 -48.42 -39.45
CA LEU K 69 35.31 -47.68 -40.37
C LEU K 69 34.15 -46.92 -39.66
N GLY K 70 34.29 -46.71 -38.36
CA GLY K 70 33.28 -46.02 -37.58
C GLY K 70 33.75 -44.79 -36.80
N SER K 71 35.07 -44.65 -36.65
CA SER K 71 35.66 -43.60 -35.82
C SER K 71 34.88 -43.28 -34.55
N GLY K 72 34.40 -44.31 -33.88
CA GLY K 72 33.70 -44.13 -32.60
C GLY K 72 32.36 -43.41 -32.73
N ILE K 73 31.68 -43.71 -33.83
CA ILE K 73 30.50 -42.99 -34.31
C ILE K 73 30.84 -41.54 -34.63
N ALA K 74 31.69 -41.37 -35.63
CA ALA K 74 32.05 -40.08 -36.17
C ALA K 74 32.72 -39.15 -35.16
N VAL K 75 33.38 -39.70 -34.15
CA VAL K 75 34.09 -38.85 -33.17
C VAL K 75 35.58 -38.63 -33.47
N THR K 76 36.33 -39.69 -33.71
CA THR K 76 37.78 -39.58 -33.81
C THR K 76 38.15 -39.30 -35.26
N SER K 77 37.66 -38.19 -35.79
CA SER K 77 37.91 -37.81 -37.19
C SER K 77 39.39 -37.50 -37.44
N VAL K 78 40.03 -36.85 -36.45
CA VAL K 78 41.45 -36.60 -36.48
C VAL K 78 42.26 -37.86 -36.09
N GLY K 79 41.58 -38.98 -35.83
CA GLY K 79 42.22 -40.21 -35.34
C GLY K 79 42.11 -40.30 -33.83
N ALA K 80 42.04 -41.52 -33.32
CA ALA K 80 41.86 -41.75 -31.88
C ALA K 80 43.11 -41.46 -31.05
N SER K 81 44.21 -41.07 -31.70
CA SER K 81 45.46 -40.86 -30.98
C SER K 81 46.36 -39.82 -31.69
N ASP K 82 45.76 -38.73 -32.17
CA ASP K 82 46.50 -37.67 -32.85
C ASP K 82 47.54 -37.05 -31.89
N PRO K 83 48.83 -37.10 -32.28
CA PRO K 83 49.90 -36.68 -31.38
C PRO K 83 49.68 -35.27 -30.82
N ALA K 84 49.15 -34.37 -31.65
CA ALA K 84 48.88 -32.99 -31.23
C ALA K 84 47.85 -32.96 -30.08
N VAL K 85 46.75 -33.68 -30.26
CA VAL K 85 45.71 -33.81 -29.24
C VAL K 85 46.30 -34.40 -27.96
N VAL K 86 47.04 -35.50 -28.13
CA VAL K 86 47.63 -36.21 -26.99
C VAL K 86 48.53 -35.28 -26.19
N ALA K 87 49.40 -34.60 -26.91
CA ALA K 87 50.34 -33.68 -26.28
C ALA K 87 49.55 -32.59 -25.54
N ALA K 88 48.54 -32.05 -26.21
CA ALA K 88 47.79 -30.91 -25.67
C ALA K 88 47.07 -31.30 -24.40
N VAL K 89 46.46 -32.49 -24.43
CA VAL K 89 45.79 -33.05 -23.27
C VAL K 89 46.78 -33.27 -22.12
N GLN K 90 47.91 -33.90 -22.44
CA GLN K 90 48.95 -34.20 -21.47
C GLN K 90 49.44 -32.90 -20.79
N GLU K 91 49.72 -31.87 -21.57
CA GLU K 91 50.21 -30.61 -21.02
C GLU K 91 49.13 -29.91 -20.16
N ALA K 92 47.90 -29.85 -20.67
CA ALA K 92 46.80 -29.19 -19.98
C ALA K 92 46.43 -29.84 -18.64
N ALA K 93 46.39 -31.17 -18.63
CA ALA K 93 46.05 -31.91 -17.43
C ALA K 93 47.03 -31.63 -16.27
N ALA K 94 48.29 -31.35 -16.59
CA ALA K 94 49.30 -31.08 -15.58
C ALA K 94 49.10 -29.77 -14.84
N HIS K 95 48.36 -28.84 -15.46
CA HIS K 95 48.13 -27.50 -14.91
C HIS K 95 46.90 -27.50 -14.01
N PHE K 96 45.78 -27.99 -14.55
CA PHE K 96 44.56 -28.18 -13.78
C PHE K 96 43.58 -28.99 -14.61
N THR K 97 42.86 -29.89 -13.96
CA THR K 97 41.86 -30.73 -14.63
C THR K 97 40.51 -30.00 -14.81
N HIS K 98 40.17 -29.13 -13.86
CA HIS K 98 38.85 -28.50 -13.80
C HIS K 98 38.81 -27.43 -12.74
N THR K 99 38.21 -26.29 -13.09
CA THR K 99 37.87 -25.27 -12.08
C THR K 99 36.41 -24.82 -12.14
N CYS K 100 35.66 -25.32 -13.14
CA CYS K 100 34.29 -24.86 -13.46
C CYS K 100 34.28 -23.42 -13.96
N PHE K 101 34.16 -23.26 -15.27
CA PHE K 101 34.24 -21.94 -15.92
C PHE K 101 33.34 -20.90 -15.26
N MET K 102 32.14 -21.32 -14.86
CA MET K 102 31.20 -20.43 -14.16
C MET K 102 31.76 -19.90 -12.84
N VAL K 103 32.76 -20.57 -12.27
CA VAL K 103 33.41 -20.08 -11.06
C VAL K 103 34.70 -19.36 -11.42
N THR K 104 35.72 -20.12 -11.82
CA THR K 104 37.01 -19.55 -12.19
C THR K 104 37.31 -19.85 -13.67
N PRO K 105 37.30 -18.83 -14.52
CA PRO K 105 37.39 -19.05 -15.96
C PRO K 105 38.81 -19.32 -16.36
N TYR K 106 39.02 -19.61 -17.64
CA TYR K 106 40.32 -20.00 -18.14
C TYR K 106 40.41 -19.87 -19.66
N GLU K 107 41.63 -19.68 -20.15
CA GLU K 107 41.85 -19.34 -21.57
C GLU K 107 41.31 -20.38 -22.53
N GLY K 108 41.45 -21.65 -22.17
CA GLY K 108 41.02 -22.74 -23.05
C GLY K 108 39.59 -22.59 -23.56
N TYR K 109 38.69 -22.26 -22.65
CA TYR K 109 37.28 -22.05 -22.99
C TYR K 109 37.15 -20.93 -24.03
N VAL K 110 37.74 -19.77 -23.72
CA VAL K 110 37.67 -18.64 -24.62
C VAL K 110 38.26 -18.96 -25.97
N ALA K 111 39.43 -19.60 -25.96
CA ALA K 111 40.12 -19.91 -27.21
C ALA K 111 39.28 -20.81 -28.11
N VAL K 112 38.69 -21.84 -27.53
CA VAL K 112 37.87 -22.73 -28.30
C VAL K 112 36.70 -21.97 -28.89
N THR K 113 36.11 -21.09 -28.08
CA THR K 113 34.99 -20.26 -28.53
C THR K 113 35.42 -19.40 -29.70
N GLU K 114 36.65 -18.90 -29.65
CA GLU K 114 37.20 -18.07 -30.72
C GLU K 114 37.22 -18.85 -32.03
N GLN K 115 37.70 -20.09 -31.96
CA GLN K 115 37.75 -20.96 -33.15
C GLN K 115 36.37 -21.27 -33.71
N LEU K 116 35.42 -21.60 -32.84
CA LEU K 116 34.11 -22.02 -33.31
C LEU K 116 33.36 -20.81 -33.97
N ASN K 117 33.56 -19.60 -33.42
CA ASN K 117 33.07 -18.34 -34.04
C ASN K 117 33.57 -18.19 -35.47
N ARG K 118 34.85 -18.46 -35.66
CA ARG K 118 35.52 -18.32 -36.97
C ARG K 118 35.11 -19.37 -37.97
N LEU K 119 35.01 -20.62 -37.55
CA LEU K 119 34.81 -21.73 -38.47
C LEU K 119 33.35 -21.97 -38.86
N THR K 120 32.41 -21.48 -38.08
CA THR K 120 31.01 -21.74 -38.35
C THR K 120 30.56 -20.81 -39.46
N PRO K 121 29.48 -21.17 -40.19
CA PRO K 121 29.00 -20.34 -41.28
C PRO K 121 28.39 -19.01 -40.85
N GLY K 122 28.32 -18.07 -41.80
CA GLY K 122 27.80 -16.74 -41.56
C GLY K 122 28.86 -15.78 -41.06
N ASP K 123 28.69 -14.50 -41.44
CA ASP K 123 29.63 -13.42 -41.06
C ASP K 123 29.04 -12.46 -40.02
N HIS K 124 27.86 -12.79 -39.53
CA HIS K 124 27.17 -11.99 -38.53
C HIS K 124 27.78 -12.23 -37.17
N ALA K 125 27.39 -11.41 -36.20
CA ALA K 125 27.91 -11.56 -34.83
C ALA K 125 27.41 -12.88 -34.25
N LYS K 126 28.36 -13.68 -33.76
CA LYS K 126 28.02 -14.97 -33.15
C LYS K 126 28.62 -15.09 -31.77
N ARG K 127 28.00 -15.94 -30.93
CA ARG K 127 28.57 -16.27 -29.63
C ARG K 127 28.44 -17.78 -29.41
N THR K 128 29.15 -18.28 -28.40
CA THR K 128 29.23 -19.73 -28.14
C THR K 128 29.13 -20.02 -26.65
N VAL K 129 28.49 -21.12 -26.30
CA VAL K 129 28.61 -21.69 -24.93
C VAL K 129 29.01 -23.14 -25.10
N LEU K 130 29.78 -23.64 -24.12
CA LEU K 130 30.29 -25.01 -24.16
C LEU K 130 29.62 -25.92 -23.09
N PHE K 131 29.41 -27.19 -23.46
CA PHE K 131 28.88 -28.20 -22.57
C PHE K 131 29.67 -29.49 -22.77
N ASN K 132 29.11 -30.65 -22.42
CA ASN K 132 29.86 -31.91 -22.54
C ASN K 132 29.36 -32.82 -23.65
N SER K 133 28.07 -33.15 -23.65
CA SER K 133 27.50 -34.06 -24.64
C SER K 133 26.73 -33.38 -25.77
N GLY K 134 26.52 -34.09 -26.86
CA GLY K 134 25.66 -33.61 -27.94
C GLY K 134 24.25 -33.33 -27.44
N ALA K 135 23.69 -34.25 -26.64
CA ALA K 135 22.37 -34.04 -26.07
C ALA K 135 22.32 -32.73 -25.28
N GLU K 136 23.36 -32.43 -24.50
CA GLU K 136 23.37 -31.19 -23.74
C GLU K 136 23.35 -29.99 -24.70
N ALA K 137 24.14 -30.08 -25.77
CA ALA K 137 24.18 -29.02 -26.78
C ALA K 137 22.78 -28.77 -27.37
N VAL K 138 22.08 -29.81 -27.80
CA VAL K 138 20.75 -29.66 -28.36
C VAL K 138 19.77 -29.11 -27.30
N GLU K 139 19.86 -29.63 -26.09
CA GLU K 139 19.03 -29.15 -24.98
C GLU K 139 19.23 -27.63 -24.83
N ASN K 140 20.46 -27.17 -24.92
CA ASN K 140 20.73 -25.75 -24.76
C ASN K 140 20.29 -24.90 -25.95
N ALA K 141 20.44 -25.42 -27.16
CA ALA K 141 19.95 -24.73 -28.35
C ALA K 141 18.46 -24.46 -28.22
N VAL K 142 17.72 -25.47 -27.76
CA VAL K 142 16.29 -25.32 -27.61
C VAL K 142 15.95 -24.34 -26.48
N LYS K 143 16.71 -24.37 -25.39
CA LYS K 143 16.48 -23.41 -24.30
C LYS K 143 16.60 -21.99 -24.82
N VAL K 144 17.63 -21.77 -25.64
CA VAL K 144 17.85 -20.45 -26.18
C VAL K 144 16.74 -20.03 -27.14
N ALA K 145 16.41 -20.91 -28.08
CA ALA K 145 15.32 -20.63 -29.03
C ALA K 145 14.06 -20.26 -28.26
N ARG K 146 13.75 -21.02 -27.21
CA ARG K 146 12.52 -20.80 -26.45
C ARG K 146 12.52 -19.49 -25.69
N LEU K 147 13.61 -19.21 -25.00
CA LEU K 147 13.76 -17.95 -24.26
C LEU K 147 13.78 -16.74 -25.21
N ALA K 148 14.65 -16.79 -26.22
CA ALA K 148 14.82 -15.68 -27.16
C ALA K 148 13.53 -15.36 -27.93
N THR K 149 12.79 -16.35 -28.38
CA THR K 149 11.58 -16.07 -29.16
C THR K 149 10.35 -15.85 -28.31
N GLY K 150 10.39 -16.30 -27.06
CA GLY K 150 9.20 -16.31 -26.25
C GLY K 150 8.13 -17.28 -26.73
N ARG K 151 8.48 -18.22 -27.59
CA ARG K 151 7.53 -19.26 -28.02
C ARG K 151 7.87 -20.68 -27.47
N ASP K 152 6.94 -21.62 -27.66
CA ASP K 152 6.98 -22.94 -27.07
C ASP K 152 7.38 -24.07 -28.04
N ALA K 153 6.64 -24.15 -29.15
CA ALA K 153 6.71 -25.32 -30.00
C ALA K 153 8.09 -25.47 -30.68
N VAL K 154 8.55 -26.69 -30.79
CA VAL K 154 9.77 -27.01 -31.52
C VAL K 154 9.43 -28.07 -32.58
N VAL K 155 9.82 -27.85 -33.83
CA VAL K 155 9.55 -28.91 -34.81
C VAL K 155 10.82 -29.69 -35.11
N ALA K 156 10.65 -31.02 -35.13
CA ALA K 156 11.67 -31.94 -35.58
C ALA K 156 11.08 -32.80 -36.68
N PHE K 157 11.91 -33.64 -37.27
CA PHE K 157 11.48 -34.40 -38.45
C PHE K 157 11.45 -35.91 -38.26
N ASP K 158 10.72 -36.56 -39.14
CA ASP K 158 10.87 -37.99 -39.32
C ASP K 158 12.36 -38.34 -39.49
N HIS K 159 12.74 -39.50 -38.99
CA HIS K 159 14.12 -40.02 -39.06
C HIS K 159 15.14 -39.22 -38.28
N ALA K 160 14.67 -38.27 -37.48
CA ALA K 160 15.58 -37.46 -36.67
C ALA K 160 16.18 -38.29 -35.51
N TYR K 161 17.41 -37.97 -35.15
CA TYR K 161 17.99 -38.41 -33.89
C TYR K 161 18.75 -37.24 -33.26
N HIS K 162 18.48 -36.97 -31.99
CA HIS K 162 19.11 -35.83 -31.29
C HIS K 162 19.58 -36.10 -29.87
N GLY K 163 19.35 -37.31 -29.34
CA GLY K 163 19.87 -37.62 -28.03
C GLY K 163 18.98 -38.44 -27.11
N ARG K 164 19.48 -38.69 -25.92
CA ARG K 164 18.90 -39.63 -24.97
C ARG K 164 18.41 -39.03 -23.66
N THR K 165 18.46 -37.70 -23.54
CA THR K 165 17.77 -37.01 -22.42
C THR K 165 16.28 -36.94 -22.78
N ASN K 166 15.43 -36.60 -21.81
CA ASN K 166 13.98 -36.69 -22.05
C ASN K 166 13.56 -35.86 -23.24
N LEU K 167 14.04 -34.63 -23.31
CA LEU K 167 13.72 -33.76 -24.44
C LEU K 167 14.33 -34.25 -25.75
N THR K 168 15.58 -34.71 -25.72
CA THR K 168 16.24 -35.12 -26.97
C THR K 168 15.67 -36.47 -27.46
N MET K 169 15.20 -37.28 -26.52
CA MET K 169 14.37 -38.42 -26.85
C MET K 169 13.09 -37.94 -27.53
N ALA K 170 12.43 -36.96 -26.93
CA ALA K 170 11.23 -36.40 -27.52
C ALA K 170 11.52 -35.95 -28.95
N LEU K 171 12.67 -35.31 -29.17
CA LEU K 171 13.02 -34.81 -30.50
C LEU K 171 13.37 -35.94 -31.47
N THR K 172 13.88 -37.05 -30.93
CA THR K 172 14.24 -38.21 -31.72
C THR K 172 13.01 -38.99 -32.24
N ALA K 173 13.07 -39.44 -33.49
CA ALA K 173 11.94 -40.12 -34.13
C ALA K 173 11.81 -41.58 -33.73
N LYS K 174 12.92 -42.34 -33.81
CA LYS K 174 12.85 -43.80 -33.68
C LYS K 174 12.71 -44.22 -32.23
N ALA K 175 11.74 -45.08 -31.95
CA ALA K 175 11.39 -45.46 -30.60
C ALA K 175 12.27 -46.57 -30.02
N MET K 176 12.64 -47.56 -30.86
CA MET K 176 13.53 -48.65 -30.43
C MET K 176 14.98 -48.42 -30.87
N PRO K 177 15.93 -48.35 -29.90
CA PRO K 177 15.83 -48.56 -28.46
C PRO K 177 15.77 -47.27 -27.67
N TYR K 178 15.71 -46.13 -28.36
CA TYR K 178 15.99 -44.84 -27.69
C TYR K 178 14.89 -44.32 -26.76
N LYS K 179 13.65 -44.77 -26.94
CA LYS K 179 12.50 -44.16 -26.27
C LYS K 179 11.59 -45.11 -25.49
N THR K 180 11.50 -46.37 -25.93
CA THR K 180 10.51 -47.29 -25.37
C THR K 180 10.54 -47.32 -23.83
N ASN K 181 9.38 -47.07 -23.23
CA ASN K 181 9.19 -47.07 -21.79
C ASN K 181 9.94 -46.00 -20.99
N PHE K 182 10.56 -45.03 -21.66
CA PHE K 182 11.27 -43.94 -20.97
C PHE K 182 10.49 -42.62 -20.81
N GLY K 183 9.27 -42.55 -21.34
CA GLY K 183 8.46 -41.34 -21.26
C GLY K 183 7.75 -41.23 -19.93
N PRO K 184 6.82 -40.26 -19.82
CA PRO K 184 6.32 -39.35 -20.84
C PRO K 184 7.34 -38.30 -21.22
N PHE K 185 7.26 -37.85 -22.46
CA PHE K 185 8.28 -37.00 -23.04
C PHE K 185 7.96 -35.52 -22.98
N ALA K 186 9.01 -34.70 -23.05
CA ALA K 186 8.88 -33.25 -22.96
C ALA K 186 7.83 -32.77 -23.94
N PRO K 187 6.96 -31.82 -23.50
CA PRO K 187 5.88 -31.37 -24.35
C PRO K 187 6.25 -30.34 -25.42
N GLU K 188 5.30 -30.12 -26.32
CA GLU K 188 5.36 -29.13 -27.41
C GLU K 188 6.49 -29.40 -28.40
N VAL K 189 6.63 -30.68 -28.75
CA VAL K 189 7.48 -31.11 -29.86
C VAL K 189 6.59 -31.66 -30.94
N TYR K 190 6.81 -31.24 -32.17
CA TYR K 190 5.96 -31.65 -33.28
C TYR K 190 6.82 -32.29 -34.35
N ARG K 191 6.29 -33.31 -35.02
CA ARG K 191 7.10 -33.99 -36.02
C ARG K 191 6.58 -33.75 -37.41
N MET K 192 7.50 -33.48 -38.33
CA MET K 192 7.15 -33.11 -39.70
C MET K 192 7.88 -34.00 -40.69
N PRO K 193 7.35 -34.13 -41.91
CA PRO K 193 7.95 -35.01 -42.89
C PRO K 193 9.26 -34.49 -43.43
N MET K 194 10.17 -35.44 -43.66
CA MET K 194 11.54 -35.18 -44.12
C MET K 194 11.61 -35.32 -45.64
N SER K 195 12.61 -34.71 -46.25
CA SER K 195 12.93 -34.99 -47.66
C SER K 195 13.83 -36.20 -47.67
N TYR K 196 13.26 -37.34 -48.07
CA TYR K 196 13.96 -38.64 -48.06
C TYR K 196 13.77 -39.25 -49.46
N PRO K 197 14.59 -38.78 -50.43
CA PRO K 197 14.37 -39.02 -51.86
C PRO K 197 14.07 -40.46 -52.20
N PHE K 198 14.85 -41.36 -51.62
CA PHE K 198 14.75 -42.76 -51.96
C PHE K 198 13.39 -43.37 -51.63
N ARG K 199 12.69 -42.82 -50.64
CA ARG K 199 11.41 -43.40 -50.22
C ARG K 199 10.23 -42.45 -50.38
N GLU K 200 10.38 -41.40 -51.18
CA GLU K 200 9.26 -40.50 -51.42
C GLU K 200 8.17 -41.20 -52.20
N GLU K 201 6.93 -40.99 -51.80
CA GLU K 201 5.80 -41.63 -52.46
C GLU K 201 5.69 -41.15 -53.88
N ASN K 202 6.09 -39.90 -54.11
CA ASN K 202 6.24 -39.36 -55.47
C ASN K 202 7.72 -39.18 -55.73
N PRO K 203 8.33 -40.12 -56.46
CA PRO K 203 9.79 -40.06 -56.64
C PRO K 203 10.31 -38.78 -57.29
N GLU K 204 9.44 -38.06 -58.00
CA GLU K 204 9.84 -36.83 -58.71
C GLU K 204 9.84 -35.57 -57.84
N ILE K 205 9.42 -35.68 -56.58
CA ILE K 205 9.30 -34.51 -55.70
C ILE K 205 10.64 -33.80 -55.52
N THR K 206 10.63 -32.47 -55.65
CA THR K 206 11.85 -31.67 -55.52
C THR K 206 12.02 -31.24 -54.07
N GLY K 207 13.24 -30.81 -53.74
CA GLY K 207 13.52 -30.31 -52.40
C GLY K 207 12.59 -29.17 -52.01
N ALA K 208 12.41 -28.23 -52.93
CA ALA K 208 11.52 -27.09 -52.73
C ALA K 208 10.12 -27.56 -52.39
N GLU K 209 9.62 -28.52 -53.14
CA GLU K 209 8.28 -29.05 -52.92
C GLU K 209 8.19 -29.79 -51.58
N ALA K 210 9.26 -30.51 -51.21
CA ALA K 210 9.31 -31.22 -49.93
C ALA K 210 9.28 -30.23 -48.77
N ALA K 211 9.97 -29.10 -48.94
CA ALA K 211 9.96 -28.04 -47.95
C ALA K 211 8.58 -27.38 -47.85
N LYS K 212 7.92 -27.15 -48.98
CA LYS K 212 6.59 -26.57 -48.97
C LYS K 212 5.60 -27.50 -48.21
N ARG K 213 5.74 -28.80 -48.42
CA ARG K 213 4.90 -29.79 -47.73
C ARG K 213 5.07 -29.66 -46.22
N ALA K 214 6.31 -29.61 -45.76
CA ALA K 214 6.60 -29.42 -44.34
C ALA K 214 6.01 -28.10 -43.83
N ILE K 215 6.32 -27.03 -44.55
CA ILE K 215 5.91 -25.70 -44.15
C ILE K 215 4.41 -25.58 -44.04
N THR K 216 3.68 -26.08 -45.01
CA THR K 216 2.23 -25.98 -44.98
C THR K 216 1.73 -26.71 -43.75
N MET K 217 2.33 -27.86 -43.47
CA MET K 217 1.88 -28.69 -42.37
C MET K 217 2.17 -28.01 -41.04
N ILE K 218 3.34 -27.37 -40.94
CA ILE K 218 3.69 -26.65 -39.73
C ILE K 218 2.69 -25.50 -39.51
N GLU K 219 2.36 -24.83 -40.60
CA GLU K 219 1.54 -23.66 -40.53
C GLU K 219 0.14 -24.09 -40.12
N LYS K 220 -0.38 -25.15 -40.71
CA LYS K 220 -1.74 -25.57 -40.40
C LYS K 220 -1.86 -26.19 -39.01
N GLN K 221 -0.81 -26.87 -38.53
CA GLN K 221 -0.91 -27.65 -37.28
C GLN K 221 -0.28 -26.98 -36.04
N ILE K 222 0.49 -25.92 -36.25
CA ILE K 222 1.05 -25.13 -35.16
C ILE K 222 0.87 -23.62 -35.39
N GLY K 223 1.29 -23.17 -36.58
CA GLY K 223 1.31 -21.79 -36.94
C GLY K 223 2.73 -21.28 -36.81
N GLY K 224 3.27 -20.73 -37.89
CA GLY K 224 4.65 -20.25 -37.90
C GLY K 224 5.03 -19.35 -36.73
N ASP K 225 4.11 -18.49 -36.32
CA ASP K 225 4.42 -17.51 -35.29
C ASP K 225 4.37 -18.13 -33.87
N GLN K 226 4.09 -19.44 -33.80
CA GLN K 226 4.08 -20.19 -32.56
C GLN K 226 5.31 -21.09 -32.39
N VAL K 227 6.15 -21.20 -33.41
CA VAL K 227 7.27 -22.10 -33.37
C VAL K 227 8.51 -21.40 -32.90
N ALA K 228 9.13 -21.91 -31.85
CA ALA K 228 10.38 -21.34 -31.35
C ALA K 228 11.55 -21.71 -32.24
N ALA K 229 11.59 -22.98 -32.65
CA ALA K 229 12.75 -23.47 -33.39
C ALA K 229 12.39 -24.62 -34.34
N ILE K 230 13.07 -24.68 -35.49
CA ILE K 230 13.03 -25.86 -36.35
C ILE K 230 14.40 -26.44 -36.18
N ILE K 231 14.47 -27.73 -35.84
CA ILE K 231 15.78 -28.39 -35.64
C ILE K 231 15.91 -29.52 -36.65
N ILE K 232 17.03 -29.54 -37.37
CA ILE K 232 17.21 -30.57 -38.38
C ILE K 232 18.69 -30.89 -38.54
N GLU K 233 18.98 -32.18 -38.78
CA GLU K 233 20.33 -32.63 -39.13
C GLU K 233 20.46 -32.45 -40.64
N PRO K 234 21.46 -31.69 -41.10
CA PRO K 234 21.66 -31.48 -42.55
C PRO K 234 21.82 -32.80 -43.29
N ILE K 235 22.53 -33.75 -42.69
CA ILE K 235 22.45 -35.16 -43.09
C ILE K 235 22.04 -35.97 -41.86
N GLN K 236 20.90 -36.63 -41.94
CA GLN K 236 20.36 -37.34 -40.78
C GLN K 236 21.20 -38.57 -40.53
N GLY K 237 21.76 -38.69 -39.32
CA GLY K 237 22.73 -39.75 -39.02
C GLY K 237 22.10 -41.11 -38.73
N GLU K 238 21.74 -41.32 -37.46
CA GLU K 238 21.09 -42.56 -37.05
C GLU K 238 19.84 -42.88 -37.89
N GLY K 239 19.18 -41.89 -38.43
CA GLY K 239 18.04 -42.13 -39.34
C GLY K 239 18.40 -42.84 -40.64
N GLY K 240 19.67 -42.77 -41.01
CA GLY K 240 20.18 -43.54 -42.15
C GLY K 240 21.00 -42.75 -43.15
N PHE K 241 21.74 -41.75 -42.67
CA PHE K 241 22.47 -40.88 -43.56
C PHE K 241 21.57 -40.37 -44.70
N ILE K 242 20.39 -39.88 -44.33
CA ILE K 242 19.46 -39.36 -45.31
C ILE K 242 19.93 -37.95 -45.68
N VAL K 243 20.18 -37.73 -46.96
CA VAL K 243 20.49 -36.40 -47.47
C VAL K 243 19.26 -35.88 -48.16
N PRO K 244 18.79 -34.68 -47.76
CA PRO K 244 17.58 -34.15 -48.35
C PRO K 244 17.85 -33.70 -49.77
N ALA K 245 16.79 -33.65 -50.57
CA ALA K 245 16.92 -33.14 -51.93
C ALA K 245 17.42 -31.71 -51.91
N GLU K 246 18.17 -31.34 -52.95
CA GLU K 246 18.66 -29.98 -53.13
C GLU K 246 17.47 -28.99 -53.08
N GLY K 247 17.64 -27.91 -52.30
CA GLY K 247 16.60 -26.88 -52.19
C GLY K 247 15.70 -26.95 -50.96
N PHE K 248 15.76 -28.08 -50.25
CA PHE K 248 14.95 -28.31 -49.05
C PHE K 248 15.46 -27.43 -47.90
N LEU K 249 16.72 -27.60 -47.53
CA LEU K 249 17.25 -26.85 -46.40
C LEU K 249 17.15 -25.31 -46.60
N PRO K 250 17.57 -24.78 -47.75
CA PRO K 250 17.44 -23.32 -47.92
C PRO K 250 16.00 -22.83 -47.80
N ALA K 251 15.05 -23.58 -48.33
CA ALA K 251 13.63 -23.24 -48.22
C ALA K 251 13.21 -23.13 -46.75
N LEU K 252 13.58 -24.11 -45.94
CA LEU K 252 13.25 -24.10 -44.52
C LEU K 252 13.95 -22.93 -43.85
N SER K 253 15.21 -22.69 -44.21
CA SER K 253 15.94 -21.58 -43.61
C SER K 253 15.30 -20.24 -43.92
N GLU K 254 14.89 -20.04 -45.18
CA GLU K 254 14.28 -18.75 -45.62
C GLU K 254 12.95 -18.52 -44.91
N TRP K 255 12.12 -19.55 -44.86
CA TRP K 255 10.85 -19.47 -44.17
C TRP K 255 11.00 -19.24 -42.69
N ALA K 256 11.97 -19.89 -42.07
CA ALA K 256 12.22 -19.64 -40.67
C ALA K 256 12.54 -18.16 -40.45
N LYS K 257 13.39 -17.57 -41.29
CA LYS K 257 13.76 -16.14 -41.14
C LYS K 257 12.49 -15.32 -41.25
N GLU K 258 11.64 -15.64 -42.21
CA GLU K 258 10.41 -14.91 -42.45
C GLU K 258 9.54 -14.94 -41.20
N LYS K 259 9.46 -16.08 -40.52
CA LYS K 259 8.49 -16.24 -39.43
C LYS K 259 9.10 -16.01 -38.05
N GLY K 260 10.37 -15.62 -38.00
CA GLY K 260 11.02 -15.34 -36.72
C GLY K 260 11.34 -16.60 -35.91
N ILE K 261 11.43 -17.73 -36.62
CA ILE K 261 11.72 -19.02 -36.02
C ILE K 261 13.21 -19.29 -36.03
N VAL K 262 13.77 -19.69 -34.90
CA VAL K 262 15.19 -20.04 -34.84
C VAL K 262 15.45 -21.35 -35.60
N PHE K 263 16.39 -21.31 -36.55
CA PHE K 263 16.71 -22.49 -37.35
C PHE K 263 17.97 -23.12 -36.76
N ILE K 264 17.81 -24.32 -36.17
CA ILE K 264 18.92 -25.01 -35.50
C ILE K 264 19.42 -26.14 -36.40
N ALA K 265 20.67 -26.06 -36.83
CA ALA K 265 21.29 -27.17 -37.56
C ALA K 265 21.99 -28.05 -36.53
N ASP K 266 21.62 -29.34 -36.49
CA ASP K 266 22.28 -30.27 -35.57
C ASP K 266 23.43 -30.91 -36.29
N GLU K 267 24.63 -30.37 -36.06
CA GLU K 267 25.84 -30.79 -36.77
C GLU K 267 26.75 -31.57 -35.82
N VAL K 268 26.12 -32.28 -34.87
CA VAL K 268 26.85 -33.09 -33.90
C VAL K 268 27.60 -34.24 -34.61
N GLN K 269 26.93 -34.95 -35.53
CA GLN K 269 27.58 -36.02 -36.28
C GLN K 269 28.26 -35.52 -37.58
N SER K 270 27.64 -34.54 -38.25
CA SER K 270 28.11 -34.08 -39.58
C SER K 270 29.16 -32.98 -39.51
N GLY K 271 29.37 -32.40 -38.34
CA GLY K 271 30.27 -31.25 -38.22
C GLY K 271 31.75 -31.59 -38.19
N PHE K 272 32.57 -30.57 -38.38
CA PHE K 272 34.02 -30.67 -38.38
C PHE K 272 34.63 -31.58 -39.45
N CYS K 273 34.47 -31.16 -40.70
CA CYS K 273 35.18 -31.74 -41.87
C CYS K 273 34.64 -33.11 -42.31
N ARG K 274 33.78 -33.72 -41.49
CA ARG K 274 33.23 -35.05 -41.79
C ARG K 274 32.63 -35.16 -43.18
N THR K 275 31.99 -34.10 -43.68
CA THR K 275 31.32 -34.19 -44.98
C THR K 275 32.11 -33.56 -46.14
N GLY K 276 33.32 -33.11 -45.87
CA GLY K 276 34.14 -32.49 -46.89
C GLY K 276 34.16 -30.98 -46.78
N GLU K 277 33.23 -30.44 -46.01
CA GLU K 277 33.26 -29.03 -45.64
C GLU K 277 33.31 -28.93 -44.12
N TRP K 278 33.64 -27.77 -43.59
CA TRP K 278 33.62 -27.59 -42.15
C TRP K 278 32.31 -28.02 -41.56
N PHE K 279 31.20 -27.65 -42.20
CA PHE K 279 29.89 -28.09 -41.75
C PHE K 279 29.02 -28.50 -42.92
N ALA K 280 28.15 -29.47 -42.69
CA ALA K 280 27.32 -30.03 -43.76
C ALA K 280 26.46 -28.98 -44.43
N VAL K 281 26.05 -27.96 -43.66
CA VAL K 281 25.23 -26.89 -44.22
C VAL K 281 25.99 -26.11 -45.30
N ASP K 282 27.31 -26.15 -45.25
CA ASP K 282 28.14 -25.46 -46.24
C ASP K 282 27.97 -25.99 -47.67
N HIS K 283 27.58 -27.26 -47.83
CA HIS K 283 27.29 -27.81 -49.17
C HIS K 283 26.29 -26.95 -49.89
N GLU K 284 25.27 -26.45 -49.19
CA GLU K 284 24.26 -25.59 -49.82
C GLU K 284 24.32 -24.11 -49.39
N GLY K 285 25.35 -23.74 -48.64
CA GLY K 285 25.47 -22.39 -48.12
C GLY K 285 24.36 -21.92 -47.18
N VAL K 286 23.68 -22.86 -46.51
CA VAL K 286 22.70 -22.51 -45.50
C VAL K 286 23.42 -21.96 -44.26
N VAL K 287 22.90 -20.86 -43.72
CA VAL K 287 23.47 -20.25 -42.53
C VAL K 287 22.49 -20.34 -41.36
N PRO K 288 22.71 -21.30 -40.44
CA PRO K 288 21.78 -21.53 -39.35
C PRO K 288 21.84 -20.43 -38.32
N ASP K 289 20.76 -20.27 -37.57
CA ASP K 289 20.72 -19.32 -36.43
C ASP K 289 21.48 -19.87 -35.21
N ILE K 290 21.37 -21.18 -34.96
CA ILE K 290 22.20 -21.84 -33.94
C ILE K 290 22.67 -23.16 -34.53
N ILE K 291 23.90 -23.55 -34.23
CA ILE K 291 24.35 -24.86 -34.62
C ILE K 291 24.90 -25.62 -33.41
N THR K 292 24.46 -26.87 -33.28
CA THR K 292 24.87 -27.75 -32.18
C THR K 292 26.02 -28.64 -32.63
N MET K 293 27.04 -28.74 -31.79
CA MET K 293 28.25 -29.49 -32.10
C MET K 293 28.71 -30.36 -30.94
N ALA K 294 29.29 -31.52 -31.29
CA ALA K 294 29.99 -32.38 -30.34
C ALA K 294 30.95 -33.31 -31.12
N LYS K 295 31.05 -34.56 -30.69
CA LYS K 295 31.81 -35.62 -31.40
C LYS K 295 33.21 -35.16 -31.88
N GLY K 296 33.33 -34.78 -33.16
CA GLY K 296 34.64 -34.48 -33.74
C GLY K 296 35.37 -33.31 -33.13
N ILE K 297 34.61 -32.42 -32.51
CA ILE K 297 35.15 -31.18 -31.96
C ILE K 297 36.45 -31.34 -31.16
N ALA K 298 36.55 -32.36 -30.33
CA ALA K 298 37.71 -32.43 -29.41
C ALA K 298 38.43 -33.78 -29.47
N GLY K 299 38.46 -34.35 -30.68
CA GLY K 299 39.29 -35.52 -30.96
C GLY K 299 39.07 -36.68 -30.01
N GLY K 300 37.88 -36.79 -29.44
CA GLY K 300 37.56 -37.89 -28.54
C GLY K 300 37.35 -37.46 -27.10
N LEU K 301 37.82 -36.30 -26.69
CA LEU K 301 37.50 -35.83 -25.35
C LEU K 301 36.04 -35.34 -25.31
N PRO K 302 35.42 -35.38 -24.12
CA PRO K 302 34.02 -34.98 -23.99
C PRO K 302 33.83 -33.47 -23.98
N LEU K 303 33.39 -32.95 -25.12
CA LEU K 303 33.08 -31.53 -25.27
C LEU K 303 31.99 -31.39 -26.29
N SER K 304 31.13 -30.39 -26.08
CA SER K 304 30.06 -30.06 -27.00
C SER K 304 29.82 -28.56 -26.94
N ALA K 305 29.11 -28.04 -27.93
CA ALA K 305 28.96 -26.60 -28.03
C ALA K 305 27.69 -26.21 -28.77
N ILE K 306 27.18 -25.01 -28.46
CA ILE K 306 26.29 -24.30 -29.38
C ILE K 306 26.98 -23.00 -29.79
N THR K 307 26.89 -22.69 -31.08
CA THR K 307 27.34 -21.39 -31.60
C THR K 307 26.17 -20.81 -32.42
N GLY K 308 25.74 -19.59 -32.10
CA GLY K 308 24.64 -18.95 -32.81
C GLY K 308 24.63 -17.44 -32.77
N ARG K 309 23.64 -16.86 -33.41
CA ARG K 309 23.46 -15.41 -33.42
C ARG K 309 23.66 -14.78 -32.02
N ALA K 310 24.48 -13.74 -31.96
CA ALA K 310 24.75 -13.06 -30.71
C ALA K 310 23.44 -12.57 -30.07
N ASP K 311 22.53 -12.04 -30.87
CA ASP K 311 21.30 -11.49 -30.32
C ASP K 311 20.44 -12.57 -29.66
N LEU K 312 20.51 -13.79 -30.17
CA LEU K 312 19.80 -14.90 -29.53
C LEU K 312 20.51 -15.27 -28.24
N LEU K 313 21.78 -15.66 -28.34
CA LEU K 313 22.50 -16.17 -27.18
C LEU K 313 22.68 -15.12 -26.08
N ASP K 314 22.88 -13.86 -26.45
CA ASP K 314 22.99 -12.84 -25.42
C ASP K 314 21.64 -12.51 -24.73
N ALA K 315 20.53 -12.96 -25.28
CA ALA K 315 19.20 -12.79 -24.64
C ALA K 315 19.09 -13.54 -23.32
N VAL K 316 19.81 -14.64 -23.18
CA VAL K 316 19.68 -15.49 -21.99
C VAL K 316 20.29 -14.78 -20.79
N HIS K 317 19.51 -14.73 -19.71
CA HIS K 317 19.90 -14.05 -18.50
C HIS K 317 21.15 -14.65 -17.89
N PRO K 318 21.85 -13.87 -17.05
CA PRO K 318 23.06 -14.40 -16.39
C PRO K 318 22.81 -15.71 -15.67
N GLY K 319 23.68 -16.68 -15.90
CA GLY K 319 23.61 -17.98 -15.22
C GLY K 319 22.50 -18.91 -15.72
N GLY K 320 21.84 -18.56 -16.83
CA GLY K 320 20.77 -19.35 -17.35
C GLY K 320 21.24 -20.59 -18.06
N LEU K 321 22.41 -20.51 -18.67
CA LEU K 321 23.02 -21.65 -19.34
C LEU K 321 24.28 -22.04 -18.60
N GLY K 322 24.52 -23.34 -18.46
CA GLY K 322 25.79 -23.82 -17.91
C GLY K 322 25.79 -25.29 -17.53
N GLY K 323 26.46 -25.57 -16.42
CA GLY K 323 26.79 -26.94 -16.01
C GLY K 323 28.11 -26.98 -15.27
N THR K 324 28.43 -28.11 -14.67
CA THR K 324 29.66 -28.21 -13.87
C THR K 324 30.88 -28.40 -14.76
N TYR K 325 30.90 -29.52 -15.48
CA TYR K 325 32.07 -29.90 -16.29
C TYR K 325 32.25 -29.05 -17.55
N GLY K 326 31.17 -28.45 -18.03
CA GLY K 326 31.10 -27.91 -19.38
C GLY K 326 32.29 -27.07 -19.79
N GLY K 327 32.80 -27.31 -20.98
CA GLY K 327 33.99 -26.62 -21.46
C GLY K 327 35.20 -26.99 -20.62
N ASN K 328 35.35 -28.29 -20.36
CA ASN K 328 36.47 -28.76 -19.56
C ASN K 328 37.80 -28.40 -20.21
N PRO K 329 38.76 -27.89 -19.42
CA PRO K 329 40.04 -27.39 -19.95
C PRO K 329 40.86 -28.43 -20.70
N VAL K 330 40.85 -29.68 -20.22
CA VAL K 330 41.59 -30.74 -20.91
C VAL K 330 40.91 -30.99 -22.24
N ALA K 331 39.58 -31.02 -22.22
CA ALA K 331 38.80 -31.20 -23.46
C ALA K 331 39.03 -30.04 -24.42
N CYS K 332 39.16 -28.84 -23.89
CA CYS K 332 39.40 -27.65 -24.70
C CYS K 332 40.77 -27.73 -25.37
N ALA K 333 41.79 -28.09 -24.60
CA ALA K 333 43.15 -28.29 -25.18
C ALA K 333 43.05 -29.27 -26.33
N ALA K 334 42.33 -30.37 -26.09
CA ALA K 334 42.11 -31.35 -27.14
C ALA K 334 41.48 -30.72 -28.37
N ALA K 335 40.45 -29.90 -28.16
CA ALA K 335 39.70 -29.33 -29.30
C ALA K 335 40.58 -28.38 -30.11
N LEU K 336 41.30 -27.49 -29.43
CA LEU K 336 42.18 -26.55 -30.12
C LEU K 336 43.15 -27.32 -31.00
N ALA K 337 43.75 -28.37 -30.43
CA ALA K 337 44.67 -29.21 -31.18
C ALA K 337 43.97 -29.93 -32.33
N ALA K 338 42.78 -30.45 -32.05
CA ALA K 338 42.02 -31.19 -33.04
C ALA K 338 41.69 -30.31 -34.24
N ILE K 339 41.19 -29.11 -33.96
CA ILE K 339 40.85 -28.14 -35.01
C ILE K 339 42.13 -27.76 -35.79
N ASP K 340 43.23 -27.59 -35.06
CA ASP K 340 44.51 -27.30 -35.65
C ASP K 340 44.92 -28.40 -36.65
N THR K 341 44.81 -29.66 -36.23
CA THR K 341 45.11 -30.77 -37.12
C THR K 341 44.18 -30.76 -38.35
N MET K 342 42.91 -30.43 -38.17
CA MET K 342 41.99 -30.41 -39.30
C MET K 342 42.47 -29.45 -40.36
N GLU K 343 43.00 -28.32 -39.93
CA GLU K 343 43.53 -27.27 -40.83
C GLU K 343 44.88 -27.66 -41.42
N GLN K 344 45.88 -27.88 -40.56
CA GLN K 344 47.23 -28.27 -41.00
C GLN K 344 47.21 -29.43 -42.02
N HIS K 345 46.40 -30.45 -41.81
CA HIS K 345 46.36 -31.60 -42.72
C HIS K 345 45.18 -31.64 -43.66
N ASP K 346 44.51 -30.51 -43.82
CA ASP K 346 43.42 -30.38 -44.80
C ASP K 346 42.46 -31.58 -44.75
N LEU K 347 41.86 -31.84 -43.59
CA LEU K 347 40.97 -32.97 -43.49
C LEU K 347 39.69 -32.81 -44.33
N ASN K 348 39.29 -31.57 -44.59
CA ASN K 348 38.21 -31.35 -45.55
C ASN K 348 38.57 -32.01 -46.89
N GLY K 349 39.80 -31.78 -47.35
CA GLY K 349 40.32 -32.40 -48.56
C GLY K 349 40.42 -33.92 -48.47
N ARG K 350 40.91 -34.41 -47.32
CA ARG K 350 41.00 -35.85 -47.11
C ARG K 350 39.59 -36.48 -47.20
N ALA K 351 38.59 -35.76 -46.67
CA ALA K 351 37.21 -36.25 -46.68
C ALA K 351 36.66 -36.30 -48.10
N ARG K 352 36.94 -35.26 -48.87
CA ARG K 352 36.48 -35.19 -50.25
C ARG K 352 37.13 -36.32 -51.06
N HIS K 353 38.40 -36.62 -50.75
CA HIS K 353 39.10 -37.70 -51.43
C HIS K 353 38.47 -39.03 -51.08
N ILE K 354 38.18 -39.25 -49.79
CA ILE K 354 37.51 -40.47 -49.34
C ILE K 354 36.17 -40.69 -50.07
N GLU K 355 35.42 -39.61 -50.26
CA GLU K 355 34.16 -39.69 -51.00
C GLU K 355 34.42 -40.27 -52.40
N GLU K 356 35.46 -39.74 -53.08
CA GLU K 356 35.78 -40.15 -54.48
C GLU K 356 36.12 -41.65 -54.53
N LEU K 357 37.07 -42.07 -53.69
CA LEU K 357 37.47 -43.47 -53.55
C LEU K 357 36.29 -44.38 -53.25
N ALA K 358 35.56 -44.05 -52.20
CA ALA K 358 34.53 -44.94 -51.65
C ALA K 358 33.30 -45.03 -52.54
N LEU K 359 32.83 -43.88 -53.00
CA LEU K 359 31.69 -43.88 -53.93
C LEU K 359 32.06 -44.60 -55.23
N GLY K 360 33.32 -44.46 -55.65
CA GLY K 360 33.83 -45.23 -56.78
C GLY K 360 33.62 -46.72 -56.63
N LYS K 361 34.19 -47.28 -55.55
CA LYS K 361 34.13 -48.72 -55.33
C LYS K 361 32.67 -49.18 -55.10
N LEU K 362 31.89 -48.36 -54.41
CA LEU K 362 30.50 -48.69 -54.14
C LEU K 362 29.67 -48.68 -55.42
N ARG K 363 29.93 -47.71 -56.29
CA ARG K 363 29.21 -47.63 -57.57
C ARG K 363 29.56 -48.76 -58.52
N GLU K 364 30.82 -49.25 -58.50
CA GLU K 364 31.19 -50.48 -59.24
C GLU K 364 30.33 -51.64 -58.74
N LEU K 365 30.30 -51.82 -57.43
CA LEU K 365 29.50 -52.92 -56.86
C LEU K 365 28.07 -52.98 -57.45
N SER K 375 18.67 -57.40 -57.51
CA SER K 375 19.62 -56.49 -56.84
C SER K 375 19.24 -56.06 -55.43
N VAL K 376 20.28 -55.94 -54.62
CA VAL K 376 20.15 -55.77 -53.19
C VAL K 376 20.60 -54.36 -52.76
N VAL K 377 21.23 -53.62 -53.68
CA VAL K 377 21.72 -52.28 -53.38
C VAL K 377 20.68 -51.24 -53.79
N GLY K 378 19.95 -50.72 -52.79
CA GLY K 378 18.87 -49.76 -53.02
C GLY K 378 19.33 -48.34 -53.30
N ASP K 379 20.30 -47.84 -52.54
CA ASP K 379 20.70 -46.44 -52.67
C ASP K 379 22.08 -46.21 -52.06
N ILE K 380 22.93 -45.45 -52.78
CA ILE K 380 24.27 -45.04 -52.30
C ILE K 380 24.20 -43.52 -52.14
N ARG K 381 24.61 -42.99 -50.98
CA ARG K 381 24.40 -41.57 -50.68
C ARG K 381 25.34 -41.12 -49.59
N GLY K 382 25.42 -39.80 -49.40
CA GLY K 382 26.31 -39.20 -48.41
C GLY K 382 27.26 -38.22 -49.04
N ARG K 383 28.13 -37.64 -48.22
CA ARG K 383 29.16 -36.72 -48.73
C ARG K 383 30.38 -36.88 -47.85
N GLY K 384 31.55 -36.69 -48.42
CA GLY K 384 32.81 -36.78 -47.68
C GLY K 384 33.03 -38.15 -47.06
N ALA K 385 33.39 -38.15 -45.78
CA ALA K 385 33.60 -39.38 -45.00
C ALA K 385 32.36 -39.75 -44.19
N MET K 386 31.19 -39.37 -44.71
CA MET K 386 29.92 -39.72 -44.13
C MET K 386 29.07 -40.26 -45.26
N LEU K 387 29.24 -41.56 -45.52
CA LEU K 387 28.67 -42.22 -46.69
C LEU K 387 27.89 -43.45 -46.27
N ALA K 388 26.95 -43.88 -47.10
CA ALA K 388 26.08 -44.97 -46.73
C ALA K 388 25.53 -45.72 -47.93
N ILE K 389 25.22 -46.99 -47.71
CA ILE K 389 24.55 -47.82 -48.70
C ILE K 389 23.32 -48.39 -48.04
N GLU K 390 22.16 -48.13 -48.63
CA GLU K 390 20.91 -48.65 -48.08
C GLU K 390 20.58 -49.95 -48.81
N LEU K 391 20.42 -51.03 -48.03
CA LEU K 391 20.22 -52.35 -48.59
C LEU K 391 18.75 -52.73 -48.61
N VAL K 392 18.32 -53.29 -49.73
CA VAL K 392 16.92 -53.64 -49.93
C VAL K 392 16.76 -55.11 -50.33
N GLN K 393 15.53 -55.58 -50.27
CA GLN K 393 15.18 -56.94 -50.67
C GLN K 393 15.40 -57.03 -52.18
N PRO K 394 15.87 -58.18 -52.70
CA PRO K 394 16.21 -58.31 -54.12
C PRO K 394 15.06 -57.97 -55.05
N GLY K 395 15.26 -57.00 -55.94
CA GLY K 395 14.25 -56.62 -56.92
C GLY K 395 13.14 -55.70 -56.44
N SER K 396 13.11 -55.34 -55.16
CA SER K 396 12.12 -54.38 -54.64
C SER K 396 12.80 -53.30 -53.83
N LYS K 397 11.99 -52.43 -53.23
CA LYS K 397 12.49 -51.39 -52.31
C LYS K 397 12.25 -51.74 -50.83
N GLU K 398 11.70 -52.93 -50.53
CA GLU K 398 11.49 -53.35 -49.14
C GLU K 398 12.85 -53.39 -48.42
N PRO K 399 12.87 -52.99 -47.14
CA PRO K 399 14.15 -52.94 -46.42
C PRO K 399 14.74 -54.33 -46.17
N ASN K 400 16.05 -54.39 -46.03
CA ASN K 400 16.77 -55.63 -45.79
C ASN K 400 17.69 -55.52 -44.57
N ALA K 401 17.08 -55.49 -43.39
CA ALA K 401 17.85 -55.45 -42.14
C ALA K 401 18.65 -56.73 -41.93
N GLU K 402 18.07 -57.84 -42.36
CA GLU K 402 18.70 -59.14 -42.20
C GLU K 402 20.07 -59.15 -42.87
N LEU K 403 20.09 -58.75 -44.15
CA LEU K 403 21.34 -58.70 -44.90
C LEU K 403 22.30 -57.73 -44.25
N THR K 404 21.74 -56.66 -43.70
CA THR K 404 22.56 -55.61 -43.12
C THR K 404 23.30 -56.11 -41.89
N LYS K 405 22.59 -56.79 -40.99
CA LYS K 405 23.21 -57.37 -39.79
C LYS K 405 24.26 -58.41 -40.22
N ALA K 406 23.87 -59.24 -41.20
CA ALA K 406 24.76 -60.26 -41.77
C ALA K 406 26.08 -59.67 -42.28
N VAL K 407 25.97 -58.61 -43.08
CA VAL K 407 27.15 -58.01 -43.68
C VAL K 407 28.08 -57.39 -42.61
N ALA K 408 27.49 -56.76 -41.60
CA ALA K 408 28.27 -56.20 -40.49
C ALA K 408 29.03 -57.30 -39.77
N ALA K 409 28.34 -58.41 -39.48
CA ALA K 409 28.97 -59.56 -38.83
C ALA K 409 30.09 -60.13 -39.70
N ALA K 410 29.81 -60.30 -41.01
CA ALA K 410 30.80 -60.80 -41.95
C ALA K 410 32.06 -59.93 -41.96
N CYS K 411 31.86 -58.61 -41.97
CA CYS K 411 32.97 -57.69 -42.00
C CYS K 411 33.78 -57.82 -40.73
N LEU K 412 33.09 -57.96 -39.60
CA LEU K 412 33.76 -58.09 -38.33
C LEU K 412 34.64 -59.33 -38.34
N LYS K 413 34.09 -60.43 -38.89
CA LYS K 413 34.81 -61.72 -38.96
C LYS K 413 36.15 -61.55 -39.68
N GLU K 414 36.15 -60.76 -40.75
CA GLU K 414 37.36 -60.53 -41.54
C GLU K 414 38.25 -59.44 -40.96
N GLY K 415 37.87 -58.85 -39.81
CA GLY K 415 38.68 -57.80 -39.19
C GLY K 415 38.39 -56.37 -39.61
N VAL K 416 37.16 -56.12 -40.04
CA VAL K 416 36.70 -54.78 -40.40
C VAL K 416 35.51 -54.41 -39.51
N ILE K 417 35.68 -53.38 -38.66
CA ILE K 417 34.61 -52.88 -37.79
C ILE K 417 33.83 -51.81 -38.55
N ILE K 418 32.58 -52.12 -38.89
CA ILE K 418 31.74 -51.22 -39.67
C ILE K 418 30.39 -51.04 -38.97
N LEU K 419 29.82 -49.83 -39.02
CA LEU K 419 28.57 -49.56 -38.29
C LEU K 419 27.33 -49.64 -39.17
N THR K 420 26.19 -49.89 -38.53
CA THR K 420 24.90 -50.01 -39.23
C THR K 420 23.84 -49.15 -38.52
N CYS K 421 22.93 -48.54 -39.31
CA CYS K 421 22.05 -47.40 -38.96
C CYS K 421 20.67 -47.56 -39.62
N GLY K 422 19.76 -46.64 -39.38
CA GLY K 422 18.55 -46.50 -40.20
C GLY K 422 17.26 -46.75 -39.47
N THR K 423 16.24 -45.96 -39.78
CA THR K 423 14.88 -46.15 -39.29
C THR K 423 14.45 -47.60 -39.50
N TYR K 424 14.80 -48.19 -40.64
CA TYR K 424 14.41 -49.59 -40.93
C TYR K 424 15.53 -50.63 -40.72
N GLY K 425 16.62 -50.19 -40.10
CA GLY K 425 17.74 -51.08 -39.72
C GLY K 425 18.57 -51.62 -40.87
N ASN K 426 18.45 -50.97 -42.04
CA ASN K 426 18.94 -51.51 -43.27
C ASN K 426 19.96 -50.62 -43.99
N VAL K 427 20.75 -49.87 -43.23
CA VAL K 427 21.76 -49.00 -43.84
C VAL K 427 23.15 -49.27 -43.26
N ILE K 428 24.10 -49.56 -44.15
CA ILE K 428 25.51 -49.69 -43.77
C ILE K 428 26.12 -48.30 -43.94
N ARG K 429 26.78 -47.82 -42.89
CA ARG K 429 27.38 -46.48 -42.93
C ARG K 429 28.88 -46.54 -42.79
N LEU K 430 29.55 -45.73 -43.62
CA LEU K 430 31.00 -45.57 -43.58
C LEU K 430 31.31 -44.27 -42.84
N LEU K 431 31.95 -44.39 -41.68
CA LEU K 431 32.38 -43.23 -40.89
C LEU K 431 33.84 -43.41 -40.52
N PRO K 432 34.70 -43.52 -41.53
CA PRO K 432 36.10 -43.72 -41.22
C PRO K 432 36.71 -42.50 -40.63
N PRO K 433 37.78 -42.65 -39.86
CA PRO K 433 38.53 -41.45 -39.47
C PRO K 433 39.11 -40.82 -40.72
N LEU K 434 39.14 -39.50 -40.73
CA LEU K 434 39.54 -38.75 -41.92
C LEU K 434 41.04 -38.92 -42.21
N VAL K 435 41.82 -39.31 -41.20
CA VAL K 435 43.24 -39.61 -41.38
C VAL K 435 43.54 -41.02 -41.93
N ILE K 436 42.53 -41.76 -42.37
CA ILE K 436 42.73 -43.14 -42.89
C ILE K 436 43.53 -43.13 -44.20
N SER K 437 44.37 -44.15 -44.39
CA SER K 437 45.18 -44.27 -45.62
C SER K 437 44.30 -44.86 -46.72
N ASP K 438 44.58 -44.47 -47.97
CA ASP K 438 43.89 -45.02 -49.15
C ASP K 438 43.95 -46.56 -49.14
N GLU K 439 45.12 -47.10 -48.77
CA GLU K 439 45.31 -48.55 -48.74
C GLU K 439 44.31 -49.23 -47.80
N LEU K 440 44.26 -48.78 -46.55
CA LEU K 440 43.35 -49.36 -45.54
C LEU K 440 41.85 -49.18 -45.93
N LEU K 441 41.50 -48.00 -46.44
CA LEU K 441 40.12 -47.72 -46.88
C LEU K 441 39.71 -48.69 -48.01
N ILE K 442 40.60 -48.85 -49.00
CA ILE K 442 40.35 -49.77 -50.12
C ILE K 442 40.20 -51.23 -49.62
N ASP K 443 41.03 -51.61 -48.64
CA ASP K 443 40.96 -52.96 -48.07
C ASP K 443 39.57 -53.14 -47.46
N GLY K 444 39.18 -52.19 -46.61
CA GLY K 444 37.88 -52.22 -45.95
C GLY K 444 36.73 -52.32 -46.93
N LEU K 445 36.78 -51.51 -47.99
CA LEU K 445 35.72 -51.51 -49.00
C LEU K 445 35.68 -52.84 -49.75
N GLU K 446 36.85 -53.43 -50.00
CA GLU K 446 36.91 -54.77 -50.64
C GLU K 446 36.22 -55.82 -49.75
N VAL K 447 36.55 -55.81 -48.46
CA VAL K 447 35.91 -56.71 -47.51
C VAL K 447 34.37 -56.53 -47.50
N LEU K 448 33.94 -55.27 -47.48
CA LEU K 448 32.52 -54.95 -47.48
C LEU K 448 31.86 -55.48 -48.75
N ALA K 449 32.45 -55.14 -49.91
CA ALA K 449 31.92 -55.59 -51.21
C ALA K 449 31.82 -57.12 -51.25
N ALA K 450 32.87 -57.80 -50.78
CA ALA K 450 32.86 -59.26 -50.72
C ALA K 450 31.68 -59.75 -49.87
N ALA K 451 31.50 -59.13 -48.70
CA ALA K 451 30.44 -59.50 -47.77
C ALA K 451 29.03 -59.37 -48.38
N ILE K 452 28.80 -58.27 -49.08
CA ILE K 452 27.47 -58.04 -49.70
C ILE K 452 27.20 -59.13 -50.75
N LYS K 453 28.19 -59.38 -51.62
CA LYS K 453 28.07 -60.44 -52.62
C LYS K 453 27.83 -61.80 -51.96
N ALA K 454 28.56 -62.07 -50.87
CA ALA K 454 28.42 -63.34 -50.15
C ALA K 454 27.01 -63.60 -49.59
N HIS K 455 26.28 -62.54 -49.20
CA HIS K 455 24.89 -62.67 -48.68
C HIS K 455 23.96 -61.72 -49.44
N ARG L 11 -44.80 -27.91 -38.85
CA ARG L 11 -45.37 -26.97 -37.81
C ARG L 11 -45.03 -25.50 -38.13
N ILE L 12 -43.85 -25.26 -38.71
CA ILE L 12 -43.53 -23.97 -39.33
C ILE L 12 -43.55 -24.20 -40.84
N GLU L 13 -44.09 -23.25 -41.60
CA GLU L 13 -44.19 -23.42 -43.06
C GLU L 13 -42.80 -23.70 -43.62
N GLN L 14 -42.69 -24.79 -44.39
CA GLN L 14 -41.41 -25.24 -44.91
C GLN L 14 -41.10 -24.64 -46.27
N LYS L 15 -41.01 -23.30 -46.32
CA LYS L 15 -40.68 -22.58 -47.56
C LYS L 15 -39.63 -21.52 -47.30
N ARG L 16 -38.66 -21.42 -48.20
CA ARG L 16 -37.67 -20.36 -48.11
C ARG L 16 -38.36 -19.01 -48.38
N ASN L 17 -38.16 -18.05 -47.51
CA ASN L 17 -38.81 -16.76 -47.62
C ASN L 17 -38.04 -15.62 -46.98
N ILE L 18 -37.37 -14.82 -47.80
CA ILE L 18 -36.65 -13.65 -47.31
C ILE L 18 -37.42 -12.36 -47.64
N ASN L 19 -37.93 -11.71 -46.59
CA ASN L 19 -38.65 -10.42 -46.69
C ASN L 19 -37.74 -9.21 -46.54
N GLY L 20 -37.05 -8.83 -47.61
CA GLY L 20 -36.21 -7.63 -47.59
C GLY L 20 -34.86 -7.85 -46.94
N ALA L 21 -34.24 -6.76 -46.52
CA ALA L 21 -32.86 -6.79 -46.10
C ALA L 21 -32.73 -7.35 -44.67
N PHE L 22 -31.64 -8.05 -44.41
CA PHE L 22 -31.34 -8.57 -43.09
C PHE L 22 -29.84 -8.38 -42.80
N PRO L 23 -29.46 -8.30 -41.51
CA PRO L 23 -30.30 -8.48 -40.33
C PRO L 23 -31.37 -7.42 -40.23
N GLY L 24 -32.58 -7.83 -39.85
CA GLY L 24 -33.66 -6.90 -39.63
C GLY L 24 -33.53 -6.19 -38.30
N PRO L 25 -34.47 -5.30 -38.00
CA PRO L 25 -34.39 -4.46 -36.80
C PRO L 25 -34.24 -5.23 -35.49
N LYS L 26 -35.00 -6.32 -35.33
CA LYS L 26 -34.98 -7.08 -34.07
C LYS L 26 -33.67 -7.85 -33.90
N SER L 27 -33.15 -8.35 -35.01
CA SER L 27 -31.85 -8.97 -35.04
C SER L 27 -30.78 -7.95 -34.71
N GLN L 28 -30.80 -6.81 -35.40
CA GLN L 28 -29.85 -5.73 -35.09
C GLN L 28 -29.90 -5.36 -33.60
N ALA L 29 -31.09 -5.31 -33.01
CA ALA L 29 -31.24 -4.98 -31.59
C ALA L 29 -30.48 -5.96 -30.71
N LEU L 30 -30.54 -7.24 -31.08
CA LEU L 30 -29.87 -8.29 -30.32
C LEU L 30 -28.36 -8.20 -30.48
N ALA L 31 -27.90 -7.98 -31.72
CA ALA L 31 -26.48 -7.78 -31.99
C ALA L 31 -25.92 -6.65 -31.11
N GLU L 32 -26.65 -5.55 -31.00
CA GLU L 32 -26.23 -4.41 -30.17
C GLU L 32 -26.10 -4.85 -28.72
N ARG L 33 -27.08 -5.60 -28.21
CA ARG L 33 -27.01 -6.10 -26.84
C ARG L 33 -25.82 -7.02 -26.64
N ARG L 34 -25.62 -7.88 -27.62
CA ARG L 34 -24.57 -8.90 -27.61
C ARG L 34 -23.17 -8.30 -27.44
N SER L 35 -22.86 -7.29 -28.23
CA SER L 35 -21.50 -6.78 -28.28
C SER L 35 -21.09 -6.14 -26.94
N ALA L 36 -22.06 -5.85 -26.07
CA ALA L 36 -21.77 -5.31 -24.75
C ALA L 36 -21.54 -6.39 -23.68
N VAL L 37 -21.86 -7.65 -23.99
CA VAL L 37 -21.82 -8.69 -22.98
C VAL L 37 -21.17 -10.05 -23.34
N VAL L 38 -21.05 -10.36 -24.63
CA VAL L 38 -20.42 -11.60 -25.10
C VAL L 38 -19.03 -11.31 -25.65
N ALA L 39 -18.07 -12.17 -25.34
CA ALA L 39 -16.70 -11.95 -25.80
C ALA L 39 -16.62 -11.77 -27.32
N ALA L 40 -15.79 -10.81 -27.73
CA ALA L 40 -15.64 -10.39 -29.12
C ALA L 40 -15.30 -11.52 -30.07
N GLY L 41 -14.49 -12.46 -29.61
CA GLY L 41 -14.09 -13.62 -30.41
C GLY L 41 -15.20 -14.61 -30.71
N VAL L 42 -16.24 -14.64 -29.88
CA VAL L 42 -17.34 -15.59 -30.07
C VAL L 42 -18.23 -15.05 -31.19
N ALA L 43 -17.94 -15.49 -32.41
CA ALA L 43 -18.61 -15.00 -33.64
C ALA L 43 -19.62 -16.00 -34.08
N SER L 44 -20.58 -15.56 -34.88
CA SER L 44 -21.56 -16.46 -35.45
C SER L 44 -21.50 -16.36 -36.95
N GLY L 45 -21.67 -17.49 -37.63
CA GLY L 45 -21.62 -17.51 -39.09
C GLY L 45 -22.82 -16.82 -39.74
N VAL L 46 -23.89 -16.66 -38.97
CA VAL L 46 -25.17 -16.13 -39.46
C VAL L 46 -25.51 -14.88 -38.64
N PRO L 47 -25.87 -13.78 -39.31
CA PRO L 47 -26.15 -12.53 -38.59
C PRO L 47 -27.60 -12.35 -38.09
N VAL L 48 -28.47 -13.32 -38.34
CA VAL L 48 -29.87 -13.24 -37.88
C VAL L 48 -30.09 -14.13 -36.67
N TYR L 49 -31.08 -13.81 -35.86
CA TYR L 49 -31.31 -14.50 -34.60
C TYR L 49 -32.54 -15.39 -34.68
N VAL L 50 -32.42 -16.66 -34.28
CA VAL L 50 -33.53 -17.63 -34.38
C VAL L 50 -34.64 -17.34 -33.39
N GLU L 51 -35.88 -17.56 -33.84
CA GLU L 51 -37.04 -17.57 -32.97
C GLU L 51 -37.67 -18.95 -32.94
N ASP L 52 -37.74 -19.58 -34.12
CA ASP L 52 -38.23 -20.96 -34.25
C ASP L 52 -37.37 -21.72 -35.27
N ALA L 53 -37.10 -22.98 -34.97
CA ALA L 53 -36.40 -23.86 -35.90
C ALA L 53 -37.13 -25.19 -35.93
N ASP L 54 -37.49 -25.65 -37.13
CA ASP L 54 -38.36 -26.83 -37.27
C ASP L 54 -38.23 -27.38 -38.67
N GLY L 55 -38.23 -28.71 -38.79
CA GLY L 55 -38.00 -29.35 -40.09
C GLY L 55 -36.72 -28.84 -40.71
N GLY L 56 -36.83 -28.17 -41.86
CA GLY L 56 -35.67 -27.64 -42.57
C GLY L 56 -35.60 -26.13 -42.59
N ILE L 57 -36.31 -25.45 -41.67
CA ILE L 57 -36.33 -23.98 -41.67
C ILE L 57 -35.80 -23.42 -40.35
N ILE L 58 -34.99 -22.37 -40.45
CA ILE L 58 -34.66 -21.49 -39.31
C ILE L 58 -35.41 -20.19 -39.61
N ARG L 59 -36.38 -19.83 -38.76
CA ARG L 59 -37.12 -18.54 -38.91
C ARG L 59 -36.58 -17.55 -37.89
N ASP L 60 -36.17 -16.36 -38.36
CA ASP L 60 -35.54 -15.38 -37.49
C ASP L 60 -36.55 -14.49 -36.80
N VAL L 61 -36.06 -13.68 -35.87
CA VAL L 61 -36.93 -12.81 -35.06
C VAL L 61 -37.65 -11.73 -35.90
N ASP L 62 -37.20 -11.50 -37.13
CA ASP L 62 -37.85 -10.56 -38.03
C ASP L 62 -38.73 -11.28 -39.08
N GLY L 63 -39.07 -12.55 -38.85
CA GLY L 63 -39.95 -13.30 -39.75
C GLY L 63 -39.37 -13.90 -41.03
N ASN L 64 -38.06 -13.79 -41.24
CA ASN L 64 -37.43 -14.42 -42.40
C ASN L 64 -37.27 -15.92 -42.20
N SER L 65 -37.44 -16.69 -43.26
CA SER L 65 -37.33 -18.15 -43.17
C SER L 65 -36.18 -18.61 -44.07
N PHE L 66 -35.12 -19.15 -43.44
CA PHE L 66 -33.95 -19.65 -44.13
C PHE L 66 -33.99 -21.18 -44.23
N ILE L 67 -33.44 -21.72 -45.33
CA ILE L 67 -33.24 -23.16 -45.43
C ILE L 67 -32.03 -23.55 -44.53
N ASP L 68 -32.22 -24.57 -43.69
CA ASP L 68 -31.19 -25.02 -42.74
C ASP L 68 -30.39 -26.20 -43.31
N LEU L 69 -29.20 -25.94 -43.84
CA LEU L 69 -28.38 -27.00 -44.37
C LEU L 69 -27.19 -27.34 -43.44
N GLY L 70 -27.33 -26.99 -42.16
CA GLY L 70 -26.31 -27.34 -41.15
C GLY L 70 -26.77 -28.10 -39.92
N SER L 71 -28.08 -28.14 -39.69
CA SER L 71 -28.64 -28.77 -38.48
C SER L 71 -27.86 -28.50 -37.21
N GLY L 72 -27.36 -27.29 -37.05
CA GLY L 72 -26.62 -26.91 -35.84
C GLY L 72 -25.28 -27.62 -35.67
N ILE L 73 -24.60 -27.82 -36.80
CA ILE L 73 -23.42 -28.66 -36.93
C ILE L 73 -23.80 -30.12 -36.59
N ALA L 74 -24.69 -30.70 -37.41
CA ALA L 74 -25.07 -32.12 -37.36
C ALA L 74 -25.72 -32.55 -36.07
N VAL L 75 -26.37 -31.62 -35.37
CA VAL L 75 -27.01 -31.95 -34.09
C VAL L 75 -28.49 -32.28 -34.22
N THR L 76 -29.24 -31.40 -34.87
CA THR L 76 -30.70 -31.54 -34.89
C THR L 76 -31.10 -32.42 -36.09
N SER L 77 -30.61 -33.66 -36.10
CA SER L 77 -30.88 -34.60 -37.20
C SER L 77 -32.35 -34.98 -37.25
N VAL L 78 -32.98 -35.15 -36.08
CA VAL L 78 -34.42 -35.36 -35.99
C VAL L 78 -35.23 -34.05 -36.20
N GLY L 79 -34.55 -32.94 -36.46
CA GLY L 79 -35.18 -31.61 -36.50
C GLY L 79 -35.01 -30.88 -35.17
N ALA L 80 -34.95 -29.55 -35.26
CA ALA L 80 -34.75 -28.70 -34.07
C ALA L 80 -35.97 -28.62 -33.15
N SER L 81 -37.08 -29.24 -33.55
CA SER L 81 -38.32 -29.14 -32.80
C SER L 81 -39.20 -30.40 -32.91
N ASP L 82 -38.58 -31.58 -32.86
CA ASP L 82 -39.33 -32.81 -33.01
C ASP L 82 -40.34 -32.94 -31.86
N PRO L 83 -41.63 -33.04 -32.21
CA PRO L 83 -42.68 -33.10 -31.19
C PRO L 83 -42.42 -34.14 -30.09
N ALA L 84 -41.91 -35.32 -30.47
CA ALA L 84 -41.64 -36.39 -29.51
C ALA L 84 -40.58 -35.94 -28.48
N VAL L 85 -39.49 -35.35 -28.99
CA VAL L 85 -38.43 -34.80 -28.14
C VAL L 85 -39.01 -33.73 -27.21
N VAL L 86 -39.79 -32.81 -27.79
CA VAL L 86 -40.34 -31.68 -27.05
C VAL L 86 -41.21 -32.19 -25.93
N ALA L 87 -42.09 -33.11 -26.27
CA ALA L 87 -42.98 -33.70 -25.27
C ALA L 87 -42.18 -34.37 -24.17
N ALA L 88 -41.16 -35.13 -24.56
CA ALA L 88 -40.36 -35.93 -23.63
C ALA L 88 -39.66 -35.02 -22.64
N VAL L 89 -39.07 -33.96 -23.18
CA VAL L 89 -38.40 -32.95 -22.38
C VAL L 89 -39.38 -32.33 -21.40
N GLN L 90 -40.53 -31.91 -21.94
CA GLN L 90 -41.55 -31.24 -21.14
C GLN L 90 -42.01 -32.12 -19.99
N GLU L 91 -42.29 -33.39 -20.25
CA GLU L 91 -42.74 -34.31 -19.19
C GLU L 91 -41.64 -34.53 -18.15
N ALA L 92 -40.41 -34.79 -18.61
CA ALA L 92 -39.30 -35.11 -17.70
C ALA L 92 -38.95 -33.97 -16.80
N ALA L 93 -38.92 -32.77 -17.36
CA ALA L 93 -38.57 -31.58 -16.60
C ALA L 93 -39.52 -31.38 -15.40
N ALA L 94 -40.78 -31.76 -15.53
CA ALA L 94 -41.77 -31.55 -14.47
C ALA L 94 -41.51 -32.42 -13.25
N HIS L 95 -40.74 -33.49 -13.45
CA HIS L 95 -40.47 -34.45 -12.37
C HIS L 95 -39.25 -34.10 -11.60
N PHE L 96 -38.15 -33.88 -12.33
CA PHE L 96 -36.90 -33.38 -11.74
C PHE L 96 -35.94 -33.03 -12.85
N THR L 97 -35.21 -31.92 -12.67
CA THR L 97 -34.26 -31.45 -13.68
C THR L 97 -32.92 -32.15 -13.55
N HIS L 98 -32.56 -32.51 -12.33
CA HIS L 98 -31.23 -33.06 -12.05
C HIS L 98 -31.16 -33.60 -10.64
N THR L 99 -30.56 -34.77 -10.49
CA THR L 99 -30.19 -35.27 -9.15
C THR L 99 -28.74 -35.72 -9.06
N CYS L 100 -28.03 -35.70 -10.19
CA CYS L 100 -26.66 -36.25 -10.32
C CYS L 100 -26.66 -37.74 -10.16
N PHE L 101 -26.57 -38.45 -11.28
CA PHE L 101 -26.60 -39.90 -11.29
C PHE L 101 -25.65 -40.55 -10.30
N MET L 102 -24.45 -40.01 -10.13
CA MET L 102 -23.49 -40.52 -9.14
C MET L 102 -24.01 -40.44 -7.71
N VAL L 103 -25.00 -39.60 -7.46
CA VAL L 103 -25.60 -39.52 -6.13
C VAL L 103 -26.90 -40.33 -6.09
N THR L 104 -27.94 -39.82 -6.77
CA THR L 104 -29.25 -40.50 -6.82
C THR L 104 -29.58 -40.86 -8.26
N PRO L 105 -29.56 -42.15 -8.59
CA PRO L 105 -29.69 -42.56 -9.99
C PRO L 105 -31.13 -42.49 -10.43
N TYR L 106 -31.36 -42.75 -11.71
CA TYR L 106 -32.69 -42.62 -12.29
C TYR L 106 -32.81 -43.39 -13.60
N GLU L 107 -34.04 -43.76 -13.95
CA GLU L 107 -34.30 -44.66 -15.07
C GLU L 107 -33.80 -44.12 -16.40
N GLY L 108 -33.97 -42.84 -16.62
CA GLY L 108 -33.56 -42.23 -17.89
C GLY L 108 -32.15 -42.60 -18.31
N TYR L 109 -31.22 -42.52 -17.38
CA TYR L 109 -29.81 -42.85 -17.63
C TYR L 109 -29.70 -44.29 -18.08
N VAL L 110 -30.28 -45.19 -17.30
CA VAL L 110 -30.21 -46.60 -17.63
C VAL L 110 -30.85 -46.90 -18.98
N ALA L 111 -32.01 -46.30 -19.23
CA ALA L 111 -32.75 -46.57 -20.47
C ALA L 111 -31.93 -46.12 -21.70
N VAL L 112 -31.34 -44.93 -21.61
CA VAL L 112 -30.51 -44.43 -22.70
C VAL L 112 -29.34 -45.39 -22.92
N THR L 113 -28.71 -45.84 -21.84
CA THR L 113 -27.60 -46.79 -21.95
C THR L 113 -28.03 -48.08 -22.62
N GLU L 114 -29.24 -48.56 -22.32
CA GLU L 114 -29.79 -49.76 -22.98
C GLU L 114 -29.90 -49.58 -24.49
N GLN L 115 -30.40 -48.42 -24.92
CA GLN L 115 -30.48 -48.14 -26.35
C GLN L 115 -29.12 -48.09 -27.01
N LEU L 116 -28.15 -47.44 -26.39
CA LEU L 116 -26.83 -47.27 -27.01
C LEU L 116 -26.12 -48.63 -27.10
N ASN L 117 -26.32 -49.48 -26.08
CA ASN L 117 -25.84 -50.88 -26.10
C ASN L 117 -26.35 -51.63 -27.33
N ARG L 118 -27.65 -51.48 -27.61
CA ARG L 118 -28.33 -52.20 -28.70
C ARG L 118 -27.94 -51.66 -30.07
N LEU L 119 -27.82 -50.35 -30.22
CA LEU L 119 -27.66 -49.74 -31.54
C LEU L 119 -26.22 -49.67 -32.03
N THR L 120 -25.27 -49.76 -31.12
CA THR L 120 -23.86 -49.67 -31.50
C THR L 120 -23.44 -50.99 -32.12
N PRO L 121 -22.39 -50.98 -32.95
CA PRO L 121 -21.92 -52.20 -33.60
C PRO L 121 -21.32 -53.22 -32.63
N GLY L 122 -21.28 -54.48 -33.08
CA GLY L 122 -20.76 -55.59 -32.31
C GLY L 122 -21.80 -56.24 -31.40
N ASP L 123 -21.65 -57.55 -31.19
CA ASP L 123 -22.55 -58.33 -30.34
C ASP L 123 -21.91 -58.73 -29.02
N HIS L 124 -20.70 -58.24 -28.77
CA HIS L 124 -19.96 -58.55 -27.55
C HIS L 124 -20.53 -57.77 -26.39
N ALA L 125 -20.08 -58.08 -25.18
CA ALA L 125 -20.52 -57.37 -23.98
C ALA L 125 -20.06 -55.91 -24.04
N LYS L 126 -21.00 -54.98 -23.93
CA LYS L 126 -20.68 -53.56 -23.94
C LYS L 126 -21.24 -52.86 -22.71
N ARG L 127 -20.63 -51.74 -22.34
CA ARG L 127 -21.16 -50.87 -21.30
C ARG L 127 -21.04 -49.42 -21.77
N THR L 128 -21.74 -48.53 -21.06
CA THR L 128 -21.83 -47.12 -21.46
C THR L 128 -21.68 -46.23 -20.23
N VAL L 129 -21.07 -45.05 -20.42
CA VAL L 129 -21.16 -43.96 -19.43
C VAL L 129 -21.56 -42.71 -20.18
N LEU L 130 -22.29 -41.82 -19.51
CA LEU L 130 -22.83 -40.60 -20.12
C LEU L 130 -22.19 -39.33 -19.57
N PHE L 131 -22.01 -38.35 -20.45
CA PHE L 131 -21.46 -37.04 -20.09
C PHE L 131 -22.27 -35.97 -20.83
N ASN L 132 -21.71 -34.79 -21.03
CA ASN L 132 -22.47 -33.70 -21.65
C ASN L 132 -22.00 -33.39 -23.07
N SER L 133 -20.71 -33.10 -23.24
CA SER L 133 -20.18 -32.66 -24.54
C SER L 133 -19.41 -33.73 -25.26
N GLY L 134 -19.20 -33.53 -26.56
CA GLY L 134 -18.38 -34.44 -27.34
C GLY L 134 -16.96 -34.48 -26.80
N ALA L 135 -16.41 -33.31 -26.50
CA ALA L 135 -15.08 -33.26 -25.88
C ALA L 135 -15.00 -34.12 -24.62
N GLU L 136 -16.01 -34.03 -23.76
CA GLU L 136 -16.00 -34.84 -22.54
C GLU L 136 -16.00 -36.34 -22.89
N ALA L 137 -16.80 -36.72 -23.89
CA ALA L 137 -16.84 -38.11 -24.37
C ALA L 137 -15.45 -38.58 -24.78
N VAL L 138 -14.79 -37.82 -25.64
CA VAL L 138 -13.46 -38.23 -26.09
C VAL L 138 -12.48 -38.28 -24.93
N GLU L 139 -12.55 -37.28 -24.08
CA GLU L 139 -11.71 -37.25 -22.88
C GLU L 139 -11.86 -38.55 -22.12
N ASN L 140 -13.10 -39.01 -21.97
CA ASN L 140 -13.34 -40.18 -21.20
C ASN L 140 -12.94 -41.48 -21.93
N ALA L 141 -13.13 -41.54 -23.24
CA ALA L 141 -12.66 -42.68 -24.02
C ALA L 141 -11.17 -42.86 -23.79
N VAL L 142 -10.43 -41.77 -23.83
CA VAL L 142 -8.99 -41.84 -23.69
C VAL L 142 -8.59 -42.22 -22.25
N LYS L 143 -9.31 -41.72 -21.25
CA LYS L 143 -9.06 -42.13 -19.86
C LYS L 143 -9.20 -43.63 -19.72
N VAL L 144 -10.24 -44.18 -20.34
CA VAL L 144 -10.52 -45.61 -20.27
C VAL L 144 -9.41 -46.38 -20.99
N ALA L 145 -9.08 -45.99 -22.21
CA ALA L 145 -8.00 -46.64 -22.96
C ALA L 145 -6.73 -46.67 -22.14
N ARG L 146 -6.40 -45.53 -21.54
CA ARG L 146 -5.16 -45.42 -20.78
C ARG L 146 -5.14 -46.28 -19.52
N LEU L 147 -6.22 -46.22 -18.75
CA LEU L 147 -6.34 -47.03 -17.55
C LEU L 147 -6.35 -48.50 -17.92
N ALA L 148 -7.22 -48.89 -18.85
CA ALA L 148 -7.43 -50.30 -19.20
C ALA L 148 -6.15 -50.95 -19.77
N THR L 149 -5.42 -50.26 -20.63
CA THR L 149 -4.22 -50.85 -21.22
C THR L 149 -2.98 -50.67 -20.38
N GLY L 150 -3.01 -49.71 -19.44
CA GLY L 150 -1.80 -49.34 -18.70
C GLY L 150 -0.74 -48.65 -19.55
N ARG L 151 -1.12 -48.16 -20.73
CA ARG L 151 -0.18 -47.46 -21.59
C ARG L 151 -0.53 -45.97 -21.70
N ASP L 152 0.38 -45.19 -22.31
CA ASP L 152 0.35 -43.73 -22.34
C ASP L 152 -0.08 -43.14 -23.70
N ALA L 153 0.62 -43.56 -24.76
CA ALA L 153 0.52 -42.86 -26.04
C ALA L 153 -0.86 -43.01 -26.66
N VAL L 154 -1.34 -41.94 -27.29
CA VAL L 154 -2.55 -41.99 -28.09
C VAL L 154 -2.22 -41.48 -29.47
N VAL L 155 -2.61 -42.19 -30.52
CA VAL L 155 -2.42 -41.63 -31.85
C VAL L 155 -3.70 -41.04 -32.37
N ALA L 156 -3.56 -39.85 -32.95
CA ALA L 156 -4.61 -39.24 -33.75
C ALA L 156 -4.02 -38.94 -35.15
N PHE L 157 -4.86 -38.45 -36.05
CA PHE L 157 -4.49 -38.29 -37.43
C PHE L 157 -4.47 -36.85 -37.93
N ASP L 158 -3.76 -36.64 -39.04
CA ASP L 158 -3.91 -35.41 -39.80
C ASP L 158 -5.39 -35.16 -40.08
N HIS L 159 -5.77 -33.88 -40.10
CA HIS L 159 -7.14 -33.45 -40.35
C HIS L 159 -8.13 -33.83 -39.28
N ALA L 160 -7.63 -34.32 -38.16
CA ALA L 160 -8.50 -34.74 -37.04
C ALA L 160 -9.08 -33.52 -36.34
N TYR L 161 -10.31 -33.66 -35.84
CA TYR L 161 -10.87 -32.73 -34.90
C TYR L 161 -11.57 -33.53 -33.81
N HIS L 162 -11.28 -33.23 -32.55
CA HIS L 162 -11.90 -33.94 -31.41
C HIS L 162 -12.34 -33.08 -30.26
N GLY L 163 -12.12 -31.78 -30.30
CA GLY L 163 -12.63 -30.89 -29.26
C GLY L 163 -11.73 -29.76 -28.80
N ARG L 164 -12.23 -29.02 -27.82
CA ARG L 164 -11.64 -27.77 -27.38
C ARG L 164 -11.10 -27.76 -25.94
N THR L 165 -11.15 -28.89 -25.25
CA THR L 165 -10.46 -29.00 -23.99
C THR L 165 -8.98 -29.17 -24.30
N ASN L 166 -8.12 -29.05 -23.30
CA ASN L 166 -6.70 -29.14 -23.55
C ASN L 166 -6.29 -30.42 -24.30
N LEU L 167 -6.76 -31.58 -23.82
CA LEU L 167 -6.42 -32.85 -24.46
C LEU L 167 -7.05 -33.01 -25.83
N THR L 168 -8.29 -32.54 -25.99
CA THR L 168 -8.98 -32.70 -27.27
C THR L 168 -8.41 -31.72 -28.29
N MET L 169 -7.92 -30.59 -27.79
CA MET L 169 -7.12 -29.70 -28.62
C MET L 169 -5.86 -30.42 -29.05
N ALA L 170 -5.21 -31.07 -28.09
CA ALA L 170 -3.99 -31.82 -28.41
C ALA L 170 -4.29 -32.82 -29.51
N LEU L 171 -5.43 -33.50 -29.41
CA LEU L 171 -5.80 -34.51 -30.40
C LEU L 171 -6.16 -33.90 -31.73
N THR L 172 -6.65 -32.66 -31.71
CA THR L 172 -7.06 -31.96 -32.93
C THR L 172 -5.85 -31.52 -33.75
N ALA L 173 -5.93 -31.66 -35.06
CA ALA L 173 -4.82 -31.31 -35.96
C ALA L 173 -4.69 -29.81 -36.22
N LYS L 174 -5.78 -29.17 -36.61
CA LYS L 174 -5.72 -27.79 -37.10
C LYS L 174 -5.55 -26.79 -35.96
N ALA L 175 -4.59 -25.89 -36.11
CA ALA L 175 -4.24 -24.94 -35.06
C ALA L 175 -5.13 -23.69 -35.03
N MET L 176 -5.53 -23.16 -36.20
CA MET L 176 -6.41 -21.97 -36.27
C MET L 176 -7.85 -22.34 -36.55
N PRO L 177 -8.77 -21.95 -35.66
CA PRO L 177 -8.65 -21.20 -34.43
C PRO L 177 -8.56 -22.04 -33.15
N TYR L 178 -8.52 -23.37 -33.28
CA TYR L 178 -8.79 -24.24 -32.13
C TYR L 178 -7.68 -24.31 -31.09
N LYS L 179 -6.45 -23.98 -31.46
CA LYS L 179 -5.28 -24.25 -30.59
C LYS L 179 -4.40 -23.05 -30.31
N THR L 180 -4.28 -22.13 -31.25
CA THR L 180 -3.33 -21.05 -31.17
C THR L 180 -3.35 -20.36 -29.80
N ASN L 181 -2.19 -20.32 -29.14
CA ASN L 181 -1.99 -19.67 -27.85
C ASN L 181 -2.73 -20.29 -26.66
N PHE L 182 -3.34 -21.47 -26.83
CA PHE L 182 -4.01 -22.17 -25.74
C PHE L 182 -3.20 -23.28 -25.04
N GLY L 183 -1.97 -23.54 -25.50
CA GLY L 183 -1.15 -24.61 -24.94
C GLY L 183 -0.39 -24.14 -23.72
N PRO L 184 0.58 -24.94 -23.25
CA PRO L 184 1.03 -26.22 -23.75
C PRO L 184 0.00 -27.35 -23.61
N PHE L 185 0.06 -28.30 -24.54
CA PHE L 185 -0.96 -29.32 -24.67
C PHE L 185 -0.62 -30.63 -24.00
N ALA L 186 -1.67 -31.40 -23.70
CA ALA L 186 -1.56 -32.64 -23.00
C ALA L 186 -0.52 -33.52 -23.68
N PRO L 187 0.34 -34.21 -22.90
CA PRO L 187 1.41 -34.97 -23.48
C PRO L 187 1.02 -36.37 -24.01
N GLU L 188 1.97 -36.95 -24.73
CA GLU L 188 1.89 -38.29 -25.33
C GLU L 188 0.74 -38.47 -26.31
N VAL L 189 0.58 -37.46 -27.18
CA VAL L 189 -0.30 -37.52 -28.32
C VAL L 189 0.56 -37.46 -29.60
N TYR L 190 0.34 -38.41 -30.52
CA TYR L 190 1.19 -38.53 -31.71
C TYR L 190 0.30 -38.43 -32.93
N ARG L 191 0.81 -37.80 -33.99
CA ARG L 191 -0.01 -37.62 -35.16
C ARG L 191 0.48 -38.44 -36.32
N MET L 192 -0.47 -39.09 -37.00
CA MET L 192 -0.15 -40.01 -38.09
C MET L 192 -0.93 -39.64 -39.36
N PRO L 193 -0.40 -40.02 -40.54
CA PRO L 193 -1.03 -39.64 -41.79
C PRO L 193 -2.35 -40.33 -42.02
N MET L 194 -3.28 -39.57 -42.61
CA MET L 194 -4.63 -40.00 -42.88
C MET L 194 -4.73 -40.51 -44.31
N SER L 195 -5.75 -41.32 -44.58
CA SER L 195 -6.09 -41.68 -45.97
C SER L 195 -7.00 -40.58 -46.46
N TYR L 196 -6.45 -39.73 -47.34
CA TYR L 196 -7.15 -38.56 -47.87
C TYR L 196 -6.98 -38.62 -49.38
N PRO L 197 -7.81 -39.45 -50.05
CA PRO L 197 -7.64 -39.82 -51.45
C PRO L 197 -7.36 -38.65 -52.36
N PHE L 198 -8.15 -37.60 -52.23
CA PHE L 198 -8.08 -36.47 -53.15
C PHE L 198 -6.72 -35.76 -53.14
N ARG L 199 -5.99 -35.85 -52.03
CA ARG L 199 -4.71 -35.16 -51.91
C ARG L 199 -3.53 -36.09 -51.65
N GLU L 200 -3.68 -37.38 -51.93
CA GLU L 200 -2.55 -38.31 -51.79
C GLU L 200 -1.47 -37.98 -52.82
N GLU L 201 -0.23 -37.99 -52.38
CA GLU L 201 0.89 -37.67 -53.27
C GLU L 201 0.98 -38.74 -54.36
N ASN L 202 0.60 -39.97 -54.02
CA ASN L 202 0.44 -41.02 -55.00
C ASN L 202 -1.05 -41.30 -55.15
N PRO L 203 -1.67 -40.77 -56.21
CA PRO L 203 -3.13 -40.92 -56.36
C PRO L 203 -3.64 -42.36 -56.43
N GLU L 204 -2.77 -43.32 -56.77
CA GLU L 204 -3.17 -44.74 -56.87
C GLU L 204 -3.10 -45.52 -55.54
N ILE L 205 -2.69 -44.88 -54.45
CA ILE L 205 -2.56 -45.56 -53.15
C ILE L 205 -3.91 -46.14 -52.67
N THR L 206 -3.89 -47.38 -52.19
CA THR L 206 -5.12 -48.04 -51.70
C THR L 206 -5.27 -47.83 -50.20
N GLY L 207 -6.49 -48.09 -49.69
CA GLY L 207 -6.75 -47.95 -48.26
C GLY L 207 -5.83 -48.84 -47.44
N ALA L 208 -5.67 -50.08 -47.87
CA ALA L 208 -4.75 -51.02 -47.21
C ALA L 208 -3.34 -50.46 -47.15
N GLU L 209 -2.87 -49.89 -48.26
CA GLU L 209 -1.53 -49.32 -48.30
C GLU L 209 -1.40 -48.08 -47.40
N ALA L 210 -2.46 -47.28 -47.34
CA ALA L 210 -2.48 -46.10 -46.50
C ALA L 210 -2.40 -46.52 -45.03
N ALA L 211 -3.09 -47.60 -44.69
CA ALA L 211 -3.06 -48.13 -43.33
C ALA L 211 -1.67 -48.64 -43.00
N LYS L 212 -1.03 -49.33 -43.94
CA LYS L 212 0.33 -49.86 -43.70
C LYS L 212 1.28 -48.71 -43.41
N ARG L 213 1.13 -47.62 -44.17
CA ARG L 213 1.95 -46.43 -43.98
C ARG L 213 1.81 -45.93 -42.53
N ALA L 214 0.57 -45.76 -42.08
CA ALA L 214 0.30 -45.32 -40.73
C ALA L 214 0.90 -46.27 -39.70
N ILE L 215 0.62 -47.56 -39.90
CA ILE L 215 1.04 -48.59 -38.94
C ILE L 215 2.56 -48.66 -38.83
N THR L 216 3.27 -48.63 -39.97
CA THR L 216 4.72 -48.69 -39.92
C THR L 216 5.24 -47.50 -39.16
N MET L 217 4.62 -46.35 -39.37
CA MET L 217 5.07 -45.11 -38.74
C MET L 217 4.82 -45.17 -37.23
N ILE L 218 3.66 -45.70 -36.82
CA ILE L 218 3.35 -45.84 -35.41
C ILE L 218 4.34 -46.78 -34.75
N GLU L 219 4.67 -47.85 -35.46
CA GLU L 219 5.54 -48.88 -34.93
C GLU L 219 6.95 -48.34 -34.78
N LYS L 220 7.44 -47.63 -35.80
CA LYS L 220 8.80 -47.09 -35.72
C LYS L 220 8.93 -45.94 -34.71
N GLN L 221 7.88 -45.13 -34.54
CA GLN L 221 8.00 -43.88 -33.75
C GLN L 221 7.40 -43.94 -32.36
N ILE L 222 6.62 -44.98 -32.08
CA ILE L 222 6.09 -45.20 -30.72
C ILE L 222 6.30 -46.68 -30.29
N GLY L 223 5.85 -47.60 -31.17
CA GLY L 223 5.83 -49.02 -30.89
C GLY L 223 4.41 -49.42 -30.53
N GLY L 224 3.86 -50.38 -31.26
CA GLY L 224 2.48 -50.82 -31.03
C GLY L 224 2.14 -51.16 -29.59
N ASP L 225 3.08 -51.75 -28.86
CA ASP L 225 2.80 -52.18 -27.49
C ASP L 225 2.86 -51.03 -26.48
N GLN L 226 3.10 -49.82 -26.98
CA GLN L 226 3.15 -48.59 -26.17
C GLN L 226 1.92 -47.70 -26.37
N VAL L 227 1.08 -48.02 -27.35
CA VAL L 227 -0.05 -47.19 -27.68
C VAL L 227 -1.29 -47.63 -26.93
N ALA L 228 -1.90 -46.71 -26.19
CA ALA L 228 -3.10 -47.02 -25.44
C ALA L 228 -4.30 -47.03 -26.37
N ALA L 229 -4.35 -46.08 -27.30
CA ALA L 229 -5.52 -45.93 -28.17
C ALA L 229 -5.16 -45.34 -29.56
N ILE L 230 -5.84 -45.80 -30.61
CA ILE L 230 -5.85 -45.08 -31.91
C ILE L 230 -7.28 -44.48 -31.96
N ILE L 231 -7.36 -43.18 -32.21
CA ILE L 231 -8.64 -42.47 -32.29
C ILE L 231 -8.77 -41.94 -33.68
N ILE L 232 -9.90 -42.23 -34.32
CA ILE L 232 -10.15 -41.71 -35.65
C ILE L 232 -11.62 -41.49 -35.87
N GLU L 233 -11.91 -40.44 -36.62
CA GLU L 233 -13.27 -40.17 -37.09
C GLU L 233 -13.42 -40.98 -38.38
N PRO L 234 -14.43 -41.87 -38.46
CA PRO L 234 -14.66 -42.65 -39.66
C PRO L 234 -14.82 -41.76 -40.88
N ILE L 235 -15.52 -40.63 -40.71
CA ILE L 235 -15.48 -39.56 -41.69
C ILE L 235 -15.05 -38.31 -40.92
N GLN L 236 -13.93 -37.72 -41.32
CA GLN L 236 -13.38 -36.59 -40.61
C GLN L 236 -14.26 -35.39 -40.90
N GLY L 237 -14.79 -34.77 -39.84
CA GLY L 237 -15.73 -33.68 -39.98
C GLY L 237 -15.06 -32.36 -40.31
N GLU L 238 -14.67 -31.64 -39.28
CA GLU L 238 -14.08 -30.32 -39.47
C GLU L 238 -12.90 -30.37 -40.42
N GLY L 239 -12.23 -31.51 -40.49
CA GLY L 239 -11.09 -31.65 -41.41
C GLY L 239 -11.49 -31.54 -42.87
N GLY L 240 -12.77 -31.74 -43.15
CA GLY L 240 -13.32 -31.56 -44.50
C GLY L 240 -14.13 -32.72 -45.05
N PHE L 241 -14.82 -33.43 -44.17
CA PHE L 241 -15.60 -34.60 -44.59
C PHE L 241 -14.72 -35.55 -45.40
N ILE L 242 -13.53 -35.85 -44.88
CA ILE L 242 -12.59 -36.74 -45.56
C ILE L 242 -13.06 -38.15 -45.28
N VAL L 243 -13.34 -38.90 -46.34
CA VAL L 243 -13.68 -40.31 -46.24
C VAL L 243 -12.43 -41.08 -46.68
N PRO L 244 -11.95 -41.98 -45.81
CA PRO L 244 -10.74 -42.73 -46.13
C PRO L 244 -11.03 -43.75 -47.22
N ALA L 245 -10.01 -44.13 -47.98
CA ALA L 245 -10.18 -45.16 -49.01
C ALA L 245 -10.63 -46.47 -48.35
N GLU L 246 -11.43 -47.23 -49.08
CA GLU L 246 -11.93 -48.54 -48.61
C GLU L 246 -10.71 -49.38 -48.17
N GLY L 247 -10.85 -50.02 -47.02
CA GLY L 247 -9.82 -50.92 -46.51
C GLY L 247 -8.89 -50.33 -45.46
N PHE L 248 -8.94 -49.02 -45.31
CA PHE L 248 -8.11 -48.32 -44.34
C PHE L 248 -8.57 -48.61 -42.92
N LEU L 249 -9.82 -48.29 -42.62
CA LEU L 249 -10.34 -48.49 -41.26
C LEU L 249 -10.23 -49.95 -40.79
N PRO L 250 -10.62 -50.93 -41.63
CA PRO L 250 -10.50 -52.32 -41.14
C PRO L 250 -9.07 -52.75 -40.86
N ALA L 251 -8.14 -52.29 -41.69
CA ALA L 251 -6.73 -52.58 -41.45
C ALA L 251 -6.28 -52.02 -40.09
N LEU L 252 -6.64 -50.77 -39.78
CA LEU L 252 -6.27 -50.20 -38.49
C LEU L 252 -6.95 -50.96 -37.37
N SER L 253 -8.20 -51.33 -37.57
CA SER L 253 -8.93 -52.04 -36.53
C SER L 253 -8.28 -53.38 -36.23
N GLU L 254 -7.92 -54.11 -37.28
CA GLU L 254 -7.32 -55.43 -37.13
C GLU L 254 -5.97 -55.33 -36.40
N TRP L 255 -5.15 -54.38 -36.82
CA TRP L 255 -3.85 -54.17 -36.22
C TRP L 255 -3.97 -53.76 -34.76
N ALA L 256 -4.91 -52.90 -34.46
CA ALA L 256 -5.14 -52.50 -33.08
C ALA L 256 -5.43 -53.73 -32.23
N LYS L 257 -6.31 -54.60 -32.71
CA LYS L 257 -6.65 -55.83 -31.98
C LYS L 257 -5.38 -56.66 -31.76
N GLU L 258 -4.56 -56.77 -32.80
CA GLU L 258 -3.33 -57.55 -32.72
C GLU L 258 -2.42 -57.02 -31.63
N LYS L 259 -2.33 -55.69 -31.51
CA LYS L 259 -1.35 -55.07 -30.60
C LYS L 259 -1.92 -54.70 -29.26
N GLY L 260 -3.18 -55.03 -29.03
CA GLY L 260 -3.81 -54.73 -27.72
C GLY L 260 -4.14 -53.26 -27.51
N ILE L 261 -4.27 -52.52 -28.61
CA ILE L 261 -4.52 -51.09 -28.62
C ILE L 261 -6.01 -50.87 -28.70
N VAL L 262 -6.56 -50.00 -27.85
CA VAL L 262 -7.97 -49.66 -27.93
C VAL L 262 -8.22 -48.85 -29.19
N PHE L 263 -9.18 -49.29 -30.00
CA PHE L 263 -9.54 -48.56 -31.20
C PHE L 263 -10.79 -47.74 -30.90
N ILE L 264 -10.62 -46.41 -30.89
CA ILE L 264 -11.74 -45.50 -30.59
C ILE L 264 -12.26 -44.87 -31.89
N ALA L 265 -13.52 -45.12 -32.21
CA ALA L 265 -14.15 -44.39 -33.32
C ALA L 265 -14.83 -43.15 -32.75
N ASP L 266 -14.47 -41.99 -33.27
CA ASP L 266 -15.15 -40.79 -32.85
C ASP L 266 -16.31 -40.54 -33.77
N GLU L 267 -17.49 -40.92 -33.30
CA GLU L 267 -18.71 -40.80 -34.09
C GLU L 267 -19.60 -39.67 -33.57
N VAL L 268 -18.98 -38.63 -33.04
CA VAL L 268 -19.72 -37.50 -32.48
C VAL L 268 -20.49 -36.78 -33.57
N GLN L 269 -19.86 -36.53 -34.72
CA GLN L 269 -20.51 -35.87 -35.85
C GLN L 269 -21.20 -36.88 -36.77
N SER L 270 -20.59 -38.06 -36.96
CA SER L 270 -21.08 -39.03 -37.96
C SER L 270 -22.12 -40.02 -37.41
N GLY L 271 -22.30 -40.04 -36.11
CA GLY L 271 -23.19 -41.02 -35.48
C GLY L 271 -24.67 -40.69 -35.55
N PHE L 272 -25.48 -41.70 -35.26
CA PHE L 272 -26.94 -41.61 -35.28
C PHE L 272 -27.57 -41.25 -36.63
N CYS L 273 -27.42 -42.15 -37.60
CA CYS L 273 -28.15 -42.14 -38.86
C CYS L 273 -27.64 -41.10 -39.86
N ARG L 274 -26.78 -40.20 -39.39
CA ARG L 274 -26.24 -39.12 -40.23
C ARG L 274 -25.71 -39.61 -41.58
N THR L 275 -25.05 -40.77 -41.60
CA THR L 275 -24.39 -41.23 -42.82
C THR L 275 -25.20 -42.26 -43.60
N GLY L 276 -26.41 -42.57 -43.13
CA GLY L 276 -27.25 -43.58 -43.76
C GLY L 276 -27.26 -44.89 -43.00
N GLU L 277 -26.30 -45.06 -42.09
CA GLU L 277 -26.30 -46.20 -41.18
C GLU L 277 -26.29 -45.65 -39.75
N TRP L 278 -26.61 -46.48 -38.76
CA TRP L 278 -26.58 -46.00 -37.38
C TRP L 278 -25.27 -45.36 -37.06
N PHE L 279 -24.17 -45.96 -37.48
CA PHE L 279 -22.84 -45.38 -37.30
C PHE L 279 -21.99 -45.51 -38.55
N ALA L 280 -21.14 -44.53 -38.79
CA ALA L 280 -20.35 -44.47 -40.00
C ALA L 280 -19.47 -45.69 -40.18
N VAL L 281 -19.03 -46.28 -39.08
CA VAL L 281 -18.22 -47.49 -39.14
C VAL L 281 -18.99 -48.66 -39.78
N ASP L 282 -20.32 -48.61 -39.72
CA ASP L 282 -21.17 -49.66 -40.28
C ASP L 282 -21.04 -49.79 -41.81
N HIS L 283 -20.65 -48.72 -42.49
CA HIS L 283 -20.40 -48.80 -43.92
C HIS L 283 -19.42 -49.88 -44.24
N GLU L 284 -18.38 -50.04 -43.42
CA GLU L 284 -17.36 -51.08 -43.65
C GLU L 284 -17.40 -52.23 -42.63
N GLY L 285 -18.41 -52.24 -41.76
CA GLY L 285 -18.51 -53.26 -40.72
C GLY L 285 -17.38 -53.28 -39.70
N VAL L 286 -16.71 -52.14 -39.49
CA VAL L 286 -15.71 -52.05 -38.44
C VAL L 286 -16.40 -52.02 -37.08
N VAL L 287 -15.87 -52.78 -36.14
CA VAL L 287 -16.41 -52.83 -34.78
C VAL L 287 -15.40 -52.23 -33.80
N PRO L 288 -15.59 -50.96 -33.41
CA PRO L 288 -14.65 -50.28 -32.51
C PRO L 288 -14.69 -50.80 -31.10
N ASP L 289 -13.59 -50.62 -30.37
CA ASP L 289 -13.52 -51.00 -28.97
C ASP L 289 -14.27 -50.00 -28.09
N ILE L 290 -14.18 -48.73 -28.43
CA ILE L 290 -15.00 -47.69 -27.77
C ILE L 290 -15.46 -46.75 -28.86
N ILE L 291 -16.68 -46.26 -28.73
CA ILE L 291 -17.14 -45.24 -29.65
C ILE L 291 -17.68 -44.04 -28.87
N THR L 292 -17.27 -42.85 -29.31
CA THR L 292 -17.65 -41.58 -28.66
C THR L 292 -18.81 -40.96 -29.43
N MET L 293 -19.80 -40.50 -28.68
CA MET L 293 -21.02 -39.97 -29.27
C MET L 293 -21.44 -38.68 -28.59
N ALA L 294 -22.05 -37.79 -29.37
CA ALA L 294 -22.76 -36.63 -28.85
C ALA L 294 -23.73 -36.10 -29.95
N LYS L 295 -23.83 -34.78 -30.09
CA LYS L 295 -24.63 -34.15 -31.16
C LYS L 295 -26.06 -34.74 -31.37
N GLY L 296 -26.20 -35.61 -32.37
CA GLY L 296 -27.52 -36.14 -32.74
C GLY L 296 -28.23 -36.96 -31.68
N ILE L 297 -27.46 -37.50 -30.74
CA ILE L 297 -27.96 -38.38 -29.70
C ILE L 297 -29.25 -37.90 -29.02
N ALA L 298 -29.35 -36.60 -28.71
CA ALA L 298 -30.46 -36.13 -27.87
C ALA L 298 -31.20 -34.97 -28.49
N GLY L 299 -31.26 -34.96 -29.81
CA GLY L 299 -32.10 -34.02 -30.54
C GLY L 299 -31.89 -32.57 -30.18
N GLY L 300 -30.68 -32.23 -29.75
CA GLY L 300 -30.35 -30.86 -29.41
C GLY L 300 -30.10 -30.62 -27.93
N LEU L 301 -30.56 -31.51 -27.07
CA LEU L 301 -30.21 -31.36 -25.67
C LEU L 301 -28.75 -31.77 -25.45
N PRO L 302 -28.10 -31.22 -24.42
CA PRO L 302 -26.70 -31.54 -24.17
C PRO L 302 -26.50 -32.91 -23.53
N LEU L 303 -26.09 -33.87 -24.35
CA LEU L 303 -25.76 -35.20 -23.87
C LEU L 303 -24.68 -35.77 -24.76
N SER L 304 -23.82 -36.60 -24.15
CA SER L 304 -22.76 -37.29 -24.87
C SER L 304 -22.51 -38.61 -24.17
N ALA L 305 -21.79 -39.51 -24.85
CA ALA L 305 -21.60 -40.85 -24.33
C ALA L 305 -20.36 -41.51 -24.85
N ILE L 306 -19.86 -42.45 -24.06
CA ILE L 306 -18.97 -43.49 -24.60
C ILE L 306 -19.64 -44.86 -24.41
N THR L 307 -19.58 -45.70 -25.45
CA THR L 307 -20.04 -47.09 -25.36
C THR L 307 -18.92 -47.95 -25.88
N GLY L 308 -18.48 -48.93 -25.08
CA GLY L 308 -17.38 -49.81 -25.47
C GLY L 308 -17.32 -51.15 -24.75
N ARG L 309 -16.32 -51.96 -25.10
CA ARG L 309 -16.14 -53.25 -24.49
C ARG L 309 -16.28 -53.22 -22.96
N ALA L 310 -17.09 -54.13 -22.44
CA ALA L 310 -17.33 -54.18 -21.03
C ALA L 310 -16.01 -54.40 -20.27
N ASP L 311 -15.12 -55.22 -20.79
CA ASP L 311 -13.86 -55.47 -20.09
C ASP L 311 -12.97 -54.23 -20.00
N LEU L 312 -13.06 -53.33 -20.99
CA LEU L 312 -12.37 -52.03 -20.92
C LEU L 312 -13.06 -51.12 -19.90
N LEU L 313 -14.32 -50.81 -20.11
CA LEU L 313 -15.03 -49.89 -19.24
C LEU L 313 -15.14 -50.38 -17.79
N ASP L 314 -15.29 -51.67 -17.58
CA ASP L 314 -15.40 -52.16 -16.20
C ASP L 314 -14.06 -52.17 -15.48
N ALA L 315 -12.96 -51.99 -16.21
CA ALA L 315 -11.63 -51.89 -15.59
C ALA L 315 -11.51 -50.65 -14.69
N VAL L 316 -12.26 -49.60 -15.00
CA VAL L 316 -12.13 -48.34 -14.28
C VAL L 316 -12.67 -48.48 -12.86
N HIS L 317 -11.88 -48.00 -11.90
CA HIS L 317 -12.20 -48.09 -10.48
C HIS L 317 -13.44 -47.31 -10.15
N PRO L 318 -14.11 -47.63 -9.04
CA PRO L 318 -15.31 -46.89 -8.61
C PRO L 318 -15.09 -45.38 -8.58
N GLY L 319 -16.00 -44.63 -9.20
CA GLY L 319 -15.96 -43.17 -9.20
C GLY L 319 -14.92 -42.55 -10.09
N GLY L 320 -14.26 -43.36 -10.92
CA GLY L 320 -13.18 -42.85 -11.77
C GLY L 320 -13.67 -42.05 -12.96
N LEU L 321 -14.87 -42.37 -13.44
CA LEU L 321 -15.49 -41.61 -14.50
C LEU L 321 -16.71 -40.91 -13.97
N GLY L 322 -16.96 -39.69 -14.41
CA GLY L 322 -18.22 -39.01 -14.11
C GLY L 322 -18.23 -37.52 -14.39
N GLY L 323 -18.86 -36.77 -13.49
CA GLY L 323 -19.19 -35.38 -13.71
C GLY L 323 -20.51 -35.06 -13.03
N THR L 324 -20.86 -33.77 -12.96
CA THR L 324 -22.06 -33.34 -12.25
C THR L 324 -23.29 -33.57 -13.12
N TYR L 325 -23.35 -32.85 -14.22
CA TYR L 325 -24.53 -32.84 -15.09
C TYR L 325 -24.72 -34.12 -15.89
N GLY L 326 -23.63 -34.85 -16.10
CA GLY L 326 -23.60 -35.95 -17.07
C GLY L 326 -24.80 -36.90 -17.03
N GLY L 327 -25.36 -37.20 -18.21
CA GLY L 327 -26.54 -38.04 -18.30
C GLY L 327 -27.74 -37.35 -17.69
N ASN L 328 -27.89 -36.08 -18.00
CA ASN L 328 -28.99 -35.31 -17.43
C ASN L 328 -30.34 -35.91 -17.84
N PRO L 329 -31.27 -36.02 -16.88
CA PRO L 329 -32.54 -36.70 -17.11
C PRO L 329 -33.39 -36.09 -18.19
N VAL L 330 -33.40 -34.76 -18.29
CA VAL L 330 -34.16 -34.11 -19.37
C VAL L 330 -33.50 -34.47 -20.69
N ALA L 331 -32.19 -34.43 -20.71
CA ALA L 331 -31.43 -34.76 -21.91
C ALA L 331 -31.69 -36.22 -22.29
N CYS L 332 -31.78 -37.09 -21.28
CA CYS L 332 -32.01 -38.51 -21.51
C CYS L 332 -33.39 -38.72 -22.12
N ALA L 333 -34.40 -38.06 -21.55
CA ALA L 333 -35.75 -38.12 -22.11
C ALA L 333 -35.68 -37.72 -23.58
N ALA L 334 -34.96 -36.64 -23.87
CA ALA L 334 -34.78 -36.19 -25.25
C ALA L 334 -34.19 -37.27 -26.11
N ALA L 335 -33.17 -37.94 -25.59
CA ALA L 335 -32.43 -38.94 -26.37
C ALA L 335 -33.32 -40.13 -26.71
N LEU L 336 -34.02 -40.65 -25.70
CA LEU L 336 -34.93 -41.78 -25.91
C LEU L 336 -35.94 -41.46 -27.00
N ALA L 337 -36.54 -40.27 -26.92
CA ALA L 337 -37.48 -39.79 -27.94
C ALA L 337 -36.77 -39.62 -29.30
N ALA L 338 -35.56 -39.06 -29.29
CA ALA L 338 -34.83 -38.81 -30.54
C ALA L 338 -34.52 -40.12 -31.25
N ILE L 339 -34.02 -41.09 -30.50
CA ILE L 339 -33.71 -42.40 -31.06
C ILE L 339 -34.99 -43.05 -31.57
N ASP L 340 -36.06 -42.90 -30.81
CA ASP L 340 -37.35 -43.43 -31.21
C ASP L 340 -37.77 -42.85 -32.56
N THR L 341 -37.65 -41.55 -32.72
CA THR L 341 -37.98 -40.92 -33.99
C THR L 341 -37.09 -41.45 -35.11
N MET L 342 -35.81 -41.68 -34.82
CA MET L 342 -34.91 -42.19 -35.85
C MET L 342 -35.40 -43.53 -36.39
N GLU L 343 -35.92 -44.38 -35.50
CA GLU L 343 -36.47 -45.67 -35.87
C GLU L 343 -37.83 -45.54 -36.55
N GLN L 344 -38.81 -44.96 -35.85
CA GLN L 344 -40.17 -44.83 -36.39
C GLN L 344 -40.18 -44.24 -37.80
N HIS L 345 -39.36 -43.23 -38.07
CA HIS L 345 -39.37 -42.58 -39.39
C HIS L 345 -38.24 -42.98 -40.27
N ASP L 346 -37.54 -44.07 -39.94
CA ASP L 346 -36.44 -44.60 -40.77
C ASP L 346 -35.48 -43.50 -41.27
N LEU L 347 -34.86 -42.79 -40.34
CA LEU L 347 -34.01 -41.67 -40.74
C LEU L 347 -32.73 -42.17 -41.45
N ASN L 348 -32.32 -43.41 -41.16
CA ASN L 348 -31.28 -44.02 -41.99
C ASN L 348 -31.67 -43.96 -43.47
N GLY L 349 -32.90 -44.39 -43.75
CA GLY L 349 -33.44 -44.37 -45.10
C GLY L 349 -33.54 -42.96 -45.65
N ARG L 350 -34.02 -42.03 -44.81
CA ARG L 350 -34.14 -40.64 -45.24
C ARG L 350 -32.72 -40.10 -45.60
N ALA L 351 -31.72 -40.53 -44.84
CA ALA L 351 -30.32 -40.12 -45.07
C ALA L 351 -29.79 -40.66 -46.39
N ARG L 352 -30.08 -41.94 -46.66
CA ARG L 352 -29.66 -42.57 -47.92
C ARG L 352 -30.35 -41.90 -49.10
N HIS L 353 -31.60 -41.48 -48.93
CA HIS L 353 -32.37 -40.79 -49.99
C HIS L 353 -31.76 -39.43 -50.24
N ILE L 354 -31.41 -38.70 -49.17
CA ILE L 354 -30.74 -37.38 -49.32
C ILE L 354 -29.43 -37.51 -50.10
N GLU L 355 -28.68 -38.59 -49.84
CA GLU L 355 -27.41 -38.85 -50.55
C GLU L 355 -27.67 -38.94 -52.05
N GLU L 356 -28.71 -39.69 -52.43
CA GLU L 356 -29.04 -39.92 -53.84
C GLU L 356 -29.39 -38.59 -54.52
N LEU L 357 -30.34 -37.86 -53.92
CA LEU L 357 -30.77 -36.54 -54.43
C LEU L 357 -29.60 -35.57 -54.55
N ALA L 358 -28.85 -35.42 -53.45
CA ALA L 358 -27.85 -34.37 -53.33
C ALA L 358 -26.60 -34.67 -54.16
N LEU L 359 -26.11 -35.91 -54.09
CA LEU L 359 -24.95 -36.30 -54.90
C LEU L 359 -25.32 -36.21 -56.41
N GLY L 360 -26.59 -36.51 -56.73
CA GLY L 360 -27.10 -36.31 -58.08
C GLY L 360 -26.88 -34.90 -58.58
N LYS L 361 -27.48 -33.94 -57.87
CA LYS L 361 -27.45 -32.54 -58.30
C LYS L 361 -26.00 -32.00 -58.27
N LEU L 362 -25.21 -32.44 -57.28
CA LEU L 362 -23.83 -31.99 -57.14
C LEU L 362 -22.95 -32.53 -58.27
N ARG L 363 -23.16 -33.80 -58.65
CA ARG L 363 -22.40 -34.40 -59.76
C ARG L 363 -22.77 -33.76 -61.12
N GLU L 364 -24.04 -33.39 -61.31
CA GLU L 364 -24.47 -32.66 -62.49
C GLU L 364 -23.63 -31.39 -62.59
N LEU L 365 -23.50 -30.69 -61.45
CA LEU L 365 -22.48 -29.62 -61.29
C LEU L 365 -21.04 -30.17 -61.41
N SER L 375 -12.28 -25.54 -64.31
CA SER L 375 -13.19 -26.11 -63.32
C SER L 375 -12.77 -25.92 -61.86
N VAL L 376 -13.78 -25.67 -61.04
CA VAL L 376 -13.62 -25.22 -59.69
C VAL L 376 -14.08 -26.32 -58.68
N VAL L 377 -14.74 -27.37 -59.18
CA VAL L 377 -15.21 -28.47 -58.32
C VAL L 377 -14.16 -29.59 -58.28
N GLY L 378 -13.40 -29.64 -57.19
CA GLY L 378 -12.31 -30.60 -57.01
C GLY L 378 -12.79 -32.01 -56.68
N ASP L 379 -13.73 -32.14 -55.75
CA ASP L 379 -14.08 -33.47 -55.21
C ASP L 379 -15.40 -33.44 -54.50
N ILE L 380 -16.23 -34.44 -54.76
CA ILE L 380 -17.52 -34.57 -54.13
C ILE L 380 -17.47 -35.87 -53.37
N ARG L 381 -17.88 -35.84 -52.12
CA ARG L 381 -17.68 -37.00 -51.25
C ARG L 381 -18.59 -36.95 -50.04
N GLY L 382 -18.65 -38.05 -49.31
CA GLY L 382 -19.51 -38.16 -48.15
C GLY L 382 -20.47 -39.31 -48.28
N ARG L 383 -21.32 -39.49 -47.27
CA ARG L 383 -22.34 -40.50 -47.28
C ARG L 383 -23.54 -39.99 -46.54
N GLY L 384 -24.72 -40.42 -46.96
CA GLY L 384 -25.96 -40.02 -46.31
C GLY L 384 -26.20 -38.52 -46.34
N ALA L 385 -26.54 -37.98 -45.17
CA ALA L 385 -26.73 -36.54 -44.99
C ALA L 385 -25.47 -35.85 -44.45
N MET L 386 -24.31 -36.42 -44.76
CA MET L 386 -23.02 -35.86 -44.40
C MET L 386 -22.19 -35.85 -45.68
N LEU L 387 -22.40 -34.81 -46.49
CA LEU L 387 -21.88 -34.73 -47.84
C LEU L 387 -21.11 -33.41 -48.01
N ALA L 388 -20.18 -33.37 -48.96
CA ALA L 388 -19.30 -32.24 -49.12
C ALA L 388 -18.80 -32.07 -50.52
N ILE L 389 -18.50 -30.83 -50.88
CA ILE L 389 -17.87 -30.50 -52.13
C ILE L 389 -16.61 -29.69 -51.81
N GLU L 390 -15.46 -30.18 -52.25
CA GLU L 390 -14.21 -29.48 -52.00
C GLU L 390 -13.91 -28.61 -53.22
N LEU L 391 -13.73 -27.32 -52.99
CA LEU L 391 -13.53 -26.38 -54.07
C LEU L 391 -12.08 -26.03 -54.28
N VAL L 392 -11.68 -25.96 -55.55
CA VAL L 392 -10.30 -25.71 -55.91
C VAL L 392 -10.16 -24.56 -56.86
N GLN L 393 -8.92 -24.13 -57.05
CA GLN L 393 -8.60 -23.10 -58.01
C GLN L 393 -8.87 -23.68 -59.41
N PRO L 394 -9.38 -22.86 -60.36
CA PRO L 394 -9.74 -23.36 -61.69
C PRO L 394 -8.59 -24.06 -62.42
N GLY L 395 -8.81 -25.32 -62.81
CA GLY L 395 -7.81 -26.09 -63.55
C GLY L 395 -6.67 -26.71 -62.76
N SER L 396 -6.62 -26.48 -61.44
CA SER L 396 -5.61 -27.13 -60.60
C SER L 396 -6.26 -27.76 -59.37
N LYS L 397 -5.42 -28.31 -58.49
CA LYS L 397 -5.88 -28.87 -57.21
C LYS L 397 -5.59 -27.89 -56.03
N GLU L 398 -5.06 -26.69 -56.29
CA GLU L 398 -4.85 -25.70 -55.20
C GLU L 398 -6.18 -25.37 -54.54
N PRO L 399 -6.17 -25.16 -53.20
CA PRO L 399 -7.44 -24.91 -52.49
C PRO L 399 -8.02 -23.56 -52.85
N ASN L 400 -9.33 -23.43 -52.73
CA ASN L 400 -10.03 -22.19 -53.05
C ASN L 400 -10.92 -21.76 -51.88
N ALA L 401 -10.28 -21.26 -50.82
CA ALA L 401 -10.99 -20.76 -49.65
C ALA L 401 -11.77 -19.48 -49.98
N GLU L 402 -11.23 -18.66 -50.87
CA GLU L 402 -11.89 -17.40 -51.30
C GLU L 402 -13.28 -17.71 -51.89
N LEU L 403 -13.34 -18.63 -52.87
CA LEU L 403 -14.60 -19.01 -53.51
C LEU L 403 -15.52 -19.61 -52.46
N THR L 404 -14.94 -20.34 -51.51
CA THR L 404 -15.74 -21.04 -50.50
C THR L 404 -16.46 -20.04 -49.60
N LYS L 405 -15.73 -19.04 -49.09
CA LYS L 405 -16.33 -17.97 -48.26
C LYS L 405 -17.38 -17.20 -49.08
N ALA L 406 -17.03 -16.85 -50.31
CA ALA L 406 -17.94 -16.20 -51.25
C ALA L 406 -19.26 -16.99 -51.44
N VAL L 407 -19.16 -18.28 -51.71
CA VAL L 407 -20.33 -19.10 -51.97
C VAL L 407 -21.24 -19.17 -50.74
N ALA L 408 -20.62 -19.32 -49.57
CA ALA L 408 -21.37 -19.37 -48.33
C ALA L 408 -22.16 -18.08 -48.15
N ALA L 409 -21.47 -16.95 -48.37
CA ALA L 409 -22.10 -15.63 -48.25
C ALA L 409 -23.24 -15.48 -49.25
N ALA L 410 -22.97 -15.90 -50.50
CA ALA L 410 -24.00 -15.87 -51.56
C ALA L 410 -25.23 -16.69 -51.17
N CYS L 411 -25.02 -17.87 -50.61
CA CYS L 411 -26.13 -18.71 -50.21
C CYS L 411 -26.93 -18.06 -49.11
N LEU L 412 -26.22 -17.45 -48.15
CA LEU L 412 -26.86 -16.76 -47.04
C LEU L 412 -27.74 -15.63 -47.58
N LYS L 413 -27.21 -14.89 -48.56
CA LYS L 413 -27.94 -13.76 -49.18
C LYS L 413 -29.28 -14.22 -49.75
N GLU L 414 -29.29 -15.41 -50.36
CA GLU L 414 -30.51 -15.97 -50.94
C GLU L 414 -31.39 -16.70 -49.93
N GLY L 415 -31.00 -16.73 -48.66
CA GLY L 415 -31.79 -17.39 -47.62
C GLY L 415 -31.49 -18.87 -47.39
N VAL L 416 -30.26 -19.28 -47.68
CA VAL L 416 -29.80 -20.63 -47.41
C VAL L 416 -28.60 -20.59 -46.47
N ILE L 417 -28.77 -21.16 -45.28
CA ILE L 417 -27.68 -21.25 -44.29
C ILE L 417 -26.91 -22.51 -44.52
N ILE L 418 -25.67 -22.38 -44.98
CA ILE L 418 -24.83 -23.53 -45.31
C ILE L 418 -23.49 -23.39 -44.60
N LEU L 419 -22.91 -24.50 -44.14
CA LEU L 419 -21.64 -24.43 -43.40
C LEU L 419 -20.41 -24.72 -44.28
N THR L 420 -19.27 -24.22 -43.84
CA THR L 420 -17.99 -24.45 -44.49
C THR L 420 -17.08 -25.21 -43.49
N CYS L 421 -15.99 -25.79 -43.99
CA CYS L 421 -15.06 -26.60 -43.18
C CYS L 421 -13.76 -26.79 -43.91
N GLY L 422 -12.85 -27.57 -43.31
CA GLY L 422 -11.68 -28.07 -44.02
C GLY L 422 -10.38 -27.53 -43.49
N THR L 423 -9.37 -28.39 -43.47
CA THR L 423 -8.00 -27.96 -43.15
C THR L 423 -7.60 -26.73 -43.95
N TYR L 424 -7.96 -26.71 -45.24
CA TYR L 424 -7.57 -25.58 -46.11
C TYR L 424 -8.69 -24.55 -46.34
N GLY L 425 -9.78 -24.68 -45.58
CA GLY L 425 -10.87 -23.72 -45.57
C GLY L 425 -11.73 -23.72 -46.83
N ASN L 426 -11.64 -24.80 -47.59
CA ASN L 426 -12.16 -24.83 -48.95
C ASN L 426 -13.16 -25.95 -49.19
N VAL L 427 -13.93 -26.29 -48.16
CA VAL L 427 -14.93 -27.32 -48.31
C VAL L 427 -16.32 -26.85 -47.87
N ILE L 428 -17.30 -26.99 -48.77
CA ILE L 428 -18.69 -26.72 -48.44
C ILE L 428 -19.29 -28.02 -48.00
N ARG L 429 -19.93 -28.01 -46.85
CA ARG L 429 -20.49 -29.22 -46.28
C ARG L 429 -22.01 -29.12 -46.16
N LEU L 430 -22.69 -30.20 -46.53
CA LEU L 430 -24.12 -30.33 -46.40
C LEU L 430 -24.39 -31.17 -45.17
N LEU L 431 -25.01 -30.57 -44.15
CA LEU L 431 -25.46 -31.29 -42.96
C LEU L 431 -26.90 -30.93 -42.69
N PRO L 432 -27.78 -31.26 -43.64
CA PRO L 432 -29.19 -30.97 -43.42
C PRO L 432 -29.77 -31.84 -42.34
N PRO L 433 -30.84 -31.38 -41.70
CA PRO L 433 -31.55 -32.28 -40.80
C PRO L 433 -32.14 -33.38 -41.63
N LEU L 434 -32.18 -34.59 -41.09
CA LEU L 434 -32.60 -35.75 -41.84
C LEU L 434 -34.11 -35.74 -42.14
N VAL L 435 -34.87 -34.96 -41.37
CA VAL L 435 -36.29 -34.74 -41.63
C VAL L 435 -36.58 -33.69 -42.75
N ILE L 436 -35.57 -33.22 -43.47
CA ILE L 436 -35.77 -32.22 -44.54
C ILE L 436 -36.57 -32.75 -45.70
N SER L 437 -37.41 -31.90 -46.29
CA SER L 437 -38.22 -32.28 -47.44
C SER L 437 -37.39 -32.23 -48.72
N ASP L 438 -37.66 -33.12 -49.66
CA ASP L 438 -36.96 -33.15 -50.93
C ASP L 438 -37.02 -31.79 -51.62
N GLU L 439 -38.19 -31.16 -51.55
CA GLU L 439 -38.37 -29.86 -52.19
C GLU L 439 -37.37 -28.82 -51.66
N LEU L 440 -37.34 -28.66 -50.34
CA LEU L 440 -36.43 -27.69 -49.69
C LEU L 440 -34.94 -28.02 -49.96
N LEU L 441 -34.59 -29.30 -49.89
CA LEU L 441 -33.20 -29.73 -50.18
C LEU L 441 -32.82 -29.36 -51.62
N ILE L 442 -33.71 -29.65 -52.58
CA ILE L 442 -33.44 -29.33 -54.00
C ILE L 442 -33.32 -27.82 -54.21
N ASP L 443 -34.15 -27.05 -53.50
CA ASP L 443 -34.10 -25.59 -53.60
C ASP L 443 -32.72 -25.12 -53.12
N GLY L 444 -32.33 -25.60 -51.93
CA GLY L 444 -31.01 -25.30 -51.38
C GLY L 444 -29.87 -25.64 -52.32
N LEU L 445 -29.91 -26.84 -52.90
CA LEU L 445 -28.87 -27.30 -53.81
C LEU L 445 -28.85 -26.44 -55.09
N GLU L 446 -30.03 -26.02 -55.57
CA GLU L 446 -30.10 -25.10 -56.72
C GLU L 446 -29.43 -23.76 -56.40
N VAL L 447 -29.74 -23.19 -55.23
CA VAL L 447 -29.12 -21.95 -54.77
C VAL L 447 -27.58 -22.09 -54.67
N LEU L 448 -27.12 -23.21 -54.10
CA LEU L 448 -25.70 -23.49 -53.99
C LEU L 448 -25.06 -23.55 -55.38
N ALA L 449 -25.63 -24.37 -56.26
CA ALA L 449 -25.11 -24.54 -57.63
C ALA L 449 -25.04 -23.19 -58.36
N ALA L 450 -26.10 -22.39 -58.22
CA ALA L 450 -26.13 -21.05 -58.83
C ALA L 450 -24.96 -20.19 -58.29
N ALA L 451 -24.78 -20.22 -56.97
CA ALA L 451 -23.72 -19.47 -56.30
C ALA L 451 -22.32 -19.82 -56.80
N ILE L 452 -22.05 -21.12 -56.92
CA ILE L 452 -20.73 -21.58 -57.36
C ILE L 452 -20.46 -21.05 -58.79
N LYS L 453 -21.44 -21.23 -59.68
CA LYS L 453 -21.33 -20.73 -61.08
C LYS L 453 -21.16 -19.21 -61.09
N ALA L 454 -21.91 -18.51 -60.24
CA ALA L 454 -21.82 -17.07 -60.14
C ALA L 454 -20.42 -16.52 -59.75
N HIS L 455 -19.67 -17.25 -58.93
CA HIS L 455 -18.30 -16.83 -58.54
C HIS L 455 -17.34 -17.96 -58.86
#